data_4JBI
#
_entry.id   4JBI
#
_cell.length_a   138.133
_cell.length_b   169.262
_cell.length_c   149.151
_cell.angle_alpha   90.000
_cell.angle_beta   116.250
_cell.angle_gamma   90.000
#
_symmetry.space_group_name_H-M   'P 1 21 1'
#
loop_
_entity.id
_entity.type
_entity.pdbx_description
1 polymer 'Alcohol dehydrogenase (Zinc)'
2 non-polymer 'NADPH DIHYDRO-NICOTINAMIDE-ADENINE-DINUCLEOTIDE PHOSPHATE'
3 non-polymer 'ZINC ION'
4 water water
#
_entity_poly.entity_id   1
_entity_poly.type   'polypeptide(L)'
_entity_poly.pdbx_seq_one_letter_code
;MGSSHHHHHHSSGLVPRGSHMASMTGGQQMGRGSGGGHEMRAAAFSTPGLENLKLVEAETPRPGPGEVLIRVKYAGVNPL
DYNVVAGAVKASPMPHIPGSEFAGVVEEAGPGVTGVSRGDPVVVYNRLYCGHCRQCLTGWTQMCEVTGGGIIGIVTQGGY
AEYAVVPAKNAVATRADLKEAATLPIGALTAWNMAYRASISPGEKVAVVGATGNVGIYAVQFAKLLGGEVYAISRRKAKV
ESILKSAGADAVLTPDEAKSAAPFDVVLDPTGSASWDLSFGVLGRGGRYVTAGALTGAEVRLDLRRLYGMQILVIGATGG
RRADFNTVVRLLEAGRIKAFLHNVYPLADVRKALEELRSPERVGKVLIAP
;
_entity_poly.pdbx_strand_id   A,B,C,D,E,F,G,H,I,J,K,L,M,N,O,P
#
loop_
_chem_comp.id
_chem_comp.type
_chem_comp.name
_chem_comp.formula
NDP non-polymer 'NADPH DIHYDRO-NICOTINAMIDE-ADENINE-DINUCLEOTIDE PHOSPHATE' 'C21 H30 N7 O17 P3'
ZN non-polymer 'ZINC ION' 'Zn 2'
#
# COMPACT_ATOMS: atom_id res chain seq x y z
N HIS A 38 -98.09 3.82 -15.50
CA HIS A 38 -97.17 3.47 -14.36
C HIS A 38 -95.81 4.13 -14.57
N GLU A 39 -95.08 4.31 -13.47
CA GLU A 39 -93.81 5.02 -13.46
C GLU A 39 -92.75 4.16 -12.78
N MET A 40 -91.49 4.60 -12.91
CA MET A 40 -90.35 3.83 -12.38
C MET A 40 -89.22 4.76 -11.97
N ARG A 41 -88.40 4.27 -11.04
CA ARG A 41 -87.11 4.91 -10.78
C ARG A 41 -86.11 4.62 -11.90
N ALA A 42 -85.26 5.61 -12.19
CA ALA A 42 -84.29 5.51 -13.27
C ALA A 42 -83.17 6.52 -13.02
N ALA A 43 -81.99 6.20 -13.56
CA ALA A 43 -80.90 7.18 -13.67
C ALA A 43 -80.90 7.73 -15.07
N ALA A 44 -80.95 9.06 -15.17
CA ALA A 44 -81.03 9.68 -16.49
C ALA A 44 -80.26 10.99 -16.50
N PHE A 45 -79.92 11.41 -17.70
CA PHE A 45 -79.25 12.68 -17.91
C PHE A 45 -79.86 13.37 -19.12
N SER A 46 -80.10 14.67 -18.96
CA SER A 46 -80.61 15.52 -20.02
C SER A 46 -79.50 16.26 -20.75
N THR A 47 -78.32 16.37 -20.14
CA THR A 47 -77.09 16.83 -20.75
C THR A 47 -75.96 15.96 -20.22
N PRO A 48 -74.93 15.68 -21.04
CA PRO A 48 -73.85 14.81 -20.58
C PRO A 48 -73.09 15.35 -19.38
N GLY A 49 -72.30 14.47 -18.79
CA GLY A 49 -71.54 14.77 -17.59
C GLY A 49 -71.92 13.90 -16.40
N LEU A 50 -70.94 13.20 -15.83
CA LEU A 50 -71.22 12.35 -14.68
C LEU A 50 -72.03 13.10 -13.61
N GLU A 51 -71.88 14.43 -13.52
CA GLU A 51 -72.53 15.21 -12.48
C GLU A 51 -73.99 15.50 -12.81
N ASN A 52 -74.39 15.31 -14.06
CA ASN A 52 -75.76 15.51 -14.51
C ASN A 52 -76.55 14.22 -14.54
N LEU A 53 -75.95 13.12 -14.12
CA LEU A 53 -76.66 11.84 -14.02
C LEU A 53 -77.46 11.85 -12.74
N LYS A 54 -78.79 11.75 -12.86
CA LYS A 54 -79.70 11.98 -11.76
C LYS A 54 -80.73 10.87 -11.59
N LEU A 55 -80.99 10.52 -10.33
CA LEU A 55 -82.13 9.69 -9.99
C LEU A 55 -83.40 10.45 -10.29
N VAL A 56 -84.27 9.86 -11.11
CA VAL A 56 -85.53 10.49 -11.50
C VAL A 56 -86.64 9.46 -11.50
N GLU A 57 -87.81 9.93 -11.86
CA GLU A 57 -89.01 9.13 -11.98
C GLU A 57 -89.36 9.17 -13.45
N ALA A 58 -89.38 8.01 -14.08
CA ALA A 58 -89.53 7.89 -15.51
C ALA A 58 -90.85 7.20 -15.81
N GLU A 59 -91.33 7.42 -17.02
CA GLU A 59 -92.46 6.64 -17.49
C GLU A 59 -92.00 5.21 -17.72
N THR A 60 -92.76 4.25 -17.25
CA THR A 60 -92.36 2.88 -17.46
C THR A 60 -92.62 2.48 -18.91
N PRO A 61 -91.65 1.92 -19.61
CA PRO A 61 -91.85 1.57 -21.01
C PRO A 61 -92.69 0.31 -21.17
N ARG A 62 -93.21 0.14 -22.39
CA ARG A 62 -94.16 -0.92 -22.68
C ARG A 62 -93.68 -1.64 -23.94
N PRO A 63 -93.60 -2.98 -23.93
CA PRO A 63 -93.06 -3.70 -25.07
C PRO A 63 -94.08 -3.78 -26.20
N GLY A 64 -93.64 -3.46 -27.42
CA GLY A 64 -94.44 -3.70 -28.60
C GLY A 64 -94.22 -5.09 -29.16
N PRO A 65 -94.66 -5.31 -30.40
CA PRO A 65 -94.41 -6.60 -31.06
C PRO A 65 -92.92 -6.96 -31.02
N GLY A 66 -92.65 -8.26 -30.83
CA GLY A 66 -91.30 -8.78 -30.76
C GLY A 66 -90.44 -8.27 -29.62
N GLU A 67 -91.02 -7.54 -28.67
CA GLU A 67 -90.29 -6.97 -27.56
C GLU A 67 -90.75 -7.60 -26.24
N VAL A 68 -89.84 -7.58 -25.25
CA VAL A 68 -90.16 -7.94 -23.87
C VAL A 68 -89.77 -6.80 -22.95
N LEU A 69 -90.50 -6.67 -21.87
CA LEU A 69 -90.18 -5.74 -20.81
C LEU A 69 -89.48 -6.52 -19.73
N ILE A 70 -88.32 -6.02 -19.28
CA ILE A 70 -87.54 -6.68 -18.25
C ILE A 70 -87.55 -5.81 -16.99
N ARG A 71 -87.84 -6.44 -15.86
CA ARG A 71 -87.57 -5.83 -14.56
C ARG A 71 -86.11 -6.10 -14.21
N VAL A 72 -85.31 -5.05 -14.20
CA VAL A 72 -83.85 -5.19 -14.13
C VAL A 72 -83.44 -5.58 -12.73
N LYS A 73 -82.67 -6.67 -12.60
CA LYS A 73 -82.10 -7.06 -11.33
C LYS A 73 -80.67 -6.57 -11.13
N TYR A 74 -79.79 -6.74 -12.13
CA TYR A 74 -78.43 -6.23 -12.00
C TYR A 74 -77.95 -5.65 -13.33
N ALA A 75 -77.21 -4.55 -13.25
CA ALA A 75 -76.62 -3.95 -14.43
C ALA A 75 -75.14 -3.74 -14.13
N GLY A 76 -74.30 -4.10 -15.07
CA GLY A 76 -72.89 -3.85 -14.93
C GLY A 76 -72.50 -2.37 -15.17
N VAL A 77 -71.33 -2.03 -14.64
CA VAL A 77 -70.76 -0.70 -14.74
C VAL A 77 -69.47 -0.83 -15.53
N ASN A 78 -69.44 -0.22 -16.71
CA ASN A 78 -68.39 -0.38 -17.69
C ASN A 78 -67.89 0.94 -18.21
N PRO A 79 -66.65 0.97 -18.73
CA PRO A 79 -66.21 2.16 -19.48
C PRO A 79 -67.25 2.65 -20.47
N LEU A 80 -67.82 1.75 -21.26
CA LEU A 80 -68.88 2.16 -22.16
C LEU A 80 -69.94 2.99 -21.44
N ASP A 81 -70.46 2.54 -20.29
CA ASP A 81 -71.53 3.30 -19.63
C ASP A 81 -71.01 4.65 -19.13
N TYR A 82 -69.84 4.65 -18.51
CA TYR A 82 -69.19 5.87 -18.05
C TYR A 82 -69.10 6.88 -19.18
N ASN A 83 -68.79 6.41 -20.38
CA ASN A 83 -68.52 7.31 -21.48
C ASN A 83 -69.77 7.81 -22.16
N VAL A 84 -70.86 7.02 -22.15
CA VAL A 84 -72.18 7.52 -22.58
C VAL A 84 -72.62 8.64 -21.66
N VAL A 85 -72.48 8.43 -20.34
CA VAL A 85 -72.84 9.45 -19.38
C VAL A 85 -71.98 10.70 -19.58
N ALA A 86 -70.71 10.51 -19.92
CA ALA A 86 -69.81 11.66 -20.01
C ALA A 86 -69.96 12.45 -21.30
N GLY A 87 -70.64 11.89 -22.29
CA GLY A 87 -70.85 12.54 -23.58
C GLY A 87 -69.85 12.12 -24.64
N ALA A 88 -68.81 11.38 -24.26
CA ALA A 88 -67.85 10.89 -25.24
C ALA A 88 -68.49 9.98 -26.29
N VAL A 89 -69.70 9.46 -26.03
CA VAL A 89 -70.44 8.60 -26.96
C VAL A 89 -71.86 9.12 -26.96
N LYS A 90 -72.35 9.51 -28.12
CA LYS A 90 -73.66 10.16 -28.16
C LYS A 90 -74.77 9.11 -28.01
N ALA A 91 -75.88 9.53 -27.40
CA ALA A 91 -76.95 8.63 -26.97
C ALA A 91 -78.29 9.16 -27.47
N SER A 92 -79.22 8.24 -27.71
CA SER A 92 -80.61 8.57 -27.96
C SER A 92 -81.44 7.48 -27.33
N PRO A 93 -82.66 7.77 -26.88
CA PRO A 93 -83.17 9.15 -26.84
C PRO A 93 -82.61 9.96 -25.67
N MET A 94 -82.85 11.28 -25.75
CA MET A 94 -82.43 12.22 -24.72
C MET A 94 -83.70 12.86 -24.19
N PRO A 95 -83.90 13.00 -22.87
CA PRO A 95 -82.88 12.58 -21.90
C PRO A 95 -82.75 11.07 -21.90
N HIS A 96 -81.61 10.61 -21.43
CA HIS A 96 -81.18 9.24 -21.67
C HIS A 96 -80.95 8.46 -20.38
N ILE A 97 -81.42 7.22 -20.40
CA ILE A 97 -81.13 6.22 -19.37
C ILE A 97 -79.99 5.36 -19.90
N PRO A 98 -78.80 5.40 -19.32
CA PRO A 98 -77.70 4.54 -19.75
C PRO A 98 -77.86 3.12 -19.21
N GLY A 99 -76.89 2.28 -19.56
CA GLY A 99 -76.79 0.92 -19.04
C GLY A 99 -76.99 -0.11 -20.12
N SER A 100 -75.89 -0.67 -20.61
CA SER A 100 -75.90 -1.58 -21.74
C SER A 100 -75.64 -3.03 -21.35
N GLU A 101 -75.35 -3.30 -20.08
CA GLU A 101 -75.09 -4.65 -19.60
C GLU A 101 -76.03 -4.93 -18.45
N PHE A 102 -77.02 -5.80 -18.66
CA PHE A 102 -77.93 -6.06 -17.55
C PHE A 102 -78.61 -7.41 -17.65
N ALA A 103 -79.21 -7.82 -16.53
CA ALA A 103 -80.00 -9.04 -16.40
C ALA A 103 -81.17 -8.81 -15.45
N GLY A 104 -82.23 -9.60 -15.64
CA GLY A 104 -83.37 -9.51 -14.78
C GLY A 104 -84.45 -10.52 -15.12
N VAL A 105 -85.69 -10.18 -14.77
CA VAL A 105 -86.84 -11.05 -14.92
C VAL A 105 -87.82 -10.42 -15.91
N VAL A 106 -88.28 -11.21 -16.88
CA VAL A 106 -89.26 -10.71 -17.84
C VAL A 106 -90.56 -10.38 -17.13
N GLU A 107 -91.02 -9.14 -17.29
CA GLU A 107 -92.27 -8.69 -16.71
C GLU A 107 -93.45 -8.87 -17.67
N GLU A 108 -93.23 -8.72 -18.98
CA GLU A 108 -94.32 -8.72 -19.93
C GLU A 108 -93.77 -9.02 -21.32
N ALA A 109 -94.41 -9.96 -22.03
CA ALA A 109 -94.11 -10.23 -23.43
C ALA A 109 -95.00 -9.40 -24.34
N GLY A 110 -94.40 -8.81 -25.34
CA GLY A 110 -95.16 -8.05 -26.29
C GLY A 110 -95.92 -8.95 -27.24
N PRO A 111 -96.76 -8.33 -28.07
CA PRO A 111 -97.54 -9.08 -29.06
C PRO A 111 -96.68 -10.03 -29.89
N GLY A 112 -97.09 -11.29 -29.92
CA GLY A 112 -96.49 -12.26 -30.81
C GLY A 112 -95.19 -12.87 -30.32
N VAL A 113 -94.76 -12.55 -29.11
CA VAL A 113 -93.51 -13.08 -28.57
C VAL A 113 -93.75 -14.51 -28.08
N THR A 114 -93.01 -15.44 -28.64
CA THR A 114 -92.85 -16.78 -28.10
C THR A 114 -91.37 -17.00 -27.79
N GLY A 115 -91.10 -18.05 -27.01
CA GLY A 115 -89.75 -18.40 -26.62
C GLY A 115 -89.26 -17.80 -25.32
N VAL A 116 -89.85 -16.70 -24.88
CA VAL A 116 -89.56 -16.09 -23.59
C VAL A 116 -90.91 -15.64 -23.04
N SER A 117 -91.14 -15.89 -21.75
CA SER A 117 -92.43 -15.62 -21.10
C SER A 117 -92.21 -14.94 -19.75
N ARG A 118 -93.27 -14.32 -19.26
CA ARG A 118 -93.19 -13.57 -18.02
C ARG A 118 -92.64 -14.44 -16.90
N GLY A 119 -91.81 -13.85 -16.04
CA GLY A 119 -91.19 -14.61 -14.97
C GLY A 119 -89.87 -15.26 -15.34
N ASP A 120 -89.48 -15.31 -16.62
CA ASP A 120 -88.21 -15.92 -17.00
C ASP A 120 -87.06 -15.04 -16.54
N PRO A 121 -86.05 -15.60 -15.86
CA PRO A 121 -84.84 -14.82 -15.59
C PRO A 121 -84.02 -14.75 -16.88
N VAL A 122 -83.65 -13.54 -17.30
CA VAL A 122 -82.94 -13.36 -18.56
C VAL A 122 -81.67 -12.51 -18.40
N VAL A 123 -80.78 -12.68 -19.37
CA VAL A 123 -79.64 -11.82 -19.56
C VAL A 123 -79.61 -11.39 -21.02
N VAL A 124 -79.27 -10.12 -21.25
CA VAL A 124 -79.58 -9.42 -22.50
C VAL A 124 -78.31 -9.27 -23.35
N TYR A 125 -78.35 -9.86 -24.53
CA TYR A 125 -77.41 -9.53 -25.61
C TYR A 125 -77.63 -8.07 -26.07
N ASN A 126 -76.57 -7.27 -26.06
CA ASN A 126 -76.76 -5.83 -26.14
C ASN A 126 -76.65 -5.22 -27.56
N ARG A 127 -76.56 -6.04 -28.61
CA ARG A 127 -76.48 -5.52 -29.96
C ARG A 127 -77.82 -5.73 -30.67
N LEU A 128 -78.31 -4.67 -31.30
CA LEU A 128 -79.47 -4.77 -32.16
C LEU A 128 -79.00 -5.35 -33.48
N TYR A 129 -79.70 -6.36 -34.00
CA TYR A 129 -79.34 -7.03 -35.24
C TYR A 129 -80.61 -7.37 -36.02
N CYS A 130 -80.55 -7.26 -37.35
CA CYS A 130 -81.73 -7.50 -38.18
C CYS A 130 -82.00 -8.99 -38.45
N GLY A 131 -80.96 -9.83 -38.46
CA GLY A 131 -81.07 -11.22 -38.78
C GLY A 131 -81.09 -11.56 -40.26
N HIS A 132 -81.10 -10.53 -41.15
CA HIS A 132 -81.26 -10.75 -42.58
CA HIS A 132 -81.27 -10.74 -42.59
C HIS A 132 -80.12 -10.24 -43.44
N CYS A 133 -79.17 -9.49 -42.88
CA CYS A 133 -78.05 -8.98 -43.66
C CYS A 133 -76.91 -9.98 -43.73
N ARG A 134 -75.98 -9.72 -44.65
CA ARG A 134 -74.82 -10.58 -44.84
C ARG A 134 -74.10 -10.84 -43.52
N GLN A 135 -73.95 -9.82 -42.67
CA GLN A 135 -73.22 -10.01 -41.43
C GLN A 135 -74.00 -10.89 -40.46
N CYS A 136 -75.31 -10.60 -40.27
CA CYS A 136 -76.13 -11.42 -39.38
C CYS A 136 -76.17 -12.89 -39.88
N LEU A 137 -76.28 -13.08 -41.19
CA LEU A 137 -76.46 -14.45 -41.67
C LEU A 137 -75.18 -15.23 -41.56
N THR A 138 -74.03 -14.58 -41.44
CA THR A 138 -72.83 -15.36 -41.24
C THR A 138 -72.52 -15.55 -39.77
N GLY A 139 -73.35 -15.04 -38.86
CA GLY A 139 -73.10 -15.12 -37.42
C GLY A 139 -72.57 -13.85 -36.78
N TRP A 140 -72.04 -12.92 -37.58
CA TRP A 140 -71.51 -11.64 -37.07
C TRP A 140 -72.60 -10.61 -36.81
N THR A 141 -73.54 -10.98 -35.93
CA THR A 141 -74.66 -10.11 -35.61
C THR A 141 -74.21 -8.79 -34.98
N GLN A 142 -73.04 -8.75 -34.35
CA GLN A 142 -72.59 -7.45 -33.84
C GLN A 142 -72.18 -6.48 -34.95
N MET A 143 -71.92 -6.98 -36.17
CA MET A 143 -71.58 -6.16 -37.33
C MET A 143 -72.78 -5.81 -38.23
N CYS A 144 -74.02 -6.02 -37.74
CA CYS A 144 -75.22 -5.83 -38.56
C CYS A 144 -75.13 -4.58 -39.44
N GLU A 145 -75.27 -4.76 -40.77
CA GLU A 145 -75.29 -3.65 -41.71
C GLU A 145 -76.55 -2.80 -41.59
N VAL A 146 -77.64 -3.36 -41.08
CA VAL A 146 -78.91 -2.63 -41.04
C VAL A 146 -79.01 -1.74 -39.81
N THR A 147 -78.71 -2.28 -38.62
CA THR A 147 -78.75 -1.51 -37.38
C THR A 147 -77.48 -0.71 -37.11
N GLY A 148 -76.43 -0.86 -37.91
CA GLY A 148 -75.20 -0.14 -37.60
C GLY A 148 -74.53 -0.64 -36.35
N GLY A 149 -74.79 -1.87 -35.93
CA GLY A 149 -74.27 -2.31 -34.64
C GLY A 149 -74.80 -1.54 -33.43
N GLY A 150 -75.85 -0.73 -33.59
CA GLY A 150 -76.49 0.00 -32.50
C GLY A 150 -76.61 -0.79 -31.21
N ILE A 151 -76.35 -0.17 -30.07
CA ILE A 151 -76.20 -0.87 -28.78
C ILE A 151 -77.33 -0.49 -27.83
N ILE A 152 -78.00 -1.51 -27.30
CA ILE A 152 -78.99 -1.30 -26.25
C ILE A 152 -78.38 -0.47 -25.15
N GLY A 153 -79.12 0.50 -24.65
CA GLY A 153 -78.62 1.41 -23.64
C GLY A 153 -77.86 2.59 -24.20
N ILE A 154 -77.63 2.62 -25.51
CA ILE A 154 -77.01 3.76 -26.18
C ILE A 154 -77.95 4.39 -27.19
N VAL A 155 -78.49 3.57 -28.10
CA VAL A 155 -79.59 3.97 -28.98
C VAL A 155 -80.93 3.45 -28.47
N THR A 156 -80.98 2.97 -27.23
CA THR A 156 -82.23 2.80 -26.52
C THR A 156 -82.01 3.11 -25.06
N GLN A 157 -83.10 3.30 -24.37
CA GLN A 157 -83.06 3.44 -22.94
C GLN A 157 -82.63 2.12 -22.31
N GLY A 158 -81.60 2.19 -21.48
CA GLY A 158 -80.88 1.07 -20.93
C GLY A 158 -81.39 0.64 -19.58
N GLY A 159 -80.50 0.01 -18.81
CA GLY A 159 -80.91 -0.73 -17.65
C GLY A 159 -80.53 -0.19 -16.29
N TYR A 160 -79.97 1.03 -16.21
CA TYR A 160 -79.85 1.74 -14.92
C TYR A 160 -81.25 2.27 -14.59
N ALA A 161 -82.12 1.32 -14.32
CA ALA A 161 -83.55 1.60 -14.27
C ALA A 161 -84.24 0.36 -13.72
N GLU A 162 -85.48 0.56 -13.30
CA GLU A 162 -86.24 -0.56 -12.82
C GLU A 162 -86.75 -1.41 -13.96
N TYR A 163 -86.86 -0.84 -15.16
CA TYR A 163 -87.41 -1.57 -16.29
C TYR A 163 -86.76 -1.12 -17.58
N ALA A 164 -86.71 -2.05 -18.55
CA ALA A 164 -86.15 -1.79 -19.86
C ALA A 164 -86.84 -2.71 -20.85
N VAL A 165 -87.02 -2.21 -22.06
CA VAL A 165 -87.59 -2.98 -23.15
C VAL A 165 -86.45 -3.33 -24.08
N VAL A 166 -86.37 -4.60 -24.49
CA VAL A 166 -85.41 -5.02 -25.52
C VAL A 166 -86.11 -5.98 -26.45
N PRO A 167 -85.53 -6.24 -27.61
CA PRO A 167 -86.12 -7.25 -28.49
C PRO A 167 -86.10 -8.61 -27.81
N ALA A 168 -87.17 -9.36 -28.00
CA ALA A 168 -87.29 -10.64 -27.34
C ALA A 168 -86.12 -11.53 -27.72
N LYS A 169 -85.63 -11.41 -28.94
CA LYS A 169 -84.57 -12.28 -29.41
C LYS A 169 -83.23 -11.97 -28.77
N ASN A 170 -83.13 -10.82 -28.07
CA ASN A 170 -81.94 -10.44 -27.33
C ASN A 170 -81.90 -10.99 -25.91
N ALA A 171 -83.04 -11.45 -25.40
CA ALA A 171 -83.16 -11.90 -24.02
C ALA A 171 -82.86 -13.37 -23.98
N VAL A 172 -81.76 -13.74 -23.33
CA VAL A 172 -81.37 -15.13 -23.23
C VAL A 172 -81.79 -15.61 -21.83
N ALA A 173 -82.64 -16.62 -21.80
CA ALA A 173 -83.04 -17.19 -20.52
C ALA A 173 -81.86 -17.92 -19.88
N THR A 174 -81.68 -17.72 -18.57
CA THR A 174 -80.57 -18.32 -17.86
C THR A 174 -81.00 -18.73 -16.46
N ARG A 175 -80.38 -19.82 -16.00
CA ARG A 175 -80.54 -20.35 -14.67
C ARG A 175 -79.41 -19.95 -13.74
N ALA A 176 -78.51 -19.07 -14.20
CA ALA A 176 -77.39 -18.63 -13.38
C ALA A 176 -77.81 -17.51 -12.42
N ASP A 177 -77.08 -17.38 -11.32
CA ASP A 177 -77.24 -16.20 -10.47
C ASP A 177 -77.16 -14.93 -11.31
N LEU A 178 -78.18 -14.09 -11.22
CA LEU A 178 -78.26 -12.92 -12.09
C LEU A 178 -77.20 -11.88 -11.83
N LYS A 179 -76.61 -11.82 -10.64
CA LYS A 179 -75.42 -10.98 -10.49
C LYS A 179 -74.34 -11.44 -11.44
N GLU A 180 -74.08 -12.75 -11.47
CA GLU A 180 -73.00 -13.28 -12.30
C GLU A 180 -73.33 -13.16 -13.78
N ALA A 181 -74.62 -13.32 -14.13
CA ALA A 181 -75.05 -13.19 -15.51
C ALA A 181 -74.78 -11.77 -16.04
N ALA A 182 -74.94 -10.76 -15.19
CA ALA A 182 -74.83 -9.37 -15.63
C ALA A 182 -73.39 -8.98 -15.94
N THR A 183 -72.43 -9.89 -15.77
CA THR A 183 -71.04 -9.65 -16.12
C THR A 183 -70.72 -10.17 -17.50
N LEU A 184 -71.72 -10.79 -18.17
CA LEU A 184 -71.55 -11.50 -19.41
C LEU A 184 -71.80 -10.65 -20.65
N PRO A 185 -72.86 -9.86 -20.75
CA PRO A 185 -73.14 -9.18 -22.03
C PRO A 185 -72.00 -8.32 -22.55
N ILE A 186 -71.22 -7.65 -21.68
CA ILE A 186 -70.10 -6.79 -22.10
C ILE A 186 -68.75 -7.40 -21.78
N GLY A 187 -68.49 -7.76 -20.52
CA GLY A 187 -67.16 -8.22 -20.17
C GLY A 187 -66.81 -9.57 -20.76
N ALA A 188 -67.60 -10.58 -20.41
CA ALA A 188 -67.28 -11.93 -20.84
C ALA A 188 -67.37 -12.04 -22.37
N LEU A 189 -68.46 -11.54 -22.95
CA LEU A 189 -68.67 -11.75 -24.38
C LEU A 189 -67.61 -11.03 -25.19
N THR A 190 -67.23 -9.81 -24.79
CA THR A 190 -66.21 -9.09 -25.56
C THR A 190 -64.89 -9.86 -25.52
N ALA A 191 -64.53 -10.38 -24.33
CA ALA A 191 -63.35 -11.19 -24.15
C ALA A 191 -63.42 -12.47 -24.97
N TRP A 192 -64.58 -13.11 -24.99
CA TRP A 192 -64.76 -14.28 -25.84
C TRP A 192 -64.44 -13.98 -27.31
N ASN A 193 -65.05 -12.93 -27.84
CA ASN A 193 -64.87 -12.59 -29.26
C ASN A 193 -63.41 -12.26 -29.56
N MET A 194 -62.73 -11.54 -28.65
CA MET A 194 -61.30 -11.25 -28.82
C MET A 194 -60.48 -12.52 -28.90
N ALA A 195 -60.72 -13.46 -27.97
CA ALA A 195 -59.97 -14.73 -27.94
C ALA A 195 -60.27 -15.57 -29.16
N TYR A 196 -61.54 -15.57 -29.59
CA TYR A 196 -61.94 -16.32 -30.77
C TYR A 196 -61.27 -15.76 -32.02
N ARG A 197 -61.14 -14.45 -32.12
CA ARG A 197 -60.52 -13.86 -33.30
C ARG A 197 -58.98 -13.91 -33.27
N ALA A 198 -58.37 -14.28 -32.14
CA ALA A 198 -56.94 -14.47 -32.02
C ALA A 198 -56.44 -15.82 -32.53
N SER A 199 -57.31 -16.79 -32.77
CA SER A 199 -56.90 -18.10 -33.30
C SER A 199 -55.79 -18.72 -32.45
N ILE A 200 -56.05 -18.76 -31.15
CA ILE A 200 -55.16 -19.42 -30.21
C ILE A 200 -55.13 -20.93 -30.50
N SER A 201 -53.85 -21.48 -30.80
CA SER A 201 -53.55 -22.91 -30.85
C SER A 201 -53.10 -23.36 -29.46
N PRO A 202 -53.39 -24.60 -29.06
CA PRO A 202 -52.95 -25.06 -27.73
C PRO A 202 -51.44 -25.01 -27.63
N GLY A 203 -50.96 -24.52 -26.49
CA GLY A 203 -49.56 -24.37 -26.26
C GLY A 203 -49.00 -23.03 -26.64
N GLU A 204 -49.72 -22.24 -27.45
CA GLU A 204 -49.29 -20.88 -27.76
C GLU A 204 -49.25 -20.03 -26.50
N LYS A 205 -48.31 -19.09 -26.46
CA LYS A 205 -48.19 -18.17 -25.32
C LYS A 205 -49.04 -16.94 -25.58
N VAL A 206 -49.89 -16.62 -24.62
CA VAL A 206 -50.90 -15.57 -24.74
C VAL A 206 -50.71 -14.56 -23.59
N ALA A 207 -50.48 -13.31 -23.93
CA ALA A 207 -50.46 -12.25 -22.95
C ALA A 207 -51.80 -11.54 -22.94
N VAL A 208 -52.34 -11.30 -21.74
CA VAL A 208 -53.56 -10.51 -21.55
C VAL A 208 -53.16 -9.23 -20.83
N VAL A 209 -53.25 -8.12 -21.54
CA VAL A 209 -53.01 -6.78 -21.01
C VAL A 209 -54.29 -6.26 -20.37
N GLY A 210 -54.14 -5.63 -19.21
CA GLY A 210 -55.33 -5.22 -18.49
C GLY A 210 -56.15 -6.38 -18.00
N ALA A 211 -55.49 -7.47 -17.63
CA ALA A 211 -56.12 -8.71 -17.22
C ALA A 211 -57.00 -8.57 -16.00
N THR A 212 -56.89 -7.46 -15.28
CA THR A 212 -57.65 -7.24 -14.06
C THR A 212 -58.99 -6.59 -14.35
N GLY A 213 -59.21 -6.10 -15.57
CA GLY A 213 -60.39 -5.32 -15.90
C GLY A 213 -61.59 -6.20 -16.22
N ASN A 214 -62.68 -5.52 -16.61
CA ASN A 214 -63.92 -6.24 -16.88
C ASN A 214 -63.74 -7.25 -18.00
N VAL A 215 -63.06 -6.84 -19.08
CA VAL A 215 -62.77 -7.75 -20.19
C VAL A 215 -61.62 -8.66 -19.84
N GLY A 216 -60.52 -8.10 -19.35
CA GLY A 216 -59.33 -8.90 -19.08
C GLY A 216 -59.62 -10.17 -18.28
N ILE A 217 -60.40 -10.05 -17.23
CA ILE A 217 -60.46 -11.16 -16.28
C ILE A 217 -61.16 -12.37 -16.89
N TYR A 218 -62.08 -12.14 -17.83
CA TYR A 218 -62.58 -13.19 -18.71
C TYR A 218 -61.62 -13.51 -19.85
N ALA A 219 -60.84 -12.53 -20.33
CA ALA A 219 -59.83 -12.83 -21.35
C ALA A 219 -58.82 -13.85 -20.86
N VAL A 220 -58.38 -13.72 -19.60
CA VAL A 220 -57.50 -14.74 -19.01
C VAL A 220 -58.16 -16.11 -19.10
N GLN A 221 -59.44 -16.18 -18.73
CA GLN A 221 -60.14 -17.47 -18.63
C GLN A 221 -60.30 -18.11 -20.00
N PHE A 222 -60.80 -17.36 -20.99
CA PHE A 222 -61.02 -17.96 -22.31
C PHE A 222 -59.71 -18.29 -23.00
N ALA A 223 -58.65 -17.50 -22.80
CA ALA A 223 -57.36 -17.92 -23.37
C ALA A 223 -56.91 -19.28 -22.79
N LYS A 224 -57.23 -19.54 -21.51
CA LYS A 224 -56.87 -20.82 -20.90
C LYS A 224 -57.78 -21.91 -21.44
N LEU A 225 -59.08 -21.62 -21.52
CA LEU A 225 -60.03 -22.56 -22.08
C LEU A 225 -59.54 -23.09 -23.42
N LEU A 226 -58.96 -22.23 -24.26
CA LEU A 226 -58.58 -22.59 -25.63
C LEU A 226 -57.22 -23.27 -25.71
N GLY A 227 -56.58 -23.54 -24.57
CA GLY A 227 -55.32 -24.27 -24.54
C GLY A 227 -54.09 -23.42 -24.40
N GLY A 228 -54.24 -22.11 -24.28
CA GLY A 228 -53.11 -21.23 -24.17
C GLY A 228 -52.38 -21.38 -22.84
N GLU A 229 -51.12 -21.04 -22.89
CA GLU A 229 -50.35 -20.70 -21.71
C GLU A 229 -50.49 -19.19 -21.55
N VAL A 230 -51.05 -18.75 -20.41
CA VAL A 230 -51.63 -17.42 -20.26
C VAL A 230 -50.81 -16.63 -19.26
N TYR A 231 -50.31 -15.49 -19.69
CA TYR A 231 -49.52 -14.58 -18.86
C TYR A 231 -50.37 -13.34 -18.70
N ALA A 232 -50.86 -13.10 -17.50
CA ALA A 232 -51.72 -11.97 -17.20
C ALA A 232 -50.82 -10.80 -16.85
N ILE A 233 -51.02 -9.68 -17.52
CA ILE A 233 -50.18 -8.51 -17.34
C ILE A 233 -50.92 -7.47 -16.50
N SER A 234 -50.23 -6.89 -15.53
CA SER A 234 -50.84 -5.99 -14.56
C SER A 234 -49.77 -5.04 -14.03
N ARG A 235 -50.14 -3.77 -13.89
CA ARG A 235 -49.31 -2.80 -13.17
C ARG A 235 -49.41 -2.93 -11.66
N ARG A 236 -50.26 -3.79 -11.13
CA ARG A 236 -50.36 -4.01 -9.69
C ARG A 236 -50.24 -5.47 -9.37
N LYS A 237 -49.29 -6.13 -10.02
CA LYS A 237 -49.01 -7.55 -9.81
C LYS A 237 -49.11 -8.00 -8.36
N ALA A 238 -48.56 -7.21 -7.44
CA ALA A 238 -48.47 -7.63 -6.05
C ALA A 238 -49.86 -7.83 -5.43
N LYS A 239 -50.76 -6.87 -5.61
CA LYS A 239 -52.11 -7.01 -5.09
C LYS A 239 -52.86 -8.18 -5.74
N VAL A 240 -52.71 -8.36 -7.05
CA VAL A 240 -53.69 -9.10 -7.84
C VAL A 240 -53.28 -10.51 -8.22
N GLU A 241 -52.05 -10.94 -7.91
CA GLU A 241 -51.53 -12.19 -8.47
C GLU A 241 -52.39 -13.41 -8.13
N SER A 242 -52.84 -13.54 -6.88
CA SER A 242 -53.63 -14.73 -6.53
C SER A 242 -54.98 -14.74 -7.24
N ILE A 243 -55.61 -13.56 -7.39
CA ILE A 243 -56.85 -13.49 -8.16
C ILE A 243 -56.65 -13.97 -9.60
N LEU A 244 -55.71 -13.36 -10.34
CA LEU A 244 -55.52 -13.71 -11.74
C LEU A 244 -55.11 -15.16 -11.92
N LYS A 245 -54.40 -15.71 -10.95
CA LYS A 245 -54.12 -17.14 -11.03
C LYS A 245 -55.39 -17.97 -10.85
N SER A 246 -56.31 -17.52 -9.99
CA SER A 246 -57.56 -18.27 -9.84
C SER A 246 -58.49 -18.03 -11.03
N ALA A 247 -58.27 -16.95 -11.78
CA ALA A 247 -58.90 -16.82 -13.09
C ALA A 247 -58.28 -17.76 -14.13
N GLY A 248 -57.17 -18.40 -13.82
CA GLY A 248 -56.52 -19.32 -14.74
C GLY A 248 -55.21 -18.84 -15.32
N ALA A 249 -54.68 -17.71 -14.87
CA ALA A 249 -53.36 -17.31 -15.33
C ALA A 249 -52.34 -18.36 -14.92
N ASP A 250 -51.43 -18.69 -15.85
CA ASP A 250 -50.24 -19.46 -15.51
C ASP A 250 -49.16 -18.58 -14.89
N ALA A 251 -49.19 -17.28 -15.12
CA ALA A 251 -48.20 -16.39 -14.57
C ALA A 251 -48.77 -15.00 -14.64
N VAL A 252 -48.43 -14.18 -13.65
CA VAL A 252 -48.77 -12.78 -13.62
C VAL A 252 -47.46 -12.00 -13.74
N LEU A 253 -47.44 -11.01 -14.64
CA LEU A 253 -46.24 -10.28 -15.00
C LEU A 253 -46.55 -8.79 -14.93
N THR A 254 -45.59 -8.02 -14.45
CA THR A 254 -45.60 -6.59 -14.64
C THR A 254 -45.29 -6.31 -16.10
N PRO A 255 -45.53 -5.08 -16.56
CA PRO A 255 -45.19 -4.75 -17.95
C PRO A 255 -43.72 -4.99 -18.25
N ASP A 256 -42.87 -4.65 -17.29
CA ASP A 256 -41.44 -4.90 -17.45
C ASP A 256 -41.15 -6.38 -17.57
N GLU A 257 -41.78 -7.21 -16.73
CA GLU A 257 -41.59 -8.65 -16.85
C GLU A 257 -42.07 -9.16 -18.22
N ALA A 258 -43.16 -8.56 -18.74
CA ALA A 258 -43.67 -8.92 -20.06
C ALA A 258 -42.58 -8.79 -21.14
N LYS A 259 -41.83 -7.68 -21.11
CA LYS A 259 -40.82 -7.46 -22.13
C LYS A 259 -39.82 -8.58 -22.14
N SER A 260 -39.36 -9.01 -20.96
CA SER A 260 -38.32 -10.04 -20.92
C SER A 260 -38.86 -11.38 -21.29
N ALA A 261 -40.12 -11.65 -20.99
CA ALA A 261 -40.72 -12.95 -21.25
C ALA A 261 -41.13 -13.11 -22.72
N ALA A 262 -41.07 -12.02 -23.54
CA ALA A 262 -41.31 -12.10 -24.99
C ALA A 262 -40.44 -13.17 -25.61
N PRO A 263 -40.80 -13.75 -26.75
CA PRO A 263 -42.01 -13.38 -27.51
C PRO A 263 -43.28 -14.15 -27.12
N PHE A 264 -44.42 -13.55 -27.47
CA PHE A 264 -45.75 -14.11 -27.33
C PHE A 264 -46.35 -14.34 -28.71
N ASP A 265 -47.22 -15.33 -28.79
CA ASP A 265 -47.94 -15.61 -30.02
C ASP A 265 -49.19 -14.76 -30.14
N VAL A 266 -49.75 -14.32 -29.02
CA VAL A 266 -50.99 -13.56 -29.04
C VAL A 266 -50.93 -12.57 -27.91
N VAL A 267 -51.35 -11.33 -28.18
CA VAL A 267 -51.54 -10.32 -27.15
C VAL A 267 -52.98 -9.84 -27.26
N LEU A 268 -53.73 -10.00 -26.19
CA LEU A 268 -55.13 -9.54 -26.09
C LEU A 268 -55.07 -8.27 -25.27
N ASP A 269 -55.36 -7.14 -25.90
CA ASP A 269 -54.99 -5.85 -25.33
C ASP A 269 -55.99 -4.82 -25.80
N PRO A 270 -57.05 -4.59 -25.03
CA PRO A 270 -58.00 -3.52 -25.33
C PRO A 270 -57.69 -2.17 -24.69
N THR A 271 -56.51 -1.99 -24.07
CA THR A 271 -56.23 -0.78 -23.27
C THR A 271 -55.73 0.39 -24.10
N GLY A 272 -55.41 0.17 -25.38
CA GLY A 272 -55.13 1.25 -26.31
C GLY A 272 -53.68 1.68 -26.45
N SER A 273 -53.48 2.95 -26.76
CA SER A 273 -52.20 3.39 -27.31
C SER A 273 -51.10 3.41 -26.26
N ALA A 274 -51.41 3.66 -24.98
CA ALA A 274 -50.32 3.66 -24.01
C ALA A 274 -49.67 2.29 -23.83
N SER A 275 -50.29 1.23 -24.33
CA SER A 275 -49.77 -0.12 -24.18
C SER A 275 -49.16 -0.62 -25.48
N TRP A 276 -49.20 0.21 -26.52
CA TRP A 276 -48.93 -0.27 -27.86
C TRP A 276 -47.47 -0.67 -28.04
N ASP A 277 -46.53 0.16 -27.58
CA ASP A 277 -45.12 -0.17 -27.81
C ASP A 277 -44.77 -1.52 -27.17
N LEU A 278 -45.28 -1.75 -25.96
CA LEU A 278 -45.03 -3.02 -25.29
C LEU A 278 -45.74 -4.16 -26.01
N SER A 279 -47.05 -4.04 -26.25
CA SER A 279 -47.83 -5.16 -26.77
C SER A 279 -47.41 -5.49 -28.20
N PHE A 280 -47.23 -4.48 -29.05
CA PHE A 280 -46.80 -4.73 -30.41
C PHE A 280 -45.38 -5.29 -30.41
N GLY A 281 -44.53 -4.81 -29.50
CA GLY A 281 -43.13 -5.20 -29.51
C GLY A 281 -42.82 -6.56 -28.90
N VAL A 282 -43.75 -7.14 -28.13
CA VAL A 282 -43.51 -8.47 -27.55
C VAL A 282 -44.00 -9.61 -28.44
N LEU A 283 -44.66 -9.30 -29.55
CA LEU A 283 -45.14 -10.36 -30.46
C LEU A 283 -43.96 -11.02 -31.19
N GLY A 284 -44.10 -12.32 -31.43
CA GLY A 284 -43.17 -13.07 -32.24
C GLY A 284 -43.68 -13.29 -33.65
N ARG A 285 -43.04 -14.24 -34.35
CA ARG A 285 -43.40 -14.48 -35.73
C ARG A 285 -44.84 -14.97 -35.78
N GLY A 286 -45.64 -14.42 -36.68
CA GLY A 286 -47.05 -14.76 -36.73
C GLY A 286 -47.87 -14.30 -35.54
N GLY A 287 -47.34 -13.38 -34.75
CA GLY A 287 -48.04 -12.91 -33.58
C GLY A 287 -49.29 -12.14 -33.94
N ARG A 288 -50.29 -12.25 -33.08
CA ARG A 288 -51.58 -11.62 -33.28
C ARG A 288 -51.85 -10.69 -32.10
N TYR A 289 -52.04 -9.42 -32.41
CA TYR A 289 -52.44 -8.40 -31.47
C TYR A 289 -53.95 -8.22 -31.65
N VAL A 290 -54.73 -8.45 -30.62
CA VAL A 290 -56.18 -8.33 -30.74
C VAL A 290 -56.65 -7.24 -29.79
N THR A 291 -57.34 -6.25 -30.34
CA THR A 291 -57.94 -5.21 -29.51
C THR A 291 -59.41 -5.06 -29.79
N ALA A 292 -60.09 -4.63 -28.73
CA ALA A 292 -61.49 -4.23 -28.79
C ALA A 292 -61.73 -2.89 -28.10
N GLY A 293 -60.68 -2.17 -27.68
CA GLY A 293 -60.85 -0.91 -26.98
C GLY A 293 -59.69 0.05 -27.19
N ALA A 294 -59.87 1.27 -26.71
CA ALA A 294 -58.84 2.30 -26.82
C ALA A 294 -58.80 3.09 -25.53
N LEU A 295 -58.79 2.35 -24.41
CA LEU A 295 -58.94 2.96 -23.10
C LEU A 295 -57.99 4.14 -22.90
N THR A 296 -56.72 3.98 -23.25
CA THR A 296 -55.74 5.02 -23.01
C THR A 296 -55.44 5.84 -24.25
N GLY A 297 -56.27 5.72 -25.28
CA GLY A 297 -56.08 6.44 -26.55
C GLY A 297 -56.16 5.48 -27.73
N ALA A 298 -56.61 6.03 -28.87
CA ALA A 298 -56.98 5.30 -30.05
C ALA A 298 -55.92 5.27 -31.14
N GLU A 299 -54.99 6.20 -31.17
CA GLU A 299 -54.08 6.33 -32.30
C GLU A 299 -52.71 5.76 -31.95
N VAL A 300 -52.22 4.86 -32.81
CA VAL A 300 -50.91 4.24 -32.65
C VAL A 300 -50.10 4.42 -33.93
N ARG A 301 -48.79 4.48 -33.76
CA ARG A 301 -47.86 4.59 -34.88
C ARG A 301 -47.40 3.18 -35.23
N LEU A 302 -47.85 2.66 -36.36
CA LEU A 302 -47.61 1.28 -36.75
C LEU A 302 -46.46 1.22 -37.76
N ASP A 303 -45.44 0.44 -37.45
CA ASP A 303 -44.33 0.21 -38.36
C ASP A 303 -44.67 -0.97 -39.28
N LEU A 304 -45.03 -0.64 -40.53
CA LEU A 304 -45.38 -1.66 -41.52
C LEU A 304 -44.22 -2.60 -41.80
N ARG A 305 -42.97 -2.15 -41.64
CA ARG A 305 -41.83 -3.00 -41.93
C ARG A 305 -41.74 -4.14 -40.91
N ARG A 306 -41.95 -3.85 -39.65
CA ARG A 306 -42.03 -4.91 -38.66
C ARG A 306 -43.34 -5.72 -38.81
N LEU A 307 -44.47 -5.07 -39.14
CA LEU A 307 -45.70 -5.84 -39.37
C LEU A 307 -45.48 -6.95 -40.40
N TYR A 308 -44.87 -6.62 -41.54
CA TYR A 308 -44.72 -7.66 -42.56
C TYR A 308 -43.48 -8.51 -42.35
N GLY A 309 -42.42 -7.94 -41.77
CA GLY A 309 -41.20 -8.71 -41.56
C GLY A 309 -41.38 -9.83 -40.59
N MET A 310 -42.29 -9.63 -39.62
CA MET A 310 -42.66 -10.57 -38.60
C MET A 310 -43.91 -11.38 -38.95
N GLN A 311 -44.60 -11.06 -40.04
CA GLN A 311 -45.92 -11.62 -40.35
C GLN A 311 -46.91 -11.52 -39.19
N ILE A 312 -46.96 -10.36 -38.58
CA ILE A 312 -47.87 -10.08 -37.48
C ILE A 312 -49.24 -9.72 -38.05
N LEU A 313 -50.27 -10.02 -37.27
CA LEU A 313 -51.64 -9.64 -37.56
C LEU A 313 -52.10 -8.69 -36.47
N VAL A 314 -52.69 -7.57 -36.87
CA VAL A 314 -53.26 -6.60 -35.95
C VAL A 314 -54.78 -6.61 -36.18
N ILE A 315 -55.52 -7.11 -35.21
CA ILE A 315 -56.89 -7.60 -35.38
C ILE A 315 -57.84 -6.81 -34.48
N GLY A 316 -58.89 -6.26 -35.10
CA GLY A 316 -59.97 -5.66 -34.36
C GLY A 316 -61.07 -6.65 -33.98
N ALA A 317 -61.59 -6.48 -32.76
CA ALA A 317 -62.73 -7.23 -32.24
C ALA A 317 -63.71 -6.27 -31.58
N THR A 318 -65.00 -6.52 -31.71
CA THR A 318 -65.96 -5.74 -30.95
C THR A 318 -67.17 -6.58 -30.62
N GLY A 319 -67.77 -6.28 -29.47
CA GLY A 319 -68.94 -7.01 -29.04
C GLY A 319 -68.71 -8.51 -29.09
N GLY A 320 -69.70 -9.22 -29.64
CA GLY A 320 -69.59 -10.64 -29.79
C GLY A 320 -70.77 -11.14 -30.59
N ARG A 321 -70.64 -12.36 -31.08
CA ARG A 321 -71.67 -12.96 -31.90
C ARG A 321 -72.80 -13.49 -31.01
N ARG A 322 -74.02 -13.44 -31.58
CA ARG A 322 -75.22 -13.87 -30.87
C ARG A 322 -75.14 -15.34 -30.43
N ALA A 323 -74.66 -16.23 -31.30
CA ALA A 323 -74.42 -17.62 -30.90
C ALA A 323 -73.32 -17.78 -29.83
N ASP A 324 -72.34 -16.86 -29.82
CA ASP A 324 -71.30 -16.99 -28.81
C ASP A 324 -71.80 -16.53 -27.45
N PHE A 325 -72.77 -15.63 -27.43
CA PHE A 325 -73.33 -15.18 -26.17
C PHE A 325 -74.08 -16.33 -25.50
N ASN A 326 -74.81 -17.12 -26.30
CA ASN A 326 -75.42 -18.35 -25.79
C ASN A 326 -74.38 -19.26 -25.15
N THR A 327 -73.22 -19.41 -25.80
CA THR A 327 -72.19 -20.33 -25.30
C THR A 327 -71.66 -19.83 -23.98
N VAL A 328 -71.37 -18.53 -23.90
CA VAL A 328 -70.82 -17.93 -22.69
C VAL A 328 -71.81 -18.07 -21.54
N VAL A 329 -73.12 -17.92 -21.82
CA VAL A 329 -74.13 -18.12 -20.78
C VAL A 329 -74.09 -19.57 -20.29
N ARG A 330 -74.10 -20.53 -21.21
CA ARG A 330 -74.05 -21.94 -20.82
C ARG A 330 -72.78 -22.28 -20.03
N LEU A 331 -71.64 -21.69 -20.40
CA LEU A 331 -70.41 -21.98 -19.68
C LEU A 331 -70.45 -21.44 -18.25
N LEU A 332 -71.04 -20.24 -18.05
CA LEU A 332 -71.20 -19.72 -16.68
C LEU A 332 -72.10 -20.64 -15.87
N GLU A 333 -73.18 -21.10 -16.50
CA GLU A 333 -74.18 -21.94 -15.86
C GLU A 333 -73.59 -23.27 -15.43
N ALA A 334 -72.72 -23.82 -16.26
CA ALA A 334 -72.00 -25.03 -15.94
C ALA A 334 -70.81 -24.79 -15.02
N GLY A 335 -70.51 -23.56 -14.63
CA GLY A 335 -69.33 -23.35 -13.78
C GLY A 335 -67.98 -23.45 -14.45
N ARG A 336 -67.90 -23.47 -15.78
CA ARG A 336 -66.62 -23.53 -16.49
C ARG A 336 -65.89 -22.20 -16.55
N ILE A 337 -66.61 -21.08 -16.43
CA ILE A 337 -66.03 -19.76 -16.23
C ILE A 337 -66.63 -19.20 -14.94
N LYS A 338 -65.96 -18.17 -14.39
CA LYS A 338 -66.27 -17.58 -13.10
C LYS A 338 -66.44 -16.07 -13.21
N ALA A 339 -67.33 -15.53 -12.39
CA ALA A 339 -67.57 -14.09 -12.34
C ALA A 339 -66.87 -13.51 -11.14
N PHE A 340 -66.04 -12.51 -11.36
CA PHE A 340 -65.32 -11.84 -10.28
C PHE A 340 -66.05 -10.54 -9.96
N LEU A 341 -66.71 -10.49 -8.81
CA LEU A 341 -67.51 -9.35 -8.42
C LEU A 341 -66.73 -8.50 -7.43
N HIS A 342 -66.78 -7.19 -7.62
CA HIS A 342 -66.20 -6.23 -6.69
C HIS A 342 -67.21 -5.64 -5.72
N ASN A 343 -68.40 -5.27 -6.18
CA ASN A 343 -69.25 -4.40 -5.39
C ASN A 343 -70.59 -4.21 -6.07
N VAL A 344 -71.66 -4.15 -5.26
CA VAL A 344 -73.01 -3.92 -5.73
C VAL A 344 -73.51 -2.61 -5.11
N TYR A 345 -73.97 -1.71 -5.93
CA TYR A 345 -74.49 -0.44 -5.48
C TYR A 345 -75.98 -0.37 -5.73
N PRO A 346 -76.74 0.24 -4.83
CA PRO A 346 -78.12 0.59 -5.18
C PRO A 346 -78.15 1.62 -6.29
N LEU A 347 -79.27 1.62 -7.03
CA LEU A 347 -79.44 2.52 -8.18
C LEU A 347 -79.24 3.97 -7.79
N ALA A 348 -79.54 4.34 -6.55
CA ALA A 348 -79.40 5.73 -6.16
C ALA A 348 -77.94 6.14 -6.03
N ASP A 349 -77.03 5.17 -5.85
CA ASP A 349 -75.59 5.43 -5.80
C ASP A 349 -74.91 5.21 -7.15
N VAL A 350 -75.65 5.41 -8.24
CA VAL A 350 -75.10 5.14 -9.56
C VAL A 350 -73.84 5.98 -9.80
N ARG A 351 -73.82 7.21 -9.30
CA ARG A 351 -72.65 8.07 -9.52
C ARG A 351 -71.42 7.49 -8.85
N LYS A 352 -71.55 7.17 -7.55
CA LYS A 352 -70.47 6.54 -6.80
C LYS A 352 -70.04 5.23 -7.47
N ALA A 353 -71.02 4.50 -8.04
CA ALA A 353 -70.72 3.26 -8.76
C ALA A 353 -69.89 3.54 -9.99
N LEU A 354 -70.27 4.54 -10.79
CA LEU A 354 -69.48 4.88 -11.98
C LEU A 354 -68.06 5.34 -11.61
N GLU A 355 -67.91 6.11 -10.52
CA GLU A 355 -66.58 6.55 -10.09
C GLU A 355 -65.69 5.38 -9.69
N GLU A 356 -66.29 4.34 -9.10
CA GLU A 356 -65.55 3.17 -8.64
C GLU A 356 -64.81 2.49 -9.79
N LEU A 357 -65.13 2.86 -11.04
CA LEU A 357 -64.37 2.36 -12.18
C LEU A 357 -62.92 2.83 -12.15
N ARG A 358 -62.65 4.03 -11.60
CA ARG A 358 -61.28 4.53 -11.50
C ARG A 358 -60.56 4.13 -10.21
N SER A 359 -61.11 3.21 -9.43
CA SER A 359 -60.56 2.94 -8.10
C SER A 359 -59.37 2.01 -8.23
N PRO A 360 -58.17 2.41 -7.82
CA PRO A 360 -56.98 1.54 -8.00
C PRO A 360 -57.03 0.22 -7.26
N GLU A 361 -58.07 0.03 -6.46
CA GLU A 361 -58.28 -1.21 -5.71
C GLU A 361 -59.30 -2.13 -6.37
N ARG A 362 -60.15 -1.60 -7.25
CA ARG A 362 -61.12 -2.43 -7.92
C ARG A 362 -60.43 -3.53 -8.70
N VAL A 363 -60.73 -4.76 -8.33
CA VAL A 363 -60.64 -5.89 -9.24
C VAL A 363 -62.00 -6.53 -9.20
N GLY A 364 -62.59 -6.75 -10.35
CA GLY A 364 -63.93 -7.31 -10.42
C GLY A 364 -64.93 -6.31 -10.96
N LYS A 365 -66.14 -6.80 -11.11
CA LYS A 365 -67.21 -6.06 -11.74
C LYS A 365 -67.97 -5.27 -10.69
N VAL A 366 -68.29 -4.04 -11.03
CA VAL A 366 -69.17 -3.19 -10.24
C VAL A 366 -70.57 -3.32 -10.80
N LEU A 367 -71.54 -3.61 -9.94
CA LEU A 367 -72.93 -3.81 -10.34
C LEU A 367 -73.83 -2.74 -9.72
N ILE A 368 -74.90 -2.43 -10.43
CA ILE A 368 -76.03 -1.65 -9.92
C ILE A 368 -77.19 -2.61 -9.72
N ALA A 369 -77.82 -2.54 -8.56
CA ALA A 369 -79.04 -3.29 -8.29
C ALA A 369 -80.20 -2.31 -8.18
N PRO A 370 -81.04 -2.15 -9.21
CA PRO A 370 -82.19 -1.24 -9.10
C PRO A 370 -83.24 -1.79 -8.15
N HIS B 38 -31.65 -26.97 -8.69
CA HIS B 38 -31.06 -26.21 -7.53
C HIS B 38 -31.54 -24.73 -7.53
N GLU B 39 -31.64 -24.15 -6.33
CA GLU B 39 -32.20 -22.80 -6.16
C GLU B 39 -31.38 -22.03 -5.13
N MET B 40 -31.51 -20.71 -5.16
CA MET B 40 -30.64 -19.84 -4.40
C MET B 40 -31.46 -18.66 -3.93
N ARG B 41 -30.98 -17.99 -2.88
CA ARG B 41 -31.59 -16.76 -2.42
C ARG B 41 -31.03 -15.58 -3.21
N ALA B 42 -31.88 -14.59 -3.46
CA ALA B 42 -31.49 -13.44 -4.26
C ALA B 42 -32.39 -12.29 -3.87
N ALA B 43 -31.89 -11.07 -4.16
CA ALA B 43 -32.73 -9.88 -4.19
C ALA B 43 -33.14 -9.60 -5.64
N ALA B 44 -34.41 -9.25 -5.82
CA ALA B 44 -34.94 -9.01 -7.17
C ALA B 44 -36.10 -8.05 -7.11
N PHE B 45 -36.33 -7.39 -8.24
CA PHE B 45 -37.47 -6.52 -8.41
C PHE B 45 -38.14 -6.81 -9.75
N SER B 46 -39.45 -6.93 -9.70
CA SER B 46 -40.23 -7.10 -10.91
C SER B 46 -40.66 -5.77 -11.49
N THR B 47 -40.58 -4.70 -10.72
CA THR B 47 -40.85 -3.37 -11.19
C THR B 47 -39.91 -2.47 -10.41
N PRO B 48 -39.35 -1.43 -11.03
CA PRO B 48 -38.39 -0.58 -10.32
C PRO B 48 -39.07 0.11 -9.15
N GLY B 49 -38.22 0.57 -8.24
CA GLY B 49 -38.63 1.20 -6.98
C GLY B 49 -38.06 0.38 -5.84
N LEU B 50 -37.49 1.09 -4.87
CA LEU B 50 -36.77 0.41 -3.78
C LEU B 50 -37.69 -0.49 -2.97
N GLU B 51 -38.98 -0.16 -2.88
CA GLU B 51 -39.93 -0.96 -2.11
C GLU B 51 -40.35 -2.23 -2.84
N ASN B 52 -40.04 -2.37 -4.13
CA ASN B 52 -40.27 -3.63 -4.83
C ASN B 52 -39.07 -4.55 -4.82
N LEU B 53 -37.97 -4.19 -4.15
CA LEU B 53 -36.82 -5.08 -4.05
C LEU B 53 -37.05 -6.10 -2.94
N LYS B 54 -37.13 -7.38 -3.28
CA LYS B 54 -37.57 -8.41 -2.36
C LYS B 54 -36.58 -9.56 -2.33
N LEU B 55 -36.40 -10.14 -1.15
CA LEU B 55 -35.72 -11.41 -1.03
C LEU B 55 -36.61 -12.52 -1.59
N VAL B 56 -36.06 -13.33 -2.47
CA VAL B 56 -36.82 -14.34 -3.17
C VAL B 56 -35.94 -15.57 -3.29
N GLU B 57 -36.56 -16.66 -3.68
CA GLU B 57 -35.85 -17.88 -4.01
C GLU B 57 -35.95 -18.03 -5.52
N ALA B 58 -34.82 -18.28 -6.15
CA ALA B 58 -34.72 -18.22 -7.59
C ALA B 58 -33.92 -19.41 -8.04
N GLU B 59 -34.05 -19.71 -9.33
CA GLU B 59 -33.33 -20.80 -9.95
C GLU B 59 -31.85 -20.41 -10.07
N THR B 60 -30.98 -21.29 -9.62
CA THR B 60 -29.56 -21.03 -9.66
C THR B 60 -29.08 -21.13 -11.09
N PRO B 61 -28.44 -20.09 -11.64
CA PRO B 61 -28.04 -20.15 -13.05
C PRO B 61 -26.91 -21.14 -13.33
N ARG B 62 -26.84 -21.50 -14.62
CA ARG B 62 -25.88 -22.40 -15.19
C ARG B 62 -24.98 -21.67 -16.17
N PRO B 63 -23.66 -21.91 -16.16
CA PRO B 63 -22.78 -21.19 -17.10
C PRO B 63 -22.71 -21.85 -18.46
N GLY B 64 -22.89 -21.07 -19.51
CA GLY B 64 -22.75 -21.57 -20.86
C GLY B 64 -21.30 -21.53 -21.28
N PRO B 65 -21.04 -21.83 -22.55
CA PRO B 65 -19.67 -21.71 -23.07
C PRO B 65 -19.08 -20.34 -22.80
N GLY B 66 -17.86 -20.32 -22.29
CA GLY B 66 -17.17 -19.10 -21.96
C GLY B 66 -17.55 -18.42 -20.65
N GLU B 67 -18.34 -19.06 -19.79
CA GLU B 67 -18.85 -18.42 -18.58
C GLU B 67 -18.44 -19.21 -17.34
N VAL B 68 -18.56 -18.57 -16.19
CA VAL B 68 -18.35 -19.26 -14.94
C VAL B 68 -19.45 -18.85 -13.99
N LEU B 69 -19.79 -19.78 -13.12
CA LEU B 69 -20.74 -19.55 -12.05
C LEU B 69 -19.95 -19.14 -10.83
N ILE B 70 -20.32 -18.04 -10.21
CA ILE B 70 -19.61 -17.54 -9.03
C ILE B 70 -20.51 -17.61 -7.81
N ARG B 71 -20.01 -18.25 -6.75
CA ARG B 71 -20.59 -18.16 -5.43
C ARG B 71 -20.19 -16.80 -4.85
N VAL B 72 -21.14 -15.87 -4.81
CA VAL B 72 -20.77 -14.51 -4.45
C VAL B 72 -20.43 -14.47 -2.96
N LYS B 73 -19.33 -13.80 -2.62
CA LYS B 73 -18.99 -13.57 -1.21
C LYS B 73 -19.33 -12.16 -0.76
N TYR B 74 -18.97 -11.18 -1.56
CA TYR B 74 -19.16 -9.78 -1.18
C TYR B 74 -19.53 -9.01 -2.42
N ALA B 75 -20.37 -8.02 -2.21
CA ALA B 75 -20.83 -7.21 -3.32
C ALA B 75 -20.91 -5.78 -2.83
N GLY B 76 -20.45 -4.84 -3.66
CA GLY B 76 -20.54 -3.44 -3.31
C GLY B 76 -21.95 -2.86 -3.49
N VAL B 77 -22.21 -1.81 -2.72
CA VAL B 77 -23.43 -1.02 -2.74
C VAL B 77 -23.04 0.38 -3.23
N ASN B 78 -23.51 0.75 -4.42
CA ASN B 78 -23.10 1.94 -5.13
C ASN B 78 -24.31 2.72 -5.61
N PRO B 79 -24.14 3.99 -5.94
CA PRO B 79 -25.21 4.72 -6.65
C PRO B 79 -25.73 4.00 -7.88
N LEU B 80 -24.87 3.37 -8.68
CA LEU B 80 -25.33 2.60 -9.83
C LEU B 80 -26.35 1.53 -9.40
N ASP B 81 -26.04 0.77 -8.34
CA ASP B 81 -26.98 -0.23 -7.86
C ASP B 81 -28.28 0.40 -7.38
N TYR B 82 -28.16 1.49 -6.64
CA TYR B 82 -29.33 2.21 -6.17
C TYR B 82 -30.21 2.64 -7.34
N ASN B 83 -29.61 3.22 -8.37
CA ASN B 83 -30.44 3.81 -9.39
C ASN B 83 -31.04 2.77 -10.31
N VAL B 84 -30.37 1.61 -10.41
CA VAL B 84 -30.94 0.47 -11.12
C VAL B 84 -32.20 -0.02 -10.41
N VAL B 85 -32.12 -0.19 -9.10
CA VAL B 85 -33.31 -0.60 -8.37
C VAL B 85 -34.39 0.46 -8.54
N ALA B 86 -34.03 1.73 -8.41
CA ALA B 86 -35.03 2.78 -8.41
C ALA B 86 -35.61 3.08 -9.78
N GLY B 87 -35.05 2.50 -10.85
CA GLY B 87 -35.57 2.66 -12.20
C GLY B 87 -34.94 3.73 -13.06
N ALA B 88 -33.94 4.46 -12.55
CA ALA B 88 -33.31 5.53 -13.33
C ALA B 88 -32.42 4.97 -14.44
N VAL B 89 -31.86 3.79 -14.24
CA VAL B 89 -31.14 3.05 -15.26
C VAL B 89 -32.00 1.85 -15.59
N LYS B 90 -32.15 1.54 -16.87
CA LYS B 90 -32.98 0.40 -17.22
C LYS B 90 -32.16 -0.89 -17.11
N ALA B 91 -32.88 -2.00 -16.93
CA ALA B 91 -32.27 -3.26 -16.54
C ALA B 91 -32.87 -4.41 -17.34
N SER B 92 -32.08 -5.46 -17.54
CA SER B 92 -32.66 -6.68 -18.07
C SER B 92 -31.79 -7.84 -17.67
N PRO B 93 -32.35 -9.03 -17.54
CA PRO B 93 -33.82 -9.21 -17.67
C PRO B 93 -34.58 -8.71 -16.45
N MET B 94 -35.90 -8.93 -16.51
CA MET B 94 -36.82 -8.56 -15.48
C MET B 94 -37.68 -9.81 -15.29
N PRO B 95 -37.88 -10.28 -14.09
CA PRO B 95 -37.42 -9.57 -12.90
C PRO B 95 -35.91 -9.62 -12.75
N HIS B 96 -35.35 -8.59 -12.11
CA HIS B 96 -33.93 -8.30 -12.17
C HIS B 96 -33.26 -8.48 -10.83
N ILE B 97 -32.13 -9.18 -10.83
CA ILE B 97 -31.23 -9.21 -9.66
C ILE B 97 -30.17 -8.15 -9.90
N PRO B 98 -30.09 -7.08 -9.11
CA PRO B 98 -29.05 -6.06 -9.30
C PRO B 98 -27.73 -6.53 -8.70
N GLY B 99 -26.70 -5.68 -8.85
CA GLY B 99 -25.42 -5.84 -8.19
C GLY B 99 -24.28 -5.94 -9.18
N SER B 100 -23.65 -4.81 -9.47
CA SER B 100 -22.68 -4.72 -10.53
C SER B 100 -21.25 -4.83 -10.02
N GLU B 101 -21.05 -4.94 -8.70
CA GLU B 101 -19.71 -4.93 -8.11
C GLU B 101 -19.55 -6.07 -7.10
N PHE B 102 -18.85 -7.14 -7.48
CA PHE B 102 -18.76 -8.26 -6.56
C PHE B 102 -17.54 -9.14 -6.77
N ALA B 103 -17.21 -9.89 -5.70
CA ALA B 103 -16.18 -10.94 -5.72
C ALA B 103 -16.68 -12.24 -5.07
N GLY B 104 -16.03 -13.34 -5.40
CA GLY B 104 -16.38 -14.60 -4.81
C GLY B 104 -15.50 -15.72 -5.31
N VAL B 105 -16.06 -16.94 -5.26
CA VAL B 105 -15.33 -18.15 -5.62
C VAL B 105 -16.00 -18.75 -6.84
N VAL B 106 -15.21 -19.30 -7.75
CA VAL B 106 -15.77 -19.97 -8.91
C VAL B 106 -16.37 -21.31 -8.46
N GLU B 107 -17.65 -21.50 -8.77
CA GLU B 107 -18.42 -22.71 -8.45
C GLU B 107 -18.40 -23.72 -9.58
N GLU B 108 -18.48 -23.24 -10.83
CA GLU B 108 -18.64 -24.06 -12.01
C GLU B 108 -18.05 -23.31 -13.19
N ALA B 109 -17.44 -24.05 -14.12
CA ALA B 109 -16.91 -23.49 -15.35
C ALA B 109 -17.68 -24.06 -16.53
N GLY B 110 -18.15 -23.18 -17.42
CA GLY B 110 -18.80 -23.61 -18.64
C GLY B 110 -17.82 -24.33 -19.55
N PRO B 111 -18.33 -24.95 -20.61
CA PRO B 111 -17.43 -25.57 -21.59
C PRO B 111 -16.44 -24.57 -22.19
N GLY B 112 -15.22 -25.05 -22.42
CA GLY B 112 -14.22 -24.27 -23.13
C GLY B 112 -13.48 -23.29 -22.27
N VAL B 113 -13.88 -23.10 -21.04
CA VAL B 113 -13.25 -22.11 -20.19
C VAL B 113 -11.90 -22.63 -19.76
N THR B 114 -10.86 -21.84 -19.99
CA THR B 114 -9.54 -22.00 -19.39
C THR B 114 -9.19 -20.72 -18.66
N GLY B 115 -8.10 -20.75 -17.92
CA GLY B 115 -7.55 -19.54 -17.35
C GLY B 115 -8.16 -19.13 -16.04
N VAL B 116 -9.33 -19.65 -15.73
CA VAL B 116 -9.89 -19.57 -14.40
C VAL B 116 -10.55 -20.91 -14.14
N SER B 117 -10.54 -21.33 -12.88
CA SER B 117 -10.91 -22.69 -12.48
C SER B 117 -11.79 -22.67 -11.24
N ARG B 118 -12.56 -23.76 -11.07
CA ARG B 118 -13.32 -24.00 -9.84
C ARG B 118 -12.40 -23.80 -8.65
N GLY B 119 -12.87 -23.07 -7.64
CA GLY B 119 -12.07 -22.78 -6.47
C GLY B 119 -11.34 -21.45 -6.48
N ASP B 120 -11.17 -20.82 -7.65
CA ASP B 120 -10.39 -19.58 -7.71
C ASP B 120 -11.18 -18.52 -6.96
N PRO B 121 -10.57 -17.77 -6.04
CA PRO B 121 -11.23 -16.55 -5.58
C PRO B 121 -11.06 -15.49 -6.66
N VAL B 122 -12.15 -14.81 -6.98
CA VAL B 122 -12.19 -13.93 -8.14
C VAL B 122 -12.92 -12.65 -7.78
N VAL B 123 -12.57 -11.59 -8.49
CA VAL B 123 -13.26 -10.32 -8.48
C VAL B 123 -13.53 -9.99 -9.94
N VAL B 124 -14.71 -9.40 -10.22
CA VAL B 124 -15.32 -9.43 -11.56
C VAL B 124 -15.23 -8.04 -12.20
N TYR B 125 -14.54 -7.94 -13.34
CA TYR B 125 -14.63 -6.75 -14.17
C TYR B 125 -16.05 -6.66 -14.74
N ASN B 126 -16.71 -5.50 -14.59
CA ASN B 126 -18.18 -5.41 -14.81
C ASN B 126 -18.60 -5.01 -16.23
N ARG B 127 -17.69 -4.76 -17.16
CA ARG B 127 -18.06 -4.39 -18.52
C ARG B 127 -18.01 -5.59 -19.44
N LEU B 128 -19.10 -5.84 -20.14
CA LEU B 128 -19.11 -6.84 -21.19
C LEU B 128 -18.35 -6.24 -22.38
N TYR B 129 -17.43 -7.03 -22.96
CA TYR B 129 -16.59 -6.54 -24.05
C TYR B 129 -16.36 -7.65 -25.06
N CYS B 130 -16.37 -7.29 -26.36
CA CYS B 130 -16.24 -8.30 -27.41
C CYS B 130 -14.80 -8.70 -27.67
N GLY B 131 -13.83 -7.87 -27.30
CA GLY B 131 -12.44 -8.13 -27.59
C GLY B 131 -12.04 -8.08 -29.06
N HIS B 132 -12.93 -7.64 -29.98
CA HIS B 132 -12.61 -7.65 -31.41
CA HIS B 132 -12.61 -7.65 -31.41
C HIS B 132 -12.83 -6.31 -32.10
N CYS B 133 -13.44 -5.33 -31.44
CA CYS B 133 -13.67 -4.05 -32.09
C CYS B 133 -12.51 -3.10 -31.82
N ARG B 134 -12.57 -1.93 -32.48
CA ARG B 134 -11.46 -0.98 -32.42
C ARG B 134 -11.22 -0.57 -30.98
N GLN B 135 -12.30 -0.37 -30.21
CA GLN B 135 -12.15 0.05 -28.82
C GLN B 135 -11.48 -1.05 -28.01
N CYS B 136 -11.98 -2.27 -28.11
CA CYS B 136 -11.40 -3.34 -27.31
C CYS B 136 -9.94 -3.53 -27.70
N LEU B 137 -9.65 -3.48 -28.99
CA LEU B 137 -8.32 -3.81 -29.47
C LEU B 137 -7.28 -2.73 -29.14
N THR B 138 -7.69 -1.49 -28.89
CA THR B 138 -6.75 -0.48 -28.38
C THR B 138 -6.73 -0.43 -26.86
N GLY B 139 -7.54 -1.26 -26.18
CA GLY B 139 -7.52 -1.37 -24.74
C GLY B 139 -8.69 -0.71 -24.04
N TRP B 140 -9.47 0.10 -24.75
CA TRP B 140 -10.63 0.77 -24.17
C TRP B 140 -11.87 -0.15 -24.19
N THR B 141 -11.79 -1.26 -23.43
CA THR B 141 -12.86 -2.27 -23.44
C THR B 141 -14.17 -1.75 -22.87
N GLN B 142 -14.12 -0.76 -21.97
CA GLN B 142 -15.33 -0.16 -21.42
C GLN B 142 -16.12 0.62 -22.46
N MET B 143 -15.53 0.90 -23.63
CA MET B 143 -16.14 1.55 -24.77
C MET B 143 -16.49 0.54 -25.86
N CYS B 144 -16.52 -0.73 -25.54
CA CYS B 144 -16.85 -1.73 -26.56
C CYS B 144 -18.02 -1.29 -27.43
N GLU B 145 -17.78 -1.28 -28.75
CA GLU B 145 -18.81 -0.93 -29.73
C GLU B 145 -19.85 -2.02 -29.95
N VAL B 146 -19.52 -3.29 -29.65
CA VAL B 146 -20.44 -4.39 -29.90
C VAL B 146 -21.42 -4.56 -28.75
N THR B 147 -20.96 -4.49 -27.50
CA THR B 147 -21.84 -4.68 -26.35
C THR B 147 -22.47 -3.38 -25.85
N GLY B 148 -22.04 -2.24 -26.39
CA GLY B 148 -22.51 -0.95 -25.93
C GLY B 148 -22.01 -0.56 -24.56
N GLY B 149 -20.86 -1.07 -24.15
CA GLY B 149 -20.50 -0.88 -22.75
C GLY B 149 -21.46 -1.48 -21.72
N GLY B 150 -22.46 -2.30 -22.13
CA GLY B 150 -23.23 -3.14 -21.22
C GLY B 150 -22.53 -3.60 -19.95
N ILE B 151 -23.24 -3.56 -18.82
CA ILE B 151 -22.65 -3.71 -17.50
C ILE B 151 -23.24 -4.92 -16.79
N ILE B 152 -22.38 -5.81 -16.31
CA ILE B 152 -22.85 -6.98 -15.57
C ILE B 152 -23.69 -6.48 -14.39
N GLY B 153 -24.80 -7.17 -14.14
CA GLY B 153 -25.71 -6.75 -13.11
C GLY B 153 -26.70 -5.69 -13.55
N ILE B 154 -26.55 -5.16 -14.76
CA ILE B 154 -27.51 -4.22 -15.33
C ILE B 154 -28.21 -4.81 -16.54
N VAL B 155 -27.43 -5.29 -17.53
CA VAL B 155 -27.95 -6.10 -18.64
C VAL B 155 -27.79 -7.59 -18.42
N THR B 156 -27.20 -7.99 -17.29
CA THR B 156 -27.27 -9.38 -16.80
C THR B 156 -27.73 -9.36 -15.35
N GLN B 157 -28.14 -10.55 -14.88
CA GLN B 157 -28.40 -10.75 -13.47
C GLN B 157 -27.08 -10.68 -12.71
N GLY B 158 -27.10 -9.92 -11.61
CA GLY B 158 -25.90 -9.51 -10.92
C GLY B 158 -25.69 -10.22 -9.59
N GLY B 159 -24.93 -9.56 -8.72
CA GLY B 159 -24.29 -10.19 -7.59
C GLY B 159 -25.03 -10.15 -6.26
N TYR B 160 -26.17 -9.48 -6.19
CA TYR B 160 -26.94 -9.45 -4.94
C TYR B 160 -27.71 -10.76 -4.85
N ALA B 161 -26.97 -11.86 -4.79
CA ALA B 161 -27.52 -13.20 -4.85
C ALA B 161 -26.40 -14.13 -4.39
N GLU B 162 -26.75 -15.41 -4.18
CA GLU B 162 -25.75 -16.38 -3.76
C GLU B 162 -24.87 -16.81 -4.91
N TYR B 163 -25.40 -16.79 -6.12
CA TYR B 163 -24.63 -17.13 -7.32
C TYR B 163 -24.99 -16.17 -8.46
N ALA B 164 -24.05 -16.04 -9.39
CA ALA B 164 -24.20 -15.24 -10.60
C ALA B 164 -23.27 -15.80 -11.67
N VAL B 165 -23.71 -15.70 -12.93
CA VAL B 165 -22.91 -16.12 -14.07
C VAL B 165 -22.33 -14.88 -14.72
N VAL B 166 -21.03 -14.91 -14.96
CA VAL B 166 -20.33 -13.84 -15.70
C VAL B 166 -19.38 -14.51 -16.69
N PRO B 167 -18.96 -13.77 -17.70
CA PRO B 167 -17.98 -14.33 -18.63
C PRO B 167 -16.69 -14.60 -17.89
N ALA B 168 -16.09 -15.76 -18.21
CA ALA B 168 -14.84 -16.15 -17.57
C ALA B 168 -13.77 -15.09 -17.75
N LYS B 169 -13.70 -14.47 -18.93
CA LYS B 169 -12.65 -13.49 -19.14
C LYS B 169 -12.84 -12.26 -18.27
N ASN B 170 -13.98 -12.13 -17.60
CA ASN B 170 -14.19 -10.99 -16.73
C ASN B 170 -13.77 -11.28 -15.32
N ALA B 171 -13.49 -12.53 -15.01
CA ALA B 171 -13.16 -12.96 -13.65
C ALA B 171 -11.66 -12.88 -13.45
N VAL B 172 -11.23 -12.20 -12.38
CA VAL B 172 -9.81 -12.07 -12.09
C VAL B 172 -9.49 -12.85 -10.81
N ALA B 173 -8.62 -13.85 -10.95
CA ALA B 173 -8.09 -14.54 -9.78
C ALA B 173 -7.28 -13.55 -8.95
N THR B 174 -7.51 -13.57 -7.64
CA THR B 174 -6.84 -12.63 -6.74
C THR B 174 -6.52 -13.27 -5.41
N ARG B 175 -5.38 -12.86 -4.86
CA ARG B 175 -4.99 -13.27 -3.51
C ARG B 175 -5.46 -12.29 -2.47
N ALA B 176 -6.12 -11.20 -2.86
CA ALA B 176 -6.57 -10.23 -1.89
C ALA B 176 -7.77 -10.74 -1.10
N ASP B 177 -7.96 -10.11 0.05
CA ASP B 177 -9.15 -10.36 0.85
C ASP B 177 -10.38 -10.01 0.02
N LEU B 178 -11.28 -10.99 -0.17
CA LEU B 178 -12.42 -10.75 -1.05
C LEU B 178 -13.30 -9.61 -0.57
N LYS B 179 -13.24 -9.25 0.70
CA LYS B 179 -13.99 -8.11 1.19
C LYS B 179 -13.46 -6.80 0.61
N GLU B 180 -12.15 -6.64 0.63
CA GLU B 180 -11.53 -5.47 0.04
C GLU B 180 -11.53 -5.59 -1.48
N ALA B 181 -11.46 -6.81 -1.99
CA ALA B 181 -11.45 -6.97 -3.43
C ALA B 181 -12.74 -6.44 -4.01
N ALA B 182 -13.83 -6.55 -3.25
CA ALA B 182 -15.13 -6.19 -3.78
C ALA B 182 -15.32 -4.71 -3.88
N THR B 183 -14.37 -3.91 -3.42
CA THR B 183 -14.43 -2.48 -3.63
C THR B 183 -13.77 -2.06 -4.94
N LEU B 184 -13.21 -2.99 -5.70
CA LEU B 184 -12.38 -2.60 -6.83
C LEU B 184 -13.14 -2.36 -8.13
N PRO B 185 -14.18 -3.15 -8.46
CA PRO B 185 -14.72 -3.10 -9.84
C PRO B 185 -15.46 -1.83 -10.18
N ILE B 186 -16.10 -1.19 -9.20
CA ILE B 186 -16.76 0.07 -9.48
C ILE B 186 -15.92 1.20 -8.91
N GLY B 187 -15.74 1.21 -7.59
CA GLY B 187 -15.09 2.34 -6.94
C GLY B 187 -13.65 2.60 -7.38
N ALA B 188 -12.80 1.59 -7.25
CA ALA B 188 -11.38 1.80 -7.46
C ALA B 188 -11.05 1.96 -8.94
N LEU B 189 -11.57 1.05 -9.78
CA LEU B 189 -11.26 1.08 -11.21
C LEU B 189 -11.73 2.38 -11.87
N THR B 190 -12.89 2.92 -11.46
CA THR B 190 -13.38 4.14 -12.06
C THR B 190 -12.48 5.30 -11.67
N ALA B 191 -12.04 5.32 -10.42
CA ALA B 191 -11.10 6.34 -9.98
C ALA B 191 -9.77 6.20 -10.71
N TRP B 192 -9.30 4.96 -10.89
CA TRP B 192 -8.03 4.76 -11.58
C TRP B 192 -8.10 5.40 -12.94
N ASN B 193 -9.20 5.16 -13.63
CA ASN B 193 -9.34 5.62 -15.00
C ASN B 193 -9.52 7.14 -15.04
N MET B 194 -10.11 7.74 -13.99
CA MET B 194 -10.16 9.20 -13.96
C MET B 194 -8.77 9.77 -13.82
N ALA B 195 -7.97 9.19 -12.90
CA ALA B 195 -6.59 9.68 -12.72
C ALA B 195 -5.75 9.40 -13.95
N TYR B 196 -5.95 8.24 -14.59
CA TYR B 196 -5.18 7.88 -15.77
C TYR B 196 -5.38 8.88 -16.91
N ARG B 197 -6.61 9.37 -17.08
CA ARG B 197 -6.93 10.30 -18.15
C ARG B 197 -6.70 11.76 -17.75
N ALA B 198 -6.31 12.04 -16.51
CA ALA B 198 -5.90 13.37 -16.12
C ALA B 198 -4.46 13.69 -16.50
N SER B 199 -3.62 12.67 -16.80
CA SER B 199 -2.20 12.88 -17.08
C SER B 199 -1.53 13.70 -15.98
N ILE B 200 -1.74 13.26 -14.74
CA ILE B 200 -1.08 13.82 -13.59
C ILE B 200 0.44 13.67 -13.75
N SER B 201 1.18 14.75 -13.43
CA SER B 201 2.64 14.67 -13.36
C SER B 201 3.08 14.91 -11.93
N PRO B 202 4.24 14.38 -11.56
CA PRO B 202 4.72 14.59 -10.18
C PRO B 202 4.87 16.07 -9.87
N GLY B 203 4.33 16.45 -8.72
CA GLY B 203 4.31 17.81 -8.25
C GLY B 203 3.07 18.58 -8.61
N GLU B 204 2.25 18.07 -9.54
CA GLU B 204 1.01 18.76 -9.90
C GLU B 204 0.01 18.78 -8.74
N LYS B 205 -0.74 19.88 -8.63
CA LYS B 205 -1.77 20.01 -7.59
C LYS B 205 -3.07 19.38 -8.09
N VAL B 206 -3.57 18.41 -7.34
CA VAL B 206 -4.71 17.58 -7.73
C VAL B 206 -5.79 17.68 -6.67
N ALA B 207 -6.94 18.25 -7.05
CA ALA B 207 -8.10 18.30 -6.17
C ALA B 207 -9.03 17.10 -6.45
N VAL B 208 -9.59 16.53 -5.39
CA VAL B 208 -10.53 15.40 -5.47
C VAL B 208 -11.79 15.83 -4.76
N VAL B 209 -12.84 16.04 -5.53
CA VAL B 209 -14.14 16.46 -5.00
C VAL B 209 -14.93 15.19 -4.69
N GLY B 210 -15.61 15.17 -3.56
CA GLY B 210 -16.25 13.95 -3.11
C GLY B 210 -15.21 12.90 -2.74
N ALA B 211 -14.10 13.33 -2.18
CA ALA B 211 -13.04 12.42 -1.76
C ALA B 211 -13.50 11.41 -0.69
N THR B 212 -14.63 11.64 -0.01
CA THR B 212 -15.15 10.68 0.96
C THR B 212 -15.95 9.54 0.32
N GLY B 213 -16.33 9.65 -0.95
CA GLY B 213 -17.20 8.68 -1.57
C GLY B 213 -16.46 7.46 -2.10
N ASN B 214 -17.23 6.52 -2.70
CA ASN B 214 -16.64 5.27 -3.15
C ASN B 214 -15.54 5.50 -4.18
N VAL B 215 -15.76 6.42 -5.10
CA VAL B 215 -14.76 6.69 -6.12
C VAL B 215 -13.68 7.60 -5.56
N GLY B 216 -14.10 8.65 -4.85
CA GLY B 216 -13.16 9.65 -4.40
C GLY B 216 -12.08 9.09 -3.49
N ILE B 217 -12.44 8.18 -2.59
CA ILE B 217 -11.49 7.65 -1.63
C ILE B 217 -10.40 6.86 -2.35
N TYR B 218 -10.70 6.31 -3.50
CA TYR B 218 -9.63 5.77 -4.33
C TYR B 218 -8.98 6.82 -5.24
N ALA B 219 -9.71 7.85 -5.66
CA ALA B 219 -9.08 8.88 -6.48
C ALA B 219 -7.96 9.58 -5.73
N VAL B 220 -8.17 9.89 -4.44
CA VAL B 220 -7.08 10.33 -3.57
C VAL B 220 -5.87 9.42 -3.68
N GLN B 221 -6.08 8.12 -3.52
CA GLN B 221 -4.96 7.20 -3.48
C GLN B 221 -4.21 7.15 -4.81
N PHE B 222 -4.93 7.08 -5.92
CA PHE B 222 -4.25 7.02 -7.20
C PHE B 222 -3.55 8.33 -7.52
N ALA B 223 -4.19 9.45 -7.22
CA ALA B 223 -3.57 10.75 -7.43
C ALA B 223 -2.25 10.83 -6.67
N LYS B 224 -2.18 10.26 -5.48
CA LYS B 224 -0.91 10.26 -4.78
C LYS B 224 0.05 9.25 -5.42
N LEU B 225 -0.43 8.05 -5.74
CA LEU B 225 0.45 7.04 -6.31
C LEU B 225 1.18 7.54 -7.54
N LEU B 226 0.52 8.37 -8.33
CA LEU B 226 1.11 8.90 -9.55
C LEU B 226 2.01 10.10 -9.28
N GLY B 227 2.17 10.49 -8.03
CA GLY B 227 3.09 11.56 -7.66
C GLY B 227 2.45 12.92 -7.46
N GLY B 228 1.13 13.00 -7.42
CA GLY B 228 0.47 14.27 -7.20
C GLY B 228 0.53 14.71 -5.75
N GLU B 229 0.30 16.01 -5.58
CA GLU B 229 0.00 16.67 -4.31
C GLU B 229 -1.53 16.82 -4.20
N VAL B 230 -2.13 16.10 -3.27
CA VAL B 230 -3.53 15.73 -3.33
C VAL B 230 -4.29 16.54 -2.30
N TYR B 231 -5.27 17.30 -2.75
CA TYR B 231 -6.15 18.10 -1.90
C TYR B 231 -7.53 17.46 -1.96
N ALA B 232 -7.97 16.86 -0.85
CA ALA B 232 -9.27 16.21 -0.77
C ALA B 232 -10.32 17.24 -0.37
N ILE B 233 -11.33 17.46 -1.22
CA ILE B 233 -12.42 18.39 -0.89
C ILE B 233 -13.58 17.62 -0.30
N SER B 234 -14.08 18.09 0.86
CA SER B 234 -15.25 17.52 1.55
C SER B 234 -16.08 18.62 2.21
N ARG B 235 -17.42 18.46 2.20
CA ARG B 235 -18.34 19.34 2.93
C ARG B 235 -18.43 19.03 4.43
N ARG B 236 -17.73 18.01 4.89
CA ARG B 236 -17.73 17.58 6.29
C ARG B 236 -16.29 17.27 6.69
N LYS B 237 -15.42 18.20 6.31
CA LYS B 237 -13.99 18.12 6.60
C LYS B 237 -13.73 17.83 8.07
N ALA B 238 -14.37 18.60 8.96
CA ALA B 238 -14.19 18.44 10.40
C ALA B 238 -14.32 17.00 10.83
N LYS B 239 -15.20 16.24 10.19
CA LYS B 239 -15.45 14.89 10.64
C LYS B 239 -14.62 13.84 9.90
N VAL B 240 -14.22 14.09 8.65
CA VAL B 240 -13.56 13.09 7.81
C VAL B 240 -12.06 13.35 7.64
N GLU B 241 -11.53 14.43 8.21
CA GLU B 241 -10.17 14.88 7.90
C GLU B 241 -9.13 13.78 8.06
N SER B 242 -9.19 13.02 9.14
CA SER B 242 -8.12 12.07 9.43
C SER B 242 -8.17 10.84 8.53
N ILE B 243 -9.38 10.40 8.16
CA ILE B 243 -9.54 9.28 7.23
C ILE B 243 -8.94 9.64 5.88
N LEU B 244 -9.29 10.83 5.38
CA LEU B 244 -8.73 11.31 4.13
C LEU B 244 -7.21 11.36 4.16
N LYS B 245 -6.61 11.75 5.30
CA LYS B 245 -5.14 11.77 5.38
C LYS B 245 -4.56 10.36 5.28
N SER B 246 -5.21 9.39 5.93
CA SER B 246 -4.75 8.00 5.87
C SER B 246 -4.95 7.37 4.51
N ALA B 247 -5.80 7.95 3.66
CA ALA B 247 -5.89 7.52 2.28
C ALA B 247 -4.84 8.21 1.41
N GLY B 248 -4.09 9.15 2.00
CA GLY B 248 -2.92 9.73 1.37
C GLY B 248 -3.04 11.17 1.03
N ALA B 249 -4.12 11.83 1.44
CA ALA B 249 -4.34 13.21 1.02
C ALA B 249 -3.36 14.14 1.75
N ASP B 250 -2.74 15.05 1.02
CA ASP B 250 -1.84 16.02 1.67
C ASP B 250 -2.61 17.09 2.43
N ALA B 251 -3.82 17.43 1.98
CA ALA B 251 -4.67 18.43 2.62
C ALA B 251 -6.13 18.07 2.39
N VAL B 252 -6.97 18.52 3.32
CA VAL B 252 -8.41 18.35 3.24
C VAL B 252 -9.03 19.74 3.29
N LEU B 253 -9.92 20.05 2.36
CA LEU B 253 -10.41 21.40 2.17
C LEU B 253 -11.93 21.41 2.06
N THR B 254 -12.54 22.39 2.70
CA THR B 254 -13.93 22.73 2.45
C THR B 254 -14.04 23.35 1.07
N PRO B 255 -15.26 23.37 0.51
CA PRO B 255 -15.45 24.08 -0.76
C PRO B 255 -14.89 25.50 -0.76
N ASP B 256 -15.17 26.28 0.29
CA ASP B 256 -14.67 27.65 0.33
C ASP B 256 -13.15 27.69 0.43
N GLU B 257 -12.53 26.76 1.18
CA GLU B 257 -11.06 26.70 1.22
C GLU B 257 -10.48 26.31 -0.12
N ALA B 258 -11.07 25.31 -0.78
CA ALA B 258 -10.65 24.94 -2.13
C ALA B 258 -10.67 26.14 -3.06
N LYS B 259 -11.73 26.95 -2.98
CA LYS B 259 -11.82 28.18 -3.77
C LYS B 259 -10.59 29.06 -3.57
N SER B 260 -10.11 29.15 -2.34
CA SER B 260 -8.97 30.00 -2.06
C SER B 260 -7.65 29.35 -2.46
N ALA B 261 -7.54 28.03 -2.29
CA ALA B 261 -6.33 27.26 -2.57
C ALA B 261 -5.97 27.20 -4.05
N ALA B 262 -6.86 27.65 -4.93
CA ALA B 262 -6.60 27.61 -6.34
C ALA B 262 -5.30 28.34 -6.66
N PRO B 263 -4.68 28.08 -7.80
CA PRO B 263 -5.25 27.19 -8.82
C PRO B 263 -4.79 25.76 -8.63
N PHE B 264 -5.52 24.86 -9.28
CA PHE B 264 -5.18 23.44 -9.31
C PHE B 264 -4.87 23.03 -10.74
N ASP B 265 -4.06 21.98 -10.88
CA ASP B 265 -3.74 21.43 -12.20
C ASP B 265 -4.75 20.37 -12.64
N VAL B 266 -5.30 19.59 -11.71
CA VAL B 266 -6.33 18.61 -12.00
C VAL B 266 -7.45 18.75 -10.98
N VAL B 267 -8.69 18.60 -11.44
CA VAL B 267 -9.81 18.37 -10.52
C VAL B 267 -10.47 17.06 -10.93
N LEU B 268 -10.44 16.08 -10.04
CA LEU B 268 -11.17 14.82 -10.21
C LEU B 268 -12.51 15.00 -9.48
N ASP B 269 -13.60 14.96 -10.23
CA ASP B 269 -14.92 15.38 -9.74
C ASP B 269 -16.03 14.65 -10.48
N PRO B 270 -16.58 13.60 -9.91
CA PRO B 270 -17.69 12.92 -10.58
C PRO B 270 -19.02 13.29 -9.96
N THR B 271 -19.07 14.41 -9.23
CA THR B 271 -20.27 14.78 -8.47
C THR B 271 -21.26 15.65 -9.23
N GLY B 272 -20.94 16.10 -10.46
CA GLY B 272 -21.92 16.78 -11.30
C GLY B 272 -22.06 18.28 -11.06
N SER B 273 -23.19 18.81 -11.52
CA SER B 273 -23.35 20.25 -11.79
C SER B 273 -23.33 21.13 -10.54
N ALA B 274 -23.71 20.61 -9.37
CA ALA B 274 -23.64 21.41 -8.14
C ALA B 274 -22.20 21.75 -7.77
N SER B 275 -21.23 20.97 -8.23
CA SER B 275 -19.83 21.29 -7.99
C SER B 275 -19.18 22.02 -9.15
N TRP B 276 -19.89 22.26 -10.25
CA TRP B 276 -19.22 22.71 -11.47
C TRP B 276 -18.57 24.09 -11.32
N ASP B 277 -19.29 25.07 -10.79
CA ASP B 277 -18.72 26.43 -10.69
C ASP B 277 -17.42 26.42 -9.89
N LEU B 278 -17.41 25.71 -8.75
CA LEU B 278 -16.19 25.56 -7.97
C LEU B 278 -15.12 24.85 -8.78
N SER B 279 -15.43 23.66 -9.30
CA SER B 279 -14.40 22.81 -9.87
C SER B 279 -13.79 23.44 -11.12
N PHE B 280 -14.63 23.97 -12.01
CA PHE B 280 -14.09 24.62 -13.19
C PHE B 280 -13.35 25.90 -12.83
N GLY B 281 -13.81 26.61 -11.80
CA GLY B 281 -13.23 27.92 -11.52
C GLY B 281 -11.85 27.82 -10.91
N VAL B 282 -11.55 26.73 -10.20
CA VAL B 282 -10.25 26.61 -9.53
C VAL B 282 -9.14 26.07 -10.44
N LEU B 283 -9.44 25.74 -11.68
CA LEU B 283 -8.43 25.18 -12.59
C LEU B 283 -7.45 26.26 -13.03
N GLY B 284 -6.15 25.93 -12.95
CA GLY B 284 -5.12 26.76 -13.53
C GLY B 284 -4.99 26.53 -15.03
N ARG B 285 -3.99 27.21 -15.58
CA ARG B 285 -3.62 27.05 -16.98
C ARG B 285 -3.32 25.58 -17.27
N GLY B 286 -3.73 25.12 -18.44
CA GLY B 286 -3.56 23.71 -18.77
C GLY B 286 -4.28 22.76 -17.84
N GLY B 287 -5.14 23.31 -16.98
CA GLY B 287 -5.87 22.48 -16.02
C GLY B 287 -6.83 21.49 -16.67
N ARG B 288 -7.03 20.37 -15.99
CA ARG B 288 -7.79 19.25 -16.51
C ARG B 288 -8.89 18.94 -15.50
N TYR B 289 -10.15 19.00 -15.95
CA TYR B 289 -11.32 18.55 -15.20
C TYR B 289 -11.71 17.19 -15.75
N VAL B 290 -11.80 16.20 -14.86
CA VAL B 290 -12.17 14.84 -15.21
C VAL B 290 -13.36 14.42 -14.38
N THR B 291 -14.39 13.94 -15.06
CA THR B 291 -15.57 13.43 -14.40
C THR B 291 -15.95 12.05 -14.94
N ALA B 292 -16.48 11.24 -14.04
CA ALA B 292 -17.15 9.99 -14.40
C ALA B 292 -18.58 9.92 -13.90
N GLY B 293 -19.12 11.01 -13.34
CA GLY B 293 -20.49 10.97 -12.84
C GLY B 293 -21.23 12.30 -12.95
N ALA B 294 -22.53 12.24 -12.67
CA ALA B 294 -23.41 13.41 -12.64
C ALA B 294 -24.30 13.38 -11.42
N LEU B 295 -23.73 12.98 -10.27
CA LEU B 295 -24.49 12.75 -9.04
C LEU B 295 -25.52 13.82 -8.75
N THR B 296 -25.14 15.09 -8.91
CA THR B 296 -25.97 16.22 -8.52
C THR B 296 -26.65 16.90 -9.71
N GLY B 297 -26.55 16.33 -10.90
CA GLY B 297 -27.04 16.98 -12.10
C GLY B 297 -26.04 16.81 -13.23
N ALA B 298 -26.54 16.87 -14.45
CA ALA B 298 -25.75 16.57 -15.62
C ALA B 298 -25.47 17.77 -16.50
N GLU B 299 -26.28 18.83 -16.45
CA GLU B 299 -26.09 19.96 -17.33
C GLU B 299 -25.25 21.02 -16.62
N VAL B 300 -24.22 21.52 -17.31
CA VAL B 300 -23.40 22.61 -16.79
C VAL B 300 -23.27 23.66 -17.89
N ARG B 301 -23.13 24.92 -17.47
CA ARG B 301 -22.88 26.00 -18.40
C ARG B 301 -21.37 26.16 -18.55
N LEU B 302 -20.83 25.78 -19.71
CA LEU B 302 -19.40 25.85 -19.96
C LEU B 302 -19.11 27.12 -20.72
N ASP B 303 -18.19 27.91 -20.19
CA ASP B 303 -17.76 29.15 -20.81
C ASP B 303 -16.59 28.85 -21.75
N LEU B 304 -16.84 28.93 -23.06
CA LEU B 304 -15.80 28.60 -24.04
C LEU B 304 -14.61 29.55 -23.94
N ARG B 305 -14.85 30.83 -23.57
CA ARG B 305 -13.78 31.82 -23.51
C ARG B 305 -12.76 31.45 -22.45
N ARG B 306 -13.23 31.08 -21.28
CA ARG B 306 -12.30 30.63 -20.26
C ARG B 306 -11.62 29.33 -20.68
N LEU B 307 -12.38 28.40 -21.26
CA LEU B 307 -11.77 27.14 -21.72
C LEU B 307 -10.59 27.40 -22.64
N TYR B 308 -10.79 28.22 -23.69
CA TYR B 308 -9.68 28.36 -24.62
C TYR B 308 -8.63 29.27 -24.03
N GLY B 309 -9.07 30.32 -23.32
CA GLY B 309 -8.14 31.29 -22.74
C GLY B 309 -7.20 30.70 -21.72
N MET B 310 -7.65 29.67 -20.98
CA MET B 310 -6.86 28.97 -19.98
C MET B 310 -6.25 27.67 -20.48
N GLN B 311 -6.56 27.26 -21.72
CA GLN B 311 -6.18 25.94 -22.24
C GLN B 311 -6.58 24.81 -21.31
N ILE B 312 -7.81 24.89 -20.80
CA ILE B 312 -8.40 23.85 -19.97
C ILE B 312 -8.88 22.69 -20.84
N LEU B 313 -8.84 21.50 -20.25
CA LEU B 313 -9.42 20.29 -20.83
C LEU B 313 -10.50 19.81 -19.87
N VAL B 314 -11.70 19.59 -20.42
CA VAL B 314 -12.83 19.00 -19.72
C VAL B 314 -12.97 17.57 -20.27
N ILE B 315 -12.76 16.57 -19.41
CA ILE B 315 -12.53 15.20 -19.87
C ILE B 315 -13.53 14.25 -19.25
N GLY B 316 -14.15 13.43 -20.10
CA GLY B 316 -15.00 12.36 -19.64
C GLY B 316 -14.22 11.08 -19.37
N ALA B 317 -14.66 10.37 -18.35
CA ALA B 317 -14.07 9.10 -17.98
C ALA B 317 -15.19 8.19 -17.53
N THR B 318 -15.18 6.94 -17.98
CA THR B 318 -16.15 5.97 -17.50
C THR B 318 -15.54 4.58 -17.40
N GLY B 319 -16.01 3.85 -16.41
CA GLY B 319 -15.50 2.50 -16.26
C GLY B 319 -14.00 2.48 -16.08
N GLY B 320 -13.38 1.55 -16.77
CA GLY B 320 -11.95 1.42 -16.76
C GLY B 320 -11.59 0.31 -17.70
N ARG B 321 -10.34 0.36 -18.18
CA ARG B 321 -9.87 -0.62 -19.16
C ARG B 321 -9.65 -1.97 -18.49
N ARG B 322 -9.86 -3.03 -19.27
CA ARG B 322 -9.68 -4.38 -18.76
C ARG B 322 -8.26 -4.60 -18.21
N ALA B 323 -7.22 -4.09 -18.90
CA ALA B 323 -5.84 -4.24 -18.39
C ALA B 323 -5.62 -3.49 -17.07
N ASP B 324 -6.15 -2.29 -16.93
CA ASP B 324 -5.96 -1.55 -15.69
C ASP B 324 -6.66 -2.21 -14.53
N PHE B 325 -7.70 -3.00 -14.78
CA PHE B 325 -8.32 -3.75 -13.69
C PHE B 325 -7.32 -4.74 -13.07
N ASN B 326 -6.54 -5.42 -13.90
CA ASN B 326 -5.48 -6.28 -13.43
C ASN B 326 -4.47 -5.50 -12.61
N THR B 327 -4.09 -4.33 -13.08
CA THR B 327 -3.14 -3.53 -12.32
C THR B 327 -3.74 -3.15 -10.98
N VAL B 328 -4.99 -2.72 -10.99
CA VAL B 328 -5.62 -2.25 -9.75
C VAL B 328 -5.72 -3.41 -8.76
N VAL B 329 -6.03 -4.62 -9.23
CA VAL B 329 -6.08 -5.78 -8.34
C VAL B 329 -4.71 -6.03 -7.71
N ARG B 330 -3.65 -6.07 -8.53
CA ARG B 330 -2.28 -6.25 -8.04
C ARG B 330 -1.94 -5.18 -7.01
N LEU B 331 -2.29 -3.93 -7.28
CA LEU B 331 -1.95 -2.87 -6.32
C LEU B 331 -2.60 -3.10 -4.96
N LEU B 332 -3.85 -3.56 -4.93
CA LEU B 332 -4.48 -3.84 -3.63
C LEU B 332 -3.82 -5.05 -2.97
N GLU B 333 -3.55 -6.09 -3.76
CA GLU B 333 -2.82 -7.26 -3.28
C GLU B 333 -1.48 -6.91 -2.62
N ALA B 334 -0.74 -5.94 -3.17
CA ALA B 334 0.54 -5.51 -2.60
C ALA B 334 0.39 -4.40 -1.57
N GLY B 335 -0.83 -3.99 -1.23
CA GLY B 335 -1.03 -3.04 -0.16
C GLY B 335 -0.72 -1.62 -0.56
N ARG B 336 -0.50 -1.39 -1.86
CA ARG B 336 -0.21 -0.06 -2.35
C ARG B 336 -1.43 0.85 -2.34
N ILE B 337 -2.63 0.28 -2.51
CA ILE B 337 -3.87 0.99 -2.23
C ILE B 337 -4.59 0.20 -1.12
N LYS B 338 -5.50 0.88 -0.40
CA LYS B 338 -6.21 0.25 0.72
C LYS B 338 -7.71 0.47 0.61
N ALA B 339 -8.45 -0.56 0.99
CA ALA B 339 -9.90 -0.53 1.00
C ALA B 339 -10.41 0.03 2.31
N PHE B 340 -11.28 1.05 2.22
CA PHE B 340 -11.96 1.65 3.36
C PHE B 340 -13.40 1.13 3.39
N LEU B 341 -13.66 0.19 4.29
CA LEU B 341 -14.99 -0.37 4.50
C LEU B 341 -15.72 0.39 5.60
N HIS B 342 -17.05 0.33 5.57
CA HIS B 342 -17.93 1.02 6.51
C HIS B 342 -18.93 0.07 7.16
N ASN B 343 -19.37 -0.97 6.46
CA ASN B 343 -20.36 -1.84 7.04
C ASN B 343 -20.57 -3.03 6.12
N VAL B 344 -21.00 -4.16 6.70
CA VAL B 344 -21.36 -5.35 5.93
C VAL B 344 -22.75 -5.83 6.36
N TYR B 345 -23.65 -5.95 5.39
CA TYR B 345 -25.01 -6.41 5.58
C TYR B 345 -25.19 -7.79 4.99
N PRO B 346 -25.96 -8.66 5.63
CA PRO B 346 -26.39 -9.89 4.95
C PRO B 346 -27.43 -9.54 3.89
N LEU B 347 -27.69 -10.52 3.00
CA LEU B 347 -28.52 -10.25 1.83
C LEU B 347 -29.94 -9.83 2.23
N ALA B 348 -30.50 -10.49 3.24
CA ALA B 348 -31.82 -10.08 3.76
C ALA B 348 -31.90 -8.60 4.04
N ASP B 349 -30.78 -7.95 4.38
CA ASP B 349 -30.80 -6.53 4.73
C ASP B 349 -30.51 -5.62 3.54
N VAL B 350 -30.80 -6.09 2.34
CA VAL B 350 -30.41 -5.36 1.15
C VAL B 350 -31.06 -3.97 1.10
N ARG B 351 -32.30 -3.82 1.57
CA ARG B 351 -32.92 -2.49 1.49
C ARG B 351 -32.20 -1.52 2.43
N LYS B 352 -31.97 -1.94 3.68
CA LYS B 352 -31.21 -1.10 4.62
C LYS B 352 -29.84 -0.75 4.06
N ALA B 353 -29.18 -1.73 3.43
CA ALA B 353 -27.85 -1.53 2.93
C ALA B 353 -27.83 -0.45 1.85
N LEU B 354 -28.85 -0.45 0.97
CA LEU B 354 -28.91 0.59 -0.06
C LEU B 354 -29.25 1.95 0.53
N GLU B 355 -29.97 1.99 1.65
CA GLU B 355 -30.27 3.27 2.29
C GLU B 355 -29.06 3.79 3.05
N GLU B 356 -28.25 2.89 3.60
CA GLU B 356 -27.00 3.28 4.20
C GLU B 356 -26.17 4.12 3.24
N LEU B 357 -26.40 4.01 1.93
CA LEU B 357 -25.70 4.91 1.01
C LEU B 357 -26.06 6.37 1.29
N ARG B 358 -27.33 6.65 1.62
CA ARG B 358 -27.75 8.03 1.83
C ARG B 358 -27.26 8.59 3.16
N SER B 359 -26.51 7.84 3.94
CA SER B 359 -26.25 8.18 5.34
C SER B 359 -25.23 9.31 5.43
N PRO B 360 -25.48 10.33 6.27
CA PRO B 360 -24.49 11.43 6.41
C PRO B 360 -23.21 11.01 7.06
N GLU B 361 -23.18 9.85 7.71
CA GLU B 361 -22.03 9.44 8.50
C GLU B 361 -21.15 8.43 7.78
N ARG B 362 -21.63 7.83 6.70
CA ARG B 362 -20.82 6.85 5.99
C ARG B 362 -19.56 7.52 5.45
N VAL B 363 -18.42 6.90 5.73
CA VAL B 363 -17.22 7.05 4.94
C VAL B 363 -16.74 5.64 4.64
N GLY B 364 -16.74 5.28 3.36
CA GLY B 364 -16.30 3.97 2.96
C GLY B 364 -17.41 3.13 2.36
N LYS B 365 -17.03 1.92 2.00
CA LYS B 365 -17.86 1.05 1.19
C LYS B 365 -18.89 0.34 2.07
N VAL B 366 -20.14 0.37 1.64
CA VAL B 366 -21.15 -0.55 2.16
C VAL B 366 -21.08 -1.83 1.33
N LEU B 367 -21.08 -2.97 1.99
CA LEU B 367 -21.03 -4.26 1.33
C LEU B 367 -22.22 -5.12 1.70
N ILE B 368 -22.58 -6.04 0.82
CA ILE B 368 -23.54 -7.11 1.09
C ILE B 368 -22.76 -8.41 1.02
N ALA B 369 -23.01 -9.30 1.98
CA ALA B 369 -22.49 -10.67 1.88
C ALA B 369 -23.65 -11.64 1.71
N PRO B 370 -23.90 -12.16 0.52
CA PRO B 370 -24.98 -13.12 0.40
C PRO B 370 -24.66 -14.39 1.18
N HIS C 38 39.70 42.18 -3.25
CA HIS C 38 39.13 41.05 -2.46
C HIS C 38 39.64 39.74 -3.06
N GLU C 39 39.97 38.81 -2.18
CA GLU C 39 40.55 37.52 -2.54
C GLU C 39 39.90 36.43 -1.71
N MET C 40 40.11 35.17 -2.13
CA MET C 40 39.33 34.07 -1.59
C MET C 40 40.16 32.80 -1.66
N ARG C 41 39.81 31.84 -0.80
CA ARG C 41 40.34 30.50 -0.92
C ARG C 41 39.57 29.75 -2.02
N ALA C 42 40.31 28.96 -2.78
CA ALA C 42 39.75 28.11 -3.81
C ALA C 42 40.66 26.91 -3.99
N ALA C 43 40.08 25.85 -4.51
CA ALA C 43 40.83 24.69 -4.96
C ALA C 43 41.01 24.82 -6.46
N ALA C 44 42.23 24.63 -6.95
CA ALA C 44 42.47 24.88 -8.36
C ALA C 44 43.59 23.99 -8.87
N PHE C 45 43.53 23.69 -10.17
CA PHE C 45 44.62 23.03 -10.86
C PHE C 45 45.01 23.85 -12.08
N SER C 46 46.31 24.03 -12.26
CA SER C 46 46.82 24.72 -13.42
C SER C 46 47.21 23.75 -14.53
N THR C 47 47.49 22.50 -14.18
CA THR C 47 47.51 21.38 -15.10
C THR C 47 46.68 20.25 -14.51
N PRO C 48 46.10 19.36 -15.32
CA PRO C 48 45.24 18.31 -14.76
C PRO C 48 46.00 17.26 -13.98
N GLY C 49 45.22 16.47 -13.23
CA GLY C 49 45.77 15.59 -12.20
C GLY C 49 45.39 15.99 -10.79
N LEU C 50 44.84 15.02 -10.05
CA LEU C 50 44.46 15.25 -8.66
C LEU C 50 45.65 15.72 -7.82
N GLU C 51 46.84 15.19 -8.07
CA GLU C 51 48.05 15.68 -7.40
C GLU C 51 48.32 17.16 -7.69
N ASN C 52 47.76 17.69 -8.77
CA ASN C 52 47.92 19.10 -9.09
C ASN C 52 46.82 19.98 -8.53
N LEU C 53 45.77 19.39 -7.95
CA LEU C 53 44.75 20.17 -7.28
C LEU C 53 45.27 20.60 -5.92
N LYS C 54 45.22 21.92 -5.68
CA LYS C 54 45.86 22.54 -4.52
C LYS C 54 44.99 23.69 -4.03
N LEU C 55 45.13 24.00 -2.76
CA LEU C 55 44.43 25.13 -2.19
C LEU C 55 45.23 26.38 -2.49
N VAL C 56 44.54 27.46 -2.87
CA VAL C 56 45.21 28.67 -3.36
C VAL C 56 44.36 29.87 -3.02
N GLU C 57 45.03 31.02 -2.93
CA GLU C 57 44.35 32.30 -2.88
C GLU C 57 44.05 32.72 -4.31
N ALA C 58 42.80 33.12 -4.54
CA ALA C 58 42.31 33.40 -5.87
C ALA C 58 41.53 34.69 -5.81
N GLU C 59 41.46 35.33 -6.95
CA GLU C 59 40.75 36.59 -7.09
C GLU C 59 39.23 36.34 -6.99
N THR C 60 38.57 37.11 -6.16
CA THR C 60 37.16 36.89 -5.99
C THR C 60 36.41 37.41 -7.22
N PRO C 61 35.64 36.57 -7.91
CA PRO C 61 35.00 37.02 -9.15
C PRO C 61 33.89 38.01 -8.89
N ARG C 62 33.53 38.73 -9.95
CA ARG C 62 32.59 39.85 -9.91
C ARG C 62 31.43 39.58 -10.86
N PRO C 63 30.18 39.76 -10.43
CA PRO C 63 29.05 39.45 -11.30
C PRO C 63 28.80 40.56 -12.33
N GLY C 64 28.63 40.14 -13.57
CA GLY C 64 28.23 41.01 -14.64
C GLY C 64 26.73 41.08 -14.81
N PRO C 65 26.28 41.64 -15.93
CA PRO C 65 24.84 41.80 -16.12
C PRO C 65 24.16 40.46 -16.22
N GLY C 66 23.00 40.36 -15.57
CA GLY C 66 22.29 39.11 -15.45
C GLY C 66 23.00 38.00 -14.67
N GLU C 67 24.02 38.32 -13.86
CA GLU C 67 24.76 37.33 -13.09
C GLU C 67 24.57 37.58 -11.60
N VAL C 68 24.77 36.53 -10.80
CA VAL C 68 24.88 36.67 -9.34
C VAL C 68 26.19 36.05 -8.87
N LEU C 69 26.67 36.57 -7.75
CA LEU C 69 27.86 36.09 -7.05
C LEU C 69 27.36 35.39 -5.81
N ILE C 70 27.84 34.18 -5.57
CA ILE C 70 27.29 33.31 -4.54
C ILE C 70 28.40 33.01 -3.57
N ARG C 71 28.19 33.33 -2.30
CA ARG C 71 29.00 32.72 -1.26
C ARG C 71 28.57 31.26 -1.13
N VAL C 72 29.50 30.37 -1.46
CA VAL C 72 29.22 28.94 -1.60
C VAL C 72 29.16 28.31 -0.22
N LYS C 73 28.04 27.68 0.12
CA LYS C 73 27.96 26.94 1.38
C LYS C 73 28.35 25.46 1.25
N TYR C 74 27.85 24.79 0.22
CA TYR C 74 28.13 23.38 0.08
C TYR C 74 28.19 23.07 -1.39
N ALA C 75 29.10 22.17 -1.76
CA ALA C 75 29.20 21.66 -3.11
C ALA C 75 29.35 20.15 -3.09
N GLY C 76 28.68 19.48 -4.01
CA GLY C 76 28.77 18.04 -4.09
C GLY C 76 30.07 17.58 -4.70
N VAL C 77 30.34 16.27 -4.53
CA VAL C 77 31.50 15.60 -5.10
C VAL C 77 30.97 14.43 -5.91
N ASN C 78 31.31 14.43 -7.19
CA ASN C 78 30.70 13.54 -8.16
C ASN C 78 31.80 13.03 -9.06
N PRO C 79 31.56 11.92 -9.74
CA PRO C 79 32.50 11.48 -10.79
C PRO C 79 32.83 12.58 -11.81
N LEU C 80 31.86 13.45 -12.17
CA LEU C 80 32.11 14.55 -13.09
C LEU C 80 33.17 15.52 -12.57
N ASP C 81 33.06 15.92 -11.31
CA ASP C 81 34.09 16.77 -10.72
C ASP C 81 35.46 16.08 -10.74
N TYR C 82 35.50 14.79 -10.42
CA TYR C 82 36.76 14.05 -10.44
C TYR C 82 37.33 13.99 -11.85
N ASN C 83 36.49 13.68 -12.84
CA ASN C 83 36.94 13.59 -14.22
C ASN C 83 37.39 14.96 -14.79
N VAL C 84 36.90 16.06 -14.23
CA VAL C 84 37.39 17.38 -14.61
C VAL C 84 38.80 17.56 -14.07
N VAL C 85 38.98 17.29 -12.78
CA VAL C 85 40.28 17.48 -12.16
C VAL C 85 41.30 16.57 -12.81
N ALA C 86 40.86 15.42 -13.33
CA ALA C 86 41.74 14.39 -13.85
C ALA C 86 42.15 14.64 -15.30
N GLY C 87 41.49 15.56 -15.99
CA GLY C 87 41.78 15.84 -17.37
C GLY C 87 41.01 15.01 -18.36
N ALA C 88 40.19 14.06 -17.92
CA ALA C 88 39.41 13.32 -18.90
C ALA C 88 38.35 14.19 -19.51
N VAL C 89 38.03 15.30 -18.86
CA VAL C 89 37.06 16.26 -19.39
C VAL C 89 37.76 17.61 -19.40
N LYS C 90 37.81 18.26 -20.55
CA LYS C 90 38.57 19.51 -20.65
C LYS C 90 37.81 20.65 -20.03
N ALA C 91 38.56 21.56 -19.40
CA ALA C 91 37.94 22.62 -18.61
C ALA C 91 38.59 23.93 -18.93
N SER C 92 37.85 25.01 -18.67
CA SER C 92 38.33 26.36 -18.92
C SER C 92 37.54 27.31 -18.04
N PRO C 93 38.14 28.39 -17.54
CA PRO C 93 39.53 28.71 -17.84
C PRO C 93 40.52 27.85 -17.07
N MET C 94 41.80 27.93 -17.49
CA MET C 94 42.94 27.33 -16.82
C MET C 94 43.85 28.45 -16.31
N PRO C 95 44.33 28.47 -15.06
CA PRO C 95 44.06 27.38 -14.12
C PRO C 95 42.59 27.33 -13.73
N HIS C 96 42.15 26.14 -13.33
CA HIS C 96 40.73 25.86 -13.18
C HIS C 96 40.34 25.51 -11.74
N ILE C 97 39.26 26.15 -11.30
CA ILE C 97 38.56 25.81 -10.06
C ILE C 97 37.38 24.91 -10.46
N PRO C 98 37.38 23.65 -10.09
CA PRO C 98 36.27 22.78 -10.52
C PRO C 98 35.10 22.95 -9.55
N GLY C 99 34.05 22.15 -9.77
CA GLY C 99 32.95 22.01 -8.82
C GLY C 99 31.63 22.41 -9.46
N SER C 100 30.87 21.43 -9.99
CA SER C 100 29.70 21.74 -10.80
C SER C 100 28.38 21.64 -10.04
N GLU C 101 28.39 21.25 -8.77
CA GLU C 101 27.14 21.03 -8.04
C GLU C 101 27.21 21.81 -6.74
N PHE C 102 26.55 22.97 -6.64
CA PHE C 102 26.70 23.72 -5.41
C PHE C 102 25.47 24.54 -5.04
N ALA C 103 25.43 24.87 -3.75
CA ALA C 103 24.44 25.75 -3.18
C ALA C 103 25.17 26.76 -2.29
N GLY C 104 24.51 27.90 -2.08
CA GLY C 104 25.07 28.92 -1.22
C GLY C 104 24.14 30.11 -1.13
N VAL C 105 24.73 31.24 -0.78
CA VAL C 105 23.97 32.45 -0.49
C VAL C 105 24.43 33.57 -1.43
N VAL C 106 23.46 34.30 -1.97
CA VAL C 106 23.75 35.42 -2.87
C VAL C 106 24.51 36.51 -2.10
N GLU C 107 25.72 36.81 -2.57
CA GLU C 107 26.49 37.90 -2.00
C GLU C 107 26.23 39.22 -2.72
N GLU C 108 26.06 39.16 -4.05
CA GLU C 108 26.01 40.35 -4.88
C GLU C 108 25.28 40.01 -6.16
N ALA C 109 24.33 40.85 -6.55
CA ALA C 109 23.65 40.75 -7.83
C ALA C 109 24.29 41.75 -8.78
N GLY C 110 24.45 41.35 -10.03
CA GLY C 110 25.00 42.21 -11.04
C GLY C 110 23.95 43.08 -11.69
N PRO C 111 24.39 43.94 -12.61
CA PRO C 111 23.47 44.93 -13.19
C PRO C 111 22.25 44.29 -13.85
N GLY C 112 21.06 44.77 -13.49
CA GLY C 112 19.82 44.36 -14.10
C GLY C 112 19.09 43.28 -13.36
N VAL C 113 19.77 42.58 -12.46
CA VAL C 113 19.20 41.42 -11.80
C VAL C 113 18.18 41.90 -10.77
N THR C 114 17.02 41.23 -10.74
CA THR C 114 15.91 41.61 -9.89
C THR C 114 15.33 40.39 -9.18
N GLY C 115 14.73 40.63 -8.01
CA GLY C 115 14.11 39.57 -7.25
C GLY C 115 15.08 38.64 -6.57
N VAL C 116 16.24 39.16 -6.13
CA VAL C 116 17.29 38.32 -5.55
C VAL C 116 18.14 39.14 -4.57
N SER C 117 17.56 39.49 -3.41
CA SER C 117 18.25 40.19 -2.33
C SER C 117 19.58 39.51 -1.96
N ARG C 118 20.51 40.33 -1.49
CA ARG C 118 21.68 39.79 -0.83
C ARG C 118 21.23 38.90 0.33
N GLY C 119 21.84 37.72 0.45
CA GLY C 119 21.51 36.78 1.49
C GLY C 119 20.60 35.65 1.07
N ASP C 120 20.00 35.73 -0.11
CA ASP C 120 19.07 34.70 -0.58
C ASP C 120 19.77 33.36 -0.74
N PRO C 121 19.39 32.32 -0.01
CA PRO C 121 19.96 30.99 -0.27
C PRO C 121 19.49 30.46 -1.62
N VAL C 122 20.46 29.99 -2.42
CA VAL C 122 20.20 29.49 -3.76
C VAL C 122 20.92 28.16 -4.01
N VAL C 123 20.40 27.42 -4.99
CA VAL C 123 20.99 26.19 -5.49
C VAL C 123 21.00 26.31 -7.02
N VAL C 124 22.07 25.84 -7.66
CA VAL C 124 22.45 26.31 -9.00
C VAL C 124 22.22 25.18 -10.01
N TYR C 125 21.32 25.42 -10.96
CA TYR C 125 21.22 24.59 -12.15
C TYR C 125 22.44 24.84 -13.00
N ASN C 126 23.12 23.75 -13.38
CA ASN C 126 24.50 23.85 -13.83
C ASN C 126 24.66 23.85 -15.35
N ARG C 127 23.58 23.92 -16.09
CA ARG C 127 23.67 23.98 -17.53
C ARG C 127 23.45 25.42 -17.97
N LEU C 128 24.41 25.94 -18.71
CA LEU C 128 24.27 27.21 -19.41
C LEU C 128 23.38 27.00 -20.62
N TYR C 129 22.38 27.85 -20.78
CA TYR C 129 21.38 27.66 -21.82
C TYR C 129 21.01 29.01 -22.39
N CYS C 130 20.75 29.03 -23.69
CA CYS C 130 20.53 30.32 -24.36
C CYS C 130 19.09 30.82 -24.21
N GLY C 131 18.11 29.91 -24.10
CA GLY C 131 16.71 30.30 -23.96
C GLY C 131 16.01 30.76 -25.22
N HIS C 132 16.65 30.58 -26.40
CA HIS C 132 16.05 31.00 -27.66
CA HIS C 132 16.07 31.01 -27.67
C HIS C 132 16.12 29.95 -28.77
N CYS C 133 16.92 28.88 -28.60
CA CYS C 133 17.01 27.82 -29.60
C CYS C 133 15.84 26.85 -29.48
N ARG C 134 15.69 26.03 -30.51
CA ARG C 134 14.64 25.01 -30.54
C ARG C 134 14.61 24.18 -29.26
N GLN C 135 15.78 23.78 -28.73
CA GLN C 135 15.81 22.89 -27.56
C GLN C 135 15.37 23.63 -26.31
N CYS C 136 15.88 24.84 -26.15
CA CYS C 136 15.48 25.69 -25.07
C CYS C 136 13.99 25.98 -25.13
N LEU C 137 13.47 26.25 -26.33
CA LEU C 137 12.07 26.66 -26.44
C LEU C 137 11.11 25.50 -26.21
N THR C 138 11.55 24.26 -26.35
CA THR C 138 10.67 23.13 -26.03
C THR C 138 10.88 22.60 -24.62
N GLY C 139 11.79 23.18 -23.83
CA GLY C 139 12.03 22.77 -22.46
C GLY C 139 13.34 22.02 -22.24
N TRP C 140 13.96 21.53 -23.31
CA TRP C 140 15.15 20.69 -23.22
C TRP C 140 16.41 21.58 -23.13
N THR C 141 16.47 22.38 -22.06
CA THR C 141 17.50 23.38 -21.91
C THR C 141 18.89 22.77 -21.76
N GLN C 142 19.00 21.52 -21.29
CA GLN C 142 20.29 20.88 -21.20
C GLN C 142 20.82 20.46 -22.56
N MET C 143 20.02 20.56 -23.61
CA MET C 143 20.45 20.20 -24.97
C MET C 143 20.72 21.42 -25.82
N CYS C 144 20.84 22.60 -25.19
CA CYS C 144 20.90 23.87 -25.90
C CYS C 144 21.91 23.83 -27.04
N GLU C 145 21.45 24.28 -28.22
CA GLU C 145 22.27 24.26 -29.44
C GLU C 145 23.31 25.36 -29.49
N VAL C 146 23.19 26.39 -28.65
CA VAL C 146 24.06 27.55 -28.71
C VAL C 146 25.22 27.41 -27.74
N THR C 147 24.97 26.91 -26.52
CA THR C 147 26.02 26.82 -25.52
C THR C 147 26.78 25.50 -25.58
N GLY C 148 26.26 24.52 -26.31
CA GLY C 148 26.86 23.22 -26.38
C GLY C 148 26.70 22.40 -25.13
N GLY C 149 25.59 22.58 -24.40
CA GLY C 149 25.49 21.98 -23.06
C GLY C 149 26.74 22.20 -22.23
N GLY C 150 27.35 23.38 -22.39
CA GLY C 150 28.32 23.85 -21.43
C GLY C 150 27.81 23.78 -20.00
N ILE C 151 28.69 23.42 -19.08
CA ILE C 151 28.35 23.12 -17.70
C ILE C 151 29.13 24.06 -16.78
N ILE C 152 28.40 24.77 -15.92
CA ILE C 152 29.02 25.60 -14.89
C ILE C 152 30.03 24.78 -14.10
N GLY C 153 31.22 25.35 -13.87
CA GLY C 153 32.33 24.63 -13.24
C GLY C 153 33.17 23.79 -14.19
N ILE C 154 32.77 23.69 -15.44
CA ILE C 154 33.58 23.07 -16.47
C ILE C 154 34.07 24.12 -17.48
N VAL C 155 33.17 24.98 -17.96
CA VAL C 155 33.50 26.10 -18.83
C VAL C 155 33.41 27.42 -18.10
N THR C 156 33.21 27.40 -16.78
CA THR C 156 33.36 28.52 -15.89
C THR C 156 34.05 28.05 -14.63
N GLN C 157 34.49 28.99 -13.82
CA GLN C 157 35.06 28.61 -12.53
C GLN C 157 33.93 28.17 -11.59
N GLY C 158 34.09 27.00 -11.00
CA GLY C 158 33.04 26.33 -10.26
C GLY C 158 33.06 26.61 -8.78
N GLY C 159 32.45 25.70 -8.03
CA GLY C 159 32.07 25.94 -6.66
C GLY C 159 32.97 25.39 -5.58
N TYR C 160 34.11 24.79 -5.92
CA TYR C 160 35.12 24.44 -4.92
C TYR C 160 35.93 25.69 -4.58
N ALA C 161 35.23 26.62 -3.92
CA ALA C 161 35.77 27.92 -3.59
C ALA C 161 34.75 28.65 -2.74
N GLU C 162 35.16 29.78 -2.18
CA GLU C 162 34.25 30.53 -1.32
C GLU C 162 33.18 31.24 -2.12
N TYR C 163 33.50 31.67 -3.34
CA TYR C 163 32.57 32.41 -4.17
C TYR C 163 32.64 31.94 -5.61
N ALA C 164 31.51 32.08 -6.30
CA ALA C 164 31.39 31.68 -7.68
C ALA C 164 30.31 32.56 -8.31
N VAL C 165 30.50 32.88 -9.59
CA VAL C 165 29.53 33.66 -10.36
C VAL C 165 28.78 32.70 -11.28
N VAL C 166 27.46 32.87 -11.35
CA VAL C 166 26.64 32.10 -12.27
C VAL C 166 25.57 33.04 -12.78
N PRO C 167 24.97 32.73 -13.92
CA PRO C 167 23.87 33.58 -14.41
C PRO C 167 22.70 33.57 -13.41
N ALA C 168 22.12 34.74 -13.16
CA ALA C 168 21.03 34.80 -12.18
C ALA C 168 19.93 33.79 -12.53
N LYS C 169 19.61 33.64 -13.81
CA LYS C 169 18.53 32.73 -14.17
C LYS C 169 18.84 31.26 -13.81
N ASN C 170 20.10 30.92 -13.49
CA ASN C 170 20.45 29.56 -13.08
C ASN C 170 20.35 29.33 -11.57
N ALA C 171 20.20 30.39 -10.78
CA ALA C 171 20.23 30.32 -9.33
C ALA C 171 18.82 30.25 -8.80
N VAL C 172 18.43 29.10 -8.23
CA VAL C 172 17.05 28.87 -7.80
C VAL C 172 16.94 29.12 -6.30
N ALA C 173 16.09 30.07 -5.93
CA ALA C 173 15.81 30.34 -4.52
C ALA C 173 15.26 29.09 -3.85
N THR C 174 15.75 28.78 -2.65
CA THR C 174 15.29 27.59 -1.94
C THR C 174 15.22 27.80 -0.43
N ARG C 175 14.18 27.23 0.18
CA ARG C 175 14.07 27.16 1.62
C ARG C 175 14.69 25.90 2.20
N ALA C 176 15.24 25.01 1.37
CA ALA C 176 15.83 23.76 1.86
C ALA C 176 17.14 24.00 2.61
N ASP C 177 17.52 23.00 3.38
CA ASP C 177 18.83 22.98 4.00
C ASP C 177 19.85 22.91 2.88
N LEU C 178 20.76 23.89 2.85
CA LEU C 178 21.70 23.99 1.73
C LEU C 178 22.59 22.75 1.60
N LYS C 179 22.84 22.04 2.71
CA LYS C 179 23.56 20.78 2.59
C LYS C 179 22.78 19.81 1.74
N GLU C 180 21.45 19.79 1.90
CA GLU C 180 20.63 18.89 1.12
C GLU C 180 20.36 19.46 -0.26
N ALA C 181 20.24 20.77 -0.38
CA ALA C 181 20.04 21.35 -1.70
C ALA C 181 21.19 20.98 -2.61
N ALA C 182 22.39 20.83 -2.06
CA ALA C 182 23.58 20.61 -2.88
C ALA C 182 23.66 19.22 -3.47
N THR C 183 22.72 18.35 -3.18
CA THR C 183 22.69 17.02 -3.76
C THR C 183 21.83 16.96 -5.02
N LEU C 184 21.20 18.09 -5.40
CA LEU C 184 20.17 18.16 -6.42
C LEU C 184 20.68 18.46 -7.83
N PRO C 185 21.58 19.43 -8.04
CA PRO C 185 21.92 19.83 -9.41
C PRO C 185 22.46 18.70 -10.27
N ILE C 186 23.23 17.77 -9.71
CA ILE C 186 23.79 16.66 -10.49
C ILE C 186 23.06 15.34 -10.19
N GLY C 187 23.11 14.88 -8.96
CA GLY C 187 22.56 13.59 -8.61
C GLY C 187 21.04 13.47 -8.80
N ALA C 188 20.28 14.34 -8.11
CA ALA C 188 18.84 14.24 -8.13
C ALA C 188 18.30 14.56 -9.52
N LEU C 189 18.71 15.70 -10.08
CA LEU C 189 18.11 16.12 -11.35
C LEU C 189 18.39 15.09 -12.43
N THR C 190 19.63 14.60 -12.48
CA THR C 190 19.98 13.60 -13.47
C THR C 190 19.11 12.37 -13.30
N ALA C 191 18.87 11.97 -12.04
CA ALA C 191 17.99 10.83 -11.75
C ALA C 191 16.57 11.15 -12.17
N TRP C 192 16.13 12.40 -11.94
CA TRP C 192 14.78 12.77 -12.31
C TRP C 192 14.56 12.56 -13.80
N ASN C 193 15.48 13.06 -14.60
CA ASN C 193 15.34 13.07 -16.05
C ASN C 193 15.37 11.65 -16.64
N MET C 194 16.25 10.79 -16.11
CA MET C 194 16.22 9.37 -16.42
C MET C 194 14.84 8.76 -16.17
N ALA C 195 14.26 9.00 -14.99
CA ALA C 195 12.96 8.41 -14.66
C ALA C 195 11.85 8.99 -15.53
N TYR C 196 11.93 10.29 -15.79
CA TYR C 196 10.98 10.93 -16.71
C TYR C 196 11.04 10.31 -18.11
N ARG C 197 12.24 10.09 -18.64
CA ARG C 197 12.40 9.50 -19.96
C ARG C 197 12.15 8.00 -20.01
N ALA C 198 11.92 7.33 -18.87
CA ALA C 198 11.57 5.91 -18.87
C ALA C 198 10.06 5.63 -18.91
N SER C 199 9.21 6.65 -18.85
CA SER C 199 7.75 6.48 -18.96
C SER C 199 7.20 5.41 -18.00
N ILE C 200 7.55 5.56 -16.73
CA ILE C 200 7.13 4.63 -15.72
C ILE C 200 5.64 4.80 -15.47
N SER C 201 4.89 3.70 -15.47
CA SER C 201 3.49 3.72 -15.04
C SER C 201 3.30 2.91 -13.78
N PRO C 202 2.32 3.28 -12.96
CA PRO C 202 2.11 2.61 -11.67
C PRO C 202 2.00 1.11 -11.79
N GLY C 203 2.72 0.40 -10.93
CA GLY C 203 2.79 -1.04 -10.97
C GLY C 203 3.90 -1.64 -11.81
N GLU C 204 4.50 -0.89 -12.73
CA GLU C 204 5.63 -1.43 -13.48
C GLU C 204 6.82 -1.72 -12.56
N LYS C 205 7.57 -2.78 -12.89
CA LYS C 205 8.76 -3.19 -12.15
C LYS C 205 9.99 -2.44 -12.67
N VAL C 206 10.63 -1.70 -11.76
CA VAL C 206 11.77 -0.83 -12.07
C VAL C 206 13.00 -1.33 -11.32
N ALA C 207 14.05 -1.66 -12.03
CA ALA C 207 15.33 -1.99 -11.43
C ALA C 207 16.25 -0.78 -11.50
N VAL C 208 16.85 -0.38 -10.38
CA VAL C 208 17.86 0.69 -10.36
C VAL C 208 19.24 0.06 -10.15
N VAL C 209 20.11 0.16 -11.15
CA VAL C 209 21.49 -0.34 -11.06
C VAL C 209 22.38 0.76 -10.53
N GLY C 210 23.29 0.42 -9.63
CA GLY C 210 24.08 1.45 -9.01
C GLY C 210 23.31 2.27 -8.02
N ALA C 211 22.24 1.68 -7.48
CA ALA C 211 21.25 2.34 -6.63
C ALA C 211 21.84 2.99 -5.38
N THR C 212 23.03 2.59 -4.95
CA THR C 212 23.65 3.22 -3.79
C THR C 212 24.37 4.52 -4.09
N GLY C 213 24.61 4.87 -5.36
CA GLY C 213 25.40 6.02 -5.70
C GLY C 213 24.62 7.32 -5.74
N ASN C 214 25.31 8.39 -6.15
CA ASN C 214 24.72 9.72 -6.16
C ASN C 214 23.42 9.78 -6.98
N VAL C 215 23.48 9.32 -8.25
CA VAL C 215 22.30 9.29 -9.12
C VAL C 215 21.32 8.19 -8.66
N GLY C 216 21.81 6.96 -8.53
CA GLY C 216 20.96 5.84 -8.16
C GLY C 216 20.14 6.02 -6.89
N ILE C 217 20.66 6.77 -5.90
CA ILE C 217 19.92 6.92 -4.64
C ILE C 217 18.63 7.73 -4.84
N TYR C 218 18.67 8.70 -5.76
CA TYR C 218 17.50 9.50 -6.08
C TYR C 218 16.63 8.80 -7.10
N ALA C 219 17.25 7.97 -7.94
CA ALA C 219 16.49 7.24 -8.94
C ALA C 219 15.52 6.25 -8.28
N VAL C 220 15.97 5.57 -7.22
CA VAL C 220 15.08 4.80 -6.39
C VAL C 220 13.87 5.61 -5.99
N GLN C 221 14.12 6.83 -5.51
CA GLN C 221 13.06 7.67 -4.93
C GLN C 221 12.08 8.16 -5.99
N PHE C 222 12.58 8.63 -7.14
CA PHE C 222 11.70 9.04 -8.22
C PHE C 222 10.93 7.85 -8.81
N ALA C 223 11.57 6.68 -8.93
CA ALA C 223 10.86 5.54 -9.50
C ALA C 223 9.68 5.15 -8.62
N LYS C 224 9.85 5.19 -7.29
CA LYS C 224 8.73 4.94 -6.39
C LYS C 224 7.72 6.07 -6.44
N LEU C 225 8.20 7.29 -6.54
CA LEU C 225 7.31 8.45 -6.56
C LEU C 225 6.38 8.40 -7.77
N LEU C 226 6.84 7.85 -8.90
CA LEU C 226 5.96 7.74 -10.08
C LEU C 226 5.03 6.53 -10.02
N GLY C 227 5.17 5.69 -8.99
CA GLY C 227 4.29 4.56 -8.78
C GLY C 227 4.92 3.22 -9.08
N GLY C 228 6.19 3.17 -9.36
CA GLY C 228 6.82 1.92 -9.69
C GLY C 228 7.03 1.04 -8.48
N GLU C 229 7.26 -0.24 -8.76
CA GLU C 229 7.73 -1.17 -7.75
C GLU C 229 9.22 -1.33 -8.00
N VAL C 230 10.02 -0.94 -7.03
CA VAL C 230 11.42 -0.58 -7.24
C VAL C 230 12.31 -1.63 -6.60
N TYR C 231 13.20 -2.21 -7.41
CA TYR C 231 14.23 -3.14 -6.95
C TYR C 231 15.60 -2.46 -7.10
N ALA C 232 16.20 -2.10 -5.97
CA ALA C 232 17.52 -1.48 -5.95
C ALA C 232 18.57 -2.57 -5.97
N ILE C 233 19.48 -2.50 -6.95
CA ILE C 233 20.53 -3.49 -7.16
C ILE C 233 21.85 -2.91 -6.71
N SER C 234 22.62 -3.72 -5.97
CA SER C 234 23.89 -3.30 -5.41
C SER C 234 24.72 -4.53 -5.06
N ARG C 235 26.04 -4.43 -5.28
CA ARG C 235 27.03 -5.40 -4.84
C ARG C 235 27.23 -5.41 -3.32
N ARG C 236 26.57 -4.50 -2.59
CA ARG C 236 26.76 -4.34 -1.16
C ARG C 236 25.46 -4.52 -0.39
N LYS C 237 24.60 -5.45 -0.88
CA LYS C 237 23.24 -5.60 -0.35
C LYS C 237 23.18 -5.69 1.18
N ALA C 238 24.03 -6.50 1.79
CA ALA C 238 23.95 -6.70 3.24
C ALA C 238 24.10 -5.39 3.99
N LYS C 239 25.04 -4.53 3.55
CA LYS C 239 25.34 -3.28 4.23
C LYS C 239 24.35 -2.16 3.94
N VAL C 240 23.65 -2.20 2.80
CA VAL C 240 22.87 -1.04 2.32
C VAL C 240 21.38 -1.28 2.30
N GLU C 241 20.92 -2.51 2.57
CA GLU C 241 19.50 -2.83 2.42
C GLU C 241 18.63 -1.80 3.14
N SER C 242 18.99 -1.45 4.37
CA SER C 242 18.15 -0.54 5.14
C SER C 242 18.19 0.88 4.59
N ILE C 243 19.36 1.40 4.23
CA ILE C 243 19.40 2.75 3.63
C ILE C 243 18.54 2.78 2.38
N LEU C 244 18.68 1.79 1.50
CA LEU C 244 17.89 1.82 0.29
C LEU C 244 16.39 1.70 0.58
N LYS C 245 15.98 0.83 1.51
CA LYS C 245 14.55 0.74 1.83
C LYS C 245 14.03 2.05 2.41
N SER C 246 14.85 2.74 3.20
CA SER C 246 14.44 4.07 3.62
C SER C 246 14.33 5.04 2.43
N ALA C 247 14.91 4.72 1.27
CA ALA C 247 14.77 5.59 0.12
C ALA C 247 13.59 5.18 -0.76
N GLY C 248 12.91 4.10 -0.40
CA GLY C 248 11.69 3.69 -1.05
C GLY C 248 11.81 2.47 -1.92
N ALA C 249 12.92 1.76 -1.88
CA ALA C 249 13.01 0.53 -2.64
C ALA C 249 12.15 -0.50 -1.94
N ASP C 250 11.46 -1.32 -2.74
CA ASP C 250 10.61 -2.37 -2.19
C ASP C 250 11.42 -3.61 -1.87
N ALA C 251 12.53 -3.79 -2.58
CA ALA C 251 13.41 -4.93 -2.47
C ALA C 251 14.81 -4.44 -2.88
N VAL C 252 15.81 -5.09 -2.30
CA VAL C 252 17.21 -4.77 -2.52
C VAL C 252 17.87 -6.09 -2.85
N LEU C 253 18.51 -6.16 -4.01
CA LEU C 253 18.99 -7.42 -4.57
C LEU C 253 20.45 -7.29 -4.95
N THR C 254 21.14 -8.41 -4.88
CA THR C 254 22.44 -8.51 -5.50
C THR C 254 22.20 -8.64 -6.98
N PRO C 255 23.25 -8.45 -7.80
CA PRO C 255 23.14 -8.69 -9.24
C PRO C 255 22.57 -10.05 -9.60
N ASP C 256 22.98 -11.09 -8.88
CA ASP C 256 22.52 -12.43 -9.22
C ASP C 256 21.06 -12.64 -8.82
N GLU C 257 20.64 -12.04 -7.72
CA GLU C 257 19.22 -12.04 -7.37
C GLU C 257 18.38 -11.29 -8.42
N ALA C 258 18.89 -10.17 -8.96
CA ALA C 258 18.13 -9.43 -9.97
C ALA C 258 17.90 -10.27 -11.23
N LYS C 259 18.74 -11.26 -11.52
CA LYS C 259 18.50 -12.12 -12.67
C LYS C 259 17.29 -13.01 -12.42
N SER C 260 17.01 -13.36 -11.17
CA SER C 260 15.85 -14.18 -10.83
C SER C 260 14.59 -13.36 -10.69
N ALA C 261 14.70 -12.08 -10.36
CA ALA C 261 13.54 -11.21 -10.31
C ALA C 261 13.09 -10.76 -11.69
N ALA C 262 13.91 -10.96 -12.75
CA ALA C 262 13.49 -10.57 -14.09
C ALA C 262 12.18 -11.26 -14.45
N PRO C 263 11.37 -10.70 -15.37
CA PRO C 263 11.72 -9.51 -16.13
C PRO C 263 11.33 -8.20 -15.44
N PHE C 264 12.01 -7.12 -15.85
CA PHE C 264 11.69 -5.76 -15.44
C PHE C 264 11.15 -4.92 -16.60
N ASP C 265 10.27 -3.97 -16.27
CA ASP C 265 9.76 -3.04 -17.29
C ASP C 265 10.72 -1.89 -17.55
N VAL C 266 11.45 -1.45 -16.52
CA VAL C 266 12.39 -0.35 -16.63
C VAL C 266 13.65 -0.71 -15.87
N VAL C 267 14.81 -0.48 -16.48
CA VAL C 267 16.09 -0.58 -15.80
C VAL C 267 16.73 0.80 -15.93
N LEU C 268 16.88 1.47 -14.79
CA LEU C 268 17.58 2.72 -14.70
C LEU C 268 19.02 2.39 -14.37
N ASP C 269 19.92 2.62 -15.32
CA ASP C 269 21.30 2.14 -15.20
C ASP C 269 22.34 3.10 -15.84
N PRO C 270 23.02 3.91 -15.01
CA PRO C 270 24.04 4.83 -15.55
C PRO C 270 25.47 4.28 -15.44
N THR C 271 25.64 2.99 -15.22
CA THR C 271 26.94 2.48 -14.83
C THR C 271 27.76 1.96 -16.00
N GLY C 272 27.17 1.78 -17.19
CA GLY C 272 27.90 1.49 -18.39
C GLY C 272 28.03 0.01 -18.68
N SER C 273 29.08 -0.32 -19.42
CA SER C 273 29.16 -1.56 -20.17
C SER C 273 29.37 -2.78 -19.29
N ALA C 274 29.92 -2.60 -18.09
CA ALA C 274 30.10 -3.79 -17.28
C ALA C 274 28.80 -4.27 -16.66
N SER C 275 27.71 -3.46 -16.67
CA SER C 275 26.37 -3.88 -16.24
C SER C 275 25.41 -4.19 -17.40
N TRP C 276 25.86 -4.03 -18.63
CA TRP C 276 24.98 -4.10 -19.78
C TRP C 276 24.39 -5.50 -20.02
N ASP C 277 25.21 -6.55 -19.86
CA ASP C 277 24.65 -7.89 -20.10
C ASP C 277 23.57 -8.20 -19.10
N LEU C 278 23.76 -7.79 -17.85
CA LEU C 278 22.71 -7.95 -16.87
C LEU C 278 21.49 -7.08 -17.20
N SER C 279 21.70 -5.77 -17.41
CA SER C 279 20.58 -4.83 -17.49
C SER C 279 19.70 -5.08 -18.73
N PHE C 280 20.31 -5.20 -19.91
CA PHE C 280 19.57 -5.49 -21.12
C PHE C 280 18.97 -6.89 -21.06
N GLY C 281 19.65 -7.83 -20.40
CA GLY C 281 19.15 -9.19 -20.29
C GLY C 281 17.97 -9.37 -19.36
N VAL C 282 17.79 -8.48 -18.38
CA VAL C 282 16.67 -8.68 -17.46
C VAL C 282 15.42 -7.91 -17.88
N LEU C 283 15.43 -7.26 -19.04
CA LEU C 283 14.25 -6.52 -19.50
C LEU C 283 13.19 -7.45 -20.08
N GLY C 284 11.93 -7.11 -19.84
CA GLY C 284 10.82 -7.76 -20.52
C GLY C 284 10.38 -7.05 -21.79
N ARG C 285 9.23 -7.50 -22.28
CA ARG C 285 8.58 -6.90 -23.43
C ARG C 285 8.26 -5.42 -23.15
N GLY C 286 8.54 -4.55 -24.11
CA GLY C 286 8.36 -3.12 -23.88
C GLY C 286 9.36 -2.52 -22.92
N GLY C 287 10.41 -3.24 -22.53
CA GLY C 287 11.30 -2.74 -21.51
C GLY C 287 12.11 -1.53 -21.94
N ARG C 288 12.36 -0.63 -20.98
CA ARG C 288 13.16 0.56 -21.18
C ARG C 288 14.42 0.54 -20.30
N TYR C 289 15.57 0.52 -20.96
CA TYR C 289 16.88 0.79 -20.38
C TYR C 289 17.21 2.26 -20.59
N VAL C 290 17.38 3.01 -19.51
CA VAL C 290 17.72 4.42 -19.57
C VAL C 290 19.07 4.59 -18.88
N THR C 291 20.03 5.16 -19.59
CA THR C 291 21.33 5.47 -19.01
C THR C 291 21.61 6.95 -19.14
N ALA C 292 22.28 7.48 -18.12
CA ALA C 292 22.87 8.82 -18.18
C ALA C 292 24.37 8.81 -18.06
N GLY C 293 25.03 7.63 -18.05
CA GLY C 293 26.45 7.56 -17.79
C GLY C 293 27.14 6.34 -18.39
N ALA C 294 28.47 6.37 -18.28
CA ALA C 294 29.31 5.27 -18.80
C ALA C 294 30.43 4.97 -17.82
N LEU C 295 30.08 4.91 -16.53
CA LEU C 295 31.03 4.77 -15.44
C LEU C 295 32.08 3.70 -15.72
N THR C 296 31.63 2.49 -16.06
CA THR C 296 32.50 1.34 -16.25
C THR C 296 32.90 1.11 -17.70
N GLY C 297 32.66 2.08 -18.58
CA GLY C 297 32.92 1.90 -20.00
C GLY C 297 31.75 2.30 -20.85
N ALA C 298 32.04 2.75 -22.07
CA ALA C 298 31.05 3.36 -22.92
C ALA C 298 30.51 2.47 -24.03
N GLU C 299 31.24 1.44 -24.45
CA GLU C 299 30.84 0.68 -25.63
C GLU C 299 30.16 -0.62 -25.20
N VAL C 300 29.07 -0.97 -25.87
CA VAL C 300 28.32 -2.20 -25.60
C VAL C 300 27.98 -2.83 -26.94
N ARG C 301 27.92 -4.16 -26.96
CA ARG C 301 27.47 -4.94 -28.11
C ARG C 301 25.96 -5.14 -27.99
N LEU C 302 25.20 -4.40 -28.79
CA LEU C 302 23.75 -4.44 -28.78
C LEU C 302 23.29 -5.46 -29.82
N ASP C 303 22.46 -6.42 -29.38
CA ASP C 303 21.85 -7.41 -30.27
C ASP C 303 20.52 -6.84 -30.77
N LEU C 304 20.53 -6.29 -32.01
CA LEU C 304 19.33 -5.65 -32.54
C LEU C 304 18.16 -6.63 -32.60
N ARG C 305 18.45 -7.91 -32.67
CA ARG C 305 17.40 -8.90 -32.83
C ARG C 305 16.60 -9.04 -31.55
N ARG C 306 17.27 -8.97 -30.42
CA ARG C 306 16.57 -8.99 -29.17
C ARG C 306 15.92 -7.63 -28.91
N LEU C 307 16.52 -6.56 -29.45
CA LEU C 307 15.94 -5.24 -29.34
C LEU C 307 14.56 -5.21 -29.99
N TYR C 308 14.46 -5.70 -31.23
CA TYR C 308 13.17 -5.64 -31.91
C TYR C 308 12.24 -6.76 -31.50
N GLY C 309 12.79 -7.94 -31.18
CA GLY C 309 11.94 -9.05 -30.80
C GLY C 309 11.17 -8.77 -29.54
N MET C 310 11.77 -8.03 -28.61
CA MET C 310 11.21 -7.71 -27.31
C MET C 310 10.58 -6.31 -27.28
N GLN C 311 10.64 -5.58 -28.39
CA GLN C 311 10.29 -4.16 -28.42
C GLN C 311 10.90 -3.38 -27.23
N ILE C 312 12.22 -3.55 -27.05
CA ILE C 312 12.97 -2.82 -26.03
C ILE C 312 13.31 -1.43 -26.54
N LEU C 313 13.40 -0.47 -25.60
CA LEU C 313 13.87 0.88 -25.87
C LEU C 313 15.14 1.16 -25.06
N VAL C 314 16.18 1.62 -25.75
CA VAL C 314 17.45 1.95 -25.16
C VAL C 314 17.58 3.47 -25.26
N ILE C 315 17.54 4.15 -24.13
CA ILE C 315 17.23 5.57 -24.07
C ILE C 315 18.36 6.30 -23.37
N GLY C 316 18.89 7.33 -24.03
CA GLY C 316 19.89 8.17 -23.43
C GLY C 316 19.22 9.33 -22.71
N ALA C 317 19.81 9.73 -21.58
CA ALA C 317 19.37 10.89 -20.81
C ALA C 317 20.57 11.64 -20.25
N THR C 318 20.45 12.95 -20.14
CA THR C 318 21.55 13.73 -19.62
C THR C 318 21.02 14.98 -18.97
N GLY C 319 21.75 15.42 -17.96
CA GLY C 319 21.34 16.47 -17.07
C GLY C 319 19.86 16.44 -16.74
N GLY C 320 19.20 17.59 -16.92
CA GLY C 320 17.75 17.67 -16.79
C GLY C 320 17.24 19.01 -17.30
N ARG C 321 15.93 19.09 -17.40
CA ARG C 321 15.26 20.28 -17.85
C ARG C 321 15.27 21.29 -16.72
N ARG C 322 15.38 22.57 -17.12
CA ARG C 322 15.34 23.69 -16.19
C ARG C 322 14.01 23.74 -15.44
N ALA C 323 12.91 23.45 -16.14
CA ALA C 323 11.64 23.34 -15.42
C ALA C 323 11.66 22.20 -14.39
N ASP C 324 12.20 21.04 -14.76
CA ASP C 324 12.21 19.92 -13.81
C ASP C 324 13.10 20.25 -12.61
N PHE C 325 14.12 21.09 -12.80
CA PHE C 325 14.97 21.45 -11.66
C PHE C 325 14.14 22.15 -10.59
N ASN C 326 13.26 23.08 -11.00
CA ASN C 326 12.31 23.68 -10.07
C ASN C 326 11.48 22.62 -9.35
N THR C 327 10.95 21.65 -10.10
CA THR C 327 10.18 20.58 -9.49
C THR C 327 11.01 19.82 -8.47
N VAL C 328 12.23 19.42 -8.84
CA VAL C 328 13.08 18.66 -7.92
C VAL C 328 13.27 19.45 -6.63
N VAL C 329 13.63 20.73 -6.76
CA VAL C 329 13.89 21.54 -5.58
C VAL C 329 12.64 21.58 -4.69
N ARG C 330 11.46 21.71 -5.29
CA ARG C 330 10.22 21.81 -4.51
C ARG C 330 9.91 20.49 -3.81
N LEU C 331 10.18 19.36 -4.45
CA LEU C 331 9.99 18.07 -3.79
C LEU C 331 10.90 17.89 -2.58
N LEU C 332 12.15 18.38 -2.64
CA LEU C 332 12.99 18.38 -1.46
C LEU C 332 12.38 19.23 -0.34
N GLU C 333 12.06 20.49 -0.66
CA GLU C 333 11.49 21.44 0.28
C GLU C 333 10.27 20.89 1.02
N ALA C 334 9.53 19.98 0.40
CA ALA C 334 8.29 19.44 0.94
C ALA C 334 8.48 18.07 1.56
N GLY C 335 9.70 17.53 1.57
CA GLY C 335 9.99 16.24 2.16
C GLY C 335 9.63 15.02 1.33
N ARG C 336 9.17 15.17 0.08
CA ARG C 336 8.83 14.02 -0.74
C ARG C 336 10.04 13.25 -1.23
N ILE C 337 11.20 13.92 -1.32
CA ILE C 337 12.47 13.27 -1.58
C ILE C 337 13.40 13.68 -0.45
N LYS C 338 14.48 12.90 -0.28
CA LYS C 338 15.40 13.05 0.83
C LYS C 338 16.85 12.92 0.37
N ALA C 339 17.71 13.76 0.93
CA ALA C 339 19.14 13.71 0.69
C ALA C 339 19.77 12.75 1.68
N PHE C 340 20.63 11.87 1.16
CA PHE C 340 21.35 10.87 1.94
C PHE C 340 22.82 11.30 1.95
N LEU C 341 23.27 11.86 3.08
CA LEU C 341 24.61 12.42 3.19
C LEU C 341 25.59 11.43 3.79
N HIS C 342 26.83 11.51 3.32
CA HIS C 342 27.92 10.67 3.81
C HIS C 342 28.90 11.44 4.69
N ASN C 343 29.44 12.55 4.20
CA ASN C 343 30.53 13.23 4.87
C ASN C 343 30.68 14.62 4.30
N VAL C 344 31.14 15.55 5.14
CA VAL C 344 31.40 16.93 4.75
C VAL C 344 32.85 17.23 5.10
N TYR C 345 33.68 17.53 4.07
CA TYR C 345 35.08 17.89 4.17
C TYR C 345 35.28 19.39 3.95
N PRO C 346 36.20 20.04 4.64
CA PRO C 346 36.49 21.45 4.36
C PRO C 346 37.30 21.56 3.09
N LEU C 347 37.41 22.78 2.60
CA LEU C 347 37.97 23.00 1.28
C LEU C 347 39.37 22.45 1.19
N ALA C 348 40.17 22.60 2.24
CA ALA C 348 41.56 22.14 2.22
C ALA C 348 41.68 20.61 2.01
N ASP C 349 40.64 19.84 2.39
CA ASP C 349 40.67 18.37 2.24
C ASP C 349 39.95 17.91 0.97
N VAL C 350 39.98 18.72 -0.07
CA VAL C 350 39.21 18.43 -1.28
C VAL C 350 39.76 17.21 -1.99
N ARG C 351 41.08 17.03 -2.00
CA ARG C 351 41.65 15.80 -2.56
C ARG C 351 41.11 14.54 -1.88
N LYS C 352 41.06 14.52 -0.54
CA LYS C 352 40.55 13.34 0.16
C LYS C 352 39.07 13.13 -0.17
N ALA C 353 38.30 14.21 -0.27
CA ALA C 353 36.88 14.11 -0.56
C ALA C 353 36.63 13.50 -1.93
N LEU C 354 37.39 13.91 -2.95
CA LEU C 354 37.26 13.26 -4.25
C LEU C 354 37.70 11.81 -4.17
N GLU C 355 38.75 11.53 -3.41
CA GLU C 355 39.18 10.14 -3.29
C GLU C 355 38.10 9.29 -2.62
N GLU C 356 37.25 9.88 -1.76
CA GLU C 356 36.18 9.17 -1.06
C GLU C 356 35.09 8.66 -2.00
N LEU C 357 35.03 9.14 -3.25
CA LEU C 357 34.05 8.57 -4.16
C LEU C 357 34.29 7.07 -4.28
N ARG C 358 35.53 6.62 -4.15
CA ARG C 358 35.86 5.22 -4.36
C ARG C 358 35.64 4.37 -3.11
N SER C 359 35.35 4.97 -1.97
CA SER C 359 35.25 4.20 -0.73
C SER C 359 34.10 3.19 -0.79
N PRO C 360 34.36 1.91 -0.53
CA PRO C 360 33.26 0.93 -0.39
C PRO C 360 32.42 1.10 0.87
N GLU C 361 32.75 2.04 1.75
CA GLU C 361 31.90 2.41 2.86
C GLU C 361 31.01 3.62 2.57
N ARG C 362 31.16 4.29 1.43
CA ARG C 362 30.33 5.46 1.14
C ARG C 362 28.96 5.02 0.64
N VAL C 363 27.92 5.40 1.37
CA VAL C 363 26.53 5.37 0.87
C VAL C 363 26.00 6.75 1.21
N GLY C 364 25.87 7.61 0.21
CA GLY C 364 25.53 8.99 0.43
C GLY C 364 26.44 9.94 -0.31
N LYS C 365 26.18 11.22 -0.09
CA LYS C 365 26.84 12.28 -0.82
C LYS C 365 28.07 12.77 -0.06
N VAL C 366 29.18 12.96 -0.76
CA VAL C 366 30.32 13.66 -0.20
C VAL C 366 30.18 15.13 -0.52
N LEU C 367 30.25 15.97 0.50
CA LEU C 367 30.16 17.39 0.36
C LEU C 367 31.48 18.07 0.72
N ILE C 368 31.76 19.18 0.02
CA ILE C 368 32.74 20.17 0.40
C ILE C 368 32.00 21.36 0.98
N ALA C 369 32.46 21.85 2.11
CA ALA C 369 31.96 23.10 2.67
C ALA C 369 33.10 24.11 2.64
N PRO C 370 33.12 25.05 1.71
CA PRO C 370 34.22 26.02 1.76
C PRO C 370 33.98 27.02 2.90
N HIS D 38 -9.92 -34.86 -49.65
CA HIS D 38 -9.64 -33.71 -50.56
C HIS D 38 -8.19 -33.27 -50.36
N GLU D 39 -7.54 -32.96 -51.48
CA GLU D 39 -6.12 -32.66 -51.50
C GLU D 39 -5.92 -31.34 -52.22
N MET D 40 -4.75 -30.74 -51.96
CA MET D 40 -4.41 -29.41 -52.46
C MET D 40 -2.94 -29.38 -52.85
N ARG D 41 -2.64 -28.52 -53.81
CA ARG D 41 -1.26 -28.23 -54.19
C ARG D 41 -0.64 -27.30 -53.14
N ALA D 42 0.60 -27.59 -52.75
CA ALA D 42 1.30 -26.77 -51.76
C ALA D 42 2.81 -26.84 -52.02
N ALA D 43 3.52 -25.79 -51.63
CA ALA D 43 4.97 -25.85 -51.55
C ALA D 43 5.36 -26.18 -50.12
N ALA D 44 6.30 -27.11 -49.98
CA ALA D 44 6.63 -27.69 -48.70
C ALA D 44 8.06 -28.23 -48.73
N PHE D 45 8.65 -28.34 -47.54
CA PHE D 45 9.99 -28.89 -47.40
C PHE D 45 10.03 -29.77 -46.15
N SER D 46 10.64 -30.94 -46.29
CA SER D 46 10.80 -31.84 -45.17
C SER D 46 12.12 -31.66 -44.45
N THR D 47 13.09 -30.99 -45.10
CA THR D 47 14.37 -30.59 -44.53
C THR D 47 14.71 -29.20 -45.07
N PRO D 48 15.31 -28.31 -44.26
CA PRO D 48 15.56 -26.94 -44.72
C PRO D 48 16.45 -26.84 -45.95
N GLY D 49 16.36 -25.68 -46.60
CA GLY D 49 17.20 -25.37 -47.74
C GLY D 49 16.35 -24.97 -48.91
N LEU D 50 16.74 -23.90 -49.61
CA LEU D 50 15.92 -23.39 -50.70
C LEU D 50 15.67 -24.46 -51.76
N GLU D 51 16.61 -25.39 -51.95
CA GLU D 51 16.47 -26.43 -52.99
C GLU D 51 15.55 -27.57 -52.57
N ASN D 52 15.27 -27.71 -51.28
CA ASN D 52 14.35 -28.71 -50.77
C ASN D 52 12.90 -28.25 -50.77
N LEU D 53 12.62 -27.04 -51.22
CA LEU D 53 11.24 -26.59 -51.37
C LEU D 53 10.66 -27.22 -52.61
N LYS D 54 9.66 -28.09 -52.43
CA LYS D 54 9.10 -28.91 -53.50
C LYS D 54 7.60 -28.69 -53.62
N LEU D 55 7.12 -28.73 -54.87
CA LEU D 55 5.69 -28.70 -55.14
C LEU D 55 5.11 -30.08 -54.87
N VAL D 56 4.19 -30.18 -53.91
CA VAL D 56 3.68 -31.45 -53.43
C VAL D 56 2.17 -31.44 -53.52
N GLU D 57 1.59 -32.62 -53.31
CA GLU D 57 0.18 -32.77 -53.03
C GLU D 57 0.04 -32.97 -51.52
N ALA D 58 -0.87 -32.22 -50.92
CA ALA D 58 -1.01 -32.22 -49.47
C ALA D 58 -2.48 -32.40 -49.11
N GLU D 59 -2.71 -32.81 -47.87
CA GLU D 59 -4.09 -32.89 -47.40
C GLU D 59 -4.60 -31.47 -47.19
N THR D 60 -5.77 -31.20 -47.74
CA THR D 60 -6.43 -29.94 -47.43
C THR D 60 -6.77 -29.90 -45.95
N PRO D 61 -6.34 -28.88 -45.20
CA PRO D 61 -6.68 -28.79 -43.78
C PRO D 61 -8.12 -28.33 -43.60
N ARG D 62 -8.64 -28.60 -42.40
CA ARG D 62 -10.02 -28.30 -42.07
C ARG D 62 -10.07 -27.48 -40.80
N PRO D 63 -10.97 -26.50 -40.73
CA PRO D 63 -10.98 -25.56 -39.60
C PRO D 63 -11.71 -26.15 -38.40
N GLY D 64 -11.06 -26.06 -37.24
CA GLY D 64 -11.70 -26.42 -36.01
C GLY D 64 -12.51 -25.25 -35.50
N PRO D 65 -12.95 -25.32 -34.25
CA PRO D 65 -13.70 -24.19 -33.69
C PRO D 65 -12.83 -22.95 -33.65
N GLY D 66 -13.46 -21.79 -33.85
CA GLY D 66 -12.78 -20.52 -33.85
C GLY D 66 -11.88 -20.25 -35.05
N GLU D 67 -11.86 -21.14 -36.03
CA GLU D 67 -10.96 -21.06 -37.15
C GLU D 67 -11.72 -20.97 -38.45
N VAL D 68 -11.06 -20.41 -39.47
CA VAL D 68 -11.59 -20.38 -40.81
C VAL D 68 -10.58 -21.03 -41.75
N LEU D 69 -11.09 -21.43 -42.91
CA LEU D 69 -10.32 -22.07 -43.95
C LEU D 69 -10.32 -21.13 -45.15
N ILE D 70 -9.14 -20.83 -45.66
CA ILE D 70 -8.97 -19.76 -46.63
C ILE D 70 -8.46 -20.36 -47.92
N ARG D 71 -9.16 -20.07 -49.00
CA ARG D 71 -8.72 -20.36 -50.37
C ARG D 71 -7.79 -19.22 -50.77
N VAL D 72 -6.49 -19.50 -50.75
CA VAL D 72 -5.43 -18.48 -50.82
C VAL D 72 -5.35 -17.94 -52.24
N LYS D 73 -5.49 -16.62 -52.38
CA LYS D 73 -5.37 -15.98 -53.69
C LYS D 73 -3.97 -15.44 -53.97
N TYR D 74 -3.42 -14.67 -53.03
CA TYR D 74 -2.10 -14.07 -53.19
C TYR D 74 -1.32 -14.17 -51.90
N ALA D 75 -0.07 -14.61 -52.00
CA ALA D 75 0.82 -14.68 -50.85
C ALA D 75 2.10 -13.88 -51.13
N GLY D 76 2.56 -13.16 -50.13
CA GLY D 76 3.73 -12.34 -50.30
C GLY D 76 5.01 -13.14 -50.19
N VAL D 77 6.09 -12.54 -50.70
CA VAL D 77 7.42 -13.15 -50.67
C VAL D 77 8.33 -12.18 -49.92
N ASN D 78 8.79 -12.59 -48.74
CA ASN D 78 9.59 -11.76 -47.86
C ASN D 78 10.80 -12.51 -47.37
N PRO D 79 11.81 -11.78 -46.84
CA PRO D 79 12.93 -12.44 -46.15
C PRO D 79 12.51 -13.46 -45.12
N LEU D 80 11.48 -13.15 -44.35
CA LEU D 80 11.01 -14.10 -43.36
C LEU D 80 10.68 -15.43 -44.01
N ASP D 81 9.92 -15.41 -45.11
CA ASP D 81 9.57 -16.67 -45.75
C ASP D 81 10.82 -17.35 -46.29
N TYR D 82 11.70 -16.57 -46.91
CA TYR D 82 13.00 -17.05 -47.37
C TYR D 82 13.74 -17.78 -46.26
N ASN D 83 13.75 -17.20 -45.07
CA ASN D 83 14.57 -17.72 -43.98
C ASN D 83 13.90 -18.85 -43.21
N VAL D 84 12.58 -18.98 -43.27
CA VAL D 84 11.95 -20.21 -42.82
C VAL D 84 12.41 -21.38 -43.68
N VAL D 85 12.31 -21.22 -45.01
CA VAL D 85 12.72 -22.27 -45.94
C VAL D 85 14.19 -22.62 -45.73
N ALA D 86 15.04 -21.60 -45.59
CA ALA D 86 16.47 -21.82 -45.51
C ALA D 86 16.91 -22.47 -44.20
N GLY D 87 16.06 -22.47 -43.18
CA GLY D 87 16.42 -23.09 -41.91
C GLY D 87 16.83 -22.11 -40.82
N ALA D 88 16.98 -20.82 -41.14
CA ALA D 88 17.48 -19.86 -40.16
C ALA D 88 16.47 -19.57 -39.05
N VAL D 89 15.18 -19.70 -39.37
CA VAL D 89 14.09 -19.72 -38.39
C VAL D 89 13.54 -21.14 -38.35
N LYS D 90 13.36 -21.69 -37.15
CA LYS D 90 12.76 -23.01 -37.01
C LYS D 90 11.26 -22.92 -37.30
N ALA D 91 10.75 -23.97 -37.95
CA ALA D 91 9.37 -24.06 -38.41
C ALA D 91 8.71 -25.30 -37.84
N SER D 92 7.41 -25.21 -37.65
CA SER D 92 6.62 -26.37 -37.30
C SER D 92 5.23 -26.14 -37.87
N PRO D 93 4.53 -27.20 -38.28
CA PRO D 93 5.09 -28.55 -38.23
C PRO D 93 6.08 -28.76 -39.37
N MET D 94 6.77 -29.89 -39.32
CA MET D 94 7.65 -30.36 -40.38
C MET D 94 7.15 -31.73 -40.82
N PRO D 95 7.03 -32.04 -42.12
CA PRO D 95 7.32 -31.08 -43.19
C PRO D 95 6.41 -29.85 -43.14
N HIS D 96 6.85 -28.79 -43.80
CA HIS D 96 6.37 -27.45 -43.52
C HIS D 96 5.95 -26.74 -44.79
N ILE D 97 4.79 -26.08 -44.71
CA ILE D 97 4.31 -25.19 -45.77
C ILE D 97 4.63 -23.78 -45.31
N PRO D 98 5.56 -23.05 -45.94
CA PRO D 98 5.84 -21.67 -45.55
C PRO D 98 4.77 -20.73 -46.12
N GLY D 99 4.94 -19.44 -45.81
CA GLY D 99 4.11 -18.38 -46.38
C GLY D 99 3.33 -17.66 -45.31
N SER D 100 3.92 -16.59 -44.81
CA SER D 100 3.43 -15.89 -43.63
C SER D 100 2.59 -14.66 -43.96
N GLU D 101 2.33 -14.37 -45.24
CA GLU D 101 1.72 -13.13 -45.68
C GLU D 101 0.81 -13.44 -46.85
N PHE D 102 -0.50 -13.43 -46.61
CA PHE D 102 -1.41 -13.84 -47.67
C PHE D 102 -2.80 -13.28 -47.46
N ALA D 103 -3.53 -13.24 -48.58
CA ALA D 103 -4.92 -12.88 -48.66
C ALA D 103 -5.65 -13.93 -49.48
N GLY D 104 -6.97 -13.98 -49.34
CA GLY D 104 -7.76 -14.93 -50.07
C GLY D 104 -9.23 -14.84 -49.68
N VAL D 105 -9.96 -15.90 -49.98
CA VAL D 105 -11.42 -15.94 -49.87
C VAL D 105 -11.78 -17.04 -48.90
N VAL D 106 -12.65 -16.73 -47.94
CA VAL D 106 -12.99 -17.73 -46.94
C VAL D 106 -13.78 -18.86 -47.58
N GLU D 107 -13.26 -20.07 -47.43
CA GLU D 107 -13.90 -21.24 -48.00
C GLU D 107 -14.86 -21.91 -47.01
N GLU D 108 -14.54 -21.88 -45.74
CA GLU D 108 -15.35 -22.59 -44.77
C GLU D 108 -15.09 -21.99 -43.40
N ALA D 109 -16.15 -21.84 -42.62
CA ALA D 109 -16.03 -21.36 -41.26
C ALA D 109 -16.16 -22.54 -40.32
N GLY D 110 -15.37 -22.54 -39.27
CA GLY D 110 -15.42 -23.62 -38.33
C GLY D 110 -16.58 -23.45 -37.39
N PRO D 111 -16.81 -24.45 -36.58
CA PRO D 111 -17.87 -24.34 -35.56
C PRO D 111 -17.75 -23.05 -34.76
N GLY D 112 -18.90 -22.39 -34.56
CA GLY D 112 -19.01 -21.27 -33.64
C GLY D 112 -18.46 -19.95 -34.13
N VAL D 113 -18.13 -19.83 -35.39
CA VAL D 113 -17.45 -18.65 -35.88
C VAL D 113 -18.51 -17.74 -36.49
N THR D 114 -18.41 -16.47 -36.14
CA THR D 114 -19.25 -15.43 -36.70
C THR D 114 -18.34 -14.28 -37.10
N GLY D 115 -18.93 -13.23 -37.67
CA GLY D 115 -18.20 -12.07 -38.10
C GLY D 115 -17.47 -12.23 -39.41
N VAL D 116 -17.21 -13.46 -39.83
CA VAL D 116 -16.62 -13.75 -41.13
C VAL D 116 -17.25 -15.05 -41.59
N SER D 117 -17.53 -15.15 -42.87
CA SER D 117 -18.31 -16.26 -43.38
C SER D 117 -17.86 -16.62 -44.78
N ARG D 118 -18.21 -17.85 -45.17
CA ARG D 118 -17.90 -18.35 -46.48
C ARG D 118 -18.13 -17.28 -47.54
N GLY D 119 -17.14 -17.05 -48.38
CA GLY D 119 -17.23 -16.12 -49.49
C GLY D 119 -16.51 -14.81 -49.29
N ASP D 120 -16.25 -14.40 -48.05
CA ASP D 120 -15.65 -13.09 -47.79
C ASP D 120 -14.20 -13.05 -48.25
N PRO D 121 -13.78 -12.02 -48.98
CA PRO D 121 -12.35 -11.81 -49.18
C PRO D 121 -11.70 -11.35 -47.88
N VAL D 122 -10.50 -11.85 -47.60
CA VAL D 122 -9.86 -11.56 -46.32
C VAL D 122 -8.35 -11.45 -46.50
N VAL D 123 -7.72 -10.78 -45.56
CA VAL D 123 -6.28 -10.66 -45.51
C VAL D 123 -5.89 -10.93 -44.07
N VAL D 124 -4.77 -11.63 -43.88
CA VAL D 124 -4.50 -12.33 -42.62
C VAL D 124 -3.45 -11.56 -41.82
N TYR D 125 -3.87 -11.08 -40.64
CA TYR D 125 -2.94 -10.72 -39.59
C TYR D 125 -2.21 -11.95 -39.06
N ASN D 126 -0.87 -11.91 -39.06
CA ASN D 126 -0.08 -13.13 -38.98
C ASN D 126 0.37 -13.49 -37.58
N ARG D 127 -0.06 -12.78 -36.56
CA ARG D 127 0.36 -13.10 -35.20
C ARG D 127 -0.75 -13.81 -34.46
N LEU D 128 -0.43 -14.98 -33.93
CA LEU D 128 -1.32 -15.65 -33.00
C LEU D 128 -1.29 -14.90 -31.68
N TYR D 129 -2.47 -14.58 -31.16
CA TYR D 129 -2.59 -13.82 -29.90
C TYR D 129 -3.77 -14.37 -29.10
N CYS D 130 -3.65 -14.27 -27.77
CA CYS D 130 -4.61 -14.88 -26.86
C CYS D 130 -5.74 -13.93 -26.48
N GLY D 131 -5.50 -12.62 -26.56
CA GLY D 131 -6.51 -11.64 -26.23
C GLY D 131 -6.79 -11.47 -24.74
N HIS D 132 -6.03 -12.16 -23.86
CA HIS D 132 -6.26 -12.10 -22.42
CA HIS D 132 -6.26 -12.07 -22.42
C HIS D 132 -5.05 -11.64 -21.63
N CYS D 133 -3.84 -11.72 -22.19
CA CYS D 133 -2.66 -11.32 -21.46
C CYS D 133 -2.51 -9.80 -21.43
N ARG D 134 -1.59 -9.34 -20.59
CA ARG D 134 -1.33 -7.92 -20.40
C ARG D 134 -1.01 -7.25 -21.74
N GLN D 135 -0.14 -7.89 -22.54
CA GLN D 135 0.21 -7.33 -23.84
C GLN D 135 -1.01 -7.19 -24.73
N CYS D 136 -1.83 -8.26 -24.80
CA CYS D 136 -2.97 -8.27 -25.73
C CYS D 136 -4.01 -7.24 -25.32
N LEU D 137 -4.24 -7.10 -24.02
CA LEU D 137 -5.22 -6.20 -23.50
C LEU D 137 -4.79 -4.77 -23.57
N THR D 138 -3.51 -4.50 -23.78
CA THR D 138 -3.11 -3.13 -24.07
C THR D 138 -3.06 -2.84 -25.56
N GLY D 139 -3.26 -3.83 -26.42
CA GLY D 139 -3.21 -3.61 -27.87
C GLY D 139 -1.97 -4.16 -28.54
N TRP D 140 -0.91 -4.44 -27.79
CA TRP D 140 0.34 -5.02 -28.28
C TRP D 140 0.22 -6.53 -28.50
N THR D 141 -0.66 -6.89 -29.44
CA THR D 141 -0.92 -8.31 -29.70
C THR D 141 0.29 -9.04 -30.27
N GLN D 142 1.12 -8.39 -31.08
CA GLN D 142 2.34 -9.04 -31.55
C GLN D 142 3.28 -9.43 -30.40
N MET D 143 3.05 -8.89 -29.20
CA MET D 143 3.87 -9.20 -28.02
C MET D 143 3.21 -10.24 -27.10
N CYS D 144 2.19 -10.94 -27.57
CA CYS D 144 1.37 -11.80 -26.71
C CYS D 144 2.21 -12.76 -25.86
N GLU D 145 2.04 -12.69 -24.55
CA GLU D 145 2.83 -13.53 -23.66
C GLU D 145 2.46 -15.00 -23.75
N VAL D 146 1.28 -15.34 -24.27
CA VAL D 146 0.81 -16.71 -24.19
C VAL D 146 1.30 -17.54 -25.38
N THR D 147 1.20 -16.99 -26.58
CA THR D 147 1.61 -17.68 -27.79
C THR D 147 3.05 -17.43 -28.15
N GLY D 148 3.74 -16.59 -27.37
CA GLY D 148 5.11 -16.21 -27.64
C GLY D 148 5.30 -15.46 -28.95
N GLY D 149 4.33 -14.63 -29.36
CA GLY D 149 4.42 -13.97 -30.64
C GLY D 149 4.37 -14.85 -31.88
N GLY D 150 4.11 -16.16 -31.72
CA GLY D 150 4.10 -17.13 -32.81
C GLY D 150 3.43 -16.66 -34.11
N ILE D 151 4.08 -16.91 -35.24
CA ILE D 151 3.68 -16.33 -36.50
C ILE D 151 3.01 -17.40 -37.36
N ILE D 152 1.86 -17.03 -37.94
CA ILE D 152 1.18 -17.89 -38.89
C ILE D 152 2.13 -18.13 -40.05
N GLY D 153 2.30 -19.40 -40.39
CA GLY D 153 3.17 -19.81 -41.49
C GLY D 153 4.55 -20.19 -41.04
N ILE D 154 4.83 -20.05 -39.74
CA ILE D 154 6.07 -20.47 -39.12
C ILE D 154 5.80 -21.52 -38.03
N VAL D 155 4.89 -21.22 -37.10
CA VAL D 155 4.40 -22.20 -36.13
C VAL D 155 3.09 -22.86 -36.57
N THR D 156 2.55 -22.48 -37.73
CA THR D 156 1.45 -23.18 -38.39
C THR D 156 1.86 -23.39 -39.83
N GLN D 157 1.05 -24.13 -40.57
CA GLN D 157 1.24 -24.24 -42.01
C GLN D 157 0.69 -22.99 -42.67
N GLY D 158 1.41 -22.51 -43.69
CA GLY D 158 1.23 -21.18 -44.23
C GLY D 158 0.58 -21.15 -45.59
N GLY D 159 0.77 -20.04 -46.28
CA GLY D 159 -0.02 -19.68 -47.44
C GLY D 159 0.57 -20.03 -48.78
N TYR D 160 1.78 -20.56 -48.85
CA TYR D 160 2.28 -21.04 -50.14
C TYR D 160 1.59 -22.38 -50.43
N ALA D 161 0.29 -22.31 -50.66
CA ALA D 161 -0.56 -23.47 -50.78
C ALA D 161 -1.94 -22.99 -51.18
N GLU D 162 -2.75 -23.92 -51.70
CA GLU D 162 -4.04 -23.51 -52.23
C GLU D 162 -4.99 -23.09 -51.11
N TYR D 163 -4.83 -23.67 -49.89
CA TYR D 163 -5.67 -23.42 -48.74
C TYR D 163 -4.82 -23.32 -47.47
N ALA D 164 -5.29 -22.53 -46.49
CA ALA D 164 -4.69 -22.51 -45.16
C ALA D 164 -5.75 -22.23 -44.10
N VAL D 165 -5.50 -22.71 -42.89
CA VAL D 165 -6.37 -22.47 -41.75
C VAL D 165 -5.71 -21.45 -40.82
N VAL D 166 -6.51 -20.49 -40.37
CA VAL D 166 -6.05 -19.46 -39.44
C VAL D 166 -7.19 -19.20 -38.48
N PRO D 167 -6.87 -18.65 -37.32
CA PRO D 167 -7.92 -18.20 -36.41
C PRO D 167 -8.82 -17.19 -37.12
N ALA D 168 -10.11 -17.28 -36.85
CA ALA D 168 -11.07 -16.41 -37.52
C ALA D 168 -10.83 -14.96 -37.16
N LYS D 169 -10.43 -14.71 -35.92
CA LYS D 169 -10.22 -13.36 -35.46
C LYS D 169 -8.99 -12.74 -36.10
N ASN D 170 -8.17 -13.56 -36.78
CA ASN D 170 -7.05 -13.03 -37.55
C ASN D 170 -7.44 -12.59 -38.94
N ALA D 171 -8.60 -13.02 -39.46
CA ALA D 171 -8.93 -12.72 -40.84
C ALA D 171 -9.71 -11.41 -40.90
N VAL D 172 -9.33 -10.54 -41.80
CA VAL D 172 -9.91 -9.20 -41.86
C VAL D 172 -10.60 -9.08 -43.19
N ALA D 173 -11.92 -8.93 -43.16
CA ALA D 173 -12.66 -8.75 -44.40
C ALA D 173 -12.20 -7.47 -45.03
N THR D 174 -11.87 -7.53 -46.31
CA THR D 174 -11.41 -6.37 -47.03
C THR D 174 -12.04 -6.37 -48.41
N ARG D 175 -12.26 -5.17 -48.91
CA ARG D 175 -12.76 -4.92 -50.24
C ARG D 175 -11.64 -4.50 -51.18
N ALA D 176 -10.40 -4.48 -50.72
CA ALA D 176 -9.29 -4.12 -51.59
C ALA D 176 -8.95 -5.27 -52.54
N ASP D 177 -8.22 -4.94 -53.62
CA ASP D 177 -7.66 -5.95 -54.50
C ASP D 177 -6.79 -6.90 -53.69
N LEU D 178 -7.01 -8.21 -53.85
CA LEU D 178 -6.30 -9.15 -52.99
C LEU D 178 -4.80 -9.18 -53.26
N LYS D 179 -4.36 -8.82 -54.47
CA LYS D 179 -2.94 -8.66 -54.74
C LYS D 179 -2.36 -7.55 -53.88
N GLU D 180 -3.05 -6.40 -53.84
CA GLU D 180 -2.58 -5.27 -53.05
C GLU D 180 -2.68 -5.56 -51.57
N ALA D 181 -3.72 -6.27 -51.15
CA ALA D 181 -3.91 -6.54 -49.74
C ALA D 181 -2.87 -7.50 -49.22
N ALA D 182 -2.34 -8.37 -50.10
CA ALA D 182 -1.33 -9.34 -49.66
C ALA D 182 0.01 -8.69 -49.41
N THR D 183 0.14 -7.40 -49.68
CA THR D 183 1.33 -6.67 -49.25
C THR D 183 1.19 -6.08 -47.85
N LEU D 184 0.05 -6.30 -47.17
CA LEU D 184 -0.19 -5.56 -45.92
C LEU D 184 0.29 -6.28 -44.67
N PRO D 185 0.14 -7.61 -44.57
CA PRO D 185 0.39 -8.23 -43.25
C PRO D 185 1.81 -8.13 -42.78
N ILE D 186 2.81 -8.22 -43.68
CA ILE D 186 4.22 -8.09 -43.29
C ILE D 186 4.75 -6.68 -43.63
N GLY D 187 4.80 -6.34 -44.91
CA GLY D 187 5.42 -5.10 -45.32
C GLY D 187 4.80 -3.85 -44.72
N ALA D 188 3.54 -3.58 -45.05
CA ALA D 188 2.90 -2.36 -44.57
C ALA D 188 2.79 -2.34 -43.04
N LEU D 189 2.34 -3.44 -42.44
CA LEU D 189 2.03 -3.38 -41.01
C LEU D 189 3.30 -3.14 -40.20
N THR D 190 4.40 -3.82 -40.58
CA THR D 190 5.67 -3.66 -39.88
C THR D 190 6.16 -2.23 -40.03
N ALA D 191 5.95 -1.63 -41.21
CA ALA D 191 6.35 -0.23 -41.41
C ALA D 191 5.49 0.70 -40.57
N TRP D 192 4.17 0.48 -40.55
CA TRP D 192 3.30 1.30 -39.72
C TRP D 192 3.77 1.31 -38.28
N ASN D 193 4.08 0.13 -37.78
CA ASN D 193 4.42 0.00 -36.37
C ASN D 193 5.77 0.66 -36.06
N MET D 194 6.73 0.58 -36.97
CA MET D 194 8.00 1.29 -36.80
C MET D 194 7.75 2.79 -36.74
N ALA D 195 6.99 3.32 -37.70
CA ALA D 195 6.70 4.75 -37.73
C ALA D 195 5.92 5.17 -36.49
N TYR D 196 5.00 4.31 -36.04
CA TYR D 196 4.20 4.65 -34.86
C TYR D 196 5.07 4.76 -33.62
N ARG D 197 6.08 3.88 -33.50
CA ARG D 197 6.97 3.88 -32.35
C ARG D 197 8.08 4.92 -32.45
N ALA D 198 8.28 5.51 -33.63
CA ALA D 198 9.23 6.61 -33.84
C ALA D 198 8.71 7.93 -33.32
N SER D 199 7.45 8.06 -32.95
CA SER D 199 6.91 9.33 -32.43
C SER D 199 7.18 10.53 -33.37
N ILE D 200 6.84 10.36 -34.64
CA ILE D 200 7.07 11.43 -35.60
C ILE D 200 6.13 12.61 -35.32
N SER D 201 6.68 13.81 -35.30
CA SER D 201 5.89 15.02 -35.16
C SER D 201 5.96 15.79 -36.46
N PRO D 202 4.87 16.44 -36.85
CA PRO D 202 4.85 17.12 -38.16
C PRO D 202 6.01 18.09 -38.31
N GLY D 203 6.70 17.98 -39.44
CA GLY D 203 7.86 18.81 -39.75
C GLY D 203 9.19 18.18 -39.38
N GLU D 204 9.18 17.07 -38.66
CA GLU D 204 10.44 16.43 -38.30
C GLU D 204 11.03 15.79 -39.54
N LYS D 205 12.35 15.66 -39.54
CA LYS D 205 13.07 15.06 -40.66
C LYS D 205 13.25 13.58 -40.41
N VAL D 206 12.69 12.74 -41.29
CA VAL D 206 12.65 11.28 -41.17
C VAL D 206 13.48 10.70 -42.30
N ALA D 207 14.49 9.90 -41.98
CA ALA D 207 15.23 9.15 -42.98
C ALA D 207 14.74 7.69 -42.97
N VAL D 208 14.64 7.09 -44.17
CA VAL D 208 14.15 5.72 -44.37
C VAL D 208 15.21 4.97 -45.17
N VAL D 209 16.01 4.16 -44.47
CA VAL D 209 17.02 3.28 -45.05
C VAL D 209 16.33 2.01 -45.56
N GLY D 210 16.72 1.55 -46.75
CA GLY D 210 16.04 0.43 -47.36
C GLY D 210 14.66 0.81 -47.85
N ALA D 211 14.49 2.06 -48.27
CA ALA D 211 13.20 2.56 -48.71
C ALA D 211 12.64 1.77 -49.88
N THR D 212 13.48 1.15 -50.70
CA THR D 212 12.99 0.41 -51.84
C THR D 212 12.38 -0.94 -51.47
N GLY D 213 12.61 -1.45 -50.26
CA GLY D 213 12.20 -2.78 -49.88
C GLY D 213 10.74 -2.90 -49.49
N ASN D 214 10.34 -4.13 -49.13
CA ASN D 214 8.94 -4.39 -48.76
C ASN D 214 8.50 -3.47 -47.62
N VAL D 215 9.33 -3.34 -46.59
CA VAL D 215 8.98 -2.50 -45.46
C VAL D 215 9.19 -1.04 -45.79
N GLY D 216 10.36 -0.74 -46.34
CA GLY D 216 10.73 0.64 -46.60
C GLY D 216 9.71 1.36 -47.47
N ILE D 217 9.18 0.69 -48.49
CA ILE D 217 8.31 1.42 -49.38
C ILE D 217 7.06 1.90 -48.66
N TYR D 218 6.58 1.14 -47.66
CA TYR D 218 5.48 1.58 -46.81
C TYR D 218 5.95 2.57 -45.74
N ALA D 219 7.15 2.40 -45.18
CA ALA D 219 7.66 3.34 -44.20
C ALA D 219 7.72 4.76 -44.78
N VAL D 220 8.19 4.92 -46.01
CA VAL D 220 8.13 6.21 -46.70
C VAL D 220 6.74 6.80 -46.59
N GLN D 221 5.72 6.02 -46.93
CA GLN D 221 4.36 6.54 -47.02
C GLN D 221 3.81 6.91 -45.64
N PHE D 222 4.00 6.06 -44.63
CA PHE D 222 3.48 6.36 -43.30
C PHE D 222 4.21 7.54 -42.65
N ALA D 223 5.54 7.68 -42.87
CA ALA D 223 6.25 8.82 -42.32
C ALA D 223 5.71 10.12 -42.91
N LYS D 224 5.36 10.11 -44.20
CA LYS D 224 4.75 11.27 -44.81
C LYS D 224 3.35 11.48 -44.27
N LEU D 225 2.60 10.39 -44.11
CA LEU D 225 1.24 10.50 -43.58
C LEU D 225 1.24 11.11 -42.18
N LEU D 226 2.23 10.81 -41.37
CA LEU D 226 2.33 11.36 -40.03
C LEU D 226 2.78 12.81 -40.02
N GLY D 227 3.23 13.34 -41.16
CA GLY D 227 3.64 14.72 -41.24
C GLY D 227 5.13 14.94 -41.34
N GLY D 228 5.91 13.89 -41.55
CA GLY D 228 7.34 14.05 -41.59
C GLY D 228 7.80 14.56 -42.94
N GLU D 229 8.98 15.16 -42.94
CA GLU D 229 9.69 15.42 -44.19
C GLU D 229 10.62 14.24 -44.41
N VAL D 230 10.37 13.51 -45.48
CA VAL D 230 10.81 12.14 -45.59
C VAL D 230 11.90 12.06 -46.64
N TYR D 231 13.06 11.59 -46.21
CA TYR D 231 14.20 11.32 -47.08
C TYR D 231 14.36 9.81 -47.23
N ALA D 232 14.17 9.33 -48.46
CA ALA D 232 14.32 7.91 -48.77
C ALA D 232 15.76 7.65 -49.21
N ILE D 233 16.37 6.66 -48.60
CA ILE D 233 17.79 6.40 -48.77
C ILE D 233 17.95 5.09 -49.53
N SER D 234 18.77 5.10 -50.57
CA SER D 234 18.91 3.97 -51.47
C SER D 234 20.29 3.95 -52.10
N ARG D 235 20.81 2.74 -52.31
CA ARG D 235 22.05 2.52 -53.03
C ARG D 235 21.87 2.56 -54.55
N ARG D 236 20.67 2.78 -55.05
CA ARG D 236 20.41 2.82 -56.48
C ARG D 236 19.44 3.96 -56.75
N LYS D 237 19.72 5.11 -56.13
CA LYS D 237 18.89 6.30 -56.31
C LYS D 237 18.55 6.56 -57.78
N ALA D 238 19.57 6.49 -58.66
CA ALA D 238 19.36 6.76 -60.07
C ALA D 238 18.20 5.96 -60.66
N LYS D 239 18.12 4.68 -60.35
CA LYS D 239 17.11 3.81 -60.92
C LYS D 239 15.77 3.86 -60.21
N VAL D 240 15.73 4.20 -58.91
CA VAL D 240 14.50 4.06 -58.13
C VAL D 240 13.89 5.38 -57.78
N GLU D 241 14.53 6.50 -58.13
CA GLU D 241 14.16 7.79 -57.53
C GLU D 241 12.69 8.11 -57.77
N SER D 242 12.23 8.04 -59.03
CA SER D 242 10.86 8.43 -59.32
C SER D 242 9.87 7.55 -58.55
N ILE D 243 10.15 6.24 -58.46
CA ILE D 243 9.29 5.33 -57.70
C ILE D 243 9.16 5.79 -56.24
N LEU D 244 10.30 6.08 -55.61
CA LEU D 244 10.26 6.52 -54.22
C LEU D 244 9.52 7.84 -54.08
N LYS D 245 9.61 8.72 -55.07
CA LYS D 245 8.86 9.96 -55.00
C LYS D 245 7.36 9.70 -55.15
N SER D 246 6.97 8.76 -56.01
CA SER D 246 5.54 8.50 -56.11
C SER D 246 5.02 7.85 -54.83
N ALA D 247 5.89 7.26 -54.01
CA ALA D 247 5.51 6.79 -52.68
C ALA D 247 5.43 7.92 -51.68
N GLY D 248 5.86 9.13 -52.04
CA GLY D 248 5.74 10.29 -51.17
C GLY D 248 7.05 10.80 -50.58
N ALA D 249 8.19 10.24 -50.94
CA ALA D 249 9.47 10.79 -50.51
C ALA D 249 9.58 12.23 -50.97
N ASP D 250 10.01 13.11 -50.06
CA ASP D 250 10.33 14.48 -50.49
C ASP D 250 11.67 14.51 -51.24
N ALA D 251 12.59 13.62 -50.90
CA ALA D 251 13.87 13.56 -51.56
C ALA D 251 14.40 12.15 -51.43
N VAL D 252 15.04 11.68 -52.48
CA VAL D 252 15.75 10.43 -52.48
C VAL D 252 17.22 10.77 -52.38
N LEU D 253 17.92 10.10 -51.46
CA LEU D 253 19.32 10.37 -51.14
C LEU D 253 20.12 9.08 -51.23
N THR D 254 21.35 9.17 -51.74
CA THR D 254 22.35 8.12 -51.56
C THR D 254 22.81 8.09 -50.09
N PRO D 255 23.55 7.06 -49.69
CA PRO D 255 24.07 7.05 -48.31
C PRO D 255 24.99 8.23 -48.01
N ASP D 256 25.90 8.56 -48.94
CA ASP D 256 26.73 9.75 -48.79
C ASP D 256 25.89 11.01 -48.71
N GLU D 257 24.89 11.12 -49.59
CA GLU D 257 24.01 12.28 -49.55
C GLU D 257 23.26 12.37 -48.22
N ALA D 258 22.97 11.22 -47.60
CA ALA D 258 22.30 11.20 -46.31
C ALA D 258 23.22 11.78 -45.24
N LYS D 259 24.52 11.48 -45.35
CA LYS D 259 25.50 12.05 -44.45
C LYS D 259 25.48 13.57 -44.51
N SER D 260 25.46 14.15 -45.71
CA SER D 260 25.46 15.62 -45.80
C SER D 260 24.15 16.22 -45.34
N ALA D 261 23.05 15.48 -45.43
CA ALA D 261 21.75 16.04 -45.06
C ALA D 261 21.46 15.93 -43.57
N ALA D 262 22.25 15.17 -42.80
CA ALA D 262 22.12 15.12 -41.34
C ALA D 262 22.12 16.53 -40.73
N PRO D 263 21.52 16.75 -39.55
CA PRO D 263 20.90 15.68 -38.77
C PRO D 263 19.45 15.38 -39.15
N PHE D 264 18.98 14.24 -38.68
CA PHE D 264 17.61 13.79 -38.80
C PHE D 264 17.00 13.58 -37.42
N ASP D 265 15.68 13.77 -37.30
CA ASP D 265 14.97 13.47 -36.07
C ASP D 265 14.66 11.98 -35.91
N VAL D 266 14.46 11.25 -37.01
CA VAL D 266 14.12 9.84 -36.96
C VAL D 266 14.79 9.12 -38.11
N VAL D 267 15.35 7.93 -37.85
CA VAL D 267 15.84 7.02 -38.87
C VAL D 267 15.05 5.71 -38.75
N LEU D 268 14.33 5.35 -39.79
CA LEU D 268 13.62 4.08 -39.85
C LEU D 268 14.51 3.13 -40.66
N ASP D 269 15.05 2.14 -40.01
CA ASP D 269 16.13 1.32 -40.57
C ASP D 269 16.02 -0.10 -40.04
N PRO D 270 15.43 -1.03 -40.83
CA PRO D 270 15.43 -2.45 -40.46
C PRO D 270 16.56 -3.25 -41.11
N THR D 271 17.57 -2.59 -41.67
CA THR D 271 18.56 -3.31 -42.47
C THR D 271 19.73 -3.86 -41.68
N GLY D 272 19.82 -3.56 -40.37
CA GLY D 272 20.86 -4.11 -39.52
C GLY D 272 22.22 -3.41 -39.53
N SER D 273 23.22 -4.21 -39.14
CA SER D 273 24.50 -3.67 -38.68
C SER D 273 25.29 -2.94 -39.78
N ALA D 274 25.16 -3.36 -41.05
CA ALA D 274 25.92 -2.69 -42.10
C ALA D 274 25.54 -1.23 -42.25
N SER D 275 24.35 -0.84 -41.79
CA SER D 275 23.86 0.53 -41.93
C SER D 275 23.99 1.33 -40.65
N TRP D 276 24.52 0.72 -39.59
CA TRP D 276 24.42 1.27 -38.24
C TRP D 276 25.23 2.54 -38.08
N ASP D 277 26.49 2.55 -38.53
CA ASP D 277 27.32 3.76 -38.34
C ASP D 277 26.69 4.95 -39.03
N LEU D 278 26.10 4.73 -40.22
CA LEU D 278 25.40 5.81 -40.90
C LEU D 278 24.15 6.22 -40.13
N SER D 279 23.25 5.27 -39.85
CA SER D 279 21.94 5.62 -39.29
C SER D 279 22.07 6.27 -37.92
N PHE D 280 22.85 5.65 -37.02
CA PHE D 280 23.08 6.22 -35.69
C PHE D 280 23.85 7.53 -35.76
N GLY D 281 24.75 7.64 -36.73
CA GLY D 281 25.59 8.81 -36.79
C GLY D 281 24.92 10.03 -37.36
N VAL D 282 23.87 9.87 -38.17
CA VAL D 282 23.13 11.01 -38.74
C VAL D 282 22.01 11.53 -37.82
N LEU D 283 21.85 10.98 -36.61
CA LEU D 283 20.80 11.42 -35.67
C LEU D 283 21.17 12.73 -34.95
N GLY D 284 20.24 13.67 -34.93
CA GLY D 284 20.35 14.84 -34.08
C GLY D 284 19.96 14.57 -32.63
N ARG D 285 19.88 15.64 -31.87
CA ARG D 285 19.42 15.58 -30.50
C ARG D 285 17.99 15.07 -30.46
N GLY D 286 17.69 14.22 -29.46
CA GLY D 286 16.39 13.58 -29.39
C GLY D 286 16.11 12.60 -30.51
N GLY D 287 17.12 12.19 -31.26
CA GLY D 287 16.87 11.38 -32.44
C GLY D 287 16.43 9.97 -32.11
N ARG D 288 15.59 9.40 -32.96
CA ARG D 288 15.09 8.04 -32.76
C ARG D 288 15.53 7.13 -33.92
N TYR D 289 16.22 6.06 -33.57
CA TYR D 289 16.51 4.96 -34.46
C TYR D 289 15.49 3.86 -34.16
N VAL D 290 14.74 3.46 -35.16
CA VAL D 290 13.78 2.37 -35.02
C VAL D 290 14.17 1.28 -36.00
N THR D 291 14.26 0.06 -35.50
CA THR D 291 14.51 -1.10 -36.37
C THR D 291 13.52 -2.22 -36.06
N ALA D 292 13.21 -2.95 -37.14
CA ALA D 292 12.42 -4.18 -37.07
C ALA D 292 13.15 -5.40 -37.66
N GLY D 293 14.44 -5.30 -37.97
CA GLY D 293 15.11 -6.40 -38.62
C GLY D 293 16.62 -6.24 -38.52
N ALA D 294 17.32 -7.25 -39.01
CA ALA D 294 18.78 -7.31 -38.89
C ALA D 294 19.33 -7.86 -40.18
N LEU D 295 18.81 -7.32 -41.29
CA LEU D 295 19.08 -7.85 -42.61
C LEU D 295 20.58 -8.13 -42.81
N THR D 296 21.44 -7.16 -42.54
CA THR D 296 22.86 -7.29 -42.86
C THR D 296 23.70 -7.67 -41.65
N GLY D 297 23.08 -8.08 -40.56
CA GLY D 297 23.80 -8.40 -39.34
C GLY D 297 23.01 -7.88 -38.18
N ALA D 298 23.18 -8.54 -37.03
CA ALA D 298 22.37 -8.25 -35.84
C ALA D 298 23.10 -7.50 -34.75
N GLU D 299 24.43 -7.55 -34.70
CA GLU D 299 25.19 -6.98 -33.60
C GLU D 299 25.72 -5.62 -34.01
N VAL D 300 25.57 -4.61 -33.15
CA VAL D 300 26.12 -3.29 -33.39
C VAL D 300 26.88 -2.84 -32.15
N ARG D 301 27.83 -1.94 -32.37
CA ARG D 301 28.69 -1.40 -31.32
C ARG D 301 28.11 -0.04 -31.01
N LEU D 302 27.43 0.05 -29.88
CA LEU D 302 26.69 1.24 -29.47
C LEU D 302 27.53 1.97 -28.44
N ASP D 303 27.69 3.27 -28.67
CA ASP D 303 28.45 4.16 -27.79
C ASP D 303 27.45 4.84 -26.86
N LEU D 304 27.48 4.44 -25.59
CA LEU D 304 26.57 4.99 -24.61
C LEU D 304 26.74 6.49 -24.46
N ARG D 305 27.98 7.00 -24.51
CA ARG D 305 28.19 8.45 -24.33
C ARG D 305 27.49 9.27 -25.42
N ARG D 306 27.50 8.80 -26.67
CA ARG D 306 26.71 9.48 -27.67
C ARG D 306 25.22 9.30 -27.41
N LEU D 307 24.80 8.08 -27.06
CA LEU D 307 23.41 7.82 -26.67
C LEU D 307 22.93 8.85 -25.65
N TYR D 308 23.62 8.94 -24.51
CA TYR D 308 23.18 9.88 -23.50
C TYR D 308 23.50 11.35 -23.83
N GLY D 309 24.65 11.62 -24.47
CA GLY D 309 25.01 12.98 -24.82
C GLY D 309 24.03 13.67 -25.75
N MET D 310 23.39 12.89 -26.63
CA MET D 310 22.42 13.39 -27.57
C MET D 310 20.98 13.11 -27.16
N GLN D 311 20.77 12.41 -26.05
CA GLN D 311 19.43 11.94 -25.68
C GLN D 311 18.75 11.26 -26.87
N ILE D 312 19.49 10.32 -27.48
CA ILE D 312 18.97 9.45 -28.53
C ILE D 312 18.22 8.24 -27.93
N LEU D 313 17.24 7.74 -28.68
CA LEU D 313 16.53 6.53 -28.33
C LEU D 313 16.74 5.51 -29.45
N VAL D 314 17.18 4.30 -29.10
CA VAL D 314 17.30 3.18 -30.02
C VAL D 314 16.14 2.22 -29.72
N ILE D 315 15.21 2.10 -30.66
CA ILE D 315 13.88 1.56 -30.40
C ILE D 315 13.66 0.33 -31.26
N GLY D 316 13.33 -0.79 -30.62
CA GLY D 316 12.95 -2.00 -31.34
C GLY D 316 11.46 -2.02 -31.68
N ALA D 317 11.14 -2.52 -32.88
CA ALA D 317 9.76 -2.65 -33.33
C ALA D 317 9.60 -3.99 -34.04
N THR D 318 8.44 -4.64 -33.86
CA THR D 318 8.23 -5.91 -34.56
C THR D 318 6.75 -6.08 -34.81
N GLY D 319 6.43 -6.80 -35.88
CA GLY D 319 5.08 -6.96 -36.34
C GLY D 319 4.28 -5.69 -36.27
N GLY D 320 3.05 -5.81 -35.81
CA GLY D 320 2.19 -4.65 -35.61
C GLY D 320 1.02 -5.07 -34.76
N ARG D 321 0.32 -4.09 -34.26
CA ARG D 321 -0.83 -4.30 -33.39
C ARG D 321 -2.02 -4.74 -34.21
N ARG D 322 -2.87 -5.58 -33.62
CA ARG D 322 -4.05 -6.07 -34.31
C ARG D 322 -4.96 -4.92 -34.73
N ALA D 323 -5.13 -3.93 -33.86
CA ALA D 323 -5.96 -2.76 -34.19
C ALA D 323 -5.35 -1.96 -35.33
N ASP D 324 -4.02 -1.82 -35.36
CA ASP D 324 -3.40 -1.06 -36.44
C ASP D 324 -3.51 -1.77 -37.78
N PHE D 325 -3.58 -3.11 -37.76
CA PHE D 325 -3.75 -3.84 -39.00
C PHE D 325 -5.05 -3.43 -39.70
N ASN D 326 -6.16 -3.31 -38.93
CA ASN D 326 -7.41 -2.79 -39.51
C ASN D 326 -7.19 -1.42 -40.13
N THR D 327 -6.57 -0.49 -39.40
CA THR D 327 -6.26 0.82 -39.96
C THR D 327 -5.51 0.72 -41.28
N VAL D 328 -4.52 -0.18 -41.36
CA VAL D 328 -3.71 -0.21 -42.58
C VAL D 328 -4.55 -0.69 -43.74
N VAL D 329 -5.35 -1.74 -43.51
CA VAL D 329 -6.27 -2.27 -44.51
C VAL D 329 -7.23 -1.18 -44.98
N ARG D 330 -7.78 -0.40 -44.02
CA ARG D 330 -8.68 0.70 -44.38
C ARG D 330 -7.98 1.76 -45.21
N LEU D 331 -6.74 2.09 -44.86
CA LEU D 331 -6.01 3.09 -45.63
C LEU D 331 -5.83 2.66 -47.10
N LEU D 332 -5.57 1.37 -47.34
CA LEU D 332 -5.51 0.86 -48.72
C LEU D 332 -6.88 0.89 -49.38
N GLU D 333 -7.92 0.49 -48.66
CA GLU D 333 -9.24 0.55 -49.25
C GLU D 333 -9.57 1.96 -49.68
N ALA D 334 -8.97 2.95 -49.01
CA ALA D 334 -9.28 4.33 -49.29
C ALA D 334 -8.36 4.93 -50.33
N GLY D 335 -7.33 4.21 -50.75
CA GLY D 335 -6.37 4.79 -51.66
C GLY D 335 -5.38 5.72 -51.01
N ARG D 336 -5.36 5.81 -49.68
CA ARG D 336 -4.43 6.70 -49.02
C ARG D 336 -3.01 6.09 -48.90
N ILE D 337 -2.84 4.82 -49.23
CA ILE D 337 -1.52 4.23 -49.31
C ILE D 337 -1.58 3.33 -50.53
N LYS D 338 -0.41 3.10 -51.13
CA LYS D 338 -0.29 2.44 -52.42
C LYS D 338 0.60 1.22 -52.31
N ALA D 339 0.18 0.17 -53.01
CA ALA D 339 0.93 -1.06 -53.12
C ALA D 339 1.80 -0.99 -54.37
N PHE D 340 3.07 -1.22 -54.20
CA PHE D 340 4.02 -1.28 -55.29
C PHE D 340 4.31 -2.75 -55.57
N LEU D 341 3.84 -3.23 -56.72
CA LEU D 341 3.95 -4.63 -57.08
C LEU D 341 5.01 -4.78 -58.15
N HIS D 342 5.90 -5.75 -57.96
CA HIS D 342 6.94 -6.06 -58.93
C HIS D 342 6.54 -7.21 -59.85
N ASN D 343 6.10 -8.35 -59.28
CA ASN D 343 5.95 -9.56 -60.07
C ASN D 343 5.03 -10.57 -59.37
N VAL D 344 4.28 -11.33 -60.18
CA VAL D 344 3.44 -12.41 -59.68
C VAL D 344 3.91 -13.72 -60.30
N TYR D 345 4.11 -14.72 -59.46
CA TYR D 345 4.59 -16.03 -59.85
C TYR D 345 3.55 -17.06 -59.48
N PRO D 346 3.36 -18.10 -60.27
CA PRO D 346 2.49 -19.20 -59.87
C PRO D 346 3.19 -20.09 -58.87
N LEU D 347 2.38 -20.87 -58.14
CA LEU D 347 2.91 -21.62 -57.02
C LEU D 347 3.95 -22.61 -57.47
N ALA D 348 3.88 -23.04 -58.72
CA ALA D 348 4.90 -23.94 -59.24
C ALA D 348 6.27 -23.26 -59.24
N ASP D 349 6.30 -21.96 -59.53
CA ASP D 349 7.56 -21.24 -59.63
C ASP D 349 8.00 -20.62 -58.32
N VAL D 350 7.65 -21.24 -57.18
CA VAL D 350 7.88 -20.59 -55.89
C VAL D 350 9.37 -20.40 -55.59
N ARG D 351 10.22 -21.35 -56.01
CA ARG D 351 11.66 -21.19 -55.81
C ARG D 351 12.19 -19.95 -56.55
N LYS D 352 11.80 -19.76 -57.82
CA LYS D 352 12.25 -18.58 -58.57
C LYS D 352 11.69 -17.27 -57.97
N ALA D 353 10.48 -17.30 -57.41
CA ALA D 353 9.96 -16.10 -56.78
C ALA D 353 10.77 -15.73 -55.54
N LEU D 354 11.25 -16.74 -54.80
CA LEU D 354 12.06 -16.48 -53.61
C LEU D 354 13.42 -15.94 -53.99
N GLU D 355 14.06 -16.49 -55.02
CA GLU D 355 15.30 -15.91 -55.57
C GLU D 355 15.12 -14.45 -55.95
N GLU D 356 13.93 -14.08 -56.46
CA GLU D 356 13.65 -12.71 -56.89
C GLU D 356 13.74 -11.70 -55.75
N LEU D 357 13.81 -12.16 -54.50
CA LEU D 357 14.17 -11.26 -53.41
C LEU D 357 15.58 -10.76 -53.57
N ARG D 358 16.53 -11.68 -53.77
CA ARG D 358 17.94 -11.35 -53.82
C ARG D 358 18.36 -10.67 -55.14
N SER D 359 17.32 -10.05 -56.02
CA SER D 359 17.61 -9.42 -57.30
C SER D 359 17.77 -7.92 -57.15
N PRO D 360 18.74 -7.34 -57.84
CA PRO D 360 18.93 -5.88 -57.78
C PRO D 360 18.03 -5.12 -58.73
N GLU D 361 17.22 -5.81 -59.54
CA GLU D 361 16.28 -5.14 -60.43
C GLU D 361 14.94 -4.90 -59.76
N ARG D 362 14.66 -5.62 -58.65
CA ARG D 362 13.36 -5.56 -57.99
C ARG D 362 13.18 -4.25 -57.21
N VAL D 363 12.11 -3.53 -57.52
CA VAL D 363 11.49 -2.64 -56.54
C VAL D 363 10.01 -2.97 -56.55
N GLY D 364 9.51 -3.46 -55.43
CA GLY D 364 8.14 -3.91 -55.33
C GLY D 364 8.04 -5.28 -54.68
N LYS D 365 6.80 -5.64 -54.43
CA LYS D 365 6.48 -6.91 -53.81
C LYS D 365 6.51 -8.01 -54.87
N VAL D 366 7.11 -9.13 -54.52
CA VAL D 366 6.92 -10.36 -55.27
C VAL D 366 5.78 -11.12 -54.61
N LEU D 367 4.82 -11.57 -55.42
CA LEU D 367 3.67 -12.35 -54.97
C LEU D 367 3.68 -13.74 -55.60
N ILE D 368 3.15 -14.70 -54.83
CA ILE D 368 2.81 -16.04 -55.28
C ILE D 368 1.29 -16.12 -55.41
N ALA D 369 0.80 -16.62 -56.53
CA ALA D 369 -0.63 -16.87 -56.73
C ALA D 369 -0.87 -18.38 -56.87
N PRO D 370 -1.39 -19.07 -55.83
CA PRO D 370 -1.71 -20.50 -55.96
C PRO D 370 -2.88 -20.77 -56.89
N HIS E 38 -110.61 -16.50 -55.72
CA HIS E 38 -109.48 -16.72 -56.67
C HIS E 38 -109.03 -18.18 -56.63
N GLU E 39 -108.88 -18.77 -57.82
CA GLU E 39 -108.44 -20.14 -58.02
C GLU E 39 -107.24 -20.11 -58.96
N MET E 40 -106.41 -21.14 -58.94
CA MET E 40 -105.23 -21.20 -59.78
C MET E 40 -105.07 -22.59 -60.34
N ARG E 41 -104.15 -22.74 -61.29
CA ARG E 41 -103.81 -24.05 -61.80
C ARG E 41 -102.61 -24.63 -61.06
N ALA E 42 -102.60 -25.95 -60.92
CA ALA E 42 -101.62 -26.59 -60.06
C ALA E 42 -101.57 -28.04 -60.42
N ALA E 43 -100.37 -28.59 -60.30
CA ALA E 43 -100.12 -30.03 -60.35
C ALA E 43 -100.11 -30.56 -58.92
N ALA E 44 -100.88 -31.60 -58.67
CA ALA E 44 -101.09 -32.03 -57.31
C ALA E 44 -101.38 -33.51 -57.32
N PHE E 45 -101.06 -34.16 -56.22
CA PHE E 45 -101.25 -35.59 -56.09
C PHE E 45 -101.76 -35.84 -54.71
N SER E 46 -102.78 -36.71 -54.63
CA SER E 46 -103.36 -37.11 -53.35
C SER E 46 -102.86 -38.48 -52.91
N THR E 47 -102.28 -39.27 -53.80
CA THR E 47 -101.62 -40.46 -53.36
C THR E 47 -100.35 -40.63 -54.21
N PRO E 48 -99.23 -41.07 -53.60
CA PRO E 48 -97.93 -41.07 -54.32
C PRO E 48 -97.90 -41.97 -55.55
N GLY E 49 -97.19 -41.50 -56.58
CA GLY E 49 -96.98 -42.22 -57.81
C GLY E 49 -97.06 -41.27 -58.96
N LEU E 50 -96.21 -41.42 -59.98
CA LEU E 50 -96.23 -40.45 -61.08
C LEU E 50 -97.60 -40.40 -61.73
N GLU E 51 -98.25 -41.55 -61.86
CA GLU E 51 -99.51 -41.59 -62.60
C GLU E 51 -100.61 -40.79 -61.91
N ASN E 52 -100.48 -40.57 -60.61
CA ASN E 52 -101.45 -39.84 -59.81
C ASN E 52 -101.26 -38.33 -59.87
N LEU E 53 -100.18 -37.84 -60.47
CA LEU E 53 -100.00 -36.40 -60.54
C LEU E 53 -100.97 -35.84 -61.58
N LYS E 54 -101.84 -34.95 -61.16
CA LYS E 54 -102.91 -34.46 -61.98
C LYS E 54 -102.80 -32.95 -62.04
N LEU E 55 -103.25 -32.39 -63.16
CA LEU E 55 -103.47 -30.95 -63.25
C LEU E 55 -104.83 -30.67 -62.62
N VAL E 56 -104.88 -29.73 -61.69
CA VAL E 56 -106.10 -29.43 -60.95
C VAL E 56 -106.29 -27.93 -60.89
N GLU E 57 -107.50 -27.54 -60.55
CA GLU E 57 -107.78 -26.19 -60.14
C GLU E 57 -107.78 -26.18 -58.62
N ALA E 58 -107.08 -25.20 -58.03
CA ALA E 58 -106.88 -25.17 -56.60
C ALA E 58 -107.10 -23.76 -56.08
N GLU E 59 -107.41 -23.68 -54.80
CA GLU E 59 -107.63 -22.41 -54.17
C GLU E 59 -106.29 -21.67 -54.14
N THR E 60 -106.32 -20.39 -54.45
CA THR E 60 -105.08 -19.62 -54.49
C THR E 60 -104.64 -19.30 -53.07
N PRO E 61 -103.42 -19.62 -52.66
CA PRO E 61 -103.03 -19.38 -51.27
C PRO E 61 -102.88 -17.90 -51.00
N ARG E 62 -103.12 -17.53 -49.75
CA ARG E 62 -103.04 -16.18 -49.24
C ARG E 62 -101.90 -16.10 -48.23
N PRO E 63 -101.03 -15.09 -48.30
CA PRO E 63 -99.91 -15.02 -47.35
C PRO E 63 -100.32 -14.47 -45.99
N GLY E 64 -99.90 -15.15 -44.93
CA GLY E 64 -100.00 -14.62 -43.58
C GLY E 64 -98.79 -13.80 -43.17
N PRO E 65 -98.68 -13.48 -41.88
CA PRO E 65 -97.58 -12.62 -41.43
C PRO E 65 -96.24 -13.20 -41.85
N GLY E 66 -95.31 -12.34 -42.23
CA GLY E 66 -94.00 -12.83 -42.60
C GLY E 66 -93.92 -13.60 -43.90
N GLU E 67 -95.00 -13.67 -44.66
CA GLU E 67 -95.04 -14.45 -45.88
C GLU E 67 -95.26 -13.54 -47.08
N VAL E 68 -94.87 -14.03 -48.24
CA VAL E 68 -95.20 -13.41 -49.50
C VAL E 68 -95.84 -14.45 -50.37
N LEU E 69 -96.75 -14.01 -51.24
CA LEU E 69 -97.28 -14.81 -52.32
C LEU E 69 -96.50 -14.50 -53.60
N ILE E 70 -96.16 -15.54 -54.34
CA ILE E 70 -95.28 -15.42 -55.51
C ILE E 70 -96.03 -16.00 -56.70
N ARG E 71 -96.04 -15.28 -57.81
CA ARG E 71 -96.55 -15.80 -59.07
C ARG E 71 -95.36 -16.51 -59.69
N VAL E 72 -95.41 -17.82 -59.74
CA VAL E 72 -94.23 -18.60 -60.13
C VAL E 72 -94.04 -18.48 -61.64
N LYS E 73 -92.82 -18.19 -62.06
CA LYS E 73 -92.53 -18.07 -63.49
C LYS E 73 -91.80 -19.28 -64.04
N TYR E 74 -90.85 -19.82 -63.29
CA TYR E 74 -90.15 -21.05 -63.63
C TYR E 74 -89.84 -21.81 -62.35
N ALA E 75 -89.96 -23.13 -62.42
CA ALA E 75 -89.58 -24.02 -61.35
C ALA E 75 -88.70 -25.11 -61.94
N GLY E 76 -87.65 -25.49 -61.17
CA GLY E 76 -86.77 -26.55 -61.59
C GLY E 76 -87.38 -27.92 -61.40
N VAL E 77 -86.80 -28.90 -62.10
CA VAL E 77 -87.25 -30.28 -62.01
C VAL E 77 -86.07 -31.08 -61.51
N ASN E 78 -86.22 -31.66 -60.33
CA ASN E 78 -85.10 -32.30 -59.68
C ASN E 78 -85.44 -33.71 -59.22
N PRO E 79 -84.42 -34.54 -59.01
CA PRO E 79 -84.66 -35.85 -58.38
C PRO E 79 -85.50 -35.72 -57.14
N LEU E 80 -85.33 -34.63 -56.40
CA LEU E 80 -86.08 -34.43 -55.19
C LEU E 80 -87.57 -34.30 -55.49
N ASP E 81 -87.94 -33.48 -56.47
CA ASP E 81 -89.34 -33.34 -56.80
C ASP E 81 -89.88 -34.64 -57.37
N TYR E 82 -89.03 -35.39 -58.07
CA TYR E 82 -89.41 -36.70 -58.58
C TYR E 82 -89.76 -37.65 -57.44
N ASN E 83 -88.89 -37.74 -56.44
CA ASN E 83 -89.08 -38.68 -55.35
C ASN E 83 -90.22 -38.29 -54.42
N VAL E 84 -90.60 -37.01 -54.42
CA VAL E 84 -91.77 -36.56 -53.68
C VAL E 84 -93.04 -37.08 -54.35
N VAL E 85 -93.17 -36.84 -55.64
CA VAL E 85 -94.28 -37.35 -56.41
C VAL E 85 -94.33 -38.86 -56.38
N ALA E 86 -93.18 -39.52 -56.31
CA ALA E 86 -93.16 -40.98 -56.34
C ALA E 86 -93.43 -41.60 -54.98
N GLY E 87 -93.10 -40.92 -53.89
CA GLY E 87 -93.40 -41.40 -52.55
C GLY E 87 -92.21 -41.76 -51.72
N ALA E 88 -90.99 -41.70 -52.24
CA ALA E 88 -89.81 -41.97 -51.43
C ALA E 88 -89.56 -40.91 -50.37
N VAL E 89 -90.06 -39.70 -50.60
CA VAL E 89 -89.99 -38.63 -49.62
C VAL E 89 -91.42 -38.31 -49.24
N LYS E 90 -91.70 -38.31 -47.94
CA LYS E 90 -93.04 -37.98 -47.52
C LYS E 90 -93.23 -36.47 -47.57
N ALA E 91 -94.49 -36.08 -47.75
CA ALA E 91 -94.85 -34.69 -47.97
C ALA E 91 -96.11 -34.33 -47.19
N SER E 92 -96.24 -33.03 -46.91
CA SER E 92 -97.44 -32.47 -46.30
C SER E 92 -97.56 -31.04 -46.79
N PRO E 93 -98.77 -30.51 -46.88
CA PRO E 93 -99.97 -31.31 -46.65
C PRO E 93 -100.26 -32.23 -47.83
N MET E 94 -101.26 -33.08 -47.62
CA MET E 94 -101.87 -33.87 -48.66
C MET E 94 -103.35 -33.48 -48.79
N PRO E 95 -103.88 -33.32 -50.00
CA PRO E 95 -103.09 -33.54 -51.21
C PRO E 95 -102.09 -32.40 -51.43
N HIS E 96 -101.05 -32.72 -52.21
CA HIS E 96 -99.80 -31.98 -52.20
C HIS E 96 -99.46 -31.41 -53.57
N ILE E 97 -99.00 -30.16 -53.56
CA ILE E 97 -98.36 -29.52 -54.71
C ILE E 97 -96.84 -29.62 -54.51
N PRO E 98 -96.11 -30.37 -55.35
CA PRO E 98 -94.65 -30.42 -55.23
C PRO E 98 -93.99 -29.18 -55.86
N GLY E 99 -92.67 -29.17 -55.83
CA GLY E 99 -91.89 -28.10 -56.44
C GLY E 99 -91.09 -27.30 -55.42
N SER E 100 -89.82 -27.66 -55.26
CA SER E 100 -88.99 -27.07 -54.24
C SER E 100 -87.96 -26.06 -54.74
N GLU E 101 -87.80 -25.92 -56.05
CA GLU E 101 -86.83 -24.99 -56.64
C GLU E 101 -87.56 -24.05 -57.58
N PHE E 102 -87.82 -22.80 -57.18
CA PHE E 102 -88.56 -21.95 -58.07
C PHE E 102 -88.22 -20.47 -57.91
N ALA E 103 -88.63 -19.71 -58.92
CA ALA E 103 -88.51 -18.26 -58.96
C ALA E 103 -89.75 -17.67 -59.65
N GLY E 104 -90.00 -16.41 -59.38
CA GLY E 104 -91.20 -15.74 -59.83
C GLY E 104 -91.24 -14.30 -59.37
N VAL E 105 -92.45 -13.75 -59.24
CA VAL E 105 -92.66 -12.33 -58.97
C VAL E 105 -93.58 -12.21 -57.79
N VAL E 106 -93.22 -11.37 -56.83
CA VAL E 106 -94.06 -11.21 -55.66
C VAL E 106 -95.38 -10.62 -56.12
N GLU E 107 -96.47 -11.34 -55.85
CA GLU E 107 -97.82 -10.88 -56.14
C GLU E 107 -98.45 -10.13 -54.97
N GLU E 108 -98.19 -10.59 -53.73
CA GLU E 108 -98.74 -9.97 -52.51
C GLU E 108 -97.80 -10.23 -51.33
N ALA E 109 -97.84 -9.34 -50.32
CA ALA E 109 -97.11 -9.52 -49.06
C ALA E 109 -98.05 -9.55 -47.86
N GLY E 110 -97.84 -10.51 -46.97
CA GLY E 110 -98.62 -10.58 -45.77
C GLY E 110 -98.29 -9.44 -44.82
N PRO E 111 -98.94 -9.47 -43.65
CA PRO E 111 -98.72 -8.41 -42.66
C PRO E 111 -97.29 -8.36 -42.15
N GLY E 112 -96.79 -7.14 -41.99
CA GLY E 112 -95.54 -6.90 -41.33
C GLY E 112 -94.33 -7.32 -42.11
N VAL E 113 -94.50 -7.58 -43.39
CA VAL E 113 -93.39 -7.94 -44.25
C VAL E 113 -92.74 -6.66 -44.73
N THR E 114 -91.45 -6.52 -44.45
CA THR E 114 -90.57 -5.52 -45.03
C THR E 114 -89.49 -6.18 -45.89
N GLY E 115 -88.79 -5.37 -46.66
CA GLY E 115 -87.68 -5.85 -47.45
C GLY E 115 -88.03 -6.68 -48.66
N VAL E 116 -89.28 -7.07 -48.83
CA VAL E 116 -89.73 -7.70 -50.06
C VAL E 116 -91.07 -7.06 -50.39
N SER E 117 -91.24 -6.70 -51.66
CA SER E 117 -92.41 -5.95 -52.10
C SER E 117 -92.99 -6.57 -53.36
N ARG E 118 -94.25 -6.24 -53.62
CA ARG E 118 -94.91 -6.58 -54.87
C ARG E 118 -94.06 -6.11 -56.04
N GLY E 119 -94.03 -6.92 -57.10
CA GLY E 119 -93.20 -6.67 -58.27
C GLY E 119 -91.77 -7.18 -58.18
N ASP E 120 -91.25 -7.49 -56.98
CA ASP E 120 -89.85 -7.91 -56.86
C ASP E 120 -89.69 -9.22 -57.64
N PRO E 121 -88.67 -9.34 -58.49
CA PRO E 121 -88.37 -10.66 -59.08
C PRO E 121 -87.48 -11.45 -58.11
N VAL E 122 -87.95 -12.61 -57.70
CA VAL E 122 -87.35 -13.32 -56.57
C VAL E 122 -87.06 -14.76 -56.94
N VAL E 123 -86.05 -15.30 -56.31
CA VAL E 123 -85.77 -16.73 -56.29
C VAL E 123 -85.77 -17.17 -54.82
N VAL E 124 -86.27 -18.37 -54.57
CA VAL E 124 -86.70 -18.79 -53.23
C VAL E 124 -85.65 -19.73 -52.63
N TYR E 125 -85.05 -19.32 -51.52
CA TYR E 125 -84.26 -20.25 -50.72
C TYR E 125 -85.18 -21.29 -50.07
N ASN E 126 -84.92 -22.57 -50.27
CA ASN E 126 -85.94 -23.59 -50.04
C ASN E 126 -85.90 -24.23 -48.67
N ARG E 127 -85.00 -23.85 -47.77
CA ARG E 127 -85.02 -24.37 -46.41
C ARG E 127 -85.78 -23.43 -45.48
N LEU E 128 -86.67 -24.00 -44.67
CA LEU E 128 -87.31 -23.22 -43.62
C LEU E 128 -86.34 -23.14 -42.46
N TYR E 129 -86.20 -21.96 -41.86
CA TYR E 129 -85.22 -21.78 -40.78
C TYR E 129 -85.75 -20.81 -39.74
N CYS E 130 -85.50 -21.11 -38.48
CA CYS E 130 -86.06 -20.26 -37.42
C CYS E 130 -85.21 -19.01 -37.20
N GLY E 131 -83.90 -19.07 -37.45
CA GLY E 131 -83.02 -17.93 -37.19
C GLY E 131 -82.63 -17.68 -35.72
N HIS E 132 -83.03 -18.53 -34.77
CA HIS E 132 -82.73 -18.30 -33.36
CA HIS E 132 -82.76 -18.31 -33.35
C HIS E 132 -81.98 -19.43 -32.69
N CYS E 133 -81.78 -20.55 -33.36
CA CYS E 133 -81.06 -21.69 -32.81
C CYS E 133 -79.56 -21.64 -33.18
N ARG E 134 -78.78 -22.47 -32.47
CA ARG E 134 -77.33 -22.57 -32.69
C ARG E 134 -76.95 -22.72 -34.17
N GLN E 135 -77.70 -23.54 -34.92
CA GLN E 135 -77.34 -23.76 -36.31
C GLN E 135 -77.56 -22.51 -37.11
N CYS E 136 -78.72 -21.89 -36.91
CA CYS E 136 -79.04 -20.70 -37.69
C CYS E 136 -78.10 -19.55 -37.33
N LEU E 137 -77.88 -19.33 -36.04
CA LEU E 137 -77.09 -18.18 -35.65
C LEU E 137 -75.62 -18.32 -36.04
N THR E 138 -75.15 -19.54 -36.34
CA THR E 138 -73.79 -19.73 -36.84
C THR E 138 -73.74 -19.80 -38.37
N GLY E 139 -74.90 -19.73 -39.05
CA GLY E 139 -74.96 -19.61 -40.49
C GLY E 139 -75.42 -20.87 -41.18
N TRP E 140 -75.40 -22.00 -40.49
CA TRP E 140 -75.86 -23.26 -41.07
C TRP E 140 -77.39 -23.35 -40.95
N THR E 141 -78.08 -22.51 -41.75
CA THR E 141 -79.54 -22.43 -41.68
C THR E 141 -80.18 -23.71 -42.18
N GLN E 142 -79.56 -24.40 -43.12
CA GLN E 142 -80.16 -25.62 -43.61
C GLN E 142 -80.20 -26.72 -42.55
N MET E 143 -79.52 -26.54 -41.41
CA MET E 143 -79.51 -27.51 -40.32
C MET E 143 -80.37 -27.07 -39.14
N CYS E 144 -81.31 -26.16 -39.35
CA CYS E 144 -82.07 -25.59 -38.24
C CYS E 144 -82.62 -26.68 -37.33
N GLU E 145 -82.38 -26.55 -36.04
CA GLU E 145 -82.87 -27.52 -35.07
C GLU E 145 -84.36 -27.38 -34.86
N VAL E 146 -84.96 -26.26 -35.23
CA VAL E 146 -86.36 -26.01 -34.93
C VAL E 146 -87.28 -26.53 -36.04
N THR E 147 -86.91 -26.34 -37.30
CA THR E 147 -87.72 -26.72 -38.44
C THR E 147 -87.35 -28.10 -38.93
N GLY E 148 -86.31 -28.70 -38.35
CA GLY E 148 -85.78 -29.95 -38.82
C GLY E 148 -85.11 -29.87 -40.17
N GLY E 149 -84.75 -28.68 -40.64
CA GLY E 149 -84.29 -28.57 -42.02
C GLY E 149 -85.39 -28.69 -43.07
N GLY E 150 -86.68 -28.65 -42.66
CA GLY E 150 -87.82 -28.69 -43.55
C GLY E 150 -87.69 -27.86 -44.82
N ILE E 151 -88.15 -28.41 -45.94
CA ILE E 151 -87.90 -27.90 -47.29
C ILE E 151 -89.21 -27.41 -47.90
N ILE E 152 -89.19 -26.18 -48.43
CA ILE E 152 -90.32 -25.65 -49.18
C ILE E 152 -90.70 -26.58 -50.31
N GLY E 153 -92.01 -26.80 -50.46
CA GLY E 153 -92.52 -27.73 -51.45
C GLY E 153 -92.49 -29.18 -51.03
N ILE E 154 -91.89 -29.50 -49.90
CA ILE E 154 -91.97 -30.84 -49.31
C ILE E 154 -92.88 -30.84 -48.08
N VAL E 155 -92.58 -30.00 -47.09
CA VAL E 155 -93.45 -29.75 -45.96
C VAL E 155 -94.35 -28.56 -46.17
N THR E 156 -94.29 -27.91 -47.33
CA THR E 156 -95.26 -26.90 -47.70
C THR E 156 -95.68 -27.18 -49.14
N GLN E 157 -96.73 -26.48 -49.57
CA GLN E 157 -97.11 -26.52 -50.97
C GLN E 157 -96.06 -25.78 -51.79
N GLY E 158 -95.69 -26.42 -52.91
CA GLY E 158 -94.57 -26.01 -53.71
C GLY E 158 -94.92 -25.23 -54.96
N GLY E 159 -93.95 -25.17 -55.87
CA GLY E 159 -93.96 -24.28 -56.99
C GLY E 159 -94.45 -24.84 -58.31
N TYR E 160 -94.94 -26.10 -58.36
CA TYR E 160 -95.57 -26.62 -59.58
C TYR E 160 -97.00 -26.09 -59.66
N ALA E 161 -97.10 -24.76 -59.71
CA ALA E 161 -98.39 -24.10 -59.63
C ALA E 161 -98.19 -22.66 -60.02
N GLU E 162 -99.31 -21.99 -60.32
CA GLU E 162 -99.27 -20.59 -60.73
C GLU E 162 -98.86 -19.69 -59.58
N TYR E 163 -99.18 -20.05 -58.34
CA TYR E 163 -98.77 -19.27 -57.18
C TYR E 163 -98.37 -20.16 -56.02
N ALA E 164 -97.41 -19.67 -55.24
CA ALA E 164 -96.99 -20.29 -54.00
C ALA E 164 -96.72 -19.20 -52.95
N VAL E 165 -96.95 -19.57 -51.69
CA VAL E 165 -96.57 -18.78 -50.53
C VAL E 165 -95.29 -19.37 -49.93
N VAL E 166 -94.38 -18.50 -49.52
CA VAL E 166 -93.07 -18.83 -48.93
C VAL E 166 -92.81 -17.73 -47.91
N PRO E 167 -91.95 -17.96 -46.93
CA PRO E 167 -91.58 -16.90 -46.00
C PRO E 167 -90.83 -15.77 -46.72
N ALA E 168 -91.06 -14.55 -46.29
CA ALA E 168 -90.48 -13.39 -46.95
C ALA E 168 -88.97 -13.44 -46.87
N LYS E 169 -88.45 -13.88 -45.73
CA LYS E 169 -87.01 -13.95 -45.56
C LYS E 169 -86.34 -14.96 -46.49
N ASN E 170 -87.11 -15.83 -47.14
CA ASN E 170 -86.58 -16.81 -48.09
C ASN E 170 -86.58 -16.28 -49.52
N ALA E 171 -87.27 -15.18 -49.80
CA ALA E 171 -87.36 -14.64 -51.14
C ALA E 171 -86.19 -13.66 -51.38
N VAL E 172 -85.33 -13.99 -52.33
CA VAL E 172 -84.15 -13.18 -52.67
C VAL E 172 -84.47 -12.46 -53.98
N ALA E 173 -84.60 -11.15 -53.92
CA ALA E 173 -84.73 -10.34 -55.12
C ALA E 173 -83.45 -10.42 -55.92
N THR E 174 -83.58 -10.60 -57.22
CA THR E 174 -82.44 -10.80 -58.10
C THR E 174 -82.73 -10.06 -59.38
N ARG E 175 -81.67 -9.60 -60.03
CA ARG E 175 -81.79 -9.00 -61.34
C ARG E 175 -81.52 -9.99 -62.48
N ALA E 176 -81.21 -11.24 -62.16
CA ALA E 176 -80.98 -12.24 -63.18
C ALA E 176 -82.27 -12.60 -63.92
N ASP E 177 -82.09 -13.30 -65.03
CA ASP E 177 -83.21 -13.89 -65.76
C ASP E 177 -83.81 -15.02 -64.93
N LEU E 178 -85.08 -14.90 -64.58
CA LEU E 178 -85.68 -15.86 -63.66
C LEU E 178 -85.57 -17.27 -64.19
N LYS E 179 -85.44 -17.44 -65.49
CA LYS E 179 -85.27 -18.78 -66.01
C LYS E 179 -83.99 -19.38 -65.47
N GLU E 180 -82.95 -18.55 -65.33
CA GLU E 180 -81.65 -19.01 -64.85
C GLU E 180 -81.58 -19.05 -63.33
N ALA E 181 -82.22 -18.07 -62.67
CA ALA E 181 -82.30 -18.09 -61.22
C ALA E 181 -82.91 -19.39 -60.72
N ALA E 182 -83.89 -19.91 -61.46
CA ALA E 182 -84.60 -21.12 -61.04
C ALA E 182 -83.71 -22.35 -61.02
N THR E 183 -82.44 -22.23 -61.37
CA THR E 183 -81.51 -23.35 -61.32
C THR E 183 -80.63 -23.28 -60.09
N LEU E 184 -80.82 -22.26 -59.26
CA LEU E 184 -79.92 -22.01 -58.15
C LEU E 184 -80.36 -22.65 -56.82
N PRO E 185 -81.67 -22.67 -56.49
CA PRO E 185 -82.05 -23.05 -55.11
C PRO E 185 -81.66 -24.47 -54.76
N ILE E 186 -81.77 -25.42 -55.69
CA ILE E 186 -81.33 -26.80 -55.47
C ILE E 186 -79.96 -27.10 -56.13
N GLY E 187 -79.88 -27.03 -57.46
CA GLY E 187 -78.67 -27.40 -58.18
C GLY E 187 -77.43 -26.62 -57.79
N ALA E 188 -77.49 -25.31 -57.91
CA ALA E 188 -76.32 -24.48 -57.68
C ALA E 188 -75.93 -24.45 -56.21
N LEU E 189 -76.88 -24.08 -55.34
CA LEU E 189 -76.54 -23.95 -53.91
C LEU E 189 -75.95 -25.23 -53.33
N THR E 190 -76.54 -26.38 -53.68
CA THR E 190 -76.04 -27.65 -53.16
C THR E 190 -74.61 -27.93 -53.63
N ALA E 191 -74.30 -27.62 -54.90
CA ALA E 191 -72.92 -27.72 -55.38
C ALA E 191 -71.99 -26.78 -54.61
N TRP E 192 -72.43 -25.53 -54.45
CA TRP E 192 -71.64 -24.55 -53.73
C TRP E 192 -71.24 -25.06 -52.36
N ASN E 193 -72.23 -25.61 -51.64
CA ASN E 193 -72.03 -26.03 -50.27
C ASN E 193 -71.15 -27.27 -50.21
N MET E 194 -71.18 -28.11 -51.27
CA MET E 194 -70.24 -29.23 -51.36
C MET E 194 -68.83 -28.71 -51.55
N ALA E 195 -68.66 -27.75 -52.48
CA ALA E 195 -67.33 -27.21 -52.75
C ALA E 195 -66.80 -26.47 -51.55
N TYR E 196 -67.67 -25.66 -50.92
CA TYR E 196 -67.33 -24.95 -49.70
C TYR E 196 -66.76 -25.91 -48.65
N ARG E 197 -67.43 -27.04 -48.44
CA ARG E 197 -67.02 -27.96 -47.39
C ARG E 197 -65.89 -28.88 -47.81
N ALA E 198 -65.39 -28.77 -49.03
CA ALA E 198 -64.22 -29.55 -49.44
C ALA E 198 -62.90 -28.86 -49.14
N SER E 199 -62.94 -27.57 -48.75
CA SER E 199 -61.73 -26.77 -48.50
C SER E 199 -60.71 -26.92 -49.63
N ILE E 200 -61.15 -26.53 -50.83
CA ILE E 200 -60.34 -26.65 -52.03
C ILE E 200 -59.29 -25.55 -52.03
N SER E 201 -57.94 -25.95 -52.03
CA SER E 201 -56.84 -25.00 -52.19
C SER E 201 -56.55 -24.79 -53.67
N PRO E 202 -56.09 -23.61 -54.08
CA PRO E 202 -55.72 -23.42 -55.49
C PRO E 202 -54.66 -24.42 -55.94
N GLY E 203 -54.89 -25.01 -57.10
CA GLY E 203 -54.01 -26.01 -57.65
C GLY E 203 -54.38 -27.43 -57.31
N GLU E 204 -55.29 -27.65 -56.36
CA GLU E 204 -55.65 -29.01 -56.00
C GLU E 204 -56.46 -29.65 -57.13
N LYS E 205 -56.33 -30.98 -57.25
CA LYS E 205 -57.08 -31.76 -58.23
C LYS E 205 -58.43 -32.15 -57.65
N VAL E 206 -59.48 -31.66 -58.27
CA VAL E 206 -60.86 -31.88 -57.83
C VAL E 206 -61.58 -32.65 -58.92
N ALA E 207 -62.11 -33.81 -58.54
CA ALA E 207 -62.94 -34.63 -59.40
C ALA E 207 -64.40 -34.34 -59.12
N VAL E 208 -65.20 -34.28 -60.17
CA VAL E 208 -66.65 -34.16 -60.06
C VAL E 208 -67.28 -35.38 -60.76
N VAL E 209 -67.88 -36.24 -59.96
CA VAL E 209 -68.62 -37.40 -60.46
C VAL E 209 -70.06 -36.95 -60.74
N GLY E 210 -70.59 -37.33 -61.89
CA GLY E 210 -71.92 -36.87 -62.23
C GLY E 210 -71.96 -35.41 -62.62
N ALA E 211 -70.87 -34.92 -63.23
CA ALA E 211 -70.72 -33.53 -63.63
C ALA E 211 -71.78 -33.07 -64.61
N THR E 212 -72.38 -34.01 -65.36
CA THR E 212 -73.45 -33.67 -66.28
C THR E 212 -74.74 -33.31 -65.55
N GLY E 213 -74.89 -33.66 -64.25
CA GLY E 213 -76.16 -33.50 -63.56
C GLY E 213 -76.50 -32.08 -63.07
N ASN E 214 -77.70 -31.95 -62.50
CA ASN E 214 -78.14 -30.65 -61.97
C ASN E 214 -77.14 -30.09 -60.98
N VAL E 215 -76.60 -30.95 -60.09
CA VAL E 215 -75.64 -30.49 -59.09
C VAL E 215 -74.23 -30.44 -59.68
N GLY E 216 -73.85 -31.49 -60.42
CA GLY E 216 -72.52 -31.56 -60.98
C GLY E 216 -72.20 -30.42 -61.93
N ILE E 217 -73.16 -29.98 -62.73
CA ILE E 217 -72.85 -28.91 -63.68
C ILE E 217 -72.46 -27.61 -62.97
N TYR E 218 -72.98 -27.36 -61.79
CA TYR E 218 -72.51 -26.21 -61.02
C TYR E 218 -71.26 -26.54 -60.19
N ALA E 219 -71.13 -27.79 -59.74
CA ALA E 219 -69.96 -28.16 -58.94
C ALA E 219 -68.67 -27.94 -59.74
N VAL E 220 -68.63 -28.42 -60.97
CA VAL E 220 -67.58 -28.05 -61.92
C VAL E 220 -67.27 -26.56 -61.82
N GLN E 221 -68.28 -25.71 -61.98
CA GLN E 221 -68.05 -24.26 -61.98
C GLN E 221 -67.42 -23.78 -60.66
N PHE E 222 -68.00 -24.14 -59.52
CA PHE E 222 -67.50 -23.63 -58.25
C PHE E 222 -66.08 -24.14 -57.95
N ALA E 223 -65.80 -25.40 -58.26
CA ALA E 223 -64.46 -25.90 -58.02
C ALA E 223 -63.43 -25.08 -58.80
N LYS E 224 -63.76 -24.70 -60.04
CA LYS E 224 -62.87 -23.89 -60.86
C LYS E 224 -62.74 -22.46 -60.32
N LEU E 225 -63.80 -21.93 -59.75
CA LEU E 225 -63.78 -20.56 -59.27
C LEU E 225 -62.96 -20.46 -57.99
N LEU E 226 -62.87 -21.56 -57.25
CA LEU E 226 -62.04 -21.64 -56.05
C LEU E 226 -60.58 -21.90 -56.41
N GLY E 227 -60.29 -22.12 -57.68
CA GLY E 227 -58.95 -22.36 -58.13
C GLY E 227 -58.52 -23.80 -58.26
N GLY E 228 -59.43 -24.76 -58.19
CA GLY E 228 -59.06 -26.13 -58.48
C GLY E 228 -58.82 -26.40 -59.96
N GLU E 229 -58.02 -27.43 -60.21
CA GLU E 229 -57.99 -28.14 -61.48
C GLU E 229 -59.10 -29.20 -61.48
N VAL E 230 -60.07 -29.05 -62.37
CA VAL E 230 -61.36 -29.72 -62.26
C VAL E 230 -61.41 -30.83 -63.30
N TYR E 231 -61.59 -32.07 -62.84
CA TYR E 231 -61.80 -33.21 -63.73
C TYR E 231 -63.26 -33.65 -63.59
N ALA E 232 -64.02 -33.42 -64.66
CA ALA E 232 -65.42 -33.82 -64.76
C ALA E 232 -65.50 -35.27 -65.22
N ILE E 233 -66.31 -36.08 -64.54
CA ILE E 233 -66.40 -37.51 -64.84
C ILE E 233 -67.78 -37.81 -65.40
N SER E 234 -67.81 -38.59 -66.47
CA SER E 234 -69.05 -38.94 -67.15
C SER E 234 -68.95 -40.31 -67.80
N ARG E 235 -70.04 -41.07 -67.70
CA ARG E 235 -70.20 -42.30 -68.47
C ARG E 235 -70.50 -42.03 -69.95
N ARG E 236 -70.71 -40.78 -70.35
CA ARG E 236 -71.08 -40.41 -71.72
C ARG E 236 -70.18 -39.29 -72.25
N LYS E 237 -68.88 -39.43 -72.02
CA LYS E 237 -67.91 -38.36 -72.25
C LYS E 237 -67.94 -37.86 -73.67
N ALA E 238 -67.88 -38.78 -74.64
CA ALA E 238 -67.99 -38.39 -76.05
C ALA E 238 -69.16 -37.46 -76.28
N LYS E 239 -70.32 -37.74 -75.66
CA LYS E 239 -71.52 -36.96 -75.96
C LYS E 239 -71.51 -35.56 -75.34
N VAL E 240 -70.83 -35.38 -74.21
CA VAL E 240 -71.01 -34.20 -73.35
C VAL E 240 -69.72 -33.42 -73.16
N GLU E 241 -68.60 -33.91 -73.72
CA GLU E 241 -67.30 -33.31 -73.41
C GLU E 241 -67.31 -31.80 -73.61
N SER E 242 -67.80 -31.33 -74.74
CA SER E 242 -67.70 -29.89 -75.01
C SER E 242 -68.50 -29.07 -74.00
N ILE E 243 -69.72 -29.51 -73.67
CA ILE E 243 -70.53 -28.83 -72.65
C ILE E 243 -69.77 -28.72 -71.33
N LEU E 244 -69.26 -29.84 -70.82
CA LEU E 244 -68.58 -29.79 -69.53
C LEU E 244 -67.37 -28.88 -69.60
N LYS E 245 -66.66 -28.86 -70.74
CA LYS E 245 -65.54 -27.92 -70.88
C LYS E 245 -66.01 -26.46 -70.87
N SER E 246 -67.20 -26.17 -71.39
CA SER E 246 -67.70 -24.79 -71.32
C SER E 246 -68.16 -24.43 -69.91
N ALA E 247 -68.49 -25.42 -69.11
CA ALA E 247 -68.77 -25.15 -67.71
C ALA E 247 -67.50 -24.92 -66.90
N GLY E 248 -66.33 -25.23 -67.46
CA GLY E 248 -65.05 -24.83 -66.86
C GLY E 248 -64.15 -25.99 -66.48
N ALA E 249 -64.48 -27.19 -66.94
CA ALA E 249 -63.74 -28.38 -66.55
C ALA E 249 -62.46 -28.39 -67.35
N ASP E 250 -61.34 -28.66 -66.67
CA ASP E 250 -60.06 -28.71 -67.37
C ASP E 250 -59.92 -30.01 -68.15
N ALA E 251 -60.59 -31.07 -67.71
CA ALA E 251 -60.55 -32.34 -68.38
C ALA E 251 -61.85 -33.09 -68.10
N VAL E 252 -62.26 -33.94 -69.03
CA VAL E 252 -63.43 -34.79 -68.90
C VAL E 252 -62.95 -36.23 -69.02
N LEU E 253 -63.42 -37.10 -68.14
CA LEU E 253 -62.89 -38.43 -67.98
C LEU E 253 -64.00 -39.46 -67.93
N THR E 254 -63.71 -40.64 -68.48
CA THR E 254 -64.52 -41.81 -68.25
C THR E 254 -64.20 -42.37 -66.86
N PRO E 255 -65.11 -43.17 -66.27
CA PRO E 255 -64.77 -43.79 -64.99
C PRO E 255 -63.43 -44.49 -65.03
N ASP E 256 -63.13 -45.19 -66.13
CA ASP E 256 -61.86 -45.87 -66.22
C ASP E 256 -60.71 -44.87 -66.37
N GLU E 257 -60.89 -43.82 -67.18
CA GLU E 257 -59.86 -42.78 -67.26
C GLU E 257 -59.59 -42.17 -65.88
N ALA E 258 -60.64 -42.04 -65.04
CA ALA E 258 -60.52 -41.46 -63.71
C ALA E 258 -59.67 -42.32 -62.78
N LYS E 259 -59.90 -43.63 -62.74
CA LYS E 259 -59.02 -44.49 -61.95
C LYS E 259 -57.55 -44.28 -62.33
N SER E 260 -57.27 -44.13 -63.63
CA SER E 260 -55.88 -44.02 -64.09
C SER E 260 -55.29 -42.67 -63.79
N ALA E 261 -56.13 -41.65 -63.64
CA ALA E 261 -55.67 -40.30 -63.33
C ALA E 261 -55.56 -40.03 -61.82
N ALA E 262 -55.85 -40.99 -60.95
CA ALA E 262 -55.68 -40.76 -59.51
C ALA E 262 -54.21 -40.42 -59.25
N PRO E 263 -53.89 -39.66 -58.19
CA PRO E 263 -54.84 -39.34 -57.10
C PRO E 263 -55.50 -37.99 -57.26
N PHE E 264 -56.66 -37.79 -56.65
CA PHE E 264 -57.32 -36.49 -56.60
C PHE E 264 -57.33 -36.00 -55.16
N ASP E 265 -57.30 -34.68 -55.01
CA ASP E 265 -57.33 -34.10 -53.69
C ASP E 265 -58.77 -34.04 -53.14
N VAL E 266 -59.73 -33.81 -54.02
CA VAL E 266 -61.14 -33.70 -53.65
C VAL E 266 -61.94 -34.48 -54.67
N VAL E 267 -62.94 -35.23 -54.20
CA VAL E 267 -63.95 -35.82 -55.07
C VAL E 267 -65.32 -35.32 -54.62
N LEU E 268 -65.98 -34.55 -55.47
CA LEU E 268 -67.33 -34.09 -55.23
C LEU E 268 -68.23 -35.06 -55.97
N ASP E 269 -69.11 -35.74 -55.22
CA ASP E 269 -69.84 -36.89 -55.74
C ASP E 269 -71.14 -37.11 -54.99
N PRO E 270 -72.27 -36.66 -55.50
CA PRO E 270 -73.54 -36.94 -54.83
C PRO E 270 -74.26 -38.17 -55.36
N THR E 271 -73.56 -39.10 -56.00
CA THR E 271 -74.22 -40.19 -56.72
C THR E 271 -74.36 -41.46 -55.88
N GLY E 272 -73.80 -41.48 -54.69
CA GLY E 272 -74.02 -42.61 -53.81
C GLY E 272 -73.15 -43.82 -54.14
N SER E 273 -73.71 -44.98 -53.81
CA SER E 273 -72.90 -46.16 -53.53
C SER E 273 -72.32 -46.81 -54.78
N ALA E 274 -72.96 -46.68 -55.95
CA ALA E 274 -72.39 -47.32 -57.14
C ALA E 274 -71.07 -46.66 -57.59
N SER E 275 -70.82 -45.43 -57.18
CA SER E 275 -69.56 -44.77 -57.51
C SER E 275 -68.55 -44.82 -56.39
N TRP E 276 -68.89 -45.46 -55.27
CA TRP E 276 -68.07 -45.35 -54.07
C TRP E 276 -66.66 -45.93 -54.25
N ASP E 277 -66.55 -47.11 -54.84
CA ASP E 277 -65.22 -47.72 -54.97
C ASP E 277 -64.31 -46.86 -55.83
N LEU E 278 -64.86 -46.26 -56.87
CA LEU E 278 -64.09 -45.34 -57.68
C LEU E 278 -63.72 -44.09 -56.89
N SER E 279 -64.72 -43.40 -56.35
CA SER E 279 -64.49 -42.10 -55.74
C SER E 279 -63.59 -42.23 -54.51
N PHE E 280 -63.90 -43.16 -53.62
CA PHE E 280 -63.05 -43.33 -52.44
C PHE E 280 -61.65 -43.79 -52.85
N GLY E 281 -61.57 -44.67 -53.87
CA GLY E 281 -60.30 -45.26 -54.23
C GLY E 281 -59.33 -44.34 -54.94
N VAL E 282 -59.82 -43.26 -55.59
CA VAL E 282 -58.92 -42.34 -56.30
C VAL E 282 -58.42 -41.19 -55.41
N LEU E 283 -58.85 -41.12 -54.17
CA LEU E 283 -58.37 -40.09 -53.28
C LEU E 283 -56.89 -40.29 -52.96
N GLY E 284 -56.14 -39.21 -52.90
CA GLY E 284 -54.79 -39.22 -52.40
C GLY E 284 -54.73 -38.87 -50.94
N ARG E 285 -53.50 -38.62 -50.47
CA ARG E 285 -53.28 -38.25 -49.07
C ARG E 285 -54.03 -36.96 -48.72
N GLY E 286 -54.79 -36.99 -47.64
CA GLY E 286 -55.53 -35.85 -47.22
C GLY E 286 -56.74 -35.59 -48.06
N GLY E 287 -57.14 -36.57 -48.86
CA GLY E 287 -58.22 -36.35 -49.78
C GLY E 287 -59.56 -36.25 -49.08
N ARG E 288 -60.47 -35.54 -49.74
CA ARG E 288 -61.79 -35.23 -49.22
C ARG E 288 -62.83 -35.74 -50.21
N TYR E 289 -63.67 -36.65 -49.74
CA TYR E 289 -64.86 -37.09 -50.47
C TYR E 289 -66.04 -36.36 -49.85
N VAL E 290 -66.75 -35.60 -50.67
CA VAL E 290 -67.91 -34.82 -50.25
C VAL E 290 -69.14 -35.30 -51.02
N THR E 291 -70.20 -35.65 -50.29
CA THR E 291 -71.45 -36.01 -50.92
C THR E 291 -72.63 -35.22 -50.36
N ALA E 292 -73.60 -34.97 -51.25
CA ALA E 292 -74.91 -34.46 -50.89
C ALA E 292 -76.06 -35.38 -51.28
N GLY E 293 -75.77 -36.59 -51.77
CA GLY E 293 -76.81 -37.41 -52.34
C GLY E 293 -76.53 -38.91 -52.24
N ALA E 294 -77.57 -39.69 -52.48
CA ALA E 294 -77.45 -41.15 -52.46
C ALA E 294 -78.18 -41.74 -53.66
N LEU E 295 -77.93 -41.14 -54.83
CA LEU E 295 -78.71 -41.42 -56.03
C LEU E 295 -78.78 -42.91 -56.31
N THR E 296 -77.65 -43.58 -56.29
CA THR E 296 -77.63 -44.97 -56.68
C THR E 296 -77.61 -45.89 -55.47
N GLY E 297 -77.82 -45.35 -54.27
CA GLY E 297 -77.82 -46.16 -53.09
C GLY E 297 -77.06 -45.51 -51.95
N ALA E 298 -77.56 -45.72 -50.74
CA ALA E 298 -77.10 -44.99 -49.56
C ALA E 298 -75.99 -45.69 -48.83
N GLU E 299 -75.78 -46.98 -49.03
CA GLU E 299 -74.90 -47.74 -48.17
C GLU E 299 -73.58 -48.00 -48.89
N VAL E 300 -72.47 -47.78 -48.19
CA VAL E 300 -71.14 -48.04 -48.72
C VAL E 300 -70.31 -48.73 -47.64
N ARG E 301 -69.43 -49.64 -48.07
CA ARG E 301 -68.49 -50.27 -47.14
C ARG E 301 -67.20 -49.44 -47.09
N LEU E 302 -66.87 -48.97 -45.90
CA LEU E 302 -65.79 -48.03 -45.64
C LEU E 302 -64.66 -48.74 -44.94
N ASP E 303 -63.49 -48.70 -45.54
CA ASP E 303 -62.29 -49.28 -44.93
C ASP E 303 -61.65 -48.23 -44.02
N LEU E 304 -61.91 -48.30 -42.71
CA LEU E 304 -61.31 -47.39 -41.74
C LEU E 304 -59.81 -47.37 -41.86
N ARG E 305 -59.21 -48.50 -42.25
CA ARG E 305 -57.76 -48.52 -42.24
C ARG E 305 -57.17 -47.67 -43.37
N ARG E 306 -57.81 -47.65 -44.52
CA ARG E 306 -57.38 -46.70 -45.55
C ARG E 306 -57.80 -45.28 -45.19
N LEU E 307 -58.96 -45.11 -44.55
CA LEU E 307 -59.35 -43.79 -44.07
C LEU E 307 -58.24 -43.16 -43.24
N TYR E 308 -57.75 -43.89 -42.23
CA TYR E 308 -56.75 -43.28 -41.35
C TYR E 308 -55.35 -43.34 -41.96
N GLY E 309 -55.01 -44.40 -42.68
CA GLY E 309 -53.69 -44.46 -43.26
C GLY E 309 -53.42 -43.35 -44.24
N MET E 310 -54.47 -42.86 -44.91
CA MET E 310 -54.37 -41.78 -45.88
C MET E 310 -54.84 -40.43 -45.32
N GLN E 311 -55.29 -40.36 -44.08
CA GLN E 311 -55.92 -39.16 -43.54
C GLN E 311 -57.00 -38.58 -44.48
N ILE E 312 -57.85 -39.46 -44.99
CA ILE E 312 -59.00 -39.01 -45.78
C ILE E 312 -60.08 -38.45 -44.85
N LEU E 313 -60.82 -37.47 -45.35
CA LEU E 313 -62.08 -37.04 -44.76
C LEU E 313 -63.22 -37.43 -45.69
N VAL E 314 -64.25 -38.02 -45.12
CA VAL E 314 -65.51 -38.31 -45.79
C VAL E 314 -66.57 -37.35 -45.20
N ILE E 315 -67.11 -36.47 -46.05
CA ILE E 315 -67.84 -35.29 -45.57
C ILE E 315 -69.25 -35.26 -46.17
N GLY E 316 -70.25 -35.15 -45.29
CA GLY E 316 -71.60 -34.89 -45.71
C GLY E 316 -71.85 -33.40 -45.91
N ALA E 317 -72.70 -33.10 -46.88
CA ALA E 317 -73.12 -31.75 -47.19
C ALA E 317 -74.55 -31.88 -47.64
N THR E 318 -75.41 -30.95 -47.20
CA THR E 318 -76.77 -30.88 -47.67
C THR E 318 -77.20 -29.41 -47.77
N GLY E 319 -78.12 -29.15 -48.69
CA GLY E 319 -78.59 -27.80 -48.97
C GLY E 319 -77.47 -26.78 -49.11
N GLY E 320 -77.69 -25.61 -48.52
CA GLY E 320 -76.64 -24.63 -48.37
C GLY E 320 -77.06 -23.62 -47.35
N ARG E 321 -76.11 -22.79 -46.98
CA ARG E 321 -76.35 -21.70 -46.05
C ARG E 321 -77.13 -20.56 -46.72
N ARG E 322 -78.03 -19.97 -45.95
CA ARG E 322 -78.78 -18.79 -46.37
C ARG E 322 -77.89 -17.67 -46.88
N ALA E 323 -76.78 -17.37 -46.17
CA ALA E 323 -75.83 -16.34 -46.64
C ALA E 323 -75.15 -16.74 -47.95
N ASP E 324 -74.79 -18.00 -48.11
CA ASP E 324 -74.20 -18.42 -49.37
C ASP E 324 -75.20 -18.33 -50.51
N PHE E 325 -76.50 -18.43 -50.22
CA PHE E 325 -77.46 -18.36 -51.30
C PHE E 325 -77.43 -17.00 -51.95
N ASN E 326 -77.37 -15.94 -51.13
CA ASN E 326 -77.14 -14.59 -51.66
C ASN E 326 -75.88 -14.55 -52.48
N THR E 327 -74.79 -15.14 -52.00
CA THR E 327 -73.55 -15.14 -52.80
C THR E 327 -73.78 -15.80 -54.16
N VAL E 328 -74.56 -16.89 -54.22
CA VAL E 328 -74.76 -17.62 -55.47
C VAL E 328 -75.59 -16.79 -56.46
N VAL E 329 -76.60 -16.08 -55.98
CA VAL E 329 -77.39 -15.29 -56.88
C VAL E 329 -76.53 -14.20 -57.51
N ARG E 330 -75.62 -13.59 -56.71
CA ARG E 330 -74.80 -12.51 -57.20
C ARG E 330 -73.83 -13.00 -58.25
N LEU E 331 -73.21 -14.16 -58.01
CA LEU E 331 -72.37 -14.77 -59.02
C LEU E 331 -73.13 -14.99 -60.33
N LEU E 332 -74.38 -15.46 -60.26
CA LEU E 332 -75.16 -15.61 -61.49
C LEU E 332 -75.38 -14.27 -62.16
N GLU E 333 -75.78 -13.26 -61.41
CA GLU E 333 -75.99 -11.92 -61.95
C GLU E 333 -74.72 -11.36 -62.60
N ALA E 334 -73.57 -11.77 -62.10
CA ALA E 334 -72.29 -11.29 -62.59
C ALA E 334 -71.71 -12.14 -63.70
N GLY E 335 -72.35 -13.23 -64.10
CA GLY E 335 -71.82 -14.07 -65.13
C GLY E 335 -70.67 -14.94 -64.69
N ARG E 336 -70.26 -14.88 -63.43
CA ARG E 336 -69.17 -15.76 -62.99
C ARG E 336 -69.58 -17.24 -62.96
N ILE E 337 -70.88 -17.53 -62.98
CA ILE E 337 -71.39 -18.88 -63.19
C ILE E 337 -72.51 -18.80 -64.22
N LYS E 338 -72.82 -19.93 -64.83
CA LYS E 338 -73.81 -19.98 -65.90
C LYS E 338 -74.80 -21.12 -65.69
N ALA E 339 -76.06 -20.86 -66.08
CA ALA E 339 -77.11 -21.87 -66.09
C ALA E 339 -77.12 -22.64 -67.40
N PHE E 340 -77.06 -23.97 -67.28
CA PHE E 340 -77.11 -24.87 -68.43
C PHE E 340 -78.53 -25.43 -68.53
N LEU E 341 -79.35 -24.83 -69.39
CA LEU E 341 -80.74 -25.24 -69.54
C LEU E 341 -80.86 -26.36 -70.58
N HIS E 342 -81.92 -27.14 -70.45
CA HIS E 342 -82.19 -28.25 -71.37
C HIS E 342 -83.55 -28.17 -72.02
N ASN E 343 -84.58 -27.80 -71.28
CA ASN E 343 -85.94 -27.83 -71.77
C ASN E 343 -86.83 -27.09 -70.81
N VAL E 344 -87.87 -26.44 -71.36
CA VAL E 344 -88.89 -25.76 -70.58
C VAL E 344 -90.24 -26.30 -71.02
N TYR E 345 -90.97 -26.94 -70.07
CA TYR E 345 -92.31 -27.48 -70.28
C TYR E 345 -93.36 -26.59 -69.63
N PRO E 346 -94.57 -26.50 -70.18
CA PRO E 346 -95.65 -25.84 -69.45
C PRO E 346 -96.20 -26.78 -68.37
N LEU E 347 -96.99 -26.18 -67.49
CA LEU E 347 -97.44 -26.87 -66.28
C LEU E 347 -98.15 -28.16 -66.63
N ALA E 348 -99.00 -28.14 -67.68
CA ALA E 348 -99.77 -29.32 -68.05
C ALA E 348 -98.89 -30.50 -68.44
N ASP E 349 -97.68 -30.24 -68.95
CA ASP E 349 -96.73 -31.31 -69.26
C ASP E 349 -95.88 -31.72 -68.07
N VAL E 350 -96.35 -31.47 -66.83
CA VAL E 350 -95.52 -31.72 -65.64
C VAL E 350 -95.07 -33.17 -65.58
N ARG E 351 -95.89 -34.11 -66.08
CA ARG E 351 -95.50 -35.52 -66.07
C ARG E 351 -94.31 -35.78 -66.99
N LYS E 352 -94.35 -35.23 -68.20
CA LYS E 352 -93.30 -35.50 -69.18
C LYS E 352 -92.01 -34.78 -68.80
N ALA E 353 -92.13 -33.62 -68.14
CA ALA E 353 -90.97 -32.98 -67.54
C ALA E 353 -90.37 -33.85 -66.46
N LEU E 354 -91.19 -34.44 -65.58
CA LEU E 354 -90.60 -35.31 -64.57
C LEU E 354 -89.94 -36.51 -65.25
N GLU E 355 -90.60 -37.10 -66.25
CA GLU E 355 -90.01 -38.22 -66.97
C GLU E 355 -88.75 -37.79 -67.70
N GLU E 356 -88.68 -36.52 -68.10
CA GLU E 356 -87.52 -35.99 -68.79
C GLU E 356 -86.26 -36.04 -67.92
N LEU E 357 -86.38 -36.28 -66.61
CA LEU E 357 -85.18 -36.38 -65.79
C LEU E 357 -84.29 -37.54 -66.21
N ARG E 358 -84.88 -38.63 -66.72
CA ARG E 358 -84.14 -39.84 -67.06
C ARG E 358 -83.63 -39.85 -68.50
N SER E 359 -83.94 -38.84 -69.30
CA SER E 359 -83.60 -38.84 -70.72
C SER E 359 -82.09 -38.92 -70.89
N PRO E 360 -81.53 -39.96 -71.53
CA PRO E 360 -80.06 -40.06 -71.63
C PRO E 360 -79.46 -38.99 -72.49
N GLU E 361 -80.27 -38.20 -73.16
CA GLU E 361 -79.76 -37.04 -73.87
C GLU E 361 -79.63 -35.84 -72.96
N ARG E 362 -80.44 -35.75 -71.89
CA ARG E 362 -80.47 -34.55 -71.07
C ARG E 362 -79.07 -34.24 -70.56
N VAL E 363 -78.62 -33.03 -70.87
CA VAL E 363 -77.65 -32.32 -70.07
C VAL E 363 -78.26 -30.96 -69.90
N GLY E 364 -78.50 -30.56 -68.67
CA GLY E 364 -79.12 -29.28 -68.38
C GLY E 364 -80.30 -29.44 -67.43
N LYS E 365 -80.81 -28.29 -67.05
CA LYS E 365 -81.95 -28.22 -66.15
C LYS E 365 -83.22 -28.38 -66.96
N VAL E 366 -84.13 -29.20 -66.47
CA VAL E 366 -85.49 -29.21 -66.98
C VAL E 366 -86.31 -28.25 -66.14
N LEU E 367 -87.07 -27.40 -66.79
CA LEU E 367 -87.88 -26.38 -66.15
C LEU E 367 -89.35 -26.55 -66.49
N ILE E 368 -90.19 -26.07 -65.57
CA ILE E 368 -91.64 -25.96 -65.75
C ILE E 368 -91.94 -24.48 -65.71
N ALA E 369 -92.83 -24.02 -66.57
CA ALA E 369 -93.25 -22.62 -66.55
C ALA E 369 -94.76 -22.53 -66.39
N PRO E 370 -95.27 -22.12 -65.22
CA PRO E 370 -96.72 -22.10 -65.09
C PRO E 370 -97.32 -20.82 -65.67
N HIS F 38 -11.68 -21.10 -63.79
CA HIS F 38 -12.75 -20.53 -64.67
C HIS F 38 -13.22 -19.20 -64.05
N GLU F 39 -13.45 -18.23 -64.93
CA GLU F 39 -13.88 -16.90 -64.54
C GLU F 39 -15.14 -16.57 -65.32
N MET F 40 -15.89 -15.58 -64.83
CA MET F 40 -17.17 -15.23 -65.39
C MET F 40 -17.34 -13.73 -65.31
N ARG F 41 -18.30 -13.22 -66.08
CA ARG F 41 -18.70 -11.83 -65.97
C ARG F 41 -19.80 -11.68 -64.91
N ALA F 42 -19.79 -10.52 -64.25
CA ALA F 42 -20.72 -10.27 -63.17
C ALA F 42 -20.80 -8.77 -62.92
N ALA F 43 -21.95 -8.35 -62.44
CA ALA F 43 -22.12 -7.01 -61.90
C ALA F 43 -21.87 -7.09 -60.40
N ALA F 44 -20.92 -6.28 -59.92
CA ALA F 44 -20.52 -6.27 -58.52
C ALA F 44 -20.33 -4.85 -58.04
N PHE F 45 -20.30 -4.68 -56.71
CA PHE F 45 -20.02 -3.40 -56.11
C PHE F 45 -19.18 -3.56 -54.85
N SER F 46 -18.06 -2.87 -54.80
CA SER F 46 -17.19 -3.01 -53.64
C SER F 46 -17.59 -2.07 -52.52
N THR F 47 -18.37 -1.05 -52.85
CA THR F 47 -18.88 -0.04 -51.93
C THR F 47 -20.30 0.28 -52.44
N PRO F 48 -21.28 0.40 -51.55
CA PRO F 48 -22.65 0.69 -52.00
C PRO F 48 -22.79 1.92 -52.88
N GLY F 49 -23.92 1.95 -53.62
CA GLY F 49 -24.30 3.04 -54.49
C GLY F 49 -24.43 2.59 -55.93
N LEU F 50 -25.40 3.16 -56.65
CA LEU F 50 -25.69 2.70 -58.00
C LEU F 50 -24.50 2.93 -58.95
N GLU F 51 -23.86 4.10 -58.83
CA GLU F 51 -22.71 4.40 -59.69
C GLU F 51 -21.54 3.45 -59.42
N ASN F 52 -21.57 2.71 -58.30
CA ASN F 52 -20.50 1.81 -57.95
C ASN F 52 -20.77 0.39 -58.43
N LEU F 53 -21.83 0.17 -59.21
CA LEU F 53 -22.12 -1.14 -59.79
C LEU F 53 -21.46 -1.23 -61.15
N LYS F 54 -20.49 -2.14 -61.27
CA LYS F 54 -19.64 -2.23 -62.45
C LYS F 54 -19.55 -3.66 -62.91
N LEU F 55 -19.48 -3.81 -64.23
CA LEU F 55 -19.18 -5.10 -64.80
C LEU F 55 -17.73 -5.46 -64.47
N VAL F 56 -17.49 -6.73 -64.14
CA VAL F 56 -16.17 -7.21 -63.74
C VAL F 56 -16.03 -8.65 -64.18
N GLU F 57 -14.80 -9.13 -64.12
CA GLU F 57 -14.45 -10.54 -64.21
C GLU F 57 -14.34 -11.06 -62.79
N ALA F 58 -15.07 -12.12 -62.48
CA ALA F 58 -15.10 -12.64 -61.13
C ALA F 58 -14.78 -14.13 -61.12
N GLU F 59 -14.30 -14.56 -59.95
CA GLU F 59 -14.07 -15.99 -59.69
C GLU F 59 -15.41 -16.69 -59.81
N THR F 60 -15.46 -17.74 -60.62
CA THR F 60 -16.68 -18.52 -60.79
C THR F 60 -16.89 -19.39 -59.57
N PRO F 61 -18.06 -19.40 -58.95
CA PRO F 61 -18.25 -20.21 -57.74
C PRO F 61 -18.38 -21.69 -58.05
N ARG F 62 -18.15 -22.48 -57.01
CA ARG F 62 -18.18 -23.92 -57.05
C ARG F 62 -19.16 -24.45 -56.01
N PRO F 63 -19.99 -25.42 -56.36
CA PRO F 63 -21.01 -25.90 -55.41
C PRO F 63 -20.42 -26.84 -54.37
N GLY F 64 -20.68 -26.53 -53.08
CA GLY F 64 -20.39 -27.44 -51.99
C GLY F 64 -21.40 -28.59 -51.92
N PRO F 65 -21.26 -29.43 -50.89
CA PRO F 65 -22.27 -30.46 -50.68
C PRO F 65 -23.60 -29.78 -50.48
N GLY F 66 -24.65 -30.37 -51.04
CA GLY F 66 -25.97 -29.85 -50.92
C GLY F 66 -26.29 -28.71 -51.86
N GLU F 67 -25.33 -28.28 -52.69
CA GLU F 67 -25.48 -27.11 -53.53
C GLU F 67 -25.45 -27.45 -55.01
N VAL F 68 -25.96 -26.49 -55.82
CA VAL F 68 -25.98 -26.56 -57.28
C VAL F 68 -25.39 -25.26 -57.82
N LEU F 69 -24.68 -25.40 -58.92
CA LEU F 69 -24.13 -24.26 -59.64
C LEU F 69 -25.03 -24.04 -60.83
N ILE F 70 -25.51 -22.80 -60.97
CA ILE F 70 -26.48 -22.45 -61.99
C ILE F 70 -25.86 -21.50 -62.99
N ARG F 71 -26.11 -21.77 -64.27
CA ARG F 71 -25.81 -20.84 -65.36
C ARG F 71 -27.03 -19.95 -65.48
N VAL F 72 -26.89 -18.70 -65.06
CA VAL F 72 -28.06 -17.83 -64.99
C VAL F 72 -28.47 -17.41 -66.39
N LYS F 73 -29.74 -17.64 -66.73
CA LYS F 73 -30.36 -17.16 -67.95
C LYS F 73 -31.08 -15.82 -67.77
N TYR F 74 -31.97 -15.71 -66.82
CA TYR F 74 -32.70 -14.47 -66.62
C TYR F 74 -32.75 -14.20 -65.14
N ALA F 75 -32.55 -12.95 -64.80
CA ALA F 75 -32.75 -12.47 -63.44
C ALA F 75 -33.72 -11.31 -63.48
N GLY F 76 -34.62 -11.24 -62.50
CA GLY F 76 -35.52 -10.11 -62.40
C GLY F 76 -34.87 -8.91 -61.73
N VAL F 77 -35.45 -7.75 -61.99
CA VAL F 77 -35.01 -6.48 -61.43
C VAL F 77 -36.16 -5.96 -60.57
N ASN F 78 -35.91 -5.82 -59.27
CA ASN F 78 -36.89 -5.50 -58.25
C ASN F 78 -36.41 -4.40 -57.33
N PRO F 79 -37.33 -3.75 -56.62
CA PRO F 79 -36.88 -2.80 -55.58
C PRO F 79 -35.88 -3.41 -54.60
N LEU F 80 -36.01 -4.70 -54.24
CA LEU F 80 -35.04 -5.30 -53.35
C LEU F 80 -33.63 -5.21 -53.91
N ASP F 81 -33.47 -5.47 -55.20
CA ASP F 81 -32.14 -5.43 -55.81
C ASP F 81 -31.58 -4.02 -55.84
N TYR F 82 -32.44 -3.04 -56.05
CA TYR F 82 -31.98 -1.67 -56.14
C TYR F 82 -31.53 -1.20 -54.78
N ASN F 83 -32.28 -1.56 -53.74
CA ASN F 83 -31.92 -1.18 -52.38
C ASN F 83 -30.67 -1.88 -51.89
N VAL F 84 -30.44 -3.13 -52.29
CA VAL F 84 -29.14 -3.78 -52.01
C VAL F 84 -28.01 -2.99 -52.64
N VAL F 85 -28.13 -2.64 -53.93
CA VAL F 85 -27.06 -1.95 -54.62
C VAL F 85 -26.87 -0.54 -54.07
N ALA F 86 -27.94 0.09 -53.59
CA ALA F 86 -27.85 1.46 -53.09
C ALA F 86 -27.37 1.53 -51.65
N GLY F 87 -27.44 0.42 -50.91
CA GLY F 87 -26.92 0.36 -49.56
C GLY F 87 -27.96 0.37 -48.46
N ALA F 88 -29.27 0.39 -48.79
CA ALA F 88 -30.27 0.39 -47.73
C ALA F 88 -30.35 -0.94 -47.01
N VAL F 89 -29.81 -2.00 -47.64
CA VAL F 89 -29.76 -3.35 -47.06
C VAL F 89 -28.30 -3.76 -47.05
N LYS F 90 -27.81 -4.22 -45.91
CA LYS F 90 -26.42 -4.67 -45.88
C LYS F 90 -26.35 -6.00 -46.60
N ALA F 91 -25.30 -6.18 -47.38
CA ALA F 91 -25.13 -7.36 -48.21
C ALA F 91 -23.76 -7.95 -47.98
N SER F 92 -23.68 -9.29 -48.06
CA SER F 92 -22.40 -9.98 -47.89
C SER F 92 -22.39 -11.22 -48.79
N PRO F 93 -21.24 -11.62 -49.32
CA PRO F 93 -19.97 -10.92 -49.05
C PRO F 93 -19.86 -9.64 -49.89
N MET F 94 -18.90 -8.79 -49.49
CA MET F 94 -18.50 -7.57 -50.18
C MET F 94 -17.07 -7.76 -50.67
N PRO F 95 -16.69 -7.38 -51.90
CA PRO F 95 -17.65 -6.89 -52.90
C PRO F 95 -18.74 -7.91 -53.22
N HIS F 96 -19.88 -7.38 -53.69
CA HIS F 96 -21.14 -8.14 -53.73
C HIS F 96 -21.75 -8.16 -55.12
N ILE F 97 -22.18 -9.36 -55.52
CA ILE F 97 -22.97 -9.57 -56.74
C ILE F 97 -24.43 -9.64 -56.31
N PRO F 98 -25.27 -8.66 -56.64
CA PRO F 98 -26.69 -8.74 -56.28
C PRO F 98 -27.43 -9.67 -57.25
N GLY F 99 -28.73 -9.73 -57.02
CA GLY F 99 -29.64 -10.49 -57.87
C GLY F 99 -30.32 -11.56 -57.06
N SER F 100 -31.51 -11.28 -56.52
CA SER F 100 -32.20 -12.23 -55.66
C SER F 100 -33.29 -13.04 -56.38
N GLU F 101 -33.55 -12.77 -57.66
CA GLU F 101 -34.67 -13.40 -58.36
C GLU F 101 -34.08 -13.91 -59.67
N PHE F 102 -33.84 -15.22 -59.77
CA PHE F 102 -33.27 -15.70 -61.01
C PHE F 102 -33.66 -17.13 -61.32
N ALA F 103 -33.44 -17.47 -62.60
CA ALA F 103 -33.75 -18.74 -63.21
C ALA F 103 -32.65 -19.08 -64.22
N GLY F 104 -32.41 -20.36 -64.44
CA GLY F 104 -31.35 -20.75 -65.33
C GLY F 104 -31.24 -22.25 -65.40
N VAL F 105 -30.04 -22.70 -65.81
CA VAL F 105 -29.78 -24.11 -66.04
C VAL F 105 -28.67 -24.57 -65.11
N VAL F 106 -28.87 -25.75 -64.50
CA VAL F 106 -27.88 -26.34 -63.61
C VAL F 106 -26.64 -26.72 -64.42
N GLU F 107 -25.49 -26.14 -64.04
CA GLU F 107 -24.21 -26.44 -64.67
C GLU F 107 -23.51 -27.60 -64.00
N GLU F 108 -23.63 -27.68 -62.68
CA GLU F 108 -22.98 -28.77 -61.95
C GLU F 108 -23.72 -28.96 -60.63
N ALA F 109 -23.95 -30.21 -60.26
CA ALA F 109 -24.45 -30.50 -58.93
C ALA F 109 -23.27 -30.82 -58.03
N GLY F 110 -23.40 -30.48 -56.76
CA GLY F 110 -22.35 -30.68 -55.80
C GLY F 110 -22.45 -32.03 -55.11
N PRO F 111 -21.47 -32.33 -54.27
CA PRO F 111 -21.43 -33.63 -53.59
C PRO F 111 -22.75 -33.98 -52.90
N GLY F 112 -23.21 -35.21 -53.17
CA GLY F 112 -24.39 -35.76 -52.51
C GLY F 112 -25.72 -35.23 -52.98
N VAL F 113 -25.74 -34.41 -54.03
CA VAL F 113 -27.00 -33.87 -54.53
C VAL F 113 -27.67 -34.92 -55.41
N THR F 114 -28.99 -35.08 -55.27
CA THR F 114 -29.77 -35.94 -56.16
C THR F 114 -31.00 -35.18 -56.60
N GLY F 115 -31.64 -35.71 -57.65
CA GLY F 115 -32.84 -35.11 -58.17
C GLY F 115 -32.66 -33.88 -59.04
N VAL F 116 -31.43 -33.55 -59.43
CA VAL F 116 -31.18 -32.34 -60.18
C VAL F 116 -29.95 -32.53 -61.08
N SER F 117 -30.16 -33.07 -62.28
CA SER F 117 -29.05 -33.36 -63.17
C SER F 117 -28.67 -32.15 -64.04
N ARG F 118 -27.53 -32.31 -64.68
CA ARG F 118 -26.91 -31.22 -65.40
C ARG F 118 -27.82 -30.81 -66.56
N GLY F 119 -28.00 -29.51 -66.74
CA GLY F 119 -28.88 -29.00 -67.77
C GLY F 119 -30.32 -28.80 -67.33
N ASP F 120 -30.71 -29.29 -66.15
CA ASP F 120 -32.06 -29.09 -65.66
C ASP F 120 -32.35 -27.60 -65.61
N PRO F 121 -33.39 -27.11 -66.28
CA PRO F 121 -33.79 -25.73 -66.07
C PRO F 121 -34.48 -25.59 -64.72
N VAL F 122 -34.08 -24.58 -63.96
CA VAL F 122 -34.54 -24.39 -62.59
C VAL F 122 -34.80 -22.92 -62.34
N VAL F 123 -35.69 -22.67 -61.38
CA VAL F 123 -35.99 -21.34 -60.88
C VAL F 123 -35.87 -21.40 -59.36
N VAL F 124 -35.28 -20.35 -58.77
CA VAL F 124 -34.65 -20.44 -57.45
C VAL F 124 -35.52 -19.73 -56.40
N TYR F 125 -35.96 -20.49 -55.39
CA TYR F 125 -36.62 -19.96 -54.21
C TYR F 125 -35.56 -19.31 -53.36
N ASN F 126 -35.75 -18.05 -53.02
CA ASN F 126 -34.62 -17.24 -52.60
C ASN F 126 -34.44 -17.12 -51.08
N ARG F 127 -35.30 -17.74 -50.27
CA ARG F 127 -35.11 -17.77 -48.82
C ARG F 127 -34.25 -18.96 -48.43
N LEU F 128 -33.20 -18.70 -47.65
CA LEU F 128 -32.48 -19.77 -46.98
C LEU F 128 -33.27 -20.20 -45.77
N TYR F 129 -33.37 -21.51 -45.57
CA TYR F 129 -34.14 -22.08 -44.49
C TYR F 129 -33.49 -23.37 -43.99
N CYS F 130 -33.72 -23.65 -42.70
CA CYS F 130 -33.04 -24.73 -42.03
C CYS F 130 -33.74 -26.06 -42.18
N GLY F 131 -35.05 -26.05 -42.38
CA GLY F 131 -35.87 -27.23 -42.45
C GLY F 131 -36.14 -27.96 -41.15
N HIS F 132 -35.68 -27.42 -40.01
CA HIS F 132 -35.83 -28.08 -38.71
CA HIS F 132 -35.80 -28.07 -38.70
C HIS F 132 -36.43 -27.21 -37.62
N CYS F 133 -36.49 -25.88 -37.80
CA CYS F 133 -37.07 -25.03 -36.77
C CYS F 133 -38.60 -25.08 -36.79
N ARG F 134 -39.19 -24.52 -35.73
CA ARG F 134 -40.65 -24.47 -35.63
C ARG F 134 -41.28 -23.95 -36.93
N GLN F 135 -40.73 -22.84 -37.46
CA GLN F 135 -41.32 -22.19 -38.64
C GLN F 135 -41.19 -23.06 -39.89
N CYS F 136 -39.98 -23.55 -40.14
CA CYS F 136 -39.77 -24.43 -41.28
C CYS F 136 -40.70 -25.63 -41.22
N LEU F 137 -40.82 -26.24 -40.02
CA LEU F 137 -41.62 -27.46 -39.80
C LEU F 137 -43.12 -27.23 -39.94
N THR F 138 -43.61 -26.00 -39.74
CA THR F 138 -45.01 -25.72 -40.08
C THR F 138 -45.19 -25.21 -41.51
N GLY F 139 -44.12 -24.98 -42.27
CA GLY F 139 -44.22 -24.56 -43.67
C GLY F 139 -43.85 -23.11 -43.92
N TRP F 140 -43.81 -22.29 -42.86
CA TRP F 140 -43.40 -20.90 -42.97
C TRP F 140 -41.87 -20.82 -43.08
N THR F 141 -41.35 -21.37 -44.18
CA THR F 141 -39.89 -21.41 -44.40
C THR F 141 -39.28 -20.01 -44.53
N GLN F 142 -39.99 -19.03 -45.10
CA GLN F 142 -39.49 -17.65 -45.16
C GLN F 142 -39.31 -17.01 -43.79
N MET F 143 -39.91 -17.58 -42.74
CA MET F 143 -39.80 -17.10 -41.37
C MET F 143 -38.75 -17.84 -40.53
N CYS F 144 -37.92 -18.68 -41.17
CA CYS F 144 -36.96 -19.55 -40.47
C CYS F 144 -36.25 -18.84 -39.34
N GLU F 145 -36.26 -19.46 -38.17
CA GLU F 145 -35.64 -18.87 -36.99
C GLU F 145 -34.14 -19.03 -36.99
N VAL F 146 -33.59 -19.88 -37.85
CA VAL F 146 -32.17 -20.21 -37.76
C VAL F 146 -31.35 -19.40 -38.75
N THR F 147 -31.92 -19.07 -39.90
CA THR F 147 -31.16 -18.33 -40.93
C THR F 147 -31.34 -16.83 -40.84
N GLY F 148 -32.07 -16.30 -39.87
CA GLY F 148 -32.39 -14.88 -39.92
C GLY F 148 -33.19 -14.49 -41.15
N GLY F 149 -34.05 -15.38 -41.65
CA GLY F 149 -34.82 -15.15 -42.86
C GLY F 149 -33.97 -14.90 -44.12
N GLY F 150 -32.62 -14.86 -44.00
CA GLY F 150 -31.66 -14.61 -45.07
C GLY F 150 -32.05 -14.96 -46.50
N ILE F 151 -31.59 -14.14 -47.45
CA ILE F 151 -32.12 -14.09 -48.81
C ILE F 151 -30.97 -14.31 -49.79
N ILE F 152 -31.12 -15.30 -50.67
CA ILE F 152 -30.12 -15.53 -51.70
C ILE F 152 -29.90 -14.22 -52.49
N GLY F 153 -28.62 -13.90 -52.74
CA GLY F 153 -28.27 -12.68 -53.39
C GLY F 153 -28.17 -11.47 -52.50
N ILE F 154 -28.51 -11.58 -51.23
CA ILE F 154 -28.26 -10.56 -50.24
C ILE F 154 -27.18 -11.00 -49.25
N VAL F 155 -27.37 -12.16 -48.59
CA VAL F 155 -26.33 -12.78 -47.77
C VAL F 155 -25.52 -13.81 -48.52
N THR F 156 -25.78 -14.02 -49.83
CA THR F 156 -24.93 -14.76 -50.74
C THR F 156 -24.75 -13.95 -52.02
N GLN F 157 -23.82 -14.37 -52.86
CA GLN F 157 -23.67 -13.76 -54.18
C GLN F 157 -24.80 -14.24 -55.08
N GLY F 158 -25.38 -13.29 -55.83
CA GLY F 158 -26.64 -13.45 -56.50
C GLY F 158 -26.54 -13.66 -57.99
N GLY F 159 -27.66 -13.44 -58.68
CA GLY F 159 -27.81 -13.85 -60.04
C GLY F 159 -27.46 -12.86 -61.12
N TYR F 160 -27.05 -11.63 -60.80
CA TYR F 160 -26.62 -10.69 -61.84
C TYR F 160 -25.17 -11.03 -62.23
N ALA F 161 -25.00 -12.20 -62.86
CA ALA F 161 -23.71 -12.81 -63.15
C ALA F 161 -23.99 -14.06 -63.97
N GLU F 162 -22.95 -14.59 -64.63
CA GLU F 162 -23.21 -15.74 -65.49
C GLU F 162 -23.56 -16.96 -64.68
N TYR F 163 -22.99 -17.11 -63.50
CA TYR F 163 -23.19 -18.27 -62.68
C TYR F 163 -23.48 -17.84 -61.25
N ALA F 164 -24.28 -18.64 -60.56
CA ALA F 164 -24.47 -18.46 -59.13
C ALA F 164 -24.66 -19.83 -58.51
N VAL F 165 -24.32 -19.94 -57.22
CA VAL F 165 -24.52 -21.16 -56.45
C VAL F 165 -25.66 -20.92 -55.48
N VAL F 166 -26.51 -21.93 -55.31
CA VAL F 166 -27.58 -21.92 -54.30
C VAL F 166 -27.69 -23.32 -53.72
N PRO F 167 -28.29 -23.46 -52.54
CA PRO F 167 -28.66 -24.79 -52.05
C PRO F 167 -29.53 -25.52 -53.07
N ALA F 168 -29.28 -26.83 -53.22
CA ALA F 168 -30.07 -27.61 -54.18
C ALA F 168 -31.55 -27.65 -53.81
N LYS F 169 -31.86 -27.72 -52.51
CA LYS F 169 -33.27 -27.73 -52.12
C LYS F 169 -34.01 -26.47 -52.53
N ASN F 170 -33.28 -25.38 -52.81
CA ASN F 170 -33.85 -24.11 -53.21
C ASN F 170 -34.06 -23.99 -54.72
N ALA F 171 -33.67 -25.00 -55.50
CA ALA F 171 -33.71 -24.94 -56.96
C ALA F 171 -34.85 -25.81 -57.46
N VAL F 172 -35.86 -25.19 -58.06
CA VAL F 172 -37.07 -25.87 -58.45
C VAL F 172 -36.97 -26.15 -59.94
N ALA F 173 -37.09 -27.42 -60.32
CA ALA F 173 -37.12 -27.76 -61.74
C ALA F 173 -38.39 -27.21 -62.39
N THR F 174 -38.27 -26.71 -63.61
CA THR F 174 -39.44 -26.17 -64.29
C THR F 174 -39.29 -26.31 -65.79
N ARG F 175 -40.42 -26.58 -66.43
CA ARG F 175 -40.53 -26.66 -67.87
C ARG F 175 -40.99 -25.35 -68.47
N ALA F 176 -41.08 -24.29 -67.67
CA ALA F 176 -41.56 -23.01 -68.17
C ALA F 176 -40.43 -22.21 -68.80
N ASP F 177 -40.85 -21.29 -69.66
CA ASP F 177 -39.91 -20.38 -70.30
C ASP F 177 -39.19 -19.62 -69.19
N LEU F 178 -37.87 -19.69 -69.20
CA LEU F 178 -37.10 -19.15 -68.08
C LEU F 178 -37.28 -17.64 -67.90
N LYS F 179 -37.56 -16.88 -68.97
CA LYS F 179 -37.89 -15.46 -68.82
C LYS F 179 -39.09 -15.31 -67.90
N GLU F 180 -40.09 -16.14 -68.11
CA GLU F 180 -41.28 -16.07 -67.30
C GLU F 180 -41.04 -16.68 -65.94
N ALA F 181 -40.20 -17.72 -65.86
CA ALA F 181 -39.93 -18.33 -64.56
C ALA F 181 -39.25 -17.34 -63.64
N ALA F 182 -38.48 -16.39 -64.23
CA ALA F 182 -37.67 -15.44 -63.49
C ALA F 182 -38.50 -14.30 -62.91
N THR F 183 -39.80 -14.30 -63.15
CA THR F 183 -40.70 -13.35 -62.49
C THR F 183 -41.36 -13.97 -61.26
N LEU F 184 -41.01 -15.19 -60.90
CA LEU F 184 -41.77 -15.87 -59.86
C LEU F 184 -41.17 -15.80 -58.46
N PRO F 185 -39.85 -15.85 -58.28
CA PRO F 185 -39.33 -15.87 -56.91
C PRO F 185 -39.65 -14.64 -56.06
N ILE F 186 -39.74 -13.44 -56.63
CA ILE F 186 -40.03 -12.24 -55.86
C ILE F 186 -41.48 -11.78 -56.12
N GLY F 187 -41.77 -11.39 -57.36
CA GLY F 187 -43.07 -10.84 -57.67
C GLY F 187 -44.24 -11.81 -57.46
N ALA F 188 -44.22 -12.97 -58.09
CA ALA F 188 -45.36 -13.87 -58.01
C ALA F 188 -45.51 -14.46 -56.60
N LEU F 189 -44.40 -14.94 -56.02
CA LEU F 189 -44.48 -15.64 -54.74
C LEU F 189 -44.95 -14.70 -53.62
N THR F 190 -44.43 -13.47 -53.61
CA THR F 190 -44.86 -12.51 -52.62
C THR F 190 -46.32 -12.15 -52.78
N ALA F 191 -46.76 -11.93 -54.02
CA ALA F 191 -48.20 -11.71 -54.24
C ALA F 191 -49.00 -12.93 -53.85
N TRP F 192 -48.48 -14.13 -54.12
CA TRP F 192 -49.22 -15.33 -53.78
C TRP F 192 -49.48 -15.36 -52.27
N ASN F 193 -48.47 -15.00 -51.50
CA ASN F 193 -48.49 -15.13 -50.06
C ASN F 193 -49.36 -14.04 -49.42
N MET F 194 -49.45 -12.87 -50.05
CA MET F 194 -50.38 -11.83 -49.59
C MET F 194 -51.82 -12.28 -49.82
N ALA F 195 -52.12 -12.76 -51.03
CA ALA F 195 -53.45 -13.26 -51.35
C ALA F 195 -53.88 -14.38 -50.38
N TYR F 196 -52.96 -15.32 -50.12
CA TYR F 196 -53.26 -16.46 -49.27
C TYR F 196 -53.65 -16.03 -47.87
N ARG F 197 -52.92 -15.06 -47.32
CA ARG F 197 -53.12 -14.57 -45.96
C ARG F 197 -54.29 -13.61 -45.82
N ALA F 198 -54.96 -13.28 -46.92
CA ALA F 198 -56.13 -12.42 -46.95
C ALA F 198 -57.44 -13.19 -46.84
N SER F 199 -57.41 -14.52 -46.95
CA SER F 199 -58.63 -15.35 -46.83
C SER F 199 -59.72 -14.84 -47.77
N ILE F 200 -59.35 -14.80 -49.05
CA ILE F 200 -60.28 -14.38 -50.09
C ILE F 200 -61.32 -15.48 -50.30
N SER F 201 -62.68 -15.11 -50.12
CA SER F 201 -63.77 -16.01 -50.45
C SER F 201 -64.37 -15.65 -51.80
N PRO F 202 -65.01 -16.60 -52.47
CA PRO F 202 -65.56 -16.29 -53.77
C PRO F 202 -66.65 -15.23 -53.70
N GLY F 203 -66.47 -14.17 -54.51
CA GLY F 203 -67.38 -13.04 -54.53
C GLY F 203 -66.94 -11.85 -53.73
N GLU F 204 -65.93 -11.97 -52.87
CA GLU F 204 -65.48 -10.81 -52.11
C GLU F 204 -64.84 -9.79 -53.05
N LYS F 205 -64.98 -8.52 -52.68
CA LYS F 205 -64.41 -7.43 -53.47
C LYS F 205 -63.00 -7.16 -52.98
N VAL F 206 -62.05 -7.29 -53.91
CA VAL F 206 -60.62 -7.21 -53.67
C VAL F 206 -60.02 -6.06 -54.47
N ALA F 207 -59.45 -5.09 -53.76
CA ALA F 207 -58.72 -4.00 -54.39
C ALA F 207 -57.23 -4.32 -54.34
N VAL F 208 -56.53 -4.12 -55.47
CA VAL F 208 -55.07 -4.23 -55.53
C VAL F 208 -54.48 -2.85 -55.78
N VAL F 209 -53.82 -2.30 -54.76
CA VAL F 209 -53.10 -1.04 -54.87
C VAL F 209 -51.71 -1.34 -55.37
N GLY F 210 -51.23 -0.51 -56.29
CA GLY F 210 -49.95 -0.78 -56.90
C GLY F 210 -50.02 -1.93 -57.88
N ALA F 211 -51.20 -2.13 -58.46
CA ALA F 211 -51.48 -3.30 -59.30
C ALA F 211 -50.61 -3.40 -60.55
N THR F 212 -50.06 -2.27 -61.04
CA THR F 212 -49.20 -2.29 -62.22
C THR F 212 -47.80 -2.82 -61.92
N GLY F 213 -47.42 -2.96 -60.65
CA GLY F 213 -46.05 -3.25 -60.29
C GLY F 213 -45.76 -4.73 -60.31
N ASN F 214 -44.48 -5.07 -60.04
CA ASN F 214 -44.05 -6.47 -60.09
C ASN F 214 -44.93 -7.36 -59.22
N VAL F 215 -45.26 -6.94 -58.00
CA VAL F 215 -46.09 -7.73 -57.10
C VAL F 215 -47.56 -7.60 -57.46
N GLY F 216 -48.01 -6.38 -57.75
CA GLY F 216 -49.43 -6.14 -57.98
C GLY F 216 -49.97 -6.88 -59.19
N ILE F 217 -49.14 -7.03 -60.22
CA ILE F 217 -49.62 -7.65 -61.46
C ILE F 217 -49.96 -9.10 -61.21
N TYR F 218 -49.21 -9.78 -60.35
CA TYR F 218 -49.60 -11.14 -59.96
C TYR F 218 -50.69 -11.14 -58.90
N ALA F 219 -50.71 -10.08 -58.04
CA ALA F 219 -51.72 -10.02 -56.99
C ALA F 219 -53.11 -9.95 -57.60
N VAL F 220 -53.28 -9.16 -58.68
CA VAL F 220 -54.52 -9.15 -59.46
C VAL F 220 -54.87 -10.56 -59.90
N GLN F 221 -53.88 -11.31 -60.37
CA GLN F 221 -54.14 -12.63 -60.92
C GLN F 221 -54.55 -13.62 -59.85
N PHE F 222 -53.83 -13.64 -58.73
CA PHE F 222 -54.15 -14.56 -57.66
C PHE F 222 -55.50 -14.21 -57.03
N ALA F 223 -55.84 -12.90 -56.93
CA ALA F 223 -57.14 -12.56 -56.37
C ALA F 223 -58.26 -13.11 -57.25
N LYS F 224 -58.06 -13.06 -58.57
CA LYS F 224 -59.07 -13.60 -59.48
C LYS F 224 -59.13 -15.12 -59.38
N LEU F 225 -57.95 -15.74 -59.24
CA LEU F 225 -57.87 -17.19 -59.14
C LEU F 225 -58.63 -17.71 -57.93
N LEU F 226 -58.60 -16.95 -56.84
CA LEU F 226 -59.30 -17.32 -55.64
C LEU F 226 -60.79 -17.00 -55.71
N GLY F 227 -61.26 -16.42 -56.82
CA GLY F 227 -62.67 -16.14 -56.97
C GLY F 227 -63.10 -14.74 -56.57
N GLY F 228 -62.18 -13.86 -56.36
CA GLY F 228 -62.55 -12.51 -56.04
C GLY F 228 -62.99 -11.72 -57.26
N GLU F 229 -63.68 -10.64 -56.96
CA GLU F 229 -64.01 -9.60 -57.94
C GLU F 229 -62.96 -8.51 -57.73
N VAL F 230 -62.13 -8.29 -58.74
CA VAL F 230 -60.84 -7.65 -58.57
C VAL F 230 -60.88 -6.27 -59.21
N TYR F 231 -60.48 -5.26 -58.42
CA TYR F 231 -60.42 -3.86 -58.80
C TYR F 231 -58.95 -3.43 -58.72
N ALA F 232 -58.26 -3.39 -59.87
CA ALA F 232 -56.89 -2.89 -59.90
C ALA F 232 -56.89 -1.37 -59.80
N ILE F 233 -56.09 -0.85 -58.88
CA ILE F 233 -55.95 0.59 -58.65
C ILE F 233 -54.60 1.07 -59.17
N SER F 234 -54.61 2.18 -59.90
CA SER F 234 -53.40 2.70 -60.53
C SER F 234 -53.56 4.19 -60.82
N ARG F 235 -52.50 4.96 -60.57
CA ARG F 235 -52.40 6.36 -60.97
C ARG F 235 -52.18 6.54 -62.46
N ARG F 236 -51.99 5.45 -63.23
CA ARG F 236 -51.90 5.51 -64.68
C ARG F 236 -53.04 4.76 -65.36
N LYS F 237 -54.27 4.91 -64.87
CA LYS F 237 -55.40 4.14 -65.42
C LYS F 237 -55.45 4.15 -66.95
N ALA F 238 -55.42 5.34 -67.57
CA ALA F 238 -55.56 5.43 -69.04
C ALA F 238 -54.56 4.52 -69.75
N LYS F 239 -53.29 4.60 -69.34
CA LYS F 239 -52.21 3.90 -70.01
C LYS F 239 -52.24 2.39 -69.78
N VAL F 240 -52.76 1.92 -68.63
CA VAL F 240 -52.54 0.54 -68.17
C VAL F 240 -53.80 -0.30 -68.14
N GLU F 241 -54.96 0.26 -68.49
CA GLU F 241 -56.23 -0.44 -68.31
C GLU F 241 -56.29 -1.79 -69.03
N SER F 242 -55.90 -1.85 -70.31
CA SER F 242 -56.11 -3.11 -71.05
C SER F 242 -55.18 -4.22 -70.57
N ILE F 243 -53.97 -3.86 -70.10
CA ILE F 243 -53.02 -4.84 -69.55
C ILE F 243 -53.55 -5.38 -68.22
N LEU F 244 -54.01 -4.50 -67.34
CA LEU F 244 -54.55 -4.97 -66.08
C LEU F 244 -55.81 -5.79 -66.28
N LYS F 245 -56.58 -5.54 -67.34
CA LYS F 245 -57.67 -6.45 -67.65
C LYS F 245 -57.15 -7.77 -68.20
N SER F 246 -56.11 -7.74 -69.04
CA SER F 246 -55.57 -9.00 -69.52
C SER F 246 -55.08 -9.85 -68.35
N ALA F 247 -54.65 -9.21 -67.28
CA ALA F 247 -54.22 -9.91 -66.08
C ALA F 247 -55.37 -10.43 -65.23
N GLY F 248 -56.62 -10.12 -65.59
CA GLY F 248 -57.76 -10.61 -64.84
C GLY F 248 -58.49 -9.60 -63.98
N ALA F 249 -58.16 -8.31 -64.06
CA ALA F 249 -58.90 -7.32 -63.27
C ALA F 249 -60.29 -7.15 -63.85
N ASP F 250 -61.30 -7.12 -62.97
CA ASP F 250 -62.65 -6.82 -63.42
C ASP F 250 -62.81 -5.34 -63.74
N ALA F 251 -62.16 -4.49 -62.96
CA ALA F 251 -62.21 -3.04 -63.13
C ALA F 251 -60.84 -2.47 -62.77
N VAL F 252 -60.59 -1.29 -63.32
CA VAL F 252 -59.34 -0.60 -63.15
C VAL F 252 -59.71 0.82 -62.73
N LEU F 253 -59.29 1.24 -61.55
CA LEU F 253 -59.72 2.50 -60.98
C LEU F 253 -58.52 3.40 -60.65
N THR F 254 -58.73 4.70 -60.81
CA THR F 254 -57.86 5.68 -60.19
C THR F 254 -58.11 5.65 -58.68
N PRO F 255 -57.20 6.21 -57.91
CA PRO F 255 -57.45 6.34 -56.47
C PRO F 255 -58.81 6.95 -56.11
N ASP F 256 -59.18 8.10 -56.70
CA ASP F 256 -60.48 8.71 -56.39
C ASP F 256 -61.62 7.76 -56.68
N GLU F 257 -61.60 7.14 -57.87
CA GLU F 257 -62.67 6.19 -58.24
C GLU F 257 -62.76 5.03 -57.26
N ALA F 258 -61.63 4.67 -56.63
CA ALA F 258 -61.61 3.60 -55.64
C ALA F 258 -62.35 3.99 -54.37
N LYS F 259 -62.25 5.26 -53.97
CA LYS F 259 -63.08 5.74 -52.86
C LYS F 259 -64.56 5.52 -53.13
N SER F 260 -64.99 5.64 -54.39
CA SER F 260 -66.40 5.52 -54.74
C SER F 260 -66.86 4.09 -54.91
N ALA F 261 -65.91 3.16 -55.10
CA ALA F 261 -66.25 1.76 -55.21
C ALA F 261 -66.25 1.04 -53.87
N ALA F 262 -65.77 1.69 -52.82
CA ALA F 262 -65.81 1.12 -51.50
C ALA F 262 -67.26 0.79 -51.11
N PRO F 263 -67.47 -0.18 -50.21
CA PRO F 263 -66.38 -0.82 -49.46
C PRO F 263 -65.80 -2.03 -50.18
N PHE F 264 -64.56 -2.37 -49.80
CA PHE F 264 -63.86 -3.58 -50.25
C PHE F 264 -63.64 -4.50 -49.07
N ASP F 265 -63.71 -5.79 -49.33
CA ASP F 265 -63.42 -6.81 -48.33
C ASP F 265 -61.93 -7.02 -48.10
N VAL F 266 -61.11 -6.82 -49.14
CA VAL F 266 -59.68 -7.07 -49.07
C VAL F 266 -58.98 -5.96 -49.88
N VAL F 267 -57.90 -5.43 -49.33
CA VAL F 267 -57.00 -4.51 -50.02
C VAL F 267 -55.62 -5.14 -49.90
N LEU F 268 -55.12 -5.71 -51.02
CA LEU F 268 -53.72 -6.07 -51.21
C LEU F 268 -52.95 -4.82 -51.60
N ASP F 269 -52.04 -4.37 -50.73
CA ASP F 269 -51.38 -3.08 -50.92
C ASP F 269 -50.01 -3.06 -50.26
N PRO F 270 -48.94 -3.27 -51.02
CA PRO F 270 -47.60 -3.20 -50.44
C PRO F 270 -46.94 -1.86 -50.65
N THR F 271 -47.69 -0.79 -50.90
CA THR F 271 -47.05 0.44 -51.29
C THR F 271 -46.68 1.34 -50.14
N GLY F 272 -47.08 1.00 -48.90
CA GLY F 272 -46.63 1.77 -47.73
C GLY F 272 -47.52 2.98 -47.43
N SER F 273 -46.94 3.96 -46.73
CA SER F 273 -47.73 4.95 -46.01
C SER F 273 -48.50 5.93 -46.90
N ALA F 274 -48.05 6.19 -48.13
CA ALA F 274 -48.74 7.17 -48.96
C ALA F 274 -50.13 6.71 -49.36
N SER F 275 -50.36 5.39 -49.44
CA SER F 275 -51.66 4.82 -49.77
C SER F 275 -52.52 4.45 -48.57
N TRP F 276 -51.98 4.58 -47.35
CA TRP F 276 -52.65 4.04 -46.17
C TRP F 276 -54.04 4.64 -45.93
N ASP F 277 -54.16 5.98 -45.90
CA ASP F 277 -55.48 6.60 -45.73
C ASP F 277 -56.51 6.05 -46.73
N LEU F 278 -56.14 5.97 -48.00
CA LEU F 278 -57.07 5.43 -48.97
C LEU F 278 -57.35 3.96 -48.67
N SER F 279 -56.29 3.17 -48.59
CA SER F 279 -56.42 1.71 -48.47
C SER F 279 -57.20 1.32 -47.23
N PHE F 280 -56.82 1.88 -46.08
CA PHE F 280 -57.52 1.60 -44.81
C PHE F 280 -58.91 2.20 -44.81
N GLY F 281 -59.12 3.30 -45.54
CA GLY F 281 -60.43 3.92 -45.51
C GLY F 281 -61.47 3.29 -46.40
N VAL F 282 -61.09 2.40 -47.33
CA VAL F 282 -62.06 1.77 -48.22
C VAL F 282 -62.49 0.39 -47.72
N LEU F 283 -61.91 -0.10 -46.63
CA LEU F 283 -62.23 -1.40 -46.08
C LEU F 283 -63.61 -1.37 -45.46
N GLY F 284 -64.40 -2.41 -45.75
CA GLY F 284 -65.64 -2.64 -45.06
C GLY F 284 -65.49 -3.49 -43.81
N ARG F 285 -66.63 -3.85 -43.24
CA ARG F 285 -66.65 -4.74 -42.08
C ARG F 285 -65.89 -6.02 -42.38
N GLY F 286 -65.06 -6.46 -41.44
CA GLY F 286 -64.26 -7.64 -41.64
C GLY F 286 -63.21 -7.54 -42.73
N GLY F 287 -62.83 -6.31 -43.10
CA GLY F 287 -61.88 -6.11 -44.18
C GLY F 287 -60.46 -6.47 -43.78
N ARG F 288 -59.75 -7.08 -44.70
CA ARG F 288 -58.32 -7.32 -44.56
C ARG F 288 -57.48 -6.37 -45.45
N TYR F 289 -56.58 -5.63 -44.80
CA TYR F 289 -55.44 -4.98 -45.44
C TYR F 289 -54.24 -5.92 -45.33
N VAL F 290 -53.66 -6.30 -46.48
CA VAL F 290 -52.46 -7.12 -46.49
C VAL F 290 -51.31 -6.35 -47.15
N THR F 291 -50.21 -6.22 -46.42
CA THR F 291 -49.01 -5.53 -46.91
C THR F 291 -47.79 -6.44 -46.82
N ALA F 292 -46.99 -6.46 -47.90
CA ALA F 292 -45.65 -7.04 -47.92
C ALA F 292 -44.55 -6.01 -48.13
N GLY F 293 -44.87 -4.73 -48.23
CA GLY F 293 -43.87 -3.73 -48.51
C GLY F 293 -44.18 -2.39 -47.87
N ALA F 294 -43.22 -1.48 -47.98
CA ALA F 294 -43.29 -0.14 -47.47
C ALA F 294 -42.71 0.83 -48.49
N LEU F 295 -42.98 0.59 -49.78
CA LEU F 295 -42.40 1.40 -50.87
C LEU F 295 -42.34 2.90 -50.60
N THR F 296 -43.46 3.52 -50.23
CA THR F 296 -43.53 4.95 -50.00
C THR F 296 -43.34 5.38 -48.55
N GLY F 297 -42.95 4.49 -47.65
CA GLY F 297 -42.95 4.84 -46.23
C GLY F 297 -43.50 3.72 -45.38
N ALA F 298 -42.89 3.53 -44.22
CA ALA F 298 -43.22 2.44 -43.33
C ALA F 298 -44.20 2.82 -42.23
N GLU F 299 -44.24 4.07 -41.78
CA GLU F 299 -45.02 4.47 -40.61
C GLU F 299 -46.39 4.98 -41.03
N VAL F 300 -47.43 4.50 -40.36
CA VAL F 300 -48.81 4.93 -40.54
C VAL F 300 -49.43 5.19 -39.17
N ARG F 301 -50.36 6.13 -39.11
CA ARG F 301 -51.16 6.37 -37.91
C ARG F 301 -52.41 5.47 -37.94
N LEU F 302 -52.39 4.41 -37.14
CA LEU F 302 -53.47 3.42 -37.13
C LEU F 302 -54.45 3.84 -36.05
N ASP F 303 -55.71 4.00 -36.45
CA ASP F 303 -56.77 4.37 -35.50
C ASP F 303 -57.42 3.10 -34.94
N LEU F 304 -57.20 2.82 -33.66
CA LEU F 304 -57.74 1.59 -33.09
C LEU F 304 -59.26 1.59 -33.09
N ARG F 305 -59.88 2.75 -32.88
CA ARG F 305 -61.35 2.82 -32.88
C ARG F 305 -61.94 2.26 -34.17
N ARG F 306 -61.40 2.65 -35.32
CA ARG F 306 -61.95 2.11 -36.57
C ARG F 306 -61.58 0.63 -36.75
N LEU F 307 -60.40 0.22 -36.30
CA LEU F 307 -60.00 -1.17 -36.45
C LEU F 307 -60.95 -2.10 -35.70
N TYR F 308 -61.23 -1.79 -34.42
CA TYR F 308 -62.16 -2.66 -33.69
C TYR F 308 -63.62 -2.42 -34.10
N GLY F 309 -64.01 -1.18 -34.36
CA GLY F 309 -65.40 -0.92 -34.70
C GLY F 309 -65.85 -1.61 -35.97
N MET F 310 -64.92 -1.75 -36.93
CA MET F 310 -65.17 -2.41 -38.20
C MET F 310 -64.67 -3.84 -38.22
N GLN F 311 -64.02 -4.29 -37.14
CA GLN F 311 -63.40 -5.62 -37.05
C GLN F 311 -62.46 -5.89 -38.21
N ILE F 312 -61.63 -4.90 -38.52
CA ILE F 312 -60.68 -4.99 -39.61
C ILE F 312 -59.50 -5.78 -39.11
N LEU F 313 -58.79 -6.43 -40.02
CA LEU F 313 -57.49 -7.04 -39.74
C LEU F 313 -56.41 -6.38 -40.62
N VAL F 314 -55.31 -5.96 -40.01
CA VAL F 314 -54.16 -5.40 -40.70
C VAL F 314 -53.06 -6.45 -40.66
N ILE F 315 -52.71 -7.02 -41.81
CA ILE F 315 -51.99 -8.29 -41.89
C ILE F 315 -50.69 -8.11 -42.65
N GLY F 316 -49.61 -8.61 -42.07
CA GLY F 316 -48.33 -8.61 -42.70
C GLY F 316 -48.06 -9.93 -43.40
N ALA F 317 -47.36 -9.81 -44.53
CA ALA F 317 -46.99 -10.92 -45.38
C ALA F 317 -45.59 -10.66 -45.92
N THR F 318 -44.76 -11.70 -45.99
CA THR F 318 -43.43 -11.56 -46.53
C THR F 318 -43.03 -12.86 -47.20
N GLY F 319 -42.22 -12.71 -48.25
CA GLY F 319 -41.76 -13.84 -49.06
C GLY F 319 -42.91 -14.76 -49.42
N GLY F 320 -42.68 -16.07 -49.30
CA GLY F 320 -43.72 -17.07 -49.38
C GLY F 320 -43.19 -18.39 -48.88
N ARG F 321 -44.11 -19.32 -48.65
CA ARG F 321 -43.73 -20.63 -48.15
C ARG F 321 -43.07 -21.45 -49.25
N ARG F 322 -42.16 -22.37 -48.85
CA ARG F 322 -41.47 -23.20 -49.85
C ARG F 322 -42.44 -24.06 -50.64
N ALA F 323 -43.45 -24.62 -49.99
CA ALA F 323 -44.43 -25.41 -50.71
C ALA F 323 -45.26 -24.54 -51.66
N ASP F 324 -45.56 -23.28 -51.31
CA ASP F 324 -46.37 -22.48 -52.20
C ASP F 324 -45.59 -22.06 -53.45
N PHE F 325 -44.27 -21.92 -53.35
CA PHE F 325 -43.48 -21.62 -54.54
C PHE F 325 -43.62 -22.70 -55.58
N ASN F 326 -43.65 -23.96 -55.14
CA ASN F 326 -43.91 -25.06 -56.07
C ASN F 326 -45.24 -24.87 -56.77
N THR F 327 -46.30 -24.61 -55.99
CA THR F 327 -47.61 -24.29 -56.55
C THR F 327 -47.53 -23.13 -57.55
N VAL F 328 -46.85 -22.04 -57.18
CA VAL F 328 -46.75 -20.92 -58.10
C VAL F 328 -46.08 -21.37 -59.40
N VAL F 329 -45.02 -22.18 -59.30
CA VAL F 329 -44.33 -22.63 -60.50
C VAL F 329 -45.28 -23.47 -61.36
N ARG F 330 -46.02 -24.41 -60.74
CA ARG F 330 -47.01 -25.21 -61.46
C ARG F 330 -48.08 -24.34 -62.12
N LEU F 331 -48.53 -23.30 -61.43
CA LEU F 331 -49.53 -22.43 -62.05
C LEU F 331 -49.01 -21.71 -63.29
N LEU F 332 -47.72 -21.32 -63.30
CA LEU F 332 -47.18 -20.73 -64.51
C LEU F 332 -47.10 -21.75 -65.64
N GLU F 333 -46.58 -22.95 -65.35
CA GLU F 333 -46.43 -23.99 -66.37
C GLU F 333 -47.76 -24.38 -67.00
N ALA F 334 -48.85 -24.30 -66.26
CA ALA F 334 -50.16 -24.69 -66.74
C ALA F 334 -50.92 -23.53 -67.35
N GLY F 335 -50.35 -22.34 -67.35
CA GLY F 335 -50.99 -21.22 -67.97
C GLY F 335 -52.03 -20.53 -67.13
N ARG F 336 -52.20 -20.92 -65.87
CA ARG F 336 -53.19 -20.27 -65.02
C ARG F 336 -52.78 -18.86 -64.59
N ILE F 337 -51.50 -18.52 -64.71
CA ILE F 337 -51.01 -17.15 -64.49
C ILE F 337 -50.04 -16.85 -65.61
N LYS F 338 -49.87 -15.55 -65.89
CA LYS F 338 -49.06 -15.05 -67.00
C LYS F 338 -48.00 -14.08 -66.48
N ALA F 339 -46.79 -14.20 -67.03
CA ALA F 339 -45.75 -13.22 -66.79
C ALA F 339 -45.96 -12.01 -67.70
N PHE F 340 -45.86 -10.82 -67.14
CA PHE F 340 -45.96 -9.57 -67.87
C PHE F 340 -44.57 -8.96 -67.92
N LEU F 341 -43.98 -8.94 -69.13
CA LEU F 341 -42.59 -8.56 -69.35
C LEU F 341 -42.50 -7.18 -69.99
N HIS F 342 -41.51 -6.39 -69.59
CA HIS F 342 -41.34 -5.05 -70.11
C HIS F 342 -40.14 -4.93 -71.05
N ASN F 343 -38.98 -5.40 -70.60
CA ASN F 343 -37.70 -5.21 -71.26
C ASN F 343 -36.74 -6.25 -70.73
N VAL F 344 -35.85 -6.70 -71.61
CA VAL F 344 -34.69 -7.52 -71.24
C VAL F 344 -33.42 -6.75 -71.58
N TYR F 345 -32.53 -6.64 -70.64
CA TYR F 345 -31.28 -5.95 -70.79
C TYR F 345 -30.13 -6.95 -70.67
N PRO F 346 -29.04 -6.78 -71.40
CA PRO F 346 -27.85 -7.58 -71.14
C PRO F 346 -27.18 -7.11 -69.87
N LEU F 347 -26.30 -7.97 -69.35
CA LEU F 347 -25.68 -7.75 -68.05
C LEU F 347 -24.84 -6.48 -68.02
N ALA F 348 -24.28 -6.08 -69.18
CA ALA F 348 -23.53 -4.82 -69.27
C ALA F 348 -24.39 -3.63 -68.88
N ASP F 349 -25.70 -3.71 -69.08
CA ASP F 349 -26.57 -2.55 -68.89
C ASP F 349 -27.26 -2.55 -67.54
N VAL F 350 -26.69 -3.26 -66.56
CA VAL F 350 -27.39 -3.45 -65.30
C VAL F 350 -27.75 -2.12 -64.64
N ARG F 351 -26.92 -1.08 -64.80
CA ARG F 351 -27.27 0.25 -64.28
C ARG F 351 -28.55 0.75 -64.93
N LYS F 352 -28.61 0.72 -66.26
CA LYS F 352 -29.82 1.13 -66.97
C LYS F 352 -31.03 0.27 -66.55
N ALA F 353 -30.82 -1.04 -66.36
CA ALA F 353 -31.92 -1.93 -65.99
C ALA F 353 -32.54 -1.54 -64.64
N LEU F 354 -31.69 -1.22 -63.65
CA LEU F 354 -32.18 -0.88 -62.33
C LEU F 354 -32.80 0.51 -62.27
N GLU F 355 -32.35 1.41 -63.13
CA GLU F 355 -32.98 2.72 -63.24
C GLU F 355 -34.36 2.63 -63.90
N GLU F 356 -34.57 1.66 -64.79
CA GLU F 356 -35.89 1.48 -65.39
C GLU F 356 -36.96 1.15 -64.35
N LEU F 357 -36.58 0.76 -63.13
CA LEU F 357 -37.60 0.51 -62.11
C LEU F 357 -38.44 1.74 -61.86
N ARG F 358 -37.84 2.92 -62.02
CA ARG F 358 -38.49 4.18 -61.71
C ARG F 358 -39.33 4.73 -62.86
N SER F 359 -39.21 4.18 -64.05
CA SER F 359 -39.80 4.78 -65.25
C SER F 359 -41.33 4.77 -65.17
N PRO F 360 -41.99 5.90 -65.44
CA PRO F 360 -43.45 5.90 -65.46
C PRO F 360 -44.06 5.26 -66.70
N GLU F 361 -43.25 4.78 -67.63
CA GLU F 361 -43.77 4.00 -68.75
C GLU F 361 -43.70 2.50 -68.50
N ARG F 362 -42.90 2.04 -67.55
CA ARG F 362 -42.77 0.61 -67.29
C ARG F 362 -44.09 0.05 -66.79
N VAL F 363 -44.59 -0.97 -67.47
CA VAL F 363 -45.60 -1.87 -66.92
C VAL F 363 -45.10 -3.25 -67.22
N GLY F 364 -44.64 -3.96 -66.20
CA GLY F 364 -44.11 -5.30 -66.36
C GLY F 364 -42.70 -5.41 -65.86
N LYS F 365 -42.11 -6.58 -66.11
CA LYS F 365 -40.91 -7.02 -65.43
C LYS F 365 -39.70 -6.64 -66.24
N VAL F 366 -38.72 -6.02 -65.59
CA VAL F 366 -37.41 -5.79 -66.18
C VAL F 366 -36.55 -7.00 -65.87
N LEU F 367 -36.03 -7.63 -66.91
CA LEU F 367 -35.13 -8.76 -66.80
C LEU F 367 -33.69 -8.41 -67.19
N ILE F 368 -32.77 -9.12 -66.57
CA ILE F 368 -31.37 -9.12 -66.97
C ILE F 368 -31.04 -10.50 -67.50
N ALA F 369 -30.31 -10.54 -68.61
CA ALA F 369 -29.88 -11.79 -69.24
C ALA F 369 -28.37 -11.80 -69.27
N PRO F 370 -27.71 -12.52 -68.37
CA PRO F 370 -26.24 -12.57 -68.41
C PRO F 370 -25.67 -13.32 -69.61
N HIS G 38 26.09 -38.53 -26.11
CA HIS G 38 26.01 -39.96 -25.65
C HIS G 38 24.88 -40.25 -24.64
N GLU G 39 24.48 -41.53 -24.65
CA GLU G 39 23.59 -42.16 -23.68
C GLU G 39 24.38 -43.29 -23.01
N MET G 40 23.91 -43.73 -21.84
CA MET G 40 24.57 -44.80 -21.12
C MET G 40 23.50 -45.63 -20.45
N ARG G 41 23.89 -46.80 -19.96
CA ARG G 41 23.03 -47.64 -19.17
C ARG G 41 23.16 -47.33 -17.67
N ALA G 42 22.06 -47.49 -16.93
CA ALA G 42 22.05 -47.14 -15.52
C ALA G 42 20.84 -47.78 -14.87
N ALA G 43 20.97 -47.99 -13.57
CA ALA G 43 19.89 -48.48 -12.74
C ALA G 43 19.28 -47.28 -12.04
N ALA G 44 18.00 -47.00 -12.35
CA ALA G 44 17.30 -45.82 -11.89
C ALA G 44 15.93 -46.19 -11.34
N PHE G 45 15.42 -45.34 -10.46
CA PHE G 45 14.07 -45.51 -9.95
C PHE G 45 13.41 -44.16 -9.91
N SER G 46 12.22 -44.11 -10.51
CA SER G 46 11.43 -42.89 -10.55
C SER G 46 10.63 -42.69 -9.28
N THR G 47 10.59 -43.70 -8.42
CA THR G 47 9.95 -43.56 -7.13
C THR G 47 10.42 -44.72 -6.29
N PRO G 48 10.50 -44.56 -4.97
CA PRO G 48 11.18 -45.57 -4.14
C PRO G 48 10.50 -46.91 -4.21
N GLY G 49 11.18 -47.92 -3.67
CA GLY G 49 10.75 -49.30 -3.72
C GLY G 49 11.64 -50.15 -4.61
N LEU G 50 12.16 -51.25 -4.07
CA LEU G 50 13.04 -52.12 -4.83
C LEU G 50 12.45 -52.49 -6.21
N GLU G 51 11.13 -52.62 -6.30
CA GLU G 51 10.45 -53.07 -7.51
C GLU G 51 10.45 -52.02 -8.61
N ASN G 52 10.76 -50.77 -8.28
CA ASN G 52 10.80 -49.72 -9.27
C ASN G 52 12.22 -49.43 -9.76
N LEU G 53 13.23 -50.17 -9.27
CA LEU G 53 14.61 -50.03 -9.73
C LEU G 53 14.77 -50.85 -11.01
N LYS G 54 15.04 -50.16 -12.12
CA LYS G 54 15.05 -50.76 -13.43
C LYS G 54 16.25 -50.28 -14.23
N LEU G 55 16.62 -51.08 -15.20
CA LEU G 55 17.68 -50.76 -16.15
C LEU G 55 17.12 -49.86 -17.22
N VAL G 56 17.69 -48.67 -17.37
CA VAL G 56 17.22 -47.67 -18.30
C VAL G 56 18.43 -47.20 -19.10
N GLU G 57 18.14 -46.52 -20.21
CA GLU G 57 19.13 -45.73 -20.89
C GLU G 57 18.92 -44.29 -20.47
N ALA G 58 20.00 -43.62 -20.07
CA ALA G 58 19.99 -42.25 -19.56
C ALA G 58 21.03 -41.44 -20.31
N GLU G 59 20.95 -40.13 -20.13
CA GLU G 59 21.94 -39.23 -20.70
C GLU G 59 23.24 -39.35 -19.92
N THR G 60 24.36 -39.46 -20.64
CA THR G 60 25.64 -39.50 -20.00
C THR G 60 25.94 -38.10 -19.45
N PRO G 61 26.13 -37.93 -18.16
CA PRO G 61 26.42 -36.60 -17.64
C PRO G 61 27.78 -36.13 -18.13
N ARG G 62 27.94 -34.82 -18.08
CA ARG G 62 29.15 -34.14 -18.48
C ARG G 62 29.68 -33.32 -17.31
N PRO G 63 31.00 -33.35 -17.06
CA PRO G 63 31.55 -32.66 -15.90
C PRO G 63 31.75 -31.17 -16.13
N GLY G 64 31.39 -30.38 -15.10
CA GLY G 64 31.66 -28.96 -15.09
C GLY G 64 32.99 -28.65 -14.42
N PRO G 65 33.26 -27.37 -14.20
CA PRO G 65 34.45 -26.97 -13.43
C PRO G 65 34.58 -27.75 -12.13
N GLY G 66 35.79 -28.23 -11.86
CA GLY G 66 36.05 -28.92 -10.62
C GLY G 66 35.50 -30.33 -10.55
N GLU G 67 34.90 -30.82 -11.64
CA GLU G 67 34.29 -32.15 -11.70
C GLU G 67 35.06 -33.07 -12.66
N VAL G 68 34.89 -34.37 -12.44
CA VAL G 68 35.40 -35.38 -13.35
C VAL G 68 34.30 -36.40 -13.61
N LEU G 69 34.31 -36.92 -14.83
CA LEU G 69 33.43 -37.97 -15.26
C LEU G 69 34.19 -39.29 -15.20
N ILE G 70 33.57 -40.31 -14.61
CA ILE G 70 34.23 -41.59 -14.38
C ILE G 70 33.43 -42.70 -15.03
N ARG G 71 34.08 -43.47 -15.86
CA ARG G 71 33.55 -44.75 -16.26
C ARG G 71 33.62 -45.67 -15.04
N VAL G 72 32.47 -46.11 -14.54
CA VAL G 72 32.43 -46.87 -13.30
C VAL G 72 32.78 -48.31 -13.59
N LYS G 73 33.70 -48.88 -12.81
CA LYS G 73 34.05 -50.29 -12.95
C LYS G 73 33.45 -51.19 -11.87
N TYR G 74 33.47 -50.76 -10.60
CA TYR G 74 32.92 -51.54 -9.50
C TYR G 74 32.29 -50.63 -8.47
N ALA G 75 31.12 -51.04 -8.03
CA ALA G 75 30.36 -50.29 -7.05
C ALA G 75 29.90 -51.27 -6.00
N GLY G 76 30.13 -50.94 -4.74
CA GLY G 76 29.72 -51.80 -3.66
C GLY G 76 28.21 -51.78 -3.48
N VAL G 77 27.72 -52.81 -2.79
CA VAL G 77 26.32 -52.94 -2.46
C VAL G 77 26.23 -52.93 -0.94
N ASN G 78 25.47 -51.98 -0.41
CA ASN G 78 25.49 -51.70 1.01
C ASN G 78 24.06 -51.45 1.51
N PRO G 79 23.81 -51.72 2.79
CA PRO G 79 22.52 -51.32 3.36
C PRO G 79 22.15 -49.90 3.00
N LEU G 80 23.10 -48.97 3.07
CA LEU G 80 22.79 -47.61 2.63
C LEU G 80 22.20 -47.60 1.23
N ASP G 81 22.75 -48.42 0.32
CA ASP G 81 22.25 -48.42 -1.05
C ASP G 81 20.83 -48.99 -1.12
N TYR G 82 20.58 -50.07 -0.36
CA TYR G 82 19.25 -50.66 -0.30
C TYR G 82 18.25 -49.67 0.29
N ASN G 83 18.61 -49.01 1.41
CA ASN G 83 17.66 -48.09 2.03
C ASN G 83 17.42 -46.85 1.18
N VAL G 84 18.32 -46.51 0.25
CA VAL G 84 18.08 -45.40 -0.66
C VAL G 84 17.06 -45.82 -1.71
N VAL G 85 17.24 -47.03 -2.25
CA VAL G 85 16.32 -47.54 -3.26
C VAL G 85 14.93 -47.73 -2.68
N ALA G 86 14.84 -48.21 -1.43
CA ALA G 86 13.56 -48.53 -0.81
C ALA G 86 12.81 -47.30 -0.31
N GLY G 87 13.49 -46.15 -0.18
CA GLY G 87 12.86 -44.92 0.18
C GLY G 87 12.98 -44.54 1.64
N ALA G 88 13.82 -45.24 2.40
CA ALA G 88 14.08 -44.84 3.77
C ALA G 88 14.93 -43.57 3.83
N VAL G 89 15.62 -43.25 2.74
CA VAL G 89 16.47 -42.05 2.61
C VAL G 89 16.01 -41.35 1.34
N LYS G 90 15.64 -40.07 1.46
CA LYS G 90 15.25 -39.32 0.28
C LYS G 90 16.49 -39.08 -0.57
N ALA G 91 16.29 -39.05 -1.88
CA ALA G 91 17.38 -38.92 -2.83
C ALA G 91 17.01 -37.89 -3.88
N SER G 92 18.00 -37.16 -4.37
CA SER G 92 17.83 -36.24 -5.49
C SER G 92 19.00 -36.42 -6.45
N PRO G 93 18.81 -36.19 -7.74
CA PRO G 93 17.48 -35.86 -8.28
C PRO G 93 16.60 -37.12 -8.34
N MET G 94 15.33 -36.92 -8.75
CA MET G 94 14.39 -38.01 -9.03
C MET G 94 13.91 -37.83 -10.47
N PRO G 95 13.92 -38.85 -11.34
CA PRO G 95 14.36 -40.21 -10.98
C PRO G 95 15.84 -40.27 -10.62
N HIS G 96 16.20 -41.32 -9.88
CA HIS G 96 17.48 -41.35 -9.21
C HIS G 96 18.27 -42.59 -9.58
N ILE G 97 19.56 -42.38 -9.82
CA ILE G 97 20.54 -43.46 -9.93
C ILE G 97 21.21 -43.59 -8.57
N PRO G 98 21.05 -44.72 -7.87
CA PRO G 98 21.74 -44.91 -6.59
C PRO G 98 23.17 -45.39 -6.82
N GLY G 99 23.90 -45.63 -5.72
CA GLY G 99 25.26 -46.14 -5.74
C GLY G 99 26.29 -45.18 -5.19
N SER G 100 26.64 -45.35 -3.91
CA SER G 100 27.46 -44.40 -3.18
C SER G 100 28.86 -44.92 -2.89
N GLU G 101 29.23 -46.12 -3.32
CA GLU G 101 30.57 -46.66 -3.09
C GLU G 101 31.11 -47.19 -4.43
N PHE G 102 31.95 -46.42 -5.10
CA PHE G 102 32.38 -46.85 -6.44
C PHE G 102 33.81 -46.39 -6.77
N ALA G 103 34.36 -47.10 -7.75
CA ALA G 103 35.69 -46.90 -8.29
C ALA G 103 35.63 -47.10 -9.80
N GLY G 104 36.53 -46.44 -10.51
CA GLY G 104 36.55 -46.53 -11.96
C GLY G 104 37.73 -45.83 -12.60
N VAL G 105 37.53 -45.44 -13.85
CA VAL G 105 38.56 -44.84 -14.69
C VAL G 105 38.06 -43.46 -15.08
N VAL G 106 38.87 -42.44 -14.84
CA VAL G 106 38.51 -41.09 -15.27
C VAL G 106 38.34 -41.11 -16.78
N GLU G 107 37.22 -40.56 -17.25
CA GLU G 107 36.92 -40.47 -18.67
C GLU G 107 37.15 -39.09 -19.24
N GLU G 108 36.95 -38.05 -18.44
CA GLU G 108 36.97 -36.67 -18.90
C GLU G 108 37.13 -35.77 -17.68
N ALA G 109 38.08 -34.84 -17.74
CA ALA G 109 38.27 -33.87 -16.68
C ALA G 109 37.55 -32.60 -17.07
N GLY G 110 36.81 -32.02 -16.15
CA GLY G 110 36.07 -30.83 -16.44
C GLY G 110 36.98 -29.62 -16.49
N PRO G 111 36.39 -28.49 -16.89
CA PRO G 111 37.16 -27.24 -17.02
C PRO G 111 38.03 -26.94 -15.80
N GLY G 112 39.32 -26.74 -16.08
CA GLY G 112 40.28 -26.28 -15.10
C GLY G 112 40.60 -27.29 -14.04
N VAL G 113 40.33 -28.56 -14.30
CA VAL G 113 40.74 -29.62 -13.40
C VAL G 113 42.11 -30.10 -13.87
N THR G 114 43.08 -30.01 -12.97
CA THR G 114 44.39 -30.63 -13.15
C THR G 114 44.63 -31.55 -11.95
N GLY G 115 45.67 -32.37 -12.07
CA GLY G 115 45.97 -33.37 -11.08
C GLY G 115 45.35 -34.71 -11.40
N VAL G 116 44.76 -34.85 -12.58
CA VAL G 116 43.96 -36.02 -12.93
C VAL G 116 43.76 -35.99 -14.44
N SER G 117 43.82 -37.16 -15.06
CA SER G 117 43.72 -37.27 -16.52
C SER G 117 42.95 -38.52 -16.92
N ARG G 118 42.39 -38.43 -18.13
CA ARG G 118 41.67 -39.53 -18.74
C ARG G 118 42.51 -40.78 -18.63
N GLY G 119 41.91 -41.82 -18.08
CA GLY G 119 42.57 -43.09 -17.91
C GLY G 119 43.06 -43.37 -16.52
N ASP G 120 43.03 -42.38 -15.63
CA ASP G 120 43.53 -42.59 -14.26
C ASP G 120 42.55 -43.45 -13.47
N PRO G 121 42.97 -44.57 -12.89
CA PRO G 121 42.07 -45.31 -11.99
C PRO G 121 41.88 -44.58 -10.66
N VAL G 122 40.62 -44.36 -10.28
CA VAL G 122 40.27 -43.62 -9.08
C VAL G 122 39.23 -44.37 -8.25
N VAL G 123 39.18 -44.00 -6.97
CA VAL G 123 38.13 -44.48 -6.05
C VAL G 123 37.64 -43.25 -5.31
N VAL G 124 36.34 -43.21 -5.01
CA VAL G 124 35.62 -41.95 -4.79
C VAL G 124 35.26 -41.78 -3.30
N TYR G 125 35.68 -40.67 -2.73
CA TYR G 125 35.24 -40.30 -1.39
C TYR G 125 33.82 -39.80 -1.50
N ASN G 126 32.90 -40.39 -0.70
CA ASN G 126 31.48 -40.22 -0.98
C ASN G 126 30.83 -39.03 -0.30
N ARG G 127 31.54 -38.27 0.55
CA ARG G 127 30.95 -37.09 1.17
C ARG G 127 31.27 -35.84 0.39
N LEU G 128 30.25 -35.08 0.06
CA LEU G 128 30.48 -33.77 -0.50
C LEU G 128 30.88 -32.85 0.62
N TYR G 129 31.89 -32.02 0.39
CA TYR G 129 32.35 -31.12 1.44
C TYR G 129 32.76 -29.78 0.85
N CYS G 130 32.70 -28.74 1.70
CA CYS G 130 32.91 -27.37 1.27
C CYS G 130 34.35 -26.88 1.41
N GLY G 131 35.15 -27.42 2.33
CA GLY G 131 36.50 -26.92 2.56
C GLY G 131 36.66 -25.62 3.36
N HIS G 132 35.55 -24.97 3.79
CA HIS G 132 35.62 -23.64 4.41
CA HIS G 132 35.62 -23.65 4.42
C HIS G 132 34.91 -23.53 5.77
N CYS G 133 34.06 -24.47 6.15
CA CYS G 133 33.40 -24.39 7.44
C CYS G 133 34.28 -25.01 8.54
N ARG G 134 33.81 -24.86 9.78
CA ARG G 134 34.52 -25.35 10.96
C ARG G 134 34.83 -26.86 10.88
N GLN G 135 33.90 -27.66 10.35
CA GLN G 135 34.11 -29.10 10.31
C GLN G 135 35.15 -29.48 9.27
N CYS G 136 35.01 -28.95 8.05
CA CYS G 136 36.02 -29.14 7.02
C CYS G 136 37.37 -28.65 7.49
N LEU G 137 37.46 -27.42 7.97
CA LEU G 137 38.75 -26.86 8.37
C LEU G 137 39.37 -27.58 9.55
N THR G 138 38.62 -28.38 10.31
CA THR G 138 39.23 -29.20 11.34
C THR G 138 39.43 -30.63 10.87
N GLY G 139 39.05 -30.93 9.62
CA GLY G 139 39.31 -32.23 9.07
C GLY G 139 38.13 -33.17 9.12
N TRP G 140 37.09 -32.82 9.87
CA TRP G 140 35.82 -33.57 9.90
C TRP G 140 34.93 -33.17 8.73
N THR G 141 35.44 -33.46 7.52
CA THR G 141 34.74 -33.17 6.27
C THR G 141 33.40 -33.90 6.14
N GLN G 142 33.24 -35.06 6.76
CA GLN G 142 31.93 -35.72 6.67
C GLN G 142 30.84 -34.98 7.45
N MET G 143 31.24 -34.04 8.32
CA MET G 143 30.31 -33.27 9.12
C MET G 143 30.05 -31.88 8.55
N CYS G 144 30.50 -31.62 7.32
CA CYS G 144 30.40 -30.32 6.67
C CYS G 144 29.04 -29.64 6.92
N GLU G 145 29.11 -28.46 7.53
CA GLU G 145 27.88 -27.73 7.83
C GLU G 145 27.18 -27.21 6.60
N VAL G 146 27.87 -27.07 5.47
CA VAL G 146 27.27 -26.41 4.31
C VAL G 146 26.50 -27.38 3.42
N THR G 147 27.06 -28.57 3.22
CA THR G 147 26.45 -29.58 2.39
C THR G 147 25.56 -30.49 3.18
N GLY G 148 25.63 -30.41 4.51
CA GLY G 148 24.85 -31.28 5.36
C GLY G 148 25.41 -32.67 5.47
N GLY G 149 26.68 -32.87 5.15
CA GLY G 149 27.16 -34.24 5.00
C GLY G 149 26.54 -35.01 3.84
N GLY G 150 26.11 -34.31 2.79
CA GLY G 150 25.43 -34.97 1.69
C GLY G 150 26.35 -36.00 1.06
N ILE G 151 25.76 -37.14 0.67
CA ILE G 151 26.51 -38.30 0.17
C ILE G 151 26.32 -38.42 -1.34
N ILE G 152 27.42 -38.69 -2.05
CA ILE G 152 27.34 -38.96 -3.47
C ILE G 152 26.53 -40.24 -3.69
N GLY G 153 25.71 -40.23 -4.71
CA GLY G 153 24.76 -41.33 -4.89
C GLY G 153 23.51 -41.21 -4.05
N ILE G 154 23.37 -40.17 -3.23
CA ILE G 154 22.14 -39.87 -2.52
C ILE G 154 21.60 -38.50 -2.90
N VAL G 155 22.45 -37.48 -2.82
CA VAL G 155 22.10 -36.14 -3.27
C VAL G 155 22.70 -35.84 -4.65
N THR G 156 23.23 -36.86 -5.31
CA THR G 156 23.71 -36.78 -6.67
C THR G 156 23.47 -38.15 -7.28
N GLN G 157 23.52 -38.19 -8.61
CA GLN G 157 23.43 -39.43 -9.34
C GLN G 157 24.70 -40.24 -9.10
N GLY G 158 24.50 -41.50 -8.72
CA GLY G 158 25.55 -42.33 -8.19
C GLY G 158 26.10 -43.30 -9.20
N GLY G 159 26.73 -44.34 -8.68
CA GLY G 159 27.57 -45.21 -9.46
C GLY G 159 26.96 -46.47 -10.01
N TYR G 160 25.65 -46.70 -9.80
CA TYR G 160 24.98 -47.86 -10.42
C TYR G 160 24.63 -47.52 -11.87
N ALA G 161 25.68 -47.32 -12.66
CA ALA G 161 25.57 -46.75 -14.00
C ALA G 161 26.95 -46.77 -14.65
N GLU G 162 26.99 -46.58 -15.97
CA GLU G 162 28.27 -46.70 -16.66
C GLU G 162 29.15 -45.49 -16.45
N TYR G 163 28.57 -44.36 -16.11
CA TYR G 163 29.32 -43.15 -15.90
C TYR G 163 28.68 -42.38 -14.77
N ALA G 164 29.51 -41.61 -14.05
CA ALA G 164 29.04 -40.74 -12.99
C ALA G 164 30.00 -39.56 -12.90
N VAL G 165 29.48 -38.43 -12.46
CA VAL G 165 30.27 -37.22 -12.29
C VAL G 165 30.44 -37.02 -10.80
N VAL G 166 31.65 -36.71 -10.38
CA VAL G 166 31.93 -36.35 -8.98
C VAL G 166 32.82 -35.12 -8.97
N PRO G 167 32.90 -34.42 -7.84
CA PRO G 167 33.93 -33.39 -7.69
C PRO G 167 35.33 -33.97 -7.78
N ALA G 168 36.22 -33.31 -8.54
CA ALA G 168 37.58 -33.84 -8.74
C ALA G 168 38.31 -34.06 -7.42
N LYS G 169 38.02 -33.22 -6.42
CA LYS G 169 38.69 -33.36 -5.13
C LYS G 169 38.23 -34.59 -4.36
N ASN G 170 37.15 -35.23 -4.80
CA ASN G 170 36.66 -36.46 -4.22
C ASN G 170 37.28 -37.71 -4.85
N ALA G 171 37.91 -37.58 -6.00
CA ALA G 171 38.48 -38.73 -6.69
C ALA G 171 39.92 -38.91 -6.24
N VAL G 172 40.23 -40.08 -5.72
CA VAL G 172 41.54 -40.42 -5.21
C VAL G 172 42.16 -41.43 -6.17
N ALA G 173 43.30 -41.05 -6.78
CA ALA G 173 44.09 -41.98 -7.57
C ALA G 173 44.49 -43.17 -6.72
N THR G 174 44.44 -44.35 -7.32
CA THR G 174 44.88 -45.57 -6.66
C THR G 174 45.42 -46.53 -7.69
N ARG G 175 46.46 -47.29 -7.29
CA ARG G 175 46.95 -48.41 -8.06
C ARG G 175 46.34 -49.74 -7.61
N ALA G 176 45.45 -49.73 -6.63
CA ALA G 176 44.80 -50.96 -6.21
C ALA G 176 43.89 -51.51 -7.30
N ASP G 177 43.64 -52.82 -7.20
CA ASP G 177 42.62 -53.46 -8.01
C ASP G 177 41.29 -52.80 -7.71
N LEU G 178 40.59 -52.39 -8.76
CA LEU G 178 39.39 -51.59 -8.57
C LEU G 178 38.27 -52.36 -7.84
N LYS G 179 38.21 -53.70 -7.95
CA LYS G 179 37.20 -54.42 -7.18
C LYS G 179 37.46 -54.26 -5.70
N GLU G 180 38.74 -54.27 -5.33
CA GLU G 180 39.08 -54.11 -3.93
C GLU G 180 38.86 -52.67 -3.50
N ALA G 181 39.15 -51.75 -4.40
CA ALA G 181 39.06 -50.35 -4.05
C ALA G 181 37.61 -49.96 -3.77
N ALA G 182 36.67 -50.57 -4.52
CA ALA G 182 35.26 -50.29 -4.38
C ALA G 182 34.69 -50.78 -3.05
N THR G 183 35.47 -51.45 -2.20
CA THR G 183 35.08 -51.76 -0.83
C THR G 183 35.53 -50.69 0.18
N LEU G 184 36.20 -49.63 -0.27
CA LEU G 184 36.78 -48.66 0.66
C LEU G 184 35.85 -47.50 1.05
N PRO G 185 35.19 -46.83 0.11
CA PRO G 185 34.50 -45.57 0.48
C PRO G 185 33.45 -45.71 1.56
N ILE G 186 32.77 -46.85 1.66
CA ILE G 186 31.74 -47.07 2.68
C ILE G 186 32.22 -48.06 3.74
N GLY G 187 32.51 -49.30 3.35
CA GLY G 187 32.89 -50.30 4.33
C GLY G 187 34.15 -50.00 5.12
N ALA G 188 35.29 -49.81 4.44
CA ALA G 188 36.54 -49.66 5.17
C ALA G 188 36.65 -48.29 5.83
N LEU G 189 36.29 -47.22 5.13
CA LEU G 189 36.42 -45.89 5.73
C LEU G 189 35.56 -45.76 6.99
N THR G 190 34.28 -46.15 6.92
CA THR G 190 33.43 -46.10 8.10
C THR G 190 34.04 -46.93 9.25
N ALA G 191 34.64 -48.08 8.94
CA ALA G 191 35.24 -48.89 9.98
C ALA G 191 36.45 -48.20 10.57
N TRP G 192 37.27 -47.61 9.73
CA TRP G 192 38.41 -46.88 10.25
C TRP G 192 37.95 -45.74 11.17
N ASN G 193 36.97 -44.95 10.73
CA ASN G 193 36.50 -43.85 11.55
C ASN G 193 35.92 -44.35 12.88
N MET G 194 35.22 -45.49 12.88
CA MET G 194 34.82 -46.12 14.15
C MET G 194 36.04 -46.40 15.05
N ALA G 195 37.05 -47.09 14.52
CA ALA G 195 38.18 -47.48 15.37
C ALA G 195 38.92 -46.26 15.91
N TYR G 196 39.11 -45.26 15.06
CA TYR G 196 39.79 -44.02 15.44
C TYR G 196 39.10 -43.35 16.63
N ARG G 197 37.77 -43.32 16.62
CA ARG G 197 37.04 -42.65 17.67
C ARG G 197 36.88 -43.52 18.90
N ALA G 198 37.28 -44.79 18.82
CA ALA G 198 37.32 -45.68 19.96
C ALA G 198 38.57 -45.49 20.81
N SER G 199 39.53 -44.67 20.36
CA SER G 199 40.78 -44.41 21.09
C SER G 199 41.42 -45.72 21.60
N ILE G 200 41.57 -46.67 20.69
CA ILE G 200 42.15 -47.97 21.03
C ILE G 200 43.62 -47.79 21.38
N SER G 201 44.02 -48.36 22.51
CA SER G 201 45.40 -48.46 22.93
C SER G 201 45.88 -49.90 22.77
N PRO G 202 47.16 -50.10 22.48
CA PRO G 202 47.67 -51.47 22.38
C PRO G 202 47.43 -52.28 23.64
N GLY G 203 47.09 -53.55 23.45
CA GLY G 203 46.73 -54.42 24.53
C GLY G 203 45.27 -54.40 24.85
N GLU G 204 44.51 -53.40 24.43
CA GLU G 204 43.09 -53.32 24.83
C GLU G 204 42.25 -54.38 24.13
N LYS G 205 41.24 -54.86 24.85
CA LYS G 205 40.38 -55.92 24.35
C LYS G 205 39.21 -55.26 23.63
N VAL G 206 39.06 -55.58 22.35
CA VAL G 206 38.10 -54.92 21.46
C VAL G 206 37.14 -55.99 20.93
N ALA G 207 35.86 -55.79 21.08
CA ALA G 207 34.88 -56.66 20.43
C ALA G 207 34.32 -55.98 19.19
N VAL G 208 34.15 -56.76 18.14
CA VAL G 208 33.49 -56.33 16.91
C VAL G 208 32.21 -57.16 16.77
N VAL G 209 31.09 -56.54 17.03
CA VAL G 209 29.78 -57.12 16.73
C VAL G 209 29.50 -56.89 15.25
N GLY G 210 28.95 -57.91 14.60
CA GLY G 210 28.73 -57.87 13.17
C GLY G 210 30.00 -57.93 12.36
N ALA G 211 31.04 -58.54 12.91
CA ALA G 211 32.35 -58.64 12.29
C ALA G 211 32.35 -59.26 10.88
N THR G 212 31.31 -60.04 10.52
CA THR G 212 31.25 -60.58 9.14
C THR G 212 30.76 -59.58 8.09
N GLY G 213 30.19 -58.43 8.50
CA GLY G 213 29.58 -57.50 7.56
C GLY G 213 30.58 -56.61 6.84
N ASN G 214 30.05 -55.71 5.99
CA ASN G 214 30.92 -54.83 5.20
C ASN G 214 31.80 -54.00 6.11
N VAL G 215 31.24 -53.48 7.20
CA VAL G 215 31.99 -52.65 8.13
C VAL G 215 32.80 -53.52 9.08
N GLY G 216 32.19 -54.58 9.59
CA GLY G 216 32.84 -55.32 10.65
C GLY G 216 34.12 -55.97 10.16
N ILE G 217 34.12 -56.40 8.90
CA ILE G 217 35.25 -57.14 8.35
C ILE G 217 36.47 -56.25 8.32
N TYR G 218 36.28 -54.94 8.07
CA TYR G 218 37.37 -53.96 8.17
C TYR G 218 37.63 -53.52 9.60
N ALA G 219 36.61 -53.50 10.46
CA ALA G 219 36.82 -53.07 11.85
C ALA G 219 37.75 -54.01 12.57
N VAL G 220 37.54 -55.32 12.40
CA VAL G 220 38.49 -56.31 12.91
C VAL G 220 39.91 -55.91 12.55
N GLN G 221 40.12 -55.57 11.27
CA GLN G 221 41.47 -55.30 10.76
C GLN G 221 42.03 -54.03 11.38
N PHE G 222 41.30 -52.93 11.33
CA PHE G 222 41.82 -51.72 11.94
C PHE G 222 42.07 -51.90 13.43
N ALA G 223 41.16 -52.57 14.13
CA ALA G 223 41.38 -52.73 15.56
C ALA G 223 42.64 -53.53 15.81
N LYS G 224 42.93 -54.47 14.91
CA LYS G 224 44.17 -55.21 15.02
C LYS G 224 45.34 -54.33 14.66
N LEU G 225 45.13 -53.40 13.74
CA LEU G 225 46.23 -52.53 13.31
C LEU G 225 46.63 -51.56 14.42
N LEU G 226 45.65 -51.08 15.19
CA LEU G 226 45.90 -50.20 16.33
C LEU G 226 46.46 -50.95 17.53
N GLY G 227 46.66 -52.28 17.43
CA GLY G 227 47.31 -53.04 18.49
C GLY G 227 46.37 -53.76 19.42
N GLY G 228 45.11 -53.82 19.10
CA GLY G 228 44.18 -54.42 20.00
C GLY G 228 44.16 -55.92 19.92
N GLU G 229 43.66 -56.50 21.00
CA GLU G 229 43.36 -57.92 21.08
C GLU G 229 41.90 -58.07 20.66
N VAL G 230 41.65 -58.64 19.48
CA VAL G 230 40.39 -58.47 18.78
C VAL G 230 39.55 -59.73 18.86
N TYR G 231 38.34 -59.59 19.40
CA TYR G 231 37.35 -60.66 19.49
C TYR G 231 36.21 -60.35 18.54
N ALA G 232 36.05 -61.17 17.49
CA ALA G 232 34.96 -61.00 16.54
C ALA G 232 33.75 -61.81 16.98
N ILE G 233 32.60 -61.17 16.98
CA ILE G 233 31.36 -61.76 17.45
C ILE G 233 30.48 -61.99 16.24
N SER G 234 29.99 -63.22 16.11
CA SER G 234 29.17 -63.68 15.00
C SER G 234 28.09 -64.59 15.55
N ARG G 235 26.89 -64.45 15.01
CA ARG G 235 25.80 -65.40 15.25
C ARG G 235 26.01 -66.74 14.53
N ARG G 236 26.96 -66.80 13.58
CA ARG G 236 27.24 -67.98 12.78
C ARG G 236 28.71 -68.33 12.89
N LYS G 237 29.21 -68.33 14.14
CA LYS G 237 30.57 -68.72 14.45
C LYS G 237 31.03 -69.93 13.64
N ALA G 238 30.26 -71.01 13.73
CA ALA G 238 30.59 -72.24 13.02
C ALA G 238 31.01 -71.97 11.58
N LYS G 239 30.11 -71.34 10.80
CA LYS G 239 30.38 -71.11 9.39
C LYS G 239 31.59 -70.21 9.12
N VAL G 240 31.85 -69.18 9.94
CA VAL G 240 32.69 -68.06 9.52
C VAL G 240 34.01 -67.97 10.23
N GLU G 241 34.25 -68.79 11.25
CA GLU G 241 35.44 -68.63 12.09
C GLU G 241 36.72 -68.45 11.26
N SER G 242 36.88 -69.24 10.21
CA SER G 242 38.15 -69.24 9.48
C SER G 242 38.36 -67.91 8.75
N ILE G 243 37.30 -67.35 8.17
CA ILE G 243 37.44 -66.10 7.41
C ILE G 243 37.78 -64.93 8.34
N LEU G 244 37.07 -64.84 9.47
CA LEU G 244 37.34 -63.79 10.46
C LEU G 244 38.77 -63.87 10.99
N LYS G 245 39.29 -65.09 11.20
CA LYS G 245 40.65 -65.22 11.72
C LYS G 245 41.69 -64.75 10.72
N SER G 246 41.45 -64.99 9.43
CA SER G 246 42.36 -64.47 8.41
C SER G 246 42.23 -62.96 8.25
N ALA G 247 41.08 -62.40 8.65
CA ALA G 247 40.95 -60.94 8.71
C ALA G 247 41.79 -60.35 9.83
N GLY G 248 42.16 -61.16 10.83
CA GLY G 248 43.00 -60.72 11.94
C GLY G 248 42.44 -61.00 13.32
N ALA G 249 41.19 -61.47 13.45
CA ALA G 249 40.62 -61.74 14.76
C ALA G 249 41.46 -62.75 15.53
N ASP G 250 41.72 -62.44 16.80
CA ASP G 250 42.41 -63.34 17.71
C ASP G 250 41.50 -64.47 18.22
N ALA G 251 40.19 -64.28 18.16
CA ALA G 251 39.21 -65.27 18.55
C ALA G 251 37.91 -64.88 17.88
N VAL G 252 37.04 -65.86 17.69
CA VAL G 252 35.69 -65.61 17.18
C VAL G 252 34.73 -66.14 18.23
N LEU G 253 33.74 -65.34 18.62
CA LEU G 253 32.84 -65.70 19.70
C LEU G 253 31.42 -65.72 19.20
N THR G 254 30.64 -66.66 19.71
CA THR G 254 29.19 -66.54 19.70
C THR G 254 28.77 -65.50 20.73
N PRO G 255 27.54 -64.96 20.61
CA PRO G 255 27.05 -63.97 21.59
C PRO G 255 27.21 -64.37 23.04
N ASP G 256 26.90 -65.61 23.40
CA ASP G 256 27.11 -66.07 24.75
C ASP G 256 28.58 -66.11 25.12
N GLU G 257 29.43 -66.56 24.20
CA GLU G 257 30.86 -66.61 24.50
C GLU G 257 31.41 -65.21 24.76
N ALA G 258 30.78 -64.20 24.14
CA ALA G 258 31.12 -62.81 24.42
C ALA G 258 30.74 -62.43 25.85
N LYS G 259 29.56 -62.83 26.32
CA LYS G 259 29.24 -62.57 27.72
C LYS G 259 30.29 -63.14 28.65
N SER G 260 30.96 -64.23 28.26
CA SER G 260 31.93 -64.88 29.14
C SER G 260 33.31 -64.28 29.04
N ALA G 261 33.62 -63.62 27.93
CA ALA G 261 34.94 -63.02 27.76
C ALA G 261 35.00 -61.61 28.32
N ALA G 262 33.86 -61.05 28.72
CA ALA G 262 33.80 -59.72 29.30
C ALA G 262 34.73 -59.62 30.51
N PRO G 263 35.25 -58.42 30.79
CA PRO G 263 34.83 -57.20 30.10
C PRO G 263 35.73 -56.91 28.89
N PHE G 264 35.25 -55.96 28.08
CA PHE G 264 35.93 -55.45 26.90
C PHE G 264 36.14 -53.96 27.12
N ASP G 265 37.26 -53.46 26.58
CA ASP G 265 37.55 -52.04 26.64
C ASP G 265 36.82 -51.28 25.55
N VAL G 266 36.64 -51.91 24.39
CA VAL G 266 35.97 -51.28 23.26
C VAL G 266 35.01 -52.30 22.67
N VAL G 267 33.83 -51.83 22.30
CA VAL G 267 32.92 -52.61 21.48
C VAL G 267 32.56 -51.77 20.25
N LEU G 268 33.07 -52.18 19.07
CA LEU G 268 32.66 -51.62 17.80
C LEU G 268 31.44 -52.41 17.30
N ASP G 269 30.34 -51.73 17.09
CA ASP G 269 29.06 -52.37 16.84
C ASP G 269 28.13 -51.38 16.12
N PRO G 270 27.87 -51.57 14.80
CA PRO G 270 26.86 -50.73 14.11
C PRO G 270 25.51 -51.40 13.91
N THR G 271 25.21 -52.41 14.72
CA THR G 271 24.12 -53.32 14.40
C THR G 271 22.78 -52.88 14.93
N GLY G 272 22.73 -51.87 15.80
CA GLY G 272 21.46 -51.33 16.31
C GLY G 272 21.02 -51.90 17.65
N SER G 273 19.72 -51.77 17.91
CA SER G 273 19.19 -52.04 19.25
C SER G 273 19.21 -53.51 19.64
N ALA G 274 19.17 -54.43 18.69
CA ALA G 274 19.15 -55.85 19.02
C ALA G 274 20.42 -56.35 19.69
N SER G 275 21.52 -55.62 19.57
CA SER G 275 22.76 -56.04 20.22
C SER G 275 23.14 -55.16 21.40
N TRP G 276 22.29 -54.18 21.75
CA TRP G 276 22.64 -53.17 22.75
C TRP G 276 22.90 -53.78 24.13
N ASP G 277 21.96 -54.61 24.61
CA ASP G 277 22.13 -55.24 25.92
C ASP G 277 23.42 -56.04 25.96
N LEU G 278 23.73 -56.79 24.90
CA LEU G 278 24.98 -57.53 24.91
C LEU G 278 26.17 -56.58 24.89
N SER G 279 26.18 -55.64 23.95
CA SER G 279 27.34 -54.81 23.76
C SER G 279 27.57 -53.89 24.96
N PHE G 280 26.51 -53.28 25.47
CA PHE G 280 26.68 -52.37 26.59
C PHE G 280 27.07 -53.14 27.84
N GLY G 281 26.55 -54.35 28.03
CA GLY G 281 26.80 -55.15 29.23
C GLY G 281 28.18 -55.76 29.34
N VAL G 282 28.90 -55.91 28.22
CA VAL G 282 30.23 -56.53 28.27
C VAL G 282 31.35 -55.50 28.41
N LEU G 283 31.03 -54.21 28.52
CA LEU G 283 32.05 -53.19 28.71
C LEU G 283 32.58 -53.13 30.13
N GLY G 284 33.90 -53.04 30.27
CA GLY G 284 34.52 -52.75 31.55
C GLY G 284 34.54 -51.25 31.83
N ARG G 285 35.20 -50.91 32.93
CA ARG G 285 35.39 -49.52 33.29
C ARG G 285 36.15 -48.81 32.18
N GLY G 286 35.75 -47.56 31.90
CA GLY G 286 36.36 -46.81 30.82
C GLY G 286 35.99 -47.29 29.44
N GLY G 287 35.00 -48.18 29.34
CA GLY G 287 34.65 -48.79 28.06
C GLY G 287 33.96 -47.84 27.10
N ARG G 288 34.22 -48.08 25.82
CA ARG G 288 33.72 -47.25 24.73
C ARG G 288 32.93 -48.12 23.77
N TYR G 289 31.65 -47.82 23.63
CA TYR G 289 30.78 -48.40 22.62
C TYR G 289 30.74 -47.44 21.45
N VAL G 290 31.09 -47.93 20.25
CA VAL G 290 31.19 -47.07 19.08
C VAL G 290 30.26 -47.63 18.02
N THR G 291 29.40 -46.77 17.48
CA THR G 291 28.45 -47.20 16.47
C THR G 291 28.36 -46.18 15.35
N ALA G 292 28.29 -46.71 14.13
CA ALA G 292 27.95 -45.92 12.96
C ALA G 292 26.62 -46.31 12.29
N GLY G 293 25.86 -47.24 12.86
CA GLY G 293 24.62 -47.69 12.24
C GLY G 293 23.57 -48.15 13.23
N ALA G 294 22.37 -48.42 12.71
CA ALA G 294 21.19 -48.80 13.48
C ALA G 294 20.45 -49.96 12.82
N LEU G 295 21.20 -50.97 12.40
CA LEU G 295 20.68 -51.97 11.45
C LEU G 295 19.39 -52.60 11.96
N THR G 296 19.39 -53.00 13.23
CA THR G 296 18.31 -53.75 13.84
C THR G 296 17.41 -52.86 14.69
N GLY G 297 17.54 -51.55 14.56
CA GLY G 297 16.75 -50.60 15.33
C GLY G 297 17.59 -49.46 15.90
N ALA G 298 16.98 -48.28 15.97
CA ALA G 298 17.69 -47.07 16.33
C ALA G 298 17.54 -46.69 17.80
N GLU G 299 16.59 -47.26 18.54
CA GLU G 299 16.28 -46.77 19.88
C GLU G 299 16.68 -47.78 20.93
N VAL G 300 17.39 -47.32 21.96
CA VAL G 300 17.89 -48.19 23.02
C VAL G 300 17.58 -47.52 24.35
N ARG G 301 17.39 -48.34 25.38
CA ARG G 301 17.17 -47.85 26.74
C ARG G 301 18.52 -47.73 27.41
N LEU G 302 18.97 -46.51 27.60
CA LEU G 302 20.28 -46.26 28.17
C LEU G 302 20.12 -46.00 29.67
N ASP G 303 20.90 -46.73 30.45
CA ASP G 303 20.92 -46.57 31.90
C ASP G 303 22.08 -45.65 32.29
N LEU G 304 21.75 -44.37 32.55
CA LEU G 304 22.77 -43.39 32.97
C LEU G 304 23.54 -43.87 34.20
N ARG G 305 22.89 -44.60 35.11
CA ARG G 305 23.55 -44.99 36.34
C ARG G 305 24.75 -45.88 36.04
N ARG G 306 24.57 -46.86 35.16
CA ARG G 306 25.69 -47.68 34.72
C ARG G 306 26.72 -46.86 33.91
N LEU G 307 26.23 -46.00 32.99
CA LEU G 307 27.11 -45.17 32.17
C LEU G 307 28.07 -44.38 33.05
N TYR G 308 27.55 -43.67 34.07
CA TYR G 308 28.42 -42.87 34.91
C TYR G 308 29.20 -43.73 35.88
N GLY G 309 28.57 -44.81 36.38
CA GLY G 309 29.24 -45.67 37.34
C GLY G 309 30.45 -46.40 36.76
N MET G 310 30.43 -46.68 35.47
CA MET G 310 31.53 -47.39 34.82
C MET G 310 32.39 -46.46 33.97
N GLN G 311 32.02 -45.19 33.88
CA GLN G 311 32.76 -44.22 33.04
C GLN G 311 32.83 -44.68 31.59
N ILE G 312 31.73 -45.23 31.11
CA ILE G 312 31.61 -45.69 29.74
C ILE G 312 31.36 -44.49 28.85
N LEU G 313 31.79 -44.61 27.60
CA LEU G 313 31.46 -43.63 26.57
C LEU G 313 30.66 -44.33 25.47
N VAL G 314 29.54 -43.73 25.10
CA VAL G 314 28.73 -44.16 23.97
C VAL G 314 29.00 -43.14 22.87
N ILE G 315 29.67 -43.58 21.82
CA ILE G 315 30.27 -42.69 20.82
C ILE G 315 29.64 -42.95 19.46
N GLY G 316 29.11 -41.89 18.85
CA GLY G 316 28.62 -41.96 17.48
C GLY G 316 29.70 -41.68 16.44
N ALA G 317 29.56 -42.32 15.29
CA ALA G 317 30.55 -42.25 14.22
C ALA G 317 29.85 -42.41 12.88
N THR G 318 30.22 -41.57 11.91
CA THR G 318 29.64 -41.66 10.60
C THR G 318 30.70 -41.30 9.57
N GLY G 319 30.62 -41.99 8.44
CA GLY G 319 31.52 -41.75 7.33
C GLY G 319 32.96 -41.80 7.75
N GLY G 320 33.72 -40.82 7.27
CA GLY G 320 35.13 -40.74 7.55
C GLY G 320 35.71 -39.46 7.02
N ARG G 321 36.89 -39.14 7.53
CA ARG G 321 37.57 -37.92 7.16
C ARG G 321 38.22 -38.08 5.80
N ARG G 322 38.14 -37.01 5.00
CA ARG G 322 38.78 -37.02 3.69
C ARG G 322 40.23 -37.50 3.78
N ALA G 323 41.01 -36.98 4.75
CA ALA G 323 42.43 -37.36 4.90
C ALA G 323 42.58 -38.83 5.25
N ASP G 324 41.77 -39.33 6.19
CA ASP G 324 41.83 -40.74 6.55
C ASP G 324 41.50 -41.64 5.35
N PHE G 325 40.63 -41.17 4.44
CA PHE G 325 40.36 -41.96 3.24
C PHE G 325 41.63 -42.26 2.47
N ASN G 326 42.49 -41.24 2.28
CA ASN G 326 43.76 -41.42 1.60
C ASN G 326 44.60 -42.47 2.31
N THR G 327 44.67 -42.41 3.65
CA THR G 327 45.40 -43.42 4.41
C THR G 327 44.85 -44.81 4.11
N VAL G 328 43.53 -44.96 4.22
CA VAL G 328 42.87 -46.23 3.96
C VAL G 328 43.29 -46.75 2.58
N VAL G 329 43.27 -45.88 1.58
CA VAL G 329 43.62 -46.33 0.24
C VAL G 329 45.08 -46.79 0.19
N ARG G 330 46.00 -46.04 0.78
CA ARG G 330 47.40 -46.48 0.80
C ARG G 330 47.55 -47.78 1.56
N LEU G 331 46.76 -47.96 2.62
CA LEU G 331 46.85 -49.23 3.35
C LEU G 331 46.42 -50.42 2.48
N LEU G 332 45.36 -50.27 1.68
CA LEU G 332 44.96 -51.35 0.78
C LEU G 332 46.04 -51.63 -0.26
N GLU G 333 46.62 -50.56 -0.83
CA GLU G 333 47.65 -50.71 -1.85
C GLU G 333 48.88 -51.44 -1.30
N ALA G 334 49.23 -51.19 -0.04
CA ALA G 334 50.42 -51.77 0.58
C ALA G 334 50.17 -53.18 1.11
N GLY G 335 48.92 -53.63 1.18
CA GLY G 335 48.65 -54.94 1.69
C GLY G 335 48.46 -55.03 3.20
N ARG G 336 48.40 -53.91 3.91
CA ARG G 336 48.13 -53.95 5.35
C ARG G 336 46.67 -54.24 5.66
N ILE G 337 45.75 -54.06 4.70
CA ILE G 337 44.36 -54.46 4.85
C ILE G 337 43.94 -55.20 3.59
N LYS G 338 42.96 -56.08 3.75
CA LYS G 338 42.55 -56.99 2.69
C LYS G 338 41.05 -56.88 2.51
N ALA G 339 40.64 -56.75 1.25
CA ALA G 339 39.24 -56.80 0.89
C ALA G 339 38.76 -58.24 0.85
N PHE G 340 37.50 -58.42 1.26
CA PHE G 340 36.87 -59.73 1.30
C PHE G 340 35.70 -59.67 0.34
N LEU G 341 35.83 -60.39 -0.76
CA LEU G 341 34.83 -60.30 -1.82
C LEU G 341 33.94 -61.54 -1.78
N HIS G 342 32.65 -61.32 -2.02
CA HIS G 342 31.68 -62.39 -2.17
C HIS G 342 31.26 -62.62 -3.61
N ASN G 343 30.95 -61.57 -4.36
CA ASN G 343 30.10 -61.74 -5.53
C ASN G 343 30.17 -60.51 -6.42
N VAL G 344 30.18 -60.72 -7.73
CA VAL G 344 29.99 -59.65 -8.68
C VAL G 344 28.68 -59.90 -9.41
N TYR G 345 27.94 -58.82 -9.71
CA TYR G 345 26.69 -58.87 -10.46
C TYR G 345 26.75 -57.86 -11.58
N PRO G 346 26.12 -58.15 -12.72
CA PRO G 346 26.01 -57.14 -13.77
C PRO G 346 25.02 -56.05 -13.40
N LEU G 347 25.09 -54.94 -14.13
CA LEU G 347 24.21 -53.82 -13.89
C LEU G 347 22.74 -54.24 -13.98
N ALA G 348 22.42 -55.15 -14.91
CA ALA G 348 21.04 -55.54 -15.12
C ALA G 348 20.47 -56.27 -13.91
N ASP G 349 21.33 -56.87 -13.10
CA ASP G 349 20.94 -57.72 -12.00
C ASP G 349 20.99 -56.99 -10.67
N VAL G 350 20.90 -55.67 -10.71
CA VAL G 350 21.07 -54.86 -9.51
C VAL G 350 20.03 -55.19 -8.44
N ARG G 351 18.79 -55.52 -8.83
CA ARG G 351 17.79 -55.93 -7.83
C ARG G 351 18.21 -57.18 -7.06
N LYS G 352 18.56 -58.26 -7.80
CA LYS G 352 19.05 -59.49 -7.18
C LYS G 352 20.29 -59.19 -6.32
N ALA G 353 21.11 -58.23 -6.73
CA ALA G 353 22.29 -57.85 -5.95
C ALA G 353 21.91 -57.24 -4.60
N LEU G 354 20.88 -56.40 -4.56
CA LEU G 354 20.46 -55.84 -3.28
C LEU G 354 19.76 -56.90 -2.43
N GLU G 355 18.94 -57.75 -3.07
CA GLU G 355 18.32 -58.86 -2.37
C GLU G 355 19.35 -59.85 -1.80
N GLU G 356 20.59 -59.83 -2.30
CA GLU G 356 21.65 -60.71 -1.82
C GLU G 356 22.24 -60.25 -0.50
N LEU G 357 21.98 -59.01 -0.11
CA LEU G 357 22.50 -58.55 1.16
C LEU G 357 21.97 -59.41 2.30
N ARG G 358 20.74 -59.90 2.19
CA ARG G 358 20.06 -60.62 3.27
C ARG G 358 20.46 -62.10 3.36
N SER G 359 21.47 -62.53 2.65
CA SER G 359 21.73 -63.95 2.47
C SER G 359 22.55 -64.48 3.64
N PRO G 360 22.14 -65.59 4.28
CA PRO G 360 22.89 -66.14 5.42
C PRO G 360 24.20 -66.83 5.06
N GLU G 361 24.55 -66.87 3.78
CA GLU G 361 25.80 -67.46 3.34
C GLU G 361 26.85 -66.41 2.98
N ARG G 362 26.43 -65.17 2.72
CA ARG G 362 27.36 -64.12 2.32
C ARG G 362 28.26 -63.77 3.48
N VAL G 363 29.57 -63.95 3.29
CA VAL G 363 30.57 -63.22 4.05
C VAL G 363 31.43 -62.53 3.02
N GLY G 364 31.24 -61.22 2.86
CA GLY G 364 32.07 -60.47 1.94
C GLY G 364 31.28 -59.42 1.19
N LYS G 365 31.98 -58.62 0.38
CA LYS G 365 31.36 -57.53 -0.37
C LYS G 365 30.63 -58.09 -1.59
N VAL G 366 29.47 -57.52 -1.87
CA VAL G 366 28.78 -57.72 -3.13
C VAL G 366 29.06 -56.50 -4.01
N LEU G 367 29.39 -56.76 -5.27
CA LEU G 367 29.79 -55.72 -6.20
C LEU G 367 28.89 -55.72 -7.44
N ILE G 368 28.66 -54.52 -7.97
CA ILE G 368 28.08 -54.31 -9.29
C ILE G 368 29.24 -53.94 -10.19
N ALA G 369 29.28 -54.54 -11.38
CA ALA G 369 30.23 -54.17 -12.42
C ALA G 369 29.41 -53.53 -13.52
N PRO G 370 29.28 -52.20 -13.54
CA PRO G 370 28.43 -51.60 -14.59
C PRO G 370 28.98 -51.82 -16.00
N HIS H 38 42.69 2.46 -12.50
CA HIS H 38 43.03 3.13 -11.21
C HIS H 38 44.44 2.79 -10.76
N GLU H 39 45.00 3.77 -10.06
CA GLU H 39 46.32 3.69 -9.45
C GLU H 39 46.13 3.83 -7.94
N MET H 40 47.09 3.30 -7.17
CA MET H 40 47.04 3.39 -5.72
C MET H 40 48.38 3.85 -5.18
N ARG H 41 48.38 4.32 -3.93
CA ARG H 41 49.61 4.61 -3.20
C ARG H 41 50.06 3.35 -2.47
N ALA H 42 51.36 3.04 -2.54
CA ALA H 42 51.92 1.89 -1.86
C ALA H 42 53.32 2.20 -1.38
N ALA H 43 53.74 1.44 -0.37
CA ALA H 43 55.13 1.37 0.07
C ALA H 43 55.78 0.19 -0.62
N ALA H 44 56.88 0.45 -1.34
CA ALA H 44 57.53 -0.60 -2.14
C ALA H 44 59.04 -0.41 -2.15
N PHE H 45 59.75 -1.49 -2.43
CA PHE H 45 61.21 -1.48 -2.55
C PHE H 45 61.64 -2.31 -3.75
N SER H 46 62.52 -1.74 -4.58
CA SER H 46 63.05 -2.44 -5.76
C SER H 46 64.27 -3.27 -5.43
N THR H 47 64.91 -2.98 -4.29
CA THR H 47 66.07 -3.69 -3.78
C THR H 47 66.02 -3.61 -2.25
N PRO H 48 66.46 -4.64 -1.54
CA PRO H 48 66.24 -4.70 -0.10
C PRO H 48 66.95 -3.59 0.65
N GLY H 49 66.53 -3.40 1.89
CA GLY H 49 67.03 -2.37 2.78
C GLY H 49 65.99 -1.31 3.05
N LEU H 50 65.92 -0.88 4.30
CA LEU H 50 64.92 0.06 4.75
C LEU H 50 65.04 1.43 4.07
N GLU H 51 66.22 1.79 3.56
CA GLU H 51 66.35 3.07 2.89
C GLU H 51 65.68 3.05 1.52
N ASN H 52 65.42 1.86 0.97
CA ASN H 52 64.84 1.72 -0.36
C ASN H 52 63.33 1.48 -0.33
N LEU H 53 62.71 1.57 0.84
CA LEU H 53 61.27 1.46 0.95
C LEU H 53 60.70 2.86 0.72
N LYS H 54 60.14 3.09 -0.46
CA LYS H 54 59.68 4.40 -0.88
C LYS H 54 58.19 4.39 -1.16
N LEU H 55 57.51 5.44 -0.73
CA LEU H 55 56.15 5.70 -1.20
C LEU H 55 56.17 5.86 -2.70
N VAL H 56 55.36 5.04 -3.38
CA VAL H 56 55.25 5.05 -4.83
C VAL H 56 53.76 5.07 -5.19
N GLU H 57 53.50 5.30 -6.48
CA GLU H 57 52.21 5.06 -7.08
C GLU H 57 52.28 3.77 -7.87
N ALA H 58 51.26 2.92 -7.70
CA ALA H 58 51.29 1.59 -8.31
C ALA H 58 49.92 1.27 -8.86
N GLU H 59 49.91 0.30 -9.75
CA GLU H 59 48.68 -0.21 -10.32
C GLU H 59 47.81 -0.85 -9.24
N THR H 60 46.62 -0.32 -9.02
CA THR H 60 45.65 -1.03 -8.20
C THR H 60 45.38 -2.41 -8.78
N PRO H 61 45.70 -3.51 -8.08
CA PRO H 61 45.43 -4.85 -8.61
C PRO H 61 43.93 -5.14 -8.72
N ARG H 62 43.64 -6.12 -9.55
CA ARG H 62 42.31 -6.57 -9.88
C ARG H 62 42.10 -8.00 -9.39
N PRO H 63 40.97 -8.28 -8.75
CA PRO H 63 40.72 -9.64 -8.29
C PRO H 63 40.26 -10.54 -9.41
N GLY H 64 40.83 -11.74 -9.45
CA GLY H 64 40.33 -12.79 -10.29
C GLY H 64 39.41 -13.77 -9.59
N PRO H 65 39.10 -14.87 -10.26
CA PRO H 65 38.29 -15.92 -9.62
C PRO H 65 38.90 -16.33 -8.30
N GLY H 66 38.03 -16.69 -7.36
CA GLY H 66 38.40 -16.95 -5.98
C GLY H 66 39.08 -15.84 -5.20
N GLU H 67 39.10 -14.60 -5.71
CA GLU H 67 39.88 -13.54 -5.09
C GLU H 67 38.98 -12.38 -4.69
N VAL H 68 39.44 -11.62 -3.70
CA VAL H 68 38.81 -10.36 -3.30
C VAL H 68 39.85 -9.25 -3.33
N LEU H 69 39.38 -8.04 -3.61
CA LEU H 69 40.17 -6.83 -3.51
C LEU H 69 39.78 -6.12 -2.23
N ILE H 70 40.78 -5.76 -1.42
CA ILE H 70 40.54 -5.10 -0.13
C ILE H 70 41.13 -3.70 -0.14
N ARG H 71 40.35 -2.73 0.29
CA ARG H 71 40.88 -1.42 0.62
C ARG H 71 41.41 -1.56 2.03
N VAL H 72 42.74 -1.68 2.16
CA VAL H 72 43.36 -1.91 3.46
C VAL H 72 43.10 -0.71 4.35
N LYS H 73 42.67 -0.95 5.58
CA LYS H 73 42.52 0.15 6.56
C LYS H 73 43.59 0.18 7.63
N TYR H 74 44.07 -0.98 8.09
CA TYR H 74 45.11 -1.04 9.12
C TYR H 74 46.00 -2.25 8.80
N ALA H 75 47.29 -2.07 8.99
CA ALA H 75 48.25 -3.13 8.72
C ALA H 75 49.20 -3.11 9.90
N GLY H 76 49.46 -4.29 10.48
CA GLY H 76 50.36 -4.36 11.61
C GLY H 76 51.82 -4.25 11.17
N VAL H 77 52.66 -3.74 12.08
CA VAL H 77 54.12 -3.69 11.88
C VAL H 77 54.77 -4.77 12.74
N ASN H 78 55.45 -5.71 12.11
CA ASN H 78 56.00 -6.88 12.77
C ASN H 78 57.45 -7.08 12.40
N PRO H 79 58.18 -7.90 13.15
CA PRO H 79 59.53 -8.25 12.71
C PRO H 79 59.55 -8.93 11.35
N LEU H 80 58.58 -9.79 11.07
CA LEU H 80 58.47 -10.37 9.75
C LEU H 80 58.48 -9.30 8.67
N ASP H 81 57.72 -8.20 8.88
CA ASP H 81 57.68 -7.17 7.84
C ASP H 81 59.02 -6.44 7.75
N TYR H 82 59.62 -6.14 8.91
CA TYR H 82 60.96 -5.54 8.95
C TYR H 82 61.96 -6.39 8.17
N ASN H 83 61.93 -7.71 8.37
CA ASN H 83 62.95 -8.60 7.84
C ASN H 83 62.78 -8.81 6.33
N VAL H 84 61.54 -8.78 5.83
CA VAL H 84 61.27 -8.78 4.39
C VAL H 84 61.87 -7.52 3.74
N VAL H 85 61.56 -6.34 4.31
CA VAL H 85 62.12 -5.09 3.78
C VAL H 85 63.64 -5.12 3.84
N ALA H 86 64.22 -5.74 4.87
CA ALA H 86 65.66 -5.74 5.06
C ALA H 86 66.38 -6.79 4.23
N GLY H 87 65.66 -7.59 3.45
CA GLY H 87 66.30 -8.63 2.66
C GLY H 87 66.58 -9.91 3.40
N ALA H 88 66.29 -10.00 4.69
CA ALA H 88 66.51 -11.24 5.42
C ALA H 88 65.58 -12.35 4.95
N VAL H 89 64.49 -12.01 4.27
CA VAL H 89 63.53 -12.96 3.71
C VAL H 89 63.33 -12.56 2.25
N LYS H 90 63.40 -13.53 1.34
CA LYS H 90 63.13 -13.21 -0.05
C LYS H 90 61.67 -12.87 -0.26
N ALA H 91 61.41 -11.93 -1.18
CA ALA H 91 60.06 -11.49 -1.52
C ALA H 91 59.85 -11.62 -3.02
N SER H 92 58.65 -12.05 -3.41
CA SER H 92 58.20 -11.93 -4.80
C SER H 92 56.77 -11.40 -4.78
N PRO H 93 56.35 -10.63 -5.79
CA PRO H 93 57.27 -10.17 -6.85
C PRO H 93 58.12 -9.00 -6.39
N MET H 94 59.13 -8.67 -7.23
CA MET H 94 59.94 -7.45 -7.08
C MET H 94 59.72 -6.55 -8.30
N PRO H 95 59.64 -5.23 -8.14
CA PRO H 95 59.68 -4.59 -6.83
C PRO H 95 58.48 -5.01 -6.00
N HIS H 96 58.62 -4.88 -4.69
CA HIS H 96 57.75 -5.57 -3.76
C HIS H 96 57.00 -4.62 -2.83
N ILE H 97 55.74 -4.96 -2.54
CA ILE H 97 54.96 -4.29 -1.51
C ILE H 97 54.90 -5.23 -0.31
N PRO H 98 55.45 -4.87 0.83
CA PRO H 98 55.32 -5.72 2.00
C PRO H 98 54.00 -5.51 2.77
N GLY H 99 53.88 -6.21 3.90
CA GLY H 99 52.76 -6.08 4.79
C GLY H 99 52.00 -7.38 4.84
N SER H 100 52.21 -8.17 5.89
CA SER H 100 51.63 -9.50 5.95
C SER H 100 50.48 -9.61 6.94
N GLU H 101 50.18 -8.56 7.68
CA GLU H 101 49.16 -8.57 8.72
C GLU H 101 48.25 -7.36 8.47
N PHE H 102 47.02 -7.59 8.00
CA PHE H 102 46.17 -6.43 7.73
C PHE H 102 44.69 -6.78 7.69
N ALA H 103 43.91 -5.71 7.76
CA ALA H 103 42.44 -5.69 7.82
C ALA H 103 41.89 -4.48 7.06
N GLY H 104 40.69 -4.64 6.52
CA GLY H 104 40.11 -3.61 5.68
C GLY H 104 38.69 -3.93 5.27
N VAL H 105 38.23 -3.26 4.21
CA VAL H 105 36.87 -3.41 3.71
C VAL H 105 36.96 -3.89 2.26
N VAL H 106 36.19 -4.93 1.93
CA VAL H 106 36.25 -5.47 0.58
C VAL H 106 35.81 -4.37 -0.38
N GLU H 107 36.63 -4.11 -1.38
CA GLU H 107 36.30 -3.18 -2.46
C GLU H 107 35.62 -3.90 -3.62
N GLU H 108 36.08 -5.08 -3.99
CA GLU H 108 35.46 -5.84 -5.06
C GLU H 108 35.68 -7.33 -4.86
N ALA H 109 34.61 -8.11 -5.04
CA ALA H 109 34.67 -9.56 -5.12
C ALA H 109 34.99 -9.98 -6.54
N GLY H 110 35.90 -10.94 -6.68
CA GLY H 110 36.24 -11.44 -7.99
C GLY H 110 35.08 -12.23 -8.55
N PRO H 111 35.15 -12.60 -9.83
CA PRO H 111 34.08 -13.37 -10.46
C PRO H 111 33.74 -14.64 -9.70
N GLY H 112 32.45 -14.89 -9.50
CA GLY H 112 32.01 -16.10 -8.86
C GLY H 112 32.29 -16.22 -7.38
N VAL H 113 32.91 -15.22 -6.75
CA VAL H 113 33.17 -15.27 -5.31
C VAL H 113 31.85 -15.12 -4.56
N THR H 114 31.56 -16.08 -3.71
CA THR H 114 30.44 -16.02 -2.78
C THR H 114 30.99 -15.92 -1.36
N GLY H 115 30.12 -15.51 -0.44
CA GLY H 115 30.46 -15.52 0.96
C GLY H 115 31.16 -14.29 1.46
N VAL H 116 31.62 -13.43 0.57
CA VAL H 116 32.16 -12.14 0.97
C VAL H 116 31.80 -11.16 -0.14
N SER H 117 31.36 -9.97 0.25
CA SER H 117 30.90 -8.97 -0.68
C SER H 117 31.60 -7.64 -0.44
N ARG H 118 31.53 -6.79 -1.44
CA ARG H 118 31.97 -5.41 -1.28
C ARG H 118 31.27 -4.77 -0.08
N GLY H 119 32.03 -4.02 0.71
CA GLY H 119 31.51 -3.41 1.92
C GLY H 119 31.73 -4.22 3.17
N ASP H 120 32.11 -5.50 3.05
CA ASP H 120 32.33 -6.34 4.24
C ASP H 120 33.65 -6.00 4.92
N PRO H 121 33.65 -5.65 6.20
CA PRO H 121 34.93 -5.54 6.91
C PRO H 121 35.50 -6.93 7.09
N VAL H 122 36.77 -7.10 6.69
CA VAL H 122 37.45 -8.39 6.75
C VAL H 122 38.81 -8.23 7.39
N VAL H 123 39.33 -9.35 7.94
CA VAL H 123 40.70 -9.45 8.44
C VAL H 123 41.30 -10.70 7.81
N VAL H 124 42.57 -10.64 7.41
CA VAL H 124 43.15 -11.54 6.40
C VAL H 124 44.05 -12.59 7.06
N TYR H 125 43.76 -13.86 6.80
CA TYR H 125 44.64 -14.95 7.21
C TYR H 125 45.76 -15.05 6.18
N ASN H 126 47.01 -14.97 6.65
CA ASN H 126 48.12 -14.67 5.76
C ASN H 126 48.83 -15.89 5.18
N ARG H 127 48.42 -17.12 5.50
CA ARG H 127 48.99 -18.30 4.85
C ARG H 127 48.16 -18.74 3.65
N LEU H 128 48.84 -18.97 2.54
CA LEU H 128 48.24 -19.51 1.34
C LEU H 128 48.19 -21.02 1.47
N TYR H 129 47.05 -21.61 1.15
CA TYR H 129 46.88 -23.04 1.36
C TYR H 129 46.02 -23.62 0.24
N CYS H 130 46.28 -24.89 -0.08
CA CYS H 130 45.63 -25.51 -1.22
C CYS H 130 44.33 -26.22 -0.87
N GLY H 131 44.20 -26.72 0.34
CA GLY H 131 42.98 -27.37 0.77
C GLY H 131 42.81 -28.82 0.35
N HIS H 132 43.85 -29.41 -0.28
CA HIS H 132 43.81 -30.80 -0.77
CA HIS H 132 43.82 -30.80 -0.76
C HIS H 132 44.97 -31.68 -0.28
N CYS H 133 46.00 -31.13 0.37
CA CYS H 133 47.10 -31.96 0.86
C CYS H 133 46.80 -32.45 2.28
N ARG H 134 47.66 -33.35 2.76
CA ARG H 134 47.46 -33.95 4.08
C ARG H 134 47.47 -32.90 5.20
N GLN H 135 48.39 -31.92 5.11
CA GLN H 135 48.44 -30.85 6.09
C GLN H 135 47.13 -30.07 6.12
N CYS H 136 46.68 -29.58 4.94
CA CYS H 136 45.40 -28.84 4.87
C CYS H 136 44.23 -29.70 5.36
N LEU H 137 44.13 -30.93 4.89
CA LEU H 137 42.97 -31.76 5.23
C LEU H 137 42.90 -32.16 6.70
N THR H 138 43.97 -32.03 7.46
CA THR H 138 43.90 -32.29 8.87
C THR H 138 43.78 -31.01 9.67
N GLY H 139 43.78 -29.86 8.98
CA GLY H 139 43.58 -28.56 9.58
C GLY H 139 44.84 -27.75 9.76
N TRP H 140 46.01 -28.37 9.56
CA TRP H 140 47.32 -27.69 9.64
C TRP H 140 47.63 -26.93 8.35
N THR H 141 46.78 -25.94 8.05
CA THR H 141 46.84 -25.25 6.78
C THR H 141 48.11 -24.44 6.63
N GLN H 142 48.73 -24.00 7.73
CA GLN H 142 49.97 -23.21 7.64
C GLN H 142 51.16 -24.06 7.23
N MET H 143 51.01 -25.39 7.21
CA MET H 143 52.04 -26.32 6.79
C MET H 143 51.78 -26.87 5.38
N CYS H 144 50.88 -26.26 4.62
CA CYS H 144 50.50 -26.77 3.32
C CYS H 144 51.73 -27.19 2.49
N GLU H 145 51.71 -28.44 2.03
CA GLU H 145 52.79 -29.01 1.23
C GLU H 145 52.86 -28.41 -0.17
N VAL H 146 51.74 -27.94 -0.72
CA VAL H 146 51.70 -27.43 -2.08
C VAL H 146 52.22 -25.99 -2.18
N THR H 147 51.85 -25.10 -1.26
CA THR H 147 52.25 -23.69 -1.33
C THR H 147 53.60 -23.42 -0.66
N GLY H 148 54.14 -24.40 0.08
CA GLY H 148 55.27 -24.16 0.93
C GLY H 148 54.98 -23.36 2.19
N GLY H 149 53.73 -23.04 2.47
CA GLY H 149 53.43 -22.11 3.55
C GLY H 149 53.67 -20.64 3.21
N GLY H 150 53.90 -20.32 1.93
CA GLY H 150 53.89 -18.96 1.42
C GLY H 150 52.92 -18.01 2.09
N ILE H 151 53.42 -16.85 2.45
CA ILE H 151 52.73 -15.91 3.31
C ILE H 151 52.31 -14.73 2.44
N ILE H 152 51.06 -14.28 2.61
CA ILE H 152 50.60 -13.10 1.88
C ILE H 152 51.48 -11.92 2.25
N GLY H 153 51.82 -11.13 1.23
CA GLY H 153 52.73 -10.00 1.43
C GLY H 153 54.19 -10.38 1.37
N ILE H 154 54.51 -11.66 1.22
CA ILE H 154 55.87 -12.14 1.02
C ILE H 154 56.03 -12.75 -0.38
N VAL H 155 55.22 -13.76 -0.71
CA VAL H 155 55.15 -14.30 -2.08
C VAL H 155 54.01 -13.63 -2.85
N THR H 156 53.42 -12.59 -2.28
CA THR H 156 52.47 -11.78 -3.01
C THR H 156 52.58 -10.36 -2.49
N GLN H 157 52.01 -9.42 -3.24
CA GLN H 157 52.03 -8.03 -2.78
C GLN H 157 51.10 -7.92 -1.60
N GLY H 158 51.47 -7.08 -0.65
CA GLY H 158 50.86 -7.08 0.66
C GLY H 158 50.17 -5.80 1.00
N GLY H 159 49.95 -5.58 2.31
CA GLY H 159 49.03 -4.59 2.81
C GLY H 159 49.61 -3.24 3.22
N TYR H 160 50.85 -2.93 2.89
CA TYR H 160 51.37 -1.57 3.11
C TYR H 160 51.06 -0.75 1.85
N ALA H 161 49.78 -0.52 1.65
CA ALA H 161 49.23 -0.06 0.37
C ALA H 161 47.73 0.10 0.53
N GLU H 162 47.16 0.97 -0.30
CA GLU H 162 45.74 1.23 -0.19
C GLU H 162 44.90 0.04 -0.60
N TYR H 163 45.44 -0.87 -1.38
CA TYR H 163 44.67 -2.03 -1.81
C TYR H 163 45.55 -3.27 -1.89
N ALA H 164 44.92 -4.43 -1.71
CA ALA H 164 45.61 -5.68 -1.93
C ALA H 164 44.61 -6.74 -2.31
N VAL H 165 45.10 -7.73 -3.04
CA VAL H 165 44.30 -8.86 -3.46
C VAL H 165 44.74 -10.06 -2.63
N VAL H 166 43.78 -10.84 -2.15
CA VAL H 166 44.03 -12.07 -1.42
C VAL H 166 42.98 -13.08 -1.83
N PRO H 167 43.27 -14.36 -1.67
CA PRO H 167 42.22 -15.36 -1.89
C PRO H 167 41.04 -15.05 -0.99
N ALA H 168 39.83 -15.31 -1.51
CA ALA H 168 38.63 -14.99 -0.73
C ALA H 168 38.47 -15.91 0.47
N LYS H 169 38.93 -17.17 0.35
CA LYS H 169 38.91 -18.07 1.49
C LYS H 169 39.77 -17.57 2.65
N ASN H 170 40.66 -16.59 2.40
CA ASN H 170 41.53 -16.03 3.43
C ASN H 170 40.93 -14.84 4.15
N ALA H 171 39.90 -14.21 3.60
CA ALA H 171 39.32 -13.03 4.20
C ALA H 171 38.27 -13.47 5.22
N VAL H 172 38.39 -13.00 6.46
CA VAL H 172 37.44 -13.35 7.51
C VAL H 172 36.63 -12.10 7.82
N ALA H 173 35.32 -12.15 7.56
CA ALA H 173 34.43 -11.09 8.02
C ALA H 173 34.52 -10.97 9.53
N THR H 174 34.56 -9.73 10.03
CA THR H 174 34.55 -9.51 11.46
C THR H 174 33.77 -8.24 11.76
N ARG H 175 33.04 -8.24 12.86
CA ARG H 175 32.46 -7.03 13.41
C ARG H 175 33.41 -6.34 14.38
N ALA H 176 34.65 -6.80 14.49
CA ALA H 176 35.57 -6.13 15.40
C ALA H 176 35.99 -4.77 14.84
N ASP H 177 36.45 -3.90 15.73
CA ASP H 177 37.20 -2.74 15.29
C ASP H 177 38.43 -3.20 14.50
N LEU H 178 38.59 -2.69 13.28
CA LEU H 178 39.65 -3.19 12.41
C LEU H 178 41.04 -2.82 12.91
N LYS H 179 41.17 -1.73 13.66
CA LYS H 179 42.43 -1.45 14.35
C LYS H 179 42.84 -2.63 15.21
N GLU H 180 41.87 -3.23 15.92
CA GLU H 180 42.15 -4.37 16.79
C GLU H 180 42.25 -5.67 16.00
N ALA H 181 41.44 -5.81 14.95
CA ALA H 181 41.54 -7.00 14.11
C ALA H 181 42.89 -7.10 13.43
N ALA H 182 43.56 -5.97 13.16
CA ALA H 182 44.82 -6.01 12.46
C ALA H 182 45.98 -6.45 13.34
N THR H 183 45.72 -6.74 14.61
CA THR H 183 46.71 -7.29 15.52
C THR H 183 46.66 -8.81 15.57
N LEU H 184 45.83 -9.43 14.75
CA LEU H 184 45.44 -10.82 14.95
C LEU H 184 46.17 -11.80 14.03
N PRO H 185 46.31 -11.48 12.73
CA PRO H 185 46.83 -12.47 11.78
C PRO H 185 48.22 -12.97 12.10
N ILE H 186 49.07 -12.11 12.68
CA ILE H 186 50.43 -12.50 13.07
C ILE H 186 50.55 -12.61 14.58
N GLY H 187 50.35 -11.51 15.29
CA GLY H 187 50.50 -11.57 16.74
C GLY H 187 49.61 -12.61 17.40
N ALA H 188 48.30 -12.35 17.40
CA ALA H 188 47.40 -13.17 18.19
C ALA H 188 47.39 -14.61 17.72
N LEU H 189 47.35 -14.82 16.40
CA LEU H 189 47.20 -16.17 15.88
C LEU H 189 48.44 -17.02 16.17
N THR H 190 49.64 -16.45 15.99
CA THR H 190 50.87 -17.17 16.32
C THR H 190 50.90 -17.57 17.78
N ALA H 191 50.56 -16.61 18.66
CA ALA H 191 50.44 -16.85 20.08
C ALA H 191 49.41 -17.93 20.37
N TRP H 192 48.25 -17.88 19.72
CA TRP H 192 47.27 -18.94 19.92
C TRP H 192 47.90 -20.29 19.62
N ASN H 193 48.55 -20.41 18.46
CA ASN H 193 49.08 -21.69 18.01
C ASN H 193 50.18 -22.21 18.94
N MET H 194 50.99 -21.32 19.53
CA MET H 194 51.95 -21.76 20.55
C MET H 194 51.24 -22.38 21.75
N ALA H 195 50.25 -21.68 22.32
CA ALA H 195 49.56 -22.18 23.52
C ALA H 195 48.81 -23.46 23.21
N TYR H 196 48.16 -23.52 22.04
CA TYR H 196 47.46 -24.71 21.60
C TYR H 196 48.38 -25.92 21.63
N ARG H 197 49.58 -25.76 21.09
CA ARG H 197 50.52 -26.87 20.98
C ARG H 197 51.23 -27.16 22.29
N ALA H 198 51.09 -26.29 23.31
CA ALA H 198 51.68 -26.53 24.62
C ALA H 198 50.86 -27.48 25.49
N SER H 199 49.65 -27.89 25.09
CA SER H 199 48.79 -28.72 25.94
C SER H 199 48.74 -28.23 27.39
N ILE H 200 48.32 -26.98 27.56
CA ILE H 200 48.18 -26.38 28.88
C ILE H 200 46.92 -26.92 29.49
N SER H 201 47.00 -27.39 30.75
CA SER H 201 45.81 -27.77 31.53
C SER H 201 45.66 -26.88 32.75
N PRO H 202 44.42 -26.70 33.20
CA PRO H 202 44.16 -25.73 34.26
C PRO H 202 45.05 -25.99 35.47
N GLY H 203 45.56 -24.90 36.02
CA GLY H 203 46.42 -24.98 37.17
C GLY H 203 47.89 -25.10 36.85
N GLU H 204 48.26 -25.37 35.60
CA GLU H 204 49.69 -25.49 35.28
C GLU H 204 50.35 -24.12 35.29
N LYS H 205 51.62 -24.09 35.73
CA LYS H 205 52.42 -22.85 35.75
C LYS H 205 53.04 -22.60 34.37
N VAL H 206 52.66 -21.48 33.77
CA VAL H 206 53.09 -21.13 32.43
C VAL H 206 53.92 -19.84 32.50
N ALA H 207 55.15 -19.89 32.00
CA ALA H 207 55.97 -18.71 31.83
C ALA H 207 55.83 -18.23 30.40
N VAL H 208 55.75 -16.92 30.23
CA VAL H 208 55.78 -16.30 28.91
C VAL H 208 56.99 -15.37 28.90
N VAL H 209 58.00 -15.72 28.10
CA VAL H 209 59.18 -14.89 27.84
C VAL H 209 58.83 -14.00 26.65
N GLY H 210 59.23 -12.74 26.75
CA GLY H 210 58.91 -11.77 25.71
C GLY H 210 57.46 -11.36 25.72
N ALA H 211 56.82 -11.44 26.90
CA ALA H 211 55.39 -11.13 27.11
C ALA H 211 54.98 -9.73 26.63
N THR H 212 55.90 -8.75 26.57
CA THR H 212 55.52 -7.40 26.19
C THR H 212 55.40 -7.23 24.66
N GLY H 213 55.77 -8.26 23.89
CA GLY H 213 55.89 -8.16 22.44
C GLY H 213 54.58 -8.44 21.72
N ASN H 214 54.64 -8.46 20.38
CA ASN H 214 53.39 -8.59 19.65
C ASN H 214 52.78 -9.98 19.90
N VAL H 215 53.63 -11.01 19.94
CA VAL H 215 53.18 -12.37 20.24
C VAL H 215 52.94 -12.55 21.73
N GLY H 216 53.88 -12.11 22.56
CA GLY H 216 53.82 -12.42 23.97
C GLY H 216 52.60 -11.84 24.65
N ILE H 217 52.15 -10.67 24.19
CA ILE H 217 51.01 -9.99 24.81
C ILE H 217 49.73 -10.80 24.66
N TYR H 218 49.54 -11.45 23.49
CA TYR H 218 48.48 -12.43 23.30
C TYR H 218 48.81 -13.80 23.93
N ALA H 219 50.09 -14.21 23.96
CA ALA H 219 50.40 -15.50 24.60
C ALA H 219 49.99 -15.50 26.08
N VAL H 220 50.17 -14.38 26.77
CA VAL H 220 49.71 -14.24 28.15
C VAL H 220 48.22 -14.48 28.23
N GLN H 221 47.47 -13.89 27.31
CA GLN H 221 46.03 -13.98 27.37
C GLN H 221 45.57 -15.39 27.08
N PHE H 222 46.11 -16.02 26.03
CA PHE H 222 45.65 -17.38 25.72
C PHE H 222 46.04 -18.36 26.83
N ALA H 223 47.25 -18.21 27.37
CA ALA H 223 47.65 -19.04 28.50
C ALA H 223 46.63 -18.90 29.64
N LYS H 224 46.16 -17.69 29.86
CA LYS H 224 45.18 -17.51 30.93
C LYS H 224 43.86 -18.13 30.55
N LEU H 225 43.46 -17.98 29.29
CA LEU H 225 42.19 -18.50 28.82
C LEU H 225 42.13 -20.01 28.93
N LEU H 226 43.28 -20.67 28.75
CA LEU H 226 43.35 -22.10 28.85
C LEU H 226 43.38 -22.58 30.28
N GLY H 227 43.43 -21.66 31.25
CA GLY H 227 43.39 -22.00 32.65
C GLY H 227 44.74 -22.07 33.34
N GLY H 228 45.82 -21.62 32.68
CA GLY H 228 47.11 -21.65 33.28
C GLY H 228 47.25 -20.57 34.31
N GLU H 229 48.16 -20.80 35.24
CA GLU H 229 48.67 -19.75 36.11
C GLU H 229 49.90 -19.13 35.43
N VAL H 230 49.81 -17.86 35.09
CA VAL H 230 50.60 -17.24 34.03
C VAL H 230 51.57 -16.25 34.63
N TYR H 231 52.85 -16.41 34.32
CA TYR H 231 53.93 -15.56 34.81
C TYR H 231 54.60 -14.93 33.60
N ALA H 232 54.37 -13.62 33.40
CA ALA H 232 54.95 -12.90 32.29
C ALA H 232 56.38 -12.50 32.64
N ILE H 233 57.32 -12.76 31.74
CA ILE H 233 58.75 -12.51 31.97
C ILE H 233 59.19 -11.32 31.12
N SER H 234 59.83 -10.34 31.75
CA SER H 234 60.27 -9.12 31.08
C SER H 234 61.53 -8.59 31.76
N ARG H 235 62.45 -8.06 30.94
CA ARG H 235 63.66 -7.35 31.38
C ARG H 235 63.38 -5.92 31.86
N ARG H 236 62.13 -5.47 31.85
CA ARG H 236 61.71 -4.12 32.18
C ARG H 236 60.42 -4.17 32.99
N LYS H 237 60.37 -5.13 33.91
CA LYS H 237 59.24 -5.33 34.82
C LYS H 237 58.66 -4.03 35.36
N ALA H 238 59.49 -3.21 36.00
CA ALA H 238 59.00 -1.98 36.61
C ALA H 238 58.13 -1.22 35.64
N LYS H 239 58.63 -0.99 34.42
CA LYS H 239 57.95 -0.19 33.41
C LYS H 239 56.66 -0.82 32.87
N VAL H 240 56.54 -2.15 32.85
CA VAL H 240 55.45 -2.80 32.12
C VAL H 240 54.49 -3.58 33.00
N GLU H 241 54.72 -3.62 34.31
CA GLU H 241 53.98 -4.54 35.19
C GLU H 241 52.48 -4.41 35.03
N SER H 242 51.94 -3.19 35.02
CA SER H 242 50.49 -3.03 35.09
C SER H 242 49.84 -3.41 33.76
N ILE H 243 50.49 -3.07 32.65
CA ILE H 243 50.05 -3.49 31.31
C ILE H 243 49.94 -5.02 31.25
N LEU H 244 51.00 -5.73 31.66
CA LEU H 244 50.96 -7.19 31.57
C LEU H 244 49.90 -7.78 32.50
N LYS H 245 49.76 -7.21 33.71
CA LYS H 245 48.74 -7.71 34.62
C LYS H 245 47.35 -7.50 34.04
N SER H 246 47.17 -6.43 33.25
CA SER H 246 45.87 -6.20 32.62
C SER H 246 45.67 -7.08 31.41
N ALA H 247 46.75 -7.59 30.83
CA ALA H 247 46.66 -8.63 29.80
C ALA H 247 46.30 -10.00 30.38
N GLY H 248 46.25 -10.15 31.71
CA GLY H 248 45.90 -11.41 32.36
C GLY H 248 47.01 -12.03 33.21
N ALA H 249 48.22 -11.49 33.21
CA ALA H 249 49.30 -12.12 33.95
C ALA H 249 48.96 -12.13 35.43
N ASP H 250 49.10 -13.30 36.04
CA ASP H 250 48.98 -13.44 37.46
C ASP H 250 50.18 -12.85 38.19
N ALA H 251 51.31 -12.74 37.51
CA ALA H 251 52.54 -12.24 38.14
C ALA H 251 53.45 -11.81 37.02
N VAL H 252 54.30 -10.84 37.31
CA VAL H 252 55.27 -10.35 36.36
C VAL H 252 56.61 -10.50 37.04
N LEU H 253 57.59 -11.09 36.33
CA LEU H 253 58.86 -11.48 36.91
C LEU H 253 59.99 -11.00 36.02
N THR H 254 61.06 -10.57 36.66
CA THR H 254 62.32 -10.43 35.99
C THR H 254 62.86 -11.84 35.73
N PRO H 255 63.83 -11.95 34.82
CA PRO H 255 64.46 -13.26 34.61
C PRO H 255 64.97 -13.92 35.89
N ASP H 256 65.70 -13.18 36.74
CA ASP H 256 66.15 -13.76 38.00
C ASP H 256 64.98 -14.25 38.84
N GLU H 257 63.90 -13.48 38.92
CA GLU H 257 62.76 -13.94 39.68
C GLU H 257 62.15 -15.19 39.07
N ALA H 258 62.30 -15.37 37.75
CA ALA H 258 61.75 -16.56 37.10
C ALA H 258 62.55 -17.80 37.50
N LYS H 259 63.88 -17.69 37.60
CA LYS H 259 64.68 -18.81 38.12
C LYS H 259 64.18 -19.26 39.49
N SER H 260 63.95 -18.30 40.39
CA SER H 260 63.43 -18.66 41.71
C SER H 260 62.02 -19.23 41.64
N ALA H 261 61.20 -18.78 40.70
CA ALA H 261 59.82 -19.26 40.63
C ALA H 261 59.69 -20.66 40.04
N ALA H 262 60.76 -21.22 39.48
CA ALA H 262 60.75 -22.54 38.87
C ALA H 262 60.33 -23.62 39.88
N PRO H 263 59.80 -24.76 39.43
CA PRO H 263 59.73 -25.09 38.00
C PRO H 263 58.43 -24.63 37.36
N PHE H 264 58.45 -24.58 36.04
CA PHE H 264 57.29 -24.23 35.24
C PHE H 264 56.93 -25.44 34.39
N ASP H 265 55.62 -25.64 34.19
CA ASP H 265 55.13 -26.72 33.33
C ASP H 265 55.25 -26.38 31.84
N VAL H 266 55.18 -25.09 31.51
CA VAL H 266 55.15 -24.63 30.15
C VAL H 266 55.94 -23.34 30.11
N VAL H 267 56.74 -23.17 29.08
CA VAL H 267 57.41 -21.90 28.79
C VAL H 267 57.14 -21.60 27.33
N LEU H 268 56.43 -20.49 27.08
CA LEU H 268 56.18 -19.97 25.72
C LEU H 268 57.19 -18.86 25.47
N ASP H 269 58.06 -19.08 24.50
CA ASP H 269 59.26 -18.27 24.35
C ASP H 269 59.68 -18.28 22.89
N PRO H 270 59.23 -17.29 22.13
CA PRO H 270 59.72 -17.14 20.74
C PRO H 270 60.93 -16.23 20.64
N THR H 271 61.66 -15.98 21.74
CA THR H 271 62.76 -15.00 21.72
C THR H 271 64.10 -15.58 21.28
N GLY H 272 64.24 -16.90 21.18
CA GLY H 272 65.46 -17.47 20.61
C GLY H 272 66.55 -17.68 21.64
N SER H 273 67.79 -17.73 21.15
CA SER H 273 68.86 -18.42 21.88
C SER H 273 69.30 -17.68 23.14
N ALA H 274 69.13 -16.35 23.20
CA ALA H 274 69.57 -15.63 24.39
C ALA H 274 68.79 -16.04 25.63
N SER H 275 67.58 -16.58 25.46
CA SER H 275 66.71 -16.91 26.59
C SER H 275 66.74 -18.40 26.89
N TRP H 276 67.62 -19.17 26.20
CA TRP H 276 67.52 -20.62 26.20
C TRP H 276 67.84 -21.23 27.57
N ASP H 277 68.99 -20.85 28.15
CA ASP H 277 69.39 -21.43 29.43
C ASP H 277 68.35 -21.15 30.48
N LEU H 278 67.79 -19.93 30.45
CA LEU H 278 66.71 -19.60 31.39
C LEU H 278 65.48 -20.46 31.12
N SER H 279 65.00 -20.45 29.87
CA SER H 279 63.73 -21.10 29.56
C SER H 279 63.81 -22.63 29.70
N PHE H 280 64.88 -23.25 29.23
CA PHE H 280 64.96 -24.71 29.32
C PHE H 280 65.20 -25.12 30.76
N GLY H 281 66.00 -24.34 31.48
CA GLY H 281 66.37 -24.66 32.85
C GLY H 281 65.28 -24.49 33.88
N VAL H 282 64.25 -23.67 33.61
CA VAL H 282 63.17 -23.49 34.58
C VAL H 282 62.08 -24.56 34.44
N LEU H 283 62.21 -25.47 33.50
CA LEU H 283 61.16 -26.44 33.23
C LEU H 283 61.18 -27.59 34.23
N GLY H 284 59.97 -28.01 34.65
CA GLY H 284 59.80 -29.16 35.51
C GLY H 284 59.61 -30.44 34.73
N ARG H 285 59.29 -31.50 35.46
CA ARG H 285 59.03 -32.77 34.81
C ARG H 285 57.87 -32.62 33.85
N GLY H 286 57.98 -33.24 32.68
CA GLY H 286 56.94 -33.11 31.67
C GLY H 286 56.84 -31.72 31.08
N GLY H 287 57.71 -30.80 31.49
CA GLY H 287 57.59 -29.43 31.03
C GLY H 287 57.75 -29.32 29.53
N ARG H 288 57.07 -28.34 28.97
CA ARG H 288 57.03 -28.11 27.53
C ARG H 288 57.54 -26.71 27.23
N TYR H 289 58.53 -26.64 26.35
CA TYR H 289 59.06 -25.38 25.80
C TYR H 289 58.50 -25.23 24.40
N VAL H 290 57.89 -24.09 24.11
CA VAL H 290 57.29 -23.83 22.80
C VAL H 290 57.86 -22.52 22.24
N THR H 291 58.35 -22.58 21.01
CA THR H 291 58.83 -21.41 20.32
C THR H 291 58.21 -21.33 18.94
N ALA H 292 57.92 -20.10 18.53
CA ALA H 292 57.60 -19.82 17.13
C ALA H 292 58.58 -18.83 16.51
N GLY H 293 59.68 -18.50 17.19
CA GLY H 293 60.63 -17.51 16.71
C GLY H 293 62.04 -17.73 17.21
N ALA H 294 62.96 -16.97 16.61
CA ALA H 294 64.38 -17.04 16.97
C ALA H 294 64.95 -15.64 16.99
N LEU H 295 64.25 -14.74 17.70
CA LEU H 295 64.56 -13.32 17.64
C LEU H 295 66.05 -13.07 17.85
N THR H 296 66.63 -13.65 18.91
CA THR H 296 67.98 -13.36 19.37
C THR H 296 69.01 -14.37 18.86
N GLY H 297 68.59 -15.34 18.09
CA GLY H 297 69.49 -16.37 17.55
C GLY H 297 68.77 -17.71 17.56
N ALA H 298 69.13 -18.57 16.60
CA ALA H 298 68.41 -19.80 16.34
C ALA H 298 69.08 -21.06 16.88
N GLU H 299 70.34 -21.02 17.26
CA GLU H 299 71.05 -22.24 17.65
C GLU H 299 71.16 -22.34 19.18
N VAL H 300 70.89 -23.52 19.74
CA VAL H 300 70.98 -23.73 21.18
C VAL H 300 71.70 -25.03 21.43
N ARG H 301 72.47 -25.05 22.53
CA ARG H 301 73.06 -26.30 23.03
C ARG H 301 71.97 -26.98 23.84
N LEU H 302 71.45 -28.08 23.33
CA LEU H 302 70.46 -28.89 24.01
C LEU H 302 71.15 -30.12 24.59
N ASP H 303 71.01 -30.28 25.91
CA ASP H 303 71.50 -31.44 26.64
C ASP H 303 70.42 -32.52 26.64
N LEU H 304 70.65 -33.57 25.85
CA LEU H 304 69.69 -34.67 25.77
C LEU H 304 69.52 -35.40 27.09
N ARG H 305 70.58 -35.46 27.90
CA ARG H 305 70.44 -36.10 29.21
C ARG H 305 69.34 -35.44 30.03
N ARG H 306 69.26 -34.10 29.98
CA ARG H 306 68.22 -33.38 30.71
C ARG H 306 66.86 -33.45 30.01
N LEU H 307 66.84 -33.50 28.68
CA LEU H 307 65.58 -33.67 27.94
C LEU H 307 64.88 -34.96 28.36
N TYR H 308 65.60 -36.11 28.26
CA TYR H 308 64.98 -37.40 28.61
C TYR H 308 64.85 -37.61 30.11
N GLY H 309 65.81 -37.12 30.90
CA GLY H 309 65.71 -37.31 32.35
C GLY H 309 64.50 -36.63 32.95
N MET H 310 64.10 -35.49 32.40
CA MET H 310 62.95 -34.73 32.88
C MET H 310 61.69 -34.96 32.05
N GLN H 311 61.79 -35.77 30.97
CA GLN H 311 60.72 -35.94 29.98
C GLN H 311 60.17 -34.59 29.50
N ILE H 312 61.08 -33.71 29.14
CA ILE H 312 60.73 -32.41 28.58
C ILE H 312 60.41 -32.58 27.10
N LEU H 313 59.49 -31.74 26.61
CA LEU H 313 59.23 -31.61 25.19
C LEU H 313 59.69 -30.23 24.75
N VAL H 314 60.31 -30.19 23.58
CA VAL H 314 60.74 -28.97 22.93
C VAL H 314 60.03 -28.93 21.59
N ILE H 315 59.09 -27.98 21.47
CA ILE H 315 58.03 -28.01 20.46
C ILE H 315 58.17 -26.76 19.60
N GLY H 316 58.13 -26.94 18.29
CA GLY H 316 58.02 -25.83 17.36
C GLY H 316 56.57 -25.52 17.00
N ALA H 317 56.32 -24.24 16.78
CA ALA H 317 55.04 -23.72 16.33
C ALA H 317 55.28 -22.62 15.32
N THR H 318 54.46 -22.57 14.28
CA THR H 318 54.52 -21.48 13.32
C THR H 318 53.13 -21.16 12.80
N GLY H 319 52.90 -19.87 12.54
CA GLY H 319 51.60 -19.41 12.06
C GLY H 319 50.42 -19.92 12.90
N GLY H 320 49.36 -20.30 12.20
CA GLY H 320 48.17 -20.81 12.87
C GLY H 320 47.32 -21.53 11.87
N ARG H 321 46.41 -22.32 12.41
CA ARG H 321 45.46 -23.09 11.61
C ARG H 321 44.34 -22.17 11.13
N ARG H 322 43.85 -22.44 9.91
CA ARG H 322 42.78 -21.61 9.36
C ARG H 322 41.57 -21.58 10.28
N ALA H 323 41.23 -22.74 10.86
CA ALA H 323 40.10 -22.84 11.80
C ALA H 323 40.35 -22.03 13.07
N ASP H 324 41.56 -22.08 13.61
CA ASP H 324 41.79 -21.36 14.88
C ASP H 324 41.78 -19.86 14.66
N PHE H 325 42.09 -19.41 13.45
CA PHE H 325 42.01 -17.98 13.17
C PHE H 325 40.57 -17.49 13.26
N ASN H 326 39.61 -18.29 12.78
CA ASN H 326 38.21 -17.99 13.02
C ASN H 326 37.92 -17.87 14.51
N THR H 327 38.41 -18.84 15.29
CA THR H 327 38.18 -18.78 16.73
C THR H 327 38.80 -17.53 17.33
N VAL H 328 40.01 -17.17 16.90
CA VAL H 328 40.69 -16.02 17.49
C VAL H 328 39.94 -14.74 17.18
N VAL H 329 39.41 -14.64 15.96
CA VAL H 329 38.66 -13.45 15.60
C VAL H 329 37.41 -13.34 16.47
N ARG H 330 36.67 -14.46 16.65
CA ARG H 330 35.46 -14.44 17.50
C ARG H 330 35.79 -14.11 18.94
N LEU H 331 36.96 -14.55 19.45
CA LEU H 331 37.35 -14.15 20.79
C LEU H 331 37.55 -12.65 20.89
N LEU H 332 38.21 -12.03 19.90
CA LEU H 332 38.38 -10.57 19.93
C LEU H 332 37.03 -9.89 19.95
N GLU H 333 36.13 -10.35 19.10
CA GLU H 333 34.82 -9.75 19.01
C GLU H 333 34.07 -9.83 20.34
N ALA H 334 34.16 -10.97 21.02
CA ALA H 334 33.49 -11.17 22.31
C ALA H 334 34.17 -10.43 23.45
N GLY H 335 35.31 -9.77 23.22
CA GLY H 335 36.05 -9.19 24.33
C GLY H 335 36.78 -10.18 25.20
N ARG H 336 36.93 -11.44 24.78
CA ARG H 336 37.66 -12.41 25.59
C ARG H 336 39.16 -12.26 25.45
N ILE H 337 39.63 -11.61 24.37
CA ILE H 337 41.00 -11.15 24.25
C ILE H 337 40.91 -9.67 23.88
N LYS H 338 41.99 -8.94 24.18
CA LYS H 338 42.11 -7.49 24.03
C LYS H 338 43.31 -7.19 23.16
N ALA H 339 43.22 -6.13 22.36
CA ALA H 339 44.35 -5.67 21.55
C ALA H 339 45.04 -4.56 22.30
N PHE H 340 46.37 -4.56 22.28
CA PHE H 340 47.17 -3.55 22.95
C PHE H 340 47.87 -2.79 21.83
N LEU H 341 47.62 -1.49 21.76
CA LEU H 341 48.09 -0.69 20.66
C LEU H 341 49.10 0.33 21.18
N HIS H 342 50.09 0.61 20.34
CA HIS H 342 51.06 1.66 20.61
C HIS H 342 50.75 2.94 19.86
N ASN H 343 50.64 2.85 18.54
CA ASN H 343 50.76 4.00 17.67
C ASN H 343 50.24 3.65 16.28
N VAL H 344 49.76 4.67 15.57
CA VAL H 344 49.34 4.50 14.18
C VAL H 344 50.06 5.51 13.29
N TYR H 345 50.56 5.05 12.18
CA TYR H 345 51.34 5.85 11.29
C TYR H 345 50.69 5.83 9.92
N PRO H 346 50.57 6.98 9.24
CA PRO H 346 50.16 6.96 7.84
C PRO H 346 51.22 6.31 6.96
N LEU H 347 50.79 5.92 5.77
CA LEU H 347 51.62 5.13 4.89
C LEU H 347 52.89 5.87 4.45
N ALA H 348 52.86 7.20 4.51
CA ALA H 348 54.05 7.96 4.15
C ALA H 348 55.15 7.80 5.20
N ASP H 349 54.77 7.58 6.46
CA ASP H 349 55.71 7.38 7.55
C ASP H 349 56.03 5.90 7.77
N VAL H 350 55.95 5.08 6.72
CA VAL H 350 56.18 3.65 6.86
C VAL H 350 57.58 3.38 7.43
N ARG H 351 58.59 4.15 7.00
CA ARG H 351 59.94 3.92 7.54
C ARG H 351 59.98 4.21 9.04
N LYS H 352 59.39 5.32 9.50
CA LYS H 352 59.36 5.62 10.93
C LYS H 352 58.62 4.55 11.70
N ALA H 353 57.61 3.93 11.09
CA ALA H 353 56.82 2.89 11.75
C ALA H 353 57.63 1.62 11.96
N LEU H 354 58.30 1.13 10.91
CA LEU H 354 59.17 -0.05 11.06
C LEU H 354 60.26 0.20 12.09
N GLU H 355 60.89 1.37 12.06
CA GLU H 355 61.87 1.74 13.07
C GLU H 355 61.28 1.65 14.48
N GLU H 356 60.04 2.12 14.64
CA GLU H 356 59.37 2.11 15.94
C GLU H 356 59.32 0.72 16.59
N LEU H 357 59.65 -0.36 15.85
CA LEU H 357 59.77 -1.69 16.44
C LEU H 357 60.96 -1.80 17.40
N ARG H 358 62.06 -1.08 17.12
CA ARG H 358 63.24 -1.04 17.98
C ARG H 358 63.08 -0.10 19.17
N SER H 359 62.02 0.72 19.22
CA SER H 359 61.84 1.64 20.33
C SER H 359 61.75 0.85 21.63
N PRO H 360 62.58 1.17 22.63
CA PRO H 360 62.59 0.38 23.87
C PRO H 360 61.53 0.76 24.88
N GLU H 361 60.77 1.82 24.62
CA GLU H 361 59.63 2.19 25.46
C GLU H 361 58.34 1.51 25.02
N ARG H 362 58.30 0.97 23.81
CA ARG H 362 57.06 0.50 23.18
C ARG H 362 56.57 -0.78 23.83
N VAL H 363 55.33 -0.75 24.29
CA VAL H 363 54.55 -1.94 24.55
C VAL H 363 53.26 -1.75 23.76
N GLY H 364 53.04 -2.62 22.79
CA GLY H 364 51.85 -2.58 21.98
C GLY H 364 52.18 -2.60 20.51
N LYS H 365 51.12 -2.68 19.71
CA LYS H 365 51.26 -2.86 18.28
C LYS H 365 51.41 -1.50 17.58
N VAL H 366 52.31 -1.47 16.61
CA VAL H 366 52.42 -0.34 15.68
C VAL H 366 51.58 -0.67 14.46
N LEU H 367 50.77 0.29 14.02
CA LEU H 367 49.91 0.08 12.86
C LEU H 367 50.22 1.11 11.79
N ILE H 368 50.16 0.69 10.55
CA ILE H 368 50.07 1.56 9.39
C ILE H 368 48.60 1.64 9.01
N ALA H 369 48.14 2.86 8.69
CA ALA H 369 46.78 3.18 8.26
C ALA H 369 46.86 3.72 6.83
N PRO H 370 46.80 2.86 5.82
CA PRO H 370 47.03 3.30 4.44
C PRO H 370 46.00 4.31 3.90
N HIS I 38 35.64 16.97 79.15
CA HIS I 38 36.28 16.36 77.96
C HIS I 38 37.10 17.44 77.26
N GLU I 39 37.82 17.05 76.20
CA GLU I 39 38.75 17.96 75.53
C GLU I 39 38.68 17.70 74.02
N MET I 40 39.31 18.61 73.28
CA MET I 40 39.38 18.53 71.82
C MET I 40 40.65 19.20 71.37
N ARG I 41 41.07 18.87 70.15
CA ARG I 41 42.17 19.61 69.56
C ARG I 41 41.61 20.90 68.94
N ALA I 42 42.39 21.98 69.05
CA ALA I 42 42.12 23.24 68.38
C ALA I 42 43.44 23.92 68.01
N ALA I 43 43.36 24.84 67.07
CA ALA I 43 44.40 25.83 66.82
C ALA I 43 44.02 27.10 67.54
N ALA I 44 44.97 27.67 68.28
CA ALA I 44 44.70 28.85 69.07
C ALA I 44 45.95 29.71 69.12
N PHE I 45 45.75 30.97 69.44
CA PHE I 45 46.84 31.91 69.63
C PHE I 45 46.54 32.76 70.85
N SER I 46 47.54 32.88 71.75
CA SER I 46 47.42 33.72 72.94
C SER I 46 47.91 35.14 72.69
N THR I 47 48.64 35.35 71.60
CA THR I 47 49.14 36.60 71.16
C THR I 47 49.17 36.54 69.64
N PRO I 48 48.88 37.64 68.95
CA PRO I 48 48.79 37.60 67.48
C PRO I 48 50.09 37.29 66.75
N GLY I 49 49.94 36.95 65.46
CA GLY I 49 51.03 36.54 64.62
C GLY I 49 51.01 35.05 64.32
N LEU I 50 51.18 34.69 63.04
CA LEU I 50 51.08 33.29 62.62
C LEU I 50 52.02 32.38 63.40
N GLU I 51 53.14 32.92 63.89
CA GLU I 51 54.12 32.14 64.63
C GLU I 51 53.64 31.77 66.02
N ASN I 52 52.54 32.34 66.45
CA ASN I 52 51.94 32.04 67.73
C ASN I 52 50.68 31.20 67.59
N LEU I 53 50.37 30.72 66.38
CA LEU I 53 49.23 29.84 66.19
C LEU I 53 49.69 28.41 66.37
N LYS I 54 49.32 27.81 67.49
CA LYS I 54 49.86 26.53 67.90
C LYS I 54 48.72 25.57 68.13
N LEU I 55 48.92 24.31 67.77
CA LEU I 55 47.95 23.27 68.05
C LEU I 55 47.90 23.03 69.56
N VAL I 56 46.68 23.03 70.13
CA VAL I 56 46.48 22.96 71.57
C VAL I 56 45.43 21.90 71.92
N GLU I 57 45.46 21.46 73.16
CA GLU I 57 44.35 20.78 73.77
C GLU I 57 43.48 21.83 74.45
N ALA I 58 42.18 21.76 74.21
CA ALA I 58 41.23 22.77 74.68
C ALA I 58 40.00 22.11 75.27
N GLU I 59 39.40 22.80 76.24
CA GLU I 59 38.14 22.36 76.84
C GLU I 59 37.08 22.31 75.74
N THR I 60 36.35 21.21 75.66
CA THR I 60 35.35 21.13 74.59
C THR I 60 34.13 21.98 74.96
N PRO I 61 33.69 22.89 74.09
CA PRO I 61 32.60 23.80 74.47
C PRO I 61 31.26 23.07 74.64
N ARG I 62 30.41 23.64 75.45
CA ARG I 62 29.10 23.08 75.78
C ARG I 62 27.99 23.97 75.26
N PRO I 63 26.95 23.44 74.62
CA PRO I 63 25.91 24.32 74.07
C PRO I 63 24.87 24.74 75.12
N GLY I 64 24.54 26.02 75.13
CA GLY I 64 23.47 26.50 75.97
C GLY I 64 22.15 26.54 75.24
N PRO I 65 21.14 27.10 75.90
CA PRO I 65 19.87 27.31 75.19
C PRO I 65 20.14 28.09 73.90
N GLY I 66 19.46 27.69 72.83
CA GLY I 66 19.55 28.31 71.54
C GLY I 66 20.81 27.99 70.74
N GLU I 67 21.62 27.04 71.19
CA GLU I 67 22.93 26.79 70.60
C GLU I 67 23.05 25.32 70.18
N VAL I 68 23.99 25.06 69.27
CA VAL I 68 24.32 23.70 68.86
C VAL I 68 25.83 23.56 68.90
N LEU I 69 26.28 22.40 69.35
CA LEU I 69 27.66 21.97 69.21
C LEU I 69 27.80 21.24 67.88
N ILE I 70 28.81 21.62 67.10
CA ILE I 70 29.09 21.04 65.79
C ILE I 70 30.44 20.34 65.85
N ARG I 71 30.50 19.10 65.40
CA ARG I 71 31.79 18.51 65.06
C ARG I 71 32.13 19.03 63.67
N VAL I 72 33.15 19.88 63.59
CA VAL I 72 33.53 20.55 62.35
C VAL I 72 34.16 19.51 61.42
N LYS I 73 33.62 19.33 60.23
CA LYS I 73 34.37 18.55 59.26
C LYS I 73 35.33 19.41 58.42
N TYR I 74 34.87 20.53 57.86
CA TYR I 74 35.70 21.36 56.99
C TYR I 74 35.56 22.84 57.34
N ALA I 75 36.67 23.54 57.30
CA ALA I 75 36.68 24.96 57.61
C ALA I 75 37.47 25.66 56.53
N GLY I 76 36.93 26.76 56.03
CA GLY I 76 37.60 27.49 54.95
C GLY I 76 38.75 28.34 55.46
N VAL I 77 39.75 28.54 54.60
CA VAL I 77 40.89 29.41 54.88
C VAL I 77 40.75 30.68 54.05
N ASN I 78 40.65 31.82 54.71
CA ASN I 78 40.31 33.09 54.07
C ASN I 78 41.20 34.20 54.60
N PRO I 79 41.36 35.28 53.84
CA PRO I 79 42.03 36.48 54.39
C PRO I 79 41.50 36.92 55.75
N LEU I 80 40.18 36.85 55.96
CA LEU I 80 39.61 37.22 57.27
C LEU I 80 40.24 36.43 58.40
N ASP I 81 40.40 35.12 58.21
CA ASP I 81 41.01 34.27 59.24
C ASP I 81 42.49 34.58 59.40
N TYR I 82 43.18 34.69 58.27
CA TYR I 82 44.60 35.06 58.32
C TYR I 82 44.77 36.35 59.11
N ASN I 83 43.93 37.34 58.83
CA ASN I 83 44.10 38.64 59.44
C ASN I 83 43.71 38.62 60.91
N VAL I 84 42.83 37.72 61.30
CA VAL I 84 42.51 37.57 62.72
C VAL I 84 43.72 37.00 63.46
N VAL I 85 44.34 35.97 62.89
CA VAL I 85 45.54 35.37 63.46
C VAL I 85 46.65 36.42 63.59
N ALA I 86 46.75 37.37 62.63
CA ALA I 86 47.87 38.31 62.54
C ALA I 86 47.71 39.56 63.40
N GLY I 87 46.56 39.75 64.02
CA GLY I 87 46.32 40.89 64.88
C GLY I 87 45.64 42.06 64.18
N ALA I 88 45.56 42.03 62.85
CA ALA I 88 44.89 43.09 62.09
C ALA I 88 43.45 43.28 62.53
N VAL I 89 42.77 42.20 62.90
CA VAL I 89 41.41 42.25 63.40
C VAL I 89 41.43 41.72 64.84
N LYS I 90 40.81 42.46 65.74
CA LYS I 90 40.82 42.10 67.16
C LYS I 90 39.81 40.99 67.43
N ALA I 91 40.24 39.96 68.16
CA ALA I 91 39.46 38.76 68.38
C ALA I 91 39.21 38.55 69.86
N SER I 92 38.08 37.91 70.19
CA SER I 92 37.73 37.57 71.58
C SER I 92 36.91 36.29 71.56
N PRO I 93 37.06 35.39 72.55
CA PRO I 93 37.93 35.64 73.70
C PRO I 93 39.41 35.39 73.35
N MET I 94 40.27 35.59 74.35
CA MET I 94 41.69 35.35 74.20
C MET I 94 42.07 34.49 75.40
N PRO I 95 42.82 33.40 75.24
CA PRO I 95 43.33 32.98 73.92
C PRO I 95 42.20 32.60 72.97
N HIS I 96 42.53 32.60 71.67
CA HIS I 96 41.51 32.60 70.62
C HIS I 96 41.74 31.49 69.61
N ILE I 97 40.68 30.77 69.31
CA ILE I 97 40.61 29.80 68.21
C ILE I 97 39.95 30.53 67.04
N PRO I 98 40.63 30.70 65.89
CA PRO I 98 39.96 31.37 64.76
C PRO I 98 39.16 30.35 63.93
N GLY I 99 38.65 30.81 62.79
CA GLY I 99 37.90 29.98 61.86
C GLY I 99 36.45 30.44 61.76
N SER I 100 36.17 31.26 60.75
CA SER I 100 34.86 31.86 60.61
C SER I 100 34.00 31.21 59.53
N GLU I 101 34.51 30.24 58.78
CA GLU I 101 33.79 29.62 57.66
C GLU I 101 33.92 28.11 57.82
N PHE I 102 32.87 27.43 58.31
CA PHE I 102 32.97 25.98 58.48
C PHE I 102 31.62 25.26 58.34
N ALA I 103 31.72 23.95 58.16
CA ALA I 103 30.59 23.03 58.05
C ALA I 103 30.95 21.76 58.81
N GLY I 104 29.92 21.08 59.27
CA GLY I 104 30.12 19.94 60.12
C GLY I 104 28.81 19.23 60.35
N VAL I 105 28.81 18.38 61.37
CA VAL I 105 27.66 17.62 61.77
C VAL I 105 27.39 17.92 63.25
N VAL I 106 26.10 18.05 63.57
CA VAL I 106 25.69 18.46 64.90
C VAL I 106 26.01 17.34 65.87
N GLU I 107 26.77 17.69 66.90
CA GLU I 107 27.10 16.77 67.97
C GLU I 107 26.07 16.84 69.09
N GLU I 108 25.49 18.00 69.35
CA GLU I 108 24.56 18.11 70.47
C GLU I 108 23.78 19.41 70.37
N ALA I 109 22.46 19.30 70.50
CA ALA I 109 21.59 20.45 70.56
C ALA I 109 21.48 20.90 72.02
N GLY I 110 21.47 22.20 72.23
CA GLY I 110 21.26 22.72 73.55
C GLY I 110 19.82 22.59 73.98
N PRO I 111 19.56 22.89 75.25
CA PRO I 111 18.19 22.79 75.77
C PRO I 111 17.22 23.64 74.97
N GLY I 112 16.05 23.06 74.70
CA GLY I 112 14.97 23.73 74.00
C GLY I 112 15.13 23.84 72.51
N VAL I 113 16.30 23.51 71.97
CA VAL I 113 16.54 23.70 70.55
C VAL I 113 15.75 22.67 69.77
N THR I 114 15.01 23.14 68.77
CA THR I 114 14.20 22.36 67.85
C THR I 114 14.70 22.63 66.43
N GLY I 115 14.19 21.87 65.45
CA GLY I 115 14.55 22.09 64.06
C GLY I 115 15.99 21.75 63.69
N VAL I 116 16.85 21.43 64.65
CA VAL I 116 18.15 20.88 64.33
C VAL I 116 18.50 19.85 65.40
N SER I 117 19.02 18.71 64.97
CA SER I 117 19.27 17.60 65.88
C SER I 117 20.66 17.02 65.62
N ARG I 118 21.16 16.34 66.65
CA ARG I 118 22.37 15.54 66.52
C ARG I 118 22.28 14.66 65.28
N GLY I 119 23.42 14.56 64.56
CA GLY I 119 23.51 13.87 63.28
C GLY I 119 23.17 14.69 62.06
N ASP I 120 22.67 15.92 62.23
CA ASP I 120 22.30 16.74 61.07
C ASP I 120 23.56 17.34 60.45
N PRO I 121 23.82 17.13 59.17
CA PRO I 121 24.87 17.92 58.52
C PRO I 121 24.44 19.37 58.40
N VAL I 122 25.36 20.29 58.71
CA VAL I 122 25.04 21.71 58.74
C VAL I 122 26.20 22.55 58.20
N VAL I 123 25.85 23.76 57.74
CA VAL I 123 26.84 24.76 57.36
C VAL I 123 26.46 26.08 58.04
N VAL I 124 27.45 26.77 58.59
CA VAL I 124 27.19 27.82 59.58
C VAL I 124 27.22 29.20 58.91
N TYR I 125 26.09 29.91 58.99
CA TYR I 125 26.04 31.34 58.68
C TYR I 125 26.73 32.12 59.78
N ASN I 126 27.71 32.97 59.41
CA ASN I 126 28.69 33.43 60.38
C ASN I 126 28.39 34.78 61.02
N ARG I 127 27.27 35.40 60.74
CA ARG I 127 26.94 36.68 61.37
C ARG I 127 26.00 36.49 62.56
N LEU I 128 26.40 37.02 63.72
CA LEU I 128 25.51 37.06 64.86
C LEU I 128 24.47 38.14 64.62
N TYR I 129 23.18 37.75 64.71
CA TYR I 129 22.08 38.70 64.52
C TYR I 129 21.03 38.55 65.63
N CYS I 130 20.47 39.69 66.05
CA CYS I 130 19.54 39.68 67.16
C CYS I 130 18.11 39.30 66.76
N GLY I 131 17.72 39.59 65.51
CA GLY I 131 16.35 39.39 65.04
C GLY I 131 15.32 40.46 65.37
N HIS I 132 15.66 41.52 66.12
CA HIS I 132 14.68 42.52 66.54
CA HIS I 132 14.69 42.52 66.54
C HIS I 132 14.95 43.93 66.06
N CYS I 133 16.19 44.27 65.66
CA CYS I 133 16.48 45.62 65.21
C CYS I 133 15.96 45.86 63.78
N ARG I 134 16.03 47.12 63.36
CA ARG I 134 15.56 47.53 62.03
C ARG I 134 16.23 46.72 60.93
N GLN I 135 17.56 46.57 61.02
CA GLN I 135 18.28 45.82 60.00
C GLN I 135 17.82 44.38 59.94
N CYS I 136 17.76 43.69 61.08
CA CYS I 136 17.32 42.30 61.09
C CYS I 136 15.91 42.15 60.54
N LEU I 137 14.99 43.05 60.93
CA LEU I 137 13.61 42.93 60.51
C LEU I 137 13.44 43.19 59.02
N THR I 138 14.33 43.94 58.40
CA THR I 138 14.23 44.11 56.96
C THR I 138 14.97 43.03 56.19
N GLY I 139 15.69 42.14 56.88
CA GLY I 139 16.43 41.05 56.27
C GLY I 139 17.93 41.24 56.23
N TRP I 140 18.40 42.46 56.52
CA TRP I 140 19.83 42.78 56.47
C TRP I 140 20.52 42.35 57.76
N THR I 141 20.43 41.03 58.02
CA THR I 141 20.96 40.49 59.26
C THR I 141 22.46 40.74 59.42
N GLN I 142 23.21 40.85 58.32
CA GLN I 142 24.62 41.16 58.50
C GLN I 142 24.86 42.59 59.01
N MET I 143 23.85 43.47 59.02
CA MET I 143 23.99 44.83 59.52
C MET I 143 23.43 45.00 60.94
N CYS I 144 23.22 43.90 61.67
CA CYS I 144 22.49 44.00 62.94
C CYS I 144 23.08 45.09 63.83
N GLU I 145 22.23 46.04 64.21
CA GLU I 145 22.65 47.14 65.08
C GLU I 145 22.94 46.69 66.50
N VAL I 146 22.42 45.52 66.93
CA VAL I 146 22.65 45.10 68.31
C VAL I 146 23.98 44.39 68.47
N THR I 147 24.33 43.48 67.54
CA THR I 147 25.53 42.65 67.66
C THR I 147 26.76 43.29 67.04
N GLY I 148 26.64 44.45 66.41
CA GLY I 148 27.76 45.01 65.69
C GLY I 148 28.09 44.29 64.40
N GLY I 149 27.17 43.49 63.88
CA GLY I 149 27.51 42.62 62.76
C GLY I 149 28.53 41.54 63.08
N GLY I 150 29.04 41.49 64.33
CA GLY I 150 30.00 40.51 64.81
C GLY I 150 29.95 39.12 64.18
N ILE I 151 31.12 38.51 64.07
CA ILE I 151 31.30 37.34 63.22
C ILE I 151 31.70 36.18 64.10
N ILE I 152 31.05 35.04 63.87
CA ILE I 152 31.50 33.79 64.47
C ILE I 152 32.94 33.50 64.06
N GLY I 153 33.76 33.12 65.04
CA GLY I 153 35.17 32.92 64.85
C GLY I 153 36.01 34.12 65.22
N ILE I 154 35.41 35.31 65.32
CA ILE I 154 36.10 36.55 65.65
C ILE I 154 35.73 37.04 67.07
N VAL I 155 34.44 37.17 67.36
CA VAL I 155 33.96 37.45 68.72
C VAL I 155 33.47 36.20 69.43
N THR I 156 33.67 35.03 68.82
CA THR I 156 33.46 33.73 69.46
C THR I 156 34.58 32.82 68.98
N GLN I 157 34.73 31.66 69.63
CA GLN I 157 35.69 30.67 69.15
C GLN I 157 35.13 30.00 67.91
N GLY I 158 36.00 29.73 66.95
CA GLY I 158 35.61 29.35 65.62
C GLY I 158 35.97 27.92 65.27
N GLY I 159 35.96 27.64 63.98
CA GLY I 159 35.99 26.28 63.47
C GLY I 159 37.34 25.62 63.28
N TYR I 160 38.46 26.29 63.56
CA TYR I 160 39.78 25.63 63.46
C TYR I 160 39.99 24.77 64.71
N ALA I 161 39.15 23.75 64.82
CA ALA I 161 38.99 22.97 66.04
C ALA I 161 37.99 21.87 65.82
N GLU I 162 38.12 20.78 66.57
CA GLU I 162 37.22 19.65 66.37
C GLU I 162 35.78 20.05 66.61
N TYR I 163 35.52 20.98 67.54
CA TYR I 163 34.16 21.35 67.88
C TYR I 163 34.01 22.87 68.03
N ALA I 164 32.84 23.37 67.63
CA ALA I 164 32.49 24.76 67.88
C ALA I 164 31.00 24.86 68.18
N VAL I 165 30.65 25.89 68.94
CA VAL I 165 29.28 26.16 69.37
C VAL I 165 28.84 27.45 68.70
N VAL I 166 27.74 27.37 67.96
CA VAL I 166 27.13 28.50 67.27
C VAL I 166 25.67 28.59 67.68
N PRO I 167 25.07 29.76 67.54
CA PRO I 167 23.60 29.84 67.68
C PRO I 167 22.92 28.86 66.75
N ALA I 168 21.83 28.24 67.23
CA ALA I 168 21.17 27.22 66.42
C ALA I 168 20.52 27.81 65.18
N LYS I 169 20.05 29.06 65.24
CA LYS I 169 19.45 29.68 64.06
C LYS I 169 20.47 29.96 62.97
N ASN I 170 21.76 29.87 63.28
CA ASN I 170 22.83 30.05 62.31
C ASN I 170 23.22 28.77 61.61
N ALA I 171 22.71 27.62 62.03
CA ALA I 171 23.09 26.35 61.41
C ALA I 171 22.08 25.99 60.34
N VAL I 172 22.55 25.78 59.11
CA VAL I 172 21.69 25.46 57.99
C VAL I 172 21.96 24.01 57.63
N ALA I 173 20.93 23.18 57.78
CA ALA I 173 20.98 21.80 57.39
C ALA I 173 21.16 21.74 55.89
N THR I 174 22.10 20.89 55.46
CA THR I 174 22.38 20.76 54.03
C THR I 174 22.66 19.31 53.70
N ARG I 175 22.21 18.90 52.50
CA ARG I 175 22.55 17.61 51.94
C ARG I 175 23.73 17.68 50.95
N ALA I 176 24.44 18.80 50.86
CA ALA I 176 25.58 18.90 49.96
C ALA I 176 26.84 18.30 50.59
N ASP I 177 27.76 17.86 49.74
CA ASP I 177 29.09 17.50 50.24
C ASP I 177 29.59 18.63 51.12
N LEU I 178 30.00 18.30 52.34
CA LEU I 178 30.35 19.33 53.33
C LEU I 178 31.64 20.05 53.00
N LYS I 179 32.51 19.41 52.20
CA LYS I 179 33.69 20.06 51.69
C LYS I 179 33.30 21.27 50.86
N GLU I 180 32.36 21.08 49.94
CA GLU I 180 31.82 22.18 49.15
C GLU I 180 30.99 23.14 50.01
N ALA I 181 30.14 22.61 50.89
CA ALA I 181 29.40 23.47 51.78
C ALA I 181 30.33 24.45 52.52
N ALA I 182 31.51 24.01 52.94
CA ALA I 182 32.42 24.89 53.66
C ALA I 182 33.03 26.02 52.81
N THR I 183 32.69 26.15 51.52
CA THR I 183 33.07 27.32 50.75
C THR I 183 31.98 28.38 50.71
N LEU I 184 30.86 28.17 51.39
CA LEU I 184 29.71 29.03 51.23
C LEU I 184 29.65 30.20 52.20
N PRO I 185 29.94 30.02 53.50
CA PRO I 185 29.68 31.12 54.47
C PRO I 185 30.43 32.42 54.19
N ILE I 186 31.65 32.36 53.65
CA ILE I 186 32.41 33.58 53.40
C ILE I 186 32.44 33.80 51.91
N GLY I 187 33.16 32.93 51.19
CA GLY I 187 33.33 33.09 49.77
C GLY I 187 32.03 33.26 48.98
N ALA I 188 31.18 32.23 48.94
CA ALA I 188 30.01 32.28 48.06
C ALA I 188 29.05 33.37 48.51
N LEU I 189 28.81 33.49 49.82
CA LEU I 189 27.74 34.36 50.27
C LEU I 189 28.09 35.82 50.03
N THR I 190 29.36 36.20 50.30
CA THR I 190 29.82 37.56 50.08
C THR I 190 29.64 37.92 48.61
N ALA I 191 30.06 37.00 47.73
CA ALA I 191 29.87 37.16 46.30
C ALA I 191 28.39 37.33 45.95
N TRP I 192 27.53 36.51 46.56
CA TRP I 192 26.10 36.60 46.29
C TRP I 192 25.57 38.00 46.58
N ASN I 193 25.78 38.46 47.81
CA ASN I 193 25.38 39.80 48.24
C ASN I 193 25.96 40.89 47.32
N MET I 194 27.17 40.68 46.78
CA MET I 194 27.74 41.66 45.85
C MET I 194 26.88 41.77 44.60
N ALA I 195 26.57 40.64 43.95
CA ALA I 195 25.83 40.68 42.69
C ALA I 195 24.39 41.07 42.90
N TYR I 196 23.82 40.69 44.04
CA TYR I 196 22.47 41.12 44.40
C TYR I 196 22.35 42.64 44.45
N ARG I 197 23.32 43.29 45.11
CA ARG I 197 23.33 44.74 45.27
C ARG I 197 23.78 45.50 43.99
N ALA I 198 24.16 44.76 42.95
CA ALA I 198 24.59 45.31 41.68
C ALA I 198 23.44 45.45 40.69
N SER I 199 22.27 44.90 41.00
CA SER I 199 21.10 45.00 40.11
C SER I 199 21.45 44.65 38.66
N ILE I 200 22.06 43.48 38.48
CA ILE I 200 22.39 42.97 37.17
C ILE I 200 21.13 42.53 36.48
N SER I 201 20.96 42.91 35.21
CA SER I 201 19.87 42.42 34.36
C SER I 201 20.46 41.61 33.20
N PRO I 202 19.67 40.69 32.63
CA PRO I 202 20.17 39.93 31.48
C PRO I 202 20.72 40.85 30.40
N GLY I 203 21.88 40.47 29.86
CA GLY I 203 22.54 41.21 28.81
C GLY I 203 23.57 42.18 29.30
N GLU I 204 23.45 42.66 30.53
CA GLU I 204 24.44 43.59 31.04
C GLU I 204 25.83 42.94 31.08
N LYS I 205 26.82 43.71 30.65
CA LYS I 205 28.21 43.28 30.70
C LYS I 205 28.75 43.44 32.12
N VAL I 206 29.27 42.36 32.67
CA VAL I 206 29.74 42.32 34.04
C VAL I 206 31.18 41.88 34.02
N ALA I 207 32.02 42.61 34.75
CA ALA I 207 33.41 42.24 34.93
C ALA I 207 33.66 41.91 36.39
N VAL I 208 34.40 40.82 36.63
CA VAL I 208 34.74 40.38 37.96
C VAL I 208 36.24 40.47 38.07
N VAL I 209 36.71 41.27 38.99
CA VAL I 209 38.13 41.51 39.23
C VAL I 209 38.51 40.65 40.42
N GLY I 210 39.64 39.95 40.30
CA GLY I 210 39.96 38.96 41.33
C GLY I 210 39.08 37.74 41.21
N ALA I 211 38.59 37.46 39.99
CA ALA I 211 37.72 36.33 39.71
C ALA I 211 38.32 34.99 40.14
N THR I 212 39.62 34.91 40.39
CA THR I 212 40.25 33.65 40.74
C THR I 212 40.19 33.37 42.24
N GLY I 213 39.86 34.37 43.05
CA GLY I 213 39.89 34.25 44.49
C GLY I 213 38.63 33.60 45.06
N ASN I 214 38.61 33.54 46.40
CA ASN I 214 37.49 32.93 47.13
C ASN I 214 36.17 33.59 46.78
N VAL I 215 36.13 34.92 46.77
CA VAL I 215 34.89 35.59 46.41
C VAL I 215 34.69 35.59 44.90
N GLY I 216 35.75 35.91 44.16
CA GLY I 216 35.61 36.11 42.73
C GLY I 216 35.08 34.89 41.99
N ILE I 217 35.53 33.70 42.40
CA ILE I 217 35.13 32.49 41.68
C ILE I 217 33.62 32.25 41.78
N TYR I 218 33.01 32.57 42.93
CA TYR I 218 31.54 32.56 43.07
C TYR I 218 30.90 33.79 42.44
N ALA I 219 31.53 34.97 42.55
CA ALA I 219 31.00 36.16 41.88
C ALA I 219 30.79 35.92 40.38
N VAL I 220 31.73 35.23 39.75
CA VAL I 220 31.55 34.86 38.35
C VAL I 220 30.25 34.08 38.16
N GLN I 221 30.02 33.08 39.01
CA GLN I 221 28.86 32.21 38.84
C GLN I 221 27.55 32.98 39.06
N PHE I 222 27.48 33.82 40.09
CA PHE I 222 26.21 34.53 40.33
C PHE I 222 25.91 35.52 39.22
N ALA I 223 26.94 36.18 38.69
CA ALA I 223 26.72 37.09 37.57
C ALA I 223 26.12 36.35 36.37
N LYS I 224 26.67 35.19 36.04
CA LYS I 224 26.08 34.34 34.99
C LYS I 224 24.67 33.91 35.35
N LEU I 225 24.47 33.50 36.61
CA LEU I 225 23.13 33.06 37.05
C LEU I 225 22.10 34.17 36.88
N LEU I 226 22.49 35.42 37.13
CA LEU I 226 21.60 36.57 36.98
C LEU I 226 21.39 37.00 35.53
N GLY I 227 22.06 36.34 34.58
CA GLY I 227 21.90 36.65 33.16
C GLY I 227 22.99 37.54 32.61
N GLY I 228 24.00 37.82 33.37
CA GLY I 228 25.04 38.70 32.90
C GLY I 228 25.89 38.06 31.82
N GLU I 229 26.58 38.92 31.09
CA GLU I 229 27.66 38.53 30.21
C GLU I 229 28.95 38.77 31.00
N VAL I 230 29.64 37.68 31.35
CA VAL I 230 30.62 37.75 32.42
C VAL I 230 32.02 37.76 31.85
N TYR I 231 32.83 38.70 32.35
CA TYR I 231 34.23 38.87 31.97
C TYR I 231 35.07 38.79 33.23
N ALA I 232 35.86 37.74 33.34
CA ALA I 232 36.74 37.56 34.48
C ALA I 232 38.07 38.22 34.13
N ILE I 233 38.61 38.93 35.09
CA ILE I 233 39.80 39.74 34.94
C ILE I 233 40.86 39.16 35.89
N SER I 234 42.02 38.84 35.34
CA SER I 234 43.07 38.15 36.08
C SER I 234 44.39 38.68 35.55
N ARG I 235 45.31 38.94 36.47
CA ARG I 235 46.70 39.25 36.14
C ARG I 235 47.47 38.02 35.66
N ARG I 236 46.84 36.85 35.62
CA ARG I 236 47.47 35.56 35.31
C ARG I 236 46.56 34.75 34.40
N LYS I 237 46.04 35.41 33.37
CA LYS I 237 45.03 34.82 32.50
C LYS I 237 45.52 33.53 31.86
N ALA I 238 46.77 33.51 31.40
CA ALA I 238 47.27 32.33 30.70
C ALA I 238 47.14 31.07 31.56
N LYS I 239 47.40 31.18 32.87
CA LYS I 239 47.39 30.06 33.79
C LYS I 239 45.99 29.66 34.26
N VAL I 240 44.99 30.55 34.18
CA VAL I 240 43.71 30.34 34.85
C VAL I 240 42.52 30.41 33.91
N GLU I 241 42.74 30.71 32.63
CA GLU I 241 41.63 30.90 31.70
C GLU I 241 40.61 29.75 31.76
N SER I 242 41.11 28.50 31.78
CA SER I 242 40.24 27.33 31.67
C SER I 242 39.42 27.13 32.94
N ILE I 243 40.03 27.36 34.10
CA ILE I 243 39.29 27.32 35.36
C ILE I 243 38.15 28.36 35.39
N LEU I 244 38.37 29.53 34.79
CA LEU I 244 37.32 30.55 34.86
C LEU I 244 36.18 30.26 33.89
N LYS I 245 36.48 29.69 32.72
CA LYS I 245 35.38 29.39 31.79
C LYS I 245 34.46 28.32 32.36
N SER I 246 35.02 27.31 33.04
CA SER I 246 34.18 26.29 33.70
C SER I 246 33.35 26.88 34.84
N ALA I 247 33.84 27.95 35.46
CA ALA I 247 33.02 28.70 36.41
C ALA I 247 31.93 29.52 35.73
N GLY I 248 31.90 29.61 34.39
CA GLY I 248 30.87 30.33 33.69
C GLY I 248 31.29 31.64 33.05
N ALA I 249 32.53 32.12 33.24
CA ALA I 249 32.90 33.36 32.59
C ALA I 249 32.80 33.22 31.06
N ASP I 250 32.19 34.22 30.41
CA ASP I 250 32.19 34.22 28.95
C ASP I 250 33.56 34.59 28.39
N ALA I 251 34.32 35.43 29.08
CA ALA I 251 35.69 35.71 28.66
C ALA I 251 36.54 35.95 29.89
N VAL I 252 37.84 35.88 29.65
CA VAL I 252 38.88 36.06 30.64
C VAL I 252 39.82 37.07 30.00
N LEU I 253 39.96 38.23 30.62
CA LEU I 253 40.72 39.34 30.08
C LEU I 253 41.83 39.62 31.07
N THR I 254 42.95 40.12 30.55
CA THR I 254 43.95 40.79 31.38
C THR I 254 43.43 42.19 31.68
N PRO I 255 44.03 42.89 32.62
CA PRO I 255 43.68 44.31 32.79
C PRO I 255 43.69 45.09 31.50
N ASP I 256 44.80 45.04 30.75
CA ASP I 256 44.86 45.71 29.45
C ASP I 256 43.68 45.33 28.55
N GLU I 257 43.37 44.04 28.45
CA GLU I 257 42.21 43.65 27.66
C GLU I 257 40.91 44.16 28.27
N ALA I 258 40.91 44.46 29.57
CA ALA I 258 39.72 45.04 30.19
C ALA I 258 39.52 46.49 29.75
N LYS I 259 40.60 47.29 29.67
CA LYS I 259 40.49 48.66 29.16
C LYS I 259 39.85 48.68 27.78
N SER I 260 40.27 47.78 26.88
CA SER I 260 39.68 47.72 25.54
C SER I 260 38.25 47.19 25.55
N ALA I 261 37.93 46.28 26.48
CA ALA I 261 36.58 45.75 26.58
C ALA I 261 35.56 46.77 27.09
N ALA I 262 36.01 47.85 27.74
CA ALA I 262 35.09 48.84 28.32
C ALA I 262 34.18 49.44 27.24
N PRO I 263 32.96 49.87 27.57
CA PRO I 263 32.51 49.93 28.98
C PRO I 263 31.85 48.67 29.50
N PHE I 264 31.79 48.60 30.83
CA PHE I 264 30.98 47.62 31.56
C PHE I 264 29.79 48.26 32.30
N ASP I 265 28.70 47.51 32.40
CA ASP I 265 27.59 47.89 33.25
C ASP I 265 27.86 47.66 34.73
N VAL I 266 28.64 46.64 35.07
CA VAL I 266 28.89 46.27 36.46
C VAL I 266 30.34 45.80 36.61
N VAL I 267 31.03 46.33 37.61
CA VAL I 267 32.30 45.78 38.08
C VAL I 267 32.10 45.27 39.50
N LEU I 268 32.30 43.97 39.70
CA LEU I 268 32.36 43.38 41.03
C LEU I 268 33.84 43.26 41.40
N ASP I 269 34.26 43.98 42.43
CA ASP I 269 35.68 44.14 42.72
C ASP I 269 35.91 44.31 44.23
N PRO I 270 36.26 43.24 44.93
CA PRO I 270 36.62 43.32 46.34
C PRO I 270 38.10 43.54 46.63
N THR I 271 38.91 43.87 45.61
CA THR I 271 40.36 43.84 45.79
C THR I 271 40.95 45.14 46.34
N GLY I 272 40.18 46.23 46.36
CA GLY I 272 40.59 47.44 47.02
C GLY I 272 41.26 48.48 46.14
N SER I 273 42.01 49.35 46.80
CA SER I 273 42.43 50.61 46.21
C SER I 273 43.35 50.41 45.01
N ALA I 274 44.10 49.32 44.97
CA ALA I 274 45.05 49.15 43.88
C ALA I 274 44.34 48.98 42.53
N SER I 275 43.11 48.44 42.54
CA SER I 275 42.35 48.16 41.32
C SER I 275 41.38 49.25 40.95
N TRP I 276 41.36 50.33 41.75
CA TRP I 276 40.30 51.35 41.67
C TRP I 276 40.30 52.09 40.33
N ASP I 277 41.46 52.61 39.91
CA ASP I 277 41.49 53.39 38.67
C ASP I 277 40.96 52.56 37.51
N LEU I 278 41.35 51.29 37.43
CA LEU I 278 40.87 50.44 36.36
C LEU I 278 39.37 50.17 36.50
N SER I 279 38.94 49.73 37.68
CA SER I 279 37.56 49.31 37.86
C SER I 279 36.60 50.48 37.69
N PHE I 280 36.85 51.59 38.41
CA PHE I 280 35.99 52.75 38.27
C PHE I 280 36.07 53.28 36.85
N GLY I 281 37.26 53.17 36.21
CA GLY I 281 37.55 53.74 34.90
C GLY I 281 36.89 53.04 33.71
N VAL I 282 36.45 51.79 33.87
CA VAL I 282 35.90 51.03 32.76
C VAL I 282 34.37 51.00 32.78
N LEU I 283 33.74 51.59 33.81
CA LEU I 283 32.28 51.65 33.88
C LEU I 283 31.70 52.60 32.84
N GLY I 284 30.61 52.17 32.23
CA GLY I 284 29.80 53.03 31.38
C GLY I 284 28.66 53.69 32.16
N ARG I 285 27.73 54.24 31.40
CA ARG I 285 26.65 55.02 31.96
C ARG I 285 25.78 54.17 32.88
N GLY I 286 25.51 54.69 34.06
CA GLY I 286 24.76 53.90 35.02
C GLY I 286 25.52 52.71 35.52
N GLY I 287 26.84 52.71 35.41
CA GLY I 287 27.62 51.58 35.85
C GLY I 287 27.63 51.45 37.36
N ARG I 288 27.68 50.21 37.83
CA ARG I 288 27.77 49.91 39.27
C ARG I 288 29.09 49.27 39.61
N TYR I 289 29.87 49.94 40.46
CA TYR I 289 31.03 49.34 41.11
C TYR I 289 30.57 48.85 42.45
N VAL I 290 30.78 47.55 42.71
CA VAL I 290 30.43 46.93 43.98
C VAL I 290 31.69 46.33 44.58
N THR I 291 31.97 46.68 45.83
CA THR I 291 33.06 46.06 46.55
C THR I 291 32.57 45.53 47.89
N ALA I 292 33.17 44.41 48.31
CA ALA I 292 33.04 43.92 49.67
C ALA I 292 34.37 43.82 50.41
N GLY I 293 35.46 44.38 49.88
CA GLY I 293 36.72 44.29 50.59
C GLY I 293 37.72 45.35 50.21
N ALA I 294 38.88 45.27 50.87
CA ALA I 294 39.92 46.29 50.73
C ALA I 294 41.32 45.64 50.77
N LEU I 295 41.44 44.54 50.00
CA LEU I 295 42.61 43.67 50.04
C LEU I 295 43.90 44.47 49.91
N THR I 296 44.00 45.32 48.89
CA THR I 296 45.22 46.07 48.58
C THR I 296 45.19 47.51 49.07
N GLY I 297 44.28 47.84 49.98
CA GLY I 297 44.10 49.21 50.48
C GLY I 297 42.66 49.72 50.43
N ALA I 298 42.30 50.52 51.42
CA ALA I 298 40.93 51.01 51.55
C ALA I 298 40.72 52.41 50.99
N GLU I 299 41.74 53.28 51.00
CA GLU I 299 41.52 54.68 50.67
C GLU I 299 41.74 54.84 49.18
N VAL I 300 40.82 55.53 48.51
CA VAL I 300 40.89 55.83 47.09
C VAL I 300 40.53 57.30 46.88
N ARG I 301 41.01 57.85 45.78
CA ARG I 301 40.57 59.17 45.35
C ARG I 301 39.36 58.97 44.44
N LEU I 302 38.22 59.52 44.83
CA LEU I 302 37.00 59.48 44.03
C LEU I 302 36.78 60.86 43.42
N ASP I 303 36.55 60.87 42.10
CA ASP I 303 36.32 62.08 41.33
C ASP I 303 34.83 62.19 41.08
N LEU I 304 34.18 63.15 41.75
CA LEU I 304 32.72 63.18 41.72
C LEU I 304 32.20 63.64 40.36
N ARG I 305 32.98 64.44 39.62
CA ARG I 305 32.56 64.87 38.29
C ARG I 305 32.25 63.66 37.39
N ARG I 306 33.16 62.66 37.36
CA ARG I 306 32.84 61.41 36.67
C ARG I 306 31.66 60.69 37.34
N LEU I 307 31.65 60.60 38.67
CA LEU I 307 30.53 59.94 39.34
C LEU I 307 29.19 60.48 38.84
N TYR I 308 28.98 61.81 38.93
CA TYR I 308 27.67 62.32 38.49
C TYR I 308 27.56 62.41 36.98
N GLY I 309 28.69 62.66 36.29
CA GLY I 309 28.66 62.75 34.83
C GLY I 309 28.23 61.46 34.18
N MET I 310 28.59 60.33 34.80
CA MET I 310 28.27 59.03 34.27
C MET I 310 27.06 58.41 34.95
N GLN I 311 26.59 59.00 36.05
CA GLN I 311 25.50 58.42 36.84
C GLN I 311 25.89 57.03 37.33
N ILE I 312 27.16 56.90 37.69
CA ILE I 312 27.70 55.69 38.26
C ILE I 312 27.29 55.57 39.71
N LEU I 313 27.15 54.33 40.17
CA LEU I 313 26.94 54.02 41.57
C LEU I 313 28.13 53.23 42.09
N VAL I 314 28.61 53.64 43.25
CA VAL I 314 29.71 53.02 43.95
C VAL I 314 29.11 52.41 45.22
N ILE I 315 29.15 51.09 45.33
CA ILE I 315 28.25 50.34 46.24
C ILE I 315 29.08 49.44 47.15
N GLY I 316 28.91 49.61 48.46
CA GLY I 316 29.49 48.70 49.43
C GLY I 316 28.60 47.49 49.69
N ALA I 317 29.25 46.35 49.95
CA ALA I 317 28.55 45.12 50.32
C ALA I 317 29.39 44.39 51.35
N THR I 318 28.74 43.80 52.33
CA THR I 318 29.44 43.01 53.31
C THR I 318 28.54 41.85 53.66
N GLY I 319 29.17 40.71 53.90
CA GLY I 319 28.48 39.50 54.27
C GLY I 319 27.35 39.15 53.32
N GLY I 320 26.24 38.71 53.90
CA GLY I 320 25.01 38.44 53.19
C GLY I 320 23.86 38.29 54.16
N ARG I 321 22.66 38.34 53.63
CA ARG I 321 21.46 38.20 54.41
C ARG I 321 21.27 36.74 54.81
N ARG I 322 20.68 36.55 55.99
CA ARG I 322 20.35 35.21 56.47
C ARG I 322 19.52 34.44 55.43
N ALA I 323 18.48 35.08 54.87
CA ALA I 323 17.60 34.38 53.94
C ALA I 323 18.34 33.96 52.70
N ASP I 324 19.31 34.79 52.28
CA ASP I 324 20.07 34.49 51.08
C ASP I 324 21.03 33.32 51.29
N PHE I 325 21.55 33.17 52.51
CA PHE I 325 22.41 32.04 52.76
C PHE I 325 21.70 30.72 52.47
N ASN I 326 20.44 30.60 52.89
CA ASN I 326 19.65 29.43 52.51
C ASN I 326 19.57 29.25 51.00
N THR I 327 19.29 30.35 50.29
CA THR I 327 19.22 30.30 48.83
C THR I 327 20.55 29.79 48.25
N VAL I 328 21.65 30.38 48.70
CA VAL I 328 22.97 29.95 48.24
C VAL I 328 23.18 28.47 48.54
N VAL I 329 22.83 28.03 49.76
CA VAL I 329 22.93 26.61 50.11
C VAL I 329 22.12 25.77 49.15
N ARG I 330 20.86 26.16 48.87
CA ARG I 330 20.07 25.37 47.91
C ARG I 330 20.69 25.39 46.51
N LEU I 331 21.32 26.49 46.11
CA LEU I 331 21.95 26.51 44.79
C LEU I 331 23.09 25.50 44.70
N LEU I 332 23.91 25.37 45.74
CA LEU I 332 24.95 24.35 45.75
C LEU I 332 24.36 22.95 45.64
N GLU I 333 23.32 22.67 46.43
CA GLU I 333 22.70 21.35 46.44
C GLU I 333 22.16 21.00 45.07
N ALA I 334 21.49 21.95 44.44
CA ALA I 334 21.00 21.75 43.08
C ALA I 334 22.13 21.66 42.04
N GLY I 335 23.37 21.94 42.42
CA GLY I 335 24.41 22.03 41.41
C GLY I 335 24.38 23.24 40.48
N ARG I 336 23.57 24.27 40.75
CA ARG I 336 23.59 25.48 39.93
C ARG I 336 24.85 26.31 40.14
N ILE I 337 25.65 26.00 41.17
CA ILE I 337 26.97 26.60 41.41
C ILE I 337 27.89 25.48 41.91
N LYS I 338 29.21 25.67 41.72
CA LYS I 338 30.20 24.64 41.96
C LYS I 338 31.28 25.19 42.86
N ALA I 339 31.72 24.38 43.81
CA ALA I 339 32.91 24.75 44.58
C ALA I 339 34.14 24.39 43.78
N PHE I 340 35.19 25.19 44.00
CA PHE I 340 36.47 25.08 43.31
C PHE I 340 37.50 24.97 44.43
N LEU I 341 37.92 23.75 44.70
CA LEU I 341 38.82 23.49 45.80
C LEU I 341 40.26 23.46 45.32
N HIS I 342 41.14 23.96 46.17
CA HIS I 342 42.58 23.84 45.95
C HIS I 342 43.15 22.69 46.76
N ASN I 343 43.01 22.73 48.08
CA ASN I 343 43.77 21.82 48.90
C ASN I 343 43.12 21.63 50.27
N VAL I 344 43.35 20.47 50.87
CA VAL I 344 42.79 20.13 52.18
C VAL I 344 43.96 19.74 53.07
N TYR I 345 44.05 20.37 54.24
CA TYR I 345 45.08 20.22 55.25
C TYR I 345 44.46 19.76 56.58
N PRO I 346 45.14 18.94 57.36
CA PRO I 346 44.68 18.63 58.72
C PRO I 346 45.02 19.74 59.70
N LEU I 347 44.35 19.70 60.86
CA LEU I 347 44.43 20.80 61.81
C LEU I 347 45.87 21.14 62.19
N ALA I 348 46.75 20.14 62.21
CA ALA I 348 48.12 20.36 62.66
C ALA I 348 48.90 21.22 61.66
N ASP I 349 48.55 21.14 60.39
CA ASP I 349 49.20 21.92 59.35
C ASP I 349 48.52 23.28 59.11
N VAL I 350 47.78 23.82 60.09
CA VAL I 350 47.04 25.06 59.89
C VAL I 350 47.95 26.18 59.42
N ARG I 351 49.18 26.25 59.98
CA ARG I 351 50.11 27.33 59.62
C ARG I 351 50.47 27.25 58.13
N LYS I 352 50.86 26.06 57.65
CA LYS I 352 51.07 25.85 56.22
C LYS I 352 49.83 26.23 55.40
N ALA I 353 48.63 25.92 55.92
CA ALA I 353 47.39 26.20 55.19
C ALA I 353 47.13 27.70 55.07
N LEU I 354 47.32 28.45 56.16
CA LEU I 354 47.19 29.90 56.05
C LEU I 354 48.25 30.48 55.11
N GLU I 355 49.47 29.95 55.15
CA GLU I 355 50.51 30.38 54.20
C GLU I 355 50.11 30.06 52.76
N GLU I 356 49.35 28.98 52.55
CA GLU I 356 48.91 28.63 51.21
C GLU I 356 47.99 29.70 50.62
N LEU I 357 47.66 30.73 51.40
CA LEU I 357 46.87 31.82 50.84
C LEU I 357 47.72 32.73 49.96
N ARG I 358 48.98 32.99 50.37
CA ARG I 358 49.88 33.88 49.64
C ARG I 358 50.53 33.19 48.45
N SER I 359 50.21 31.92 48.19
CA SER I 359 50.81 31.22 47.05
C SER I 359 50.23 31.77 45.76
N PRO I 360 51.06 32.11 44.77
CA PRO I 360 50.54 32.66 43.51
C PRO I 360 50.03 31.60 42.55
N GLU I 361 50.23 30.32 42.84
CA GLU I 361 49.70 29.29 41.99
C GLU I 361 48.24 28.94 42.33
N ARG I 362 47.82 29.19 43.55
CA ARG I 362 46.55 28.66 44.06
C ARG I 362 45.39 29.28 43.31
N VAL I 363 44.56 28.44 42.69
CA VAL I 363 43.19 28.81 42.32
C VAL I 363 42.26 27.82 43.01
N GLY I 364 41.50 28.29 43.98
CA GLY I 364 40.52 27.45 44.67
C GLY I 364 40.54 27.72 46.15
N LYS I 365 39.63 27.09 46.88
CA LYS I 365 39.57 27.25 48.32
C LYS I 365 40.58 26.31 48.97
N VAL I 366 41.27 26.79 50.00
CA VAL I 366 42.07 25.96 50.88
C VAL I 366 41.20 25.64 52.08
N LEU I 367 41.14 24.36 52.44
CA LEU I 367 40.32 23.87 53.54
C LEU I 367 41.19 23.26 54.62
N ILE I 368 40.78 23.48 55.87
CA ILE I 368 41.25 22.71 57.02
C ILE I 368 40.19 21.67 57.34
N ALA I 369 40.63 20.46 57.74
CA ALA I 369 39.78 19.33 58.11
C ALA I 369 40.14 18.92 59.54
N PRO I 370 39.56 19.58 60.54
CA PRO I 370 39.85 19.16 61.91
C PRO I 370 39.47 17.69 62.10
N HIS J 38 -5.05 36.00 91.46
CA HIS J 38 -5.35 37.27 90.72
C HIS J 38 -6.47 37.07 89.69
N GLU J 39 -7.28 38.10 89.52
CA GLU J 39 -8.51 38.04 88.75
C GLU J 39 -8.72 39.40 88.08
N MET J 40 -9.41 39.36 86.94
CA MET J 40 -9.59 40.51 86.07
C MET J 40 -10.87 40.32 85.30
N ARG J 41 -11.42 41.42 84.83
CA ARG J 41 -12.64 41.39 84.03
C ARG J 41 -12.30 41.24 82.54
N ALA J 42 -13.17 40.55 81.82
CA ALA J 42 -12.88 40.28 80.42
C ALA J 42 -14.19 40.08 79.69
N ALA J 43 -14.18 40.39 78.39
CA ALA J 43 -15.26 40.04 77.49
C ALA J 43 -14.86 38.72 76.83
N ALA J 44 -15.78 37.76 76.85
CA ALA J 44 -15.48 36.37 76.52
C ALA J 44 -16.69 35.65 75.94
N PHE J 45 -16.42 34.60 75.16
CA PHE J 45 -17.47 33.72 74.62
C PHE J 45 -17.03 32.27 74.69
N SER J 46 -17.75 31.48 75.50
CA SER J 46 -17.48 30.05 75.55
C SER J 46 -17.90 29.36 74.27
N THR J 47 -18.70 30.02 73.41
CA THR J 47 -19.10 29.43 72.14
C THR J 47 -19.52 30.58 71.23
N PRO J 48 -19.41 30.43 69.90
CA PRO J 48 -19.65 31.58 69.00
C PRO J 48 -21.07 32.11 69.02
N GLY J 49 -21.22 33.23 68.32
CA GLY J 49 -22.41 34.06 68.30
C GLY J 49 -22.28 35.34 69.12
N LEU J 50 -22.72 36.49 68.57
CA LEU J 50 -22.67 37.74 69.31
C LEU J 50 -23.39 37.65 70.65
N GLU J 51 -24.45 36.85 70.72
CA GLU J 51 -25.24 36.74 71.95
C GLU J 51 -24.46 36.08 73.09
N ASN J 52 -23.36 35.38 72.80
CA ASN J 52 -22.61 34.71 73.85
C ASN J 52 -21.42 35.50 74.38
N LEU J 53 -21.21 36.73 73.87
CA LEU J 53 -20.13 37.59 74.36
C LEU J 53 -20.58 38.26 75.65
N LYS J 54 -19.95 37.87 76.76
CA LYS J 54 -20.37 38.25 78.09
C LYS J 54 -19.18 38.75 78.91
N LEU J 55 -19.45 39.72 79.76
CA LEU J 55 -18.47 40.18 80.73
C LEU J 55 -18.34 39.11 81.81
N VAL J 56 -17.14 38.58 81.97
CA VAL J 56 -16.89 37.51 82.94
C VAL J 56 -15.76 37.93 83.85
N GLU J 57 -15.66 37.24 84.98
CA GLU J 57 -14.45 37.32 85.78
C GLU J 57 -13.60 36.19 85.28
N ALA J 58 -12.29 36.46 85.13
CA ALA J 58 -11.39 35.50 84.53
C ALA J 58 -10.04 35.52 85.25
N GLU J 59 -9.35 34.39 85.12
CA GLU J 59 -8.02 34.28 85.67
C GLU J 59 -7.08 35.23 84.92
N THR J 60 -6.34 36.06 85.65
CA THR J 60 -5.39 36.99 85.05
C THR J 60 -4.20 36.19 84.51
N PRO J 61 -3.92 36.25 83.21
CA PRO J 61 -2.80 35.48 82.67
C PRO J 61 -1.47 36.02 83.20
N ARG J 62 -0.48 35.13 83.17
CA ARG J 62 0.86 35.41 83.64
C ARG J 62 1.87 35.18 82.51
N PRO J 63 2.85 36.05 82.37
CA PRO J 63 3.76 35.96 81.22
C PRO J 63 4.85 34.91 81.45
N GLY J 64 5.04 34.04 80.46
CA GLY J 64 6.21 33.17 80.42
C GLY J 64 7.44 33.84 79.80
N PRO J 65 8.52 33.06 79.65
CA PRO J 65 9.70 33.54 78.94
C PRO J 65 9.30 34.11 77.58
N GLY J 66 9.92 35.24 77.23
CA GLY J 66 9.63 35.91 75.96
C GLY J 66 8.33 36.69 75.92
N GLU J 67 7.59 36.77 77.01
CA GLU J 67 6.27 37.39 76.98
C GLU J 67 6.20 38.59 77.92
N VAL J 68 5.18 39.41 77.69
CA VAL J 68 4.84 40.48 78.59
C VAL J 68 3.34 40.46 78.86
N LEU J 69 2.98 40.86 80.07
CA LEU J 69 1.62 41.07 80.52
C LEU J 69 1.32 42.57 80.43
N ILE J 70 0.26 42.93 79.70
CA ILE J 70 -0.12 44.32 79.48
C ILE J 70 -1.47 44.57 80.14
N ARG J 71 -1.58 45.67 80.87
CA ARG J 71 -2.87 46.20 81.26
C ARG J 71 -3.38 46.95 80.05
N VAL J 72 -4.41 46.41 79.39
CA VAL J 72 -4.88 47.02 78.16
C VAL J 72 -5.60 48.31 78.49
N LYS J 73 -5.29 49.37 77.75
CA LYS J 73 -6.03 50.63 77.86
C LYS J 73 -6.98 50.91 76.71
N TYR J 74 -6.58 50.68 75.48
CA TYR J 74 -7.49 50.87 74.36
C TYR J 74 -7.36 49.74 73.36
N ALA J 75 -8.51 49.33 72.86
CA ALA J 75 -8.60 48.23 71.93
C ALA J 75 -9.55 48.69 70.84
N GLY J 76 -9.11 48.60 69.58
CA GLY J 76 -10.00 48.94 68.49
C GLY J 76 -11.07 47.88 68.27
N VAL J 77 -12.14 48.31 67.62
CA VAL J 77 -13.24 47.43 67.22
C VAL J 77 -13.27 47.40 65.69
N ASN J 78 -13.09 46.21 65.13
CA ASN J 78 -12.89 46.04 63.70
C ASN J 78 -13.83 44.99 63.14
N PRO J 79 -14.11 45.05 61.86
CA PRO J 79 -14.75 43.90 61.18
C PRO J 79 -14.14 42.60 61.63
N LEU J 80 -12.80 42.54 61.71
CA LEU J 80 -12.15 41.31 62.15
C LEU J 80 -12.62 40.84 63.54
N ASP J 81 -12.74 41.76 64.50
CA ASP J 81 -13.13 41.37 65.85
C ASP J 81 -14.57 40.86 65.86
N TYR J 82 -15.45 41.54 65.12
CA TYR J 82 -16.81 41.10 64.89
C TYR J 82 -16.85 39.65 64.37
N ASN J 83 -16.04 39.36 63.36
CA ASN J 83 -16.16 38.08 62.69
C ASN J 83 -15.63 36.96 63.55
N VAL J 84 -14.68 37.24 64.44
CA VAL J 84 -14.22 36.26 65.41
C VAL J 84 -15.32 35.94 66.43
N VAL J 85 -15.96 36.97 66.99
CA VAL J 85 -17.04 36.73 67.94
C VAL J 85 -18.16 35.94 67.28
N ALA J 86 -18.56 36.34 66.07
CA ALA J 86 -19.65 35.68 65.36
C ALA J 86 -19.30 34.26 64.96
N GLY J 87 -18.02 33.89 64.93
CA GLY J 87 -17.60 32.55 64.58
C GLY J 87 -17.29 32.32 63.10
N ALA J 88 -17.44 33.33 62.26
CA ALA J 88 -16.89 33.25 60.90
C ALA J 88 -15.39 32.91 60.89
N VAL J 89 -14.65 33.16 61.98
CA VAL J 89 -13.24 32.80 62.08
C VAL J 89 -13.07 31.99 63.36
N LYS J 90 -12.42 30.83 63.25
CA LYS J 90 -12.25 30.01 64.44
C LYS J 90 -11.18 30.57 65.35
N ALA J 91 -11.36 30.40 66.65
CA ALA J 91 -10.53 31.03 67.67
C ALA J 91 -10.12 30.01 68.71
N SER J 92 -9.00 30.26 69.38
CA SER J 92 -8.53 29.42 70.49
C SER J 92 -7.70 30.29 71.40
N PRO J 93 -7.63 29.98 72.70
CA PRO J 93 -8.41 28.86 73.27
C PRO J 93 -9.90 29.21 73.36
N MET J 94 -10.72 28.19 73.69
CA MET J 94 -12.13 28.38 74.04
C MET J 94 -12.33 27.92 75.49
N PRO J 95 -12.98 28.67 76.38
CA PRO J 95 -13.61 29.96 76.00
C PRO J 95 -12.57 31.02 75.66
N HIS J 96 -13.00 31.98 74.83
CA HIS J 96 -12.08 32.89 74.15
C HIS J 96 -12.34 34.37 74.44
N ILE J 97 -11.27 35.15 74.55
CA ILE J 97 -11.30 36.61 74.67
C ILE J 97 -10.85 37.19 73.33
N PRO J 98 -11.72 37.86 72.57
CA PRO J 98 -11.27 38.50 71.33
C PRO J 98 -10.52 39.81 71.57
N GLY J 99 -10.27 40.57 70.49
CA GLY J 99 -9.56 41.85 70.55
C GLY J 99 -8.14 41.75 70.00
N SER J 100 -7.96 42.04 68.70
CA SER J 100 -6.68 41.87 68.04
C SER J 100 -5.91 43.17 67.79
N GLU J 101 -6.51 44.34 68.01
CA GLU J 101 -5.87 45.66 67.85
C GLU J 101 -5.85 46.40 69.19
N PHE J 102 -4.72 46.45 69.90
CA PHE J 102 -4.77 47.08 71.22
C PHE J 102 -3.42 47.66 71.63
N ALA J 103 -3.49 48.49 72.70
CA ALA J 103 -2.37 49.21 73.31
C ALA J 103 -2.60 49.34 74.82
N GLY J 104 -1.53 49.61 75.56
CA GLY J 104 -1.64 49.63 77.00
C GLY J 104 -0.30 49.79 77.68
N VAL J 105 -0.26 49.41 78.95
CA VAL J 105 0.89 49.62 79.82
C VAL J 105 1.40 48.26 80.26
N VAL J 106 2.71 48.09 80.28
CA VAL J 106 3.28 46.80 80.66
C VAL J 106 3.10 46.62 82.17
N GLU J 107 2.41 45.54 82.56
CA GLU J 107 2.31 45.21 83.97
C GLU J 107 3.46 44.33 84.42
N GLU J 108 3.89 43.38 83.59
CA GLU J 108 4.92 42.45 84.01
C GLU J 108 5.71 41.97 82.80
N ALA J 109 7.04 41.94 82.95
CA ALA J 109 7.94 41.34 81.98
C ALA J 109 8.23 39.91 82.41
N GLY J 110 8.00 38.95 81.52
CA GLY J 110 8.29 37.56 81.79
C GLY J 110 9.77 37.30 82.01
N PRO J 111 10.11 36.06 82.38
CA PRO J 111 11.52 35.71 82.62
C PRO J 111 12.43 35.97 81.42
N GLY J 112 13.52 36.69 81.68
CA GLY J 112 14.52 36.96 80.67
C GLY J 112 14.21 38.10 79.73
N VAL J 113 13.02 38.69 79.80
CA VAL J 113 12.72 39.80 78.90
C VAL J 113 13.51 41.03 79.30
N THR J 114 14.04 41.71 78.31
CA THR J 114 14.76 42.95 78.49
C THR J 114 14.19 43.96 77.49
N GLY J 115 14.56 45.22 77.68
CA GLY J 115 14.10 46.25 76.77
C GLY J 115 12.67 46.67 77.01
N VAL J 116 12.13 46.35 78.18
CA VAL J 116 10.75 46.68 78.52
C VAL J 116 10.58 46.42 80.00
N SER J 117 9.81 47.27 80.67
CA SER J 117 9.67 47.24 82.11
C SER J 117 8.26 47.68 82.49
N ARG J 118 7.83 47.21 83.65
CA ARG J 118 6.55 47.61 84.19
C ARG J 118 6.44 49.13 84.19
N GLY J 119 5.33 49.63 83.65
CA GLY J 119 5.10 51.04 83.45
C GLY J 119 5.18 51.49 82.00
N ASP J 120 5.79 50.70 81.11
CA ASP J 120 6.06 51.14 79.73
C ASP J 120 4.76 51.19 78.90
N PRO J 121 4.45 52.30 78.23
CA PRO J 121 3.34 52.30 77.28
C PRO J 121 3.74 51.62 75.97
N VAL J 122 2.90 50.67 75.52
CA VAL J 122 3.16 49.88 74.33
C VAL J 122 1.89 49.70 73.50
N VAL J 123 2.10 49.40 72.21
CA VAL J 123 1.06 49.05 71.25
C VAL J 123 1.50 47.77 70.53
N VAL J 124 0.56 46.89 70.23
CA VAL J 124 0.88 45.49 69.95
C VAL J 124 0.76 45.20 68.47
N TYR J 125 1.86 44.80 67.85
CA TYR J 125 1.81 44.18 66.54
C TYR J 125 1.15 42.81 66.63
N ASN J 126 0.14 42.57 65.80
CA ASN J 126 -0.78 41.47 66.07
C ASN J 126 -0.47 40.17 65.33
N ARG J 127 0.62 40.07 64.57
CA ARG J 127 0.95 38.81 63.89
C ARG J 127 1.98 38.03 64.69
N LEU J 128 1.67 36.78 65.02
CA LEU J 128 2.70 35.93 65.58
C LEU J 128 3.64 35.56 64.47
N TYR J 129 4.94 35.62 64.75
CA TYR J 129 5.95 35.30 63.73
C TYR J 129 7.10 34.56 64.38
N CYS J 130 7.74 33.67 63.60
CA CYS J 130 8.81 32.83 64.15
C CYS J 130 10.20 33.44 64.04
N GLY J 131 10.45 34.32 63.06
CA GLY J 131 11.76 34.90 62.87
C GLY J 131 12.79 34.04 62.17
N HIS J 132 12.51 32.76 61.86
CA HIS J 132 13.48 31.86 61.25
C HIS J 132 13.08 31.37 59.85
N CYS J 133 11.86 31.62 59.40
CA CYS J 133 11.40 31.10 58.13
C CYS J 133 11.70 32.10 57.04
N ARG J 134 11.53 31.67 55.79
CA ARG J 134 11.91 32.50 54.65
C ARG J 134 11.11 33.81 54.61
N GLN J 135 9.82 33.75 54.98
CA GLN J 135 9.02 34.99 54.91
C GLN J 135 9.44 35.96 56.02
N CYS J 136 9.65 35.46 57.24
CA CYS J 136 10.10 36.33 58.33
C CYS J 136 11.45 36.97 58.03
N LEU J 137 12.38 36.20 57.44
CA LEU J 137 13.74 36.61 57.14
C LEU J 137 13.83 37.57 55.96
N THR J 138 12.80 37.69 55.17
CA THR J 138 12.73 38.72 54.17
C THR J 138 11.90 39.91 54.65
N GLY J 139 11.42 39.85 55.88
CA GLY J 139 10.65 40.94 56.44
C GLY J 139 9.16 40.75 56.38
N TRP J 140 8.64 39.81 55.61
CA TRP J 140 7.19 39.62 55.49
C TRP J 140 6.71 38.76 56.67
N THR J 141 6.78 39.34 57.86
CA THR J 141 6.44 38.63 59.08
C THR J 141 4.97 38.26 59.14
N GLN J 142 4.12 39.01 58.45
CA GLN J 142 2.73 38.63 58.40
C GLN J 142 2.49 37.34 57.63
N MET J 143 3.48 36.84 56.85
CA MET J 143 3.33 35.66 56.02
C MET J 143 4.07 34.47 56.60
N CYS J 144 4.43 34.54 57.88
CA CYS J 144 5.17 33.47 58.54
C CYS J 144 4.61 32.09 58.21
N GLU J 145 5.50 31.22 57.73
CA GLU J 145 5.12 29.85 57.40
C GLU J 145 4.94 29.00 58.64
N VAL J 146 5.45 29.43 59.79
CA VAL J 146 5.45 28.58 60.99
C VAL J 146 4.15 28.74 61.75
N THR J 147 3.78 29.99 61.99
CA THR J 147 2.56 30.37 62.65
C THR J 147 1.35 30.37 61.72
N GLY J 148 1.55 30.31 60.41
CA GLY J 148 0.43 30.48 59.52
C GLY J 148 -0.12 31.89 59.51
N GLY J 149 0.69 32.88 59.83
CA GLY J 149 0.15 34.23 59.94
C GLY J 149 -0.86 34.39 61.06
N GLY J 150 -0.79 33.54 62.09
CA GLY J 150 -1.76 33.57 63.16
C GLY J 150 -1.74 34.88 63.91
N ILE J 151 -2.92 35.31 64.36
CA ILE J 151 -3.16 36.69 64.79
C ILE J 151 -3.45 36.73 66.29
N ILE J 152 -2.84 37.69 66.98
CA ILE J 152 -3.07 37.86 68.42
C ILE J 152 -4.54 38.22 68.63
N GLY J 153 -5.14 37.62 69.65
CA GLY J 153 -6.55 37.78 69.92
C GLY J 153 -7.46 36.80 69.18
N ILE J 154 -6.92 36.07 68.22
CA ILE J 154 -7.65 35.04 67.50
C ILE J 154 -7.18 33.64 67.93
N VAL J 155 -5.87 33.37 67.83
CA VAL J 155 -5.27 32.10 68.24
C VAL J 155 -4.66 32.29 69.60
N THR J 156 -4.97 33.43 70.22
CA THR J 156 -4.59 33.72 71.60
C THR J 156 -5.70 34.56 72.21
N GLN J 157 -5.73 34.63 73.54
CA GLN J 157 -6.60 35.58 74.24
C GLN J 157 -6.17 37.02 73.96
N GLY J 158 -7.11 37.80 73.43
CA GLY J 158 -6.87 39.15 72.96
C GLY J 158 -7.13 40.24 73.97
N GLY J 159 -7.39 41.44 73.45
CA GLY J 159 -7.33 42.66 74.22
C GLY J 159 -8.63 43.20 74.77
N TYR J 160 -9.74 42.49 74.61
CA TYR J 160 -11.00 42.92 75.24
C TYR J 160 -11.06 42.37 76.67
N ALA J 161 -10.13 42.85 77.48
CA ALA J 161 -9.93 42.35 78.83
C ALA J 161 -9.00 43.35 79.50
N GLU J 162 -8.96 43.30 80.82
CA GLU J 162 -8.13 44.25 81.54
C GLU J 162 -6.65 43.96 81.34
N TYR J 163 -6.29 42.71 81.12
CA TYR J 163 -4.92 42.33 80.93
C TYR J 163 -4.80 41.34 79.78
N ALA J 164 -3.67 41.42 79.06
CA ALA J 164 -3.40 40.50 77.97
C ALA J 164 -1.92 40.14 77.97
N VAL J 165 -1.64 38.90 77.60
CA VAL J 165 -0.27 38.43 77.42
C VAL J 165 0.03 38.29 75.92
N VAL J 166 1.20 38.76 75.53
CA VAL J 166 1.62 38.69 74.12
C VAL J 166 3.13 38.47 74.08
N PRO J 167 3.69 38.20 72.91
CA PRO J 167 5.15 38.13 72.82
C PRO J 167 5.79 39.50 73.02
N ALA J 168 6.81 39.53 73.90
CA ALA J 168 7.60 40.75 74.11
C ALA J 168 8.10 41.36 72.79
N LYS J 169 8.52 40.52 71.86
CA LYS J 169 8.96 41.06 70.57
C LYS J 169 7.81 41.65 69.75
N ASN J 170 6.55 41.47 70.14
CA ASN J 170 5.43 42.12 69.46
C ASN J 170 5.02 43.45 70.11
N ALA J 171 5.59 43.86 71.23
CA ALA J 171 5.13 45.02 71.98
C ALA J 171 6.05 46.19 71.65
N VAL J 172 5.50 47.24 71.05
CA VAL J 172 6.30 48.39 70.61
C VAL J 172 6.14 49.53 71.61
N ALA J 173 7.25 49.97 72.18
CA ALA J 173 7.25 51.17 72.98
C ALA J 173 6.75 52.34 72.14
N THR J 174 5.83 53.13 72.70
CA THR J 174 5.31 54.31 72.03
C THR J 174 5.10 55.43 73.05
N ARG J 175 5.39 56.66 72.63
CA ARG J 175 5.04 57.86 73.38
C ARG J 175 3.72 58.46 72.93
N ALA J 176 3.03 57.81 72.00
CA ALA J 176 1.77 58.30 71.47
C ALA J 176 0.66 58.11 72.51
N ASP J 177 -0.36 58.94 72.36
CA ASP J 177 -1.60 58.71 73.10
C ASP J 177 -2.13 57.31 72.75
N LEU J 178 -2.51 56.56 73.77
CA LEU J 178 -2.87 55.16 73.54
C LEU J 178 -4.20 55.03 72.84
N LYS J 179 -5.08 56.02 72.94
CA LYS J 179 -6.29 55.96 72.13
C LYS J 179 -5.90 55.94 70.66
N GLU J 180 -4.98 56.81 70.28
CA GLU J 180 -4.58 56.91 68.89
C GLU J 180 -3.66 55.79 68.50
N ALA J 181 -2.84 55.31 69.44
CA ALA J 181 -1.98 54.18 69.14
C ALA J 181 -2.80 52.94 68.78
N ALA J 182 -3.98 52.79 69.41
CA ALA J 182 -4.86 51.65 69.21
C ALA J 182 -5.58 51.63 67.87
N THR J 183 -5.42 52.64 67.04
CA THR J 183 -5.86 52.58 65.67
C THR J 183 -4.78 52.04 64.73
N LEU J 184 -3.54 51.73 65.22
CA LEU J 184 -2.43 51.40 64.31
C LEU J 184 -2.28 49.92 63.89
N PRO J 185 -2.37 48.96 64.82
CA PRO J 185 -2.07 47.56 64.48
C PRO J 185 -2.92 46.97 63.37
N ILE J 186 -4.20 47.32 63.32
CA ILE J 186 -5.05 46.80 62.26
C ILE J 186 -5.27 47.84 61.18
N GLY J 187 -5.87 48.97 61.56
CA GLY J 187 -6.22 49.99 60.59
C GLY J 187 -5.03 50.59 59.87
N ALA J 188 -4.18 51.33 60.60
CA ALA J 188 -3.06 52.04 59.97
C ALA J 188 -2.11 51.09 59.24
N LEU J 189 -1.66 50.03 59.92
CA LEU J 189 -0.60 49.16 59.35
C LEU J 189 -1.07 48.50 58.05
N THR J 190 -2.34 48.05 58.01
CA THR J 190 -2.91 47.41 56.83
C THR J 190 -3.06 48.40 55.68
N ALA J 191 -3.44 49.65 55.97
CA ALA J 191 -3.38 50.71 54.97
C ALA J 191 -1.95 50.92 54.45
N TRP J 192 -0.99 51.07 55.36
CA TRP J 192 0.39 51.28 54.94
C TRP J 192 0.87 50.17 53.99
N ASN J 193 0.57 48.92 54.31
CA ASN J 193 1.03 47.80 53.52
C ASN J 193 0.37 47.76 52.15
N MET J 194 -0.92 48.13 52.07
CA MET J 194 -1.55 48.31 50.75
C MET J 194 -0.83 49.37 49.93
N ALA J 195 -0.60 50.56 50.51
CA ALA J 195 0.11 51.62 49.77
C ALA J 195 1.52 51.18 49.38
N TYR J 196 2.23 50.55 50.29
CA TYR J 196 3.58 50.07 50.00
C TYR J 196 3.57 49.11 48.82
N ARG J 197 2.58 48.24 48.73
CA ARG J 197 2.54 47.26 47.66
C ARG J 197 1.95 47.81 46.37
N ALA J 198 1.51 49.07 46.39
CA ALA J 198 1.01 49.70 45.17
C ALA J 198 2.09 50.43 44.42
N SER J 199 3.28 50.60 45.00
CA SER J 199 4.40 51.32 44.34
C SER J 199 3.95 52.69 43.81
N ILE J 200 3.45 53.51 44.72
CA ILE J 200 2.98 54.85 44.40
C ILE J 200 4.19 55.77 44.22
N SER J 201 4.25 56.47 43.09
CA SER J 201 5.31 57.46 42.83
C SER J 201 4.72 58.87 42.74
N PRO J 202 5.49 59.91 43.03
CA PRO J 202 4.87 61.23 43.25
C PRO J 202 4.23 61.74 41.96
N GLY J 203 3.02 62.31 42.12
CA GLY J 203 2.20 62.78 41.02
C GLY J 203 1.18 61.81 40.52
N GLU J 204 1.30 60.52 40.89
CA GLU J 204 0.35 59.50 40.45
C GLU J 204 -1.00 59.73 41.12
N LYS J 205 -2.04 59.40 40.37
CA LYS J 205 -3.42 59.61 40.78
C LYS J 205 -3.89 58.37 41.53
N VAL J 206 -4.17 58.52 42.83
CA VAL J 206 -4.59 57.39 43.65
C VAL J 206 -6.06 57.57 44.03
N ALA J 207 -6.81 56.48 43.92
CA ALA J 207 -8.17 56.40 44.41
C ALA J 207 -8.21 55.48 45.62
N VAL J 208 -8.92 55.90 46.66
CA VAL J 208 -9.19 55.09 47.86
C VAL J 208 -10.70 54.88 47.98
N VAL J 209 -11.12 53.63 47.88
CA VAL J 209 -12.51 53.23 47.99
C VAL J 209 -12.72 52.75 49.42
N GLY J 210 -13.87 53.11 49.99
CA GLY J 210 -14.13 52.94 51.42
C GLY J 210 -13.23 53.81 52.28
N ALA J 211 -12.88 55.01 51.79
CA ALA J 211 -11.88 55.86 52.42
C ALA J 211 -12.28 56.34 53.81
N THR J 212 -13.58 56.25 54.17
CA THR J 212 -14.09 56.65 55.48
C THR J 212 -13.90 55.60 56.56
N GLY J 213 -13.45 54.39 56.21
CA GLY J 213 -13.42 53.28 57.16
C GLY J 213 -12.10 53.19 57.90
N ASN J 214 -11.94 52.14 58.70
CA ASN J 214 -10.74 52.04 59.54
C ASN J 214 -9.48 52.03 58.67
N VAL J 215 -9.48 51.23 57.60
CA VAL J 215 -8.31 51.11 56.75
C VAL J 215 -8.21 52.32 55.84
N GLY J 216 -9.35 52.66 55.22
CA GLY J 216 -9.39 53.75 54.25
C GLY J 216 -8.89 55.07 54.80
N ILE J 217 -9.21 55.39 56.07
CA ILE J 217 -8.89 56.71 56.59
C ILE J 217 -7.39 56.93 56.60
N TYR J 218 -6.62 55.84 56.85
CA TYR J 218 -5.15 55.87 56.80
C TYR J 218 -4.61 55.62 55.39
N ALA J 219 -5.27 54.78 54.58
CA ALA J 219 -4.84 54.68 53.19
C ALA J 219 -4.83 56.05 52.51
N VAL J 220 -5.73 56.96 52.88
CA VAL J 220 -5.69 58.29 52.28
C VAL J 220 -4.40 59.00 52.69
N GLN J 221 -4.04 58.90 53.96
CA GLN J 221 -2.90 59.63 54.48
C GLN J 221 -1.58 59.07 53.92
N PHE J 222 -1.47 57.76 53.78
CA PHE J 222 -0.23 57.20 53.28
C PHE J 222 -0.07 57.46 51.79
N ALA J 223 -1.15 57.31 51.02
CA ALA J 223 -1.08 57.63 49.60
C ALA J 223 -0.58 59.06 49.40
N LYS J 224 -0.98 59.96 50.29
CA LYS J 224 -0.59 61.35 50.18
C LYS J 224 0.84 61.52 50.64
N LEU J 225 1.20 60.82 51.71
CA LEU J 225 2.56 60.85 52.22
C LEU J 225 3.55 60.33 51.17
N LEU J 226 3.09 59.41 50.32
CA LEU J 226 3.95 58.88 49.30
C LEU J 226 4.07 59.83 48.11
N GLY J 227 3.38 60.96 48.16
CA GLY J 227 3.35 61.94 47.07
C GLY J 227 2.21 61.80 46.10
N GLY J 228 1.20 60.98 46.40
CA GLY J 228 0.10 60.81 45.46
C GLY J 228 -0.85 62.02 45.42
N GLU J 229 -1.60 62.08 44.32
CA GLU J 229 -2.76 62.95 44.21
C GLU J 229 -3.95 62.07 44.54
N VAL J 230 -4.56 62.33 45.70
CA VAL J 230 -5.41 61.34 46.36
C VAL J 230 -6.88 61.71 46.18
N TYR J 231 -7.66 60.75 45.72
CA TYR J 231 -9.10 60.89 45.49
C TYR J 231 -9.82 59.90 46.41
N ALA J 232 -10.42 60.42 47.47
CA ALA J 232 -11.24 59.62 48.36
C ALA J 232 -12.63 59.44 47.77
N ILE J 233 -13.07 58.20 47.70
CA ILE J 233 -14.35 57.82 47.13
C ILE J 233 -15.27 57.37 48.27
N SER J 234 -16.47 57.94 48.31
CA SER J 234 -17.45 57.66 49.36
C SER J 234 -18.85 57.72 48.79
N ARG J 235 -19.67 56.76 49.20
CA ARG J 235 -21.11 56.74 48.90
C ARG J 235 -21.86 57.86 49.62
N ARG J 236 -21.24 58.51 50.60
CA ARG J 236 -21.85 59.53 51.46
C ARG J 236 -21.04 60.82 51.44
N LYS J 237 -20.61 61.22 50.24
CA LYS J 237 -19.73 62.36 50.07
C LYS J 237 -20.21 63.58 50.83
N ALA J 238 -21.53 63.83 50.82
CA ALA J 238 -22.04 65.07 51.40
C ALA J 238 -21.67 65.18 52.87
N LYS J 239 -21.73 64.07 53.60
CA LYS J 239 -21.55 64.04 55.04
C LYS J 239 -20.09 63.93 55.48
N VAL J 240 -19.19 63.43 54.63
CA VAL J 240 -17.85 63.05 55.05
C VAL J 240 -16.75 63.87 54.38
N GLU J 241 -17.11 64.73 53.43
CA GLU J 241 -16.14 65.44 52.61
C GLU J 241 -15.08 66.15 53.45
N SER J 242 -15.46 66.75 54.56
CA SER J 242 -14.51 67.61 55.26
C SER J 242 -13.61 66.82 56.18
N ILE J 243 -14.12 65.73 56.76
CA ILE J 243 -13.31 64.75 57.48
C ILE J 243 -12.24 64.18 56.55
N LEU J 244 -12.67 63.70 55.37
CA LEU J 244 -11.74 63.11 54.42
C LEU J 244 -10.73 64.12 53.94
N LYS J 245 -11.16 65.34 53.62
CA LYS J 245 -10.20 66.37 53.22
C LYS J 245 -9.17 66.62 54.31
N SER J 246 -9.62 66.74 55.56
CA SER J 246 -8.69 66.96 56.67
C SER J 246 -7.72 65.79 56.87
N ALA J 247 -8.04 64.60 56.34
CA ALA J 247 -7.09 63.49 56.30
C ALA J 247 -6.11 63.58 55.14
N GLY J 248 -6.32 64.49 54.21
CA GLY J 248 -5.36 64.75 53.15
C GLY J 248 -5.91 64.52 51.78
N ALA J 249 -7.16 64.11 51.63
CA ALA J 249 -7.67 63.83 50.29
C ALA J 249 -7.72 65.12 49.46
N ASP J 250 -7.08 65.07 48.29
CA ASP J 250 -7.13 66.22 47.40
C ASP J 250 -8.54 66.47 46.88
N ALA J 251 -9.35 65.43 46.69
CA ALA J 251 -10.74 65.59 46.29
C ALA J 251 -11.55 64.45 46.86
N VAL J 252 -12.84 64.67 47.05
CA VAL J 252 -13.75 63.60 47.47
C VAL J 252 -14.77 63.40 46.35
N LEU J 253 -15.13 62.13 46.09
CA LEU J 253 -15.89 61.79 44.90
C LEU J 253 -16.95 60.76 45.23
N THR J 254 -18.10 60.87 44.60
CA THR J 254 -19.07 59.79 44.63
C THR J 254 -18.64 58.74 43.62
N PRO J 255 -19.19 57.53 43.69
CA PRO J 255 -18.85 56.50 42.69
C PRO J 255 -18.85 57.00 41.26
N ASP J 256 -19.88 57.78 40.87
CA ASP J 256 -19.95 58.26 39.50
C ASP J 256 -18.89 59.31 39.23
N GLU J 257 -18.66 60.22 40.17
CA GLU J 257 -17.62 61.22 39.95
C GLU J 257 -16.26 60.55 39.76
N ALA J 258 -16.08 59.38 40.38
CA ALA J 258 -14.86 58.60 40.21
C ALA J 258 -14.75 58.09 38.78
N LYS J 259 -15.85 57.55 38.24
CA LYS J 259 -15.87 57.17 36.82
C LYS J 259 -15.44 58.30 35.92
N SER J 260 -15.89 59.53 36.22
CA SER J 260 -15.60 60.66 35.35
C SER J 260 -14.13 61.06 35.43
N ALA J 261 -13.54 60.99 36.63
CA ALA J 261 -12.17 61.38 36.92
C ALA J 261 -11.11 60.35 36.46
N ALA J 262 -11.53 59.17 35.98
CA ALA J 262 -10.60 58.14 35.51
C ALA J 262 -9.85 58.65 34.27
N PRO J 263 -8.70 58.06 33.93
CA PRO J 263 -8.18 56.87 34.64
C PRO J 263 -7.37 57.22 35.86
N PHE J 264 -7.24 56.22 36.74
CA PHE J 264 -6.42 56.28 37.96
C PHE J 264 -5.22 55.34 37.85
N ASP J 265 -4.09 55.79 38.41
CA ASP J 265 -2.89 54.96 38.46
C ASP J 265 -2.97 53.87 39.52
N VAL J 266 -3.64 54.14 40.64
CA VAL J 266 -3.72 53.20 41.73
C VAL J 266 -5.11 53.28 42.32
N VAL J 267 -5.69 52.13 42.60
CA VAL J 267 -6.93 52.02 43.35
C VAL J 267 -6.65 51.15 44.57
N LEU J 268 -6.69 51.76 45.75
CA LEU J 268 -6.63 51.04 47.01
C LEU J 268 -8.07 50.76 47.43
N ASP J 269 -8.46 49.50 47.42
CA ASP J 269 -9.86 49.14 47.64
C ASP J 269 -9.98 47.78 48.35
N PRO J 270 -10.32 47.77 49.67
CA PRO J 270 -10.54 46.51 50.38
C PRO J 270 -12.01 46.16 50.56
N THR J 271 -12.91 46.79 49.79
CA THR J 271 -14.35 46.62 49.98
C THR J 271 -14.91 45.36 49.34
N GLY J 272 -14.18 44.72 48.41
CA GLY J 272 -14.63 43.48 47.81
C GLY J 272 -15.42 43.64 46.53
N SER J 273 -16.27 42.67 46.24
CA SER J 273 -16.82 42.49 44.89
C SER J 273 -17.76 43.62 44.48
N ALA J 274 -18.51 44.16 45.45
CA ALA J 274 -19.51 45.16 45.12
C ALA J 274 -18.90 46.38 44.42
N SER J 275 -17.61 46.66 44.66
CA SER J 275 -16.90 47.79 44.06
C SER J 275 -15.98 47.37 42.93
N TRP J 276 -15.85 46.06 42.67
CA TRP J 276 -14.84 45.56 41.73
C TRP J 276 -14.98 46.18 40.34
N ASP J 277 -16.17 46.05 39.76
CA ASP J 277 -16.47 46.66 38.47
C ASP J 277 -15.95 48.10 38.40
N LEU J 278 -16.30 48.93 39.36
CA LEU J 278 -15.90 50.34 39.31
C LEU J 278 -14.40 50.51 39.56
N SER J 279 -13.84 49.80 40.55
CA SER J 279 -12.42 49.93 40.83
C SER J 279 -11.56 49.43 39.66
N PHE J 280 -11.88 48.25 39.13
CA PHE J 280 -11.04 47.68 38.06
C PHE J 280 -11.18 48.48 36.80
N GLY J 281 -12.37 49.01 36.57
CA GLY J 281 -12.71 49.73 35.36
C GLY J 281 -12.23 51.15 35.28
N VAL J 282 -11.84 51.77 36.39
CA VAL J 282 -11.34 53.15 36.38
C VAL J 282 -9.83 53.22 36.23
N LEU J 283 -9.10 52.11 36.37
CA LEU J 283 -7.64 52.08 36.27
C LEU J 283 -7.17 52.30 34.83
N GLY J 284 -6.02 52.93 34.72
CA GLY J 284 -5.33 53.09 33.45
C GLY J 284 -4.22 52.07 33.25
N ARG J 285 -3.30 52.44 32.38
CA ARG J 285 -2.19 51.59 32.00
C ARG J 285 -1.20 51.49 33.16
N GLY J 286 -0.74 50.27 33.44
CA GLY J 286 0.12 50.10 34.59
C GLY J 286 -0.62 50.13 35.90
N GLY J 287 -1.94 50.16 35.86
CA GLY J 287 -2.72 50.48 37.03
C GLY J 287 -2.74 49.35 38.02
N ARG J 288 -2.61 49.70 39.29
CA ARG J 288 -2.54 48.73 40.36
C ARG J 288 -3.81 48.84 41.18
N TYR J 289 -4.56 47.76 41.20
CA TYR J 289 -5.62 47.52 42.18
C TYR J 289 -5.01 46.74 43.32
N VAL J 290 -5.16 47.27 44.54
CA VAL J 290 -4.66 46.63 45.75
C VAL J 290 -5.83 46.40 46.69
N THR J 291 -5.90 45.20 47.26
CA THR J 291 -6.95 44.91 48.21
C THR J 291 -6.37 44.18 49.40
N ALA J 292 -6.98 44.44 50.54
CA ALA J 292 -6.72 43.68 51.73
C ALA J 292 -7.99 43.10 52.35
N GLY J 293 -9.14 43.27 51.73
CA GLY J 293 -10.36 42.69 52.26
C GLY J 293 -11.37 42.28 51.21
N ALA J 294 -12.38 41.53 51.66
CA ALA J 294 -13.55 41.23 50.84
C ALA J 294 -14.82 41.57 51.62
N LEU J 295 -14.93 42.84 52.07
CA LEU J 295 -16.05 43.28 52.91
C LEU J 295 -17.40 42.90 52.31
N THR J 296 -17.61 43.25 51.03
CA THR J 296 -18.88 43.03 50.36
C THR J 296 -18.92 41.74 49.52
N GLY J 297 -17.93 40.87 49.66
CA GLY J 297 -17.87 39.63 48.89
C GLY J 297 -16.50 39.36 48.31
N ALA J 298 -16.16 38.06 48.21
CA ALA J 298 -14.84 37.63 47.75
C ALA J 298 -14.73 37.34 46.25
N GLU J 299 -15.80 37.00 45.54
CA GLU J 299 -15.66 36.56 44.16
C GLU J 299 -15.86 37.70 43.16
N VAL J 300 -14.98 37.76 42.16
CA VAL J 300 -15.07 38.77 41.09
C VAL J 300 -14.83 38.10 39.75
N ARG J 301 -15.44 38.67 38.72
CA ARG J 301 -15.24 38.24 37.33
C ARG J 301 -14.07 39.05 36.79
N LEU J 302 -12.88 38.41 36.73
CA LEU J 302 -11.65 39.02 36.22
C LEU J 302 -11.52 38.80 34.71
N ASP J 303 -11.41 39.89 33.96
CA ASP J 303 -11.22 39.81 32.51
C ASP J 303 -9.73 39.88 32.20
N LEU J 304 -9.15 38.70 31.93
CA LEU J 304 -7.73 38.62 31.64
C LEU J 304 -7.36 39.47 30.44
N ARG J 305 -8.27 39.65 29.48
CA ARG J 305 -7.92 40.40 28.27
C ARG J 305 -7.60 41.84 28.63
N ARG J 306 -8.44 42.45 29.46
CA ARG J 306 -8.17 43.81 29.89
C ARG J 306 -6.97 43.86 30.82
N LEU J 307 -6.83 42.84 31.68
CA LEU J 307 -5.71 42.78 32.61
C LEU J 307 -4.38 42.81 31.85
N TYR J 308 -4.24 41.99 30.80
CA TYR J 308 -3.00 42.09 30.02
C TYR J 308 -3.01 43.25 29.04
N GLY J 309 -4.16 43.58 28.48
CA GLY J 309 -4.23 44.70 27.55
C GLY J 309 -3.72 45.98 28.14
N MET J 310 -3.98 46.21 29.44
CA MET J 310 -3.60 47.46 30.10
C MET J 310 -2.36 47.31 30.99
N GLN J 311 -1.80 46.11 31.11
CA GLN J 311 -0.70 45.86 32.03
C GLN J 311 -1.10 46.23 33.45
N ILE J 312 -2.30 45.80 33.83
CA ILE J 312 -2.81 46.02 35.18
C ILE J 312 -2.27 44.94 36.12
N LEU J 313 -1.99 45.34 37.36
CA LEU J 313 -1.66 44.45 38.45
C LEU J 313 -2.78 44.43 39.49
N VAL J 314 -3.25 43.24 39.80
CA VAL J 314 -4.23 43.00 40.85
C VAL J 314 -3.45 42.40 42.00
N ILE J 315 -3.30 43.17 43.08
CA ILE J 315 -2.33 42.86 44.12
C ILE J 315 -3.05 42.64 45.43
N GLY J 316 -2.76 41.51 46.07
CA GLY J 316 -3.23 41.25 47.42
C GLY J 316 -2.27 41.77 48.48
N ALA J 317 -2.85 42.32 49.55
CA ALA J 317 -2.12 42.70 50.74
C ALA J 317 -2.88 42.23 51.99
N THR J 318 -2.14 41.95 53.05
CA THR J 318 -2.77 41.58 54.30
C THR J 318 -1.81 41.95 55.41
N GLY J 319 -2.38 42.38 56.52
CA GLY J 319 -1.56 42.73 57.66
C GLY J 319 -0.50 43.75 57.29
N GLY J 320 0.71 43.51 57.78
CA GLY J 320 1.82 44.35 57.43
C GLY J 320 3.06 43.80 58.06
N ARG J 321 4.19 44.35 57.61
CA ARG J 321 5.51 43.92 58.05
C ARG J 321 5.86 44.45 59.44
N ARG J 322 6.63 43.66 60.19
CA ARG J 322 7.00 44.05 61.55
C ARG J 322 7.86 45.32 61.58
N ALA J 323 8.73 45.51 60.59
CA ALA J 323 9.53 46.74 60.55
C ALA J 323 8.65 47.93 60.20
N ASP J 324 7.69 47.72 59.30
CA ASP J 324 6.77 48.78 58.92
C ASP J 324 5.91 49.26 60.10
N PHE J 325 5.52 48.35 60.99
CA PHE J 325 4.78 48.76 62.16
C PHE J 325 5.56 49.77 62.97
N ASN J 326 6.87 49.53 63.18
CA ASN J 326 7.71 50.53 63.84
C ASN J 326 7.59 51.89 63.18
N THR J 327 7.64 51.93 61.85
CA THR J 327 7.61 53.20 61.11
C THR J 327 6.25 53.87 61.29
N VAL J 328 5.21 53.07 61.30
CA VAL J 328 3.88 53.64 61.46
C VAL J 328 3.74 54.24 62.86
N VAL J 329 4.34 53.60 63.86
CA VAL J 329 4.25 54.16 65.19
C VAL J 329 4.97 55.48 65.25
N ARG J 330 6.18 55.56 64.65
CA ARG J 330 6.94 56.82 64.67
C ARG J 330 6.18 57.91 63.91
N LEU J 331 5.52 57.51 62.81
CA LEU J 331 4.83 58.47 61.96
C LEU J 331 3.65 59.11 62.70
N LEU J 332 2.94 58.33 63.53
CA LEU J 332 1.86 58.88 64.32
C LEU J 332 2.43 59.78 65.39
N GLU J 333 3.52 59.33 66.04
CA GLU J 333 4.19 60.11 67.08
C GLU J 333 4.65 61.49 66.61
N ALA J 334 5.03 61.62 65.35
CA ALA J 334 5.52 62.87 64.79
C ALA J 334 4.42 63.68 64.14
N GLY J 335 3.18 63.18 64.17
CA GLY J 335 2.11 63.95 63.60
C GLY J 335 1.98 63.85 62.10
N ARG J 336 2.82 63.05 61.44
CA ARG J 336 2.73 62.91 59.98
C ARG J 336 1.49 62.14 59.54
N ILE J 337 0.86 61.36 60.43
CA ILE J 337 -0.45 60.76 60.18
C ILE J 337 -1.31 61.03 61.42
N LYS J 338 -2.61 61.02 61.25
CA LYS J 338 -3.56 61.40 62.31
C LYS J 338 -4.61 60.32 62.54
N ALA J 339 -4.86 60.02 63.80
CA ALA J 339 -5.93 59.10 64.18
C ALA J 339 -7.29 59.81 64.23
N PHE J 340 -8.29 59.17 63.65
CA PHE J 340 -9.67 59.65 63.62
C PHE J 340 -10.50 58.76 64.53
N LEU J 341 -10.94 59.32 65.65
CA LEU J 341 -11.70 58.59 66.65
C LEU J 341 -13.19 58.92 66.54
N HIS J 342 -14.01 57.88 66.66
CA HIS J 342 -15.45 58.03 66.80
C HIS J 342 -15.91 57.99 68.25
N ASN J 343 -15.72 56.87 68.96
CA ASN J 343 -16.35 56.67 70.25
C ASN J 343 -15.54 55.72 71.12
N VAL J 344 -15.77 55.85 72.42
CA VAL J 344 -15.19 54.95 73.42
C VAL J 344 -16.35 54.30 74.16
N TYR J 345 -16.24 52.98 74.37
CA TYR J 345 -17.15 52.20 75.17
C TYR J 345 -16.42 51.53 76.31
N PRO J 346 -17.08 51.29 77.43
CA PRO J 346 -16.48 50.47 78.48
C PRO J 346 -16.53 49.00 78.07
N LEU J 347 -15.69 48.20 78.76
CA LEU J 347 -15.64 46.76 78.52
C LEU J 347 -17.03 46.13 78.53
N ALA J 348 -17.84 46.46 79.55
CA ALA J 348 -19.13 45.82 79.72
C ALA J 348 -20.05 45.98 78.51
N ASP J 349 -19.82 47.01 77.68
CA ASP J 349 -20.63 47.30 76.49
C ASP J 349 -19.98 46.83 75.19
N VAL J 350 -19.06 45.87 75.24
CA VAL J 350 -18.39 45.47 73.99
C VAL J 350 -19.40 45.04 72.93
N ARG J 351 -20.48 44.38 73.36
CA ARG J 351 -21.50 43.89 72.42
C ARG J 351 -22.09 45.06 71.64
N LYS J 352 -22.46 46.13 72.35
CA LYS J 352 -23.00 47.32 71.69
C LYS J 352 -21.96 47.97 70.77
N ALA J 353 -20.69 47.94 71.16
CA ALA J 353 -19.65 48.53 70.31
C ALA J 353 -19.54 47.81 69.00
N LEU J 354 -19.74 46.49 68.98
CA LEU J 354 -19.66 45.75 67.72
C LEU J 354 -20.86 46.06 66.81
N GLU J 355 -22.05 46.19 67.40
CA GLU J 355 -23.20 46.64 66.63
C GLU J 355 -22.98 48.04 66.05
N GLU J 356 -22.11 48.86 66.66
CA GLU J 356 -21.86 50.23 66.20
C GLU J 356 -21.04 50.27 64.91
N LEU J 357 -20.30 49.23 64.60
CA LEU J 357 -19.67 49.20 63.30
C LEU J 357 -20.73 49.47 62.22
N ARG J 358 -21.82 48.69 62.23
CA ARG J 358 -22.83 48.78 61.18
C ARG J 358 -23.44 50.18 61.07
N SER J 359 -23.31 51.03 62.10
CA SER J 359 -23.97 52.33 62.08
C SER J 359 -23.52 53.13 60.86
N PRO J 360 -24.45 53.77 60.14
CA PRO J 360 -24.09 54.47 58.90
C PRO J 360 -23.61 55.90 59.09
N GLU J 361 -23.67 56.43 60.30
CA GLU J 361 -23.17 57.77 60.57
C GLU J 361 -21.71 57.75 61.02
N ARG J 362 -21.21 56.59 61.45
CA ARG J 362 -19.89 56.49 62.03
C ARG J 362 -18.83 56.87 61.00
N VAL J 363 -17.89 57.71 61.41
CA VAL J 363 -16.64 57.94 60.70
C VAL J 363 -15.58 58.01 61.78
N GLY J 364 -14.67 57.04 61.77
CA GLY J 364 -13.59 56.98 62.73
C GLY J 364 -13.65 55.73 63.57
N LYS J 365 -12.59 55.55 64.34
CA LYS J 365 -12.41 54.34 65.13
C LYS J 365 -13.40 54.27 66.28
N VAL J 366 -13.89 53.06 66.57
CA VAL J 366 -14.55 52.74 67.83
C VAL J 366 -13.54 52.04 68.71
N LEU J 367 -13.50 52.43 69.99
CA LEU J 367 -12.56 51.88 70.96
C LEU J 367 -13.25 51.30 72.19
N ILE J 368 -12.70 50.20 72.72
CA ILE J 368 -13.02 49.70 74.05
C ILE J 368 -11.91 50.16 75.00
N ALA J 369 -12.30 50.66 76.17
CA ALA J 369 -11.39 50.92 77.26
C ALA J 369 -11.65 49.89 78.34
N PRO J 370 -10.82 48.86 78.49
CA PRO J 370 -11.17 47.87 79.50
C PRO J 370 -10.98 48.34 80.97
N HIS K 38 -18.77 -53.22 -29.70
CA HIS K 38 -19.63 -53.72 -28.59
C HIS K 38 -20.71 -54.68 -29.12
N GLU K 39 -21.18 -55.56 -28.24
CA GLU K 39 -22.42 -56.29 -28.43
C GLU K 39 -23.48 -55.67 -27.50
N MET K 40 -24.75 -55.96 -27.79
CA MET K 40 -25.84 -55.48 -26.94
C MET K 40 -26.92 -56.54 -26.86
N ARG K 41 -27.73 -56.45 -25.80
CA ARG K 41 -28.89 -57.32 -25.69
C ARG K 41 -30.04 -56.73 -26.50
N ALA K 42 -30.99 -57.59 -26.87
CA ALA K 42 -32.09 -57.16 -27.72
C ALA K 42 -33.11 -58.27 -27.79
N ALA K 43 -34.39 -57.90 -27.80
CA ALA K 43 -35.44 -58.80 -28.23
C ALA K 43 -35.47 -58.83 -29.74
N ALA K 44 -35.73 -60.00 -30.33
CA ALA K 44 -35.64 -60.17 -31.76
C ALA K 44 -36.42 -61.41 -32.20
N PHE K 45 -36.83 -61.42 -33.46
CA PHE K 45 -37.56 -62.55 -34.03
C PHE K 45 -37.12 -62.75 -35.46
N SER K 46 -36.63 -63.94 -35.76
CA SER K 46 -36.22 -64.28 -37.10
C SER K 46 -37.38 -64.76 -37.94
N THR K 47 -38.50 -65.10 -37.29
CA THR K 47 -39.73 -65.40 -37.97
C THR K 47 -40.90 -64.95 -37.08
N PRO K 48 -41.99 -64.43 -37.69
CA PRO K 48 -43.06 -63.81 -36.87
C PRO K 48 -43.68 -64.75 -35.85
N GLY K 49 -44.38 -64.17 -34.90
CA GLY K 49 -44.98 -64.92 -33.82
C GLY K 49 -44.34 -64.55 -32.50
N LEU K 50 -45.18 -64.36 -31.48
CA LEU K 50 -44.73 -63.86 -30.19
C LEU K 50 -43.87 -64.89 -29.46
N GLU K 51 -44.20 -66.18 -29.61
CA GLU K 51 -43.38 -67.23 -29.01
C GLU K 51 -41.96 -67.24 -29.59
N ASN K 52 -41.80 -66.85 -30.87
CA ASN K 52 -40.51 -66.76 -31.57
C ASN K 52 -39.77 -65.43 -31.31
N LEU K 53 -40.22 -64.62 -30.36
CA LEU K 53 -39.48 -63.45 -29.94
C LEU K 53 -38.55 -63.88 -28.81
N LYS K 54 -37.26 -63.69 -29.00
CA LYS K 54 -36.23 -64.26 -28.17
C LYS K 54 -35.25 -63.17 -27.79
N LEU K 55 -34.87 -63.12 -26.52
CA LEU K 55 -33.73 -62.30 -26.13
C LEU K 55 -32.48 -62.85 -26.80
N VAL K 56 -31.71 -61.98 -27.45
CA VAL K 56 -30.48 -62.37 -28.12
C VAL K 56 -29.38 -61.38 -27.74
N GLU K 57 -28.20 -61.60 -28.31
CA GLU K 57 -27.08 -60.68 -28.24
C GLU K 57 -26.75 -60.30 -29.68
N ALA K 58 -26.72 -58.99 -29.97
CA ALA K 58 -26.67 -58.50 -31.35
C ALA K 58 -25.52 -57.50 -31.54
N GLU K 59 -25.19 -57.27 -32.81
CA GLU K 59 -24.19 -56.26 -33.17
C GLU K 59 -24.71 -54.89 -32.75
N THR K 60 -24.08 -54.27 -31.75
CA THR K 60 -24.48 -52.90 -31.41
C THR K 60 -24.33 -52.03 -32.66
N PRO K 61 -25.37 -51.28 -33.05
CA PRO K 61 -25.30 -50.54 -34.32
C PRO K 61 -24.59 -49.19 -34.17
N ARG K 62 -24.13 -48.67 -35.31
CA ARG K 62 -23.30 -47.49 -35.32
C ARG K 62 -23.90 -46.38 -36.17
N PRO K 63 -23.78 -45.13 -35.74
CA PRO K 63 -24.51 -44.04 -36.41
C PRO K 63 -23.78 -43.44 -37.61
N GLY K 64 -24.37 -43.52 -38.80
CA GLY K 64 -23.85 -42.83 -39.97
C GLY K 64 -23.98 -41.31 -39.90
N PRO K 65 -23.79 -40.64 -41.03
CA PRO K 65 -24.06 -39.19 -41.07
C PRO K 65 -25.53 -38.91 -40.81
N GLY K 66 -25.81 -37.79 -40.13
CA GLY K 66 -27.16 -37.39 -39.78
C GLY K 66 -27.86 -38.27 -38.75
N GLU K 67 -27.17 -39.24 -38.18
CA GLU K 67 -27.75 -40.20 -37.27
C GLU K 67 -27.27 -39.93 -35.86
N VAL K 68 -27.94 -40.57 -34.91
CA VAL K 68 -27.45 -40.68 -33.55
C VAL K 68 -27.73 -42.09 -33.07
N LEU K 69 -26.91 -42.52 -32.11
CA LEU K 69 -27.05 -43.79 -31.41
C LEU K 69 -27.57 -43.46 -30.02
N ILE K 70 -28.73 -44.01 -29.68
CA ILE K 70 -29.38 -43.74 -28.41
C ILE K 70 -29.23 -44.95 -27.51
N ARG K 71 -28.99 -44.69 -26.24
CA ARG K 71 -29.06 -45.68 -25.17
C ARG K 71 -30.48 -45.67 -24.65
N VAL K 72 -31.27 -46.67 -25.05
CA VAL K 72 -32.69 -46.74 -24.72
C VAL K 72 -32.87 -46.96 -23.22
N LYS K 73 -33.58 -46.04 -22.56
CA LYS K 73 -33.92 -46.23 -21.15
C LYS K 73 -35.31 -46.80 -20.97
N TYR K 74 -36.26 -46.35 -21.79
CA TYR K 74 -37.62 -46.90 -21.76
C TYR K 74 -38.21 -46.90 -23.15
N ALA K 75 -39.07 -47.88 -23.36
CA ALA K 75 -39.71 -48.11 -24.63
C ALA K 75 -41.11 -48.54 -24.29
N GLY K 76 -42.08 -48.07 -25.04
CA GLY K 76 -43.45 -48.37 -24.77
C GLY K 76 -43.92 -49.61 -25.49
N VAL K 77 -44.97 -50.21 -24.94
CA VAL K 77 -45.61 -51.40 -25.48
C VAL K 77 -47.00 -50.98 -26.00
N ASN K 78 -47.23 -51.21 -27.29
CA ASN K 78 -48.42 -50.76 -28.00
C ASN K 78 -48.87 -51.85 -28.93
N PRO K 79 -50.15 -51.86 -29.30
CA PRO K 79 -50.62 -52.80 -30.34
C PRO K 79 -49.74 -52.83 -31.58
N LEU K 80 -49.09 -51.70 -31.92
CA LEU K 80 -48.22 -51.70 -33.08
C LEU K 80 -47.01 -52.62 -32.88
N ASP K 81 -46.44 -52.64 -31.68
CA ASP K 81 -45.32 -53.53 -31.43
C ASP K 81 -45.78 -54.99 -31.46
N TYR K 82 -46.90 -55.27 -30.79
CA TYR K 82 -47.49 -56.60 -30.82
C TYR K 82 -47.75 -57.07 -32.25
N ASN K 83 -48.42 -56.25 -33.05
CA ASN K 83 -48.77 -56.66 -34.41
C ASN K 83 -47.55 -56.78 -35.32
N VAL K 84 -46.45 -56.12 -34.97
CA VAL K 84 -45.21 -56.29 -35.73
C VAL K 84 -44.59 -57.63 -35.40
N VAL K 85 -44.56 -57.96 -34.10
CA VAL K 85 -44.07 -59.25 -33.65
C VAL K 85 -44.89 -60.40 -34.25
N ALA K 86 -46.20 -60.20 -34.39
CA ALA K 86 -47.11 -61.27 -34.81
C ALA K 86 -47.13 -61.50 -36.31
N GLY K 87 -46.47 -60.65 -37.10
CA GLY K 87 -46.46 -60.76 -38.55
C GLY K 87 -47.57 -60.02 -39.27
N ALA K 88 -48.55 -59.49 -38.54
CA ALA K 88 -49.59 -58.67 -39.15
C ALA K 88 -49.00 -57.54 -40.00
N VAL K 89 -47.91 -56.93 -39.54
CA VAL K 89 -47.24 -55.84 -40.25
C VAL K 89 -45.85 -56.33 -40.58
N LYS K 90 -45.52 -56.40 -41.87
CA LYS K 90 -44.20 -56.84 -42.29
C LYS K 90 -43.15 -55.93 -41.66
N ALA K 91 -42.03 -56.50 -41.30
CA ALA K 91 -40.94 -55.75 -40.67
C ALA K 91 -39.66 -55.98 -41.45
N SER K 92 -38.75 -55.01 -41.37
CA SER K 92 -37.51 -55.08 -42.08
C SER K 92 -36.53 -54.29 -41.24
N PRO K 93 -35.30 -54.77 -41.02
CA PRO K 93 -34.82 -56.02 -41.63
C PRO K 93 -35.07 -57.24 -40.75
N MET K 94 -35.08 -58.41 -41.40
CA MET K 94 -35.22 -59.65 -40.65
C MET K 94 -33.84 -60.29 -40.48
N PRO K 95 -33.46 -60.86 -39.33
CA PRO K 95 -34.33 -60.81 -38.13
C PRO K 95 -34.46 -59.39 -37.62
N HIS K 96 -35.57 -59.15 -36.91
CA HIS K 96 -35.99 -57.80 -36.59
C HIS K 96 -36.06 -57.58 -35.09
N ILE K 97 -35.52 -56.45 -34.65
CA ILE K 97 -35.75 -55.93 -33.32
C ILE K 97 -36.97 -54.98 -33.38
N PRO K 98 -38.06 -55.28 -32.71
CA PRO K 98 -39.22 -54.39 -32.80
C PRO K 98 -39.06 -53.19 -31.87
N GLY K 99 -40.11 -52.39 -31.72
CA GLY K 99 -40.15 -51.39 -30.67
C GLY K 99 -40.13 -49.99 -31.24
N SER K 100 -41.30 -49.35 -31.35
CA SER K 100 -41.43 -48.15 -32.16
C SER K 100 -41.63 -46.86 -31.37
N GLU K 101 -41.53 -46.90 -30.03
CA GLU K 101 -41.84 -45.76 -29.18
C GLU K 101 -40.89 -45.82 -27.99
N PHE K 102 -39.83 -45.01 -28.03
CA PHE K 102 -38.80 -45.11 -27.01
C PHE K 102 -38.10 -43.78 -26.77
N ALA K 103 -37.56 -43.66 -25.56
CA ALA K 103 -36.78 -42.51 -25.14
C ALA K 103 -35.47 -43.02 -24.54
N GLY K 104 -34.47 -42.14 -24.48
CA GLY K 104 -33.23 -42.51 -23.84
C GLY K 104 -32.20 -41.41 -23.81
N VAL K 105 -30.94 -41.79 -23.97
CA VAL K 105 -29.81 -40.88 -23.83
C VAL K 105 -28.89 -41.08 -25.02
N VAL K 106 -28.45 -39.99 -25.62
CA VAL K 106 -27.60 -40.12 -26.79
C VAL K 106 -26.26 -40.71 -26.38
N GLU K 107 -25.89 -41.81 -27.04
CA GLU K 107 -24.60 -42.44 -26.81
C GLU K 107 -23.51 -41.81 -27.66
N GLU K 108 -23.81 -41.47 -28.91
CA GLU K 108 -22.77 -41.08 -29.85
C GLU K 108 -23.42 -40.37 -31.02
N ALA K 109 -22.97 -39.14 -31.30
CA ALA K 109 -23.40 -38.43 -32.50
C ALA K 109 -22.66 -38.96 -33.71
N GLY K 110 -23.37 -39.10 -34.81
CA GLY K 110 -22.77 -39.47 -36.07
C GLY K 110 -22.00 -38.31 -36.64
N PRO K 111 -21.28 -38.58 -37.74
CA PRO K 111 -20.55 -37.52 -38.43
C PRO K 111 -21.48 -36.45 -38.96
N GLY K 112 -21.05 -35.21 -38.79
CA GLY K 112 -21.83 -34.06 -39.21
C GLY K 112 -23.01 -33.74 -38.33
N VAL K 113 -23.30 -34.58 -37.34
CA VAL K 113 -24.41 -34.27 -36.44
C VAL K 113 -23.91 -33.31 -35.39
N THR K 114 -24.58 -32.18 -35.29
CA THR K 114 -24.36 -31.14 -34.30
C THR K 114 -25.72 -30.78 -33.75
N GLY K 115 -25.76 -30.05 -32.64
CA GLY K 115 -27.03 -29.69 -32.06
C GLY K 115 -27.61 -30.74 -31.15
N VAL K 116 -26.76 -31.65 -30.67
CA VAL K 116 -27.12 -32.65 -29.69
C VAL K 116 -25.78 -33.21 -29.22
N SER K 117 -25.73 -33.69 -27.97
CA SER K 117 -24.48 -34.17 -27.39
C SER K 117 -24.66 -35.58 -26.85
N ARG K 118 -23.52 -36.19 -26.53
CA ARG K 118 -23.50 -37.40 -25.74
C ARG K 118 -24.03 -37.07 -24.35
N GLY K 119 -24.95 -37.90 -23.87
CA GLY K 119 -25.58 -37.68 -22.58
C GLY K 119 -26.83 -36.84 -22.60
N ASP K 120 -27.19 -36.23 -23.74
CA ASP K 120 -28.45 -35.48 -23.84
C ASP K 120 -29.63 -36.44 -23.81
N PRO K 121 -30.58 -36.27 -22.88
CA PRO K 121 -31.78 -37.10 -22.88
C PRO K 121 -32.72 -36.69 -24.02
N VAL K 122 -33.21 -37.69 -24.77
CA VAL K 122 -34.06 -37.46 -25.93
C VAL K 122 -35.28 -38.38 -25.88
N VAL K 123 -36.24 -38.09 -26.76
CA VAL K 123 -37.34 -38.96 -27.08
C VAL K 123 -37.54 -38.89 -28.59
N VAL K 124 -37.97 -40.00 -29.18
CA VAL K 124 -37.81 -40.25 -30.61
C VAL K 124 -39.16 -40.09 -31.32
N TYR K 125 -39.20 -39.17 -32.27
CA TYR K 125 -40.32 -39.09 -33.19
C TYR K 125 -40.11 -40.17 -34.21
N ASN K 126 -41.14 -40.99 -34.41
CA ASN K 126 -40.91 -42.32 -34.96
C ASN K 126 -41.20 -42.44 -36.44
N ARG K 127 -41.68 -41.39 -37.09
CA ARG K 127 -41.91 -41.43 -38.54
C ARG K 127 -40.67 -40.91 -39.26
N LEU K 128 -40.32 -41.59 -40.33
CA LEU K 128 -39.20 -41.17 -41.15
C LEU K 128 -39.75 -40.23 -42.21
N TYR K 129 -39.07 -39.12 -42.43
CA TYR K 129 -39.56 -38.09 -43.34
C TYR K 129 -38.39 -37.45 -44.08
N CYS K 130 -38.66 -37.07 -45.33
CA CYS K 130 -37.67 -36.48 -46.22
C CYS K 130 -37.52 -34.97 -46.06
N GLY K 131 -38.55 -34.25 -45.67
CA GLY K 131 -38.38 -32.79 -45.53
C GLY K 131 -38.39 -32.00 -46.83
N HIS K 132 -38.61 -32.63 -47.99
CA HIS K 132 -38.63 -31.95 -49.29
CA HIS K 132 -38.64 -31.96 -49.28
C HIS K 132 -39.92 -32.16 -50.06
N CYS K 133 -40.79 -33.08 -49.66
CA CYS K 133 -41.99 -33.34 -50.44
C CYS K 133 -43.11 -32.43 -49.99
N ARG K 134 -44.15 -32.44 -50.83
CA ARG K 134 -45.37 -31.67 -50.58
C ARG K 134 -45.82 -31.84 -49.14
N GLN K 135 -45.83 -33.08 -48.65
CA GLN K 135 -46.36 -33.35 -47.32
C GLN K 135 -45.42 -32.79 -46.25
N CYS K 136 -44.13 -33.05 -46.37
CA CYS K 136 -43.19 -32.58 -45.37
C CYS K 136 -43.20 -31.06 -45.30
N LEU K 137 -43.18 -30.41 -46.46
CA LEU K 137 -43.11 -28.95 -46.50
C LEU K 137 -44.37 -28.26 -46.02
N THR K 138 -45.53 -28.92 -46.03
CA THR K 138 -46.73 -28.36 -45.40
C THR K 138 -46.91 -28.80 -43.97
N GLY K 139 -45.98 -29.60 -43.42
CA GLY K 139 -45.99 -29.97 -42.03
C GLY K 139 -46.45 -31.38 -41.73
N TRP K 140 -47.12 -32.05 -42.67
CA TRP K 140 -47.64 -33.41 -42.47
C TRP K 140 -46.54 -34.46 -42.72
N THR K 141 -45.55 -34.45 -41.83
CA THR K 141 -44.39 -35.30 -42.05
C THR K 141 -44.73 -36.79 -41.97
N GLN K 142 -45.80 -37.16 -41.25
CA GLN K 142 -46.19 -38.57 -41.18
C GLN K 142 -46.78 -39.06 -42.49
N MET K 143 -47.11 -38.14 -43.40
CA MET K 143 -47.66 -38.49 -44.72
C MET K 143 -46.62 -38.48 -45.81
N CYS K 144 -45.33 -38.39 -45.45
CA CYS K 144 -44.22 -38.19 -46.38
C CYS K 144 -44.34 -39.07 -47.63
N GLU K 145 -44.19 -38.46 -48.80
CA GLU K 145 -44.37 -39.20 -50.04
C GLU K 145 -43.20 -40.11 -50.36
N VAL K 146 -42.03 -39.82 -49.78
CA VAL K 146 -40.78 -40.45 -50.18
C VAL K 146 -40.42 -41.63 -49.27
N THR K 147 -40.66 -41.51 -47.97
CA THR K 147 -40.48 -42.62 -47.07
C THR K 147 -41.70 -43.50 -47.00
N GLY K 148 -42.83 -43.04 -47.55
CA GLY K 148 -44.12 -43.70 -47.39
C GLY K 148 -44.59 -43.75 -45.96
N GLY K 149 -44.25 -42.75 -45.14
CA GLY K 149 -44.60 -42.88 -43.74
C GLY K 149 -43.91 -43.99 -42.96
N GLY K 150 -42.86 -44.65 -43.52
CA GLY K 150 -42.09 -45.71 -42.87
C GLY K 150 -41.79 -45.43 -41.41
N ILE K 151 -41.92 -46.43 -40.52
CA ILE K 151 -41.92 -46.21 -39.07
C ILE K 151 -40.68 -46.87 -38.44
N ILE K 152 -40.07 -46.18 -37.48
CA ILE K 152 -38.87 -46.67 -36.82
C ILE K 152 -39.25 -47.83 -35.90
N GLY K 153 -38.45 -48.90 -35.91
CA GLY K 153 -38.84 -50.12 -35.28
C GLY K 153 -39.69 -51.03 -36.16
N ILE K 154 -40.14 -50.55 -37.32
CA ILE K 154 -40.85 -51.37 -38.29
C ILE K 154 -40.03 -51.54 -39.55
N VAL K 155 -39.45 -50.45 -40.05
CA VAL K 155 -38.59 -50.49 -41.22
C VAL K 155 -37.12 -50.27 -40.83
N THR K 156 -36.84 -50.20 -39.53
CA THR K 156 -35.51 -50.12 -38.97
C THR K 156 -35.53 -50.88 -37.65
N GLN K 157 -34.34 -51.21 -37.14
CA GLN K 157 -34.24 -51.86 -35.85
C GLN K 157 -34.63 -50.90 -34.73
N GLY K 158 -35.49 -51.36 -33.84
CA GLY K 158 -36.17 -50.51 -32.89
C GLY K 158 -35.49 -50.48 -31.54
N GLY K 159 -36.29 -50.15 -30.53
CA GLY K 159 -35.79 -49.84 -29.20
C GLY K 159 -36.09 -50.88 -28.15
N TYR K 160 -36.45 -52.10 -28.58
CA TYR K 160 -36.49 -53.25 -27.69
C TYR K 160 -35.10 -53.87 -27.70
N ALA K 161 -34.18 -53.13 -27.06
CA ALA K 161 -32.73 -53.30 -27.18
C ALA K 161 -32.05 -52.20 -26.35
N GLU K 162 -30.76 -52.38 -26.09
CA GLU K 162 -30.05 -51.40 -25.29
C GLU K 162 -29.71 -50.16 -26.11
N TYR K 163 -29.56 -50.32 -27.43
CA TYR K 163 -29.13 -49.22 -28.27
C TYR K 163 -29.90 -49.27 -29.58
N ALA K 164 -30.18 -48.08 -30.14
CA ALA K 164 -30.75 -48.00 -31.47
C ALA K 164 -30.30 -46.71 -32.15
N VAL K 165 -30.29 -46.75 -33.47
CA VAL K 165 -29.85 -45.64 -34.30
C VAL K 165 -31.09 -45.02 -34.94
N VAL K 166 -31.25 -43.71 -34.76
CA VAL K 166 -32.34 -42.96 -35.37
C VAL K 166 -31.73 -41.73 -36.04
N PRO K 167 -32.40 -41.18 -37.06
CA PRO K 167 -31.97 -39.87 -37.58
C PRO K 167 -31.89 -38.85 -36.45
N ALA K 168 -30.92 -37.95 -36.55
CA ALA K 168 -30.76 -36.97 -35.49
C ALA K 168 -31.94 -36.01 -35.43
N LYS K 169 -32.51 -35.66 -36.58
CA LYS K 169 -33.64 -34.74 -36.58
C LYS K 169 -34.87 -35.36 -35.94
N ASN K 170 -34.90 -36.70 -35.80
CA ASN K 170 -36.00 -37.44 -35.18
C ASN K 170 -35.87 -37.50 -33.67
N ALA K 171 -34.77 -36.99 -33.12
CA ALA K 171 -34.45 -37.14 -31.72
C ALA K 171 -34.62 -35.79 -31.02
N VAL K 172 -35.60 -35.73 -30.10
CA VAL K 172 -36.04 -34.49 -29.46
C VAL K 172 -35.47 -34.44 -28.04
N ALA K 173 -34.70 -33.42 -27.74
CA ALA K 173 -34.24 -33.22 -26.39
C ALA K 173 -35.40 -32.90 -25.47
N THR K 174 -35.41 -33.54 -24.29
CA THR K 174 -36.39 -33.23 -23.25
C THR K 174 -35.77 -33.35 -21.86
N ARG K 175 -36.28 -32.53 -20.96
CA ARG K 175 -35.90 -32.58 -19.56
C ARG K 175 -36.95 -33.30 -18.70
N ALA K 176 -37.83 -34.08 -19.32
CA ALA K 176 -38.86 -34.79 -18.56
C ALA K 176 -38.39 -36.19 -18.20
N ASP K 177 -39.10 -36.81 -17.27
CA ASP K 177 -38.85 -38.21 -16.94
C ASP K 177 -38.93 -39.04 -18.20
N LEU K 178 -37.89 -39.81 -18.47
CA LEU K 178 -37.90 -40.59 -19.68
C LEU K 178 -38.97 -41.70 -19.64
N LYS K 179 -39.42 -42.09 -18.45
CA LYS K 179 -40.53 -43.04 -18.39
C LYS K 179 -41.78 -42.43 -19.00
N GLU K 180 -42.09 -41.19 -18.60
CA GLU K 180 -43.26 -40.48 -19.12
C GLU K 180 -43.05 -40.06 -20.57
N ALA K 181 -41.83 -39.62 -20.92
CA ALA K 181 -41.52 -39.25 -22.30
C ALA K 181 -41.85 -40.38 -23.24
N ALA K 182 -41.60 -41.62 -22.79
CA ALA K 182 -41.71 -42.80 -23.65
C ALA K 182 -43.16 -43.17 -23.94
N THR K 183 -44.13 -42.54 -23.28
CA THR K 183 -45.54 -42.67 -23.66
C THR K 183 -45.96 -41.70 -24.77
N LEU K 184 -45.06 -40.85 -25.29
CA LEU K 184 -45.50 -39.75 -26.13
C LEU K 184 -45.41 -40.01 -27.63
N PRO K 185 -44.38 -40.71 -28.11
CA PRO K 185 -44.23 -40.91 -29.57
C PRO K 185 -45.40 -41.61 -30.24
N ILE K 186 -46.06 -42.54 -29.56
CA ILE K 186 -47.22 -43.23 -30.12
C ILE K 186 -48.50 -42.79 -29.44
N GLY K 187 -48.56 -42.93 -28.11
CA GLY K 187 -49.77 -42.66 -27.36
C GLY K 187 -50.23 -41.21 -27.41
N ALA K 188 -49.45 -40.27 -26.88
CA ALA K 188 -49.87 -38.88 -26.84
C ALA K 188 -49.93 -38.27 -28.23
N LEU K 189 -48.87 -38.45 -29.03
CA LEU K 189 -48.85 -37.79 -30.33
C LEU K 189 -50.02 -38.23 -31.19
N THR K 190 -50.35 -39.52 -31.20
CA THR K 190 -51.46 -39.95 -32.05
C THR K 190 -52.76 -39.34 -31.56
N ALA K 191 -52.92 -39.26 -30.23
CA ALA K 191 -54.12 -38.65 -29.69
C ALA K 191 -54.18 -37.16 -30.05
N TRP K 192 -53.05 -36.46 -29.91
CA TRP K 192 -53.00 -35.04 -30.25
C TRP K 192 -53.49 -34.82 -31.67
N ASN K 193 -52.96 -35.60 -32.62
CA ASN K 193 -53.30 -35.42 -34.03
C ASN K 193 -54.78 -35.72 -34.30
N MET K 194 -55.37 -36.66 -33.56
CA MET K 194 -56.82 -36.90 -33.65
C MET K 194 -57.62 -35.69 -33.17
N ALA K 195 -57.24 -35.14 -32.01
CA ALA K 195 -57.95 -33.99 -31.46
C ALA K 195 -57.77 -32.78 -32.35
N TYR K 196 -56.55 -32.58 -32.86
CA TYR K 196 -56.24 -31.47 -33.74
C TYR K 196 -57.08 -31.52 -35.00
N ARG K 197 -57.27 -32.71 -35.56
CA ARG K 197 -58.07 -32.90 -36.76
C ARG K 197 -59.57 -33.03 -36.49
N ALA K 198 -59.99 -32.92 -35.24
CA ALA K 198 -61.41 -32.89 -34.91
C ALA K 198 -62.02 -31.48 -34.86
N SER K 199 -61.21 -30.41 -34.84
CA SER K 199 -61.68 -29.02 -34.83
C SER K 199 -62.62 -28.74 -33.66
N ILE K 200 -62.13 -29.04 -32.47
CA ILE K 200 -62.88 -28.85 -31.24
C ILE K 200 -62.95 -27.36 -30.90
N SER K 201 -64.20 -26.83 -30.75
CA SER K 201 -64.36 -25.50 -30.20
C SER K 201 -64.72 -25.60 -28.73
N PRO K 202 -64.46 -24.56 -27.94
CA PRO K 202 -64.75 -24.64 -26.51
C PRO K 202 -66.25 -24.77 -26.26
N GLY K 203 -66.61 -25.73 -25.40
CA GLY K 203 -67.97 -26.03 -25.07
C GLY K 203 -68.58 -27.16 -25.87
N GLU K 204 -67.95 -27.56 -26.97
CA GLU K 204 -68.44 -28.74 -27.67
C GLU K 204 -68.36 -29.98 -26.77
N LYS K 205 -69.29 -30.91 -26.99
CA LYS K 205 -69.32 -32.17 -26.28
C LYS K 205 -68.49 -33.16 -27.08
N VAL K 206 -67.52 -33.76 -26.40
CA VAL K 206 -66.52 -34.67 -26.96
C VAL K 206 -66.64 -36.00 -26.21
N ALA K 207 -66.89 -37.07 -26.95
CA ALA K 207 -66.79 -38.43 -26.42
C ALA K 207 -65.46 -39.06 -26.85
N VAL K 208 -64.83 -39.80 -25.95
CA VAL K 208 -63.60 -40.54 -26.24
C VAL K 208 -63.87 -42.02 -25.98
N VAL K 209 -64.04 -42.80 -27.05
CA VAL K 209 -64.17 -44.24 -26.94
C VAL K 209 -62.80 -44.89 -26.75
N GLY K 210 -62.69 -45.85 -25.84
CA GLY K 210 -61.38 -46.42 -25.59
C GLY K 210 -60.47 -45.51 -24.78
N ALA K 211 -61.08 -44.61 -23.99
CA ALA K 211 -60.39 -43.67 -23.12
C ALA K 211 -59.38 -44.32 -22.19
N THR K 212 -59.57 -45.61 -21.84
CA THR K 212 -58.62 -46.26 -20.92
C THR K 212 -57.30 -46.64 -21.57
N GLY K 213 -57.21 -46.58 -22.91
CA GLY K 213 -56.05 -47.10 -23.62
C GLY K 213 -54.92 -46.11 -23.77
N ASN K 214 -53.86 -46.57 -24.44
CA ASN K 214 -52.68 -45.74 -24.69
C ASN K 214 -53.04 -44.42 -25.34
N VAL K 215 -53.85 -44.49 -26.41
CA VAL K 215 -54.28 -43.29 -27.14
C VAL K 215 -55.38 -42.55 -26.38
N GLY K 216 -56.44 -43.27 -25.99
CA GLY K 216 -57.57 -42.67 -25.30
C GLY K 216 -57.22 -41.87 -24.06
N ILE K 217 -56.19 -42.29 -23.32
CA ILE K 217 -55.94 -41.60 -22.05
C ILE K 217 -55.39 -40.21 -22.31
N TYR K 218 -54.70 -40.03 -23.44
CA TYR K 218 -54.26 -38.71 -23.85
C TYR K 218 -55.33 -37.97 -24.63
N ALA K 219 -56.16 -38.68 -25.40
CA ALA K 219 -57.26 -38.00 -26.09
C ALA K 219 -58.20 -37.32 -25.11
N VAL K 220 -58.45 -37.93 -23.95
CA VAL K 220 -59.24 -37.26 -22.93
C VAL K 220 -58.59 -35.94 -22.55
N GLN K 221 -57.27 -35.97 -22.33
CA GLN K 221 -56.57 -34.78 -21.87
C GLN K 221 -56.53 -33.71 -22.94
N PHE K 222 -56.27 -34.09 -24.18
CA PHE K 222 -56.15 -33.07 -25.21
C PHE K 222 -57.53 -32.46 -25.52
N ALA K 223 -58.58 -33.28 -25.46
CA ALA K 223 -59.92 -32.74 -25.66
C ALA K 223 -60.26 -31.72 -24.59
N LYS K 224 -59.85 -31.96 -23.35
CA LYS K 224 -60.09 -30.96 -22.30
C LYS K 224 -59.22 -29.71 -22.51
N LEU K 225 -57.97 -29.90 -22.96
CA LEU K 225 -57.07 -28.79 -23.22
C LEU K 225 -57.63 -27.80 -24.26
N LEU K 226 -58.32 -28.31 -25.28
CA LEU K 226 -58.94 -27.50 -26.32
C LEU K 226 -60.29 -26.92 -25.91
N GLY K 227 -60.76 -27.18 -24.70
CA GLY K 227 -61.96 -26.58 -24.19
C GLY K 227 -63.20 -27.42 -24.35
N GLY K 228 -63.06 -28.69 -24.75
CA GLY K 228 -64.21 -29.54 -24.81
C GLY K 228 -64.77 -29.90 -23.44
N GLU K 229 -66.03 -30.28 -23.45
CA GLU K 229 -66.65 -31.05 -22.37
C GLU K 229 -66.46 -32.53 -22.71
N VAL K 230 -65.70 -33.24 -21.90
CA VAL K 230 -65.16 -34.54 -22.28
C VAL K 230 -65.90 -35.66 -21.54
N TYR K 231 -66.48 -36.56 -22.32
CA TYR K 231 -67.14 -37.75 -21.82
C TYR K 231 -66.32 -38.94 -22.27
N ALA K 232 -65.62 -39.57 -21.32
CA ALA K 232 -64.87 -40.78 -21.59
C ALA K 232 -65.81 -41.99 -21.50
N ILE K 233 -65.85 -42.78 -22.56
CA ILE K 233 -66.66 -43.98 -22.61
C ILE K 233 -65.79 -45.20 -22.32
N SER K 234 -66.26 -46.06 -21.42
CA SER K 234 -65.55 -47.28 -21.05
C SER K 234 -66.52 -48.44 -20.87
N ARG K 235 -66.09 -49.63 -21.30
CA ARG K 235 -66.82 -50.85 -20.98
C ARG K 235 -66.61 -51.29 -19.54
N ARG K 236 -65.77 -50.59 -18.78
CA ARG K 236 -65.45 -50.97 -17.41
C ARG K 236 -65.50 -49.75 -16.48
N LYS K 237 -66.54 -48.94 -16.63
CA LYS K 237 -66.65 -47.70 -15.88
C LYS K 237 -66.30 -47.86 -14.40
N ALA K 238 -66.88 -48.86 -13.75
CA ALA K 238 -66.75 -48.96 -12.29
C ALA K 238 -65.29 -49.06 -11.85
N LYS K 239 -64.47 -49.82 -12.58
CA LYS K 239 -63.07 -50.00 -12.18
C LYS K 239 -62.22 -48.76 -12.47
N VAL K 240 -62.46 -48.09 -13.61
CA VAL K 240 -61.52 -47.08 -14.13
C VAL K 240 -61.96 -45.65 -13.87
N GLU K 241 -63.18 -45.42 -13.38
CA GLU K 241 -63.75 -44.08 -13.41
C GLU K 241 -62.86 -43.06 -12.69
N SER K 242 -62.30 -43.42 -11.55
CA SER K 242 -61.54 -42.42 -10.82
C SER K 242 -60.27 -42.05 -11.58
N ILE K 243 -59.72 -43.01 -12.33
CA ILE K 243 -58.52 -42.75 -13.12
C ILE K 243 -58.83 -41.82 -14.28
N LEU K 244 -59.91 -42.09 -15.03
CA LEU K 244 -60.21 -41.27 -16.18
C LEU K 244 -60.60 -39.86 -15.75
N LYS K 245 -61.12 -39.70 -14.54
CA LYS K 245 -61.40 -38.35 -14.09
C LYS K 245 -60.12 -37.64 -13.73
N SER K 246 -59.14 -38.35 -13.17
CA SER K 246 -57.86 -37.68 -12.92
C SER K 246 -57.14 -37.29 -14.22
N ALA K 247 -57.46 -37.95 -15.33
CA ALA K 247 -56.97 -37.54 -16.64
C ALA K 247 -57.74 -36.35 -17.20
N GLY K 248 -58.79 -35.91 -16.53
CA GLY K 248 -59.53 -34.74 -16.93
C GLY K 248 -60.92 -34.97 -17.47
N ALA K 249 -61.44 -36.20 -17.46
CA ALA K 249 -62.77 -36.42 -18.03
C ALA K 249 -63.83 -35.77 -17.14
N ASP K 250 -64.77 -35.07 -17.76
CA ASP K 250 -65.86 -34.47 -16.98
C ASP K 250 -66.87 -35.51 -16.54
N ALA K 251 -66.99 -36.60 -17.29
CA ALA K 251 -67.85 -37.72 -16.93
C ALA K 251 -67.29 -38.98 -17.57
N VAL K 252 -67.59 -40.12 -16.94
CA VAL K 252 -67.29 -41.43 -17.49
C VAL K 252 -68.61 -42.16 -17.70
N LEU K 253 -68.73 -42.82 -18.86
CA LEU K 253 -69.98 -43.34 -19.34
C LEU K 253 -69.78 -44.77 -19.85
N THR K 254 -70.76 -45.62 -19.56
CA THR K 254 -70.94 -46.90 -20.23
C THR K 254 -71.49 -46.64 -21.63
N PRO K 255 -71.31 -47.60 -22.55
CA PRO K 255 -71.93 -47.44 -23.88
C PRO K 255 -73.40 -47.08 -23.83
N ASP K 256 -74.19 -47.70 -22.94
CA ASP K 256 -75.61 -47.33 -22.84
C ASP K 256 -75.78 -45.91 -22.36
N GLU K 257 -74.98 -45.49 -21.38
CA GLU K 257 -75.07 -44.12 -20.93
C GLU K 257 -74.60 -43.15 -22.00
N ALA K 258 -73.68 -43.59 -22.90
CA ALA K 258 -73.27 -42.73 -24.00
C ALA K 258 -74.45 -42.45 -24.91
N LYS K 259 -75.25 -43.48 -25.22
CA LYS K 259 -76.43 -43.30 -26.05
C LYS K 259 -77.35 -42.26 -25.46
N SER K 260 -77.46 -42.21 -24.13
CA SER K 260 -78.42 -41.31 -23.54
C SER K 260 -77.92 -39.89 -23.50
N ALA K 261 -76.60 -39.72 -23.47
CA ALA K 261 -76.00 -38.40 -23.44
C ALA K 261 -75.90 -37.77 -24.83
N ALA K 262 -76.31 -38.45 -25.90
CA ALA K 262 -76.19 -37.88 -27.22
C ALA K 262 -77.12 -36.68 -27.32
N PRO K 263 -76.86 -35.72 -28.20
CA PRO K 263 -75.79 -35.82 -29.20
C PRO K 263 -74.44 -35.31 -28.71
N PHE K 264 -73.42 -35.65 -29.49
CA PHE K 264 -72.05 -35.24 -29.28
C PHE K 264 -71.57 -34.51 -30.52
N ASP K 265 -70.73 -33.50 -30.31
CA ASP K 265 -70.11 -32.79 -31.42
C ASP K 265 -68.93 -33.53 -32.03
N VAL K 266 -68.16 -34.23 -31.21
CA VAL K 266 -66.95 -34.91 -31.65
C VAL K 266 -66.90 -36.27 -30.96
N VAL K 267 -66.46 -37.29 -31.69
CA VAL K 267 -66.22 -38.61 -31.14
C VAL K 267 -64.83 -39.03 -31.59
N LEU K 268 -63.89 -39.10 -30.65
CA LEU K 268 -62.56 -39.62 -30.90
C LEU K 268 -62.57 -41.12 -30.58
N ASP K 269 -62.37 -41.95 -31.59
CA ASP K 269 -62.60 -43.39 -31.44
C ASP K 269 -61.67 -44.13 -32.39
N PRO K 270 -60.50 -44.62 -31.89
CA PRO K 270 -59.65 -45.47 -32.71
C PRO K 270 -59.98 -46.97 -32.59
N THR K 271 -61.16 -47.35 -32.12
CA THR K 271 -61.38 -48.76 -31.76
C THR K 271 -61.92 -49.61 -32.90
N GLY K 272 -62.27 -49.03 -34.04
CA GLY K 272 -62.75 -49.81 -35.17
C GLY K 272 -64.24 -50.14 -35.14
N SER K 273 -64.56 -51.18 -35.93
CA SER K 273 -65.94 -51.43 -36.36
C SER K 273 -66.87 -51.80 -35.21
N ALA K 274 -66.38 -52.46 -34.16
CA ALA K 274 -67.31 -52.86 -33.11
C ALA K 274 -67.92 -51.67 -32.40
N SER K 275 -67.27 -50.52 -32.45
CA SER K 275 -67.80 -49.30 -31.84
C SER K 275 -68.50 -48.39 -32.83
N TRP K 276 -68.57 -48.80 -34.11
CA TRP K 276 -69.10 -47.93 -35.17
C TRP K 276 -70.57 -47.54 -34.93
N ASP K 277 -71.47 -48.50 -34.80
CA ASP K 277 -72.87 -48.13 -34.67
C ASP K 277 -73.08 -47.12 -33.53
N LEU K 278 -72.38 -47.32 -32.41
CA LEU K 278 -72.51 -46.44 -31.26
C LEU K 278 -71.92 -45.04 -31.55
N SER K 279 -70.65 -44.99 -31.97
CA SER K 279 -69.97 -43.71 -32.18
C SER K 279 -70.65 -42.91 -33.31
N PHE K 280 -70.90 -43.54 -34.43
CA PHE K 280 -71.52 -42.82 -35.52
C PHE K 280 -72.94 -42.44 -35.16
N GLY K 281 -73.62 -43.27 -34.38
CA GLY K 281 -75.02 -43.02 -34.08
C GLY K 281 -75.24 -41.87 -33.11
N VAL K 282 -74.28 -41.62 -32.21
CA VAL K 282 -74.41 -40.54 -31.23
C VAL K 282 -73.97 -39.18 -31.73
N LEU K 283 -73.47 -39.07 -32.97
CA LEU K 283 -73.04 -37.76 -33.45
C LEU K 283 -74.24 -36.88 -33.70
N GLY K 284 -74.12 -35.59 -33.33
CA GLY K 284 -75.10 -34.60 -33.70
C GLY K 284 -74.78 -33.88 -35.00
N ARG K 285 -75.53 -32.79 -35.26
CA ARG K 285 -75.35 -32.06 -36.50
C ARG K 285 -73.94 -31.50 -36.56
N GLY K 286 -73.32 -31.59 -37.75
CA GLY K 286 -71.95 -31.16 -37.94
C GLY K 286 -70.94 -31.94 -37.13
N GLY K 287 -71.32 -33.13 -36.66
CA GLY K 287 -70.44 -33.88 -35.80
C GLY K 287 -69.24 -34.45 -36.53
N ARG K 288 -68.16 -34.66 -35.81
CA ARG K 288 -66.96 -35.24 -36.40
C ARG K 288 -66.61 -36.54 -35.69
N TYR K 289 -66.50 -37.61 -36.47
CA TYR K 289 -65.92 -38.89 -36.05
C TYR K 289 -64.47 -38.90 -36.50
N VAL K 290 -63.56 -39.12 -35.57
CA VAL K 290 -62.15 -39.19 -35.91
C VAL K 290 -61.63 -40.52 -35.41
N THR K 291 -61.02 -41.28 -36.31
CA THR K 291 -60.33 -42.51 -35.93
C THR K 291 -58.88 -42.52 -36.41
N ALA K 292 -58.04 -43.12 -35.58
CA ALA K 292 -56.70 -43.51 -36.01
C ALA K 292 -56.45 -45.02 -35.95
N GLY K 293 -57.48 -45.85 -35.74
CA GLY K 293 -57.24 -47.26 -35.51
C GLY K 293 -58.38 -48.12 -36.01
N ALA K 294 -58.12 -49.42 -36.05
CA ALA K 294 -59.09 -50.41 -36.52
C ALA K 294 -59.10 -51.62 -35.59
N LEU K 295 -59.03 -51.36 -34.27
CA LEU K 295 -58.68 -52.37 -33.27
C LEU K 295 -59.59 -53.58 -33.34
N THR K 296 -60.87 -53.36 -33.54
CA THR K 296 -61.86 -54.41 -33.47
C THR K 296 -62.42 -54.74 -34.83
N GLY K 297 -61.81 -54.21 -35.88
CA GLY K 297 -62.23 -54.44 -37.25
C GLY K 297 -62.07 -53.17 -38.04
N ALA K 298 -61.95 -53.32 -39.35
CA ALA K 298 -61.65 -52.23 -40.26
C ALA K 298 -62.83 -51.78 -41.10
N GLU K 299 -63.84 -52.61 -41.28
CA GLU K 299 -64.90 -52.33 -42.23
C GLU K 299 -66.16 -51.90 -41.48
N VAL K 300 -66.79 -50.83 -41.98
CA VAL K 300 -68.05 -50.36 -41.43
C VAL K 300 -69.01 -50.07 -42.56
N ARG K 301 -70.29 -50.20 -42.25
CA ARG K 301 -71.39 -49.93 -43.16
C ARG K 301 -71.75 -48.47 -42.91
N LEU K 302 -71.50 -47.62 -43.91
CA LEU K 302 -71.70 -46.19 -43.79
C LEU K 302 -72.98 -45.80 -44.52
N ASP K 303 -73.86 -45.13 -43.80
CA ASP K 303 -75.11 -44.64 -44.37
C ASP K 303 -74.85 -43.22 -44.87
N LEU K 304 -74.64 -43.10 -46.19
CA LEU K 304 -74.38 -41.82 -46.81
C LEU K 304 -75.51 -40.83 -46.59
N ARG K 305 -76.73 -41.31 -46.39
CA ARG K 305 -77.88 -40.43 -46.24
C ARG K 305 -77.89 -39.75 -44.87
N ARG K 306 -77.34 -40.40 -43.85
CA ARG K 306 -77.21 -39.78 -42.55
C ARG K 306 -75.96 -38.89 -42.49
N LEU K 307 -74.89 -39.33 -43.17
CA LEU K 307 -73.70 -38.50 -43.35
C LEU K 307 -74.08 -37.13 -43.92
N TYR K 308 -74.77 -37.10 -45.06
CA TYR K 308 -75.10 -35.80 -45.65
C TYR K 308 -76.22 -35.10 -44.88
N GLY K 309 -77.24 -35.84 -44.40
CA GLY K 309 -78.37 -35.22 -43.74
C GLY K 309 -78.02 -34.56 -42.42
N MET K 310 -76.98 -35.06 -41.74
CA MET K 310 -76.46 -34.48 -40.50
C MET K 310 -75.20 -33.63 -40.70
N GLN K 311 -74.71 -33.50 -41.93
CA GLN K 311 -73.42 -32.84 -42.23
C GLN K 311 -72.31 -33.31 -41.29
N ILE K 312 -72.24 -34.62 -41.11
CA ILE K 312 -71.18 -35.25 -40.36
C ILE K 312 -69.92 -35.35 -41.21
N LEU K 313 -68.79 -35.33 -40.51
CA LEU K 313 -67.47 -35.58 -41.08
C LEU K 313 -66.93 -36.85 -40.44
N VAL K 314 -66.52 -37.80 -41.27
CA VAL K 314 -65.80 -38.99 -40.82
C VAL K 314 -64.35 -38.83 -41.27
N ILE K 315 -63.44 -38.67 -40.30
CA ILE K 315 -62.09 -38.16 -40.52
C ILE K 315 -61.06 -39.21 -40.12
N GLY K 316 -60.07 -39.43 -40.99
CA GLY K 316 -58.94 -40.27 -40.65
C GLY K 316 -57.77 -39.49 -40.06
N ALA K 317 -57.05 -40.16 -39.16
CA ALA K 317 -55.88 -39.55 -38.55
C ALA K 317 -54.86 -40.65 -38.27
N THR K 318 -53.58 -40.31 -38.42
CA THR K 318 -52.54 -41.28 -38.19
C THR K 318 -51.32 -40.52 -37.74
N GLY K 319 -50.58 -41.12 -36.82
CA GLY K 319 -49.30 -40.57 -36.43
C GLY K 319 -49.48 -39.18 -35.90
N GLY K 320 -48.55 -38.31 -36.25
CA GLY K 320 -48.64 -36.90 -35.92
C GLY K 320 -47.59 -36.12 -36.66
N ARG K 321 -47.76 -34.79 -36.65
CA ARG K 321 -46.88 -33.89 -37.36
C ARG K 321 -45.61 -33.73 -36.56
N ARG K 322 -44.48 -33.56 -37.27
CA ARG K 322 -43.20 -33.40 -36.57
C ARG K 322 -43.24 -32.22 -35.60
N ALA K 323 -43.91 -31.12 -35.98
CA ALA K 323 -43.90 -29.94 -35.13
C ALA K 323 -44.77 -30.11 -33.92
N ASP K 324 -45.90 -30.83 -34.07
CA ASP K 324 -46.75 -31.12 -32.92
C ASP K 324 -46.07 -32.01 -31.92
N PHE K 325 -45.14 -32.87 -32.35
CA PHE K 325 -44.44 -33.68 -31.38
C PHE K 325 -43.66 -32.79 -30.40
N ASN K 326 -43.00 -31.74 -30.89
CA ASN K 326 -42.36 -30.80 -29.97
C ASN K 326 -43.38 -30.17 -29.03
N THR K 327 -44.59 -29.89 -29.51
CA THR K 327 -45.61 -29.30 -28.64
C THR K 327 -46.05 -30.29 -27.56
N VAL K 328 -46.23 -31.57 -27.93
CA VAL K 328 -46.55 -32.61 -26.94
C VAL K 328 -45.43 -32.77 -25.91
N VAL K 329 -44.16 -32.73 -26.35
CA VAL K 329 -43.06 -32.85 -25.41
C VAL K 329 -43.12 -31.70 -24.41
N ARG K 330 -43.17 -30.45 -24.89
CA ARG K 330 -43.20 -29.31 -23.98
C ARG K 330 -44.44 -29.30 -23.07
N LEU K 331 -45.56 -29.86 -23.52
CA LEU K 331 -46.74 -29.96 -22.66
C LEU K 331 -46.57 -30.99 -21.56
N LEU K 332 -45.81 -32.06 -21.81
CA LEU K 332 -45.47 -33.00 -20.74
C LEU K 332 -44.53 -32.34 -19.74
N GLU K 333 -43.50 -31.65 -20.26
CA GLU K 333 -42.53 -30.95 -19.42
C GLU K 333 -43.21 -29.91 -18.56
N ALA K 334 -44.22 -29.22 -19.09
CA ALA K 334 -44.91 -28.18 -18.33
C ALA K 334 -45.88 -28.74 -17.30
N GLY K 335 -46.22 -30.03 -17.38
CA GLY K 335 -47.20 -30.63 -16.51
C GLY K 335 -48.63 -30.58 -17.03
N ARG K 336 -48.83 -30.11 -18.26
CA ARG K 336 -50.18 -29.87 -18.74
C ARG K 336 -50.83 -31.17 -19.18
N ILE K 337 -50.03 -32.16 -19.55
CA ILE K 337 -50.50 -33.52 -19.72
C ILE K 337 -49.76 -34.39 -18.71
N LYS K 338 -50.37 -35.52 -18.37
CA LYS K 338 -49.82 -36.46 -17.39
C LYS K 338 -49.78 -37.81 -18.04
N ALA K 339 -48.69 -38.54 -17.84
CA ALA K 339 -48.54 -39.91 -18.31
C ALA K 339 -49.10 -40.87 -17.27
N PHE K 340 -49.86 -41.85 -17.72
CA PHE K 340 -50.42 -42.86 -16.83
C PHE K 340 -49.69 -44.18 -17.10
N LEU K 341 -48.94 -44.64 -16.12
CA LEU K 341 -48.10 -45.82 -16.28
C LEU K 341 -48.78 -46.98 -15.58
N HIS K 342 -48.71 -48.17 -16.20
CA HIS K 342 -49.23 -49.40 -15.59
C HIS K 342 -48.11 -50.24 -14.98
N ASN K 343 -47.16 -50.68 -15.80
CA ASN K 343 -46.15 -51.61 -15.35
C ASN K 343 -44.88 -51.42 -16.17
N VAL K 344 -43.72 -51.64 -15.52
CA VAL K 344 -42.42 -51.65 -16.20
C VAL K 344 -41.83 -53.04 -16.06
N TYR K 345 -41.52 -53.66 -17.18
CA TYR K 345 -40.89 -54.93 -17.37
C TYR K 345 -39.48 -54.72 -17.88
N PRO K 346 -38.52 -55.55 -17.46
CA PRO K 346 -37.19 -55.54 -18.08
C PRO K 346 -37.19 -56.22 -19.43
N LEU K 347 -36.10 -56.00 -20.18
CA LEU K 347 -35.99 -56.58 -21.52
C LEU K 347 -36.12 -58.10 -21.49
N ALA K 348 -35.81 -58.72 -20.34
CA ALA K 348 -35.91 -60.17 -20.22
C ALA K 348 -37.36 -60.65 -20.34
N ASP K 349 -38.26 -60.02 -19.57
CA ASP K 349 -39.69 -60.30 -19.57
C ASP K 349 -40.42 -59.56 -20.69
N VAL K 350 -39.86 -59.48 -21.88
CA VAL K 350 -40.49 -58.69 -22.94
C VAL K 350 -41.78 -59.37 -23.42
N ARG K 351 -41.78 -60.69 -23.58
CA ARG K 351 -43.01 -61.36 -24.01
C ARG K 351 -44.14 -61.17 -22.99
N LYS K 352 -43.79 -61.10 -21.69
CA LYS K 352 -44.83 -60.89 -20.67
C LYS K 352 -45.40 -59.49 -20.78
N ALA K 353 -44.54 -58.51 -21.07
CA ALA K 353 -44.98 -57.14 -21.27
C ALA K 353 -45.94 -57.03 -22.45
N LEU K 354 -45.60 -57.67 -23.57
CA LEU K 354 -46.52 -57.65 -24.70
C LEU K 354 -47.82 -58.36 -24.35
N GLU K 355 -47.74 -59.49 -23.63
CA GLU K 355 -48.95 -60.19 -23.19
C GLU K 355 -49.78 -59.33 -22.22
N GLU K 356 -49.12 -58.43 -21.47
CA GLU K 356 -49.84 -57.54 -20.57
C GLU K 356 -50.78 -56.62 -21.33
N LEU K 357 -50.59 -56.46 -22.64
CA LEU K 357 -51.52 -55.62 -23.40
C LEU K 357 -52.95 -56.12 -23.26
N ARG K 358 -53.17 -57.44 -23.45
CA ARG K 358 -54.52 -57.98 -23.40
C ARG K 358 -55.07 -58.08 -21.97
N SER K 359 -54.26 -57.81 -20.95
CA SER K 359 -54.71 -57.97 -19.56
C SER K 359 -55.90 -57.08 -19.29
N PRO K 360 -57.07 -57.63 -18.93
CA PRO K 360 -58.25 -56.77 -18.72
C PRO K 360 -58.19 -55.91 -17.47
N GLU K 361 -57.08 -55.95 -16.73
CA GLU K 361 -56.90 -55.06 -15.58
C GLU K 361 -56.06 -53.83 -15.91
N ARG K 362 -55.45 -53.80 -17.09
CA ARG K 362 -54.51 -52.74 -17.42
C ARG K 362 -55.25 -51.43 -17.64
N VAL K 363 -54.78 -50.37 -16.96
CA VAL K 363 -55.06 -48.99 -17.34
C VAL K 363 -53.71 -48.28 -17.27
N GLY K 364 -53.17 -47.90 -18.41
CA GLY K 364 -51.93 -47.16 -18.48
C GLY K 364 -50.94 -47.78 -19.44
N LYS K 365 -49.75 -47.21 -19.46
CA LYS K 365 -48.72 -47.61 -20.40
C LYS K 365 -47.89 -48.73 -19.81
N VAL K 366 -47.54 -49.70 -20.66
CA VAL K 366 -46.61 -50.77 -20.31
C VAL K 366 -45.28 -50.45 -21.00
N LEU K 367 -44.23 -50.30 -20.19
CA LEU K 367 -42.89 -49.98 -20.66
C LEU K 367 -41.97 -51.17 -20.54
N ILE K 368 -41.07 -51.28 -21.50
CA ILE K 368 -39.92 -52.15 -21.38
C ILE K 368 -38.77 -51.25 -21.00
N ALA K 369 -37.94 -51.69 -20.07
CA ALA K 369 -36.74 -50.96 -19.64
C ALA K 369 -35.50 -51.84 -19.87
N PRO K 370 -34.74 -51.62 -20.96
CA PRO K 370 -33.53 -52.40 -21.21
C PRO K 370 -32.39 -51.99 -20.28
N HIS L 38 11.15 62.36 -36.59
CA HIS L 38 10.84 61.08 -37.27
C HIS L 38 9.34 60.79 -37.14
N GLU L 39 8.64 60.62 -38.28
CA GLU L 39 7.20 60.45 -38.28
C GLU L 39 6.76 59.43 -39.34
N MET L 40 5.58 58.85 -39.12
CA MET L 40 5.05 57.80 -39.98
C MET L 40 3.53 57.89 -40.00
N ARG L 41 2.94 57.31 -41.06
CA ARG L 41 1.49 57.12 -41.10
C ARG L 41 1.06 55.93 -40.24
N ALA L 42 -0.15 56.02 -39.69
CA ALA L 42 -0.63 54.99 -38.78
C ALA L 42 -2.14 55.11 -38.59
N ALA L 43 -2.83 53.98 -38.63
CA ALA L 43 -4.22 53.94 -38.22
C ALA L 43 -4.32 53.96 -36.69
N ALA L 44 -5.15 54.86 -36.15
CA ALA L 44 -5.28 54.94 -34.69
C ALA L 44 -6.71 55.30 -34.29
N PHE L 45 -6.99 55.09 -33.01
CA PHE L 45 -8.25 55.55 -32.44
C PHE L 45 -7.97 56.04 -31.03
N SER L 46 -8.56 57.19 -30.70
CA SER L 46 -8.41 57.76 -29.37
C SER L 46 -9.55 57.35 -28.48
N THR L 47 -10.61 56.82 -29.08
CA THR L 47 -11.72 56.21 -28.34
C THR L 47 -12.28 55.09 -29.22
N PRO L 48 -12.76 53.99 -28.61
CA PRO L 48 -13.12 52.80 -29.41
C PRO L 48 -14.28 53.06 -30.35
N GLY L 49 -14.15 52.54 -31.57
CA GLY L 49 -15.24 52.59 -32.52
C GLY L 49 -14.74 52.46 -33.92
N LEU L 50 -15.41 51.67 -34.75
CA LEU L 50 -14.88 51.47 -36.09
C LEU L 50 -14.86 52.78 -36.87
N GLU L 51 -15.77 53.70 -36.55
CA GLU L 51 -15.82 55.02 -37.19
C GLU L 51 -14.66 55.91 -36.72
N ASN L 52 -14.32 55.85 -35.44
CA ASN L 52 -13.24 56.63 -34.85
C ASN L 52 -11.83 56.16 -35.28
N LEU L 53 -11.70 55.08 -36.05
CA LEU L 53 -10.38 54.65 -36.49
C LEU L 53 -9.94 55.55 -37.65
N LYS L 54 -8.91 56.35 -37.42
CA LYS L 54 -8.52 57.41 -38.35
C LYS L 54 -7.07 57.23 -38.77
N LEU L 55 -6.82 57.39 -40.06
CA LEU L 55 -5.45 57.49 -40.52
C LEU L 55 -4.87 58.78 -39.97
N VAL L 56 -3.65 58.70 -39.43
CA VAL L 56 -3.01 59.87 -38.82
C VAL L 56 -1.52 59.84 -39.08
N GLU L 57 -0.81 60.77 -38.46
CA GLU L 57 0.64 60.81 -38.47
C GLU L 57 1.09 60.71 -37.02
N ALA L 58 2.11 59.88 -36.80
CA ALA L 58 2.53 59.44 -35.48
C ALA L 58 4.03 59.63 -35.33
N GLU L 59 4.43 59.74 -34.06
CA GLU L 59 5.84 59.65 -33.69
C GLU L 59 6.31 58.23 -33.93
N THR L 60 7.13 58.05 -34.97
CA THR L 60 7.72 56.75 -35.29
C THR L 60 8.39 56.13 -34.06
N PRO L 61 7.97 54.93 -33.63
CA PRO L 61 8.64 54.30 -32.48
C PRO L 61 10.08 53.94 -32.82
N ARG L 62 10.89 53.85 -31.78
CA ARG L 62 12.30 53.51 -31.90
C ARG L 62 12.64 52.41 -30.91
N PRO L 63 13.56 51.51 -31.27
CA PRO L 63 13.72 50.27 -30.51
C PRO L 63 14.67 50.39 -29.35
N GLY L 64 14.22 49.92 -28.18
CA GLY L 64 15.04 49.86 -27.01
C GLY L 64 15.99 48.68 -27.04
N PRO L 65 16.60 48.35 -25.89
CA PRO L 65 17.43 47.14 -25.83
C PRO L 65 16.55 45.91 -25.90
N GLY L 66 17.01 44.91 -26.65
CA GLY L 66 16.25 43.70 -26.86
C GLY L 66 15.17 43.80 -27.93
N GLU L 67 14.85 44.99 -28.39
CA GLU L 67 13.74 45.17 -29.32
C GLU L 67 14.29 45.37 -30.72
N VAL L 68 13.39 45.40 -31.69
CA VAL L 68 13.73 45.84 -33.04
C VAL L 68 12.61 46.70 -33.60
N LEU L 69 12.99 47.59 -34.51
CA LEU L 69 12.08 48.40 -35.28
C LEU L 69 11.83 47.71 -36.63
N ILE L 70 10.56 47.44 -36.94
CA ILE L 70 10.17 46.79 -38.20
C ILE L 70 9.46 47.80 -39.11
N ARG L 71 9.87 47.78 -40.39
CA ARG L 71 9.14 48.41 -41.49
C ARG L 71 8.08 47.42 -41.95
N VAL L 72 6.83 47.69 -41.58
CA VAL L 72 5.73 46.76 -41.86
C VAL L 72 5.46 46.72 -43.36
N LYS L 73 5.51 45.53 -43.95
CA LYS L 73 5.07 45.32 -45.33
C LYS L 73 3.59 44.93 -45.44
N TYR L 74 3.14 43.97 -44.63
CA TYR L 74 1.76 43.48 -44.68
C TYR L 74 1.29 43.10 -43.28
N ALA L 75 0.03 43.40 -42.99
CA ALA L 75 -0.59 43.10 -41.71
C ALA L 75 -1.94 42.46 -41.99
N GLY L 76 -2.28 41.41 -41.25
CA GLY L 76 -3.51 40.69 -41.49
C GLY L 76 -4.70 41.33 -40.80
N VAL L 77 -5.88 41.08 -41.35
CA VAL L 77 -7.13 41.58 -40.76
C VAL L 77 -7.82 40.40 -40.12
N ASN L 78 -8.07 40.50 -38.82
CA ASN L 78 -8.63 39.39 -38.05
C ASN L 78 -9.74 39.89 -37.16
N PRO L 79 -10.66 39.02 -36.78
CA PRO L 79 -11.63 39.38 -35.76
C PRO L 79 -10.99 39.98 -34.54
N LEU L 80 -9.80 39.51 -34.17
CA LEU L 80 -9.12 40.11 -33.03
C LEU L 80 -8.88 41.60 -33.26
N ASP L 81 -8.25 41.95 -34.38
CA ASP L 81 -8.01 43.36 -34.69
C ASP L 81 -9.34 44.13 -34.78
N TYR L 82 -10.36 43.51 -35.34
CA TYR L 82 -11.68 44.15 -35.41
C TYR L 82 -12.17 44.47 -34.02
N ASN L 83 -12.07 43.51 -33.10
CA ASN L 83 -12.62 43.69 -31.77
C ASN L 83 -11.79 44.60 -30.88
N VAL L 84 -10.49 44.73 -31.16
CA VAL L 84 -9.69 45.73 -30.46
C VAL L 84 -10.21 47.11 -30.82
N VAL L 85 -10.34 47.37 -32.12
CA VAL L 85 -10.83 48.65 -32.62
C VAL L 85 -12.20 48.97 -32.00
N ALA L 86 -13.10 48.02 -32.02
CA ALA L 86 -14.46 48.24 -31.53
C ALA L 86 -14.55 48.35 -30.01
N GLY L 87 -13.47 48.11 -29.28
CA GLY L 87 -13.50 48.25 -27.83
C GLY L 87 -13.96 47.03 -27.06
N ALA L 88 -14.30 45.93 -27.74
CA ALA L 88 -14.59 44.71 -27.00
C ALA L 88 -13.35 44.20 -26.27
N VAL L 89 -12.15 44.56 -26.74
CA VAL L 89 -10.87 44.20 -26.12
C VAL L 89 -10.21 45.51 -25.71
N LYS L 90 -10.06 45.72 -24.40
CA LYS L 90 -9.33 46.88 -23.90
C LYS L 90 -7.96 46.91 -24.55
N ALA L 91 -7.51 48.10 -24.96
CA ALA L 91 -6.20 48.24 -25.59
C ALA L 91 -5.41 49.38 -24.94
N SER L 92 -4.09 49.21 -24.94
CA SER L 92 -3.18 50.16 -24.33
C SER L 92 -1.93 50.15 -25.18
N PRO L 93 -1.19 51.26 -25.25
CA PRO L 93 -1.64 52.53 -24.67
C PRO L 93 -2.67 53.20 -25.58
N MET L 94 -3.30 54.27 -25.06
CA MET L 94 -4.33 55.00 -25.81
C MET L 94 -3.89 56.45 -25.95
N PRO L 95 -3.91 57.07 -27.15
CA PRO L 95 -4.49 56.45 -28.37
C PRO L 95 -3.70 55.25 -28.85
N HIS L 96 -4.41 54.32 -29.50
CA HIS L 96 -3.87 53.00 -29.77
C HIS L 96 -3.84 52.70 -31.27
N ILE L 97 -2.67 52.30 -31.75
CA ILE L 97 -2.53 51.69 -33.08
C ILE L 97 -2.78 50.19 -32.93
N PRO L 98 -3.76 49.62 -33.62
CA PRO L 98 -4.00 48.17 -33.49
C PRO L 98 -3.20 47.39 -34.54
N GLY L 99 -3.47 46.08 -34.66
CA GLY L 99 -2.78 45.26 -35.64
C GLY L 99 -1.84 44.25 -35.02
N SER L 100 -2.35 43.05 -34.75
CA SER L 100 -1.60 42.05 -34.01
C SER L 100 -0.97 40.98 -34.89
N GLU L 101 -1.18 41.02 -36.20
CA GLU L 101 -0.61 40.02 -37.11
C GLU L 101 0.07 40.75 -38.27
N PHE L 102 1.41 40.69 -38.32
CA PHE L 102 2.12 41.41 -39.37
C PHE L 102 3.51 40.85 -39.60
N ALA L 103 4.04 41.18 -40.78
CA ALA L 103 5.40 40.86 -41.20
C ALA L 103 6.01 42.07 -41.93
N GLY L 104 7.34 42.15 -41.95
CA GLY L 104 8.00 43.33 -42.43
C GLY L 104 9.48 43.08 -42.64
N VAL L 105 10.23 44.19 -42.72
CA VAL L 105 11.69 44.16 -42.87
C VAL L 105 12.27 44.90 -41.69
N VAL L 106 13.38 44.37 -41.16
CA VAL L 106 14.02 45.04 -40.03
C VAL L 106 14.59 46.39 -40.46
N GLU L 107 14.13 47.46 -39.80
CA GLU L 107 14.67 48.82 -40.01
C GLU L 107 15.91 49.03 -39.15
N GLU L 108 15.72 49.08 -37.84
CA GLU L 108 16.80 49.26 -36.88
C GLU L 108 16.77 48.14 -35.84
N ALA L 109 17.95 47.63 -35.51
CA ALA L 109 18.13 46.77 -34.35
C ALA L 109 18.51 47.61 -33.15
N GLY L 110 17.98 47.28 -31.99
CA GLY L 110 18.26 48.04 -30.80
C GLY L 110 19.58 47.66 -30.18
N PRO L 111 19.91 48.33 -29.07
CA PRO L 111 21.20 48.10 -28.41
C PRO L 111 21.38 46.66 -27.97
N GLY L 112 22.49 46.07 -28.39
CA GLY L 112 22.82 44.71 -27.97
C GLY L 112 21.91 43.64 -28.54
N VAL L 113 21.40 43.85 -29.75
CA VAL L 113 20.59 42.85 -30.44
C VAL L 113 21.47 42.20 -31.49
N THR L 114 21.49 40.88 -31.48
CA THR L 114 22.15 40.08 -32.48
C THR L 114 21.13 39.12 -33.05
N GLY L 115 21.53 38.34 -34.07
CA GLY L 115 20.65 37.41 -34.74
C GLY L 115 19.78 38.04 -35.83
N VAL L 116 20.02 39.30 -36.16
CA VAL L 116 19.21 40.00 -37.14
C VAL L 116 19.86 41.35 -37.42
N SER L 117 20.13 41.62 -38.68
CA SER L 117 20.70 42.89 -39.12
C SER L 117 19.57 43.77 -39.67
N ARG L 118 19.93 44.98 -40.09
CA ARG L 118 19.00 45.80 -40.84
C ARG L 118 18.74 45.15 -42.19
N GLY L 119 17.52 45.30 -42.68
CA GLY L 119 17.14 44.74 -43.96
C GLY L 119 16.57 43.32 -43.93
N ASP L 120 16.68 42.60 -42.81
CA ASP L 120 16.24 41.21 -42.81
C ASP L 120 14.70 41.13 -42.85
N PRO L 121 14.13 40.21 -43.65
CA PRO L 121 12.67 40.05 -43.66
C PRO L 121 12.20 39.12 -42.55
N VAL L 122 11.22 39.57 -41.75
CA VAL L 122 10.77 38.85 -40.58
C VAL L 122 9.24 38.83 -40.46
N VAL L 123 8.76 37.85 -39.70
CA VAL L 123 7.35 37.68 -39.33
C VAL L 123 7.26 37.52 -37.81
N VAL L 124 6.32 38.26 -37.20
CA VAL L 124 6.32 38.51 -35.76
C VAL L 124 5.42 37.49 -35.07
N TYR L 125 6.02 36.72 -34.15
CA TYR L 125 5.26 35.99 -33.14
C TYR L 125 4.69 37.01 -32.18
N ASN L 126 3.38 36.96 -31.95
CA ASN L 126 2.67 38.09 -31.39
C ASN L 126 2.40 38.00 -29.90
N ARG L 127 2.93 36.98 -29.19
CA ARG L 127 2.76 36.88 -27.75
C ARG L 127 3.98 37.39 -27.01
N LEU L 128 3.75 38.23 -26.03
CA LEU L 128 4.81 38.64 -25.14
C LEU L 128 5.06 37.53 -24.13
N TYR L 129 6.30 37.08 -24.06
CA TYR L 129 6.67 36.00 -23.15
C TYR L 129 7.97 36.34 -22.43
N CYS L 130 7.98 36.01 -21.11
CA CYS L 130 9.11 36.33 -20.22
C CYS L 130 10.31 35.39 -20.41
N GLY L 131 10.08 34.10 -20.70
CA GLY L 131 11.15 33.14 -20.92
C GLY L 131 11.67 32.42 -19.67
N HIS L 132 11.12 32.71 -18.48
CA HIS L 132 11.64 32.19 -17.24
CA HIS L 132 11.63 32.21 -17.22
C HIS L 132 10.58 31.58 -16.30
N CYS L 133 9.29 31.73 -16.60
CA CYS L 133 8.22 31.15 -15.80
C CYS L 133 7.96 29.69 -16.19
N ARG L 134 7.19 29.01 -15.35
CA ARG L 134 6.85 27.60 -15.56
C ARG L 134 6.33 27.36 -16.97
N GLN L 135 5.48 28.26 -17.46
CA GLN L 135 4.84 28.01 -18.75
C GLN L 135 5.85 28.22 -19.87
N CYS L 136 6.57 29.35 -19.82
CA CYS L 136 7.61 29.60 -20.81
C CYS L 136 8.63 28.46 -20.86
N LEU L 137 9.08 27.98 -19.68
CA LEU L 137 10.13 26.96 -19.63
C LEU L 137 9.66 25.63 -20.18
N THR L 138 8.37 25.32 -20.11
CA THR L 138 7.84 24.10 -20.72
C THR L 138 7.42 24.31 -22.19
N GLY L 139 7.67 25.47 -22.79
CA GLY L 139 7.31 25.72 -24.17
C GLY L 139 5.97 26.41 -24.39
N TRP L 140 5.09 26.44 -23.40
CA TRP L 140 3.78 27.08 -23.59
C TRP L 140 3.91 28.61 -23.41
N THR L 141 4.70 29.23 -24.32
CA THR L 141 5.00 30.66 -24.18
C THR L 141 3.77 31.56 -24.27
N GLN L 142 2.71 31.12 -24.94
CA GLN L 142 1.49 31.90 -24.97
C GLN L 142 0.77 31.89 -23.62
N MET L 143 1.11 30.99 -22.71
CA MET L 143 0.47 30.93 -21.40
C MET L 143 1.28 31.63 -20.33
N CYS L 144 2.29 32.43 -20.74
CA CYS L 144 3.23 33.06 -19.82
C CYS L 144 2.51 33.71 -18.65
N GLU L 145 2.95 33.35 -17.44
CA GLU L 145 2.35 33.83 -16.20
C GLU L 145 2.75 35.25 -15.87
N VAL L 146 3.84 35.75 -16.46
CA VAL L 146 4.36 37.08 -16.12
C VAL L 146 3.76 38.16 -17.01
N THR L 147 3.71 37.94 -18.32
CA THR L 147 3.11 38.95 -19.19
C THR L 147 1.59 38.83 -19.26
N GLY L 148 1.02 37.76 -18.71
CA GLY L 148 -0.40 37.52 -18.77
C GLY L 148 -0.89 37.07 -20.12
N GLY L 149 0.02 36.69 -21.01
CA GLY L 149 -0.33 36.40 -22.39
C GLY L 149 -0.44 37.62 -23.29
N GLY L 150 -0.20 38.83 -22.74
CA GLY L 150 -0.16 40.09 -23.46
C GLY L 150 0.22 39.96 -24.92
N ILE L 151 -0.59 40.53 -25.80
CA ILE L 151 -0.43 40.41 -27.25
C ILE L 151 0.05 41.74 -27.85
N ILE L 152 1.00 41.63 -28.78
CA ILE L 152 1.43 42.79 -29.55
C ILE L 152 0.27 43.32 -30.37
N GLY L 153 0.13 44.66 -30.39
CA GLY L 153 -0.95 45.33 -31.08
C GLY L 153 -2.14 45.55 -30.19
N ILE L 154 -2.15 44.95 -29.00
CA ILE L 154 -3.21 45.10 -28.02
C ILE L 154 -2.71 45.76 -26.76
N VAL L 155 -1.61 45.26 -26.21
CA VAL L 155 -0.91 45.91 -25.10
C VAL L 155 0.30 46.67 -25.58
N THR L 156 0.53 46.72 -26.89
CA THR L 156 1.51 47.59 -27.52
C THR L 156 0.91 48.18 -28.80
N GLN L 157 1.64 49.06 -29.45
CA GLN L 157 1.18 49.66 -30.70
C GLN L 157 1.48 48.72 -31.87
N GLY L 158 0.49 48.53 -32.73
CA GLY L 158 0.49 47.45 -33.69
C GLY L 158 1.19 47.73 -34.99
N GLY L 159 0.88 46.89 -35.97
CA GLY L 159 1.40 46.94 -37.32
C GLY L 159 0.49 47.54 -38.36
N TYR L 160 -0.62 48.17 -37.94
CA TYR L 160 -1.39 49.02 -38.86
C TYR L 160 -0.74 50.40 -38.85
N ALA L 161 0.41 50.46 -39.49
CA ALA L 161 1.29 51.62 -39.40
C ALA L 161 2.49 51.26 -40.26
N GLU L 162 3.33 52.25 -40.50
CA GLU L 162 4.49 51.98 -41.34
C GLU L 162 5.60 51.30 -40.54
N TYR L 163 5.68 51.58 -39.25
CA TYR L 163 6.76 51.06 -38.41
C TYR L 163 6.19 50.53 -37.10
N ALA L 164 6.76 49.43 -36.61
CA ALA L 164 6.37 48.93 -35.28
C ALA L 164 7.59 48.33 -34.59
N VAL L 165 7.61 48.48 -33.28
CA VAL L 165 8.66 47.93 -32.43
C VAL L 165 8.12 46.70 -31.73
N VAL L 166 8.87 45.59 -31.82
CA VAL L 166 8.59 44.32 -31.15
C VAL L 166 9.86 43.86 -30.47
N PRO L 167 9.77 42.96 -29.48
CA PRO L 167 10.99 42.30 -28.95
C PRO L 167 11.68 41.48 -30.02
N ALA L 168 13.01 41.37 -29.91
CA ALA L 168 13.76 40.76 -31.00
C ALA L 168 13.53 39.25 -31.06
N LYS L 169 13.56 38.58 -29.92
CA LYS L 169 13.26 37.16 -29.85
C LYS L 169 11.89 36.82 -30.44
N ASN L 170 11.00 37.81 -30.58
CA ASN L 170 9.70 37.66 -31.19
C ASN L 170 9.72 37.77 -32.72
N ALA L 171 10.80 38.25 -33.32
CA ALA L 171 10.83 38.43 -34.77
C ALA L 171 11.55 37.25 -35.38
N VAL L 172 10.89 36.58 -36.33
CA VAL L 172 11.40 35.35 -36.92
C VAL L 172 11.77 35.62 -38.38
N ALA L 173 13.01 35.28 -38.72
CA ALA L 173 13.46 35.36 -40.10
C ALA L 173 12.70 34.38 -40.97
N THR L 174 12.38 34.83 -42.18
CA THR L 174 11.75 33.98 -43.18
C THR L 174 12.18 34.43 -44.57
N ARG L 175 12.45 33.46 -45.44
CA ARG L 175 12.58 33.69 -46.87
C ARG L 175 11.25 33.54 -47.60
N ALA L 176 10.13 33.52 -46.89
CA ALA L 176 8.84 33.40 -47.54
C ALA L 176 8.35 34.77 -48.00
N ASP L 177 7.41 34.75 -48.95
CA ASP L 177 6.74 35.97 -49.37
C ASP L 177 5.99 36.57 -48.18
N LEU L 178 6.34 37.81 -47.82
CA LEU L 178 5.78 38.46 -46.64
C LEU L 178 4.29 38.64 -46.75
N LYS L 179 3.72 38.54 -47.94
CA LYS L 179 2.27 38.47 -48.05
C LYS L 179 1.75 37.23 -47.32
N GLU L 180 2.23 36.05 -47.73
CA GLU L 180 1.85 34.79 -47.10
C GLU L 180 2.26 34.75 -45.63
N ALA L 181 3.51 35.12 -45.32
CA ALA L 181 3.99 35.07 -43.95
C ALA L 181 3.05 35.83 -42.99
N ALA L 182 2.38 36.87 -43.47
CA ALA L 182 1.52 37.65 -42.60
C ALA L 182 0.19 36.95 -42.32
N THR L 183 -0.04 35.77 -42.90
CA THR L 183 -1.19 34.95 -42.50
C THR L 183 -0.85 33.94 -41.41
N LEU L 184 0.41 33.92 -40.90
CA LEU L 184 0.87 32.91 -39.96
C LEU L 184 0.66 33.28 -38.49
N PRO L 185 0.99 34.50 -38.05
CA PRO L 185 0.99 34.78 -36.61
C PRO L 185 -0.30 34.47 -35.89
N ILE L 186 -1.47 34.77 -36.49
CA ILE L 186 -2.78 34.50 -35.90
C ILE L 186 -3.44 33.29 -36.57
N GLY L 187 -3.75 33.39 -37.86
CA GLY L 187 -4.48 32.35 -38.55
C GLY L 187 -3.80 31.00 -38.49
N ALA L 188 -2.61 30.85 -39.06
CA ALA L 188 -2.01 29.53 -39.12
C ALA L 188 -1.59 29.03 -37.75
N LEU L 189 -0.98 29.88 -36.93
CA LEU L 189 -0.42 29.39 -35.69
C LEU L 189 -1.52 28.90 -34.76
N THR L 190 -2.60 29.70 -34.63
CA THR L 190 -3.71 29.30 -33.80
C THR L 190 -4.27 27.98 -34.29
N ALA L 191 -4.26 27.79 -35.62
CA ALA L 191 -4.78 26.55 -36.16
C ALA L 191 -3.85 25.39 -35.88
N TRP L 192 -2.54 25.62 -36.01
CA TRP L 192 -1.57 24.57 -35.68
C TRP L 192 -1.75 24.08 -34.25
N ASN L 193 -1.88 25.02 -33.32
CA ASN L 193 -1.98 24.70 -31.90
C ASN L 193 -3.24 23.92 -31.61
N MET L 194 -4.35 24.25 -32.30
CA MET L 194 -5.60 23.48 -32.19
C MET L 194 -5.40 22.03 -32.64
N ALA L 195 -4.83 21.84 -33.83
CA ALA L 195 -4.54 20.50 -34.32
C ALA L 195 -3.59 19.74 -33.37
N TYR L 196 -2.52 20.38 -32.93
CA TYR L 196 -1.58 19.72 -32.02
C TYR L 196 -2.31 19.19 -30.80
N ARG L 197 -3.20 19.99 -30.24
CA ARG L 197 -3.83 19.66 -28.98
C ARG L 197 -4.97 18.66 -29.13
N ALA L 198 -5.34 18.33 -30.37
CA ALA L 198 -6.37 17.37 -30.69
C ALA L 198 -5.85 15.94 -30.73
N SER L 199 -4.54 15.73 -30.66
CA SER L 199 -3.91 14.40 -30.75
C SER L 199 -4.45 13.59 -31.92
N ILE L 200 -4.30 14.15 -33.10
CA ILE L 200 -4.79 13.48 -34.28
C ILE L 200 -3.83 12.35 -34.63
N SER L 201 -4.39 11.15 -34.87
CA SER L 201 -3.64 10.01 -35.38
C SER L 201 -4.06 9.71 -36.81
N PRO L 202 -3.21 9.05 -37.59
CA PRO L 202 -3.53 8.84 -39.00
C PRO L 202 -4.74 7.95 -39.18
N GLY L 203 -5.59 8.33 -40.12
CA GLY L 203 -6.84 7.67 -40.37
C GLY L 203 -8.04 8.22 -39.61
N GLU L 204 -7.82 8.96 -38.53
CA GLU L 204 -8.94 9.47 -37.76
C GLU L 204 -9.75 10.45 -38.61
N LYS L 205 -11.08 10.46 -38.38
CA LYS L 205 -11.96 11.41 -39.06
C LYS L 205 -11.96 12.76 -38.35
N VAL L 206 -11.72 13.83 -39.13
CA VAL L 206 -11.56 15.19 -38.58
C VAL L 206 -12.50 16.13 -39.32
N ALA L 207 -13.38 16.77 -38.58
CA ALA L 207 -14.23 17.85 -39.07
C ALA L 207 -13.62 19.18 -38.68
N VAL L 208 -13.70 20.13 -39.60
CA VAL L 208 -13.30 21.52 -39.35
C VAL L 208 -14.50 22.41 -39.60
N VAL L 209 -14.95 23.06 -38.56
CA VAL L 209 -16.09 23.97 -38.60
C VAL L 209 -15.54 25.37 -38.83
N GLY L 210 -16.15 26.11 -39.74
CA GLY L 210 -15.56 27.38 -40.09
C GLY L 210 -14.36 27.25 -40.98
N ALA L 211 -14.27 26.13 -41.70
CA ALA L 211 -13.15 25.82 -42.57
C ALA L 211 -12.83 26.90 -43.62
N THR L 212 -13.74 27.85 -43.87
CA THR L 212 -13.44 28.90 -44.86
C THR L 212 -12.64 30.04 -44.24
N GLY L 213 -12.76 30.22 -42.92
CA GLY L 213 -12.23 31.36 -42.19
C GLY L 213 -10.72 31.36 -42.13
N ASN L 214 -10.19 32.33 -41.35
CA ASN L 214 -8.74 32.53 -41.27
C ASN L 214 -8.06 31.36 -40.56
N VAL L 215 -8.59 30.95 -39.41
CA VAL L 215 -8.11 29.76 -38.70
C VAL L 215 -8.46 28.49 -39.48
N GLY L 216 -9.73 28.39 -39.90
CA GLY L 216 -10.22 27.16 -40.48
C GLY L 216 -9.46 26.72 -41.70
N ILE L 217 -9.08 27.66 -42.56
CA ILE L 217 -8.40 27.29 -43.80
C ILE L 217 -7.04 26.65 -43.50
N TYR L 218 -6.40 27.01 -42.40
CA TYR L 218 -5.18 26.34 -41.96
C TYR L 218 -5.47 25.10 -41.11
N ALA L 219 -6.58 25.08 -40.36
CA ALA L 219 -6.91 23.88 -39.63
C ALA L 219 -7.10 22.71 -40.60
N VAL L 220 -7.63 22.99 -41.79
CA VAL L 220 -7.83 21.92 -42.76
C VAL L 220 -6.49 21.34 -43.19
N GLN L 221 -5.52 22.22 -43.44
CA GLN L 221 -4.22 21.79 -43.93
C GLN L 221 -3.45 21.04 -42.86
N PHE L 222 -3.51 21.51 -41.61
CA PHE L 222 -2.78 20.82 -40.54
C PHE L 222 -3.42 19.47 -40.19
N ALA L 223 -4.75 19.36 -40.26
CA ALA L 223 -5.35 18.06 -39.99
C ALA L 223 -4.97 17.05 -41.05
N LYS L 224 -4.93 17.49 -42.31
CA LYS L 224 -4.41 16.64 -43.37
C LYS L 224 -2.92 16.32 -43.13
N LEU L 225 -2.12 17.33 -42.79
CA LEU L 225 -0.71 17.09 -42.54
C LEU L 225 -0.48 16.01 -41.50
N LEU L 226 -1.36 15.91 -40.51
CA LEU L 226 -1.28 14.91 -39.45
C LEU L 226 -1.89 13.57 -39.84
N GLY L 227 -2.41 13.45 -41.06
CA GLY L 227 -2.92 12.19 -41.55
C GLY L 227 -4.40 11.97 -41.35
N GLY L 228 -5.15 13.00 -40.99
CA GLY L 228 -6.58 12.87 -40.88
C GLY L 228 -7.27 12.77 -42.22
N GLU L 229 -8.46 12.20 -42.17
CA GLU L 229 -9.47 12.31 -43.20
C GLU L 229 -10.31 13.53 -42.84
N VAL L 230 -10.15 14.59 -43.63
CA VAL L 230 -10.58 15.93 -43.25
C VAL L 230 -11.88 16.26 -43.97
N TYR L 231 -12.91 16.55 -43.20
CA TYR L 231 -14.21 17.00 -43.71
C TYR L 231 -14.41 18.47 -43.35
N ALA L 232 -14.33 19.34 -44.35
CA ALA L 232 -14.59 20.76 -44.16
C ALA L 232 -16.09 21.00 -44.08
N ILE L 233 -16.54 21.63 -43.02
CA ILE L 233 -17.93 21.99 -42.83
C ILE L 233 -18.11 23.48 -43.16
N SER L 234 -19.15 23.80 -43.92
CA SER L 234 -19.36 25.17 -44.38
C SER L 234 -20.83 25.39 -44.68
N ARG L 235 -21.38 26.50 -44.18
CA ARG L 235 -22.73 26.91 -44.54
C ARG L 235 -22.86 27.36 -46.00
N ARG L 236 -21.77 27.44 -46.78
CA ARG L 236 -21.82 27.85 -48.18
C ARG L 236 -21.00 26.92 -49.05
N LYS L 237 -21.24 25.62 -48.87
CA LYS L 237 -20.42 24.58 -49.50
C LYS L 237 -20.44 24.67 -51.02
N ALA L 238 -21.61 24.92 -51.62
CA ALA L 238 -21.70 24.91 -53.07
C ALA L 238 -20.73 25.91 -53.68
N LYS L 239 -20.54 27.05 -53.02
CA LYS L 239 -19.68 28.13 -53.47
C LYS L 239 -18.21 27.99 -53.07
N VAL L 240 -17.86 27.15 -52.09
CA VAL L 240 -16.49 27.09 -51.60
C VAL L 240 -15.83 25.73 -51.80
N GLU L 241 -16.58 24.71 -52.19
CA GLU L 241 -16.06 23.36 -52.32
C GLU L 241 -14.65 23.31 -52.90
N SER L 242 -14.45 23.92 -54.07
CA SER L 242 -13.19 23.70 -54.78
C SER L 242 -12.03 24.36 -54.04
N ILE L 243 -12.28 25.49 -53.39
CA ILE L 243 -11.21 26.14 -52.63
C ILE L 243 -10.76 25.24 -51.49
N LEU L 244 -11.71 24.80 -50.65
CA LEU L 244 -11.39 23.94 -49.52
C LEU L 244 -10.76 22.63 -49.96
N LYS L 245 -11.12 22.11 -51.13
CA LYS L 245 -10.44 20.93 -51.62
C LYS L 245 -8.98 21.23 -52.00
N SER L 246 -8.72 22.40 -52.57
CA SER L 246 -7.32 22.74 -52.83
C SER L 246 -6.52 22.96 -51.55
N ALA L 247 -7.18 23.28 -50.42
CA ALA L 247 -6.48 23.33 -49.14
C ALA L 247 -6.27 21.94 -48.54
N GLY L 248 -6.77 20.88 -49.21
CA GLY L 248 -6.59 19.52 -48.76
C GLY L 248 -7.80 18.85 -48.10
N ALA L 249 -8.97 19.49 -48.08
CA ALA L 249 -10.16 18.82 -47.55
C ALA L 249 -10.51 17.67 -48.47
N ASP L 250 -10.71 16.48 -47.87
CA ASP L 250 -11.17 15.30 -48.58
C ASP L 250 -12.67 15.35 -48.90
N ALA L 251 -13.45 16.16 -48.20
CA ALA L 251 -14.85 16.36 -48.50
C ALA L 251 -15.25 17.66 -47.86
N VAL L 252 -16.20 18.33 -48.49
CA VAL L 252 -16.80 19.56 -47.98
C VAL L 252 -18.26 19.23 -47.73
N LEU L 253 -18.73 19.44 -46.50
CA LEU L 253 -20.07 19.08 -46.10
C LEU L 253 -20.79 20.31 -45.60
N THR L 254 -22.10 20.35 -45.86
CA THR L 254 -22.99 21.28 -45.19
C THR L 254 -23.15 20.82 -43.75
N PRO L 255 -23.69 21.67 -42.86
CA PRO L 255 -24.01 21.18 -41.51
C PRO L 255 -24.86 19.92 -41.49
N ASP L 256 -25.98 19.86 -42.22
CA ASP L 256 -26.84 18.68 -42.17
C ASP L 256 -26.15 17.45 -42.74
N GLU L 257 -25.17 17.65 -43.61
CA GLU L 257 -24.44 16.52 -44.15
C GLU L 257 -23.38 16.02 -43.15
N ALA L 258 -22.87 16.93 -42.31
CA ALA L 258 -21.98 16.55 -41.22
C ALA L 258 -22.70 15.61 -40.25
N LYS L 259 -23.97 15.89 -39.96
CA LYS L 259 -24.71 14.97 -39.12
C LYS L 259 -24.78 13.58 -39.75
N SER L 260 -24.98 13.51 -41.06
CA SER L 260 -25.06 12.20 -41.68
C SER L 260 -23.69 11.51 -41.80
N ALA L 261 -22.61 12.23 -41.62
CA ALA L 261 -21.27 11.66 -41.70
C ALA L 261 -20.69 11.30 -40.33
N ALA L 262 -21.37 11.66 -39.26
CA ALA L 262 -20.96 11.29 -37.92
C ALA L 262 -20.84 9.76 -37.84
N PRO L 263 -19.97 9.21 -36.99
CA PRO L 263 -19.21 9.99 -36.01
C PRO L 263 -17.83 10.47 -36.49
N PHE L 264 -17.30 11.44 -35.74
CA PHE L 264 -16.00 12.02 -36.01
C PHE L 264 -15.08 11.81 -34.82
N ASP L 265 -13.79 11.69 -35.10
CA ASP L 265 -12.83 11.57 -34.00
C ASP L 265 -12.46 12.94 -33.42
N VAL L 266 -12.34 13.97 -34.27
CA VAL L 266 -11.96 15.31 -33.85
C VAL L 266 -12.86 16.32 -34.54
N VAL L 267 -13.24 17.35 -33.80
CA VAL L 267 -13.90 18.52 -34.38
C VAL L 267 -13.09 19.73 -33.95
N LEU L 268 -12.43 20.35 -34.90
CA LEU L 268 -11.78 21.64 -34.67
C LEU L 268 -12.81 22.73 -35.00
N ASP L 269 -13.25 23.45 -33.97
CA ASP L 269 -14.34 24.41 -34.08
C ASP L 269 -14.10 25.65 -33.20
N PRO L 270 -13.73 26.80 -33.79
CA PRO L 270 -13.54 28.01 -32.96
C PRO L 270 -14.67 29.00 -33.13
N THR L 271 -15.81 28.55 -33.66
CA THR L 271 -16.93 29.43 -33.96
C THR L 271 -17.90 29.61 -32.82
N GLY L 272 -17.85 28.79 -31.78
CA GLY L 272 -18.59 29.09 -30.56
C GLY L 272 -19.95 28.42 -30.48
N SER L 273 -20.90 29.04 -29.79
CA SER L 273 -22.03 28.26 -29.32
C SER L 273 -23.08 27.97 -30.39
N ALA L 274 -23.16 28.75 -31.44
CA ALA L 274 -24.16 28.44 -32.47
C ALA L 274 -23.85 27.14 -33.18
N SER L 275 -22.66 26.57 -32.98
CA SER L 275 -22.23 25.34 -33.63
C SER L 275 -22.15 24.17 -32.65
N TRP L 276 -22.42 24.41 -31.38
CA TRP L 276 -22.10 23.46 -30.33
C TRP L 276 -22.91 22.18 -30.47
N ASP L 277 -24.23 22.31 -30.58
CA ASP L 277 -25.08 21.12 -30.68
C ASP L 277 -24.63 20.20 -31.80
N LEU L 278 -24.31 20.77 -32.98
CA LEU L 278 -23.76 20.02 -34.09
C LEU L 278 -22.39 19.41 -33.75
N SER L 279 -21.44 20.26 -33.35
CA SER L 279 -20.06 19.80 -33.23
C SER L 279 -19.94 18.75 -32.15
N PHE L 280 -20.50 19.04 -30.98
CA PHE L 280 -20.42 18.13 -29.85
C PHE L 280 -21.17 16.85 -30.18
N GLY L 281 -22.29 17.00 -30.89
CA GLY L 281 -23.17 15.88 -31.13
C GLY L 281 -22.70 14.92 -32.19
N VAL L 282 -21.77 15.34 -33.07
CA VAL L 282 -21.26 14.43 -34.09
C VAL L 282 -20.03 13.66 -33.63
N LEU L 283 -19.52 13.94 -32.43
CA LEU L 283 -18.35 13.24 -31.93
C LEU L 283 -18.64 11.77 -31.67
N GLY L 284 -17.67 10.93 -32.02
CA GLY L 284 -17.70 9.54 -31.63
C GLY L 284 -17.06 9.33 -30.27
N ARG L 285 -16.91 8.06 -29.90
CA ARG L 285 -16.26 7.65 -28.67
C ARG L 285 -14.82 8.12 -28.66
N GLY L 286 -14.37 8.66 -27.52
CA GLY L 286 -13.00 9.17 -27.47
C GLY L 286 -12.78 10.43 -28.26
N GLY L 287 -13.87 11.06 -28.70
CA GLY L 287 -13.76 12.16 -29.62
C GLY L 287 -13.32 13.43 -28.92
N ARG L 288 -12.58 14.25 -29.67
CA ARG L 288 -11.98 15.47 -29.13
C ARG L 288 -12.59 16.69 -29.82
N TYR L 289 -13.21 17.56 -29.04
CA TYR L 289 -13.67 18.87 -29.49
C TYR L 289 -12.65 19.92 -29.06
N VAL L 290 -12.08 20.63 -30.02
CA VAL L 290 -11.04 21.63 -29.75
C VAL L 290 -11.51 22.99 -30.24
N THR L 291 -11.44 23.99 -29.38
CA THR L 291 -11.83 25.35 -29.77
C THR L 291 -10.76 26.36 -29.40
N ALA L 292 -10.61 27.36 -30.27
CA ALA L 292 -9.80 28.53 -29.96
C ALA L 292 -10.56 29.84 -29.98
N GLY L 293 -11.88 29.83 -30.21
CA GLY L 293 -12.67 31.04 -30.29
C GLY L 293 -14.10 30.86 -29.80
N ALA L 294 -14.89 31.94 -29.92
CA ALA L 294 -16.28 32.00 -29.47
C ALA L 294 -17.09 32.91 -30.40
N LEU L 295 -16.82 32.82 -31.70
CA LEU L 295 -17.33 33.79 -32.67
C LEU L 295 -18.83 34.07 -32.50
N THR L 296 -19.65 33.04 -32.44
CA THR L 296 -21.08 33.21 -32.31
C THR L 296 -21.58 33.08 -30.88
N GLY L 297 -20.71 33.28 -29.88
CA GLY L 297 -21.15 33.08 -28.51
C GLY L 297 -20.23 32.22 -27.69
N ALA L 298 -20.22 32.46 -26.38
CA ALA L 298 -19.26 31.86 -25.48
C ALA L 298 -19.84 30.85 -24.49
N GLU L 299 -21.15 30.78 -24.29
CA GLU L 299 -21.72 29.84 -23.32
C GLU L 299 -22.39 28.68 -24.03
N VAL L 300 -22.12 27.44 -23.57
CA VAL L 300 -22.73 26.25 -24.12
C VAL L 300 -23.23 25.37 -23.00
N ARG L 301 -24.32 24.66 -23.27
CA ARG L 301 -24.94 23.76 -22.32
C ARG L 301 -24.32 22.39 -22.51
N LEU L 302 -23.48 21.97 -21.57
CA LEU L 302 -22.69 20.75 -21.69
C LEU L 302 -23.35 19.67 -20.86
N ASP L 303 -23.67 18.55 -21.52
CA ASP L 303 -24.25 17.37 -20.87
C ASP L 303 -23.11 16.49 -20.36
N LEU L 304 -22.88 16.50 -19.04
CA LEU L 304 -21.79 15.70 -18.46
C LEU L 304 -21.94 14.21 -18.72
N ARG L 305 -23.19 13.71 -18.79
CA ARG L 305 -23.43 12.29 -18.97
C ARG L 305 -22.94 11.84 -20.34
N ARG L 306 -23.23 12.62 -21.37
CA ARG L 306 -22.65 12.32 -22.67
C ARG L 306 -21.11 12.44 -22.66
N LEU L 307 -20.58 13.48 -22.00
CA LEU L 307 -19.13 13.64 -21.85
C LEU L 307 -18.47 12.37 -21.27
N TYR L 308 -19.00 11.85 -20.16
CA TYR L 308 -18.30 10.71 -19.57
C TYR L 308 -18.63 9.41 -20.28
N GLY L 309 -19.88 9.26 -20.74
CA GLY L 309 -20.27 8.03 -21.38
C GLY L 309 -19.62 7.77 -22.72
N MET L 310 -19.29 8.83 -23.46
CA MET L 310 -18.56 8.72 -24.71
C MET L 310 -17.05 8.89 -24.54
N GLN L 311 -16.58 9.20 -23.32
CA GLN L 311 -15.16 9.54 -23.08
C GLN L 311 -14.67 10.62 -24.03
N ILE L 312 -15.51 11.62 -24.23
CA ILE L 312 -15.17 12.80 -25.03
C ILE L 312 -14.26 13.74 -24.23
N LEU L 313 -13.42 14.46 -24.97
CA LEU L 313 -12.58 15.52 -24.42
C LEU L 313 -13.00 16.85 -25.05
N VAL L 314 -13.23 17.86 -24.20
CA VAL L 314 -13.52 19.22 -24.66
C VAL L 314 -12.31 20.09 -24.31
N ILE L 315 -11.60 20.56 -25.35
CA ILE L 315 -10.22 21.03 -25.21
C ILE L 315 -10.10 22.47 -25.68
N GLY L 316 -9.63 23.32 -24.79
CA GLY L 316 -9.38 24.72 -25.13
C GLY L 316 -7.96 24.92 -25.64
N ALA L 317 -7.83 25.83 -26.60
CA ALA L 317 -6.58 26.16 -27.25
C ALA L 317 -6.55 27.65 -27.54
N THR L 318 -5.36 28.25 -27.44
CA THR L 318 -5.21 29.67 -27.71
C THR L 318 -3.80 29.92 -28.20
N GLY L 319 -3.69 30.82 -29.17
CA GLY L 319 -2.39 31.21 -29.68
C GLY L 319 -1.61 30.01 -30.14
N GLY L 320 -0.31 30.02 -29.84
CA GLY L 320 0.58 28.96 -30.25
C GLY L 320 1.87 29.08 -29.49
N ARG L 321 2.63 28.00 -29.53
CA ARG L 321 3.92 27.95 -28.87
C ARG L 321 4.97 28.61 -29.75
N ARG L 322 5.89 29.31 -29.08
CA ARG L 322 7.00 29.95 -29.75
C ARG L 322 7.79 28.96 -30.62
N ALA L 323 8.01 27.74 -30.14
CA ALA L 323 8.78 26.79 -30.96
C ALA L 323 7.98 26.35 -32.19
N ASP L 324 6.67 26.19 -32.02
CA ASP L 324 5.79 25.80 -33.09
C ASP L 324 5.67 26.88 -34.14
N PHE L 325 5.71 28.17 -33.74
CA PHE L 325 5.69 29.23 -34.72
C PHE L 325 6.84 29.09 -35.74
N ASN L 326 8.06 28.81 -35.25
CA ASN L 326 9.17 28.52 -36.16
C ASN L 326 8.82 27.38 -37.11
N THR L 327 8.15 26.35 -36.59
CA THR L 327 7.77 25.22 -37.41
C THR L 327 6.74 25.61 -38.47
N VAL L 328 5.78 26.47 -38.12
CA VAL L 328 4.79 26.93 -39.10
C VAL L 328 5.47 27.73 -40.21
N VAL L 329 6.39 28.62 -39.83
CA VAL L 329 7.12 29.41 -40.81
C VAL L 329 7.88 28.50 -41.77
N ARG L 330 8.63 27.52 -41.25
CA ARG L 330 9.35 26.59 -42.13
C ARG L 330 8.39 25.89 -43.07
N LEU L 331 7.25 25.44 -42.54
CA LEU L 331 6.32 24.68 -43.36
C LEU L 331 5.75 25.52 -44.49
N LEU L 332 5.53 26.81 -44.26
CA LEU L 332 5.11 27.70 -45.35
C LEU L 332 6.22 27.83 -46.39
N GLU L 333 7.47 28.06 -45.94
CA GLU L 333 8.60 28.15 -46.86
C GLU L 333 8.85 26.86 -47.65
N ALA L 334 8.45 25.70 -47.12
CA ALA L 334 8.66 24.45 -47.85
C ALA L 334 7.50 24.12 -48.79
N GLY L 335 6.44 24.93 -48.81
CA GLY L 335 5.29 24.65 -49.64
C GLY L 335 4.30 23.68 -49.05
N ARG L 336 4.54 23.15 -47.84
CA ARG L 336 3.69 22.14 -47.26
C ARG L 336 2.38 22.71 -46.78
N ILE L 337 2.33 24.02 -46.54
CA ILE L 337 1.08 24.71 -46.33
C ILE L 337 1.06 25.90 -47.28
N LYS L 338 -0.14 26.48 -47.46
CA LYS L 338 -0.40 27.51 -48.45
C LYS L 338 -1.29 28.58 -47.84
N ALA L 339 -1.01 29.83 -48.22
CA ALA L 339 -1.81 30.98 -47.81
C ALA L 339 -2.89 31.19 -48.85
N PHE L 340 -4.08 31.57 -48.37
CA PHE L 340 -5.24 31.77 -49.22
C PHE L 340 -5.64 33.23 -49.08
N LEU L 341 -5.33 34.02 -50.10
CA LEU L 341 -5.42 35.47 -50.00
C LEU L 341 -6.66 35.96 -50.71
N HIS L 342 -7.47 36.74 -49.99
CA HIS L 342 -8.65 37.38 -50.55
C HIS L 342 -8.36 38.73 -51.20
N ASN L 343 -7.68 39.63 -50.48
CA ASN L 343 -7.62 41.02 -50.87
C ASN L 343 -6.52 41.74 -50.10
N VAL L 344 -5.78 42.64 -50.77
CA VAL L 344 -4.86 43.58 -50.12
C VAL L 344 -5.43 44.99 -50.28
N TYR L 345 -5.49 45.73 -49.18
CA TYR L 345 -5.90 47.11 -49.13
C TYR L 345 -4.73 47.94 -48.65
N PRO L 346 -4.60 49.19 -49.10
CA PRO L 346 -3.60 50.08 -48.53
C PRO L 346 -4.10 50.62 -47.20
N LEU L 347 -3.20 51.32 -46.51
CA LEU L 347 -3.45 51.71 -45.14
C LEU L 347 -4.62 52.67 -45.04
N ALA L 348 -4.77 53.56 -46.02
CA ALA L 348 -5.87 54.51 -45.98
C ALA L 348 -7.21 53.79 -45.88
N ASP L 349 -7.34 52.62 -46.54
CA ASP L 349 -8.59 51.88 -46.63
C ASP L 349 -8.82 50.95 -45.43
N VAL L 350 -8.24 51.27 -44.28
CA VAL L 350 -8.25 50.33 -43.15
C VAL L 350 -9.68 50.03 -42.69
N ARG L 351 -10.54 51.04 -42.64
CA ARG L 351 -11.94 50.79 -42.29
C ARG L 351 -12.61 49.89 -43.33
N LYS L 352 -12.24 50.06 -44.61
CA LYS L 352 -12.83 49.24 -45.66
C LYS L 352 -12.39 47.78 -45.51
N ALA L 353 -11.14 47.57 -45.09
CA ALA L 353 -10.60 46.22 -44.96
C ALA L 353 -11.16 45.50 -43.74
N LEU L 354 -11.35 46.20 -42.62
CA LEU L 354 -11.97 45.60 -41.45
C LEU L 354 -13.42 45.22 -41.74
N GLU L 355 -14.13 46.03 -42.53
CA GLU L 355 -15.51 45.68 -42.85
C GLU L 355 -15.56 44.45 -43.76
N GLU L 356 -14.50 44.24 -44.54
CA GLU L 356 -14.42 43.11 -45.45
C GLU L 356 -14.43 41.76 -44.73
N LEU L 357 -14.25 41.76 -43.39
CA LEU L 357 -14.42 40.51 -42.63
C LEU L 357 -15.88 40.09 -42.56
N ARG L 358 -16.79 41.05 -42.41
CA ARG L 358 -18.21 40.73 -42.32
C ARG L 358 -18.82 40.46 -43.70
N SER L 359 -17.99 40.41 -44.77
CA SER L 359 -18.48 40.16 -46.11
C SER L 359 -18.74 38.66 -46.29
N PRO L 360 -19.81 38.27 -47.00
CA PRO L 360 -20.08 36.84 -47.20
C PRO L 360 -19.40 36.23 -48.41
N GLU L 361 -18.75 37.02 -49.25
CA GLU L 361 -18.02 36.49 -50.39
C GLU L 361 -16.59 36.10 -50.05
N ARG L 362 -16.07 36.51 -48.89
CA ARG L 362 -14.66 36.36 -48.57
C ARG L 362 -14.32 34.92 -48.23
N VAL L 363 -13.33 34.37 -48.92
CA VAL L 363 -12.64 33.16 -48.50
C VAL L 363 -11.16 33.47 -48.69
N GLY L 364 -10.46 33.71 -47.58
CA GLY L 364 -9.05 34.02 -47.59
C GLY L 364 -8.71 35.07 -46.54
N LYS L 365 -7.46 35.48 -46.56
CA LYS L 365 -6.98 36.52 -45.65
C LYS L 365 -7.13 37.87 -46.33
N VAL L 366 -7.58 38.86 -45.57
CA VAL L 366 -7.57 40.26 -45.98
C VAL L 366 -6.39 40.94 -45.31
N LEU L 367 -5.49 41.51 -46.12
CA LEU L 367 -4.25 42.15 -45.66
C LEU L 367 -4.30 43.68 -45.85
N ILE L 368 -3.75 44.41 -44.86
CA ILE L 368 -3.35 45.81 -45.02
C ILE L 368 -1.91 45.86 -45.54
N ALA L 369 -1.62 46.89 -46.33
CA ALA L 369 -0.26 47.15 -46.82
C ALA L 369 0.08 48.60 -46.52
N PRO L 370 0.92 48.87 -45.51
CA PRO L 370 1.27 50.25 -45.21
C PRO L 370 2.21 50.82 -46.25
N HIS M 38 5.79 48.60 -9.36
CA HIS M 38 6.04 47.13 -9.23
C HIS M 38 4.85 46.42 -8.62
N GLU M 39 4.94 45.09 -8.57
CA GLU M 39 3.88 44.28 -7.97
C GLU M 39 4.52 43.17 -7.17
N MET M 40 3.72 42.58 -6.27
CA MET M 40 4.23 41.51 -5.43
C MET M 40 3.14 40.49 -5.16
N ARG M 41 3.58 39.26 -4.88
CA ARG M 41 2.70 38.24 -4.34
C ARG M 41 2.47 38.49 -2.84
N ALA M 42 1.26 38.20 -2.38
CA ALA M 42 0.89 38.49 -0.99
C ALA M 42 -0.27 37.61 -0.61
N ALA M 43 -0.38 37.31 0.69
CA ALA M 43 -1.55 36.64 1.24
C ALA M 43 -2.51 37.71 1.75
N ALA M 44 -3.80 37.60 1.37
CA ALA M 44 -4.75 38.67 1.69
C ALA M 44 -6.17 38.16 1.79
N PHE M 45 -6.95 38.84 2.63
CA PHE M 45 -8.38 38.60 2.76
C PHE M 45 -9.15 39.92 2.57
N SER M 46 -10.16 39.88 1.71
CA SER M 46 -11.04 41.01 1.49
C SER M 46 -12.24 40.97 2.42
N THR M 47 -12.58 39.78 2.91
CA THR M 47 -13.53 39.51 3.97
C THR M 47 -12.93 38.44 4.87
N PRO M 48 -13.21 38.47 6.16
CA PRO M 48 -12.50 37.61 7.09
C PRO M 48 -13.01 36.17 7.05
N GLY M 49 -12.29 35.32 7.79
CA GLY M 49 -12.37 33.87 7.81
C GLY M 49 -11.16 33.29 7.10
N LEU M 50 -10.61 32.22 7.67
CA LEU M 50 -9.45 31.57 7.07
C LEU M 50 -9.70 31.12 5.63
N GLU M 51 -10.94 30.71 5.31
CA GLU M 51 -11.27 30.20 3.98
C GLU M 51 -11.17 31.27 2.87
N ASN M 52 -11.03 32.56 3.23
CA ASN M 52 -10.92 33.66 2.29
C ASN M 52 -9.50 34.20 2.19
N LEU M 53 -8.57 33.61 2.91
CA LEU M 53 -7.17 33.95 2.73
C LEU M 53 -6.69 33.36 1.39
N LYS M 54 -6.42 34.24 0.42
CA LYS M 54 -5.93 33.84 -0.90
C LYS M 54 -4.56 34.44 -1.15
N LEU M 55 -3.78 33.73 -1.95
CA LEU M 55 -2.62 34.31 -2.62
C LEU M 55 -3.10 35.24 -3.72
N VAL M 56 -2.50 36.41 -3.82
CA VAL M 56 -2.97 37.45 -4.72
C VAL M 56 -1.76 38.25 -5.17
N GLU M 57 -1.95 39.03 -6.23
CA GLU M 57 -0.99 40.03 -6.63
C GLU M 57 -1.42 41.38 -6.05
N ALA M 58 -0.42 42.22 -5.79
CA ALA M 58 -0.61 43.39 -4.93
C ALA M 58 0.38 44.47 -5.29
N GLU M 59 -0.03 45.71 -5.10
CA GLU M 59 0.85 46.82 -5.43
C GLU M 59 1.96 46.88 -4.40
N THR M 60 3.21 46.75 -4.89
CA THR M 60 4.39 46.74 -4.02
C THR M 60 4.48 48.07 -3.26
N PRO M 61 4.34 48.07 -1.93
CA PRO M 61 4.21 49.36 -1.20
C PRO M 61 5.44 50.23 -1.38
N ARG M 62 5.29 51.50 -1.02
CA ARG M 62 6.39 52.45 -1.16
C ARG M 62 6.69 53.11 0.18
N PRO M 63 7.97 53.33 0.50
CA PRO M 63 8.30 53.98 1.79
C PRO M 63 8.31 55.51 1.77
N GLY M 64 7.52 56.14 2.65
CA GLY M 64 7.59 57.56 2.91
C GLY M 64 8.63 57.89 3.98
N PRO M 65 8.73 59.17 4.38
CA PRO M 65 9.78 59.55 5.34
C PRO M 65 9.71 58.73 6.62
N GLY M 66 10.88 58.50 7.21
CA GLY M 66 11.03 57.72 8.43
C GLY M 66 10.65 56.25 8.31
N GLU M 67 10.32 55.77 7.09
CA GLU M 67 9.93 54.39 6.83
C GLU M 67 11.00 53.69 6.01
N VAL M 68 10.89 52.35 5.95
CA VAL M 68 11.74 51.54 5.10
C VAL M 68 10.90 50.44 4.50
N LEU M 69 11.37 49.90 3.40
CA LEU M 69 10.68 48.86 2.67
C LEU M 69 11.52 47.60 2.78
N ILE M 70 10.89 46.49 3.14
CA ILE M 70 11.61 45.30 3.57
C ILE M 70 11.21 44.13 2.69
N ARG M 71 12.19 43.52 2.02
CA ARG M 71 11.97 42.22 1.40
C ARG M 71 11.78 41.20 2.52
N VAL M 72 10.55 40.80 2.77
CA VAL M 72 10.29 39.91 3.89
C VAL M 72 10.84 38.54 3.54
N LYS M 73 11.91 38.14 4.22
CA LYS M 73 12.45 36.80 4.06
C LYS M 73 11.84 35.75 5.00
N TYR M 74 11.39 36.13 6.21
CA TYR M 74 10.70 35.18 7.09
C TYR M 74 9.68 35.90 7.95
N ALA M 75 8.50 35.29 8.07
CA ALA M 75 7.44 35.79 8.94
C ALA M 75 6.89 34.64 9.78
N GLY M 76 6.66 34.90 11.06
CA GLY M 76 6.17 33.88 11.97
C GLY M 76 4.68 33.68 11.88
N VAL M 77 4.21 32.56 12.42
CA VAL M 77 2.79 32.24 12.49
C VAL M 77 2.42 32.17 13.96
N ASN M 78 1.44 32.97 14.37
CA ASN M 78 1.03 33.08 15.77
C ASN M 78 -0.48 33.12 15.89
N PRO M 79 -1.01 32.77 17.06
CA PRO M 79 -2.46 32.97 17.31
C PRO M 79 -2.96 34.36 16.94
N LEU M 80 -2.18 35.42 17.22
CA LEU M 80 -2.58 36.77 16.77
C LEU M 80 -2.89 36.79 15.28
N ASP M 81 -1.95 36.31 14.46
CA ASP M 81 -2.13 36.31 13.00
C ASP M 81 -3.37 35.52 12.60
N TYR M 82 -3.56 34.34 13.20
CA TYR M 82 -4.75 33.53 12.96
C TYR M 82 -6.01 34.32 13.26
N ASN M 83 -6.05 34.96 14.43
CA ASN M 83 -7.27 35.66 14.82
C ASN M 83 -7.56 36.90 13.98
N VAL M 84 -6.55 37.57 13.39
CA VAL M 84 -6.82 38.67 12.44
C VAL M 84 -7.54 38.12 11.19
N VAL M 85 -6.94 37.10 10.54
CA VAL M 85 -7.52 36.51 9.33
C VAL M 85 -8.95 36.05 9.59
N ALA M 86 -9.21 35.47 10.77
CA ALA M 86 -10.50 34.89 11.13
C ALA M 86 -11.55 35.94 11.47
N GLY M 87 -11.16 37.23 11.58
CA GLY M 87 -12.07 38.33 11.91
C GLY M 87 -12.27 38.63 13.40
N ALA M 88 -11.56 37.95 14.29
CA ALA M 88 -11.72 38.16 15.73
C ALA M 88 -11.03 39.41 16.17
N VAL M 89 -9.96 39.77 15.49
CA VAL M 89 -9.27 41.03 15.67
C VAL M 89 -9.53 41.78 14.38
N LYS M 90 -10.09 42.98 14.50
CA LYS M 90 -10.40 43.74 13.31
C LYS M 90 -9.09 44.29 12.72
N ALA M 91 -9.10 44.58 11.44
CA ALA M 91 -7.88 44.98 10.75
C ALA M 91 -8.18 46.05 9.72
N SER M 92 -7.16 46.86 9.44
CA SER M 92 -7.19 47.84 8.37
C SER M 92 -5.77 47.99 7.80
N PRO M 93 -5.63 48.30 6.51
CA PRO M 93 -6.79 48.49 5.62
C PRO M 93 -7.39 47.15 5.22
N MET M 94 -8.56 47.23 4.57
CA MET M 94 -9.21 46.11 3.94
C MET M 94 -9.30 46.37 2.43
N PRO M 95 -8.91 45.42 1.55
CA PRO M 95 -8.49 44.08 1.98
C PRO M 95 -7.14 44.09 2.70
N HIS M 96 -6.87 43.00 3.39
CA HIS M 96 -5.84 43.03 4.41
C HIS M 96 -4.76 41.99 4.17
N ILE M 97 -3.51 42.42 4.39
CA ILE M 97 -2.36 41.52 4.43
C ILE M 97 -1.98 41.34 5.88
N PRO M 98 -2.23 40.19 6.51
CA PRO M 98 -1.84 39.97 7.89
C PRO M 98 -0.35 39.71 7.94
N GLY M 99 0.16 39.45 9.16
CA GLY M 99 1.55 39.08 9.39
C GLY M 99 2.31 40.08 10.25
N SER M 100 2.43 39.78 11.54
CA SER M 100 2.88 40.76 12.51
C SER M 100 4.29 40.48 13.06
N GLU M 101 4.87 39.34 12.73
CA GLU M 101 6.16 38.89 13.25
C GLU M 101 7.06 38.55 12.07
N PHE M 102 8.02 39.41 11.74
CA PHE M 102 8.83 39.08 10.58
C PHE M 102 10.20 39.74 10.63
N ALA M 103 11.13 39.08 9.94
CA ALA M 103 12.45 39.61 9.65
C ALA M 103 12.65 39.59 8.14
N GLY M 104 13.56 40.44 7.67
CA GLY M 104 13.85 40.48 6.25
C GLY M 104 15.05 41.35 5.96
N VAL M 105 15.20 41.68 4.68
CA VAL M 105 16.29 42.51 4.18
C VAL M 105 15.70 43.84 3.74
N VAL M 106 16.36 44.94 4.12
CA VAL M 106 15.92 46.27 3.69
C VAL M 106 16.13 46.39 2.20
N GLU M 107 15.09 46.82 1.49
CA GLU M 107 15.16 47.08 0.04
C GLU M 107 15.45 48.55 -0.27
N GLU M 108 14.65 49.47 0.29
CA GLU M 108 14.74 50.89 0.04
C GLU M 108 14.51 51.65 1.35
N ALA M 109 15.32 52.68 1.56
CA ALA M 109 15.14 53.58 2.68
C ALA M 109 14.29 54.72 2.21
N GLY M 110 13.41 55.20 3.07
CA GLY M 110 12.63 56.36 2.75
C GLY M 110 13.49 57.61 2.67
N PRO M 111 12.82 58.76 2.50
CA PRO M 111 13.52 60.05 2.55
C PRO M 111 13.76 60.51 3.98
N GLY M 112 15.02 60.84 4.29
CA GLY M 112 15.44 61.21 5.64
C GLY M 112 16.02 60.06 6.43
N VAL M 113 15.61 58.83 6.14
CA VAL M 113 16.08 57.66 6.88
C VAL M 113 17.59 57.52 6.73
N THR M 114 18.31 57.71 7.84
CA THR M 114 19.72 57.36 7.96
C THR M 114 19.84 56.06 8.76
N GLY M 115 21.07 55.65 9.04
CA GLY M 115 21.28 54.51 9.92
C GLY M 115 20.66 53.22 9.41
N VAL M 116 20.63 53.04 8.09
CA VAL M 116 20.19 51.79 7.49
C VAL M 116 20.59 51.86 6.01
N SER M 117 20.65 50.72 5.34
CA SER M 117 21.04 50.68 3.94
C SER M 117 20.42 49.47 3.29
N ARG M 118 20.04 49.62 2.02
CA ARG M 118 19.49 48.51 1.26
C ARG M 118 20.45 47.32 1.42
N GLY M 119 19.87 46.14 1.74
CA GLY M 119 20.62 44.93 2.00
C GLY M 119 20.95 44.67 3.46
N ASP M 120 20.69 45.63 4.35
CA ASP M 120 20.91 45.46 5.78
C ASP M 120 19.82 44.54 6.35
N PRO M 121 20.16 43.36 6.84
CA PRO M 121 19.13 42.47 7.38
C PRO M 121 18.62 42.99 8.73
N VAL M 122 17.28 43.00 8.87
CA VAL M 122 16.62 43.54 10.06
C VAL M 122 15.49 42.62 10.52
N VAL M 123 15.07 42.85 11.76
CA VAL M 123 13.90 42.19 12.33
C VAL M 123 13.04 43.29 12.95
N VAL M 124 11.74 43.09 12.90
CA VAL M 124 10.80 44.20 13.07
C VAL M 124 10.14 44.16 14.44
N TYR M 125 10.32 45.24 15.21
CA TYR M 125 9.49 45.49 16.39
C TYR M 125 8.10 45.91 15.92
N ASN M 126 7.07 45.24 16.41
CA ASN M 126 5.78 45.29 15.74
C ASN M 126 4.79 46.25 16.39
N ARG M 127 5.21 47.09 17.31
CA ARG M 127 4.33 48.08 17.91
C ARG M 127 4.62 49.45 17.32
N LEU M 128 3.57 50.16 16.94
CA LEU M 128 3.73 51.55 16.56
C LEU M 128 3.80 52.38 17.84
N TYR M 129 4.80 53.25 17.93
CA TYR M 129 4.98 54.08 19.11
C TYR M 129 5.33 55.52 18.73
N CYS M 130 4.82 56.45 19.53
CA CYS M 130 4.98 57.87 19.24
C CYS M 130 6.31 58.38 19.74
N GLY M 131 6.78 57.85 20.85
CA GLY M 131 8.06 58.27 21.38
C GLY M 131 8.02 59.55 22.16
N HIS M 132 6.84 60.14 22.38
CA HIS M 132 6.72 61.42 23.08
CA HIS M 132 6.70 61.42 23.08
C HIS M 132 5.73 61.40 24.24
N CYS M 133 4.93 60.33 24.40
CA CYS M 133 3.96 60.22 25.48
C CYS M 133 4.58 59.64 26.76
N ARG M 134 3.79 59.63 27.84
CA ARG M 134 4.29 59.16 29.12
C ARG M 134 4.74 57.69 29.06
N GLN M 135 4.04 56.86 28.29
CA GLN M 135 4.40 55.45 28.21
C GLN M 135 5.69 55.26 27.41
N CYS M 136 5.79 55.92 26.26
CA CYS M 136 7.02 55.86 25.47
C CYS M 136 8.21 56.43 26.23
N LEU M 137 8.07 57.62 26.83
CA LEU M 137 9.23 58.25 27.49
C LEU M 137 9.72 57.48 28.73
N THR M 138 8.86 56.69 29.38
CA THR M 138 9.32 55.79 30.43
C THR M 138 9.79 54.42 29.92
N GLY M 139 9.64 54.12 28.61
CA GLY M 139 10.12 52.88 28.03
C GLY M 139 9.05 51.86 27.70
N TRP M 140 7.79 52.12 28.05
CA TRP M 140 6.69 51.21 27.79
C TRP M 140 6.03 51.53 26.45
N THR M 141 6.82 51.37 25.39
CA THR M 141 6.38 51.77 24.06
C THR M 141 5.19 50.94 23.60
N GLN M 142 5.11 49.69 24.03
CA GLN M 142 3.96 48.85 23.73
C GLN M 142 2.66 49.39 24.34
N MET M 143 2.75 50.33 25.29
CA MET M 143 1.59 50.93 25.95
C MET M 143 1.31 52.33 25.44
N CYS M 144 1.86 52.69 24.26
CA CYS M 144 1.79 54.05 23.74
C CYS M 144 0.37 54.62 23.72
N GLU M 145 0.20 55.83 24.26
CA GLU M 145 -1.13 56.43 24.35
C GLU M 145 -1.59 56.99 23.01
N VAL M 146 -0.67 57.42 22.16
CA VAL M 146 -1.03 58.05 20.89
C VAL M 146 -1.47 57.00 19.86
N THR M 147 -0.70 55.93 19.69
CA THR M 147 -0.99 54.96 18.64
C THR M 147 -2.04 53.94 19.07
N GLY M 148 -2.44 53.98 20.34
CA GLY M 148 -3.28 52.92 20.90
C GLY M 148 -2.63 51.55 20.85
N GLY M 149 -1.30 51.51 21.02
CA GLY M 149 -0.56 50.26 20.98
C GLY M 149 -0.68 49.46 19.68
N GLY M 150 -1.38 50.00 18.65
CA GLY M 150 -1.58 49.36 17.36
C GLY M 150 -0.39 48.60 16.78
N ILE M 151 -0.66 47.49 16.10
CA ILE M 151 0.34 46.48 15.76
C ILE M 151 0.53 46.42 14.26
N ILE M 152 1.80 46.47 13.83
CA ILE M 152 2.16 46.24 12.44
C ILE M 152 1.59 44.93 11.95
N GLY M 153 0.88 44.98 10.83
CA GLY M 153 0.21 43.81 10.30
C GLY M 153 -1.22 43.68 10.72
N ILE M 154 -1.68 44.51 11.66
CA ILE M 154 -3.08 44.57 12.05
C ILE M 154 -3.70 45.89 11.62
N VAL M 155 -3.02 47.00 11.88
CA VAL M 155 -3.41 48.34 11.45
C VAL M 155 -2.55 48.83 10.30
N THR M 156 -1.62 48.00 9.82
CA THR M 156 -0.88 48.20 8.58
C THR M 156 -0.83 46.86 7.87
N GLN M 157 -0.46 46.90 6.57
CA GLN M 157 -0.24 45.67 5.82
C GLN M 157 1.00 44.96 6.35
N GLY M 158 0.93 43.64 6.44
CA GLY M 158 1.90 42.86 7.19
C GLY M 158 2.90 42.12 6.33
N GLY M 159 3.51 41.10 6.93
CA GLY M 159 4.62 40.42 6.30
C GLY M 159 4.31 39.07 5.69
N TYR M 160 3.03 38.69 5.56
CA TYR M 160 2.63 37.53 4.74
C TYR M 160 2.58 37.95 3.28
N ALA M 161 3.76 38.31 2.77
CA ALA M 161 3.87 39.00 1.49
C ALA M 161 5.35 39.21 1.23
N GLU M 162 5.68 39.51 -0.02
CA GLU M 162 7.09 39.62 -0.41
C GLU M 162 7.71 40.91 0.12
N TYR M 163 6.95 41.99 0.15
CA TYR M 163 7.46 43.22 0.73
C TYR M 163 6.47 43.75 1.74
N ALA M 164 7.02 44.62 2.60
CA ALA M 164 6.24 45.33 3.60
C ALA M 164 6.98 46.62 3.94
N VAL M 165 6.23 47.61 4.40
CA VAL M 165 6.78 48.88 4.84
C VAL M 165 6.50 49.01 6.32
N VAL M 166 7.51 49.48 7.07
CA VAL M 166 7.43 49.72 8.50
C VAL M 166 8.32 50.91 8.85
N PRO M 167 8.08 51.57 9.98
CA PRO M 167 8.90 52.74 10.35
C PRO M 167 10.34 52.37 10.64
N ALA M 168 11.26 53.24 10.22
CA ALA M 168 12.69 52.97 10.37
C ALA M 168 13.06 52.58 11.81
N LYS M 169 12.56 53.34 12.79
CA LYS M 169 12.92 53.10 14.18
C LYS M 169 12.51 51.70 14.61
N ASN M 170 11.50 51.10 13.97
CA ASN M 170 11.05 49.75 14.28
C ASN M 170 11.89 48.65 13.62
N ALA M 171 12.88 48.99 12.79
CA ALA M 171 13.71 48.01 12.09
C ALA M 171 15.03 47.86 12.85
N VAL M 172 15.24 46.70 13.43
CA VAL M 172 16.44 46.42 14.23
C VAL M 172 17.43 45.65 13.37
N ALA M 173 18.64 46.22 13.22
CA ALA M 173 19.73 45.56 12.53
C ALA M 173 20.17 44.32 13.30
N THR M 174 20.19 43.17 12.64
CA THR M 174 20.61 41.95 13.29
C THR M 174 21.49 41.14 12.37
N ARG M 175 22.47 40.47 12.99
CA ARG M 175 23.32 39.50 12.31
C ARG M 175 22.94 38.06 12.65
N ALA M 176 21.68 37.80 13.00
CA ALA M 176 21.22 36.44 13.23
C ALA M 176 20.51 35.87 12.00
N ASP M 177 20.46 34.54 11.95
CA ASP M 177 19.67 33.83 10.94
C ASP M 177 18.24 34.39 10.95
N LEU M 178 17.85 35.10 9.90
CA LEU M 178 16.53 35.72 9.92
C LEU M 178 15.45 34.72 10.26
N LYS M 179 15.62 33.46 9.91
CA LYS M 179 14.65 32.42 10.27
C LYS M 179 14.44 32.34 11.79
N GLU M 180 15.52 32.43 12.57
CA GLU M 180 15.41 32.45 14.02
C GLU M 180 15.11 33.86 14.53
N ALA M 181 15.66 34.89 13.88
CA ALA M 181 15.24 36.26 14.21
C ALA M 181 13.72 36.43 14.08
N ALA M 182 13.08 35.70 13.16
CA ALA M 182 11.67 35.89 12.91
C ALA M 182 10.78 35.23 13.98
N THR M 183 11.39 34.62 15.00
CA THR M 183 10.68 34.10 16.15
C THR M 183 10.71 35.06 17.33
N LEU M 184 11.30 36.25 17.17
CA LEU M 184 11.52 37.18 18.27
C LEU M 184 10.39 38.20 18.49
N PRO M 185 9.93 38.94 17.48
CA PRO M 185 9.03 40.09 17.77
C PRO M 185 7.71 39.74 18.49
N ILE M 186 7.20 38.51 18.40
CA ILE M 186 5.98 38.11 19.10
C ILE M 186 6.28 37.10 20.20
N GLY M 187 6.77 35.90 19.85
CA GLY M 187 7.11 34.88 20.82
C GLY M 187 8.17 35.25 21.85
N ALA M 188 9.41 35.51 21.44
CA ALA M 188 10.46 35.78 22.43
C ALA M 188 10.18 37.08 23.20
N LEU M 189 9.84 38.18 22.50
CA LEU M 189 9.69 39.45 23.19
C LEU M 189 8.56 39.40 24.21
N THR M 190 7.44 38.80 23.86
CA THR M 190 6.35 38.69 24.83
C THR M 190 6.80 37.88 26.03
N ALA M 191 7.43 36.72 25.78
CA ALA M 191 7.91 35.90 26.89
C ALA M 191 8.89 36.69 27.76
N TRP M 192 9.79 37.43 27.14
CA TRP M 192 10.64 38.32 27.91
C TRP M 192 9.81 39.24 28.80
N ASN M 193 8.86 39.96 28.21
CA ASN M 193 8.11 40.93 29.00
C ASN M 193 7.36 40.25 30.14
N MET M 194 6.85 39.04 29.91
CA MET M 194 6.23 38.29 31.01
C MET M 194 7.23 38.04 32.14
N ALA M 195 8.41 37.51 31.81
CA ALA M 195 9.38 37.19 32.85
C ALA M 195 9.89 38.44 33.52
N TYR M 196 10.10 39.49 32.74
CA TYR M 196 10.51 40.76 33.30
C TYR M 196 9.51 41.24 34.35
N ARG M 197 8.21 41.19 34.03
CA ARG M 197 7.20 41.72 34.94
C ARG M 197 6.93 40.81 36.12
N ALA M 198 7.54 39.63 36.14
CA ALA M 198 7.38 38.68 37.23
C ALA M 198 8.38 38.88 38.36
N SER M 199 9.40 39.71 38.18
CA SER M 199 10.43 39.88 39.20
C SER M 199 10.94 38.53 39.72
N ILE M 200 11.46 37.73 38.80
CA ILE M 200 12.02 36.42 39.16
C ILE M 200 13.39 36.64 39.78
N SER M 201 13.60 36.08 41.00
CA SER M 201 14.87 36.10 41.71
C SER M 201 15.52 34.73 41.65
N PRO M 202 16.84 34.66 41.70
CA PRO M 202 17.51 33.36 41.56
C PRO M 202 17.03 32.36 42.62
N GLY M 203 16.60 31.21 42.14
CA GLY M 203 16.20 30.14 42.98
C GLY M 203 14.71 29.99 43.13
N GLU M 204 13.95 31.00 42.73
CA GLU M 204 12.50 30.90 42.84
C GLU M 204 12.01 29.83 41.86
N LYS M 205 11.01 29.04 42.30
CA LYS M 205 10.40 28.03 41.44
C LYS M 205 9.42 28.70 40.50
N VAL M 206 9.68 28.56 39.21
CA VAL M 206 8.89 29.18 38.15
C VAL M 206 8.24 28.05 37.33
N ALA M 207 6.90 28.06 37.33
CA ALA M 207 6.13 27.21 36.43
C ALA M 207 5.82 27.96 35.14
N VAL M 208 5.94 27.26 34.01
CA VAL M 208 5.52 27.77 32.71
C VAL M 208 4.40 26.85 32.18
N VAL M 209 3.20 27.42 32.04
CA VAL M 209 2.05 26.74 31.44
C VAL M 209 2.03 27.11 29.97
N GLY M 210 1.78 26.10 29.13
CA GLY M 210 1.91 26.25 27.69
C GLY M 210 3.34 26.33 27.25
N ALA M 211 4.24 25.62 27.94
CA ALA M 211 5.67 25.73 27.67
C ALA M 211 6.06 25.19 26.28
N THR M 212 5.21 24.37 25.66
CA THR M 212 5.48 23.91 24.30
C THR M 212 5.20 24.96 23.23
N GLY M 213 4.53 26.08 23.58
CA GLY M 213 4.02 27.01 22.58
C GLY M 213 5.04 28.04 22.14
N ASN M 214 4.58 28.96 21.28
CA ASN M 214 5.49 29.98 20.74
C ASN M 214 6.07 30.88 21.83
N VAL M 215 5.23 31.31 22.80
CA VAL M 215 5.69 32.10 23.95
C VAL M 215 6.28 31.21 25.03
N GLY M 216 5.65 30.06 25.27
CA GLY M 216 6.10 29.21 26.37
C GLY M 216 7.52 28.70 26.21
N ILE M 217 7.88 28.26 25.01
CA ILE M 217 9.22 27.76 24.75
C ILE M 217 10.28 28.84 25.03
N TYR M 218 9.96 30.10 24.76
CA TYR M 218 10.87 31.19 25.13
C TYR M 218 10.75 31.59 26.60
N ALA M 219 9.54 31.49 27.17
CA ALA M 219 9.38 31.79 28.59
C ALA M 219 10.24 30.88 29.46
N VAL M 220 10.33 29.59 29.10
CA VAL M 220 11.23 28.68 29.82
C VAL M 220 12.63 29.25 29.84
N GLN M 221 13.08 29.74 28.69
CA GLN M 221 14.46 30.18 28.55
C GLN M 221 14.72 31.42 29.38
N PHE M 222 13.84 32.42 29.28
CA PHE M 222 14.06 33.63 30.03
C PHE M 222 13.97 33.38 31.53
N ALA M 223 12.99 32.58 31.97
CA ALA M 223 12.97 32.18 33.37
C ALA M 223 14.30 31.58 33.82
N LYS M 224 14.93 30.76 32.96
CA LYS M 224 16.24 30.20 33.30
C LYS M 224 17.32 31.28 33.29
N LEU M 225 17.33 32.09 32.23
CA LEU M 225 18.33 33.14 32.14
C LEU M 225 18.34 34.02 33.37
N LEU M 226 17.16 34.24 33.96
CA LEU M 226 17.00 35.10 35.12
C LEU M 226 17.34 34.41 36.44
N GLY M 227 17.67 33.12 36.41
CA GLY M 227 18.05 32.40 37.59
C GLY M 227 17.00 31.51 38.22
N GLY M 228 15.83 31.35 37.59
CA GLY M 228 14.79 30.53 38.16
C GLY M 228 15.03 29.02 37.94
N GLU M 229 14.42 28.26 38.82
CA GLU M 229 14.27 26.81 38.69
C GLU M 229 12.97 26.58 37.96
N VAL M 230 13.05 25.99 36.79
CA VAL M 230 12.01 26.11 35.76
C VAL M 230 11.32 24.79 35.58
N TYR M 231 10.01 24.77 35.85
CA TYR M 231 9.16 23.60 35.64
C TYR M 231 8.22 23.91 34.48
N ALA M 232 8.42 23.21 33.37
CA ALA M 232 7.54 23.36 32.21
C ALA M 232 6.38 22.39 32.38
N ILE M 233 5.17 22.86 32.09
CA ILE M 233 3.97 22.05 32.26
C ILE M 233 3.34 21.78 30.90
N SER M 234 3.00 20.51 30.68
CA SER M 234 2.48 20.10 29.39
C SER M 234 1.46 18.99 29.58
N ARG M 235 0.45 18.98 28.71
CA ARG M 235 -0.53 17.89 28.68
C ARG M 235 -0.02 16.69 27.88
N ARG M 236 1.24 16.74 27.47
CA ARG M 236 1.84 15.74 26.60
C ARG M 236 3.33 15.67 26.92
N LYS M 237 3.61 15.59 28.22
CA LYS M 237 4.99 15.55 28.70
C LYS M 237 5.80 14.48 27.97
N ALA M 238 5.27 13.27 27.85
CA ALA M 238 6.03 12.18 27.24
C ALA M 238 6.58 12.57 25.86
N LYS M 239 5.72 13.13 25.02
CA LYS M 239 6.16 13.46 23.66
C LYS M 239 7.17 14.61 23.63
N VAL M 240 7.14 15.52 24.61
CA VAL M 240 7.82 16.81 24.50
C VAL M 240 8.91 17.01 25.55
N GLU M 241 9.03 16.10 26.53
CA GLU M 241 9.94 16.30 27.65
C GLU M 241 11.34 16.65 27.21
N SER M 242 11.85 16.00 26.16
CA SER M 242 13.24 16.17 25.78
C SER M 242 13.49 17.51 25.10
N ILE M 243 12.49 18.00 24.37
CA ILE M 243 12.61 19.33 23.77
C ILE M 243 12.53 20.40 24.84
N LEU M 244 11.55 20.29 25.73
CA LEU M 244 11.44 21.26 26.81
C LEU M 244 12.71 21.29 27.66
N LYS M 245 13.42 20.17 27.79
CA LYS M 245 14.63 20.15 28.61
C LYS M 245 15.83 20.79 27.92
N SER M 246 15.90 20.74 26.58
CA SER M 246 16.92 21.49 25.86
C SER M 246 16.63 22.99 25.85
N ALA M 247 15.36 23.39 26.02
CA ALA M 247 15.06 24.81 26.17
C ALA M 247 15.57 25.37 27.48
N GLY M 248 15.82 24.50 28.48
CA GLY M 248 16.32 24.94 29.77
C GLY M 248 15.55 24.46 30.98
N ALA M 249 14.36 23.88 30.78
CA ALA M 249 13.56 23.38 31.88
C ALA M 249 14.36 22.43 32.76
N ASP M 250 14.34 22.70 34.05
CA ASP M 250 14.90 21.75 35.01
C ASP M 250 14.00 20.53 35.16
N ALA M 251 12.70 20.68 34.88
CA ALA M 251 11.77 19.57 35.00
C ALA M 251 10.60 19.81 34.06
N VAL M 252 9.93 18.71 33.71
CA VAL M 252 8.70 18.73 32.94
C VAL M 252 7.62 17.97 33.69
N LEU M 253 6.43 18.56 33.75
CA LEU M 253 5.37 18.10 34.63
C LEU M 253 4.07 18.01 33.85
N THR M 254 3.28 17.01 34.21
CA THR M 254 1.86 16.96 33.85
C THR M 254 1.10 17.90 34.78
N PRO M 255 -0.11 18.33 34.39
CA PRO M 255 -0.92 19.15 35.30
C PRO M 255 -1.09 18.55 36.68
N ASP M 256 -1.17 17.22 36.79
CA ASP M 256 -1.28 16.60 38.11
C ASP M 256 0.04 16.68 38.86
N GLU M 257 1.16 16.45 38.18
CA GLU M 257 2.46 16.58 38.84
C GLU M 257 2.73 18.03 39.29
N ALA M 258 2.35 19.03 38.47
CA ALA M 258 2.40 20.43 38.89
C ALA M 258 1.73 20.64 40.24
N LYS M 259 0.45 20.19 40.38
CA LYS M 259 -0.25 20.24 41.66
C LYS M 259 0.59 19.72 42.82
N SER M 260 1.29 18.59 42.62
CA SER M 260 2.11 17.99 43.66
C SER M 260 3.45 18.71 43.86
N ALA M 261 3.90 19.45 42.84
CA ALA M 261 5.11 20.24 42.95
C ALA M 261 4.90 21.60 43.64
N ALA M 262 3.65 22.06 43.82
CA ALA M 262 3.40 23.38 44.41
C ALA M 262 3.91 23.43 45.85
N PRO M 263 4.25 24.61 46.37
CA PRO M 263 3.96 25.87 45.70
C PRO M 263 5.06 26.34 44.75
N PHE M 264 4.64 27.22 43.82
CA PHE M 264 5.51 27.95 42.91
C PHE M 264 5.54 29.45 43.26
N ASP M 265 6.72 30.07 43.08
CA ASP M 265 6.87 31.51 43.28
C ASP M 265 6.30 32.33 42.13
N VAL M 266 6.34 31.79 40.91
CA VAL M 266 5.86 32.48 39.71
C VAL M 266 5.19 31.45 38.78
N VAL M 267 4.11 31.87 38.14
CA VAL M 267 3.50 31.10 37.08
C VAL M 267 3.42 32.02 35.87
N LEU M 268 4.12 31.66 34.79
CA LEU M 268 3.97 32.29 33.48
C LEU M 268 3.00 31.43 32.67
N ASP M 269 1.80 31.96 32.46
CA ASP M 269 0.70 31.19 31.87
C ASP M 269 -0.15 32.18 31.07
N PRO M 270 -0.03 32.18 29.74
CA PRO M 270 -0.89 33.01 28.90
C PRO M 270 -2.01 32.21 28.26
N THR M 271 -2.31 31.04 28.82
CA THR M 271 -3.26 30.13 28.21
C THR M 271 -4.70 30.41 28.61
N GLY M 272 -4.91 31.17 29.69
CA GLY M 272 -6.24 31.62 30.04
C GLY M 272 -7.06 30.74 30.97
N SER M 273 -8.37 30.84 30.80
CA SER M 273 -9.30 30.41 31.83
C SER M 273 -9.25 28.91 32.11
N ALA M 274 -8.87 28.07 31.14
CA ALA M 274 -8.97 26.63 31.40
C ALA M 274 -7.93 26.18 32.41
N SER M 275 -6.78 26.85 32.41
CA SER M 275 -5.65 26.55 33.25
C SER M 275 -5.65 27.31 34.60
N TRP M 276 -6.69 28.12 34.86
CA TRP M 276 -6.65 29.12 35.94
C TRP M 276 -6.69 28.50 37.34
N ASP M 277 -7.67 27.65 37.60
CA ASP M 277 -7.69 26.93 38.86
C ASP M 277 -6.34 26.30 39.15
N LEU M 278 -5.70 25.72 38.12
CA LEU M 278 -4.41 25.07 38.35
C LEU M 278 -3.33 26.11 38.65
N SER M 279 -3.21 27.14 37.79
CA SER M 279 -2.13 28.12 37.93
C SER M 279 -2.27 28.94 39.21
N PHE M 280 -3.49 29.34 39.57
CA PHE M 280 -3.70 30.15 40.77
C PHE M 280 -3.60 29.31 42.05
N GLY M 281 -4.00 28.03 41.98
CA GLY M 281 -3.92 27.15 43.14
C GLY M 281 -2.52 26.67 43.50
N VAL M 282 -1.62 26.61 42.52
CA VAL M 282 -0.24 26.19 42.81
C VAL M 282 0.67 27.35 43.27
N LEU M 283 0.19 28.59 43.33
CA LEU M 283 1.00 29.71 43.81
C LEU M 283 1.15 29.71 45.32
N GLY M 284 2.37 29.94 45.78
CA GLY M 284 2.64 30.11 47.19
C GLY M 284 2.55 31.56 47.63
N ARG M 285 2.99 31.77 48.88
CA ARG M 285 3.03 33.13 49.41
C ARG M 285 3.89 34.01 48.52
N GLY M 286 3.33 35.17 48.15
CA GLY M 286 4.00 36.14 47.32
C GLY M 286 3.94 35.80 45.86
N GLY M 287 3.20 34.74 45.51
CA GLY M 287 3.25 34.22 44.16
C GLY M 287 2.80 35.26 43.14
N ARG M 288 3.41 35.20 41.97
CA ARG M 288 3.03 36.07 40.87
C ARG M 288 2.52 35.23 39.72
N TYR M 289 1.34 35.56 39.24
CA TYR M 289 0.73 34.98 38.06
C TYR M 289 0.85 36.05 37.00
N VAL M 290 1.56 35.73 35.93
CA VAL M 290 1.72 36.66 34.82
C VAL M 290 1.10 36.01 33.61
N THR M 291 0.25 36.75 32.94
CA THR M 291 -0.42 36.28 31.75
C THR M 291 -0.33 37.37 30.70
N ALA M 292 -0.32 36.94 29.43
CA ALA M 292 -0.37 37.83 28.28
C ALA M 292 -1.39 37.37 27.27
N GLY M 293 -2.23 36.39 27.61
CA GLY M 293 -3.22 35.86 26.68
C GLY M 293 -4.39 35.16 27.33
N ALA M 294 -5.37 34.84 26.49
CA ALA M 294 -6.64 34.30 26.91
C ALA M 294 -7.03 33.09 26.08
N LEU M 295 -6.03 32.28 25.67
CA LEU M 295 -6.23 31.22 24.69
C LEU M 295 -7.49 30.38 24.91
N THR M 296 -7.71 29.91 26.13
CA THR M 296 -8.80 29.01 26.43
C THR M 296 -10.01 29.73 27.05
N GLY M 297 -9.96 31.06 27.12
CA GLY M 297 -11.03 31.90 27.60
C GLY M 297 -10.45 33.03 28.43
N ALA M 298 -11.17 34.17 28.47
CA ALA M 298 -10.63 35.39 29.08
C ALA M 298 -11.17 35.66 30.50
N GLU M 299 -12.30 35.07 30.89
CA GLU M 299 -12.95 35.40 32.15
C GLU M 299 -12.61 34.34 33.19
N VAL M 300 -12.15 34.77 34.37
CA VAL M 300 -11.85 33.83 35.45
C VAL M 300 -12.55 34.29 36.73
N ARG M 301 -12.85 33.31 37.60
CA ARG M 301 -13.40 33.60 38.93
C ARG M 301 -12.22 33.78 39.91
N LEU M 302 -11.94 35.02 40.28
CA LEU M 302 -10.86 35.37 41.19
C LEU M 302 -11.36 35.47 42.63
N ASP M 303 -10.70 34.79 43.54
CA ASP M 303 -11.05 34.82 44.95
C ASP M 303 -10.14 35.83 45.66
N LEU M 304 -10.73 36.94 46.08
CA LEU M 304 -9.96 38.00 46.71
C LEU M 304 -9.42 37.60 48.07
N ARG M 305 -10.15 36.74 48.81
CA ARG M 305 -9.63 36.30 50.11
C ARG M 305 -8.29 35.59 49.95
N ARG M 306 -8.17 34.72 48.96
CA ARG M 306 -6.91 34.03 48.75
C ARG M 306 -5.83 34.98 48.20
N LEU M 307 -6.20 35.86 47.28
CA LEU M 307 -5.29 36.88 46.75
C LEU M 307 -4.61 37.65 47.88
N TYR M 308 -5.42 38.25 48.76
CA TYR M 308 -4.82 39.02 49.84
C TYR M 308 -4.23 38.15 50.93
N GLY M 309 -4.81 36.98 51.20
CA GLY M 309 -4.27 36.16 52.28
C GLY M 309 -2.90 35.57 51.97
N MET M 310 -2.63 35.35 50.68
CA MET M 310 -1.38 34.78 50.19
C MET M 310 -0.48 35.85 49.65
N GLN M 311 -0.97 37.08 49.56
CA GLN M 311 -0.25 38.18 48.97
C GLN M 311 0.19 37.86 47.55
N ILE M 312 -0.71 37.23 46.79
CA ILE M 312 -0.47 36.95 45.37
C ILE M 312 -0.63 38.24 44.57
N LEU M 313 0.11 38.33 43.45
CA LEU M 313 -0.08 39.36 42.44
C LEU M 313 -0.53 38.71 41.14
N VAL M 314 -1.56 39.27 40.52
CA VAL M 314 -2.07 38.80 39.25
C VAL M 314 -1.74 39.89 38.24
N ILE M 315 -0.78 39.61 37.37
CA ILE M 315 -0.07 40.64 36.61
C ILE M 315 -0.34 40.47 35.12
N GLY M 316 -0.81 41.54 34.49
CA GLY M 316 -0.97 41.57 33.05
C GLY M 316 0.29 42.04 32.35
N ALA M 317 0.50 41.51 31.14
CA ALA M 317 1.66 41.86 30.31
C ALA M 317 1.26 41.67 28.87
N THR M 318 1.72 42.59 28.03
CA THR M 318 1.46 42.51 26.60
C THR M 318 2.66 43.07 25.85
N GLY M 319 2.97 42.47 24.71
CA GLY M 319 4.03 42.97 23.86
C GLY M 319 5.34 43.04 24.60
N GLY M 320 6.07 44.10 24.34
CA GLY M 320 7.33 44.30 25.03
C GLY M 320 7.84 45.70 24.75
N ARG M 321 8.84 46.09 25.53
CA ARG M 321 9.44 47.42 25.42
C ARG M 321 10.44 47.46 24.27
N ARG M 322 10.55 48.63 23.66
CA ARG M 322 11.42 48.79 22.51
C ARG M 322 12.86 48.42 22.86
N ALA M 323 13.37 48.90 23.99
CA ALA M 323 14.73 48.60 24.42
C ALA M 323 14.91 47.12 24.72
N ASP M 324 13.88 46.45 25.25
CA ASP M 324 14.03 45.02 25.55
C ASP M 324 14.09 44.20 24.27
N PHE M 325 13.52 44.71 23.19
CA PHE M 325 13.66 44.06 21.91
C PHE M 325 15.13 44.04 21.44
N ASN M 326 15.85 45.15 21.61
CA ASN M 326 17.29 45.11 21.29
C ASN M 326 18.02 44.08 22.13
N THR M 327 17.68 44.01 23.41
CA THR M 327 18.32 43.02 24.28
C THR M 327 17.95 41.60 23.85
N VAL M 328 16.72 41.40 23.35
CA VAL M 328 16.33 40.06 22.94
C VAL M 328 17.09 39.62 21.70
N VAL M 329 17.27 40.54 20.73
CA VAL M 329 18.03 40.27 19.52
C VAL M 329 19.49 39.96 19.87
N ARG M 330 20.11 40.81 20.69
CA ARG M 330 21.49 40.58 21.08
C ARG M 330 21.65 39.23 21.78
N LEU M 331 20.65 38.83 22.60
CA LEU M 331 20.72 37.52 23.26
C LEU M 331 20.65 36.37 22.26
N LEU M 332 19.89 36.54 21.16
CA LEU M 332 19.84 35.48 20.15
C LEU M 332 21.10 35.46 19.29
N GLU M 333 21.61 36.61 18.87
CA GLU M 333 22.90 36.66 18.22
C GLU M 333 24.05 36.06 19.03
N ALA M 334 23.89 35.87 20.33
CA ALA M 334 24.97 35.36 21.17
C ALA M 334 24.68 33.95 21.65
N GLY M 335 23.59 33.36 21.21
CA GLY M 335 23.34 32.00 21.51
C GLY M 335 22.74 31.77 22.86
N ARG M 336 22.47 32.84 23.66
CA ARG M 336 21.93 32.65 25.01
C ARG M 336 20.49 32.19 24.99
N ILE M 337 19.81 32.39 23.86
CA ILE M 337 18.48 31.85 23.63
C ILE M 337 18.48 31.21 22.25
N LYS M 338 17.55 30.27 22.04
CA LYS M 338 17.49 29.41 20.87
C LYS M 338 16.06 29.40 20.30
N ALA M 339 15.96 29.39 18.96
CA ALA M 339 14.67 29.36 18.26
C ALA M 339 14.33 27.93 17.94
N PHE M 340 13.22 27.45 18.50
CA PHE M 340 12.76 26.08 18.30
C PHE M 340 11.74 26.09 17.16
N LEU M 341 12.14 25.55 16.02
CA LEU M 341 11.37 25.63 14.79
C LEU M 341 10.70 24.29 14.52
N HIS M 342 9.42 24.34 14.21
CA HIS M 342 8.69 23.17 13.79
C HIS M 342 8.86 22.94 12.30
N ASN M 343 8.55 23.95 11.50
CA ASN M 343 8.30 23.77 10.09
C ASN M 343 8.28 25.14 9.42
N VAL M 344 8.56 25.16 8.11
CA VAL M 344 8.48 26.36 7.28
C VAL M 344 7.61 26.05 6.08
N TYR M 345 6.72 26.99 5.71
CA TYR M 345 5.80 26.89 4.57
C TYR M 345 6.05 28.05 3.61
N PRO M 346 5.80 27.87 2.32
CA PRO M 346 5.90 29.00 1.38
C PRO M 346 4.60 29.79 1.37
N LEU M 347 4.68 31.00 0.82
CA LEU M 347 3.53 31.93 0.89
C LEU M 347 2.19 31.28 0.48
N ALA M 348 2.22 30.24 -0.39
CA ALA M 348 1.00 29.65 -0.92
C ALA M 348 0.30 28.69 0.08
N ASP M 349 1.05 28.02 0.95
CA ASP M 349 0.51 27.14 1.99
C ASP M 349 0.18 27.89 3.29
N VAL M 350 0.04 29.21 3.24
CA VAL M 350 -0.18 30.02 4.43
C VAL M 350 -1.37 29.51 5.27
N ARG M 351 -2.41 28.97 4.63
CA ARG M 351 -3.55 28.50 5.43
C ARG M 351 -3.22 27.20 6.15
N LYS M 352 -2.52 26.27 5.46
CA LYS M 352 -1.98 25.08 6.14
C LYS M 352 -1.07 25.48 7.29
N ALA M 353 -0.17 26.46 7.07
CA ALA M 353 0.68 26.95 8.16
C ALA M 353 -0.17 27.45 9.34
N LEU M 354 -1.24 28.18 9.05
CA LEU M 354 -2.09 28.66 10.13
C LEU M 354 -2.78 27.51 10.87
N GLU M 355 -3.34 26.52 10.13
CA GLU M 355 -3.98 25.37 10.77
C GLU M 355 -2.99 24.60 11.65
N GLU M 356 -1.73 24.55 11.23
CA GLU M 356 -0.65 23.86 11.96
C GLU M 356 -0.48 24.35 13.41
N LEU M 357 -1.12 25.45 13.79
CA LEU M 357 -1.13 25.87 15.18
C LEU M 357 -1.89 24.88 16.06
N ARG M 358 -3.06 24.45 15.59
CA ARG M 358 -3.91 23.49 16.30
C ARG M 358 -3.43 22.05 16.16
N SER M 359 -2.33 21.82 15.46
CA SER M 359 -1.82 20.46 15.31
C SER M 359 -1.41 19.94 16.68
N PRO M 360 -1.82 18.73 17.06
CA PRO M 360 -1.40 18.16 18.35
C PRO M 360 0.05 17.69 18.38
N GLU M 361 0.76 17.73 17.25
CA GLU M 361 2.14 17.29 17.18
C GLU M 361 3.14 18.44 17.12
N ARG M 362 2.69 19.69 16.91
CA ARG M 362 3.60 20.84 16.87
C ARG M 362 4.20 21.13 18.26
N VAL M 363 5.52 21.14 18.32
CA VAL M 363 6.27 21.94 19.28
C VAL M 363 7.22 22.78 18.45
N GLY M 364 7.20 24.08 18.67
CA GLY M 364 8.07 24.98 17.96
C GLY M 364 7.30 25.95 17.09
N LYS M 365 8.06 26.86 16.48
CA LYS M 365 7.51 27.89 15.62
C LYS M 365 7.08 27.28 14.29
N VAL M 366 6.13 27.95 13.66
CA VAL M 366 5.77 27.73 12.27
C VAL M 366 6.08 29.02 11.53
N LEU M 367 6.86 28.93 10.47
CA LEU M 367 7.20 30.09 9.67
C LEU M 367 6.48 30.08 8.33
N ILE M 368 6.43 31.28 7.74
CA ILE M 368 6.17 31.48 6.33
C ILE M 368 7.44 32.00 5.73
N ALA M 369 7.79 31.46 4.56
CA ALA M 369 8.89 31.98 3.75
C ALA M 369 8.31 32.57 2.47
N PRO M 370 8.21 33.91 2.35
CA PRO M 370 7.59 34.49 1.14
C PRO M 370 8.55 34.46 -0.02
N HIS N 38 38.27 -42.19 74.71
CA HIS N 38 37.22 -41.10 74.79
C HIS N 38 35.91 -41.48 74.07
N GLU N 39 34.97 -40.53 74.04
CA GLU N 39 33.70 -40.63 73.30
C GLU N 39 33.45 -39.33 72.56
N MET N 40 32.55 -39.39 71.57
CA MET N 40 32.27 -38.25 70.72
C MET N 40 30.79 -38.20 70.41
N ARG N 41 30.34 -37.00 70.02
CA ARG N 41 28.99 -36.80 69.53
C ARG N 41 28.99 -37.11 68.04
N ALA N 42 27.95 -37.83 67.59
CA ALA N 42 27.86 -38.26 66.21
C ALA N 42 26.39 -38.30 65.79
N ALA N 43 26.15 -38.01 64.51
CA ALA N 43 24.86 -38.27 63.90
C ALA N 43 24.87 -39.69 63.33
N ALA N 44 23.88 -40.49 63.69
CA ALA N 44 23.87 -41.90 63.33
C ALA N 44 22.43 -42.39 63.21
N PHE N 45 22.29 -43.51 62.50
CA PHE N 45 21.02 -44.18 62.31
C PHE N 45 21.27 -45.67 62.36
N SER N 46 20.35 -46.38 63.02
CA SER N 46 20.44 -47.83 63.16
C SER N 46 19.47 -48.58 62.24
N THR N 47 18.47 -47.87 61.72
CA THR N 47 17.60 -48.29 60.64
C THR N 47 17.42 -47.11 59.70
N PRO N 48 17.41 -47.32 58.38
CA PRO N 48 17.31 -46.18 57.45
C PRO N 48 16.02 -45.38 57.63
N GLY N 49 16.00 -44.23 56.97
CA GLY N 49 14.91 -43.27 57.07
C GLY N 49 15.46 -42.01 57.71
N LEU N 50 15.17 -40.88 57.06
CA LEU N 50 15.60 -39.59 57.58
C LEU N 50 15.17 -39.36 59.03
N GLU N 51 13.95 -39.81 59.39
CA GLU N 51 13.45 -39.55 60.74
C GLU N 51 14.08 -40.47 61.78
N ASN N 52 15.03 -41.32 61.39
CA ASN N 52 15.77 -42.15 62.33
C ASN N 52 17.20 -41.66 62.54
N LEU N 53 17.57 -40.54 61.93
CA LEU N 53 18.88 -39.97 62.16
C LEU N 53 18.80 -39.19 63.46
N LYS N 54 19.66 -39.55 64.41
CA LYS N 54 19.64 -39.05 65.78
C LYS N 54 21.05 -38.68 66.17
N LEU N 55 21.18 -37.63 66.98
CA LEU N 55 22.45 -37.37 67.65
C LEU N 55 22.64 -38.37 68.77
N VAL N 56 23.87 -38.87 68.91
CA VAL N 56 24.16 -39.98 69.80
C VAL N 56 25.59 -39.86 70.29
N GLU N 57 25.97 -40.73 71.21
CA GLU N 57 27.30 -40.73 71.78
C GLU N 57 27.99 -41.98 71.30
N ALA N 58 29.19 -41.81 70.74
CA ALA N 58 29.91 -42.90 70.08
C ALA N 58 31.35 -42.99 70.61
N GLU N 59 31.99 -44.12 70.36
CA GLU N 59 33.38 -44.31 70.77
C GLU N 59 34.28 -43.67 69.72
N THR N 60 35.06 -42.67 70.13
CA THR N 60 36.00 -41.98 69.24
C THR N 60 36.96 -42.99 68.60
N PRO N 61 36.91 -43.20 67.28
CA PRO N 61 37.78 -44.23 66.69
C PRO N 61 39.25 -43.88 66.82
N ARG N 62 40.07 -44.90 66.62
CA ARG N 62 41.50 -44.78 66.77
C ARG N 62 42.16 -45.13 65.44
N PRO N 63 43.20 -44.41 65.04
CA PRO N 63 43.79 -44.63 63.72
C PRO N 63 44.74 -45.80 63.73
N GLY N 64 44.55 -46.72 62.78
CA GLY N 64 45.43 -47.85 62.61
C GLY N 64 46.59 -47.48 61.71
N PRO N 65 47.36 -48.49 61.30
CA PRO N 65 48.48 -48.22 60.39
C PRO N 65 48.00 -47.63 59.07
N GLY N 66 48.64 -46.53 58.68
CA GLY N 66 48.31 -45.85 57.46
C GLY N 66 47.12 -44.92 57.55
N GLU N 67 46.56 -44.73 58.73
CA GLU N 67 45.36 -43.95 58.90
C GLU N 67 45.67 -42.71 59.72
N VAL N 68 44.78 -41.72 59.61
CA VAL N 68 44.81 -40.54 60.46
C VAL N 68 43.42 -40.38 61.06
N LEU N 69 43.39 -39.82 62.26
CA LEU N 69 42.16 -39.44 62.94
C LEU N 69 41.96 -37.94 62.76
N ILE N 70 40.75 -37.54 62.37
CA ILE N 70 40.45 -36.16 62.00
C ILE N 70 39.32 -35.65 62.89
N ARG N 71 39.62 -34.60 63.65
CA ARG N 71 38.60 -33.74 64.22
C ARG N 71 37.92 -32.99 63.06
N VAL N 72 36.67 -33.32 62.82
CA VAL N 72 35.94 -32.81 61.66
C VAL N 72 35.44 -31.41 61.98
N LYS N 73 35.73 -30.46 61.11
CA LYS N 73 35.20 -29.10 61.24
C LYS N 73 34.02 -28.83 60.31
N TYR N 74 34.06 -29.27 59.05
CA TYR N 74 32.94 -29.01 58.15
C TYR N 74 32.71 -30.23 57.26
N ALA N 75 31.45 -30.46 56.92
CA ALA N 75 31.05 -31.64 56.20
C ALA N 75 29.94 -31.22 55.26
N GLY N 76 30.04 -31.60 53.96
CA GLY N 76 29.05 -31.19 52.98
C GLY N 76 27.75 -31.95 53.13
N VAL N 77 26.68 -31.35 52.62
CA VAL N 77 25.35 -31.99 52.57
C VAL N 77 25.02 -32.19 51.10
N ASN N 78 24.98 -33.45 50.67
CA ASN N 78 24.84 -33.85 49.28
C ASN N 78 23.71 -34.85 49.13
N PRO N 79 23.11 -34.94 47.94
CA PRO N 79 22.17 -36.04 47.65
C PRO N 79 22.69 -37.41 48.06
N LEU N 80 23.98 -37.67 47.87
CA LEU N 80 24.54 -38.95 48.29
C LEU N 80 24.30 -39.20 49.77
N ASP N 81 24.61 -38.21 50.61
CA ASP N 81 24.37 -38.31 52.05
C ASP N 81 22.88 -38.56 52.33
N TYR N 82 22.00 -37.77 51.70
CA TYR N 82 20.57 -37.95 51.86
C TYR N 82 20.17 -39.40 51.63
N ASN N 83 20.55 -39.93 50.45
CA ASN N 83 20.08 -41.23 50.03
C ASN N 83 20.70 -42.34 50.87
N VAL N 84 21.89 -42.12 51.44
CA VAL N 84 22.44 -43.06 52.43
C VAL N 84 21.49 -43.16 53.64
N VAL N 85 21.14 -42.00 54.21
CA VAL N 85 20.29 -41.98 55.40
C VAL N 85 18.90 -42.49 55.07
N ALA N 86 18.45 -42.32 53.83
CA ALA N 86 17.07 -42.69 53.50
C ALA N 86 16.92 -44.19 53.24
N GLY N 87 18.00 -44.85 52.84
CA GLY N 87 18.02 -46.29 52.63
C GLY N 87 18.27 -46.73 51.21
N ALA N 88 18.22 -45.79 50.24
CA ALA N 88 18.35 -46.11 48.81
C ALA N 88 19.77 -46.50 48.42
N VAL N 89 20.76 -46.05 49.19
CA VAL N 89 22.13 -46.47 49.04
C VAL N 89 22.46 -47.17 50.34
N LYS N 90 22.76 -48.46 50.26
CA LYS N 90 23.08 -49.20 51.47
C LYS N 90 24.44 -48.76 51.99
N ALA N 91 24.68 -49.03 53.28
CA ALA N 91 25.84 -48.52 54.02
C ALA N 91 26.32 -49.55 55.04
N SER N 92 27.54 -49.33 55.54
CA SER N 92 28.14 -50.18 56.56
C SER N 92 29.28 -49.42 57.21
N PRO N 93 29.54 -49.56 58.51
CA PRO N 93 28.76 -50.50 59.34
C PRO N 93 27.46 -49.87 59.81
N MET N 94 26.62 -50.72 60.42
CA MET N 94 25.35 -50.34 61.07
C MET N 94 25.44 -50.58 62.59
N PRO N 95 24.99 -49.66 63.45
CA PRO N 95 24.37 -48.40 63.00
C PRO N 95 25.41 -47.50 62.34
N HIS N 96 24.94 -46.54 61.56
CA HIS N 96 25.80 -45.86 60.60
C HIS N 96 25.92 -44.36 60.85
N ILE N 97 27.14 -43.84 60.77
CA ILE N 97 27.41 -42.41 60.73
C ILE N 97 27.63 -42.02 59.27
N PRO N 98 26.72 -41.28 58.63
CA PRO N 98 26.91 -40.85 57.24
C PRO N 98 27.89 -39.68 57.12
N GLY N 99 28.10 -39.24 55.88
CA GLY N 99 28.90 -38.07 55.59
C GLY N 99 30.17 -38.34 54.81
N SER N 100 30.13 -38.12 53.50
CA SER N 100 31.27 -38.50 52.67
C SER N 100 32.09 -37.31 52.19
N GLU N 101 31.65 -36.08 52.48
CA GLU N 101 32.38 -34.89 52.07
C GLU N 101 32.73 -34.04 53.29
N PHE N 102 33.97 -34.14 53.78
CA PHE N 102 34.35 -33.36 54.95
C PHE N 102 35.80 -32.88 54.89
N ALA N 103 36.09 -31.91 55.75
CA ALA N 103 37.41 -31.36 55.97
C ALA N 103 37.53 -31.09 57.47
N GLY N 104 38.76 -31.03 57.97
CA GLY N 104 38.95 -30.93 59.40
C GLY N 104 40.41 -30.81 59.74
N VAL N 105 40.77 -31.11 61.00
CA VAL N 105 42.15 -30.99 61.48
C VAL N 105 42.61 -32.35 62.00
N VAL N 106 43.88 -32.68 61.73
CA VAL N 106 44.40 -33.98 62.12
C VAL N 106 44.58 -34.01 63.63
N GLU N 107 43.95 -35.01 64.29
CA GLU N 107 44.12 -35.17 65.73
C GLU N 107 45.25 -36.10 66.09
N GLU N 108 45.41 -37.18 65.32
CA GLU N 108 46.36 -38.25 65.62
C GLU N 108 46.74 -38.92 64.30
N ALA N 109 48.03 -39.07 64.07
CA ALA N 109 48.50 -40.01 63.06
C ALA N 109 48.71 -41.39 63.69
N GLY N 110 48.51 -42.42 62.89
CA GLY N 110 48.68 -43.76 63.32
C GLY N 110 50.12 -44.20 63.14
N PRO N 111 50.38 -45.46 63.43
CA PRO N 111 51.74 -45.99 63.23
C PRO N 111 52.15 -45.92 61.76
N GLY N 112 53.33 -45.33 61.52
CA GLY N 112 53.95 -45.31 60.21
C GLY N 112 53.55 -44.15 59.33
N VAL N 113 52.59 -43.34 59.77
CA VAL N 113 52.13 -42.22 58.97
C VAL N 113 53.13 -41.08 59.10
N THR N 114 53.66 -40.65 57.97
CA THR N 114 54.48 -39.45 57.90
C THR N 114 53.97 -38.57 56.77
N GLY N 115 54.43 -37.32 56.74
CA GLY N 115 53.86 -36.38 55.80
C GLY N 115 52.53 -35.80 56.20
N VAL N 116 51.97 -36.22 57.32
CA VAL N 116 50.82 -35.55 57.94
C VAL N 116 51.08 -35.49 59.43
N SER N 117 50.78 -34.35 60.05
CA SER N 117 51.03 -34.15 61.47
C SER N 117 49.76 -33.73 62.21
N ARG N 118 49.81 -33.90 63.53
CA ARG N 118 48.77 -33.37 64.38
C ARG N 118 48.78 -31.85 64.26
N GLY N 119 47.61 -31.25 64.05
CA GLY N 119 47.49 -29.84 63.83
C GLY N 119 47.25 -29.45 62.39
N ASP N 120 47.61 -30.30 61.43
CA ASP N 120 47.49 -29.94 60.01
C ASP N 120 46.02 -29.88 59.59
N PRO N 121 45.57 -28.78 59.01
CA PRO N 121 44.25 -28.78 58.34
C PRO N 121 44.25 -29.63 57.08
N VAL N 122 43.16 -30.39 56.89
CA VAL N 122 43.05 -31.35 55.80
C VAL N 122 41.64 -31.39 55.22
N VAL N 123 41.58 -31.81 53.95
CA VAL N 123 40.35 -32.16 53.26
C VAL N 123 40.54 -33.54 52.64
N VAL N 124 39.44 -34.29 52.60
CA VAL N 124 39.46 -35.75 52.48
C VAL N 124 38.93 -36.17 51.12
N TYR N 125 39.80 -36.82 50.33
CA TYR N 125 39.37 -37.52 49.13
C TYR N 125 38.55 -38.76 49.52
N ASN N 126 37.35 -38.88 48.98
CA ASN N 126 36.35 -39.79 49.53
C ASN N 126 36.31 -41.17 48.89
N ARG N 127 37.13 -41.47 47.90
CA ARG N 127 37.16 -42.81 47.31
C ARG N 127 38.27 -43.61 47.94
N LEU N 128 37.95 -44.85 48.30
CA LEU N 128 38.99 -45.77 48.74
C LEU N 128 39.68 -46.35 47.51
N TYR N 129 41.02 -46.38 47.53
CA TYR N 129 41.77 -46.83 46.36
C TYR N 129 43.02 -47.61 46.80
N CYS N 130 43.28 -48.70 46.08
CA CYS N 130 44.37 -49.62 46.40
C CYS N 130 45.73 -49.12 45.93
N GLY N 131 45.77 -48.32 44.86
CA GLY N 131 47.04 -47.83 44.35
C GLY N 131 47.87 -48.83 43.57
N HIS N 132 47.31 -49.98 43.17
CA HIS N 132 48.10 -50.98 42.45
CA HIS N 132 48.09 -50.99 42.46
C HIS N 132 47.40 -51.59 41.23
N CYS N 133 46.06 -51.52 41.12
CA CYS N 133 45.33 -52.09 40.00
C CYS N 133 45.53 -51.26 38.73
N ARG N 134 44.97 -51.73 37.61
CA ARG N 134 45.09 -50.98 36.36
C ARG N 134 44.57 -49.56 36.52
N GLN N 135 43.40 -49.42 37.15
CA GLN N 135 42.74 -48.12 37.23
C GLN N 135 43.56 -47.14 38.07
N CYS N 136 44.00 -47.58 39.25
CA CYS N 136 44.82 -46.72 40.10
C CYS N 136 46.11 -46.32 39.41
N LEU N 137 46.73 -47.25 38.69
CA LEU N 137 48.07 -46.95 38.17
C LEU N 137 48.01 -45.95 37.04
N THR N 138 46.94 -45.94 36.24
CA THR N 138 46.75 -44.93 35.22
C THR N 138 46.10 -43.64 35.73
N GLY N 139 45.88 -43.51 37.05
CA GLY N 139 45.32 -42.30 37.63
C GLY N 139 43.83 -42.31 37.91
N TRP N 140 43.08 -43.27 37.36
CA TRP N 140 41.63 -43.36 37.56
C TRP N 140 41.29 -44.05 38.88
N THR N 141 41.75 -43.45 39.97
CA THR N 141 41.62 -44.11 41.27
C THR N 141 40.18 -44.26 41.72
N GLN N 142 39.25 -43.46 41.19
CA GLN N 142 37.87 -43.62 41.59
C GLN N 142 37.25 -44.89 41.02
N MET N 143 37.88 -45.47 40.00
CA MET N 143 37.43 -46.70 39.37
C MET N 143 38.18 -47.92 39.89
N CYS N 144 38.87 -47.81 41.04
CA CYS N 144 39.70 -48.90 41.56
C CYS N 144 39.00 -50.26 41.53
N GLU N 145 39.72 -51.25 41.04
CA GLU N 145 39.13 -52.55 40.79
C GLU N 145 38.96 -53.32 42.10
N VAL N 146 39.85 -53.05 43.06
CA VAL N 146 39.92 -53.82 44.30
C VAL N 146 38.90 -53.34 45.34
N THR N 147 38.66 -52.02 45.47
CA THR N 147 37.75 -51.54 46.49
C THR N 147 36.34 -51.35 45.96
N GLY N 148 36.16 -51.44 44.65
CA GLY N 148 34.88 -51.20 44.02
C GLY N 148 34.41 -49.75 44.05
N GLY N 149 35.32 -48.78 44.10
CA GLY N 149 34.89 -47.40 44.37
C GLY N 149 34.03 -47.27 45.61
N GLY N 150 34.37 -48.03 46.66
CA GLY N 150 33.82 -47.75 47.97
C GLY N 150 34.19 -46.34 48.41
N ILE N 151 33.21 -45.68 48.98
CA ILE N 151 33.25 -44.27 49.32
C ILE N 151 33.25 -44.16 50.84
N ILE N 152 34.22 -43.41 51.38
CA ILE N 152 34.21 -43.05 52.80
C ILE N 152 32.88 -42.42 53.17
N GLY N 153 32.37 -42.79 54.36
CA GLY N 153 31.04 -42.38 54.80
C GLY N 153 29.93 -43.33 54.38
N ILE N 154 30.20 -44.24 53.46
CA ILE N 154 29.24 -45.21 52.97
C ILE N 154 29.62 -46.62 53.40
N VAL N 155 30.84 -47.07 53.07
CA VAL N 155 31.42 -48.31 53.57
C VAL N 155 32.37 -48.07 54.73
N THR N 156 32.47 -46.82 55.21
CA THR N 156 33.11 -46.47 56.48
C THR N 156 32.21 -45.49 57.22
N GLN N 157 32.55 -45.26 58.49
CA GLN N 157 31.82 -44.28 59.29
C GLN N 157 32.35 -42.91 58.91
N GLY N 158 31.44 -41.96 58.66
CA GLY N 158 31.76 -40.71 58.02
C GLY N 158 31.93 -39.53 58.95
N GLY N 159 31.81 -38.32 58.37
CA GLY N 159 32.14 -37.09 59.02
C GLY N 159 30.99 -36.28 59.60
N TYR N 160 29.74 -36.77 59.56
CA TYR N 160 28.67 -36.19 60.38
C TYR N 160 28.85 -36.63 61.85
N ALA N 161 29.97 -36.21 62.42
CA ALA N 161 30.43 -36.67 63.72
C ALA N 161 31.71 -35.91 64.06
N GLU N 162 31.96 -35.67 65.35
CA GLU N 162 33.10 -34.83 65.75
C GLU N 162 34.43 -35.37 65.25
N TYR N 163 34.54 -36.70 65.07
CA TYR N 163 35.78 -37.31 64.62
C TYR N 163 35.47 -38.36 63.58
N ALA N 164 36.47 -38.63 62.75
CA ALA N 164 36.41 -39.66 61.72
C ALA N 164 37.83 -40.08 61.41
N VAL N 165 37.96 -41.36 61.05
CA VAL N 165 39.23 -41.96 60.64
C VAL N 165 39.16 -42.17 59.14
N VAL N 166 40.25 -41.83 58.45
CA VAL N 166 40.39 -42.06 57.01
C VAL N 166 41.82 -42.48 56.74
N PRO N 167 42.08 -43.08 55.57
CA PRO N 167 43.46 -43.40 55.17
C PRO N 167 44.30 -42.14 54.98
N ALA N 168 45.49 -42.16 55.58
CA ALA N 168 46.38 -41.01 55.52
C ALA N 168 46.48 -40.46 54.10
N LYS N 169 46.64 -41.35 53.12
CA LYS N 169 46.84 -40.94 51.75
C LYS N 169 45.62 -40.26 51.16
N ASN N 170 44.45 -40.35 51.82
CA ASN N 170 43.24 -39.66 51.41
C ASN N 170 43.15 -38.24 51.97
N ALA N 171 44.06 -37.86 52.85
CA ALA N 171 43.96 -36.56 53.54
C ALA N 171 44.91 -35.57 52.88
N VAL N 172 44.33 -34.55 52.22
CA VAL N 172 45.10 -33.54 51.50
C VAL N 172 45.25 -32.30 52.38
N ALA N 173 46.49 -32.01 52.79
CA ALA N 173 46.83 -30.74 53.41
C ALA N 173 46.33 -29.58 52.57
N THR N 174 45.83 -28.56 53.23
CA THR N 174 45.36 -27.38 52.53
C THR N 174 45.49 -26.19 53.48
N ARG N 175 45.68 -25.01 52.91
CA ARG N 175 45.68 -23.75 53.65
C ARG N 175 44.41 -22.95 53.42
N ALA N 176 43.42 -23.55 52.78
CA ALA N 176 42.17 -22.87 52.54
C ALA N 176 41.32 -22.94 53.79
N ASP N 177 40.33 -22.06 53.83
CA ASP N 177 39.27 -22.08 54.83
C ASP N 177 38.54 -23.40 54.75
N LEU N 178 38.53 -24.17 55.86
CA LEU N 178 37.96 -25.51 55.83
C LEU N 178 36.48 -25.50 55.46
N LYS N 179 35.76 -24.45 55.80
CA LYS N 179 34.41 -24.23 55.30
C LYS N 179 34.38 -24.44 53.79
N GLU N 180 35.24 -23.72 53.08
CA GLU N 180 35.27 -23.80 51.63
C GLU N 180 35.84 -25.14 51.14
N ALA N 181 36.84 -25.67 51.84
CA ALA N 181 37.47 -26.91 51.43
C ALA N 181 36.49 -28.07 51.41
N ALA N 182 35.49 -28.03 52.29
CA ALA N 182 34.55 -29.12 52.43
C ALA N 182 33.48 -29.13 51.34
N THR N 183 33.48 -28.18 50.42
CA THR N 183 32.63 -28.25 49.25
C THR N 183 33.33 -28.93 48.07
N LEU N 184 34.56 -29.41 48.28
CA LEU N 184 35.46 -29.89 47.23
C LEU N 184 35.38 -31.40 46.97
N PRO N 185 35.39 -32.28 48.00
CA PRO N 185 35.50 -33.73 47.73
C PRO N 185 34.38 -34.33 46.90
N ILE N 186 33.15 -33.77 46.93
CA ILE N 186 32.03 -34.24 46.12
C ILE N 186 31.71 -33.23 45.02
N GLY N 187 31.21 -32.05 45.40
CA GLY N 187 30.73 -31.06 44.46
C GLY N 187 31.74 -30.53 43.45
N ALA N 188 32.83 -29.91 43.90
CA ALA N 188 33.84 -29.42 42.97
C ALA N 188 34.52 -30.55 42.20
N LEU N 189 35.05 -31.55 42.91
CA LEU N 189 35.81 -32.63 42.24
C LEU N 189 34.96 -33.34 41.20
N THR N 190 33.73 -33.73 41.55
CA THR N 190 32.86 -34.38 40.58
C THR N 190 32.67 -33.51 39.35
N ALA N 191 32.48 -32.20 39.57
CA ALA N 191 32.27 -31.29 38.44
C ALA N 191 33.54 -31.08 37.60
N TRP N 192 34.71 -31.17 38.21
CA TRP N 192 35.93 -31.08 37.45
C TRP N 192 36.08 -32.31 36.59
N ASN N 193 35.65 -33.45 37.14
CA ASN N 193 35.84 -34.69 36.41
C ASN N 193 34.94 -34.71 35.19
N MET N 194 33.72 -34.19 35.32
CA MET N 194 32.82 -34.04 34.16
C MET N 194 33.44 -33.13 33.10
N ALA N 195 33.87 -31.95 33.53
CA ALA N 195 34.43 -30.99 32.60
C ALA N 195 35.68 -31.55 31.93
N TYR N 196 36.52 -32.23 32.70
CA TYR N 196 37.75 -32.80 32.16
C TYR N 196 37.44 -33.85 31.09
N ARG N 197 36.43 -34.69 31.31
CA ARG N 197 36.05 -35.74 30.38
C ARG N 197 35.26 -35.22 29.21
N ALA N 198 34.99 -33.92 29.18
CA ALA N 198 34.26 -33.27 28.13
C ALA N 198 35.16 -32.68 27.04
N SER N 199 36.49 -32.65 27.26
CA SER N 199 37.44 -31.99 26.34
C SER N 199 36.95 -30.63 25.82
N ILE N 200 36.68 -29.71 26.76
CA ILE N 200 36.27 -28.36 26.38
C ILE N 200 37.47 -27.64 25.75
N SER N 201 37.27 -27.09 24.52
CA SER N 201 38.26 -26.28 23.80
C SER N 201 37.86 -24.82 23.90
N PRO N 202 38.81 -23.90 23.97
CA PRO N 202 38.45 -22.49 24.16
C PRO N 202 37.50 -22.00 23.07
N GLY N 203 36.46 -21.31 23.50
CA GLY N 203 35.45 -20.84 22.60
C GLY N 203 34.32 -21.82 22.34
N GLU N 204 34.42 -23.05 22.84
CA GLU N 204 33.29 -23.96 22.76
C GLU N 204 32.12 -23.45 23.61
N LYS N 205 30.92 -23.70 23.11
CA LYS N 205 29.69 -23.32 23.80
C LYS N 205 29.29 -24.44 24.74
N VAL N 206 29.41 -24.16 26.04
CA VAL N 206 29.18 -25.13 27.11
C VAL N 206 27.89 -24.74 27.84
N ALA N 207 26.96 -25.68 27.89
CA ALA N 207 25.73 -25.55 28.67
C ALA N 207 25.86 -26.43 29.90
N VAL N 208 25.51 -25.88 31.07
CA VAL N 208 25.52 -26.58 32.36
C VAL N 208 24.07 -26.69 32.83
N VAL N 209 23.59 -27.91 32.97
CA VAL N 209 22.24 -28.12 33.49
C VAL N 209 22.33 -28.37 34.97
N GLY N 210 21.44 -27.73 35.72
CA GLY N 210 21.52 -27.79 37.16
C GLY N 210 22.63 -26.93 37.70
N ALA N 211 22.95 -25.85 36.98
CA ALA N 211 24.05 -24.94 37.34
C ALA N 211 23.91 -24.37 38.75
N THR N 212 22.67 -24.25 39.28
CA THR N 212 22.45 -23.85 40.69
C THR N 212 22.86 -24.90 41.72
N GLY N 213 22.97 -26.18 41.35
CA GLY N 213 23.19 -27.26 42.30
C GLY N 213 24.60 -27.28 42.86
N ASN N 214 24.87 -28.27 43.72
CA ASN N 214 26.23 -28.40 44.29
C ASN N 214 27.26 -28.65 43.19
N VAL N 215 26.98 -29.58 42.29
CA VAL N 215 27.90 -29.89 41.20
C VAL N 215 27.86 -28.78 40.16
N GLY N 216 26.67 -28.33 39.79
CA GLY N 216 26.55 -27.35 38.71
C GLY N 216 27.27 -26.04 39.00
N ILE N 217 27.20 -25.54 40.23
CA ILE N 217 27.83 -24.25 40.51
C ILE N 217 29.36 -24.31 40.26
N TYR N 218 29.98 -25.49 40.46
CA TYR N 218 31.39 -25.67 40.11
C TYR N 218 31.62 -26.03 38.65
N ALA N 219 30.69 -26.78 38.02
CA ALA N 219 30.82 -27.05 36.59
C ALA N 219 30.84 -25.74 35.79
N VAL N 220 29.98 -24.79 36.15
CA VAL N 220 30.08 -23.46 35.55
C VAL N 220 31.51 -22.94 35.63
N GLN N 221 32.16 -23.13 36.78
CA GLN N 221 33.45 -22.50 37.00
C GLN N 221 34.54 -23.16 36.17
N PHE N 222 34.59 -24.49 36.19
CA PHE N 222 35.61 -25.21 35.42
C PHE N 222 35.43 -25.02 33.91
N ALA N 223 34.19 -25.12 33.44
CA ALA N 223 33.88 -24.81 32.05
C ALA N 223 34.45 -23.44 31.63
N LYS N 224 34.32 -22.42 32.48
CA LYS N 224 34.89 -21.11 32.19
C LYS N 224 36.41 -21.15 32.25
N LEU N 225 36.95 -21.82 33.26
CA LEU N 225 38.39 -21.90 33.42
C LEU N 225 39.05 -22.56 32.22
N LEU N 226 38.37 -23.48 31.54
CA LEU N 226 38.94 -24.20 30.42
C LEU N 226 38.78 -23.42 29.11
N GLY N 227 38.17 -22.24 29.16
CA GLY N 227 38.04 -21.37 28.02
C GLY N 227 36.67 -21.34 27.40
N GLY N 228 35.70 -22.02 27.98
CA GLY N 228 34.41 -22.11 27.33
C GLY N 228 33.59 -20.83 27.46
N GLU N 229 32.64 -20.68 26.53
CA GLU N 229 31.54 -19.75 26.65
C GLU N 229 30.38 -20.49 27.36
N VAL N 230 30.01 -20.03 28.56
CA VAL N 230 29.25 -20.84 29.52
C VAL N 230 27.82 -20.35 29.66
N TYR N 231 26.86 -21.22 29.34
CA TYR N 231 25.43 -20.97 29.50
C TYR N 231 24.90 -21.81 30.65
N ALA N 232 24.43 -21.14 31.70
CA ALA N 232 23.91 -21.81 32.90
C ALA N 232 22.42 -21.92 32.72
N ILE N 233 21.87 -23.11 32.92
CA ILE N 233 20.48 -23.39 32.65
C ILE N 233 19.77 -23.59 33.98
N SER N 234 18.58 -22.98 34.12
CA SER N 234 17.85 -22.97 35.40
C SER N 234 16.37 -22.76 35.16
N ARG N 235 15.55 -23.48 35.92
CA ARG N 235 14.10 -23.32 35.90
C ARG N 235 13.65 -22.08 36.67
N ARG N 236 14.57 -21.40 37.35
CA ARG N 236 14.30 -20.26 38.24
C ARG N 236 15.29 -19.16 37.92
N LYS N 237 15.40 -18.87 36.63
CA LYS N 237 16.40 -17.93 36.14
C LYS N 237 16.27 -16.61 36.87
N ALA N 238 15.05 -16.05 36.91
CA ALA N 238 14.87 -14.72 37.45
C ALA N 238 15.42 -14.61 38.86
N LYS N 239 15.35 -15.70 39.63
CA LYS N 239 15.84 -15.68 41.01
C LYS N 239 17.38 -15.81 41.13
N VAL N 240 18.06 -16.50 40.22
CA VAL N 240 19.45 -16.93 40.44
C VAL N 240 20.43 -16.29 39.46
N GLU N 241 19.96 -15.47 38.55
CA GLU N 241 20.80 -15.01 37.45
C GLU N 241 22.07 -14.34 37.93
N SER N 242 22.01 -13.53 38.98
CA SER N 242 23.19 -12.75 39.35
C SER N 242 24.22 -13.60 40.09
N ILE N 243 23.76 -14.65 40.79
CA ILE N 243 24.70 -15.55 41.48
C ILE N 243 25.42 -16.41 40.46
N LEU N 244 24.71 -16.89 39.44
CA LEU N 244 25.34 -17.73 38.44
C LEU N 244 26.32 -16.92 37.60
N LYS N 245 26.04 -15.63 37.35
CA LYS N 245 26.96 -14.78 36.59
C LYS N 245 28.22 -14.46 37.40
N SER N 246 28.09 -14.29 38.70
CA SER N 246 29.26 -14.11 39.53
C SER N 246 30.03 -15.41 39.67
N ALA N 247 29.40 -16.54 39.34
CA ALA N 247 30.16 -17.78 39.27
C ALA N 247 30.88 -17.93 37.96
N GLY N 248 30.60 -17.07 36.98
CA GLY N 248 31.34 -17.02 35.73
C GLY N 248 30.50 -17.34 34.51
N ALA N 249 29.21 -17.61 34.68
CA ALA N 249 28.36 -17.84 33.53
C ALA N 249 28.32 -16.58 32.68
N ASP N 250 28.55 -16.76 31.37
CA ASP N 250 28.37 -15.65 30.43
C ASP N 250 26.90 -15.36 30.19
N ALA N 251 26.03 -16.36 30.32
CA ALA N 251 24.60 -16.15 30.25
C ALA N 251 23.89 -17.17 31.12
N VAL N 252 22.68 -16.83 31.50
CA VAL N 252 21.82 -17.71 32.29
C VAL N 252 20.51 -17.87 31.49
N LEU N 253 20.09 -19.10 31.31
CA LEU N 253 19.05 -19.43 30.34
C LEU N 253 17.97 -20.29 30.99
N THR N 254 16.71 -19.99 30.67
CA THR N 254 15.65 -20.93 30.97
C THR N 254 15.71 -22.09 29.98
N PRO N 255 15.04 -23.19 30.30
CA PRO N 255 14.91 -24.30 29.34
C PRO N 255 14.59 -23.88 27.91
N ASP N 256 13.62 -22.97 27.72
CA ASP N 256 13.20 -22.67 26.35
C ASP N 256 14.18 -21.75 25.66
N GLU N 257 14.91 -20.91 26.41
CA GLU N 257 15.99 -20.13 25.84
C GLU N 257 17.17 -21.01 25.44
N ALA N 258 17.46 -22.06 26.23
CA ALA N 258 18.48 -23.03 25.85
C ALA N 258 18.16 -23.66 24.48
N LYS N 259 16.88 -23.98 24.23
CA LYS N 259 16.52 -24.48 22.90
C LYS N 259 16.82 -23.46 21.81
N SER N 260 16.59 -22.17 22.09
CA SER N 260 16.85 -21.16 21.09
C SER N 260 18.34 -20.88 20.91
N ALA N 261 19.13 -21.17 21.91
CA ALA N 261 20.56 -20.89 21.89
C ALA N 261 21.38 -22.05 21.31
N ALA N 262 20.74 -23.15 20.92
CA ALA N 262 21.43 -24.30 20.35
C ALA N 262 21.98 -23.89 18.99
N PRO N 263 23.01 -24.57 18.50
CA PRO N 263 23.56 -25.76 19.15
C PRO N 263 24.65 -25.47 20.18
N PHE N 264 24.96 -26.50 20.97
CA PHE N 264 26.01 -26.45 21.98
C PHE N 264 27.02 -27.56 21.71
N ASP N 265 28.29 -27.26 22.01
CA ASP N 265 29.36 -28.23 21.87
C ASP N 265 29.39 -29.19 23.04
N VAL N 266 29.25 -28.67 24.27
CA VAL N 266 29.27 -29.50 25.47
C VAL N 266 28.02 -29.19 26.28
N VAL N 267 27.39 -30.24 26.78
CA VAL N 267 26.34 -30.12 27.80
C VAL N 267 26.80 -30.93 29.01
N LEU N 268 26.98 -30.25 30.14
CA LEU N 268 27.31 -30.87 31.41
C LEU N 268 26.01 -30.90 32.20
N ASP N 269 25.52 -32.09 32.49
CA ASP N 269 24.13 -32.27 32.95
C ASP N 269 24.07 -33.54 33.76
N PRO N 270 24.13 -33.43 35.10
CA PRO N 270 23.96 -34.62 35.95
C PRO N 270 22.54 -34.79 36.51
N THR N 271 21.52 -34.21 35.85
CA THR N 271 20.17 -34.20 36.39
C THR N 271 19.32 -35.40 35.96
N GLY N 272 19.65 -36.08 34.87
CA GLY N 272 19.01 -37.34 34.52
C GLY N 272 17.88 -37.18 33.52
N SER N 273 16.96 -38.16 33.57
CA SER N 273 16.06 -38.38 32.44
C SER N 273 15.10 -37.23 32.21
N ALA N 274 14.72 -36.49 33.25
CA ALA N 274 13.79 -35.38 33.03
C ALA N 274 14.36 -34.27 32.16
N SER N 275 15.69 -34.18 32.04
CA SER N 275 16.37 -33.15 31.25
C SER N 275 16.96 -33.70 29.96
N TRP N 276 16.89 -35.03 29.77
CA TRP N 276 17.53 -35.68 28.61
C TRP N 276 17.06 -35.12 27.27
N ASP N 277 15.76 -34.98 27.05
CA ASP N 277 15.33 -34.54 25.71
C ASP N 277 15.95 -33.19 25.37
N LEU N 278 16.05 -32.29 26.34
CA LEU N 278 16.62 -30.96 26.09
C LEU N 278 18.13 -31.05 25.89
N SER N 279 18.78 -31.78 26.78
CA SER N 279 20.23 -31.77 26.82
C SER N 279 20.82 -32.43 25.59
N PHE N 280 20.25 -33.55 25.15
CA PHE N 280 20.71 -34.28 23.98
C PHE N 280 20.27 -33.58 22.69
N GLY N 281 19.16 -32.86 22.72
CA GLY N 281 18.64 -32.21 21.53
C GLY N 281 19.24 -30.87 21.21
N VAL N 282 19.94 -30.22 22.15
CA VAL N 282 20.65 -28.98 21.86
C VAL N 282 22.12 -29.17 21.48
N LEU N 283 22.63 -30.39 21.55
CA LEU N 283 23.98 -30.71 21.11
C LEU N 283 24.13 -30.51 19.61
N GLY N 284 25.25 -29.90 19.22
CA GLY N 284 25.64 -29.81 17.83
C GLY N 284 26.57 -30.96 17.42
N ARG N 285 27.12 -30.84 16.21
CA ARG N 285 28.05 -31.83 15.70
C ARG N 285 29.24 -32.00 16.63
N GLY N 286 29.67 -33.25 16.81
CA GLY N 286 30.71 -33.53 17.78
C GLY N 286 30.32 -33.25 19.23
N GLY N 287 29.04 -32.95 19.48
CA GLY N 287 28.62 -32.55 20.82
C GLY N 287 28.85 -33.65 21.85
N ARG N 288 29.22 -33.24 23.06
CA ARG N 288 29.45 -34.16 24.15
C ARG N 288 28.44 -33.86 25.26
N TYR N 289 27.65 -34.87 25.61
CA TYR N 289 26.84 -34.87 26.83
C TYR N 289 27.64 -35.60 27.88
N VAL N 290 27.80 -34.97 29.05
CA VAL N 290 28.50 -35.59 30.18
C VAL N 290 27.58 -35.58 31.40
N THR N 291 27.44 -36.74 32.02
CA THR N 291 26.66 -36.85 33.25
C THR N 291 27.44 -37.59 34.30
N ALA N 292 27.26 -37.14 35.54
CA ALA N 292 27.72 -37.86 36.73
C ALA N 292 26.57 -38.30 37.63
N GLY N 293 25.32 -38.16 37.18
CA GLY N 293 24.19 -38.35 38.07
C GLY N 293 22.91 -38.74 37.37
N ALA N 294 21.96 -39.16 38.20
CA ALA N 294 20.66 -39.56 37.72
C ALA N 294 19.52 -38.95 38.57
N LEU N 295 19.73 -37.72 39.08
CA LEU N 295 18.78 -37.06 39.96
C LEU N 295 17.32 -37.32 39.63
N THR N 296 16.88 -37.07 38.39
CA THR N 296 15.46 -37.17 38.05
C THR N 296 15.06 -38.48 37.39
N GLY N 297 15.93 -39.47 37.43
CA GLY N 297 15.68 -40.74 36.75
C GLY N 297 16.88 -41.17 35.92
N ALA N 298 17.07 -42.49 35.85
CA ALA N 298 18.29 -43.07 35.32
C ALA N 298 18.17 -43.53 33.88
N GLU N 299 16.96 -43.67 33.34
CA GLU N 299 16.72 -44.31 32.05
C GLU N 299 16.25 -43.31 31.00
N VAL N 300 16.89 -43.35 29.84
CA VAL N 300 16.56 -42.45 28.74
C VAL N 300 16.50 -43.28 27.46
N ARG N 301 15.65 -42.84 26.51
CA ARG N 301 15.57 -43.44 25.17
C ARG N 301 16.62 -42.73 24.32
N LEU N 302 17.71 -43.42 24.01
CA LEU N 302 18.77 -42.89 23.18
C LEU N 302 18.56 -43.35 21.75
N ASP N 303 18.53 -42.38 20.85
CA ASP N 303 18.41 -42.61 19.42
C ASP N 303 19.81 -42.75 18.83
N LEU N 304 20.15 -43.96 18.38
CA LEU N 304 21.47 -44.16 17.79
C LEU N 304 21.60 -43.46 16.45
N ARG N 305 20.52 -43.33 15.66
CA ARG N 305 20.65 -42.66 14.36
C ARG N 305 21.21 -41.25 14.56
N ARG N 306 20.65 -40.52 15.52
CA ARG N 306 21.10 -39.15 15.77
C ARG N 306 22.48 -39.13 16.42
N LEU N 307 22.76 -40.09 17.32
CA LEU N 307 24.09 -40.21 17.90
C LEU N 307 25.17 -40.30 16.81
N TYR N 308 25.04 -41.27 15.88
CA TYR N 308 26.03 -41.40 14.81
C TYR N 308 25.87 -40.33 13.72
N GLY N 309 24.67 -39.82 13.48
CA GLY N 309 24.54 -38.78 12.48
C GLY N 309 25.25 -37.48 12.86
N MET N 310 25.29 -37.16 14.16
CA MET N 310 25.89 -35.95 14.69
C MET N 310 27.26 -36.19 15.31
N GLN N 311 27.71 -37.45 15.41
CA GLN N 311 28.98 -37.80 16.06
C GLN N 311 29.01 -37.28 17.48
N ILE N 312 27.89 -37.41 18.16
CA ILE N 312 27.78 -37.05 19.55
C ILE N 312 28.45 -38.13 20.39
N LEU N 313 29.04 -37.72 21.52
CA LEU N 313 29.48 -38.64 22.56
C LEU N 313 28.59 -38.46 23.79
N VAL N 314 28.17 -39.57 24.38
CA VAL N 314 27.44 -39.60 25.63
C VAL N 314 28.37 -40.24 26.65
N ILE N 315 28.78 -39.46 27.64
CA ILE N 315 29.96 -39.78 28.45
C ILE N 315 29.53 -39.85 29.91
N GLY N 316 29.89 -40.95 30.57
CA GLY N 316 29.71 -41.09 32.00
C GLY N 316 30.93 -40.60 32.77
N ALA N 317 30.68 -40.07 33.98
CA ALA N 317 31.73 -39.55 34.84
C ALA N 317 31.35 -39.75 36.30
N THR N 318 32.31 -40.12 37.12
CA THR N 318 32.01 -40.34 38.52
C THR N 318 33.22 -39.98 39.35
N GLY N 319 32.93 -39.36 40.50
CA GLY N 319 33.97 -38.90 41.40
C GLY N 319 35.01 -38.04 40.72
N GLY N 320 36.27 -38.26 41.07
CA GLY N 320 37.36 -37.61 40.40
C GLY N 320 38.63 -38.37 40.69
N ARG N 321 39.66 -38.06 39.93
CA ARG N 321 40.92 -38.74 40.08
C ARG N 321 41.65 -38.19 41.30
N ARG N 322 42.46 -39.04 41.93
CA ARG N 322 43.21 -38.63 43.11
C ARG N 322 44.06 -37.39 42.84
N ALA N 323 44.85 -37.42 41.76
CA ALA N 323 45.69 -36.28 41.41
C ALA N 323 44.87 -35.02 41.14
N ASP N 324 43.69 -35.18 40.53
CA ASP N 324 42.88 -34.03 40.19
C ASP N 324 42.33 -33.36 41.44
N PHE N 325 42.09 -34.13 42.50
CA PHE N 325 41.65 -33.54 43.75
C PHE N 325 42.68 -32.58 44.28
N ASN N 326 43.97 -32.89 44.08
CA ASN N 326 45.04 -31.96 44.49
C ASN N 326 45.00 -30.66 43.71
N THR N 327 44.83 -30.75 42.38
CA THR N 327 44.70 -29.55 41.57
C THR N 327 43.51 -28.70 42.02
N VAL N 328 42.39 -29.34 42.38
CA VAL N 328 41.19 -28.59 42.76
C VAL N 328 41.36 -27.91 44.10
N VAL N 329 42.17 -28.47 44.99
CA VAL N 329 42.45 -27.80 46.25
C VAL N 329 43.39 -26.62 46.01
N ARG N 330 44.41 -26.79 45.17
CA ARG N 330 45.25 -25.65 44.80
C ARG N 330 44.40 -24.54 44.20
N LEU N 331 43.43 -24.90 43.36
CA LEU N 331 42.62 -23.89 42.67
C LEU N 331 41.79 -23.05 43.65
N LEU N 332 41.17 -23.70 44.64
CA LEU N 332 40.46 -22.93 45.67
C LEU N 332 41.42 -22.03 46.44
N GLU N 333 42.57 -22.57 46.85
CA GLU N 333 43.55 -21.79 47.60
C GLU N 333 43.96 -20.51 46.86
N ALA N 334 44.05 -20.57 45.53
CA ALA N 334 44.50 -19.45 44.73
C ALA N 334 43.35 -18.59 44.22
N GLY N 335 42.13 -18.85 44.67
CA GLY N 335 40.99 -18.05 44.31
C GLY N 335 40.45 -18.26 42.93
N ARG N 336 40.99 -19.21 42.17
CA ARG N 336 40.50 -19.39 40.80
C ARG N 336 39.09 -19.94 40.78
N ILE N 337 38.72 -20.70 41.81
CA ILE N 337 37.34 -21.16 42.03
C ILE N 337 36.91 -20.69 43.41
N LYS N 338 35.58 -20.63 43.61
CA LYS N 338 34.96 -19.99 44.77
C LYS N 338 33.85 -20.88 45.35
N ALA N 339 33.86 -21.10 46.66
CA ALA N 339 32.76 -21.82 47.30
C ALA N 339 31.55 -20.89 47.46
N PHE N 340 30.44 -21.29 46.86
CA PHE N 340 29.16 -20.62 47.02
C PHE N 340 28.39 -21.34 48.14
N LEU N 341 28.29 -20.71 49.30
CA LEU N 341 27.67 -21.35 50.45
C LEU N 341 26.27 -20.79 50.67
N HIS N 342 25.35 -21.69 50.94
CA HIS N 342 23.99 -21.34 51.31
C HIS N 342 23.83 -21.28 52.82
N ASN N 343 24.29 -22.30 53.54
CA ASN N 343 24.06 -22.33 54.97
C ASN N 343 24.97 -23.32 55.69
N VAL N 344 25.27 -22.98 56.94
CA VAL N 344 25.96 -23.89 57.85
C VAL N 344 24.99 -24.21 58.98
N TYR N 345 24.98 -25.48 59.38
CA TYR N 345 24.14 -25.97 60.46
C TYR N 345 25.00 -26.72 61.47
N PRO N 346 24.57 -26.77 62.73
CA PRO N 346 25.30 -27.57 63.71
C PRO N 346 24.91 -29.02 63.55
N LEU N 347 25.73 -29.88 64.12
CA LEU N 347 25.46 -31.31 64.03
C LEU N 347 24.02 -31.67 64.43
N ALA N 348 23.45 -30.96 65.42
CA ALA N 348 22.13 -31.31 65.91
C ALA N 348 21.03 -31.06 64.89
N ASP N 349 21.27 -30.16 63.92
CA ASP N 349 20.29 -29.85 62.89
C ASP N 349 20.61 -30.57 61.57
N VAL N 350 21.34 -31.67 61.64
CA VAL N 350 21.68 -32.42 60.43
C VAL N 350 20.44 -32.81 59.62
N ARG N 351 19.27 -33.01 60.25
CA ARG N 351 18.11 -33.43 59.47
C ARG N 351 17.53 -32.27 58.68
N LYS N 352 17.35 -31.11 59.34
CA LYS N 352 16.88 -29.91 58.64
C LYS N 352 17.81 -29.59 57.47
N ALA N 353 19.12 -29.71 57.71
CA ALA N 353 20.14 -29.46 56.69
C ALA N 353 19.98 -30.41 55.50
N LEU N 354 19.83 -31.71 55.77
CA LEU N 354 19.52 -32.65 54.70
C LEU N 354 18.29 -32.21 53.92
N GLU N 355 17.20 -31.86 54.63
CA GLU N 355 15.96 -31.44 53.98
C GLU N 355 16.12 -30.15 53.18
N GLU N 356 17.26 -29.47 53.31
CA GLU N 356 17.54 -28.29 52.50
C GLU N 356 17.86 -28.65 51.05
N LEU N 357 18.30 -29.88 50.78
CA LEU N 357 18.49 -30.37 49.43
C LEU N 357 17.21 -30.41 48.62
N ARG N 358 16.04 -30.33 49.25
CA ARG N 358 14.78 -30.22 48.53
C ARG N 358 14.25 -28.78 48.56
N SER N 359 14.98 -27.85 49.16
CA SER N 359 14.48 -26.49 49.26
C SER N 359 14.60 -25.76 47.93
N PRO N 360 13.53 -25.14 47.44
CA PRO N 360 13.60 -24.42 46.16
C PRO N 360 14.27 -23.06 46.24
N GLU N 361 14.80 -22.66 47.41
CA GLU N 361 15.52 -21.40 47.53
C GLU N 361 17.03 -21.59 47.61
N ARG N 362 17.49 -22.81 47.82
CA ARG N 362 18.91 -23.05 47.95
C ARG N 362 19.65 -22.70 46.66
N VAL N 363 20.85 -22.18 46.82
CA VAL N 363 21.84 -22.17 45.75
C VAL N 363 23.18 -22.41 46.42
N GLY N 364 23.91 -23.41 45.94
CA GLY N 364 25.17 -23.77 46.55
C GLY N 364 25.00 -24.74 47.72
N LYS N 365 26.06 -24.82 48.51
CA LYS N 365 26.26 -25.92 49.44
C LYS N 365 25.72 -25.59 50.82
N VAL N 366 25.07 -26.57 51.42
CA VAL N 366 24.72 -26.54 52.84
C VAL N 366 25.76 -27.38 53.55
N LEU N 367 26.23 -26.90 54.69
CA LEU N 367 27.25 -27.55 55.47
C LEU N 367 26.73 -27.85 56.87
N ILE N 368 27.36 -28.84 57.48
CA ILE N 368 27.23 -29.17 58.89
C ILE N 368 28.57 -28.81 59.52
N ALA N 369 28.52 -28.28 60.75
CA ALA N 369 29.73 -28.03 61.55
C ALA N 369 29.65 -28.84 62.84
N PRO N 370 30.42 -29.93 62.97
CA PRO N 370 30.31 -30.77 64.19
C PRO N 370 30.97 -30.16 65.43
N HIS O 38 15.14 89.64 10.13
CA HIS O 38 14.80 90.08 11.52
C HIS O 38 16.04 89.92 12.44
N GLU O 39 16.07 90.63 13.56
CA GLU O 39 17.26 90.70 14.42
C GLU O 39 16.81 90.92 15.88
N MET O 40 17.71 90.67 16.85
CA MET O 40 17.29 90.63 18.26
C MET O 40 18.42 91.01 19.22
N ARG O 41 18.02 91.51 20.40
CA ARG O 41 18.97 91.72 21.49
C ARG O 41 19.34 90.37 22.13
N ALA O 42 20.65 90.04 22.10
CA ALA O 42 21.17 88.84 22.73
C ALA O 42 22.44 89.20 23.50
N ALA O 43 22.72 88.46 24.58
CA ALA O 43 23.98 88.55 25.31
C ALA O 43 24.93 87.47 24.82
N ALA O 44 26.11 87.88 24.35
CA ALA O 44 27.02 86.95 23.72
C ALA O 44 28.46 87.27 24.10
N PHE O 45 29.32 86.30 23.80
CA PHE O 45 30.75 86.42 23.99
C PHE O 45 31.40 85.60 22.90
N SER O 46 32.42 86.21 22.27
CA SER O 46 33.23 85.60 21.23
C SER O 46 34.59 85.15 21.75
N THR O 47 34.92 85.51 23.01
CA THR O 47 36.02 84.96 23.80
C THR O 47 35.51 84.94 25.23
N PRO O 48 35.87 83.90 26.04
CA PRO O 48 35.27 83.75 27.39
C PRO O 48 35.54 84.87 28.42
N GLY O 49 35.15 84.64 29.68
CA GLY O 49 35.29 85.63 30.73
C GLY O 49 34.11 86.58 30.80
N LEU O 50 33.70 86.90 32.03
CA LEU O 50 32.52 87.73 32.24
C LEU O 50 32.71 89.14 31.64
N GLU O 51 33.91 89.71 31.77
CA GLU O 51 34.23 90.97 31.11
C GLU O 51 33.78 90.95 29.66
N ASN O 52 33.82 89.79 29.01
CA ASN O 52 33.60 89.69 27.56
C ASN O 52 32.16 89.39 27.16
N LEU O 53 31.26 89.25 28.14
CA LEU O 53 29.85 89.06 27.83
C LEU O 53 29.27 90.45 27.62
N LYS O 54 28.77 90.71 26.41
CA LYS O 54 28.27 92.04 26.05
C LYS O 54 26.97 91.91 25.28
N LEU O 55 25.99 92.75 25.64
CA LEU O 55 24.74 92.84 24.88
C LEU O 55 25.03 93.30 23.46
N VAL O 56 24.62 92.47 22.49
CA VAL O 56 24.79 92.76 21.07
C VAL O 56 23.44 92.57 20.37
N GLU O 57 23.48 92.57 19.04
CA GLU O 57 22.30 92.39 18.22
C GLU O 57 22.67 91.37 17.16
N ALA O 58 21.91 90.28 17.07
CA ALA O 58 22.28 89.13 16.24
C ALA O 58 21.13 88.77 15.30
N GLU O 59 21.40 87.83 14.42
CA GLU O 59 20.38 87.33 13.52
C GLU O 59 19.37 86.53 14.34
N THR O 60 18.09 86.91 14.28
CA THR O 60 17.03 86.10 14.86
C THR O 60 17.03 84.71 14.19
N PRO O 61 17.23 83.62 14.94
CA PRO O 61 17.27 82.28 14.31
C PRO O 61 15.91 81.78 13.83
N ARG O 62 16.01 80.84 12.88
CA ARG O 62 14.90 80.27 12.11
C ARG O 62 14.72 78.80 12.47
N PRO O 63 13.52 78.36 12.85
CA PRO O 63 13.32 76.93 13.16
C PRO O 63 13.25 76.08 11.90
N GLY O 64 14.05 75.02 11.88
CA GLY O 64 13.97 74.01 10.86
C GLY O 64 12.89 73.01 11.21
N PRO O 65 12.83 71.90 10.45
CA PRO O 65 11.91 70.80 10.78
C PRO O 65 12.07 70.36 12.23
N GLY O 66 10.98 69.92 12.81
CA GLY O 66 11.00 69.45 14.18
C GLY O 66 11.49 70.46 15.20
N GLU O 67 11.58 71.73 14.83
CA GLU O 67 12.03 72.75 15.77
C GLU O 67 10.92 73.77 16.00
N VAL O 68 11.01 74.43 17.17
CA VAL O 68 10.20 75.59 17.49
C VAL O 68 11.15 76.77 17.73
N LEU O 69 10.58 77.96 17.59
CA LEU O 69 11.23 79.22 17.89
C LEU O 69 10.46 79.85 19.02
N ILE O 70 11.18 80.35 20.02
CA ILE O 70 10.60 80.74 21.30
C ILE O 70 10.99 82.16 21.62
N ARG O 71 10.01 82.96 22.03
CA ARG O 71 10.25 84.30 22.52
C ARG O 71 10.47 84.16 24.02
N VAL O 72 11.72 84.33 24.44
CA VAL O 72 12.14 84.01 25.79
C VAL O 72 11.63 85.09 26.74
N LYS O 73 10.74 84.71 27.65
CA LYS O 73 10.24 85.62 28.68
C LYS O 73 11.14 85.63 29.92
N TYR O 74 11.48 84.46 30.45
CA TYR O 74 12.38 84.39 31.59
C TYR O 74 13.40 83.28 31.38
N ALA O 75 14.56 83.47 32.03
CA ALA O 75 15.64 82.53 31.95
C ALA O 75 16.40 82.53 33.27
N GLY O 76 16.80 81.34 33.69
CA GLY O 76 17.47 81.21 34.95
C GLY O 76 18.95 81.50 34.83
N VAL O 77 19.52 81.85 35.99
CA VAL O 77 20.95 82.08 36.16
C VAL O 77 21.46 81.02 37.13
N ASN O 78 22.41 80.22 36.65
CA ASN O 78 22.95 79.10 37.38
C ASN O 78 24.47 79.14 37.35
N PRO O 79 25.12 78.40 38.26
CA PRO O 79 26.57 78.19 38.14
C PRO O 79 26.96 77.63 36.79
N LEU O 80 26.10 76.80 36.20
CA LEU O 80 26.40 76.28 34.88
C LEU O 80 26.61 77.42 33.89
N ASP O 81 25.58 78.24 33.68
CA ASP O 81 25.67 79.40 32.80
C ASP O 81 26.96 80.20 33.07
N TYR O 82 27.22 80.50 34.34
CA TYR O 82 28.41 81.27 34.73
C TYR O 82 29.70 80.60 34.24
N ASN O 83 29.77 79.27 34.35
CA ASN O 83 30.98 78.54 33.99
C ASN O 83 31.13 78.40 32.48
N VAL O 84 30.03 78.29 31.73
CA VAL O 84 30.09 78.43 30.28
C VAL O 84 30.75 79.76 29.91
N VAL O 85 30.22 80.86 30.46
CA VAL O 85 30.69 82.21 30.14
C VAL O 85 32.18 82.35 30.48
N ALA O 86 32.58 81.90 31.68
CA ALA O 86 33.99 81.89 32.05
C ALA O 86 34.82 80.92 31.20
N GLY O 87 34.20 80.12 30.34
CA GLY O 87 34.95 79.15 29.57
C GLY O 87 35.39 77.92 30.34
N ALA O 88 34.80 77.65 31.51
CA ALA O 88 35.05 76.37 32.15
C ALA O 88 34.48 75.23 31.32
N VAL O 89 33.49 75.49 30.49
CA VAL O 89 32.89 74.53 29.57
C VAL O 89 32.97 75.10 28.16
N LYS O 90 33.46 74.31 27.21
CA LYS O 90 33.50 74.73 25.81
C LYS O 90 32.09 74.92 25.29
N ALA O 91 31.89 75.98 24.50
CA ALA O 91 30.61 76.34 23.94
C ALA O 91 30.71 76.48 22.41
N SER O 92 29.61 76.18 21.74
CA SER O 92 29.51 76.27 20.29
C SER O 92 28.04 76.58 20.02
N PRO O 93 27.70 77.39 19.00
CA PRO O 93 28.73 78.08 18.20
C PRO O 93 29.35 79.25 18.94
N MET O 94 30.46 79.74 18.38
CA MET O 94 31.14 80.94 18.84
C MET O 94 31.08 81.96 17.72
N PRO O 95 30.72 83.23 17.97
CA PRO O 95 30.41 83.69 19.34
C PRO O 95 29.17 83.03 19.91
N HIS O 96 29.13 82.93 21.23
CA HIS O 96 28.15 82.11 21.91
C HIS O 96 27.17 82.96 22.71
N ILE O 97 25.89 82.69 22.50
CA ILE O 97 24.83 83.16 23.42
C ILE O 97 24.64 82.08 24.47
N PRO O 98 24.95 82.34 25.75
CA PRO O 98 24.69 81.31 26.78
C PRO O 98 23.21 81.19 27.07
N GLY O 99 22.85 80.36 28.08
CA GLY O 99 21.51 80.36 28.62
C GLY O 99 20.81 79.02 28.52
N SER O 100 20.90 78.20 29.58
CA SER O 100 20.49 76.80 29.50
C SER O 100 19.13 76.51 30.17
N GLU O 101 18.62 77.43 30.99
CA GLU O 101 17.35 77.25 31.71
C GLU O 101 16.43 78.43 31.42
N PHE O 102 15.35 78.20 30.66
CA PHE O 102 14.48 79.30 30.26
C PHE O 102 13.09 78.83 29.88
N ALA O 103 12.16 79.77 29.97
CA ALA O 103 10.77 79.59 29.62
C ALA O 103 10.35 80.75 28.72
N GLY O 104 9.38 80.49 27.85
CA GLY O 104 9.02 81.46 26.86
C GLY O 104 7.71 81.11 26.19
N VAL O 105 7.38 81.88 25.16
CA VAL O 105 6.17 81.67 24.38
C VAL O 105 6.61 81.34 22.97
N VAL O 106 5.85 80.47 22.32
CA VAL O 106 6.23 79.93 21.01
C VAL O 106 5.95 81.00 19.96
N GLU O 107 6.95 81.31 19.14
CA GLU O 107 6.83 82.37 18.15
C GLU O 107 6.52 81.83 16.77
N GLU O 108 7.38 80.99 16.23
CA GLU O 108 7.13 80.28 14.98
C GLU O 108 7.34 78.81 15.25
N ALA O 109 6.52 77.97 14.64
CA ALA O 109 6.63 76.52 14.71
C ALA O 109 7.07 76.01 13.35
N GLY O 110 8.14 75.22 13.34
CA GLY O 110 8.83 74.90 12.10
C GLY O 110 8.10 73.86 11.29
N PRO O 111 8.72 73.50 10.16
CA PRO O 111 8.12 72.54 9.23
C PRO O 111 7.66 71.28 9.94
N GLY O 112 6.48 70.79 9.54
CA GLY O 112 5.97 69.52 10.03
C GLY O 112 5.40 69.55 11.44
N VAL O 113 6.04 70.35 12.31
CA VAL O 113 5.73 70.39 13.74
C VAL O 113 4.23 70.38 14.00
N THR O 114 3.80 69.61 15.00
CA THR O 114 2.43 69.65 15.50
C THR O 114 2.41 69.37 17.00
N GLY O 115 1.33 69.81 17.64
CA GLY O 115 1.15 69.66 19.08
C GLY O 115 1.52 70.88 19.89
N VAL O 116 1.82 72.00 19.24
CA VAL O 116 2.31 73.20 19.90
C VAL O 116 2.15 74.29 18.83
N SER O 117 1.23 75.23 19.06
CA SER O 117 0.92 76.32 18.13
C SER O 117 1.70 77.56 18.53
N ARG O 118 1.54 78.63 17.74
CA ARG O 118 2.12 79.91 18.09
C ARG O 118 1.38 80.52 19.27
N GLY O 119 2.14 81.18 20.16
CA GLY O 119 1.60 81.77 21.38
C GLY O 119 1.46 80.84 22.58
N ASP O 120 1.69 79.53 22.43
CA ASP O 120 1.64 78.62 23.59
C ASP O 120 2.76 78.95 24.57
N PRO O 121 2.47 79.16 25.85
CA PRO O 121 3.56 79.24 26.82
C PRO O 121 4.23 77.86 26.96
N VAL O 122 5.56 77.86 27.05
CA VAL O 122 6.33 76.62 27.12
C VAL O 122 7.54 76.80 28.03
N VAL O 123 7.98 75.68 28.60
CA VAL O 123 9.28 75.60 29.28
C VAL O 123 10.06 74.46 28.65
N VAL O 124 11.37 74.60 28.67
CA VAL O 124 12.26 73.82 27.80
C VAL O 124 13.13 72.88 28.62
N TYR O 125 13.01 71.59 28.34
CA TYR O 125 13.98 70.59 28.77
C TYR O 125 15.30 70.80 28.02
N ASN O 126 16.39 70.93 28.77
CA ASN O 126 17.62 71.49 28.25
C ASN O 126 18.64 70.45 27.74
N ARG O 127 18.24 69.17 27.59
CA ARG O 127 19.13 68.10 27.12
C ARG O 127 18.67 67.61 25.75
N LEU O 128 19.61 67.57 24.81
CA LEU O 128 19.30 67.05 23.49
C LEU O 128 19.35 65.53 23.55
N TYR O 129 18.35 64.86 22.97
CA TYR O 129 18.27 63.40 23.04
C TYR O 129 17.81 62.82 21.71
N CYS O 130 18.45 61.72 21.33
CA CYS O 130 18.16 61.07 20.07
C CYS O 130 16.80 60.35 20.08
N GLY O 131 16.38 59.83 21.24
CA GLY O 131 15.14 59.07 21.35
C GLY O 131 15.21 57.66 20.80
N HIS O 132 16.40 57.17 20.40
CA HIS O 132 16.53 55.87 19.77
CA HIS O 132 16.54 55.87 19.77
C HIS O 132 17.63 55.00 20.38
N CYS O 133 18.47 55.53 21.26
CA CYS O 133 19.55 54.77 21.85
C CYS O 133 19.08 54.00 23.09
N ARG O 134 19.98 53.14 23.60
CA ARG O 134 19.66 52.39 24.82
C ARG O 134 19.24 53.34 25.93
N GLN O 135 20.00 54.42 26.12
CA GLN O 135 19.74 55.30 27.25
C GLN O 135 18.41 56.01 27.11
N CYS O 136 18.09 56.46 25.89
CA CYS O 136 16.82 57.14 25.67
C CYS O 136 15.65 56.18 25.83
N LEU O 137 15.73 55.02 25.19
CA LEU O 137 14.62 54.07 25.18
C LEU O 137 14.23 53.59 26.58
N THR O 138 15.19 53.57 27.51
CA THR O 138 14.93 53.23 28.91
C THR O 138 14.53 54.44 29.76
N GLY O 139 14.57 55.63 29.19
CA GLY O 139 14.07 56.80 29.86
C GLY O 139 15.15 57.72 30.37
N TRP O 140 16.43 57.29 30.38
CA TRP O 140 17.51 58.18 30.81
C TRP O 140 18.00 59.05 29.65
N THR O 141 17.12 59.94 29.20
CA THR O 141 17.43 60.77 28.03
C THR O 141 18.63 61.69 28.28
N GLN O 142 18.90 62.08 29.54
CA GLN O 142 20.07 62.93 29.83
C GLN O 142 21.40 62.20 29.71
N MET O 143 21.39 60.88 29.54
CA MET O 143 22.59 60.11 29.32
C MET O 143 22.70 59.65 27.87
N CYS O 144 21.91 60.28 26.98
CA CYS O 144 21.85 59.89 25.58
C CYS O 144 23.26 59.71 25.02
N GLU O 145 23.43 58.61 24.26
CA GLU O 145 24.73 58.15 23.80
C GLU O 145 25.13 58.84 22.51
N VAL O 146 24.13 59.32 21.76
CA VAL O 146 24.35 59.92 20.46
C VAL O 146 24.75 61.38 20.58
N THR O 147 24.03 62.13 21.42
CA THR O 147 24.32 63.53 21.64
C THR O 147 25.39 63.76 22.70
N GLY O 148 25.59 62.79 23.58
CA GLY O 148 26.59 62.94 24.63
C GLY O 148 26.12 63.81 25.76
N GLY O 149 24.80 63.91 25.95
CA GLY O 149 24.24 64.86 26.91
C GLY O 149 24.37 66.34 26.53
N GLY O 150 24.45 66.65 25.22
CA GLY O 150 24.45 68.03 24.75
C GLY O 150 23.36 68.86 25.38
N ILE O 151 23.76 69.99 25.95
CA ILE O 151 22.85 70.88 26.66
C ILE O 151 22.51 72.10 25.80
N ILE O 152 21.22 72.41 25.71
CA ILE O 152 20.76 73.64 25.06
C ILE O 152 21.39 74.84 25.74
N GLY O 153 21.92 75.76 24.93
CA GLY O 153 22.62 76.93 25.46
C GLY O 153 24.10 76.72 25.76
N ILE O 154 24.58 75.47 25.64
CA ILE O 154 26.01 75.17 25.70
C ILE O 154 26.53 74.76 24.34
N VAL O 155 25.90 73.75 23.73
CA VAL O 155 26.24 73.30 22.39
C VAL O 155 25.28 73.85 21.34
N THR O 156 24.30 74.67 21.77
CA THR O 156 23.49 75.50 20.87
C THR O 156 23.39 76.88 21.49
N GLN O 157 22.86 77.83 20.70
CA GLN O 157 22.70 79.20 21.20
C GLN O 157 21.52 79.27 22.15
N GLY O 158 21.77 79.79 23.37
CA GLY O 158 20.82 79.71 24.49
C GLY O 158 19.81 80.84 24.60
N GLY O 159 19.29 80.99 25.83
CA GLY O 159 18.15 81.82 26.12
C GLY O 159 18.45 83.17 26.75
N TYR O 160 19.73 83.56 26.86
CA TYR O 160 20.07 84.91 27.29
C TYR O 160 19.86 85.88 26.11
N ALA O 161 18.68 85.78 25.48
CA ALA O 161 18.33 86.47 24.24
C ALA O 161 16.81 86.60 24.23
N GLU O 162 16.31 87.32 23.22
CA GLU O 162 14.86 87.49 23.08
C GLU O 162 14.24 86.29 22.40
N TYR O 163 14.98 85.66 21.49
CA TYR O 163 14.55 84.46 20.79
C TYR O 163 15.62 83.37 20.89
N ALA O 164 15.16 82.12 20.79
CA ALA O 164 16.04 80.94 20.67
C ALA O 164 15.26 79.82 19.97
N VAL O 165 15.99 78.96 19.28
CA VAL O 165 15.41 77.77 18.65
C VAL O 165 15.68 76.56 19.56
N VAL O 166 14.72 75.63 19.62
CA VAL O 166 14.94 74.34 20.30
C VAL O 166 14.21 73.24 19.55
N PRO O 167 14.59 71.98 19.78
CA PRO O 167 13.74 70.90 19.26
C PRO O 167 12.36 70.99 19.90
N ALA O 168 11.34 70.66 19.10
CA ALA O 168 9.96 70.87 19.54
C ALA O 168 9.61 69.93 20.70
N LYS O 169 10.11 68.70 20.63
CA LYS O 169 9.89 67.70 21.66
C LYS O 169 10.52 68.10 22.99
N ASN O 170 11.35 69.16 22.99
CA ASN O 170 11.90 69.73 24.21
C ASN O 170 11.02 70.82 24.82
N ALA O 171 9.90 71.19 24.18
CA ALA O 171 9.09 72.31 24.63
C ALA O 171 7.90 71.79 25.44
N VAL O 172 7.89 72.07 26.72
CA VAL O 172 6.79 71.61 27.57
C VAL O 172 5.82 72.76 27.76
N ALA O 173 4.66 72.63 27.12
CA ALA O 173 3.49 73.42 27.44
C ALA O 173 3.23 73.36 28.94
N THR O 174 3.19 74.54 29.56
CA THR O 174 2.78 74.71 30.95
C THR O 174 1.72 75.81 31.04
N ARG O 175 0.81 75.65 31.99
CA ARG O 175 -0.13 76.71 32.35
C ARG O 175 0.35 77.48 33.56
N ALA O 176 1.63 77.33 33.91
CA ALA O 176 2.20 77.96 35.08
C ALA O 176 2.83 79.30 34.74
N ASP O 177 3.15 80.05 35.80
CA ASP O 177 3.86 81.33 35.70
C ASP O 177 5.30 81.09 35.25
N LEU O 178 5.63 81.61 34.05
CA LEU O 178 6.95 81.39 33.47
C LEU O 178 8.08 81.91 34.35
N LYS O 179 7.82 82.90 35.18
CA LYS O 179 8.83 83.25 36.18
C LYS O 179 9.19 82.03 37.01
N GLU O 180 8.18 81.30 37.45
CA GLU O 180 8.36 80.07 38.23
C GLU O 180 8.77 78.89 37.35
N ALA O 181 8.22 78.78 36.14
CA ALA O 181 8.54 77.63 35.29
C ALA O 181 10.02 77.62 34.93
N ALA O 182 10.64 78.80 34.79
CA ALA O 182 12.03 78.88 34.42
C ALA O 182 12.97 78.56 35.58
N THR O 183 12.42 78.10 36.70
CA THR O 183 13.22 77.56 37.80
C THR O 183 13.33 76.04 37.75
N LEU O 184 12.64 75.39 36.78
CA LEU O 184 12.49 73.94 36.63
C LEU O 184 13.58 73.23 35.80
N PRO O 185 13.95 73.70 34.60
CA PRO O 185 14.86 72.90 33.75
C PRO O 185 16.21 72.52 34.36
N ILE O 186 16.82 73.39 35.15
CA ILE O 186 18.06 73.08 35.86
C ILE O 186 17.82 72.86 37.36
N GLY O 187 17.22 73.83 38.05
CA GLY O 187 17.12 73.75 39.49
C GLY O 187 16.25 72.61 39.98
N ALA O 188 14.98 72.59 39.55
CA ALA O 188 14.06 71.58 40.03
C ALA O 188 14.40 70.19 39.49
N LEU O 189 14.55 70.06 38.17
CA LEU O 189 14.74 68.74 37.56
C LEU O 189 15.99 68.05 38.11
N THR O 190 17.11 68.78 38.20
CA THR O 190 18.31 68.17 38.79
C THR O 190 18.07 67.69 40.22
N ALA O 191 17.36 68.48 41.04
CA ALA O 191 17.07 68.04 42.40
C ALA O 191 16.10 66.86 42.44
N TRP O 192 15.08 66.86 41.59
CA TRP O 192 14.19 65.70 41.52
C TRP O 192 14.97 64.43 41.21
N ASN O 193 15.83 64.48 40.19
CA ASN O 193 16.58 63.31 39.78
C ASN O 193 17.50 62.82 40.90
N MET O 194 18.07 63.75 41.67
CA MET O 194 18.81 63.37 42.87
C MET O 194 17.93 62.55 43.79
N ALA O 195 16.75 63.09 44.14
CA ALA O 195 15.87 62.43 45.09
C ALA O 195 15.37 61.10 44.55
N TYR O 196 14.98 61.09 43.28
CA TYR O 196 14.57 59.86 42.63
C TYR O 196 15.62 58.77 42.81
N ARG O 197 16.89 59.11 42.58
CA ARG O 197 17.96 58.12 42.61
C ARG O 197 18.43 57.76 44.02
N ALA O 198 17.85 58.36 45.05
CA ALA O 198 18.20 58.03 46.42
C ALA O 198 17.28 56.98 47.02
N SER O 199 16.17 56.65 46.35
CA SER O 199 15.24 55.61 46.82
C SER O 199 14.84 55.89 48.29
N ILE O 200 14.15 57.01 48.42
CA ILE O 200 13.69 57.49 49.71
C ILE O 200 12.42 56.74 50.07
N SER O 201 12.40 56.13 51.28
CA SER O 201 11.24 55.46 51.83
C SER O 201 10.59 56.36 52.88
N PRO O 202 9.26 56.34 53.00
CA PRO O 202 8.60 57.20 53.99
C PRO O 202 9.18 56.91 55.36
N GLY O 203 9.44 57.99 56.07
CA GLY O 203 10.06 57.94 57.39
C GLY O 203 11.56 58.09 57.41
N GLU O 204 12.25 57.99 56.27
CA GLU O 204 13.72 58.00 56.30
C GLU O 204 14.25 59.39 56.61
N LYS O 205 15.34 59.46 57.39
CA LYS O 205 15.96 60.75 57.70
C LYS O 205 16.80 61.20 56.50
N VAL O 206 16.42 62.33 55.89
CA VAL O 206 17.06 62.85 54.69
C VAL O 206 17.65 64.21 55.02
N ALA O 207 18.99 64.31 54.94
CA ALA O 207 19.70 65.58 55.04
C ALA O 207 19.88 66.13 53.64
N VAL O 208 19.76 67.45 53.51
CA VAL O 208 20.05 68.17 52.27
C VAL O 208 21.14 69.19 52.57
N VAL O 209 22.27 69.05 51.90
CA VAL O 209 23.36 69.99 52.01
C VAL O 209 23.23 70.99 50.87
N GLY O 210 23.48 72.26 51.21
CA GLY O 210 23.26 73.36 50.28
C GLY O 210 21.80 73.55 49.95
N ALA O 211 20.91 73.39 50.94
CA ALA O 211 19.47 73.59 50.77
C ALA O 211 19.07 75.03 50.38
N THR O 212 19.93 76.04 50.64
CA THR O 212 19.62 77.43 50.28
C THR O 212 19.81 77.73 48.79
N GLY O 213 20.45 76.81 48.07
CA GLY O 213 20.83 77.05 46.69
C GLY O 213 19.76 76.60 45.72
N ASN O 214 20.06 76.77 44.43
CA ASN O 214 19.04 76.51 43.40
C ASN O 214 18.58 75.06 43.46
N VAL O 215 19.53 74.13 43.52
CA VAL O 215 19.17 72.72 43.59
C VAL O 215 18.58 72.40 44.95
N GLY O 216 19.30 72.75 46.02
CA GLY O 216 18.94 72.32 47.35
C GLY O 216 17.53 72.71 47.77
N ILE O 217 17.07 73.90 47.35
CA ILE O 217 15.75 74.38 47.77
C ILE O 217 14.64 73.51 47.17
N TYR O 218 14.88 72.91 46.01
CA TYR O 218 13.94 71.93 45.46
C TYR O 218 14.19 70.54 46.03
N ALA O 219 15.46 70.19 46.25
CA ALA O 219 15.78 68.93 46.92
C ALA O 219 15.05 68.81 48.25
N VAL O 220 14.85 69.92 48.94
CA VAL O 220 14.09 69.89 50.17
C VAL O 220 12.66 69.44 49.89
N GLN O 221 12.03 70.01 48.87
CA GLN O 221 10.61 69.75 48.63
C GLN O 221 10.39 68.33 48.14
N PHE O 222 11.26 67.86 47.26
CA PHE O 222 11.09 66.51 46.75
C PHE O 222 11.37 65.48 47.83
N ALA O 223 12.39 65.69 48.67
CA ALA O 223 12.63 64.72 49.73
C ALA O 223 11.42 64.66 50.65
N LYS O 224 10.78 65.80 50.85
CA LYS O 224 9.59 65.88 51.66
C LYS O 224 8.39 65.29 50.94
N LEU O 225 8.26 65.56 49.65
CA LEU O 225 7.15 65.00 48.89
C LEU O 225 7.16 63.47 48.89
N LEU O 226 8.33 62.87 49.02
CA LEU O 226 8.50 61.43 49.04
C LEU O 226 8.27 60.80 50.42
N GLY O 227 7.99 61.60 51.45
CA GLY O 227 7.80 61.08 52.81
C GLY O 227 9.04 61.09 53.66
N GLY O 228 10.11 61.75 53.24
CA GLY O 228 11.27 61.86 54.08
C GLY O 228 11.03 62.83 55.24
N GLU O 229 11.72 62.57 56.33
CA GLU O 229 11.89 63.55 57.39
C GLU O 229 13.15 64.33 57.03
N VAL O 230 13.00 65.62 56.73
CA VAL O 230 14.01 66.37 55.98
C VAL O 230 14.69 67.38 56.88
N TYR O 231 16.01 67.26 56.99
CA TYR O 231 16.85 68.18 57.74
C TYR O 231 17.67 68.96 56.71
N ALA O 232 17.34 70.24 56.53
CA ALA O 232 18.15 71.11 55.68
C ALA O 232 19.37 71.61 56.46
N ILE O 233 20.52 71.59 55.79
CA ILE O 233 21.82 71.89 56.38
C ILE O 233 22.38 73.16 55.73
N SER O 234 22.87 74.07 56.57
CA SER O 234 23.27 75.40 56.14
C SER O 234 24.38 75.91 57.05
N ARG O 235 25.34 76.64 56.45
CA ARG O 235 26.34 77.32 57.25
C ARG O 235 25.77 78.54 57.95
N ARG O 236 24.66 79.08 57.41
CA ARG O 236 24.00 80.30 57.86
C ARG O 236 22.57 79.99 58.31
N LYS O 237 22.44 79.03 59.25
CA LYS O 237 21.12 78.61 59.70
C LYS O 237 20.29 79.78 60.23
N ALA O 238 20.91 80.66 61.03
CA ALA O 238 20.16 81.73 61.70
C ALA O 238 19.41 82.62 60.71
N LYS O 239 19.93 82.76 59.50
CA LYS O 239 19.42 83.72 58.52
C LYS O 239 18.43 83.12 57.53
N VAL O 240 18.21 81.80 57.56
CA VAL O 240 17.49 81.11 56.49
C VAL O 240 16.48 80.12 57.06
N GLU O 241 16.55 79.91 58.40
CA GLU O 241 15.76 78.84 59.04
C GLU O 241 14.29 78.89 58.63
N SER O 242 13.71 80.10 58.50
CA SER O 242 12.29 80.18 58.16
C SER O 242 12.06 79.97 56.67
N ILE O 243 13.02 80.31 55.83
CA ILE O 243 12.85 80.10 54.39
C ILE O 243 12.94 78.62 54.06
N LEU O 244 13.90 77.92 54.68
CA LEU O 244 13.97 76.48 54.50
C LEU O 244 12.72 75.78 55.02
N LYS O 245 12.19 76.21 56.20
CA LYS O 245 10.97 75.60 56.71
C LYS O 245 9.80 75.90 55.79
N SER O 246 9.75 77.10 55.24
CA SER O 246 8.72 77.43 54.27
C SER O 246 8.67 76.42 53.13
N ALA O 247 9.80 75.78 52.80
CA ALA O 247 9.92 74.86 51.67
C ALA O 247 9.76 73.40 52.06
N GLY O 248 9.47 73.11 53.33
CA GLY O 248 9.19 71.76 53.79
C GLY O 248 10.18 71.20 54.78
N ALA O 249 11.30 71.88 55.08
CA ALA O 249 12.28 71.31 55.97
C ALA O 249 11.68 71.12 57.36
N ASP O 250 11.84 69.92 57.91
CA ASP O 250 11.32 69.66 59.25
C ASP O 250 12.23 70.23 60.31
N ALA O 251 13.52 70.31 60.02
CA ALA O 251 14.45 70.98 60.89
C ALA O 251 15.46 71.65 59.98
N VAL O 252 16.18 72.62 60.53
CA VAL O 252 17.32 73.25 59.88
C VAL O 252 18.50 73.10 60.83
N LEU O 253 19.68 72.80 60.28
CA LEU O 253 20.84 72.51 61.12
C LEU O 253 22.09 73.19 60.58
N THR O 254 22.96 73.56 61.51
CA THR O 254 24.37 73.85 61.22
C THR O 254 25.12 72.54 61.00
N PRO O 255 26.23 72.60 60.27
CA PRO O 255 27.10 71.42 60.13
C PRO O 255 27.29 70.68 61.43
N ASP O 256 27.63 71.41 62.49
CA ASP O 256 27.89 70.74 63.77
C ASP O 256 26.61 70.14 64.33
N GLU O 257 25.46 70.72 64.00
CA GLU O 257 24.21 70.13 64.43
C GLU O 257 23.89 68.87 63.63
N ALA O 258 24.32 68.82 62.37
CA ALA O 258 24.16 67.61 61.57
C ALA O 258 24.95 66.45 62.18
N LYS O 259 26.20 66.68 62.59
CA LYS O 259 26.95 65.61 63.24
C LYS O 259 26.18 65.04 64.42
N SER O 260 25.49 65.90 65.16
CA SER O 260 24.76 65.45 66.35
C SER O 260 23.50 64.68 65.97
N ALA O 261 22.82 65.10 64.90
CA ALA O 261 21.58 64.48 64.47
C ALA O 261 21.79 63.15 63.75
N ALA O 262 23.05 62.79 63.44
CA ALA O 262 23.34 61.58 62.68
C ALA O 262 22.99 60.34 63.51
N PRO O 263 22.56 59.22 62.87
CA PRO O 263 22.74 59.04 61.42
C PRO O 263 21.57 59.44 60.53
N PHE O 264 21.87 59.54 59.24
CA PHE O 264 20.91 59.88 58.21
C PHE O 264 20.86 58.73 57.21
N ASP O 265 19.66 58.45 56.69
CA ASP O 265 19.48 57.43 55.67
C ASP O 265 19.95 57.91 54.28
N VAL O 266 19.86 59.22 54.02
CA VAL O 266 20.10 59.82 52.69
C VAL O 266 20.68 61.23 52.89
N VAL O 267 21.73 61.54 52.13
CA VAL O 267 22.31 62.89 52.10
C VAL O 267 22.34 63.32 50.66
N LEU O 268 21.57 64.34 50.32
CA LEU O 268 21.52 64.91 48.99
C LEU O 268 22.42 66.14 49.00
N ASP O 269 23.44 66.11 48.16
CA ASP O 269 24.56 66.99 48.40
C ASP O 269 25.36 67.22 47.13
N PRO O 270 25.01 68.23 46.35
CA PRO O 270 25.79 68.57 45.15
C PRO O 270 26.98 69.48 45.40
N THR O 271 27.39 69.69 46.65
CA THR O 271 28.31 70.79 46.95
C THR O 271 29.80 70.41 46.89
N GLY O 272 30.16 69.13 46.75
CA GLY O 272 31.54 68.78 46.49
C GLY O 272 32.36 68.49 47.74
N SER O 273 33.68 68.59 47.53
CA SER O 273 34.66 68.02 48.44
C SER O 273 34.68 68.65 49.82
N ALA O 274 34.30 69.92 49.95
CA ALA O 274 34.39 70.54 51.28
C ALA O 274 33.37 69.95 52.25
N SER O 275 32.26 69.41 51.73
CA SER O 275 31.21 68.83 52.55
C SER O 275 31.38 67.32 52.74
N TRP O 276 32.44 66.71 52.17
CA TRP O 276 32.53 65.26 52.04
C TRP O 276 32.65 64.58 53.39
N ASP O 277 33.64 64.97 54.20
CA ASP O 277 33.80 64.32 55.50
C ASP O 277 32.53 64.43 56.30
N LEU O 278 31.88 65.60 56.25
CA LEU O 278 30.60 65.76 56.92
C LEU O 278 29.55 64.83 56.34
N SER O 279 29.33 64.87 55.01
CA SER O 279 28.22 64.15 54.40
C SER O 279 28.38 62.63 54.47
N PHE O 280 29.55 62.11 54.03
CA PHE O 280 29.82 60.67 54.12
C PHE O 280 29.72 60.17 55.56
N GLY O 281 30.16 61.00 56.51
CA GLY O 281 30.34 60.56 57.87
C GLY O 281 29.10 60.53 58.71
N VAL O 282 28.03 61.23 58.25
CA VAL O 282 26.73 61.19 58.93
C VAL O 282 25.80 60.06 58.45
N LEU O 283 26.18 59.33 57.40
CA LEU O 283 25.34 58.26 56.89
C LEU O 283 25.28 57.09 57.87
N GLY O 284 24.08 56.53 58.04
CA GLY O 284 23.92 55.27 58.75
C GLY O 284 24.11 54.08 57.83
N ARG O 285 23.81 52.90 58.37
CA ARG O 285 23.77 51.68 57.56
C ARG O 285 22.80 51.86 56.38
N GLY O 286 23.22 51.39 55.20
CA GLY O 286 22.38 51.50 54.02
C GLY O 286 22.29 52.92 53.49
N GLY O 287 23.12 53.82 53.99
CA GLY O 287 23.02 55.21 53.62
C GLY O 287 23.39 55.45 52.16
N ARG O 288 22.63 56.34 51.54
CA ARG O 288 22.87 56.80 50.18
C ARG O 288 23.30 58.27 50.18
N TYR O 289 24.53 58.50 49.72
CA TYR O 289 25.00 59.83 49.32
C TYR O 289 24.77 59.98 47.82
N VAL O 290 24.07 61.04 47.44
CA VAL O 290 23.77 61.35 46.04
C VAL O 290 24.34 62.73 45.77
N THR O 291 25.06 62.87 44.66
CA THR O 291 25.60 64.18 44.29
C THR O 291 25.38 64.38 42.82
N ALA O 292 24.94 65.58 42.45
CA ALA O 292 24.96 66.04 41.06
C ALA O 292 25.95 67.19 40.77
N GLY O 293 26.85 67.50 41.70
CA GLY O 293 27.71 68.66 41.55
C GLY O 293 29.02 68.51 42.28
N ALA O 294 29.96 69.41 41.94
CA ALA O 294 31.31 69.46 42.52
C ALA O 294 31.70 70.91 42.91
N LEU O 295 30.72 71.67 43.40
CA LEU O 295 30.87 73.11 43.62
C LEU O 295 32.19 73.45 44.30
N THR O 296 32.45 72.88 45.48
CA THR O 296 33.65 73.22 46.24
C THR O 296 34.88 72.37 45.89
N GLY O 297 34.80 71.52 44.87
CA GLY O 297 35.88 70.59 44.61
C GLY O 297 35.38 69.18 44.34
N ALA O 298 35.95 68.58 43.28
CA ALA O 298 35.49 67.29 42.78
C ALA O 298 36.22 66.07 43.33
N GLU O 299 37.25 66.22 44.17
CA GLU O 299 38.10 65.11 44.60
C GLU O 299 37.90 64.79 46.09
N VAL O 300 37.66 63.51 46.41
CA VAL O 300 37.39 63.06 47.77
C VAL O 300 38.14 61.78 48.10
N ARG O 301 38.57 61.68 49.35
CA ARG O 301 39.13 60.46 49.91
C ARG O 301 37.96 59.59 50.31
N LEU O 302 37.68 58.54 49.53
CA LEU O 302 36.65 57.55 49.84
C LEU O 302 37.31 56.37 50.55
N ASP O 303 36.83 56.02 51.75
CA ASP O 303 37.33 54.86 52.50
C ASP O 303 36.44 53.65 52.19
N LEU O 304 36.99 52.70 51.42
CA LEU O 304 36.18 51.57 50.96
C LEU O 304 35.77 50.64 52.11
N ARG O 305 36.63 50.51 53.13
CA ARG O 305 36.33 49.71 54.31
C ARG O 305 35.04 50.20 54.96
N ARG O 306 34.90 51.52 55.10
CA ARG O 306 33.67 52.07 55.65
C ARG O 306 32.51 52.01 54.65
N LEU O 307 32.77 52.18 53.35
CA LEU O 307 31.68 52.01 52.40
C LEU O 307 31.05 50.63 52.50
N TYR O 308 31.89 49.57 52.55
CA TYR O 308 31.36 48.22 52.56
C TYR O 308 30.88 47.80 53.94
N GLY O 309 31.59 48.22 55.00
CA GLY O 309 31.16 47.93 56.36
C GLY O 309 29.79 48.50 56.70
N MET O 310 29.41 49.60 56.07
CA MET O 310 28.13 50.26 56.32
C MET O 310 27.12 50.01 55.19
N GLN O 311 27.51 49.27 54.17
CA GLN O 311 26.72 49.11 52.96
C GLN O 311 26.15 50.44 52.48
N ILE O 312 27.01 51.44 52.41
CA ILE O 312 26.65 52.74 51.84
C ILE O 312 26.67 52.67 50.31
N LEU O 313 25.78 53.43 49.70
CA LEU O 313 25.81 53.70 48.28
C LEU O 313 26.21 55.16 48.07
N VAL O 314 27.17 55.36 47.17
CA VAL O 314 27.59 56.69 46.69
C VAL O 314 27.14 56.78 45.22
N ILE O 315 26.23 57.70 44.95
CA ILE O 315 25.43 57.66 43.73
C ILE O 315 25.57 58.96 42.99
N GLY O 316 25.84 58.89 41.69
CA GLY O 316 25.91 60.06 40.86
C GLY O 316 24.57 60.32 40.19
N ALA O 317 24.23 61.62 40.08
CA ALA O 317 23.03 62.07 39.38
C ALA O 317 23.35 63.29 38.51
N THR O 318 22.71 63.37 37.35
CA THR O 318 22.94 64.53 36.49
C THR O 318 21.67 64.75 35.68
N GLY O 319 21.32 66.02 35.48
CA GLY O 319 20.18 66.36 34.63
C GLY O 319 18.89 65.76 35.15
N GLY O 320 18.07 65.28 34.22
CA GLY O 320 16.89 64.57 34.61
C GLY O 320 16.25 63.90 33.43
N ARG O 321 15.42 62.92 33.73
CA ARG O 321 14.73 62.17 32.70
C ARG O 321 13.70 63.06 32.01
N ARG O 322 13.47 62.78 30.72
CA ARG O 322 12.50 63.55 29.96
C ARG O 322 11.13 63.49 30.59
N ALA O 323 10.70 62.28 31.00
CA ALA O 323 9.33 62.12 31.50
C ALA O 323 9.13 62.74 32.87
N ASP O 324 10.20 62.81 33.66
CA ASP O 324 10.10 63.38 35.00
C ASP O 324 9.99 64.91 34.95
N PHE O 325 10.56 65.51 33.92
CA PHE O 325 10.39 66.95 33.70
C PHE O 325 8.91 67.29 33.56
N ASN O 326 8.19 66.59 32.69
CA ASN O 326 6.74 66.72 32.64
C ASN O 326 6.11 66.61 34.04
N THR O 327 6.63 65.72 34.88
CA THR O 327 6.06 65.56 36.22
C THR O 327 6.39 66.77 37.08
N VAL O 328 7.63 67.26 37.01
CA VAL O 328 8.01 68.42 37.80
C VAL O 328 7.21 69.64 37.35
N VAL O 329 7.03 69.80 36.04
CA VAL O 329 6.15 70.84 35.51
C VAL O 329 4.76 70.70 36.11
N ARG O 330 4.17 69.49 36.00
CA ARG O 330 2.84 69.24 36.58
C ARG O 330 2.79 69.62 38.06
N LEU O 331 3.83 69.24 38.84
CA LEU O 331 3.82 69.48 40.29
C LEU O 331 3.83 70.96 40.64
N LEU O 332 4.55 71.77 39.86
CA LEU O 332 4.51 73.21 40.06
C LEU O 332 3.13 73.75 39.71
N GLU O 333 2.56 73.29 38.60
CA GLU O 333 1.23 73.72 38.21
C GLU O 333 0.21 73.49 39.30
N ALA O 334 0.40 72.47 40.14
CA ALA O 334 -0.57 72.17 41.19
C ALA O 334 -0.14 72.69 42.55
N GLY O 335 0.88 73.53 42.61
CA GLY O 335 1.30 74.01 43.90
C GLY O 335 1.86 72.96 44.85
N ARG O 336 2.10 71.72 44.38
CA ARG O 336 2.81 70.76 45.22
C ARG O 336 4.26 71.13 45.48
N ILE O 337 4.87 71.97 44.63
CA ILE O 337 6.19 72.55 44.88
C ILE O 337 6.15 74.05 44.58
N LYS O 338 7.11 74.76 45.15
CA LYS O 338 7.12 76.22 45.13
C LYS O 338 8.46 76.74 44.61
N ALA O 339 8.39 77.63 43.63
CA ALA O 339 9.55 78.39 43.17
C ALA O 339 9.90 79.50 44.15
N PHE O 340 11.14 79.55 44.56
CA PHE O 340 11.69 80.55 45.48
C PHE O 340 12.54 81.49 44.64
N LEU O 341 11.99 82.67 44.34
CA LEU O 341 12.65 83.67 43.50
C LEU O 341 13.37 84.70 44.37
N HIS O 342 14.45 85.24 43.82
CA HIS O 342 15.26 86.27 44.48
C HIS O 342 15.14 87.59 43.75
N ASN O 343 15.79 87.73 42.59
CA ASN O 343 15.87 88.98 41.86
C ASN O 343 15.68 88.67 40.39
N VAL O 344 14.96 89.54 39.68
CA VAL O 344 14.86 89.48 38.22
C VAL O 344 15.65 90.67 37.67
N TYR O 345 16.34 90.46 36.56
CA TYR O 345 17.10 91.49 35.88
C TYR O 345 16.66 91.51 34.42
N PRO O 346 16.89 92.62 33.71
CA PRO O 346 16.73 92.61 32.24
C PRO O 346 18.01 92.12 31.57
N LEU O 347 17.89 91.84 30.26
CA LEU O 347 19.06 91.33 29.55
C LEU O 347 20.30 92.20 29.75
N ALA O 348 20.17 93.53 29.66
CA ALA O 348 21.34 94.40 29.75
C ALA O 348 22.09 94.26 31.09
N ASP O 349 21.39 93.89 32.17
CA ASP O 349 22.03 93.71 33.48
C ASP O 349 22.60 92.30 33.65
N VAL O 350 22.95 91.61 32.55
CA VAL O 350 23.29 90.19 32.64
C VAL O 350 24.52 89.97 33.54
N ARG O 351 25.61 90.71 33.30
CA ARG O 351 26.83 90.52 34.09
C ARG O 351 26.54 90.73 35.58
N LYS O 352 25.68 91.70 35.90
CA LYS O 352 25.33 91.98 37.29
C LYS O 352 24.47 90.87 37.88
N ALA O 353 23.66 90.19 37.05
CA ALA O 353 22.90 89.02 37.50
C ALA O 353 23.81 87.82 37.73
N LEU O 354 24.72 87.55 36.78
CA LEU O 354 25.70 86.49 36.94
C LEU O 354 26.57 86.71 38.17
N GLU O 355 27.04 87.93 38.39
CA GLU O 355 27.80 88.22 39.60
C GLU O 355 26.96 87.99 40.87
N GLU O 356 25.64 88.07 40.76
CA GLU O 356 24.77 87.95 41.95
C GLU O 356 24.69 86.50 42.46
N LEU O 357 25.03 85.51 41.62
CA LEU O 357 25.21 84.13 42.10
C LEU O 357 26.18 84.06 43.26
N ARG O 358 27.19 84.95 43.26
CA ARG O 358 28.30 84.89 44.22
C ARG O 358 28.02 85.67 45.50
N SER O 359 26.75 86.03 45.74
CA SER O 359 26.41 86.95 46.83
C SER O 359 26.08 86.18 48.09
N PRO O 360 26.94 86.19 49.10
CA PRO O 360 26.64 85.42 50.32
C PRO O 360 25.38 85.86 51.06
N GLU O 361 24.50 86.60 50.38
CA GLU O 361 23.25 87.09 50.97
C GLU O 361 22.01 86.52 50.28
N ARG O 362 22.17 85.90 49.12
CA ARG O 362 21.04 85.38 48.35
C ARG O 362 20.56 84.05 48.92
N VAL O 363 19.25 83.95 49.12
CA VAL O 363 18.50 82.71 49.02
C VAL O 363 17.49 82.92 47.91
N GLY O 364 17.55 82.11 46.87
CA GLY O 364 16.56 82.14 45.82
C GLY O 364 17.19 82.21 44.44
N LYS O 365 16.31 82.13 43.44
CA LYS O 365 16.71 82.05 42.03
C LYS O 365 16.90 83.45 41.48
N VAL O 366 17.92 83.61 40.65
CA VAL O 366 18.15 84.84 39.92
C VAL O 366 17.67 84.60 38.50
N LEU O 367 16.78 85.47 38.01
CA LEU O 367 16.24 85.37 36.66
C LEU O 367 16.74 86.50 35.74
N ILE O 368 16.49 86.31 34.44
CA ILE O 368 16.81 87.28 33.38
C ILE O 368 15.60 87.36 32.46
N ALA O 369 15.15 88.60 32.20
CA ALA O 369 13.97 88.85 31.38
C ALA O 369 14.39 89.62 30.13
N PRO O 370 14.50 88.96 28.97
CA PRO O 370 14.86 89.64 27.71
C PRO O 370 13.89 90.78 27.39
N HIS P 38 71.88 -66.13 55.71
CA HIS P 38 72.31 -66.96 54.55
C HIS P 38 73.51 -66.26 53.89
N GLU P 39 74.13 -66.93 52.91
CA GLU P 39 75.30 -66.39 52.22
C GLU P 39 75.23 -66.78 50.74
N MET P 40 75.21 -65.78 49.86
CA MET P 40 75.03 -66.00 48.42
C MET P 40 76.27 -65.54 47.67
N ARG P 41 76.31 -65.91 46.40
CA ARG P 41 77.28 -65.39 45.45
C ARG P 41 76.74 -64.13 44.77
N ALA P 42 77.65 -63.19 44.50
CA ALA P 42 77.28 -61.91 43.93
C ALA P 42 78.50 -61.30 43.24
N ALA P 43 78.30 -60.81 42.03
CA ALA P 43 79.27 -59.92 41.40
C ALA P 43 79.15 -58.57 42.10
N ALA P 44 80.29 -57.99 42.48
CA ALA P 44 80.27 -56.76 43.27
C ALA P 44 81.58 -56.02 43.08
N PHE P 45 81.49 -54.69 43.06
CA PHE P 45 82.64 -53.80 42.97
C PHE P 45 82.66 -52.86 44.17
N SER P 46 83.88 -52.54 44.61
CA SER P 46 84.13 -51.76 45.82
C SER P 46 84.70 -50.37 45.54
N THR P 47 85.54 -50.27 44.52
CA THR P 47 85.81 -49.04 43.80
C THR P 47 85.44 -49.28 42.32
N PRO P 48 85.15 -48.22 41.56
CA PRO P 48 84.66 -48.42 40.18
C PRO P 48 85.75 -48.76 39.17
N GLY P 49 85.30 -49.34 38.06
CA GLY P 49 86.16 -49.83 36.99
C GLY P 49 85.76 -51.27 36.75
N LEU P 50 85.98 -51.74 35.53
CA LEU P 50 85.49 -53.07 35.17
C LEU P 50 86.30 -54.16 35.87
N GLU P 51 87.64 -54.00 35.93
CA GLU P 51 88.52 -54.96 36.56
C GLU P 51 88.29 -55.09 38.07
N ASN P 52 87.68 -54.09 38.70
CA ASN P 52 87.37 -54.09 40.13
C ASN P 52 86.07 -54.81 40.44
N LEU P 53 85.41 -55.35 39.41
CA LEU P 53 84.18 -56.10 39.58
C LEU P 53 84.55 -57.56 39.78
N LYS P 54 84.24 -58.08 40.97
CA LYS P 54 84.73 -59.38 41.42
C LYS P 54 83.60 -60.20 42.02
N LEU P 55 83.57 -61.48 41.67
CA LEU P 55 82.67 -62.42 42.29
C LEU P 55 83.07 -62.58 43.76
N VAL P 56 82.10 -62.41 44.66
CA VAL P 56 82.36 -62.44 46.10
C VAL P 56 81.22 -63.20 46.79
N GLU P 57 81.42 -63.44 48.09
CA GLU P 57 80.40 -63.99 48.98
C GLU P 57 79.76 -62.82 49.71
N ALA P 58 78.45 -62.89 49.88
CA ALA P 58 77.68 -61.73 50.26
C ALA P 58 76.58 -62.17 51.20
N GLU P 59 76.30 -61.32 52.19
CA GLU P 59 75.18 -61.55 53.06
C GLU P 59 73.91 -61.55 52.21
N THR P 60 73.07 -62.56 52.41
CA THR P 60 71.86 -62.65 51.63
C THR P 60 70.81 -61.72 52.21
N PRO P 61 70.35 -60.71 51.45
CA PRO P 61 69.42 -59.73 52.00
C PRO P 61 68.10 -60.36 52.45
N ARG P 62 67.44 -59.66 53.36
CA ARG P 62 66.21 -60.15 53.95
C ARG P 62 65.11 -59.15 53.65
N PRO P 63 63.87 -59.61 53.41
CA PRO P 63 62.79 -58.69 53.03
C PRO P 63 62.16 -57.98 54.22
N GLY P 64 62.06 -56.64 54.13
CA GLY P 64 61.27 -55.86 55.05
C GLY P 64 59.79 -55.89 54.70
N PRO P 65 59.00 -55.18 55.50
CA PRO P 65 57.60 -54.96 55.11
C PRO P 65 57.51 -54.42 53.70
N GLY P 66 56.51 -54.90 52.94
CA GLY P 66 56.31 -54.51 51.55
C GLY P 66 57.43 -54.88 50.59
N GLU P 67 58.46 -55.59 51.05
CA GLU P 67 59.53 -56.06 50.19
C GLU P 67 59.31 -57.54 49.91
N VAL P 68 59.87 -58.03 48.80
CA VAL P 68 59.98 -59.46 48.52
C VAL P 68 61.42 -59.78 48.16
N LEU P 69 61.84 -61.00 48.49
CA LEU P 69 63.14 -61.55 48.15
C LEU P 69 63.02 -62.42 46.91
N ILE P 70 63.99 -62.31 46.01
CA ILE P 70 63.88 -62.95 44.71
C ILE P 70 65.11 -63.79 44.43
N ARG P 71 64.87 -65.04 44.03
CA ARG P 71 65.89 -65.91 43.46
C ARG P 71 66.08 -65.51 42.01
N VAL P 72 67.08 -64.68 41.74
CA VAL P 72 67.36 -64.14 40.41
C VAL P 72 67.75 -65.29 39.47
N LYS P 73 66.90 -65.58 38.49
CA LYS P 73 67.26 -66.52 37.44
C LYS P 73 68.06 -65.85 36.31
N TYR P 74 67.50 -64.80 35.71
CA TYR P 74 68.16 -64.11 34.61
C TYR P 74 68.17 -62.61 34.84
N ALA P 75 69.27 -61.98 34.43
CA ALA P 75 69.47 -60.54 34.58
C ALA P 75 70.04 -59.98 33.29
N GLY P 76 69.57 -58.78 32.90
CA GLY P 76 70.02 -58.17 31.66
C GLY P 76 71.42 -57.59 31.76
N VAL P 77 72.02 -57.33 30.61
CA VAL P 77 73.28 -56.61 30.52
C VAL P 77 73.08 -55.47 29.53
N ASN P 78 73.16 -54.23 30.05
CA ASN P 78 72.75 -53.00 29.42
C ASN P 78 73.82 -51.94 29.59
N PRO P 79 73.88 -50.98 28.67
CA PRO P 79 74.83 -49.87 28.85
C PRO P 79 74.68 -49.23 30.20
N LEU P 80 73.47 -49.29 30.77
CA LEU P 80 73.27 -48.81 32.13
C LEU P 80 74.18 -49.56 33.11
N ASP P 81 74.11 -50.90 33.14
CA ASP P 81 74.89 -51.65 34.12
C ASP P 81 76.40 -51.37 33.97
N TYR P 82 76.88 -51.39 32.73
CA TYR P 82 78.28 -51.08 32.45
C TYR P 82 78.71 -49.74 33.03
N ASN P 83 77.87 -48.70 32.90
CA ASN P 83 78.26 -47.35 33.32
C ASN P 83 78.20 -47.16 34.84
N VAL P 84 77.28 -47.86 35.52
CA VAL P 84 77.33 -47.98 36.99
C VAL P 84 78.67 -48.60 37.41
N VAL P 85 79.04 -49.70 36.76
CA VAL P 85 80.25 -50.43 37.12
C VAL P 85 81.48 -49.58 36.82
N ALA P 86 81.44 -48.85 35.71
CA ALA P 86 82.55 -47.99 35.32
C ALA P 86 82.60 -46.69 36.13
N GLY P 87 81.62 -46.44 37.00
CA GLY P 87 81.58 -45.19 37.74
C GLY P 87 81.24 -43.95 36.91
N ALA P 88 80.51 -44.09 35.81
CA ALA P 88 79.88 -42.93 35.21
C ALA P 88 78.57 -42.57 35.89
N VAL P 89 78.01 -43.50 36.69
CA VAL P 89 76.80 -43.30 37.49
C VAL P 89 77.16 -43.65 38.93
N LYS P 90 77.11 -42.67 39.83
CA LYS P 90 77.29 -42.95 41.25
C LYS P 90 76.24 -43.96 41.68
N ALA P 91 76.67 -44.96 42.44
CA ALA P 91 75.78 -46.03 42.89
C ALA P 91 75.88 -46.18 44.40
N SER P 92 74.85 -46.79 44.98
CA SER P 92 74.90 -47.03 46.40
C SER P 92 74.06 -48.28 46.72
N PRO P 93 74.46 -49.07 47.72
CA PRO P 93 75.60 -48.72 48.59
C PRO P 93 76.95 -49.09 48.00
N MET P 94 78.00 -48.80 48.78
CA MET P 94 79.32 -49.34 48.53
C MET P 94 79.70 -50.33 49.62
N PRO P 95 80.36 -51.45 49.29
CA PRO P 95 80.61 -51.81 47.88
C PRO P 95 79.31 -52.26 47.22
N HIS P 96 79.31 -52.28 45.88
CA HIS P 96 78.05 -52.31 45.13
C HIS P 96 77.86 -53.57 44.26
N ILE P 97 76.68 -54.16 44.38
CA ILE P 97 76.20 -55.21 43.46
C ILE P 97 75.34 -54.54 42.41
N PRO P 98 75.74 -54.53 41.13
CA PRO P 98 74.88 -53.90 40.11
C PRO P 98 73.81 -54.85 39.57
N GLY P 99 73.18 -54.45 38.45
CA GLY P 99 72.15 -55.23 37.78
C GLY P 99 70.76 -54.67 37.98
N SER P 100 70.25 -53.95 36.97
CA SER P 100 69.00 -53.25 37.14
C SER P 100 67.85 -53.87 36.36
N GLU P 101 68.12 -54.89 35.53
CA GLU P 101 67.11 -55.56 34.70
C GLU P 101 67.16 -57.06 34.99
N PHE P 102 66.23 -57.56 35.80
CA PHE P 102 66.26 -58.98 36.13
C PHE P 102 64.87 -59.56 36.38
N ALA P 103 64.78 -60.88 36.21
CA ALA P 103 63.65 -61.70 36.64
C ALA P 103 64.18 -62.89 37.43
N GLY P 104 63.30 -63.44 38.25
CA GLY P 104 63.63 -64.61 39.04
C GLY P 104 62.39 -65.27 39.65
N VAL P 105 62.55 -65.90 40.80
CA VAL P 105 61.44 -66.54 41.48
C VAL P 105 61.37 -66.04 42.92
N VAL P 106 60.16 -65.83 43.39
CA VAL P 106 59.94 -65.30 44.74
C VAL P 106 60.39 -66.36 45.74
N GLU P 107 61.51 -66.08 46.39
CA GLU P 107 61.98 -66.93 47.48
C GLU P 107 61.21 -66.64 48.76
N GLU P 108 61.18 -65.38 49.21
CA GLU P 108 60.52 -65.04 50.45
C GLU P 108 59.69 -63.78 50.27
N ALA P 109 58.48 -63.81 50.81
CA ALA P 109 57.63 -62.63 50.93
C ALA P 109 57.80 -62.06 52.33
N GLY P 110 57.94 -60.73 52.41
CA GLY P 110 58.17 -60.06 53.67
C GLY P 110 56.88 -59.79 54.42
N PRO P 111 57.02 -59.32 55.66
CA PRO P 111 55.85 -59.16 56.54
C PRO P 111 54.77 -58.30 55.90
N GLY P 112 53.54 -58.81 55.90
CA GLY P 112 52.42 -58.09 55.34
C GLY P 112 52.28 -58.17 53.83
N VAL P 113 53.24 -58.75 53.13
CA VAL P 113 53.18 -58.83 51.66
C VAL P 113 52.23 -59.96 51.27
N THR P 114 51.13 -59.61 50.58
CA THR P 114 50.13 -60.54 50.07
C THR P 114 50.01 -60.38 48.56
N GLY P 115 49.18 -61.23 47.95
CA GLY P 115 49.08 -61.31 46.49
C GLY P 115 50.34 -61.81 45.79
N VAL P 116 51.33 -62.27 46.54
CA VAL P 116 52.58 -62.80 46.01
C VAL P 116 52.94 -63.98 46.91
N SER P 117 53.16 -65.14 46.30
CA SER P 117 53.48 -66.36 47.02
C SER P 117 54.88 -66.84 46.66
N ARG P 118 55.41 -67.72 47.48
CA ARG P 118 56.72 -68.30 47.23
C ARG P 118 56.71 -69.07 45.92
N GLY P 119 57.86 -69.14 45.26
CA GLY P 119 57.96 -69.87 44.01
C GLY P 119 57.34 -69.19 42.80
N ASP P 120 56.74 -68.00 42.96
CA ASP P 120 56.12 -67.32 41.83
C ASP P 120 57.19 -66.73 40.91
N PRO P 121 57.15 -67.05 39.61
CA PRO P 121 58.04 -66.37 38.66
C PRO P 121 57.65 -64.89 38.52
N VAL P 122 58.64 -63.99 38.65
CA VAL P 122 58.38 -62.55 38.59
C VAL P 122 59.44 -61.82 37.78
N VAL P 123 59.04 -60.69 37.21
CA VAL P 123 59.93 -59.75 36.55
C VAL P 123 59.77 -58.40 37.25
N VAL P 124 60.83 -57.60 37.27
CA VAL P 124 60.97 -56.50 38.22
C VAL P 124 60.86 -55.15 37.51
N TYR P 125 59.85 -54.37 37.88
CA TYR P 125 59.82 -52.98 37.48
C TYR P 125 60.88 -52.24 38.27
N ASN P 126 61.86 -51.65 37.57
CA ASN P 126 63.10 -51.20 38.18
C ASN P 126 63.11 -49.74 38.65
N ARG P 127 62.00 -49.02 38.64
CA ARG P 127 61.95 -47.67 39.22
C ARG P 127 61.31 -47.71 40.61
N LEU P 128 61.96 -47.07 41.57
CA LEU P 128 61.36 -46.88 42.88
C LEU P 128 60.44 -45.66 42.84
N TYR P 129 59.21 -45.84 43.31
CA TYR P 129 58.18 -44.83 43.25
C TYR P 129 57.32 -44.84 44.51
N CYS P 130 56.95 -43.62 44.97
CA CYS P 130 56.19 -43.44 46.21
C CYS P 130 54.70 -43.72 46.05
N GLY P 131 54.14 -43.64 44.84
CA GLY P 131 52.70 -43.79 44.66
C GLY P 131 51.83 -42.69 45.25
N HIS P 132 52.43 -41.61 45.79
CA HIS P 132 51.64 -40.55 46.41
C HIS P 132 51.83 -39.17 45.77
N CYS P 133 52.89 -38.97 44.99
CA CYS P 133 53.15 -37.66 44.44
C CYS P 133 52.37 -37.43 43.16
N ARG P 134 52.46 -36.21 42.66
CA ARG P 134 51.81 -35.83 41.40
C ARG P 134 52.17 -36.82 40.29
N GLN P 135 53.47 -37.06 40.08
CA GLN P 135 53.88 -37.89 38.95
C GLN P 135 53.33 -39.31 39.10
N CYS P 136 53.56 -39.93 40.26
CA CYS P 136 52.99 -41.26 40.51
C CYS P 136 51.49 -41.26 40.32
N LEU P 137 50.79 -40.21 40.78
CA LEU P 137 49.33 -40.30 40.82
C LEU P 137 48.69 -40.18 39.46
N THR P 138 49.37 -39.55 38.50
CA THR P 138 48.93 -39.45 37.11
C THR P 138 49.48 -40.57 36.26
N GLY P 139 50.23 -41.50 36.84
CA GLY P 139 50.70 -42.69 36.15
C GLY P 139 52.15 -42.68 35.77
N TRP P 140 52.83 -41.50 35.81
CA TRP P 140 54.24 -41.38 35.45
C TRP P 140 55.13 -41.75 36.63
N THR P 141 55.12 -43.04 36.98
CA THR P 141 55.86 -43.50 38.16
C THR P 141 57.35 -43.32 38.01
N GLN P 142 57.86 -43.42 36.79
CA GLN P 142 59.28 -43.24 36.60
C GLN P 142 59.75 -41.82 36.90
N MET P 143 58.84 -40.86 37.08
CA MET P 143 59.20 -39.45 37.27
C MET P 143 59.02 -39.02 38.72
N CYS P 144 58.97 -40.00 39.63
CA CYS P 144 58.60 -39.77 41.03
C CYS P 144 59.41 -38.65 41.64
N GLU P 145 58.71 -37.73 42.30
CA GLU P 145 59.35 -36.60 42.95
C GLU P 145 60.06 -37.00 44.24
N VAL P 146 59.54 -38.03 44.93
CA VAL P 146 60.06 -38.42 46.24
C VAL P 146 61.37 -39.19 46.11
N THR P 147 61.39 -40.21 45.25
CA THR P 147 62.55 -41.07 45.09
C THR P 147 63.60 -40.51 44.15
N GLY P 148 63.33 -39.39 43.48
CA GLY P 148 64.23 -38.86 42.47
C GLY P 148 64.36 -39.75 41.26
N GLY P 149 63.36 -40.60 41.00
CA GLY P 149 63.52 -41.63 39.97
C GLY P 149 64.68 -42.59 40.19
N GLY P 150 64.94 -42.99 41.44
CA GLY P 150 66.02 -43.92 41.72
C GLY P 150 65.74 -45.29 41.15
N ILE P 151 66.81 -45.95 40.70
CA ILE P 151 66.72 -47.18 39.90
C ILE P 151 67.30 -48.34 40.71
N ILE P 152 66.53 -49.44 40.77
CA ILE P 152 66.99 -50.70 41.39
C ILE P 152 68.30 -51.17 40.76
N GLY P 153 69.22 -51.63 41.62
CA GLY P 153 70.54 -51.98 41.17
C GLY P 153 71.46 -50.82 41.05
N ILE P 154 70.95 -49.59 41.23
CA ILE P 154 71.77 -48.37 41.24
C ILE P 154 71.76 -47.70 42.62
N VAL P 155 70.57 -47.51 43.20
CA VAL P 155 70.44 -47.06 44.59
C VAL P 155 70.11 -48.20 45.54
N THR P 156 69.97 -49.43 45.03
CA THR P 156 69.84 -50.65 45.81
C THR P 156 70.82 -51.67 45.25
N GLN P 157 71.10 -52.71 46.02
CA GLN P 157 71.88 -53.82 45.49
C GLN P 157 71.02 -54.60 44.50
N GLY P 158 71.58 -54.89 43.33
CA GLY P 158 70.82 -55.39 42.21
C GLY P 158 70.88 -56.90 42.04
N GLY P 159 70.72 -57.32 40.78
CA GLY P 159 70.50 -58.72 40.44
C GLY P 159 71.65 -59.44 39.76
N TYR P 160 72.85 -58.87 39.71
CA TYR P 160 74.05 -59.66 39.41
C TYR P 160 74.47 -60.41 40.68
N ALA P 161 73.54 -61.24 41.15
CA ALA P 161 73.71 -62.05 42.34
C ALA P 161 72.69 -63.17 42.27
N GLU P 162 72.71 -64.04 43.28
CA GLU P 162 71.72 -65.11 43.31
C GLU P 162 70.41 -64.64 43.90
N TYR P 163 70.44 -63.62 44.75
CA TYR P 163 69.23 -63.11 45.38
C TYR P 163 69.28 -61.59 45.43
N ALA P 164 68.09 -60.99 45.51
CA ALA P 164 67.97 -59.55 45.57
C ALA P 164 66.61 -59.22 46.16
N VAL P 165 66.55 -58.13 46.88
CA VAL P 165 65.30 -57.63 47.45
C VAL P 165 64.77 -56.50 46.57
N VAL P 166 63.45 -56.49 46.38
CA VAL P 166 62.76 -55.40 45.69
C VAL P 166 61.42 -55.18 46.36
N PRO P 167 60.84 -53.99 46.20
CA PRO P 167 59.48 -53.78 46.71
C PRO P 167 58.52 -54.75 46.03
N ALA P 168 57.63 -55.34 46.82
CA ALA P 168 56.65 -56.28 46.29
C ALA P 168 55.86 -55.66 45.14
N LYS P 169 55.54 -54.36 45.25
CA LYS P 169 54.76 -53.68 44.22
C LYS P 169 55.54 -53.51 42.92
N ASN P 170 56.84 -53.76 42.94
CA ASN P 170 57.69 -53.74 41.75
C ASN P 170 57.84 -55.11 41.08
N ALA P 171 57.23 -56.16 41.62
CA ALA P 171 57.46 -57.51 41.14
C ALA P 171 56.18 -58.00 40.48
N VAL P 172 56.25 -58.21 39.16
CA VAL P 172 55.07 -58.58 38.37
C VAL P 172 55.14 -60.08 38.12
N ALA P 173 54.11 -60.78 38.54
CA ALA P 173 53.94 -62.18 38.16
C ALA P 173 53.86 -62.29 36.64
N THR P 174 54.44 -63.37 36.11
CA THR P 174 54.46 -63.55 34.67
C THR P 174 54.64 -65.02 34.33
N ARG P 175 53.83 -65.49 33.39
CA ARG P 175 53.87 -66.86 32.94
C ARG P 175 54.85 -67.05 31.79
N ALA P 176 55.80 -66.15 31.65
CA ALA P 176 56.67 -66.12 30.48
C ALA P 176 58.03 -66.71 30.80
N ASP P 177 58.74 -67.06 29.74
CA ASP P 177 60.11 -67.56 29.87
C ASP P 177 60.97 -66.49 30.53
N LEU P 178 61.51 -66.79 31.71
CA LEU P 178 62.23 -65.74 32.44
C LEU P 178 63.41 -65.19 31.64
N LYS P 179 64.03 -66.02 30.79
CA LYS P 179 65.03 -65.51 29.84
C LYS P 179 64.46 -64.38 28.98
N GLU P 180 63.24 -64.55 28.50
CA GLU P 180 62.59 -63.51 27.71
C GLU P 180 62.14 -62.34 28.61
N ALA P 181 61.54 -62.63 29.79
CA ALA P 181 61.07 -61.58 30.67
C ALA P 181 62.21 -60.66 31.12
N ALA P 182 63.42 -61.20 31.19
CA ALA P 182 64.54 -60.39 31.62
C ALA P 182 64.97 -59.35 30.57
N THR P 183 64.40 -59.36 29.36
CA THR P 183 64.67 -58.28 28.42
C THR P 183 63.75 -57.08 28.60
N LEU P 184 62.73 -57.17 29.47
CA LEU P 184 61.61 -56.24 29.49
C LEU P 184 61.83 -54.99 30.34
N PRO P 185 62.39 -55.11 31.55
CA PRO P 185 62.40 -53.95 32.47
C PRO P 185 63.18 -52.72 31.97
N ILE P 186 64.11 -52.91 31.04
CA ILE P 186 64.96 -51.83 30.54
C ILE P 186 64.78 -51.74 29.03
N GLY P 187 65.05 -52.84 28.33
CA GLY P 187 65.00 -52.81 26.88
C GLY P 187 63.61 -52.57 26.33
N ALA P 188 62.65 -53.42 26.71
CA ALA P 188 61.34 -53.33 26.12
C ALA P 188 60.60 -52.10 26.61
N LEU P 189 60.57 -51.89 27.93
CA LEU P 189 59.73 -50.84 28.47
C LEU P 189 60.23 -49.46 28.04
N THR P 190 61.54 -49.22 28.12
CA THR P 190 62.10 -47.97 27.58
C THR P 190 61.69 -47.74 26.13
N ALA P 191 61.67 -48.80 25.30
CA ALA P 191 61.24 -48.65 23.90
C ALA P 191 59.75 -48.36 23.81
N TRP P 192 58.94 -49.09 24.57
CA TRP P 192 57.52 -48.82 24.58
C TRP P 192 57.24 -47.37 24.90
N ASN P 193 57.90 -46.87 25.95
CA ASN P 193 57.66 -45.51 26.42
C ASN P 193 58.06 -44.46 25.38
N MET P 194 59.11 -44.73 24.60
CA MET P 194 59.42 -43.85 23.48
C MET P 194 58.25 -43.81 22.50
N ALA P 195 57.78 -44.99 22.05
CA ALA P 195 56.74 -45.05 21.03
C ALA P 195 55.44 -44.44 21.54
N TYR P 196 55.15 -44.63 22.83
CA TYR P 196 53.95 -44.08 23.42
C TYR P 196 53.96 -42.57 23.33
N ARG P 197 55.10 -41.97 23.67
CA ARG P 197 55.34 -40.55 23.66
C ARG P 197 55.63 -40.00 22.27
N ALA P 198 55.50 -40.83 21.22
CA ALA P 198 55.67 -40.38 19.84
C ALA P 198 54.33 -40.15 19.13
N SER P 199 53.22 -40.63 19.69
CA SER P 199 51.88 -40.42 19.13
C SER P 199 51.82 -40.90 17.69
N ILE P 200 52.31 -42.11 17.49
CA ILE P 200 52.31 -42.78 16.20
C ILE P 200 50.86 -43.09 15.85
N SER P 201 50.35 -42.50 14.69
CA SER P 201 49.05 -42.83 14.12
C SER P 201 49.25 -43.87 13.02
N PRO P 202 48.32 -44.82 12.88
CA PRO P 202 48.48 -45.84 11.82
C PRO P 202 48.82 -45.24 10.47
N GLY P 203 49.83 -45.84 9.85
CA GLY P 203 50.28 -45.48 8.52
C GLY P 203 51.40 -44.46 8.48
N GLU P 204 51.74 -43.85 9.62
CA GLU P 204 52.86 -42.94 9.68
C GLU P 204 54.17 -43.71 9.44
N LYS P 205 55.13 -43.01 8.83
CA LYS P 205 56.45 -43.58 8.57
C LYS P 205 57.36 -43.37 9.76
N VAL P 206 57.76 -44.46 10.41
CA VAL P 206 58.56 -44.44 11.63
C VAL P 206 59.95 -45.00 11.32
N ALA P 207 60.98 -44.23 11.67
CA ALA P 207 62.36 -44.70 11.60
C ALA P 207 62.84 -45.01 13.02
N VAL P 208 63.66 -46.06 13.14
CA VAL P 208 64.27 -46.47 14.42
C VAL P 208 65.77 -46.47 14.20
N VAL P 209 66.46 -45.52 14.83
CA VAL P 209 67.92 -45.43 14.80
C VAL P 209 68.45 -46.31 15.93
N GLY P 210 69.52 -47.04 15.66
CA GLY P 210 69.99 -48.03 16.62
C GLY P 210 69.05 -49.20 16.82
N ALA P 211 68.31 -49.61 15.76
CA ALA P 211 67.32 -50.67 15.84
C ALA P 211 67.90 -52.07 16.18
N THR P 212 69.22 -52.27 15.99
CA THR P 212 69.91 -53.52 16.37
C THR P 212 70.10 -53.67 17.89
N GLY P 213 69.84 -52.61 18.67
CA GLY P 213 70.19 -52.57 20.08
C GLY P 213 69.11 -53.11 21.01
N ASN P 214 69.40 -53.02 22.31
CA ASN P 214 68.45 -53.48 23.32
C ASN P 214 67.12 -52.74 23.21
N VAL P 215 67.17 -51.41 23.13
CA VAL P 215 65.95 -50.63 22.96
C VAL P 215 65.44 -50.75 21.53
N GLY P 216 66.33 -50.49 20.55
CA GLY P 216 65.90 -50.48 19.16
C GLY P 216 65.15 -51.72 18.70
N ILE P 217 65.49 -52.89 19.24
CA ILE P 217 64.89 -54.12 18.73
C ILE P 217 63.45 -54.22 19.19
N TYR P 218 63.12 -53.56 20.29
CA TYR P 218 61.73 -53.46 20.70
C TYR P 218 61.04 -52.21 20.18
N ALA P 219 61.78 -51.10 20.07
CA ALA P 219 61.25 -49.91 19.38
C ALA P 219 60.61 -50.28 18.05
N VAL P 220 61.24 -51.21 17.31
CA VAL P 220 60.72 -51.62 16.01
C VAL P 220 59.40 -52.38 16.17
N GLN P 221 59.32 -53.25 17.18
CA GLN P 221 58.12 -54.06 17.38
C GLN P 221 56.94 -53.21 17.84
N PHE P 222 57.21 -52.24 18.71
CA PHE P 222 56.12 -51.40 19.19
C PHE P 222 55.64 -50.44 18.10
N ALA P 223 56.57 -49.91 17.30
CA ALA P 223 56.19 -48.99 16.23
C ALA P 223 55.26 -49.67 15.24
N LYS P 224 55.46 -50.97 15.00
CA LYS P 224 54.64 -51.72 14.05
C LYS P 224 53.30 -52.11 14.69
N LEU P 225 53.35 -52.45 15.97
CA LEU P 225 52.16 -52.79 16.73
C LEU P 225 51.19 -51.62 16.79
N LEU P 226 51.69 -50.40 16.88
CA LEU P 226 50.85 -49.23 16.83
C LEU P 226 50.38 -48.89 15.42
N GLY P 227 50.78 -49.68 14.42
CA GLY P 227 50.33 -49.45 13.05
C GLY P 227 51.25 -48.57 12.22
N GLY P 228 52.45 -48.31 12.69
CA GLY P 228 53.38 -47.56 11.87
C GLY P 228 53.95 -48.40 10.75
N GLU P 229 54.37 -47.71 9.70
CA GLU P 229 55.21 -48.28 8.66
C GLU P 229 56.66 -48.01 9.05
N VAL P 230 57.44 -49.07 9.28
CA VAL P 230 58.61 -49.04 10.16
C VAL P 230 59.89 -49.18 9.31
N TYR P 231 60.76 -48.14 9.36
CA TYR P 231 62.07 -48.16 8.70
C TYR P 231 63.16 -48.29 9.76
N ALA P 232 63.79 -49.47 9.83
CA ALA P 232 64.90 -49.70 10.77
C ALA P 232 66.23 -49.25 10.16
N ILE P 233 66.98 -48.43 10.89
CA ILE P 233 68.20 -47.79 10.39
C ILE P 233 69.42 -48.37 11.13
N SER P 234 70.43 -48.79 10.36
CA SER P 234 71.64 -49.37 10.96
C SER P 234 72.84 -49.17 10.03
N ARG P 235 74.04 -49.08 10.64
CA ARG P 235 75.27 -48.92 9.87
C ARG P 235 75.82 -50.25 9.35
N ARG P 236 75.28 -51.39 9.80
CA ARG P 236 75.61 -52.72 9.31
C ARG P 236 74.35 -53.38 8.72
N LYS P 237 73.68 -52.69 7.79
CA LYS P 237 72.46 -53.22 7.18
C LYS P 237 72.68 -54.64 6.69
N ALA P 238 73.65 -54.81 5.78
CA ALA P 238 73.84 -56.06 5.06
C ALA P 238 73.96 -57.24 6.00
N LYS P 239 74.51 -57.03 7.20
CA LYS P 239 74.69 -58.09 8.19
C LYS P 239 73.45 -58.34 9.07
N VAL P 240 72.46 -57.44 9.11
CA VAL P 240 71.33 -57.58 10.06
C VAL P 240 69.94 -57.49 9.43
N GLU P 241 69.87 -57.21 8.11
CA GLU P 241 68.58 -56.96 7.45
C GLU P 241 67.54 -58.03 7.79
N SER P 242 67.97 -59.30 7.89
CA SER P 242 67.03 -60.39 8.06
C SER P 242 66.46 -60.39 9.47
N ILE P 243 67.30 -60.10 10.46
CA ILE P 243 66.84 -60.14 11.84
C ILE P 243 65.87 -58.98 12.12
N LEU P 244 66.14 -57.80 11.53
CA LEU P 244 65.27 -56.65 11.76
C LEU P 244 63.92 -56.85 11.08
N LYS P 245 63.91 -57.45 9.89
CA LYS P 245 62.63 -57.72 9.23
C LYS P 245 61.77 -58.70 10.04
N SER P 246 62.39 -59.68 10.70
CA SER P 246 61.61 -60.60 11.53
C SER P 246 61.15 -59.98 12.83
N ALA P 247 61.77 -58.87 13.26
CA ALA P 247 61.27 -58.08 14.38
C ALA P 247 60.06 -57.21 14.01
N GLY P 248 59.84 -57.01 12.71
CA GLY P 248 58.64 -56.37 12.20
C GLY P 248 58.96 -55.22 11.26
N ALA P 249 60.22 -54.83 11.17
CA ALA P 249 60.57 -53.76 10.25
C ALA P 249 60.03 -54.05 8.85
N ASP P 250 59.59 -53.01 8.18
CA ASP P 250 59.17 -53.13 6.80
C ASP P 250 60.31 -52.90 5.84
N ALA P 251 61.35 -52.21 6.29
CA ALA P 251 62.50 -51.93 5.46
C ALA P 251 63.66 -51.74 6.42
N VAL P 252 64.87 -52.06 5.93
CA VAL P 252 66.11 -51.84 6.68
C VAL P 252 66.97 -50.94 5.81
N LEU P 253 67.47 -49.85 6.40
CA LEU P 253 68.15 -48.81 5.62
C LEU P 253 69.49 -48.46 6.25
N THR P 254 70.44 -48.13 5.38
CA THR P 254 71.67 -47.50 5.86
C THR P 254 71.40 -46.03 6.09
N PRO P 255 72.24 -45.36 6.87
CA PRO P 255 72.07 -43.91 7.07
C PRO P 255 71.85 -43.14 5.78
N ASP P 256 72.59 -43.45 4.71
CA ASP P 256 72.40 -42.78 3.44
C ASP P 256 71.03 -43.05 2.87
N GLU P 257 70.57 -44.30 2.92
CA GLU P 257 69.26 -44.62 2.33
C GLU P 257 68.13 -43.92 3.10
N ALA P 258 68.25 -43.85 4.42
CA ALA P 258 67.35 -43.02 5.23
C ALA P 258 67.18 -41.63 4.62
N LYS P 259 68.29 -40.95 4.32
CA LYS P 259 68.20 -39.62 3.73
C LYS P 259 67.28 -39.61 2.50
N SER P 260 67.34 -40.67 1.70
CA SER P 260 66.53 -40.73 0.49
C SER P 260 65.08 -41.13 0.79
N ALA P 261 64.86 -41.93 1.82
CA ALA P 261 63.51 -42.29 2.20
C ALA P 261 62.79 -41.16 2.93
N ALA P 262 63.47 -40.05 3.25
CA ALA P 262 62.86 -38.97 4.01
C ALA P 262 61.78 -38.28 3.17
N PRO P 263 60.74 -37.69 3.80
CA PRO P 263 60.72 -37.46 5.25
C PRO P 263 60.04 -38.58 6.02
N PHE P 264 60.30 -38.58 7.33
CA PHE P 264 59.66 -39.46 8.30
C PHE P 264 58.77 -38.65 9.26
N ASP P 265 57.67 -39.27 9.73
CA ASP P 265 56.83 -38.69 10.78
C ASP P 265 57.42 -38.87 12.17
N VAL P 266 58.13 -39.97 12.39
CA VAL P 266 58.71 -40.28 13.69
C VAL P 266 60.12 -40.85 13.49
N VAL P 267 61.05 -40.37 14.31
CA VAL P 267 62.35 -41.00 14.50
C VAL P 267 62.46 -41.40 15.96
N LEU P 268 62.56 -42.68 16.20
CA LEU P 268 62.89 -43.16 17.53
C LEU P 268 64.40 -43.38 17.54
N ASP P 269 65.10 -42.64 18.40
CA ASP P 269 66.56 -42.59 18.34
C ASP P 269 67.12 -42.27 19.70
N PRO P 270 67.50 -43.33 20.50
CA PRO P 270 68.17 -43.09 21.79
C PRO P 270 69.71 -43.08 21.73
N THR P 271 70.32 -42.82 20.56
CA THR P 271 71.75 -43.04 20.35
C THR P 271 72.58 -41.77 20.43
N GLY P 272 71.94 -40.62 20.64
CA GLY P 272 72.62 -39.41 21.03
C GLY P 272 73.12 -38.57 19.88
N SER P 273 74.13 -37.76 20.21
CA SER P 273 74.57 -36.64 19.38
C SER P 273 75.11 -37.07 18.01
N ALA P 274 75.75 -38.24 17.93
CA ALA P 274 76.37 -38.70 16.68
C ALA P 274 75.35 -38.95 15.59
N SER P 275 74.11 -39.33 15.95
CA SER P 275 73.04 -39.54 14.99
C SER P 275 72.16 -38.31 14.75
N TRP P 276 72.42 -37.18 15.43
CA TRP P 276 71.44 -36.09 15.50
C TRP P 276 71.15 -35.47 14.15
N ASP P 277 72.21 -35.04 13.42
CA ASP P 277 71.97 -34.26 12.20
C ASP P 277 71.15 -35.05 11.20
N LEU P 278 71.34 -36.37 11.18
CA LEU P 278 70.57 -37.24 10.30
C LEU P 278 69.12 -37.32 10.77
N SER P 279 68.93 -37.73 12.02
CA SER P 279 67.59 -37.97 12.57
C SER P 279 66.74 -36.71 12.54
N PHE P 280 67.26 -35.60 13.03
CA PHE P 280 66.53 -34.34 12.98
C PHE P 280 66.23 -33.96 11.55
N GLY P 281 67.20 -34.16 10.64
CA GLY P 281 67.07 -33.67 9.28
C GLY P 281 66.17 -34.50 8.38
N VAL P 282 65.89 -35.76 8.76
CA VAL P 282 64.96 -36.62 8.01
C VAL P 282 63.51 -36.45 8.47
N LEU P 283 63.25 -35.67 9.51
CA LEU P 283 61.89 -35.40 9.96
C LEU P 283 61.13 -34.50 8.99
N GLY P 284 59.91 -34.90 8.68
CA GLY P 284 58.98 -34.07 7.94
C GLY P 284 58.17 -33.20 8.87
N ARG P 285 57.16 -32.57 8.28
CA ARG P 285 56.33 -31.63 9.02
C ARG P 285 55.62 -32.33 10.17
N GLY P 286 55.53 -31.65 11.30
CA GLY P 286 54.97 -32.30 12.46
C GLY P 286 55.75 -33.49 12.97
N GLY P 287 57.00 -33.68 12.52
CA GLY P 287 57.70 -34.91 12.86
C GLY P 287 58.10 -34.93 14.32
N ARG P 288 58.16 -36.12 14.91
CA ARG P 288 58.60 -36.27 16.29
C ARG P 288 59.92 -37.05 16.39
N TYR P 289 60.91 -36.43 17.04
CA TYR P 289 62.14 -37.08 17.50
C TYR P 289 61.97 -37.45 18.96
N VAL P 290 62.06 -38.74 19.26
CA VAL P 290 61.97 -39.22 20.65
C VAL P 290 63.28 -39.93 21.03
N THR P 291 63.95 -39.43 22.06
CA THR P 291 65.16 -40.06 22.58
C THR P 291 64.95 -40.44 24.03
N ALA P 292 65.55 -41.57 24.40
CA ALA P 292 65.66 -41.99 25.78
C ALA P 292 67.10 -42.22 26.24
N GLY P 293 68.09 -41.77 25.46
CA GLY P 293 69.49 -42.00 25.80
C GLY P 293 70.42 -41.06 25.08
N ALA P 294 71.70 -41.13 25.48
CA ALA P 294 72.74 -40.25 24.96
C ALA P 294 74.01 -41.03 24.59
N LEU P 295 73.82 -42.25 24.06
CA LEU P 295 74.92 -43.22 23.89
C LEU P 295 76.19 -42.61 23.31
N THR P 296 76.09 -41.90 22.19
CA THR P 296 77.26 -41.37 21.50
C THR P 296 77.53 -39.90 21.80
N GLY P 297 76.96 -39.34 22.87
CA GLY P 297 77.09 -37.92 23.15
C GLY P 297 75.77 -37.25 23.52
N ALA P 298 75.80 -36.33 24.49
CA ALA P 298 74.59 -35.78 25.07
C ALA P 298 74.20 -34.40 24.52
N GLU P 299 75.17 -33.60 24.08
CA GLU P 299 74.88 -32.30 23.51
C GLU P 299 74.60 -32.38 22.00
N VAL P 300 73.59 -31.61 21.55
CA VAL P 300 73.30 -31.43 20.13
C VAL P 300 73.07 -29.93 19.85
N ARG P 301 73.39 -29.48 18.64
CA ARG P 301 73.13 -28.10 18.22
C ARG P 301 71.74 -28.06 17.57
N LEU P 302 70.75 -27.51 18.29
CA LEU P 302 69.36 -27.48 17.84
C LEU P 302 69.07 -26.15 17.15
N ASP P 303 68.53 -26.25 15.95
CA ASP P 303 68.20 -25.11 15.10
C ASP P 303 66.72 -24.85 15.33
N LEU P 304 66.43 -23.88 16.21
CA LEU P 304 65.06 -23.46 16.48
C LEU P 304 64.33 -22.96 15.23
N ARG P 305 65.06 -22.43 14.23
CA ARG P 305 64.40 -21.96 13.00
C ARG P 305 63.77 -23.11 12.25
N ARG P 306 64.45 -24.26 12.23
CA ARG P 306 63.88 -25.43 11.58
C ARG P 306 62.87 -26.13 12.47
N LEU P 307 63.07 -26.11 13.80
CA LEU P 307 62.12 -26.71 14.72
C LEU P 307 60.73 -26.09 14.56
N TYR P 308 60.63 -24.74 14.63
CA TYR P 308 59.33 -24.08 14.50
C TYR P 308 58.85 -24.05 13.05
N GLY P 309 59.75 -23.84 12.09
CA GLY P 309 59.36 -23.88 10.68
C GLY P 309 58.71 -25.18 10.25
N MET P 310 59.16 -26.30 10.79
CA MET P 310 58.61 -27.61 10.45
C MET P 310 57.63 -28.14 11.48
N GLN P 311 57.38 -27.38 12.54
CA GLN P 311 56.54 -27.85 13.64
C GLN P 311 56.98 -29.20 14.17
N ILE P 312 58.30 -29.37 14.30
CA ILE P 312 58.86 -30.59 14.87
C ILE P 312 58.71 -30.55 16.38
N LEU P 313 58.51 -31.72 16.97
CA LEU P 313 58.60 -31.92 18.41
C LEU P 313 59.84 -32.76 18.71
N VAL P 314 60.56 -32.37 19.76
CA VAL P 314 61.76 -33.05 20.21
C VAL P 314 61.45 -33.49 21.64
N ILE P 315 61.24 -34.78 21.81
CA ILE P 315 60.61 -35.33 23.00
C ILE P 315 61.60 -36.21 23.76
N GLY P 316 61.77 -35.92 25.05
CA GLY P 316 62.47 -36.81 25.94
C GLY P 316 61.56 -37.88 26.52
N ALA P 317 62.14 -39.05 26.74
CA ALA P 317 61.42 -40.17 27.33
C ALA P 317 62.39 -40.97 28.17
N THR P 318 61.93 -41.50 29.31
CA THR P 318 62.84 -42.22 30.19
C THR P 318 62.02 -43.28 30.91
N GLY P 319 62.70 -44.39 31.24
CA GLY P 319 62.07 -45.54 31.85
C GLY P 319 60.76 -45.93 31.21
N GLY P 320 59.76 -46.22 32.02
CA GLY P 320 58.43 -46.51 31.52
C GLY P 320 57.47 -46.37 32.66
N ARG P 321 56.19 -46.24 32.31
CA ARG P 321 55.12 -46.12 33.29
C ARG P 321 54.89 -47.47 33.91
N ARG P 322 54.61 -47.49 35.22
CA ARG P 322 54.34 -48.74 35.94
C ARG P 322 53.18 -49.52 35.33
N ALA P 323 52.07 -48.85 34.99
CA ALA P 323 50.94 -49.57 34.41
C ALA P 323 51.31 -50.19 33.07
N ASP P 324 52.20 -49.54 32.31
CA ASP P 324 52.61 -49.97 30.98
C ASP P 324 53.58 -51.14 31.03
N PHE P 325 54.31 -51.33 32.15
CA PHE P 325 55.09 -52.54 32.29
C PHE P 325 54.17 -53.77 32.31
N ASN P 326 53.04 -53.70 33.03
CA ASN P 326 52.09 -54.82 33.01
C ASN P 326 51.64 -55.11 31.60
N THR P 327 51.50 -54.06 30.79
CA THR P 327 51.04 -54.24 29.42
C THR P 327 52.12 -54.88 28.57
N VAL P 328 53.36 -54.42 28.71
CA VAL P 328 54.48 -55.04 28.00
C VAL P 328 54.59 -56.51 28.40
N VAL P 329 54.55 -56.80 29.70
CA VAL P 329 54.62 -58.19 30.15
C VAL P 329 53.54 -59.04 29.47
N ARG P 330 52.26 -58.59 29.47
CA ARG P 330 51.18 -59.37 28.84
C ARG P 330 51.42 -59.55 27.34
N LEU P 331 52.08 -58.58 26.69
CA LEU P 331 52.35 -58.68 25.27
C LEU P 331 53.42 -59.72 24.96
N LEU P 332 54.43 -59.92 25.83
CA LEU P 332 55.38 -61.01 25.65
C LEU P 332 54.70 -62.37 25.86
N GLU P 333 53.92 -62.48 26.94
CA GLU P 333 53.17 -63.71 27.22
C GLU P 333 52.22 -64.07 26.09
N ALA P 334 51.74 -63.09 25.35
CA ALA P 334 50.78 -63.37 24.29
C ALA P 334 51.45 -63.60 22.95
N GLY P 335 52.78 -63.46 22.90
CA GLY P 335 53.50 -63.58 21.65
C GLY P 335 53.48 -62.36 20.75
N ARG P 336 52.78 -61.28 21.12
CA ARG P 336 52.68 -60.11 20.25
C ARG P 336 54.00 -59.36 20.12
N ILE P 337 54.94 -59.59 21.06
CA ILE P 337 56.35 -59.19 20.93
C ILE P 337 57.25 -60.35 21.30
N LYS P 338 58.48 -60.34 20.76
CA LYS P 338 59.48 -61.39 20.98
C LYS P 338 60.80 -60.84 21.52
N ALA P 339 61.46 -61.63 22.36
CA ALA P 339 62.79 -61.30 22.85
C ALA P 339 63.85 -61.86 21.91
N PHE P 340 64.87 -61.05 21.64
CA PHE P 340 65.97 -61.43 20.77
C PHE P 340 67.19 -61.60 21.67
N LEU P 341 67.50 -62.85 22.01
CA LEU P 341 68.65 -63.16 22.83
C LEU P 341 69.88 -63.31 21.96
N HIS P 342 71.04 -62.96 22.51
CA HIS P 342 72.33 -63.15 21.84
C HIS P 342 73.24 -64.17 22.52
N ASN P 343 73.31 -64.15 23.85
CA ASN P 343 74.23 -65.00 24.60
C ASN P 343 73.92 -64.94 26.09
N VAL P 344 74.13 -66.05 26.77
CA VAL P 344 73.94 -66.16 28.21
C VAL P 344 75.28 -66.56 28.83
N TYR P 345 75.79 -65.71 29.74
CA TYR P 345 76.95 -65.96 30.56
C TYR P 345 76.47 -66.38 31.94
N PRO P 346 77.36 -67.02 32.75
CA PRO P 346 77.06 -67.24 34.17
C PRO P 346 77.67 -66.15 35.03
N LEU P 347 77.22 -66.07 36.28
CA LEU P 347 77.58 -64.94 37.14
C LEU P 347 79.07 -64.65 37.16
N ALA P 348 79.91 -65.69 36.97
CA ALA P 348 81.35 -65.53 37.12
C ALA P 348 81.97 -64.86 35.92
N ASP P 349 81.47 -65.18 34.73
CA ASP P 349 81.95 -64.56 33.49
C ASP P 349 81.32 -63.18 33.24
N VAL P 350 81.11 -62.40 34.32
CA VAL P 350 80.39 -61.13 34.22
C VAL P 350 81.23 -60.07 33.52
N ARG P 351 82.50 -59.94 33.91
CA ARG P 351 83.40 -59.04 33.19
C ARG P 351 83.30 -59.28 31.68
N LYS P 352 83.26 -60.54 31.26
CA LYS P 352 83.22 -60.83 29.83
C LYS P 352 81.86 -60.47 29.24
N ALA P 353 80.77 -60.65 30.02
CA ALA P 353 79.42 -60.29 29.58
C ALA P 353 79.28 -58.80 29.28
N LEU P 354 79.77 -57.95 30.20
CA LEU P 354 79.72 -56.50 29.98
C LEU P 354 80.55 -56.08 28.77
N GLU P 355 81.72 -56.69 28.57
CA GLU P 355 82.56 -56.39 27.40
C GLU P 355 81.87 -56.85 26.10
N GLU P 356 81.01 -57.85 26.20
CA GLU P 356 80.24 -58.31 25.05
C GLU P 356 79.28 -57.24 24.52
N LEU P 357 79.02 -56.19 25.32
CA LEU P 357 78.25 -55.06 24.81
C LEU P 357 78.98 -54.37 23.66
N ARG P 358 80.30 -54.10 23.83
CA ARG P 358 81.14 -53.42 22.84
C ARG P 358 81.52 -54.30 21.63
N SER P 359 80.77 -55.40 21.42
CA SER P 359 81.10 -56.33 20.34
C SER P 359 80.40 -55.89 19.05
N PRO P 360 81.13 -55.53 18.00
CA PRO P 360 80.45 -55.15 16.75
C PRO P 360 79.61 -56.25 16.11
N GLU P 361 79.67 -57.45 16.67
CA GLU P 361 78.96 -58.59 16.09
C GLU P 361 77.57 -58.75 16.68
N ARG P 362 77.43 -58.45 17.97
CA ARG P 362 76.21 -58.72 18.73
C ARG P 362 74.99 -58.03 18.11
N VAL P 363 73.86 -58.74 18.20
CA VAL P 363 72.54 -58.22 17.82
C VAL P 363 71.56 -59.00 18.68
N GLY P 364 71.45 -58.62 19.93
CA GLY P 364 70.58 -59.32 20.84
C GLY P 364 71.00 -59.06 22.26
N LYS P 365 70.13 -59.47 23.17
CA LYS P 365 70.33 -59.25 24.58
C LYS P 365 71.39 -60.21 25.11
N VAL P 366 72.39 -59.65 25.78
CA VAL P 366 73.27 -60.42 26.65
C VAL P 366 72.56 -60.55 28.00
N LEU P 367 72.43 -61.77 28.47
CA LEU P 367 71.85 -62.08 29.77
C LEU P 367 72.93 -62.61 30.69
N ILE P 368 72.64 -62.53 31.98
CA ILE P 368 73.43 -63.17 33.02
C ILE P 368 72.50 -64.11 33.75
N ALA P 369 73.02 -65.29 34.08
CA ALA P 369 72.26 -66.33 34.76
C ALA P 369 73.09 -66.67 35.99
N PRO P 370 72.66 -66.26 37.20
CA PRO P 370 73.33 -66.58 38.47
C PRO P 370 72.95 -67.95 39.02
PA NDP Q . -61.19 -1.79 -17.21
O1A NDP Q . -62.10 -2.68 -16.42
O2A NDP Q . -60.98 -0.42 -16.73
O5B NDP Q . -59.79 -2.55 -17.37
C5B NDP Q . -58.67 -1.93 -17.96
C4B NDP Q . -57.42 -2.44 -17.23
O4B NDP Q . -56.31 -1.92 -17.93
C3B NDP Q . -57.25 -1.95 -15.79
O3B NDP Q . -57.70 -2.89 -14.86
C2B NDP Q . -55.75 -1.72 -15.64
O2B NDP Q . -55.14 -2.91 -15.19
C1B NDP Q . -55.29 -1.46 -17.07
N9A NDP Q . -55.00 -0.02 -17.32
C8A NDP Q . -55.81 1.06 -17.02
N7A NDP Q . -55.17 2.20 -17.40
C5A NDP Q . -53.98 1.84 -17.97
C6A NDP Q . -52.96 2.61 -18.55
N6A NDP Q . -53.07 3.95 -18.56
N1A NDP Q . -51.84 1.97 -19.08
C2A NDP Q . -51.74 0.58 -19.03
N3A NDP Q . -52.77 -0.17 -18.46
C4A NDP Q . -53.86 0.46 -17.95
O3 NDP Q . -61.62 -1.70 -18.80
PN NDP Q . -62.54 -2.81 -19.55
O1N NDP Q . -63.90 -2.79 -18.95
O2N NDP Q . -61.78 -4.06 -19.44
O5D NDP Q . -62.52 -2.15 -21.02
C5D NDP Q . -61.25 -1.89 -21.59
C4D NDP Q . -61.37 -1.17 -22.94
O4D NDP Q . -62.11 -1.97 -23.82
C3D NDP Q . -62.12 0.16 -22.89
O3D NDP Q . -61.62 1.08 -23.87
C2D NDP Q . -63.55 -0.20 -23.29
O2D NDP Q . -64.18 0.87 -23.92
C1D NDP Q . -63.24 -1.25 -24.34
N1N NDP Q . -64.38 -2.14 -24.52
C2N NDP Q . -64.89 -2.33 -25.79
C3N NDP Q . -65.97 -3.21 -25.94
C7N NDP Q . -66.48 -3.51 -27.31
O7N NDP Q . -67.71 -4.14 -27.48
N7N NDP Q . -65.69 -3.22 -28.33
C4N NDP Q . -66.59 -3.96 -24.78
C5N NDP Q . -65.94 -3.65 -23.48
C6N NDP Q . -64.88 -2.78 -23.40
P2B NDP Q . -53.99 -2.91 -14.07
O1X NDP Q . -52.62 -2.82 -14.75
O2X NDP Q . -54.02 -4.18 -13.29
O3X NDP Q . -54.16 -1.70 -13.21
ZN ZN R . -78.21 -7.54 -39.89
PA NDP S . -20.61 8.72 -3.30
O1A NDP S . -19.99 7.51 -2.65
O2A NDP S . -21.95 9.09 -2.85
O5B NDP S . -19.72 10.01 -3.03
C5B NDP S . -20.12 11.24 -3.56
C4B NDP S . -19.47 12.27 -2.66
O4B NDP S . -19.70 13.58 -3.13
C3B NDP S . -20.06 12.20 -1.26
O3B NDP S . -19.35 11.32 -0.39
C2B NDP S . -20.08 13.62 -0.78
O2B NDP S . -18.92 13.89 -0.04
C1B NDP S . -20.08 14.43 -2.07
N9A NDP S . -21.49 14.73 -2.26
C8A NDP S . -22.53 13.82 -2.05
N7A NDP S . -23.70 14.40 -2.31
C5A NDP S . -23.44 15.68 -2.68
C6A NDP S . -24.31 16.71 -3.06
N6A NDP S . -25.62 16.42 -3.18
N1A NDP S . -23.76 17.96 -3.39
C2A NDP S . -22.38 18.15 -3.36
N3A NDP S . -21.52 17.11 -3.00
C4A NDP S . -22.05 15.91 -2.65
O3 NDP S . -20.56 8.61 -4.91
PN NDP S . -19.58 7.62 -5.71
O1N NDP S . -19.90 6.20 -5.42
O2N NDP S . -18.17 8.00 -5.51
O5D NDP S . -20.05 8.07 -7.18
C5D NDP S . -19.99 9.43 -7.55
C4D NDP S . -20.62 9.63 -8.94
O4D NDP S . -19.89 8.93 -9.93
C3D NDP S . -22.08 9.13 -9.06
O3D NDP S . -22.79 10.02 -9.91
C2D NDP S . -21.93 7.79 -9.74
O2D NDP S . -23.05 7.41 -10.51
C1D NDP S . -20.73 8.08 -10.68
N1N NDP S . -20.01 6.85 -11.01
C2N NDP S . -19.76 6.54 -12.31
C3N NDP S . -19.08 5.40 -12.65
C7N NDP S . -18.81 5.13 -14.07
O7N NDP S . -18.38 3.84 -14.44
N7N NDP S . -18.91 6.15 -14.91
C4N NDP S . -18.61 4.38 -11.63
C5N NDP S . -18.94 4.82 -10.25
C6N NDP S . -19.59 6.01 -10.00
P2B NDP S . -18.86 14.95 1.19
O1X NDP S . -18.57 16.30 0.54
O2X NDP S . -17.75 14.51 2.12
O3X NDP S . -20.17 14.97 1.91
ZN ZN T . -15.47 -4.51 -28.41
PA NDP U . 28.46 6.65 -8.01
O1A NDP U . 28.17 7.52 -6.83
O2A NDP U . 29.84 6.14 -7.98
O5B NDP U . 27.51 5.33 -8.02
C5B NDP U . 27.68 4.34 -9.01
C4B NDP U . 27.36 3.01 -8.36
O4B NDP U . 27.52 1.94 -9.26
C3B NDP U . 28.28 2.70 -7.17
O3B NDP U . 27.79 3.28 -5.98
C2B NDP U . 28.35 1.17 -7.15
O2B NDP U . 27.34 0.65 -6.31
C1B NDP U . 28.04 0.81 -8.60
N9A NDP U . 29.27 0.39 -9.26
C8A NDP U . 30.49 1.05 -9.25
N7A NDP U . 31.37 0.32 -9.96
C5A NDP U . 30.69 -0.76 -10.44
C6A NDP U . 31.10 -1.82 -11.22
N6A NDP U . 32.35 -1.77 -11.68
N1A NDP U . 30.20 -2.82 -11.57
C2A NDP U . 28.87 -2.78 -11.14
N3A NDP U . 28.46 -1.70 -10.34
C4A NDP U . 29.37 -0.73 -10.01
O3 NDP U . 28.17 7.29 -9.49
PN NDP U . 27.08 8.45 -9.80
O1N NDP U . 27.52 9.73 -9.22
O2N NDP U . 25.73 7.95 -9.39
O5D NDP U . 27.22 8.56 -11.40
C5D NDP U . 27.07 7.37 -12.15
C4D NDP U . 27.45 7.61 -13.63
O4D NDP U . 26.61 8.54 -14.26
C3D NDP U . 28.85 8.16 -13.78
O3D NDP U . 29.34 7.59 -14.96
C2D NDP U . 28.68 9.64 -14.06
O2D NDP U . 29.74 10.12 -14.88
C1D NDP U . 27.35 9.62 -14.81
N1N NDP U . 26.64 10.88 -14.54
C2N NDP U . 26.11 11.52 -15.61
C3N NDP U . 25.41 12.70 -15.44
C7N NDP U . 24.77 13.34 -16.65
O7N NDP U . 24.03 14.49 -16.54
N7N NDP U . 24.78 12.73 -17.83
C4N NDP U . 25.18 13.27 -14.05
C5N NDP U . 25.76 12.45 -12.96
C6N NDP U . 26.47 11.30 -13.24
P2B NDP U . 27.48 -0.77 -5.49
O1X NDP U . 26.83 -1.88 -6.26
O2X NDP U . 26.67 -0.54 -4.23
O3X NDP U . 28.93 -1.12 -5.30
ZN ZN V . 19.39 27.21 -26.29
PA NDP W . 14.02 -5.94 -48.48
O1A NDP W . 12.76 -5.89 -49.26
O2A NDP W . 14.95 -6.92 -49.03
O5B NDP W . 14.66 -4.46 -48.43
C5B NDP W . 15.90 -4.21 -47.79
C4B NDP W . 16.48 -2.96 -48.47
O4B NDP W . 17.67 -2.60 -47.80
C3B NDP W . 16.87 -3.26 -49.93
O3B NDP W . 15.89 -2.99 -50.90
C2B NDP W . 18.10 -2.42 -50.18
O2B NDP W . 17.72 -1.16 -50.66
C1B NDP W . 18.67 -2.26 -48.77
N9A NDP W . 19.80 -3.18 -48.67
C8A NDP W . 19.88 -4.50 -49.10
N7A NDP W . 21.12 -4.98 -48.79
C5A NDP W . 21.81 -3.95 -48.19
C6A NDP W . 23.10 -3.85 -47.69
N6A NDP W . 23.89 -4.94 -47.75
N1A NDP W . 23.52 -2.65 -47.12
C2A NDP W . 22.69 -1.53 -47.06
N3A NDP W . 21.40 -1.64 -47.57
C4A NDP W . 20.99 -2.83 -48.12
O3 NDP W . 13.82 -6.33 -46.90
PN NDP W . 12.44 -6.03 -46.11
O1N NDP W . 11.53 -7.10 -46.58
O2N NDP W . 12.06 -4.66 -46.30
O5D NDP W . 12.84 -6.32 -44.59
C5D NDP W . 13.93 -5.68 -44.01
C4D NDP W . 14.30 -6.39 -42.71
O4D NDP W . 13.22 -6.32 -41.79
C3D NDP W . 14.56 -7.87 -42.96
O3D NDP W . 15.64 -8.34 -42.19
C2D NDP W . 13.35 -8.60 -42.39
O2D NDP W . 13.79 -9.83 -41.86
C1D NDP W . 12.84 -7.62 -41.33
N1N NDP W . 11.36 -7.66 -41.08
C2N NDP W . 10.88 -7.80 -39.82
C3N NDP W . 9.53 -7.91 -39.56
C7N NDP W . 9.08 -8.02 -38.16
O7N NDP W . 7.77 -8.47 -37.86
N7N NDP W . 9.97 -7.61 -37.26
C4N NDP W . 8.48 -7.90 -40.63
C5N NDP W . 9.13 -7.72 -41.99
C6N NDP W . 10.49 -7.60 -42.14
P2B NDP W . 18.57 -0.43 -51.83
O1X NDP W . 19.73 0.25 -51.12
O2X NDP W . 17.71 0.56 -52.52
O3X NDP W . 19.08 -1.41 -52.86
ZN ZN X . -1.91 -12.51 -25.27
PA NDP Y . -78.76 -35.88 -61.80
O1A NDP Y . -79.26 -34.65 -62.42
O2A NDP Y . -79.37 -37.10 -62.33
O5B NDP Y . -77.18 -36.10 -62.09
C5B NDP Y . -76.60 -37.29 -61.67
C4B NDP Y . -75.51 -37.66 -62.63
O4B NDP Y . -74.81 -38.80 -62.13
C3B NDP Y . -76.04 -38.02 -64.03
O3B NDP Y . -76.14 -36.94 -64.92
C2B NDP Y . -75.11 -39.11 -64.49
O2B NDP Y . -74.04 -38.54 -65.20
C1B NDP Y . -74.57 -39.70 -63.19
N9A NDP Y . -75.37 -40.89 -62.92
C8A NDP Y . -76.77 -40.99 -62.94
N7A NDP Y . -77.11 -42.26 -62.62
C5A NDP Y . -75.95 -42.94 -62.41
C6A NDP Y . -75.70 -44.25 -62.07
N6A NDP Y . -76.70 -45.13 -62.23
N1A NDP Y . -74.38 -44.68 -61.91
C2A NDP Y . -73.30 -43.81 -62.10
N3A NDP Y . -73.57 -42.50 -62.45
C4A NDP Y . -74.86 -42.10 -62.59
O3 NDP Y . -78.85 -35.78 -60.17
PN NDP Y . -78.67 -34.41 -59.35
O1N NDP Y . -79.87 -33.57 -59.43
O2N NDP Y . -77.41 -33.70 -59.72
O5D NDP Y . -78.53 -34.97 -57.85
C5D NDP Y . -77.63 -35.97 -57.45
C4D NDP Y . -78.06 -36.49 -56.06
O4D NDP Y . -77.94 -35.48 -55.08
C3D NDP Y . -79.49 -37.00 -55.95
O3D NDP Y . -79.46 -38.16 -55.15
C2D NDP Y . -80.22 -35.88 -55.23
O2D NDP Y . -81.43 -36.29 -54.59
C1D NDP Y . -79.13 -35.36 -54.31
N1N NDP Y . -79.32 -33.94 -53.94
C2N NDP Y . -79.22 -33.56 -52.63
C3N NDP Y . -79.44 -32.24 -52.24
C7N NDP Y . -79.30 -31.87 -50.81
O7N NDP Y . -79.76 -30.62 -50.35
N7N NDP Y . -78.73 -32.78 -50.03
C4N NDP Y . -79.80 -31.15 -53.21
C5N NDP Y . -79.83 -31.67 -54.63
C6N NDP Y . -79.59 -33.02 -54.92
P2B NDP Y . -73.42 -39.23 -66.54
O1X NDP Y . -72.32 -40.16 -66.18
O2X NDP Y . -72.84 -38.07 -67.32
O3X NDP Y . -74.49 -39.93 -67.31
ZN ZN Z . -82.89 -22.54 -36.50
PA NDP AA . -43.30 -1.73 -58.10
O1A NDP AA . -42.96 -2.65 -59.20
O2A NDP AA . -42.68 -0.38 -58.14
O5B NDP AA . -44.87 -1.39 -58.13
C5B NDP AA . -45.34 -0.50 -57.15
C4B NDP AA . -46.52 0.21 -57.76
O4B NDP AA . -46.99 1.07 -56.76
C3B NDP AA . -46.18 1.11 -58.97
O3B NDP AA . -46.44 0.55 -60.23
C2B NDP AA . -47.10 2.29 -58.83
O2B NDP AA . -48.26 2.06 -59.58
C1B NDP AA . -47.50 2.25 -57.35
N9A NDP AA . -46.94 3.42 -56.67
C8A NDP AA . -45.60 3.86 -56.65
N7A NDP AA . -45.58 5.00 -55.90
C5A NDP AA . -46.84 5.26 -55.44
C6A NDP AA . -47.38 6.28 -54.65
N6A NDP AA . -46.67 7.33 -54.25
N1A NDP AA . -48.72 6.28 -54.38
C2A NDP AA . -49.57 5.28 -54.89
N3A NDP AA . -49.04 4.27 -55.66
C4A NDP AA . -47.70 4.27 -55.92
O3 NDP AA . -43.03 -2.36 -56.65
PN NDP AA . -43.03 -3.96 -56.35
O1N NDP AA . -41.91 -4.67 -57.00
O2N NDP AA . -44.44 -4.46 -56.62
O5D NDP AA . -42.76 -3.86 -54.77
C5D NDP AA . -43.72 -3.16 -53.98
C4D NDP AA . -43.28 -3.11 -52.54
O4D NDP AA . -43.28 -4.41 -52.01
C3D NDP AA . -41.86 -2.55 -52.39
O3D NDP AA . -41.77 -1.77 -51.20
C2D NDP AA . -41.00 -3.79 -52.19
O2D NDP AA . -39.90 -3.51 -51.35
C1D NDP AA . -41.99 -4.72 -51.47
N1N NDP AA . -41.66 -6.12 -51.72
C2N NDP AA . -41.55 -6.97 -50.66
C3N NDP AA . -41.28 -8.33 -50.84
C7N NDP AA . -41.22 -9.23 -49.63
O7N NDP AA . -40.71 -10.54 -49.69
N7N NDP AA . -41.70 -8.75 -48.49
C4N NDP AA . -41.10 -8.90 -52.24
C5N NDP AA . -41.27 -7.87 -53.29
C6N NDP AA . -41.54 -6.53 -53.02
P2B NDP AA . -49.04 3.21 -60.45
O1X NDP AA . -50.13 3.77 -59.60
O2X NDP AA . -49.70 2.53 -61.63
O3X NDP AA . -48.01 4.25 -60.89
ZN ZN BA . -35.82 -23.00 -40.06
PA NDP CA . 25.96 -55.86 6.96
O1A NDP CA . 27.10 -56.15 6.03
O2A NDP CA . 24.67 -56.39 6.42
O5B NDP CA . 26.31 -56.59 8.34
C5B NDP CA . 25.49 -56.69 9.49
C4B NDP CA . 26.13 -57.79 10.33
O4B NDP CA . 25.59 -57.75 11.63
C3B NDP CA . 25.79 -59.15 9.74
O3B NDP CA . 26.79 -59.70 8.90
C2B NDP CA . 25.46 -60.01 10.96
O2B NDP CA . 26.61 -60.68 11.42
C1B NDP CA . 25.07 -59.01 12.02
N9A NDP CA . 23.60 -59.00 11.99
C8A NDP CA . 22.79 -58.90 10.87
N7A NDP CA . 21.49 -58.95 11.25
C5A NDP CA . 21.50 -59.09 12.61
C6A NDP CA . 20.47 -59.17 13.54
N6A NDP CA . 19.23 -58.88 13.09
N1A NDP CA . 20.77 -59.30 14.90
C2A NDP CA . 22.10 -59.34 15.34
N3A NDP CA . 23.13 -59.23 14.40
C4A NDP CA . 22.82 -59.12 13.08
O3 NDP CA . 25.89 -54.32 7.42
PN NDP CA . 27.12 -53.30 7.31
O1N NDP CA . 27.28 -53.00 5.88
O2N NDP CA . 28.27 -53.81 8.14
O5D NDP CA . 26.42 -52.03 8.00
C5D NDP CA . 26.11 -52.04 9.39
C4D NDP CA . 25.29 -50.80 9.78
O4D NDP CA . 26.08 -49.64 9.63
C3D NDP CA . 24.07 -50.61 8.88
O3D NDP CA . 22.90 -50.20 9.57
C2D NDP CA . 24.51 -49.52 7.94
O2D NDP CA . 23.35 -48.78 7.58
C1D NDP CA . 25.44 -48.69 8.81
N1N NDP CA . 26.42 -47.92 8.01
C2N NDP CA . 26.63 -46.60 8.26
C3N NDP CA . 27.64 -45.89 7.60
C7N NDP CA . 27.86 -44.47 7.92
O7N NDP CA . 28.55 -43.64 7.00
N7N NDP CA . 27.40 -44.05 9.10
C4N NDP CA . 28.55 -46.53 6.57
C5N NDP CA . 28.26 -47.98 6.40
C6N NDP CA . 27.22 -48.60 7.09
P2B NDP CA . 26.48 -62.24 11.79
O1X NDP CA . 25.88 -62.30 13.17
O2X NDP CA . 27.87 -62.81 11.76
O3X NDP CA . 25.58 -62.95 10.79
ZN ZN DA . 32.30 -27.77 5.09
PA NDP EA . 58.74 -8.42 19.75
O1A NDP EA . 57.46 -7.65 19.59
O2A NDP EA . 59.99 -7.68 19.39
O5B NDP EA . 58.84 -8.99 21.27
C5B NDP EA . 59.93 -9.80 21.64
C4B NDP EA . 60.15 -9.50 23.12
O4B NDP EA . 61.22 -10.28 23.56
C3B NDP EA . 60.52 -8.07 23.47
O3B NDP EA . 59.42 -7.24 23.75
C2B NDP EA . 61.40 -8.20 24.71
O2B NDP EA . 60.64 -8.13 25.91
C1B NDP EA . 61.98 -9.60 24.53
N9A NDP EA . 63.40 -9.54 24.12
C8A NDP EA . 63.99 -8.86 23.07
N7A NDP EA . 65.32 -9.09 23.12
C5A NDP EA . 65.56 -9.93 24.17
C6A NDP EA . 66.72 -10.54 24.71
N6A NDP EA . 67.94 -10.28 24.18
N1A NDP EA . 66.61 -11.38 25.83
C2A NDP EA . 65.38 -11.64 26.43
N3A NDP EA . 64.26 -11.04 25.90
C4A NDP EA . 64.36 -10.22 24.81
O3 NDP EA . 58.75 -9.75 18.82
PN NDP EA . 57.39 -10.47 18.27
O1N NDP EA . 56.78 -9.52 17.33
O2N NDP EA . 56.59 -10.93 19.46
O5D NDP EA . 58.10 -11.74 17.58
C5D NDP EA . 58.85 -12.60 18.45
C4D NDP EA . 59.60 -13.65 17.61
O4D NDP EA . 58.68 -14.55 17.04
C3D NDP EA . 60.37 -13.02 16.45
O3D NDP EA . 61.54 -13.80 16.29
C2D NDP EA . 59.44 -13.23 15.28
O2D NDP EA . 60.08 -13.41 14.04
C1D NDP EA . 58.74 -14.52 15.63
N1N NDP EA . 57.44 -14.58 14.95
C2N NDP EA . 57.08 -15.75 14.29
C3N NDP EA . 55.81 -15.91 13.70
C7N NDP EA . 55.45 -17.20 13.02
O7N NDP EA . 54.30 -17.34 12.18
N7N NDP EA . 56.26 -18.21 13.27
C4N NDP EA . 54.79 -14.82 13.81
C5N NDP EA . 55.30 -13.62 14.57
C6N NDP EA . 56.58 -13.53 15.10
P2B NDP EA . 61.17 -7.33 27.21
O1X NDP EA . 61.94 -8.30 28.08
O2X NDP EA . 60.05 -6.83 28.13
O3X NDP EA . 62.02 -6.14 26.73
ZN ZN FA . 47.73 -27.88 1.23
PA NDP GA . 41.62 36.23 47.39
O1A NDP GA . 41.22 34.79 47.40
O2A NDP GA . 43.02 36.46 47.80
O5B NDP GA . 41.43 36.74 45.90
C5B NDP GA . 41.72 38.06 45.55
C4B NDP GA . 42.08 38.03 44.07
O4B NDP GA . 42.39 39.36 43.65
C3B NDP GA . 43.34 37.21 43.79
O3B NDP GA . 43.04 35.96 43.27
C2B NDP GA . 44.08 37.95 42.67
O2B NDP GA . 43.67 37.46 41.41
C1B NDP GA . 43.56 39.37 42.83
N9A NDP GA . 44.65 40.14 43.45
C8A NDP GA . 45.42 39.74 44.52
N7A NDP GA . 46.34 40.70 44.78
C5A NDP GA . 46.13 41.70 43.89
C6A NDP GA . 46.81 42.91 43.73
N6A NDP GA . 47.95 43.04 44.43
N1A NDP GA . 46.40 43.79 42.71
C2A NDP GA . 45.35 43.43 41.86
N3A NDP GA . 44.68 42.20 42.03
C4A NDP GA . 45.09 41.37 43.03
O3 NDP GA . 40.71 37.19 48.33
PN NDP GA . 39.17 36.88 48.80
O1N NDP GA . 39.24 35.83 49.85
O2N NDP GA . 38.41 36.67 47.54
O5D NDP GA . 38.77 38.30 49.44
C5D NDP GA . 38.86 39.46 48.64
C4D NDP GA . 38.61 40.67 49.50
O4D NDP GA . 37.29 40.68 50.04
C3D NDP GA . 39.57 40.62 50.67
O3D NDP GA . 40.03 41.93 50.96
C2D NDP GA . 38.70 40.05 51.77
O2D NDP GA . 39.11 40.44 53.05
C1D NDP GA . 37.36 40.70 51.46
N1N NDP GA . 36.30 39.92 52.14
C2N NDP GA . 35.26 40.60 52.73
C3N NDP GA . 34.14 39.90 53.13
C7N NDP GA . 32.97 40.62 53.73
O7N NDP GA . 32.04 39.88 54.49
N7N NDP GA . 32.87 41.91 53.52
C4N NDP GA . 34.00 38.40 52.95
C5N NDP GA . 35.20 37.80 52.28
C6N NDP GA . 36.29 38.57 51.93
P2B NDP GA . 44.66 37.27 40.17
O1X NDP GA . 44.77 38.59 39.43
O2X NDP GA . 43.99 36.28 39.23
O3X NDP GA . 46.01 36.80 40.66
ZN ZN HA . 19.60 42.86 64.79
PA NDP IA . -15.08 49.59 57.49
O1A NDP IA . -14.46 50.32 58.61
O2A NDP IA . -16.48 49.13 57.75
O5B NDP IA . -15.22 50.55 56.23
C5B NDP IA . -15.48 50.05 54.96
C4B NDP IA . -15.94 51.22 54.10
O4B NDP IA . -16.26 50.78 52.80
C3B NDP IA . -17.19 51.92 54.65
O3B NDP IA . -16.92 53.03 55.50
C2B NDP IA . -17.91 52.37 53.39
O2B NDP IA . -17.48 53.63 52.98
C1B NDP IA . -17.46 51.36 52.34
N9A NDP IA . -18.52 50.36 52.29
C8A NDP IA . -19.07 49.66 53.35
N7A NDP IA . -20.06 48.84 52.90
C5A NDP IA . -20.10 49.02 51.55
C6A NDP IA . -20.91 48.44 50.58
N6A NDP IA . -21.98 47.74 50.99
N1A NDP IA . -20.73 48.83 49.24
C2A NDP IA . -19.75 49.78 48.88
N3A NDP IA . -18.94 50.38 49.86
C4A NDP IA . -19.14 49.98 51.15
O3 NDP IA . -14.10 48.41 56.96
PN NDP IA . -12.52 48.34 57.32
O1N NDP IA . -12.33 48.18 58.76
O2N NDP IA . -11.84 49.53 56.71
O5D NDP IA . -12.14 46.97 56.53
C5D NDP IA . -12.26 46.84 55.11
C4D NDP IA . -11.99 45.39 54.71
O4D NDP IA . -10.64 45.10 55.03
C3D NDP IA . -12.79 44.38 55.53
O3D NDP IA . -13.28 43.37 54.67
C2D NDP IA . -11.80 43.78 56.53
O2D NDP IA . -12.07 42.43 56.89
C1D NDP IA . -10.51 43.91 55.75
N1N NDP IA . -9.33 44.05 56.60
C2N NDP IA . -8.26 43.24 56.37
C3N NDP IA . -7.11 43.33 57.14
C7N NDP IA . -5.98 42.43 56.81
O7N NDP IA . -4.96 42.30 57.79
N7N NDP IA . -6.02 41.83 55.62
C4N NDP IA . -6.96 44.32 58.28
C5N NDP IA . -8.19 45.15 58.41
C6N NDP IA . -9.30 44.98 57.59
P2B NDP IA . -18.63 54.68 52.63
O1X NDP IA . -18.98 54.56 51.17
O2X NDP IA . -18.11 56.06 52.86
O3X NDP IA . -19.83 54.45 53.51
ZN ZN JA . 8.29 32.82 60.16
PA NDP KA . -55.54 -49.95 -26.31
O1A NDP KA . -54.45 -49.50 -25.41
O2A NDP KA . -55.86 -51.37 -26.24
O5B NDP KA . -56.93 -49.27 -25.87
C5B NDP KA . -58.14 -49.63 -26.53
C4B NDP KA . -59.30 -49.41 -25.57
O4B NDP KA . -60.52 -49.55 -26.26
C3B NDP KA . -59.33 -50.43 -24.45
O3B NDP KA . -58.66 -50.00 -23.29
C2B NDP KA . -60.81 -50.60 -24.19
O2B NDP KA . -61.26 -49.68 -23.26
C1B NDP KA . -61.46 -50.30 -25.52
N9A NDP KA . -61.65 -51.61 -26.17
C8A NDP KA . -60.66 -52.57 -26.25
N7A NDP KA . -61.12 -53.65 -26.91
C5A NDP KA . -62.40 -53.33 -27.25
C6A NDP KA . -63.33 -54.10 -27.92
N6A NDP KA . -63.03 -55.39 -28.17
N1A NDP KA . -64.61 -53.54 -28.11
C2A NDP KA . -64.90 -52.25 -27.66
N3A NDP KA . -63.95 -51.50 -26.99
C4A NDP KA . -62.74 -52.06 -26.79
O3 NDP KA . -55.25 -49.42 -27.81
PN NDP KA . -54.39 -48.09 -28.16
O1N NDP KA . -52.95 -48.36 -28.15
O2N NDP KA . -54.98 -46.94 -27.43
O5D NDP KA . -54.73 -48.11 -29.72
C5D NDP KA . -56.06 -48.14 -30.19
C4D NDP KA . -56.07 -48.29 -31.73
O4D NDP KA . -55.32 -47.25 -32.37
C3D NDP KA . -55.41 -49.60 -32.13
O3D NDP KA . -56.10 -50.14 -33.24
C2D NDP KA . -54.02 -49.17 -32.58
O2D NDP KA . -53.54 -50.07 -33.53
C1D NDP KA . -54.29 -47.79 -33.16
N1N NDP KA . -53.09 -46.91 -33.13
C2N NDP KA . -52.75 -46.21 -34.27
C3N NDP KA . -51.71 -45.27 -34.25
C7N NDP KA . -51.36 -44.47 -35.48
O7N NDP KA . -50.15 -43.74 -35.55
N7N NDP KA . -52.22 -44.45 -36.51
C4N NDP KA . -50.94 -44.99 -32.97
C5N NDP KA . -51.42 -45.80 -31.80
C6N NDP KA . -52.45 -46.72 -31.92
P2B NDP KA . -62.35 -50.20 -22.21
O1X NDP KA . -63.73 -49.99 -22.76
O2X NDP KA . -62.23 -49.42 -20.94
O3X NDP KA . -62.12 -51.67 -22.03
ZN ZN LA . -41.39 -36.01 -47.35
PA NDP MA . -13.56 33.88 -39.56
O1A NDP MA . -12.49 34.13 -40.55
O2A NDP MA . -14.70 34.81 -39.57
O5B NDP MA . -14.19 32.44 -39.93
C5B NDP MA . -15.29 31.93 -39.17
C4B NDP MA . -16.06 30.99 -40.08
O4B NDP MA . -17.15 30.36 -39.40
C3B NDP MA . -16.64 31.71 -41.30
O3B NDP MA . -15.83 31.56 -42.43
C2B NDP MA . -17.92 30.95 -41.55
O2B NDP MA . -17.59 29.96 -42.50
C1B NDP MA . -18.30 30.34 -40.20
N9A NDP MA . -19.28 31.21 -39.53
C8A NDP MA . -19.23 32.60 -39.50
N7A NDP MA . -20.30 33.08 -38.82
C5A NDP MA . -21.02 31.99 -38.40
C6A NDP MA . -22.21 31.90 -37.67
N6A NDP MA . -22.96 33.02 -37.49
N1A NDP MA . -22.72 30.62 -37.40
C2A NDP MA . -22.09 29.48 -37.86
N3A NDP MA . -20.91 29.59 -38.59
C4A NDP MA . -20.40 30.82 -38.85
O3 NDP MA . -13.01 33.81 -38.05
PN NDP MA . -11.46 33.47 -37.70
O1N NDP MA . -10.59 34.63 -38.05
O2N NDP MA . -11.19 32.15 -38.32
O5D NDP MA . -11.54 33.30 -36.10
C5D NDP MA . -12.44 32.30 -35.62
C4D NDP MA . -12.66 32.45 -34.11
O4D NDP MA . -11.43 32.18 -33.48
C3D NDP MA . -13.03 33.87 -33.69
O3D NDP MA . -13.85 33.87 -32.52
C2D NDP MA . -11.68 34.49 -33.35
O2D NDP MA . -11.88 35.46 -32.35
C1D NDP MA . -10.96 33.29 -32.73
N1N NDP MA . -9.49 33.36 -32.78
C2N NDP MA . -8.78 33.08 -31.64
C3N NDP MA . -7.38 33.10 -31.62
C7N NDP MA . -6.67 32.75 -30.38
O7N NDP MA . -5.29 33.01 -30.37
N7N NDP MA . -7.34 32.18 -29.36
C4N NDP MA . -6.54 33.44 -32.85
C5N NDP MA . -7.44 33.72 -34.03
C6N NDP MA . -8.83 33.66 -33.95
P2B NDP MA . -18.73 29.46 -43.54
O1X NDP MA . -19.57 28.43 -42.80
O2X NDP MA . -18.09 28.80 -44.72
O3X NDP MA . -19.57 30.65 -43.98
ZN ZN NA . 6.76 33.40 -18.87
PA NDP OA . 0.53 28.26 21.52
O1A NDP OA . 1.83 28.39 20.80
O2A NDP OA . -0.53 27.55 20.78
O5B NDP OA . 0.70 27.43 22.89
C5B NDP OA . -0.35 27.29 23.82
C4B NDP OA . 0.04 26.03 24.61
O4B NDP OA . -0.77 25.84 25.76
C3B NDP OA . -0.06 24.78 23.77
O3B NDP OA . 1.21 24.37 23.33
C2B NDP OA . -0.52 23.74 24.75
O2B NDP OA . 0.65 23.19 25.29
C1B NDP OA . -1.22 24.52 25.84
N9A NDP OA . -2.69 24.45 25.61
C8A NDP OA . -3.40 24.59 24.42
N7A NDP OA . -4.73 24.44 24.67
C5A NDP OA . -4.87 24.22 26.02
C6A NDP OA . -5.97 24.00 26.87
N6A NDP OA . -7.18 23.77 26.34
N1A NDP OA . -5.79 23.82 28.25
C2A NDP OA . -4.51 23.83 28.79
N3A NDP OA . -3.42 24.05 27.97
C4A NDP OA . -3.59 24.22 26.62
O3 NDP OA . 0.07 29.76 21.95
PN NDP OA . 1.12 31.01 21.99
O1N NDP OA . 1.56 31.42 20.64
O2N NDP OA . 2.13 30.74 23.08
O5D NDP OA . 0.10 32.17 22.45
C5D NDP OA . -0.42 32.08 23.76
C4D NDP OA . -1.48 33.14 24.05
O4D NDP OA . -0.90 34.41 24.28
C3D NDP OA . -2.48 33.29 22.91
O3D NDP OA . -3.76 33.39 23.51
C2D NDP OA . -2.06 34.59 22.23
O2D NDP OA . -3.18 35.30 21.89
C1D NDP OA . -1.37 35.36 23.35
N1N NDP OA . -0.28 36.21 22.87
C2N NDP OA . -0.28 37.52 23.26
C3N NDP OA . 0.77 38.34 22.90
C7N NDP OA . 0.74 39.75 23.37
O7N NDP OA . 1.76 40.63 22.86
N7N NDP OA . -0.20 40.05 24.29
C4N NDP OA . 1.96 37.87 22.07
C5N NDP OA . 1.81 36.43 21.72
C6N NDP OA . 0.73 35.66 22.13
P2B NDP OA . 0.57 21.63 25.72
O1X NDP OA . -0.04 21.56 27.09
O2X NDP OA . 1.96 21.10 25.80
O3X NDP OA . -0.32 20.83 24.78
ZN ZN PA . 3.76 57.04 22.76
PA NDP QA . 21.54 -30.55 43.42
O1A NDP QA . 22.43 -29.76 44.31
O2A NDP QA . 20.18 -30.82 43.99
O5B NDP QA . 21.22 -29.71 42.06
C5B NDP QA . 20.59 -30.29 40.97
C4B NDP QA . 20.03 -29.12 40.17
O4B NDP QA . 19.27 -29.65 39.13
C3B NDP QA . 19.03 -28.27 40.97
O3B NDP QA . 19.64 -27.10 41.43
C2B NDP QA . 17.96 -27.87 39.99
O2B NDP QA . 18.33 -26.69 39.33
C1B NDP QA . 18.07 -28.94 38.94
N9A NDP QA . 16.90 -29.80 39.03
C8A NDP QA . 16.38 -30.45 40.12
N7A NDP QA . 15.26 -31.12 39.72
C5A NDP QA . 15.09 -30.87 38.39
C6A NDP QA . 14.13 -31.28 37.46
N6A NDP QA . 13.04 -31.91 37.92
N1A NDP QA . 14.21 -30.85 36.13
C2A NDP QA . 15.25 -30.00 35.72
N3A NDP QA . 16.21 -29.60 36.65
C4A NDP QA . 16.11 -30.02 37.95
O3 NDP QA . 22.29 -31.85 42.89
PN NDP QA . 23.88 -32.12 42.99
O1N NDP QA . 24.40 -32.42 44.34
O2N NDP QA . 24.54 -31.09 42.17
O5D NDP QA . 23.90 -33.59 42.26
C5D NDP QA . 23.21 -33.75 41.02
C4D NDP QA . 23.29 -35.19 40.58
O4D NDP QA . 24.63 -35.64 40.54
C3D NDP QA . 22.58 -36.09 41.58
O3D NDP QA . 21.84 -37.10 40.91
C2D NDP QA . 23.73 -36.71 42.36
O2D NDP QA . 23.30 -37.99 42.71
C1D NDP QA . 24.79 -36.83 41.28
N1N NDP QA . 26.09 -36.87 41.92
C2N NDP QA . 27.02 -37.82 41.59
C3N NDP QA . 28.33 -37.75 42.05
C7N NDP QA . 29.33 -38.77 41.65
O7N NDP QA . 30.58 -38.91 42.30
N7N NDP QA . 29.01 -39.54 40.64
C4N NDP QA . 28.78 -36.59 42.89
C5N NDP QA . 27.67 -35.61 43.18
C6N NDP QA . 26.39 -35.80 42.70
P2B NDP QA . 17.30 -25.47 39.11
O1X NDP QA . 16.63 -25.52 37.77
O2X NDP QA . 18.13 -24.21 39.15
O3X NDP QA . 16.21 -25.56 40.17
ZN ZN RA . 43.13 -49.88 42.66
PA NDP SA . 24.16 77.13 44.55
O1A NDP SA . 22.92 77.81 44.14
O2A NDP SA . 25.32 77.98 44.84
O5B NDP SA . 23.90 76.31 45.90
C5B NDP SA . 25.03 75.95 46.63
C4B NDP SA . 24.72 75.98 48.11
O4B NDP SA . 25.78 75.26 48.67
C3B NDP SA . 24.83 77.39 48.68
O3B NDP SA . 23.57 77.97 48.93
C2B NDP SA . 25.55 77.25 50.01
O2B NDP SA . 24.57 77.23 51.04
C1B NDP SA . 26.29 75.91 49.83
N9A NDP SA . 27.72 76.20 49.66
C8A NDP SA . 28.30 77.06 48.76
N7A NDP SA . 29.64 77.07 48.99
C5A NDP SA . 29.89 76.21 50.02
C6A NDP SA . 31.07 75.84 50.66
N6A NDP SA . 32.11 76.69 50.57
N1A NDP SA . 31.02 74.92 51.71
C2A NDP SA . 29.81 74.39 52.14
N3A NDP SA . 28.65 74.78 51.49
C4A NDP SA . 28.70 75.68 50.46
O3 NDP SA . 24.55 76.09 43.36
PN NDP SA . 23.45 75.10 42.70
O1N NDP SA . 22.85 75.71 41.47
O2N NDP SA . 22.56 74.70 43.83
O5D NDP SA . 24.33 73.83 42.21
C5D NDP SA . 25.17 73.05 43.07
C4D NDP SA . 26.12 72.20 42.22
O4D NDP SA . 25.39 71.35 41.35
C3D NDP SA . 27.01 73.07 41.33
O3D NDP SA . 28.34 72.59 41.42
C2D NDP SA . 26.39 72.93 39.93
O2D NDP SA . 27.31 73.02 38.86
C1D NDP SA . 25.74 71.55 40.00
N1N NDP SA . 24.54 71.39 39.13
C2N NDP SA . 24.50 70.32 38.28
C3N NDP SA . 23.43 70.04 37.45
C7N NDP SA . 23.47 68.81 36.58
O7N NDP SA . 22.58 68.73 35.48
N7N NDP SA . 24.32 67.84 36.92
C4N NDP SA . 22.21 70.93 37.44
C5N NDP SA . 22.34 72.08 38.41
C6N NDP SA . 23.48 72.26 39.21
P2B NDP SA . 24.79 77.70 52.58
O1X NDP SA . 25.58 76.70 53.38
O2X NDP SA . 23.41 77.77 53.22
O3X NDP SA . 25.48 79.05 52.62
ZN ZN TA . 19.71 58.76 22.72
PA NDP UA . 72.80 -50.54 22.38
O1A NDP UA . 72.28 -51.89 22.65
O2A NDP UA . 74.29 -50.36 22.43
O5B NDP UA . 72.36 -50.10 20.90
C5B NDP UA . 72.90 -48.92 20.35
C4B NDP UA . 72.82 -49.11 18.83
O4B NDP UA . 73.08 -47.86 18.21
C3B NDP UA . 73.87 -50.08 18.29
O3B NDP UA . 73.31 -51.38 18.09
C2B NDP UA . 74.30 -49.46 16.96
O2B NDP UA . 73.45 -49.93 15.92
C1B NDP UA . 74.00 -47.97 17.15
N9A NDP UA . 75.20 -47.11 17.32
C8A NDP UA . 76.27 -47.22 18.21
N7A NDP UA . 77.16 -46.20 17.96
C5A NDP UA . 76.68 -45.44 16.91
C6A NDP UA . 77.14 -44.28 16.24
N6A NDP UA . 78.30 -43.71 16.59
N1A NDP UA . 76.38 -43.73 15.18
C2A NDP UA . 75.18 -44.32 14.81
N3A NDP UA . 74.71 -45.47 15.48
C4A NDP UA . 75.46 -46.01 16.51
O3 NDP UA . 72.19 -49.55 23.50
PN NDP UA . 70.71 -49.64 24.12
O1N NDP UA . 70.57 -50.53 25.29
O2N NDP UA . 69.75 -49.79 23.00
O5D NDP UA . 70.75 -48.13 24.72
C5D NDP UA . 70.68 -46.98 23.89
C4D NDP UA . 70.79 -45.74 24.79
O4D NDP UA . 69.63 -45.65 25.60
C3D NDP UA . 71.99 -45.85 25.74
O3D NDP UA . 72.69 -44.65 25.86
C2D NDP UA . 71.35 -46.23 27.05
O2D NDP UA . 72.05 -45.76 28.15
C1D NDP UA . 69.99 -45.56 26.96
N1N NDP UA . 69.02 -46.25 27.80
C2N NDP UA . 68.23 -45.47 28.55
C3N NDP UA . 67.14 -45.98 29.24
C7N NDP UA . 66.32 -44.99 30.03
O7N NDP UA . 65.31 -45.44 30.88
N7N NDP UA . 66.53 -43.68 29.89
C4N NDP UA . 66.77 -47.46 29.16
C5N NDP UA . 67.71 -48.23 28.28
C6N NDP UA . 68.79 -47.60 27.65
P2B NDP UA . 74.03 -50.32 14.49
O1X NDP UA . 74.11 -49.14 13.54
O2X NDP UA . 73.12 -51.36 13.88
O3X NDP UA . 75.46 -50.79 14.71
ZN ZN VA . 56.04 -40.51 43.67
#